data_4AQ6
#
_entry.id   4AQ6
#
_cell.length_a   93.393
_cell.length_b   93.714
_cell.length_c   162.984
_cell.angle_alpha   87.69
_cell.angle_beta   80.42
_cell.angle_gamma   68.39
#
_symmetry.space_group_name_H-M   'P 1'
#
loop_
_entity.id
_entity.type
_entity.pdbx_description
1 polymer 'HOMOGENTISATE 1,2-DIOXYGENASE'
2 non-polymer 'FE (III) ION'
3 non-polymer '2-(3,6-DIHYDROXYPHENYL)ACETIC ACID'
4 non-polymer 2-[3-(2-HYDROXY-1,1-DIHYDROXYMETHYL-ETHYLAMINO)-PROPYLAMINO]-2-HYDROXYMETHYL-PROPANE-1,3-DIOL
5 water water
#
_entity_poly.entity_id   1
_entity_poly.type   'polypeptide(L)'
_entity_poly.pdbx_seq_one_letter_code
;MNRDTSPDLHYLSGFGNEFASEALPGALPVGQNSPQKAPYGLYAELLSGTAFTMARSELRRTWLYRIRPSALHPRFERLA
RQPLGGPLGGINPNRLRWSPQPIPAEPTDFIEGWLPMAANAGAEKPAGVSIYIYRANRSMERVFFNADGELLLVPEQGRL
RIATELGVMEVEPLEIAVIPRGMKFRVELLDGQARGYIAENHGAPLRLPDLGPIGSNGLANPRDFLTPVAHYEEAEGPVQ
LVQKFLGEHWACELQHSPLDVVAWHGSNVPYKYDLRRFNTIGTVSFDHPDPSIFTVLTSPTSVHGMANMDFVIFPPRWMV
AENTFRPPWFHRNLMNEFMGLINGAYDAKAEGFLPGGASLHGVMSAHGPDAETCEKAIAADLAPHKIDNTMAFMFETSQV
LRPSLQALECPQLQADYDSCWATLPSTFNPNRR
;
_entity_poly.pdbx_strand_id   A,B,C,D,E,F,G,H,I,J,K,L
#
loop_
_chem_comp.id
_chem_comp.type
_chem_comp.name
_chem_comp.formula
B3P non-polymer 2-[3-(2-HYDROXY-1,1-DIHYDROXYMETHYL-ETHYLAMINO)-PROPYLAMINO]-2-HYDROXYMETHYL-PROPANE-1,3-DIOL 'C11 H26 N2 O6'
FE non-polymer 'FE (III) ION' 'Fe 3'
OMD non-polymer '2-(3,6-DIHYDROXYPHENYL)ACETIC ACID' 'C8 H8 O4'
#
# COMPACT_ATOMS: atom_id res chain seq x y z
N LEU A 9 -40.15 44.05 24.01
CA LEU A 9 -40.29 43.53 22.65
C LEU A 9 -39.24 42.47 22.34
N HIS A 10 -39.69 41.37 21.76
CA HIS A 10 -38.79 40.29 21.36
C HIS A 10 -38.59 40.27 19.86
N TYR A 11 -37.45 39.74 19.45
CA TYR A 11 -37.09 39.78 18.05
C TYR A 11 -36.50 38.44 17.62
N LEU A 12 -36.58 38.17 16.32
CA LEU A 12 -35.93 37.01 15.72
C LEU A 12 -34.77 37.52 14.88
N SER A 13 -33.67 36.78 14.81
CA SER A 13 -32.45 37.33 14.21
C SER A 13 -32.01 36.56 12.97
N GLY A 14 -31.40 37.29 12.03
CA GLY A 14 -30.74 36.68 10.90
C GLY A 14 -31.24 37.20 9.56
N PHE A 15 -30.51 38.11 8.95
CA PHE A 15 -30.98 38.71 7.70
C PHE A 15 -31.32 37.62 6.68
N GLY A 16 -32.53 37.66 6.14
CA GLY A 16 -32.88 36.77 5.05
C GLY A 16 -33.36 35.38 5.43
N ASN A 17 -33.57 35.15 6.71
CA ASN A 17 -34.03 33.85 7.20
C ASN A 17 -35.47 33.51 6.82
N GLU A 18 -35.76 32.23 6.69
CA GLU A 18 -37.15 31.76 6.74
C GLU A 18 -37.54 31.73 8.21
N PHE A 19 -38.27 32.75 8.66
CA PHE A 19 -38.68 32.85 10.06
C PHE A 19 -40.03 32.16 10.27
N ALA A 20 -40.37 31.94 11.53
CA ALA A 20 -41.70 31.42 11.85
C ALA A 20 -42.11 31.91 13.22
N SER A 21 -43.30 32.48 13.33
CA SER A 21 -43.73 33.06 14.60
C SER A 21 -45.21 32.88 14.78
N GLU A 22 -45.62 32.46 15.99
CA GLU A 22 -47.05 32.37 16.31
C GLU A 22 -47.38 32.99 17.67
N ALA A 23 -48.48 33.74 17.73
CA ALA A 23 -48.93 34.37 18.96
C ALA A 23 -49.95 33.52 19.74
N LEU A 24 -50.35 32.40 19.15
CA LEU A 24 -51.15 31.41 19.85
C LEU A 24 -50.50 30.07 19.53
N PRO A 25 -50.52 29.14 20.48
CA PRO A 25 -49.81 27.88 20.23
C PRO A 25 -50.44 27.08 19.10
N GLY A 26 -49.60 26.66 18.15
CA GLY A 26 -50.06 25.88 17.01
C GLY A 26 -50.92 26.63 16.01
N ALA A 27 -50.88 27.96 16.01
CA ALA A 27 -51.62 28.74 15.01
C ALA A 27 -51.03 28.59 13.60
N LEU A 28 -49.74 28.31 13.51
CA LEU A 28 -49.15 27.99 12.20
C LEU A 28 -49.53 26.57 11.85
N PRO A 29 -50.11 26.36 10.65
CA PRO A 29 -50.35 25.01 10.13
C PRO A 29 -49.05 24.23 10.10
N VAL A 30 -49.10 22.96 10.52
CA VAL A 30 -47.90 22.14 10.50
C VAL A 30 -47.83 21.30 9.22
N GLY A 31 -46.71 21.40 8.53
CA GLY A 31 -46.42 20.54 7.40
C GLY A 31 -47.04 20.96 6.08
N GLN A 32 -47.82 22.04 6.10
CA GLN A 32 -48.38 22.60 4.87
C GLN A 32 -48.67 24.07 5.10
N ASN A 33 -48.99 24.78 4.03
CA ASN A 33 -49.34 26.18 4.09
C ASN A 33 -50.86 26.45 4.09
N SER A 34 -51.62 25.57 3.43
CA SER A 34 -53.03 25.87 3.15
C SER A 34 -54.04 24.81 3.59
N PRO A 35 -54.12 24.55 4.89
CA PRO A 35 -55.10 23.57 5.38
C PRO A 35 -56.53 23.95 4.96
N GLN A 36 -57.41 22.98 4.79
CA GLN A 36 -58.80 23.29 4.50
C GLN A 36 -59.44 24.05 5.67
N LYS A 37 -59.25 23.52 6.87
CA LYS A 37 -59.69 24.18 8.09
C LYS A 37 -58.47 24.62 8.90
N ALA A 38 -58.12 25.88 8.78
CA ALA A 38 -56.90 26.39 9.43
C ALA A 38 -57.10 26.50 10.94
N PRO A 39 -55.99 26.34 11.70
CA PRO A 39 -56.06 26.53 13.16
C PRO A 39 -56.79 27.81 13.58
N TYR A 40 -57.65 27.67 14.58
CA TYR A 40 -58.32 28.81 15.21
C TYR A 40 -59.29 29.50 14.27
N GLY A 41 -59.47 28.93 13.08
CA GLY A 41 -60.42 29.45 12.11
C GLY A 41 -59.86 30.64 11.36
N LEU A 42 -58.53 30.72 11.32
CA LEU A 42 -57.86 31.82 10.63
C LEU A 42 -57.88 31.65 9.11
N TYR A 43 -57.58 32.73 8.41
CA TYR A 43 -57.43 32.74 6.95
C TYR A 43 -55.96 32.74 6.52
N ALA A 44 -55.62 31.86 5.58
CA ALA A 44 -54.27 31.86 5.04
C ALA A 44 -54.20 32.93 3.96
N GLU A 45 -53.09 33.65 3.91
CA GLU A 45 -52.89 34.67 2.89
C GLU A 45 -51.39 34.79 2.58
N LEU A 46 -51.06 34.77 1.29
CA LEU A 46 -49.69 34.89 0.84
C LEU A 46 -49.29 36.31 0.43
N LEU A 47 -48.24 36.85 1.04
CA LEU A 47 -47.68 38.12 0.61
C LEU A 47 -46.44 37.91 -0.27
N SER A 48 -46.61 38.01 -1.59
CA SER A 48 -45.49 37.74 -2.51
C SER A 48 -44.72 39.01 -2.76
N GLY A 49 -43.55 39.14 -2.14
CA GLY A 49 -42.73 40.34 -2.28
C GLY A 49 -41.94 40.35 -3.58
N THR A 50 -41.84 39.20 -4.23
CA THR A 50 -41.12 39.12 -5.48
C THR A 50 -41.92 38.25 -6.44
N ALA A 51 -41.52 38.23 -7.71
CA ALA A 51 -42.10 37.27 -8.64
C ALA A 51 -41.92 35.85 -8.10
N PHE A 52 -42.88 34.97 -8.38
CA PHE A 52 -42.82 33.57 -7.93
C PHE A 52 -41.52 32.86 -8.35
N THR A 53 -40.98 33.28 -9.49
CA THR A 53 -39.96 32.50 -10.18
C THR A 53 -38.53 33.02 -9.99
N MET A 54 -38.34 33.94 -9.03
CA MET A 54 -37.00 34.39 -8.68
C MET A 54 -36.18 33.21 -8.18
N ALA A 55 -34.88 33.25 -8.38
CA ALA A 55 -34.02 32.24 -7.77
C ALA A 55 -34.24 32.32 -6.27
N ARG A 56 -34.00 31.23 -5.55
CA ARG A 56 -34.36 31.20 -4.14
C ARG A 56 -33.63 32.27 -3.31
N SER A 57 -32.38 32.56 -3.66
CA SER A 57 -31.62 33.58 -2.94
C SER A 57 -32.30 34.96 -3.01
N GLU A 58 -33.18 35.14 -3.99
CA GLU A 58 -33.79 36.43 -4.27
C GLU A 58 -35.24 36.47 -3.81
N LEU A 59 -35.73 35.34 -3.32
CA LEU A 59 -37.15 35.20 -3.03
C LEU A 59 -37.51 35.86 -1.71
N ARG A 60 -38.62 36.59 -1.70
CA ARG A 60 -39.19 37.15 -0.47
C ARG A 60 -40.70 36.92 -0.49
N ARG A 61 -41.19 36.01 0.35
CA ARG A 61 -42.62 35.79 0.48
C ARG A 61 -42.93 35.39 1.90
N THR A 62 -44.09 35.78 2.39
CA THR A 62 -44.49 35.49 3.76
C THR A 62 -45.94 35.01 3.77
N TRP A 63 -46.15 33.87 4.44
CA TRP A 63 -47.50 33.34 4.62
C TRP A 63 -48.09 33.91 5.90
N LEU A 64 -49.33 34.41 5.80
CA LEU A 64 -50.00 35.02 6.93
C LEU A 64 -51.21 34.22 7.37
N TYR A 65 -51.43 34.16 8.67
CA TYR A 65 -52.60 33.50 9.19
C TYR A 65 -53.35 34.51 10.05
N ARG A 66 -54.44 35.02 9.48
CA ARG A 66 -55.06 36.26 9.94
C ARG A 66 -56.57 36.17 10.19
N ILE A 67 -57.09 37.10 10.99
CA ILE A 67 -58.48 37.06 11.41
C ILE A 67 -59.45 37.34 10.27
N ARG A 68 -59.18 38.41 9.52
CA ARG A 68 -59.86 38.65 8.25
C ARG A 68 -58.87 38.82 7.10
N PRO A 69 -59.22 38.33 5.91
CA PRO A 69 -58.31 38.51 4.77
C PRO A 69 -58.22 39.96 4.35
N SER A 70 -57.08 40.33 3.76
CA SER A 70 -56.85 41.70 3.38
C SER A 70 -57.85 42.10 2.29
N ALA A 71 -58.38 41.13 1.56
CA ALA A 71 -59.34 41.42 0.49
C ALA A 71 -60.65 42.05 1.00
N LEU A 72 -60.91 41.90 2.30
CA LEU A 72 -62.10 42.50 2.90
C LEU A 72 -61.91 44.00 3.14
N HIS A 73 -62.09 44.80 2.09
CA HIS A 73 -62.05 46.25 2.23
C HIS A 73 -62.99 46.87 1.20
N PRO A 74 -63.50 48.07 1.49
CA PRO A 74 -64.32 48.80 0.53
C PRO A 74 -63.41 49.46 -0.51
N ARG A 75 -63.99 50.04 -1.55
CA ARG A 75 -63.22 50.75 -2.57
C ARG A 75 -62.33 51.84 -1.95
N PHE A 76 -61.08 51.95 -2.43
CA PHE A 76 -60.19 53.02 -2.02
C PHE A 76 -60.59 54.31 -2.70
N GLU A 77 -60.44 55.43 -2.01
CA GLU A 77 -60.77 56.73 -2.55
C GLU A 77 -59.63 57.72 -2.33
N ARG A 78 -59.34 58.51 -3.36
CA ARG A 78 -58.22 59.44 -3.33
C ARG A 78 -58.39 60.49 -2.25
N LEU A 79 -57.38 60.64 -1.38
CA LEU A 79 -57.48 61.67 -0.34
C LEU A 79 -57.36 63.09 -0.92
N ALA A 80 -58.05 64.04 -0.31
CA ALA A 80 -57.91 65.44 -0.70
C ALA A 80 -56.52 65.97 -0.31
N ARG A 81 -56.01 65.54 0.85
CA ARG A 81 -54.69 65.94 1.32
C ARG A 81 -53.57 65.06 0.69
N GLN A 82 -52.73 65.66 -0.15
CA GLN A 82 -51.68 64.92 -0.84
C GLN A 82 -50.27 65.47 -0.59
N PRO A 83 -49.56 64.87 0.37
CA PRO A 83 -48.23 65.35 0.81
C PRO A 83 -47.18 65.36 -0.30
N LEU A 84 -47.38 64.60 -1.37
CA LEU A 84 -46.31 64.39 -2.34
C LEU A 84 -46.73 64.80 -3.76
N GLY A 85 -47.70 65.69 -3.86
CA GLY A 85 -48.23 66.12 -5.14
C GLY A 85 -47.43 67.21 -5.84
N GLY A 86 -46.56 67.91 -5.09
CA GLY A 86 -45.74 68.96 -5.68
C GLY A 86 -44.87 68.39 -6.79
N PRO A 87 -44.53 69.22 -7.80
CA PRO A 87 -43.76 68.75 -8.96
C PRO A 87 -42.24 68.72 -8.75
N LEU A 88 -41.53 68.09 -9.69
CA LEU A 88 -40.08 68.14 -9.69
C LEU A 88 -39.67 69.58 -9.85
N GLY A 89 -38.50 69.92 -9.30
CA GLY A 89 -37.94 71.24 -9.52
C GLY A 89 -37.36 71.32 -10.92
N GLY A 90 -36.92 72.50 -11.30
CA GLY A 90 -36.28 72.67 -12.58
C GLY A 90 -34.93 71.97 -12.61
N ILE A 91 -34.40 71.81 -13.81
CA ILE A 91 -33.05 71.31 -13.97
C ILE A 91 -32.07 72.19 -13.22
N ASN A 92 -31.16 71.58 -12.45
CA ASN A 92 -30.15 72.30 -11.69
C ASN A 92 -28.93 71.42 -11.33
N PRO A 93 -27.76 71.69 -11.95
CA PRO A 93 -26.60 70.81 -11.77
C PRO A 93 -25.83 71.15 -10.51
N ASN A 94 -26.24 72.21 -9.82
CA ASN A 94 -25.42 72.76 -8.76
C ASN A 94 -25.27 71.88 -7.53
N ARG A 95 -24.15 72.04 -6.82
CA ARG A 95 -23.96 71.38 -5.54
C ARG A 95 -24.91 72.00 -4.51
N LEU A 96 -25.70 71.18 -3.84
CA LEU A 96 -26.72 71.71 -2.93
C LEU A 96 -26.53 71.22 -1.51
N ARG A 97 -26.80 72.10 -0.54
CA ARG A 97 -26.78 71.73 0.86
C ARG A 97 -27.98 72.37 1.55
N TRP A 98 -28.67 71.59 2.39
CA TRP A 98 -29.79 72.08 3.19
C TRP A 98 -29.47 72.00 4.67
N SER A 99 -29.96 72.98 5.41
CA SER A 99 -29.92 72.94 6.87
C SER A 99 -31.05 72.06 7.38
N PRO A 100 -30.99 71.66 8.66
CA PRO A 100 -31.97 70.74 9.25
C PRO A 100 -33.41 71.25 9.08
N GLN A 101 -34.37 70.33 8.97
CA GLN A 101 -35.75 70.71 8.73
C GLN A 101 -36.50 70.96 10.02
N PRO A 102 -37.21 72.09 10.10
CA PRO A 102 -38.05 72.32 11.27
C PRO A 102 -39.27 71.42 11.20
N ILE A 103 -39.87 71.15 12.34
CA ILE A 103 -41.11 70.39 12.38
C ILE A 103 -42.31 71.33 12.28
N PRO A 104 -43.23 71.06 11.34
CA PRO A 104 -44.38 71.93 11.08
C PRO A 104 -45.29 72.05 12.30
N ALA A 105 -46.04 73.15 12.36
CA ALA A 105 -46.96 73.40 13.46
C ALA A 105 -48.25 72.60 13.32
N GLU A 106 -48.77 72.51 12.11
CA GLU A 106 -50.00 71.75 11.87
C GLU A 106 -49.82 70.27 12.25
N PRO A 107 -50.93 69.60 12.59
CA PRO A 107 -50.93 68.17 12.90
C PRO A 107 -50.42 67.38 11.70
N THR A 108 -49.39 66.56 11.95
CA THR A 108 -48.76 65.83 10.87
C THR A 108 -48.26 64.49 11.41
N ASP A 109 -48.90 63.41 10.98
CA ASP A 109 -48.46 62.10 11.41
C ASP A 109 -47.31 61.67 10.50
N PHE A 110 -46.81 60.45 10.71
CA PHE A 110 -45.64 59.98 10.00
C PHE A 110 -45.76 60.11 8.47
N ILE A 111 -46.84 59.62 7.89
CA ILE A 111 -46.96 59.60 6.44
C ILE A 111 -47.37 60.96 5.85
N GLU A 112 -47.93 61.84 6.68
CA GLU A 112 -48.28 63.19 6.24
C GLU A 112 -47.05 64.09 6.20
N GLY A 113 -45.99 63.68 6.90
CA GLY A 113 -44.82 64.50 7.08
C GLY A 113 -43.62 64.26 6.16
N TRP A 114 -43.79 63.45 5.12
CA TRP A 114 -42.67 63.23 4.21
C TRP A 114 -42.45 64.48 3.35
N LEU A 115 -41.26 65.07 3.46
CA LEU A 115 -40.86 66.15 2.57
C LEU A 115 -39.95 65.62 1.48
N PRO A 116 -40.40 65.65 0.22
CA PRO A 116 -39.58 65.12 -0.87
C PRO A 116 -38.32 65.95 -1.05
N MET A 117 -37.14 65.33 -0.99
CA MET A 117 -35.89 66.06 -1.20
C MET A 117 -35.41 65.90 -2.64
N ALA A 118 -35.15 64.66 -3.06
CA ALA A 118 -34.77 64.39 -4.44
C ALA A 118 -35.18 62.98 -4.86
N ALA A 119 -35.44 62.78 -6.16
CA ALA A 119 -35.94 61.50 -6.63
C ALA A 119 -35.46 61.22 -8.05
N ASN A 120 -35.35 59.94 -8.40
CA ASN A 120 -34.93 59.56 -9.75
C ASN A 120 -36.02 59.83 -10.79
N ALA A 121 -37.26 59.87 -10.32
CA ALA A 121 -38.41 60.00 -11.22
C ALA A 121 -39.51 60.77 -10.54
N GLY A 122 -40.40 61.36 -11.34
CA GLY A 122 -41.58 62.02 -10.79
C GLY A 122 -42.42 61.02 -10.03
N ALA A 123 -43.12 61.49 -9.00
CA ALA A 123 -43.80 60.58 -8.08
C ALA A 123 -44.83 59.66 -8.75
N GLU A 124 -45.31 60.08 -9.92
CA GLU A 124 -46.38 59.39 -10.61
C GLU A 124 -45.87 58.20 -11.41
N LYS A 125 -44.57 58.14 -11.62
CA LYS A 125 -43.96 57.03 -12.31
C LYS A 125 -42.74 56.55 -11.54
N PRO A 126 -42.97 56.00 -10.34
CA PRO A 126 -41.86 55.63 -9.47
C PRO A 126 -40.87 54.70 -10.17
N ALA A 127 -39.58 55.02 -10.00
CA ALA A 127 -38.51 54.22 -10.56
C ALA A 127 -37.27 54.50 -9.73
N GLY A 128 -36.39 53.51 -9.62
CA GLY A 128 -35.14 53.72 -8.93
C GLY A 128 -35.39 54.05 -7.46
N VAL A 129 -35.00 55.27 -7.05
CA VAL A 129 -35.13 55.67 -5.65
C VAL A 129 -35.78 57.05 -5.44
N SER A 130 -36.53 57.19 -4.35
CA SER A 130 -37.06 58.50 -3.97
C SER A 130 -36.63 58.83 -2.53
N ILE A 131 -36.11 60.04 -2.33
CA ILE A 131 -35.58 60.41 -1.02
C ILE A 131 -36.44 61.46 -0.35
N TYR A 132 -36.70 61.26 0.94
CA TYR A 132 -37.51 62.18 1.71
C TYR A 132 -36.85 62.46 3.06
N ILE A 133 -37.33 63.50 3.70
CA ILE A 133 -37.07 63.75 5.12
C ILE A 133 -38.44 63.86 5.76
N TYR A 134 -38.65 63.08 6.81
CA TYR A 134 -39.93 63.12 7.50
C TYR A 134 -39.88 63.97 8.75
N ARG A 135 -40.96 64.72 8.97
CA ARG A 135 -41.16 65.52 10.17
C ARG A 135 -42.59 65.27 10.65
N ALA A 136 -42.75 64.87 11.90
CA ALA A 136 -44.09 64.57 12.39
C ALA A 136 -44.24 64.90 13.87
N ASN A 137 -45.47 65.23 14.25
CA ASN A 137 -45.74 65.66 15.61
C ASN A 137 -46.97 64.96 16.17
N ARG A 138 -47.40 63.90 15.49
CA ARG A 138 -48.54 63.07 15.90
C ARG A 138 -48.28 61.60 15.60
N SER A 139 -48.78 60.72 16.46
CA SER A 139 -48.81 59.29 16.17
C SER A 139 -49.94 59.01 15.20
N MET A 140 -49.83 57.89 14.50
CA MET A 140 -50.85 57.51 13.54
C MET A 140 -52.03 56.83 14.21
N GLU A 141 -53.22 57.32 13.89
CA GLU A 141 -54.48 56.68 14.22
C GLU A 141 -55.04 56.18 12.91
N ARG A 142 -54.28 55.31 12.27
CA ARG A 142 -54.69 54.72 11.01
C ARG A 142 -53.55 53.86 10.56
N VAL A 143 -53.79 53.06 9.53
CA VAL A 143 -52.80 52.11 9.08
C VAL A 143 -52.46 52.41 7.62
N PHE A 144 -51.23 52.11 7.25
CA PHE A 144 -50.69 52.53 5.97
C PHE A 144 -49.91 51.41 5.31
N PHE A 145 -50.00 51.34 3.97
CA PHE A 145 -49.00 50.59 3.21
C PHE A 145 -48.55 51.31 1.93
N ASN A 146 -47.36 50.94 1.47
CA ASN A 146 -46.76 51.60 0.32
C ASN A 146 -46.65 50.63 -0.86
N ALA A 147 -47.48 50.85 -1.86
CA ALA A 147 -47.49 49.96 -3.01
C ALA A 147 -46.30 50.28 -3.95
N ASP A 148 -45.66 51.43 -3.72
CA ASP A 148 -44.67 51.96 -4.68
C ASP A 148 -43.24 51.49 -4.41
N GLY A 149 -43.00 50.92 -3.25
CA GLY A 149 -41.65 50.47 -2.93
C GLY A 149 -41.40 50.12 -1.48
N GLU A 150 -40.20 49.62 -1.26
CA GLU A 150 -39.72 49.23 0.05
C GLU A 150 -39.26 50.51 0.74
N LEU A 151 -39.38 50.55 2.06
CA LEU A 151 -38.99 51.74 2.79
C LEU A 151 -37.82 51.49 3.72
N LEU A 152 -36.78 52.31 3.54
CA LEU A 152 -35.64 52.36 4.44
C LEU A 152 -35.75 53.63 5.28
N LEU A 153 -35.90 53.46 6.58
CA LEU A 153 -36.08 54.55 7.52
C LEU A 153 -34.79 54.77 8.31
N VAL A 154 -34.39 56.03 8.44
CA VAL A 154 -33.19 56.41 9.17
C VAL A 154 -33.51 57.55 10.16
N PRO A 155 -33.93 57.19 11.39
CA PRO A 155 -34.28 58.19 12.42
C PRO A 155 -33.09 59.05 12.82
N GLU A 156 -33.34 60.33 13.05
CA GLU A 156 -32.28 61.25 13.44
C GLU A 156 -32.64 61.89 14.78
N GLN A 157 -33.92 62.22 14.97
CA GLN A 157 -34.40 62.69 16.25
C GLN A 157 -35.75 62.05 16.57
N GLY A 158 -35.86 61.48 17.76
CA GLY A 158 -37.11 60.91 18.20
C GLY A 158 -37.17 59.42 17.94
N ARG A 159 -37.77 58.68 18.86
CA ARG A 159 -37.94 57.23 18.70
C ARG A 159 -39.25 56.89 18.02
N LEU A 160 -39.28 55.77 17.31
CA LEU A 160 -40.49 55.31 16.66
C LEU A 160 -40.92 53.96 17.23
N ARG A 161 -42.22 53.79 17.42
CA ARG A 161 -42.74 52.47 17.71
C ARG A 161 -43.56 52.07 16.49
N ILE A 162 -43.04 51.10 15.76
CA ILE A 162 -43.63 50.73 14.48
C ILE A 162 -44.37 49.41 14.57
N ALA A 163 -45.71 49.50 14.55
CA ALA A 163 -46.57 48.31 14.53
C ALA A 163 -46.76 47.83 13.09
N THR A 164 -46.22 46.66 12.77
CA THR A 164 -46.40 46.07 11.45
C THR A 164 -47.31 44.85 11.49
N GLU A 165 -47.72 44.40 10.32
CA GLU A 165 -48.48 43.15 10.23
C GLU A 165 -47.77 41.98 10.93
N LEU A 166 -46.44 41.98 10.94
CA LEU A 166 -45.71 40.83 11.45
C LEU A 166 -45.28 41.02 12.90
N GLY A 167 -45.63 42.16 13.47
CA GLY A 167 -45.26 42.45 14.84
C GLY A 167 -44.75 43.85 15.05
N VAL A 168 -44.35 44.14 16.28
CA VAL A 168 -43.98 45.49 16.66
C VAL A 168 -42.49 45.64 16.86
N MET A 169 -41.91 46.69 16.29
CA MET A 169 -40.50 46.96 16.50
C MET A 169 -40.31 48.41 16.90
N GLU A 170 -39.29 48.67 17.72
CA GLU A 170 -38.92 50.02 18.14
C GLU A 170 -37.57 50.40 17.58
N VAL A 171 -37.49 51.65 17.14
CA VAL A 171 -36.34 52.12 16.39
C VAL A 171 -35.94 53.49 16.90
N GLU A 172 -34.65 53.68 17.19
CA GLU A 172 -34.16 54.98 17.62
C GLU A 172 -33.01 55.43 16.74
N PRO A 173 -32.67 56.73 16.79
CA PRO A 173 -31.53 57.22 16.00
C PRO A 173 -30.29 56.35 16.24
N LEU A 174 -29.58 56.03 15.16
CA LEU A 174 -28.45 55.09 15.14
C LEU A 174 -28.89 53.67 14.80
N GLU A 175 -30.20 53.44 14.74
CA GLU A 175 -30.72 52.21 14.17
C GLU A 175 -31.42 52.56 12.86
N ILE A 176 -31.58 51.57 12.00
CA ILE A 176 -32.42 51.72 10.82
C ILE A 176 -33.52 50.66 10.84
N ALA A 177 -34.52 50.87 10.00
CA ALA A 177 -35.64 49.95 9.87
C ALA A 177 -36.04 49.89 8.41
N VAL A 178 -36.43 48.70 7.97
CA VAL A 178 -36.92 48.52 6.61
C VAL A 178 -38.30 47.90 6.66
N ILE A 179 -39.21 48.43 5.86
CA ILE A 179 -40.54 47.85 5.73
C ILE A 179 -40.74 47.46 4.27
N PRO A 180 -40.99 46.17 4.01
CA PRO A 180 -41.23 45.70 2.64
C PRO A 180 -42.43 46.38 1.96
N ARG A 181 -42.31 46.59 0.65
CA ARG A 181 -43.43 47.08 -0.15
C ARG A 181 -44.73 46.33 0.20
N GLY A 182 -45.83 47.06 0.30
CA GLY A 182 -47.16 46.47 0.48
C GLY A 182 -47.53 46.06 1.89
N MET A 183 -46.55 46.04 2.79
CA MET A 183 -46.82 45.62 4.17
C MET A 183 -47.43 46.75 4.97
N LYS A 184 -48.45 46.42 5.76
CA LYS A 184 -49.17 47.43 6.54
C LYS A 184 -48.46 47.75 7.87
N PHE A 185 -48.53 49.01 8.27
CA PHE A 185 -47.91 49.43 9.52
C PHE A 185 -48.50 50.74 10.03
N ARG A 186 -48.20 51.04 11.29
CA ARG A 186 -48.71 52.22 12.00
C ARG A 186 -47.55 52.77 12.83
N VAL A 187 -47.27 54.07 12.72
CA VAL A 187 -46.14 54.64 13.45
C VAL A 187 -46.56 55.46 14.68
N GLU A 188 -46.08 55.05 15.85
CA GLU A 188 -46.28 55.79 17.09
C GLU A 188 -45.02 56.59 17.39
N LEU A 189 -45.18 57.85 17.79
CA LEU A 189 -44.04 58.68 18.17
C LEU A 189 -43.85 58.62 19.68
N LEU A 190 -42.80 57.93 20.11
CA LEU A 190 -42.56 57.73 21.53
C LEU A 190 -42.19 59.02 22.26
N ASP A 191 -41.69 60.01 21.51
CA ASP A 191 -41.15 61.24 22.09
C ASP A 191 -41.94 62.47 21.68
N GLY A 192 -43.13 62.26 21.13
CA GLY A 192 -44.03 63.34 20.74
C GLY A 192 -43.76 63.90 19.35
N GLN A 193 -42.48 64.04 19.01
CA GLN A 193 -42.09 64.53 17.70
C GLN A 193 -41.03 63.62 17.12
N ALA A 194 -40.89 63.62 15.80
CA ALA A 194 -39.79 62.86 15.22
C ALA A 194 -39.34 63.47 13.91
N ARG A 195 -38.08 63.23 13.58
CA ARG A 195 -37.51 63.69 12.33
C ARG A 195 -36.53 62.64 11.87
N GLY A 196 -36.47 62.39 10.56
CA GLY A 196 -35.50 61.45 10.06
C GLY A 196 -35.49 61.36 8.55
N TYR A 197 -34.74 60.39 8.01
CA TYR A 197 -34.63 60.29 6.57
C TYR A 197 -35.28 59.03 6.04
N ILE A 198 -35.65 59.07 4.76
CA ILE A 198 -36.26 57.91 4.12
C ILE A 198 -35.67 57.73 2.73
N ALA A 199 -35.20 56.50 2.45
CA ALA A 199 -34.96 56.08 1.08
C ALA A 199 -36.07 55.11 0.67
N GLU A 200 -36.89 55.55 -0.26
CA GLU A 200 -37.96 54.74 -0.81
C GLU A 200 -37.42 54.06 -2.05
N ASN A 201 -37.26 52.74 -1.94
CA ASN A 201 -36.65 51.92 -2.99
C ASN A 201 -37.71 51.30 -3.89
N HIS A 202 -37.71 51.72 -5.15
CA HIS A 202 -38.69 51.25 -6.13
C HIS A 202 -38.18 50.06 -6.93
N GLY A 203 -36.93 49.66 -6.71
CA GLY A 203 -36.34 48.58 -7.48
C GLY A 203 -36.12 47.31 -6.68
N ALA A 204 -35.04 46.60 -7.00
CA ALA A 204 -34.74 45.33 -6.33
C ALA A 204 -34.56 45.55 -4.81
N PRO A 205 -35.13 44.67 -3.99
CA PRO A 205 -35.09 44.85 -2.53
C PRO A 205 -33.68 44.95 -1.97
N LEU A 206 -33.52 45.80 -0.96
CA LEU A 206 -32.24 45.97 -0.31
C LEU A 206 -31.72 44.64 0.24
N ARG A 207 -30.43 44.43 0.11
CA ARG A 207 -29.81 43.25 0.71
C ARG A 207 -28.34 43.48 1.04
N LEU A 208 -27.71 42.49 1.63
CA LEU A 208 -26.33 42.64 2.06
C LEU A 208 -25.43 42.63 0.83
N PRO A 209 -24.39 43.45 0.82
CA PRO A 209 -23.54 43.45 -0.38
C PRO A 209 -22.70 42.18 -0.48
N ASP A 210 -22.35 41.80 -1.70
CA ASP A 210 -21.33 40.78 -1.92
C ASP A 210 -20.07 41.31 -1.25
N LEU A 211 -19.41 40.48 -0.46
CA LEU A 211 -18.28 40.97 0.33
C LEU A 211 -16.92 40.94 -0.39
N GLY A 212 -16.83 40.23 -1.49
CA GLY A 212 -15.57 40.14 -2.20
C GLY A 212 -14.50 39.56 -1.28
N PRO A 213 -13.31 40.16 -1.28
CA PRO A 213 -12.17 39.70 -0.47
C PRO A 213 -12.45 39.79 1.03
N ILE A 214 -13.41 40.63 1.43
CA ILE A 214 -13.73 40.70 2.85
C ILE A 214 -14.25 39.34 3.30
N GLY A 215 -14.82 38.58 2.37
CA GLY A 215 -15.07 37.16 2.59
C GLY A 215 -16.43 36.78 3.14
N SER A 216 -16.42 36.24 4.36
CA SER A 216 -17.63 35.62 4.91
C SER A 216 -18.12 36.26 6.22
N ASN A 217 -17.42 37.28 6.67
CA ASN A 217 -17.80 38.00 7.88
C ASN A 217 -17.47 39.48 7.69
N GLY A 218 -18.17 40.36 8.38
CA GLY A 218 -17.75 41.75 8.39
C GLY A 218 -18.79 42.70 7.85
N LEU A 219 -18.47 43.99 7.87
CA LEU A 219 -19.48 44.99 7.54
C LEU A 219 -20.72 44.70 8.39
N ALA A 220 -21.91 44.65 7.79
CA ALA A 220 -23.07 44.34 8.61
C ALA A 220 -23.22 42.82 8.72
N ASN A 221 -23.03 42.29 9.93
CA ASN A 221 -23.23 40.87 10.16
C ASN A 221 -24.73 40.50 10.18
N PRO A 222 -25.10 39.44 9.45
CA PRO A 222 -26.51 39.07 9.28
C PRO A 222 -27.24 38.78 10.62
N ARG A 223 -26.50 38.32 11.62
CA ARG A 223 -27.05 38.00 12.95
C ARG A 223 -27.65 39.21 13.65
N ASP A 224 -27.23 40.41 13.24
CA ASP A 224 -27.68 41.67 13.84
C ASP A 224 -28.95 42.28 13.24
N PHE A 225 -29.50 41.67 12.20
CA PHE A 225 -30.79 42.13 11.65
C PHE A 225 -31.99 41.46 12.32
N LEU A 226 -32.83 42.27 12.95
CA LEU A 226 -33.85 41.77 13.86
C LEU A 226 -35.24 41.99 13.33
N THR A 227 -36.10 40.99 13.50
CA THR A 227 -37.46 41.03 13.02
C THR A 227 -38.45 40.75 14.17
N PRO A 228 -39.54 41.54 14.29
CA PRO A 228 -40.50 41.38 15.39
C PRO A 228 -41.24 40.05 15.37
N VAL A 229 -41.73 39.62 16.54
CA VAL A 229 -42.51 38.40 16.64
C VAL A 229 -43.97 38.73 16.47
N ALA A 230 -44.76 37.72 16.12
CA ALA A 230 -46.17 37.92 15.82
C ALA A 230 -46.94 38.68 16.90
N HIS A 231 -47.83 39.58 16.46
CA HIS A 231 -48.69 40.34 17.36
C HIS A 231 -49.93 40.82 16.63
N TYR A 232 -51.10 40.48 17.16
CA TYR A 232 -52.36 40.81 16.49
C TYR A 232 -53.29 41.65 17.35
N GLU A 233 -54.16 42.41 16.70
CA GLU A 233 -55.16 43.22 17.38
C GLU A 233 -56.57 42.71 17.03
N GLU A 234 -57.41 42.56 18.05
CA GLU A 234 -58.75 41.99 17.82
C GLU A 234 -59.84 43.05 17.75
N ALA A 235 -59.49 44.28 18.07
CA ALA A 235 -60.47 45.35 18.13
C ALA A 235 -61.37 45.39 16.90
N GLU A 236 -62.66 45.61 17.15
CA GLU A 236 -63.58 46.03 16.10
C GLU A 236 -63.91 47.49 16.35
N GLY A 237 -64.00 48.27 15.27
CA GLY A 237 -64.15 49.71 15.36
C GLY A 237 -63.50 50.33 14.14
N PRO A 238 -63.87 51.57 13.81
CA PRO A 238 -63.44 52.18 12.55
C PRO A 238 -61.92 52.36 12.50
N VAL A 239 -61.32 51.95 11.38
CA VAL A 239 -59.90 52.20 11.16
C VAL A 239 -59.73 52.60 9.71
N GLN A 240 -58.96 53.66 9.47
CA GLN A 240 -58.66 54.09 8.11
C GLN A 240 -57.42 53.36 7.62
N LEU A 241 -57.53 52.79 6.42
CA LEU A 241 -56.41 52.16 5.76
C LEU A 241 -55.98 53.00 4.58
N VAL A 242 -54.75 53.49 4.61
CA VAL A 242 -54.21 54.33 3.54
C VAL A 242 -53.13 53.59 2.78
N GLN A 243 -53.11 53.73 1.46
CA GLN A 243 -52.00 53.26 0.66
C GLN A 243 -51.41 54.38 -0.19
N LYS A 244 -50.11 54.33 -0.40
CA LYS A 244 -49.45 55.19 -1.39
C LYS A 244 -49.36 54.42 -2.70
N PHE A 245 -49.98 54.94 -3.74
CA PHE A 245 -49.91 54.30 -5.04
C PHE A 245 -49.63 55.36 -6.11
N LEU A 246 -48.61 55.12 -6.92
CA LEU A 246 -48.14 56.12 -7.89
C LEU A 246 -48.08 57.53 -7.25
N GLY A 247 -47.61 57.58 -6.01
CA GLY A 247 -47.35 58.84 -5.31
C GLY A 247 -48.51 59.46 -4.58
N GLU A 248 -49.72 58.96 -4.85
CA GLU A 248 -50.91 59.51 -4.23
C GLU A 248 -51.38 58.65 -3.07
N HIS A 249 -51.94 59.32 -2.07
CA HIS A 249 -52.58 58.63 -0.95
C HIS A 249 -54.04 58.33 -1.27
N TRP A 250 -54.40 57.06 -1.15
CA TRP A 250 -55.78 56.62 -1.30
C TRP A 250 -56.17 55.92 -0.03
N ALA A 251 -57.43 56.01 0.39
CA ALA A 251 -57.87 55.37 1.63
C ALA A 251 -59.27 54.75 1.57
N CYS A 252 -59.48 53.77 2.44
CA CYS A 252 -60.82 53.25 2.64
C CYS A 252 -60.95 53.05 4.13
N GLU A 253 -62.17 52.81 4.58
CA GLU A 253 -62.41 52.67 6.01
C GLU A 253 -62.78 51.23 6.33
N LEU A 254 -62.13 50.65 7.33
CA LEU A 254 -62.45 49.30 7.78
C LEU A 254 -63.17 49.38 9.11
N GLN A 255 -63.97 48.37 9.44
CA GLN A 255 -64.51 48.29 10.79
C GLN A 255 -63.75 47.23 11.62
N HIS A 256 -62.50 46.97 11.23
CA HIS A 256 -61.65 46.04 11.99
C HIS A 256 -60.18 46.41 11.84
N SER A 257 -59.32 45.83 12.66
CA SER A 257 -57.90 46.10 12.56
C SER A 257 -57.25 45.23 11.49
N PRO A 258 -56.48 45.86 10.58
CA PRO A 258 -55.71 45.15 9.55
C PRO A 258 -54.39 44.61 10.11
N LEU A 259 -54.11 44.92 11.37
CA LEU A 259 -52.97 44.31 12.03
C LEU A 259 -53.48 43.11 12.83
N ASP A 260 -54.05 42.15 12.11
CA ASP A 260 -54.71 41.03 12.76
C ASP A 260 -54.07 39.70 12.38
N VAL A 261 -52.76 39.69 12.20
CA VAL A 261 -52.04 38.46 11.85
C VAL A 261 -51.61 37.72 13.12
N VAL A 262 -52.24 36.58 13.37
CA VAL A 262 -51.98 35.80 14.58
C VAL A 262 -50.71 34.95 14.46
N ALA A 263 -50.34 34.59 13.23
CA ALA A 263 -49.17 33.76 13.00
C ALA A 263 -48.67 33.95 11.57
N TRP A 264 -47.37 33.79 11.38
CA TRP A 264 -46.83 33.93 10.03
C TRP A 264 -45.53 33.18 9.87
N HIS A 265 -45.13 32.91 8.62
CA HIS A 265 -43.83 32.33 8.36
C HIS A 265 -43.35 32.78 6.99
N GLY A 266 -42.04 32.96 6.86
CA GLY A 266 -41.47 33.35 5.59
C GLY A 266 -40.35 34.36 5.72
N SER A 267 -40.00 34.95 4.58
CA SER A 267 -38.79 35.73 4.46
C SER A 267 -39.04 37.18 4.09
N ASN A 268 -40.29 37.55 3.80
CA ASN A 268 -40.61 38.93 3.46
C ASN A 268 -41.03 39.66 4.73
N VAL A 269 -40.07 40.27 5.41
CA VAL A 269 -40.27 40.73 6.79
C VAL A 269 -39.77 42.14 7.06
N PRO A 270 -40.42 42.84 7.99
CA PRO A 270 -39.80 44.09 8.43
C PRO A 270 -38.58 43.73 9.27
N TYR A 271 -37.59 44.60 9.32
CA TYR A 271 -36.44 44.36 10.19
C TYR A 271 -35.81 45.67 10.63
N LYS A 272 -34.96 45.60 11.64
CA LYS A 272 -34.20 46.75 12.08
C LYS A 272 -32.75 46.31 12.29
N TYR A 273 -31.88 47.30 12.41
CA TYR A 273 -30.45 47.08 12.50
C TYR A 273 -29.76 48.24 13.24
N ASP A 274 -29.00 47.90 14.27
CA ASP A 274 -28.24 48.88 15.03
C ASP A 274 -26.90 49.20 14.34
N LEU A 275 -26.79 50.42 13.81
CA LEU A 275 -25.57 50.83 13.09
C LEU A 275 -24.31 50.76 13.97
N ARG A 276 -24.49 50.83 15.29
CA ARG A 276 -23.35 50.70 16.18
C ARG A 276 -22.71 49.32 16.12
N ARG A 277 -23.41 48.34 15.53
CA ARG A 277 -22.86 46.99 15.42
C ARG A 277 -22.07 46.74 14.14
N PHE A 278 -21.96 47.76 13.29
CA PHE A 278 -21.27 47.63 11.99
C PHE A 278 -19.78 47.28 12.15
N ASN A 279 -19.36 46.15 11.58
CA ASN A 279 -17.96 45.74 11.65
C ASN A 279 -17.16 46.53 10.61
N THR A 280 -16.77 47.75 10.98
CA THR A 280 -16.12 48.66 10.03
C THR A 280 -14.76 48.18 9.54
N ILE A 281 -14.62 48.17 8.22
CA ILE A 281 -13.41 47.78 7.51
C ILE A 281 -12.83 49.04 6.84
N GLY A 282 -11.52 49.19 6.91
CA GLY A 282 -10.86 50.34 6.30
C GLY A 282 -9.39 50.09 6.05
N THR A 283 -8.62 51.16 5.89
CA THR A 283 -7.21 50.95 5.62
C THR A 283 -6.40 50.73 6.89
N VAL A 284 -5.49 49.76 6.88
CA VAL A 284 -4.61 49.57 8.01
C VAL A 284 -3.16 49.79 7.58
N SER A 285 -3.01 50.56 6.50
CA SER A 285 -1.73 50.86 5.87
C SER A 285 -1.65 52.34 5.47
N PHE A 286 -2.24 52.66 4.33
CA PHE A 286 -2.20 54.01 3.77
C PHE A 286 -3.40 54.27 2.85
N ASP A 287 -3.40 55.44 2.23
CA ASP A 287 -4.47 55.88 1.32
C ASP A 287 -5.88 55.96 1.97
N HIS A 288 -6.89 56.22 1.13
CA HIS A 288 -8.26 56.41 1.60
C HIS A 288 -9.19 55.54 0.76
N PRO A 289 -9.68 54.42 1.34
CA PRO A 289 -10.50 53.47 0.57
C PRO A 289 -11.82 54.06 0.03
N ASP A 290 -12.26 53.57 -1.12
CA ASP A 290 -13.57 53.96 -1.68
C ASP A 290 -14.68 53.81 -0.62
N PRO A 291 -15.62 54.76 -0.57
CA PRO A 291 -16.62 54.71 0.51
C PRO A 291 -17.63 53.57 0.31
N SER A 292 -17.57 52.89 -0.83
CA SER A 292 -18.36 51.68 -1.01
C SER A 292 -18.00 50.68 0.07
N ILE A 293 -16.82 50.86 0.64
CA ILE A 293 -16.32 49.91 1.65
C ILE A 293 -17.15 49.97 2.94
N PHE A 294 -17.95 51.03 3.05
CA PHE A 294 -18.82 51.25 4.20
C PHE A 294 -20.26 50.83 3.91
N THR A 295 -20.46 50.00 2.90
CA THR A 295 -21.81 49.64 2.50
C THR A 295 -22.56 48.81 3.54
N VAL A 296 -23.74 49.28 3.93
CA VAL A 296 -24.58 48.52 4.86
C VAL A 296 -25.59 47.64 4.09
N LEU A 297 -26.37 48.27 3.21
CA LEU A 297 -27.33 47.57 2.36
C LEU A 297 -27.23 48.10 0.94
N THR A 298 -27.61 47.28 -0.03
CA THR A 298 -27.57 47.68 -1.43
C THR A 298 -28.78 47.14 -2.23
N SER A 299 -29.22 47.94 -3.21
CA SER A 299 -30.27 47.53 -4.12
C SER A 299 -29.65 47.45 -5.50
N PRO A 300 -29.57 46.24 -6.07
CA PRO A 300 -28.91 46.02 -7.36
C PRO A 300 -29.74 46.45 -8.56
N THR A 301 -29.11 46.54 -9.73
CA THR A 301 -29.82 46.53 -11.01
C THR A 301 -29.46 45.28 -11.81
N SER A 302 -30.02 45.15 -13.01
CA SER A 302 -29.68 44.00 -13.87
C SER A 302 -28.27 44.17 -14.44
N VAL A 303 -27.70 45.35 -14.23
CA VAL A 303 -26.31 45.63 -14.58
C VAL A 303 -25.38 45.28 -13.42
N HIS A 304 -24.62 44.20 -13.55
CA HIS A 304 -23.76 43.79 -12.44
C HIS A 304 -22.74 44.85 -12.07
N GLY A 305 -22.62 45.10 -10.77
CA GLY A 305 -21.68 46.07 -10.24
C GLY A 305 -22.27 47.46 -10.07
N MET A 306 -23.41 47.73 -10.71
CA MET A 306 -24.00 49.07 -10.69
C MET A 306 -25.31 49.09 -9.93
N ALA A 307 -25.27 49.54 -8.69
CA ALA A 307 -26.43 49.49 -7.82
C ALA A 307 -27.48 50.50 -8.23
N ASN A 308 -28.74 50.16 -7.97
CA ASN A 308 -29.82 51.13 -7.96
C ASN A 308 -29.51 52.17 -6.87
N MET A 309 -29.17 51.69 -5.68
CA MET A 309 -28.64 52.56 -4.62
C MET A 309 -27.83 51.74 -3.64
N ASP A 310 -26.77 52.33 -3.12
CA ASP A 310 -26.07 51.78 -1.97
C ASP A 310 -26.39 52.68 -0.78
N PHE A 311 -26.64 52.06 0.37
CA PHE A 311 -26.74 52.76 1.66
C PHE A 311 -25.44 52.55 2.39
N VAL A 312 -24.74 53.64 2.64
CA VAL A 312 -23.38 53.65 3.16
C VAL A 312 -23.28 54.57 4.39
N ILE A 313 -22.48 54.19 5.37
CA ILE A 313 -22.38 55.01 6.59
C ILE A 313 -20.97 55.42 6.90
N PHE A 314 -20.81 56.49 7.67
CA PHE A 314 -19.50 56.94 8.10
C PHE A 314 -19.52 56.97 9.63
N PRO A 315 -19.04 55.87 10.23
CA PRO A 315 -19.19 55.62 11.65
C PRO A 315 -17.92 55.91 12.41
N PRO A 316 -17.98 55.84 13.75
CA PRO A 316 -16.77 55.93 14.57
C PRO A 316 -15.78 54.93 13.99
N ARG A 317 -14.52 55.32 13.85
CA ARG A 317 -13.54 54.48 13.15
C ARG A 317 -12.11 54.91 13.36
N TRP A 318 -11.21 53.94 13.39
CA TRP A 318 -9.80 54.20 13.55
C TRP A 318 -9.19 54.70 12.24
N MET A 319 -8.49 55.83 12.35
CA MET A 319 -7.77 56.41 11.23
C MET A 319 -6.26 56.25 11.46
N VAL A 320 -5.65 55.35 10.69
CA VAL A 320 -4.22 55.07 10.81
C VAL A 320 -3.40 55.32 9.54
N ALA A 321 -4.04 55.65 8.43
CA ALA A 321 -3.29 55.80 7.18
C ALA A 321 -2.04 56.70 7.35
N GLU A 322 -0.88 56.14 7.05
CA GLU A 322 0.40 56.88 7.12
C GLU A 322 0.73 57.61 5.83
N ASN A 323 1.37 58.78 5.96
CA ASN A 323 1.79 59.57 4.81
C ASN A 323 0.66 59.76 3.82
N THR A 324 -0.52 60.03 4.37
CA THR A 324 -1.73 60.00 3.57
C THR A 324 -2.58 61.23 3.81
N PHE A 325 -3.27 61.66 2.77
CA PHE A 325 -4.34 62.65 2.91
C PHE A 325 -5.62 61.93 3.35
N ARG A 326 -5.95 62.07 4.62
CA ARG A 326 -6.92 61.18 5.27
C ARG A 326 -8.40 61.44 4.98
N PRO A 327 -8.75 62.71 4.70
CA PRO A 327 -10.15 62.99 4.35
C PRO A 327 -10.49 62.46 2.97
N PRO A 328 -11.79 62.43 2.62
CA PRO A 328 -12.13 62.03 1.25
C PRO A 328 -11.28 62.78 0.22
N TRP A 329 -10.88 62.08 -0.84
CA TRP A 329 -10.23 62.74 -1.97
C TRP A 329 -11.22 63.64 -2.70
N PHE A 330 -10.70 64.64 -3.40
CA PHE A 330 -11.54 65.41 -4.31
C PHE A 330 -12.08 64.42 -5.32
N HIS A 331 -13.28 64.68 -5.80
CA HIS A 331 -14.03 63.61 -6.46
C HIS A 331 -15.03 64.12 -7.50
N ARG A 332 -15.12 63.38 -8.60
CA ARG A 332 -16.20 63.54 -9.58
C ARG A 332 -16.69 62.11 -9.91
N ASN A 333 -18.01 61.92 -9.87
CA ASN A 333 -18.59 60.57 -9.82
C ASN A 333 -19.70 60.36 -10.86
N LEU A 334 -19.69 59.21 -11.53
CA LEU A 334 -20.83 58.89 -12.38
C LEU A 334 -22.13 58.84 -11.56
N MET A 335 -22.00 58.34 -10.33
CA MET A 335 -23.12 58.10 -9.43
C MET A 335 -23.55 59.40 -8.75
N ASN A 336 -24.68 59.34 -8.07
CA ASN A 336 -25.22 60.55 -7.43
C ASN A 336 -25.22 60.40 -5.92
N GLU A 337 -24.62 61.38 -5.24
CA GLU A 337 -24.34 61.27 -3.82
C GLU A 337 -25.22 62.20 -2.98
N PHE A 338 -26.16 61.59 -2.28
CA PHE A 338 -26.99 62.30 -1.30
C PHE A 338 -26.49 61.94 0.10
N MET A 339 -26.07 62.95 0.88
CA MET A 339 -25.60 62.66 2.23
C MET A 339 -26.47 63.26 3.33
N GLY A 340 -26.55 62.52 4.44
CA GLY A 340 -27.27 62.93 5.63
C GLY A 340 -26.40 62.76 6.86
N LEU A 341 -26.93 63.16 8.01
CA LEU A 341 -26.20 63.12 9.25
C LEU A 341 -27.13 62.80 10.41
N ILE A 342 -26.81 61.75 11.16
CA ILE A 342 -27.63 61.37 12.31
C ILE A 342 -27.13 62.07 13.58
N ASN A 343 -25.81 62.12 13.76
CA ASN A 343 -25.26 62.86 14.88
C ASN A 343 -23.80 63.23 14.74
N GLY A 344 -23.38 64.25 15.47
CA GLY A 344 -22.01 64.72 15.44
C GLY A 344 -21.72 65.42 14.13
N ALA A 345 -20.47 65.36 13.72
CA ALA A 345 -20.00 66.05 12.53
C ALA A 345 -19.33 65.07 11.58
N TYR A 346 -19.41 65.38 10.29
CA TYR A 346 -18.79 64.58 9.23
C TYR A 346 -17.39 65.14 8.92
N ASP A 347 -16.43 64.23 8.71
CA ASP A 347 -15.00 64.54 8.55
C ASP A 347 -14.62 65.51 7.42
N ALA A 348 -15.44 65.55 6.36
CA ALA A 348 -15.08 66.31 5.16
C ALA A 348 -15.60 67.75 5.16
N LYS A 349 -16.44 68.07 6.13
CA LYS A 349 -17.11 69.38 6.11
C LYS A 349 -17.06 70.06 7.46
N ALA A 350 -16.21 71.06 7.57
CA ALA A 350 -15.95 71.77 8.83
C ALA A 350 -17.20 72.37 9.46
N GLU A 351 -17.98 73.13 8.68
CA GLU A 351 -19.25 73.66 9.16
C GLU A 351 -20.29 73.64 8.06
N GLY A 352 -21.54 73.90 8.45
CA GLY A 352 -22.64 73.98 7.51
C GLY A 352 -23.43 72.69 7.35
N PHE A 353 -22.85 71.57 7.79
CA PHE A 353 -23.46 70.25 7.64
C PHE A 353 -23.81 69.69 9.02
N LEU A 354 -25.07 69.83 9.41
CA LEU A 354 -25.53 69.48 10.76
C LEU A 354 -26.45 68.25 10.75
N PRO A 355 -26.60 67.59 11.91
CA PRO A 355 -27.56 66.48 12.00
C PRO A 355 -28.94 66.92 11.52
N GLY A 356 -29.53 66.15 10.60
CA GLY A 356 -30.79 66.53 9.97
C GLY A 356 -30.61 67.22 8.63
N GLY A 357 -29.39 67.74 8.40
CA GLY A 357 -29.11 68.41 7.15
C GLY A 357 -28.86 67.42 6.02
N ALA A 358 -28.46 67.94 4.87
CA ALA A 358 -28.31 67.07 3.71
C ALA A 358 -27.50 67.75 2.61
N SER A 359 -26.79 66.95 1.84
CA SER A 359 -26.12 67.47 0.65
C SER A 359 -26.45 66.59 -0.55
N LEU A 360 -26.47 67.20 -1.72
CA LEU A 360 -26.55 66.47 -2.96
C LEU A 360 -25.41 66.92 -3.86
N HIS A 361 -24.60 65.95 -4.27
CA HIS A 361 -23.60 66.14 -5.32
C HIS A 361 -23.95 65.19 -6.46
N GLY A 362 -24.51 65.75 -7.51
CA GLY A 362 -25.01 64.95 -8.62
C GLY A 362 -23.92 64.55 -9.58
N VAL A 363 -24.31 63.75 -10.58
CA VAL A 363 -23.34 63.14 -11.50
C VAL A 363 -22.33 64.17 -12.03
N MET A 364 -21.06 63.83 -11.90
CA MET A 364 -19.93 64.65 -12.39
C MET A 364 -19.82 66.07 -11.81
N SER A 365 -20.54 66.35 -10.73
CA SER A 365 -20.31 67.56 -9.96
C SER A 365 -18.99 67.42 -9.20
N ALA A 366 -18.20 68.47 -9.17
CA ALA A 366 -16.91 68.42 -8.48
C ALA A 366 -17.08 68.63 -6.98
N HIS A 367 -16.81 67.59 -6.20
CA HIS A 367 -16.88 67.73 -4.75
C HIS A 367 -15.59 67.29 -4.09
N GLY A 368 -15.62 67.16 -2.77
CA GLY A 368 -14.42 66.86 -2.01
C GLY A 368 -14.40 67.67 -0.74
N PRO A 369 -13.34 67.52 0.07
CA PRO A 369 -13.27 68.17 1.39
C PRO A 369 -13.30 69.68 1.21
N ASP A 370 -13.84 70.42 2.19
CA ASP A 370 -13.80 71.88 2.08
C ASP A 370 -12.41 72.41 2.38
N ALA A 371 -12.18 73.68 2.02
CA ALA A 371 -10.85 74.28 2.11
C ALA A 371 -10.27 74.15 3.52
N GLU A 372 -11.13 74.34 4.52
CA GLU A 372 -10.74 74.25 5.92
C GLU A 372 -10.24 72.85 6.29
N THR A 373 -11.02 71.82 5.93
CA THR A 373 -10.65 70.44 6.21
C THR A 373 -9.35 70.09 5.47
N CYS A 374 -9.31 70.46 4.19
CA CYS A 374 -8.18 70.19 3.32
C CYS A 374 -6.87 70.76 3.90
N GLU A 375 -6.86 72.05 4.17
CA GLU A 375 -5.69 72.73 4.72
C GLU A 375 -5.17 72.01 5.95
N LYS A 376 -6.09 71.74 6.89
CA LYS A 376 -5.71 71.10 8.15
C LYS A 376 -5.14 69.69 7.96
N ALA A 377 -5.65 68.97 6.96
CA ALA A 377 -5.31 67.56 6.76
C ALA A 377 -3.95 67.39 6.15
N ILE A 378 -3.51 68.43 5.44
CA ILE A 378 -2.20 68.43 4.81
C ILE A 378 -1.11 68.80 5.82
N ALA A 379 -1.48 69.65 6.78
CA ALA A 379 -0.55 70.12 7.80
C ALA A 379 -0.39 69.17 8.99
N ALA A 380 -1.45 68.43 9.31
CA ALA A 380 -1.45 67.60 10.52
C ALA A 380 -0.26 66.65 10.57
N ASP A 381 0.26 66.43 11.78
N ASP A 381 0.29 66.45 11.77
CA ASP A 381 1.26 65.40 11.99
CA ASP A 381 1.26 65.39 11.97
C ASP A 381 0.52 64.11 12.32
C ASP A 381 0.48 64.13 12.27
N LEU A 382 0.69 63.11 11.46
CA LEU A 382 -0.16 61.92 11.49
C LEU A 382 0.16 60.97 12.64
N ALA A 383 -0.90 60.51 13.31
CA ALA A 383 -0.81 59.44 14.29
C ALA A 383 -2.14 58.72 14.30
N PRO A 384 -2.19 57.49 14.82
CA PRO A 384 -3.46 56.77 14.97
C PRO A 384 -4.51 57.63 15.66
N HIS A 385 -5.70 57.68 15.09
CA HIS A 385 -6.75 58.57 15.57
C HIS A 385 -8.14 57.93 15.41
N LYS A 386 -8.87 57.85 16.52
CA LYS A 386 -10.23 57.32 16.51
C LYS A 386 -11.23 58.45 16.29
N ILE A 387 -11.75 58.57 15.08
CA ILE A 387 -12.91 59.40 14.81
C ILE A 387 -14.04 58.80 15.63
N ASP A 388 -14.79 59.64 16.34
CA ASP A 388 -15.82 59.15 17.23
C ASP A 388 -16.98 60.13 17.39
N ASN A 389 -18.02 59.67 18.07
CA ASN A 389 -19.20 60.47 18.33
C ASN A 389 -19.71 61.12 17.06
N THR A 390 -19.94 60.29 16.06
CA THR A 390 -20.47 60.72 14.78
C THR A 390 -21.14 59.53 14.11
N MET A 391 -22.17 59.83 13.32
CA MET A 391 -22.71 58.88 12.36
C MET A 391 -23.29 59.66 11.20
N ALA A 392 -22.64 59.57 10.05
CA ALA A 392 -23.21 60.10 8.81
C ALA A 392 -23.54 58.96 7.84
N PHE A 393 -24.20 59.27 6.75
CA PHE A 393 -24.51 58.23 5.78
C PHE A 393 -24.69 58.85 4.42
N MET A 394 -24.75 57.98 3.41
CA MET A 394 -25.02 58.38 2.04
C MET A 394 -26.02 57.45 1.38
N PHE A 395 -26.98 58.03 0.67
CA PHE A 395 -27.76 57.30 -0.30
C PHE A 395 -27.12 57.61 -1.65
N GLU A 396 -26.36 56.65 -2.20
CA GLU A 396 -25.73 56.83 -3.52
C GLU A 396 -26.57 56.11 -4.58
N THR A 397 -27.03 56.86 -5.59
CA THR A 397 -27.91 56.27 -6.61
C THR A 397 -27.26 56.35 -7.99
N SER A 398 -27.59 55.38 -8.85
CA SER A 398 -27.04 55.36 -10.20
C SER A 398 -27.77 56.33 -11.12
N GLN A 399 -29.08 56.45 -10.94
CA GLN A 399 -29.89 57.41 -11.71
C GLN A 399 -29.75 58.81 -11.09
N VAL A 400 -29.86 59.85 -11.91
CA VAL A 400 -29.74 61.21 -11.37
C VAL A 400 -30.88 61.49 -10.40
N LEU A 401 -30.56 62.22 -9.34
CA LEU A 401 -31.57 62.66 -8.38
C LEU A 401 -32.00 64.10 -8.70
N ARG A 402 -33.25 64.26 -9.10
CA ARG A 402 -33.83 65.57 -9.34
C ARG A 402 -34.44 66.09 -8.04
N PRO A 403 -33.94 67.23 -7.53
CA PRO A 403 -34.56 67.84 -6.35
C PRO A 403 -35.99 68.25 -6.65
N SER A 404 -36.86 68.13 -5.66
CA SER A 404 -38.25 68.55 -5.80
C SER A 404 -38.32 70.07 -5.82
N LEU A 405 -39.43 70.60 -6.32
CA LEU A 405 -39.64 72.04 -6.32
C LEU A 405 -39.63 72.57 -4.89
N GLN A 406 -40.28 71.81 -4.01
CA GLN A 406 -40.32 72.14 -2.60
C GLN A 406 -38.92 72.33 -2.03
N ALA A 407 -38.01 71.42 -2.37
CA ALA A 407 -36.67 71.46 -1.82
C ALA A 407 -35.82 72.59 -2.43
N LEU A 408 -36.10 72.95 -3.67
CA LEU A 408 -35.35 74.01 -4.34
C LEU A 408 -35.77 75.39 -3.83
N GLU A 409 -37.02 75.51 -3.39
CA GLU A 409 -37.53 76.75 -2.83
C GLU A 409 -37.53 76.73 -1.31
N CYS A 410 -36.98 75.66 -0.73
CA CYS A 410 -36.95 75.51 0.73
C CYS A 410 -36.11 76.62 1.36
N PRO A 411 -36.64 77.25 2.42
CA PRO A 411 -35.82 78.25 3.13
C PRO A 411 -34.52 77.63 3.66
N GLN A 412 -34.56 76.33 3.96
CA GLN A 412 -33.40 75.64 4.54
C GLN A 412 -32.29 75.36 3.53
N LEU A 413 -32.56 75.54 2.24
CA LEU A 413 -31.52 75.43 1.22
C LEU A 413 -30.45 76.52 1.39
N GLN A 414 -29.19 76.12 1.54
CA GLN A 414 -28.12 77.09 1.79
C GLN A 414 -27.74 77.86 0.53
N ALA A 415 -27.70 79.19 0.66
CA ALA A 415 -27.51 80.06 -0.48
C ALA A 415 -26.10 80.01 -1.08
N ASP A 416 -25.10 79.73 -0.27
CA ASP A 416 -23.73 79.78 -0.80
C ASP A 416 -22.89 78.59 -0.40
N TYR A 417 -23.38 77.40 -0.69
CA TYR A 417 -22.64 76.18 -0.40
C TYR A 417 -21.29 76.21 -1.15
N ASP A 418 -21.30 76.72 -2.39
CA ASP A 418 -20.07 76.75 -3.18
C ASP A 418 -18.92 77.48 -2.48
N SER A 419 -19.27 78.43 -1.60
CA SER A 419 -18.25 79.20 -0.88
C SER A 419 -17.32 78.33 -0.04
N CYS A 420 -17.74 77.13 0.34
CA CYS A 420 -16.90 76.32 1.24
C CYS A 420 -15.58 75.87 0.57
N TRP A 421 -15.56 75.91 -0.75
CA TRP A 421 -14.38 75.51 -1.52
C TRP A 421 -13.63 76.71 -2.12
N ALA A 422 -14.16 77.93 -1.91
CA ALA A 422 -13.66 79.09 -2.65
C ALA A 422 -12.24 79.55 -2.26
N THR A 423 -11.77 79.14 -1.08
CA THR A 423 -10.47 79.62 -0.60
C THR A 423 -9.35 78.61 -0.82
N LEU A 424 -9.63 77.58 -1.61
CA LEU A 424 -8.65 76.56 -1.97
C LEU A 424 -7.47 77.22 -2.69
N PRO A 425 -6.27 77.11 -2.13
CA PRO A 425 -5.10 77.76 -2.72
C PRO A 425 -4.33 76.85 -3.68
N SER A 426 -3.69 77.45 -4.66
CA SER A 426 -2.71 76.76 -5.46
C SER A 426 -1.44 76.67 -4.61
N THR A 427 -0.87 75.47 -4.52
CA THR A 427 0.40 75.29 -3.84
C THR A 427 1.41 74.71 -4.78
N PHE A 428 1.15 74.85 -6.08
CA PHE A 428 1.97 74.25 -7.11
C PHE A 428 3.31 74.97 -7.23
N ASN A 429 4.39 74.20 -7.17
CA ASN A 429 5.70 74.71 -7.51
C ASN A 429 6.38 73.78 -8.50
N PRO A 430 6.32 74.13 -9.78
CA PRO A 430 6.81 73.28 -10.89
C PRO A 430 8.30 73.01 -10.80
N ASN A 431 9.01 73.82 -10.03
CA ASN A 431 10.44 73.68 -9.88
C ASN A 431 10.81 72.96 -8.59
N ARG A 432 9.84 72.32 -7.96
CA ARG A 432 10.10 71.66 -6.69
C ARG A 432 9.20 70.46 -6.38
N ARG A 433 9.69 69.26 -6.71
CA ARG A 433 8.99 68.01 -6.43
C ARG A 433 8.65 67.95 -4.95
N LEU B 9 2.80 65.84 -31.08
CA LEU B 9 1.95 65.19 -30.07
C LEU B 9 2.26 63.70 -29.91
N HIS B 10 2.62 63.30 -28.70
CA HIS B 10 2.85 61.88 -28.40
C HIS B 10 1.59 61.25 -27.81
N TYR B 11 1.45 59.94 -28.02
CA TYR B 11 0.30 59.19 -27.51
C TYR B 11 0.73 57.92 -26.79
N LEU B 12 -0.17 57.42 -25.93
CA LEU B 12 0.00 56.12 -25.30
C LEU B 12 -0.96 55.15 -25.98
N SER B 13 -0.51 53.93 -26.30
CA SER B 13 -1.37 52.97 -26.99
C SER B 13 -1.95 51.87 -26.09
N GLY B 14 -3.14 51.40 -26.45
CA GLY B 14 -3.69 50.18 -25.89
C GLY B 14 -5.05 50.35 -25.25
N PHE B 15 -6.10 49.98 -25.97
CA PHE B 15 -7.46 50.18 -25.49
C PHE B 15 -7.69 49.56 -24.11
N GLY B 16 -8.19 50.36 -23.17
CA GLY B 16 -8.51 49.89 -21.83
C GLY B 16 -7.37 49.75 -20.84
N ASN B 17 -6.18 50.22 -21.23
CA ASN B 17 -5.00 50.14 -20.36
C ASN B 17 -5.11 50.96 -19.07
N GLU B 18 -4.42 50.49 -18.03
CA GLU B 18 -4.13 51.34 -16.91
C GLU B 18 -2.89 52.13 -17.34
N PHE B 19 -3.09 53.38 -17.72
CA PHE B 19 -2.01 54.21 -18.22
C PHE B 19 -1.43 55.02 -17.06
N ALA B 20 -0.21 55.51 -17.23
CA ALA B 20 0.37 56.45 -16.27
C ALA B 20 1.16 57.50 -17.04
N SER B 21 0.89 58.78 -16.79
CA SER B 21 1.56 59.85 -17.53
C SER B 21 1.87 61.06 -16.64
N GLU B 22 3.10 61.58 -16.72
CA GLU B 22 3.45 62.79 -15.96
C GLU B 22 4.16 63.84 -16.81
N ALA B 23 3.72 65.09 -16.67
CA ALA B 23 4.32 66.22 -17.40
C ALA B 23 5.57 66.78 -16.73
N LEU B 24 5.76 66.45 -15.44
CA LEU B 24 6.97 66.78 -14.69
C LEU B 24 7.48 65.49 -14.06
N PRO B 25 8.81 65.36 -13.94
CA PRO B 25 9.34 64.07 -13.46
C PRO B 25 8.95 63.79 -12.02
N GLY B 26 8.36 62.62 -11.79
CA GLY B 26 7.97 62.24 -10.45
C GLY B 26 6.75 62.97 -9.95
N ALA B 27 5.96 63.56 -10.85
CA ALA B 27 4.73 64.22 -10.40
C ALA B 27 3.68 63.18 -9.93
N LEU B 28 3.85 61.93 -10.34
CA LEU B 28 2.97 60.85 -9.86
C LEU B 28 3.44 60.30 -8.52
N PRO B 29 2.54 60.24 -7.53
CA PRO B 29 3.00 59.63 -6.27
C PRO B 29 3.37 58.18 -6.54
N VAL B 30 4.42 57.70 -5.88
CA VAL B 30 4.87 56.35 -6.10
C VAL B 30 4.37 55.47 -4.96
N GLY B 31 3.72 54.37 -5.32
CA GLY B 31 3.28 53.39 -4.32
C GLY B 31 1.99 53.72 -3.61
N GLN B 32 1.37 54.85 -3.94
CA GLN B 32 0.06 55.19 -3.37
C GLN B 32 -0.67 56.20 -4.26
N ASN B 33 -1.94 56.47 -3.96
CA ASN B 33 -2.73 57.42 -4.75
C ASN B 33 -2.93 58.77 -4.05
N SER B 34 -2.86 58.74 -2.71
CA SER B 34 -3.24 59.90 -1.90
C SER B 34 -2.22 60.25 -0.82
N PRO B 35 -1.03 60.71 -1.22
CA PRO B 35 -0.04 61.14 -0.23
C PRO B 35 -0.59 62.32 0.56
N GLN B 36 -0.12 62.51 1.80
CA GLN B 36 -0.55 63.69 2.56
C GLN B 36 -0.08 64.98 1.87
N LYS B 37 1.16 64.99 1.42
CA LYS B 37 1.70 66.13 0.65
C LYS B 37 2.16 65.63 -0.72
N ALA B 38 1.37 65.92 -1.75
CA ALA B 38 1.61 65.39 -3.08
C ALA B 38 2.80 66.08 -3.74
N PRO B 39 3.57 65.32 -4.55
CA PRO B 39 4.62 65.97 -5.33
C PRO B 39 4.19 67.30 -5.95
N TYR B 40 5.10 68.28 -5.90
CA TYR B 40 4.91 69.59 -6.52
C TYR B 40 3.79 70.42 -5.90
N GLY B 41 3.26 69.96 -4.78
CA GLY B 41 2.16 70.64 -4.11
C GLY B 41 0.83 70.49 -4.85
N LEU B 42 0.75 69.47 -5.69
CA LEU B 42 -0.48 69.20 -6.43
C LEU B 42 -1.59 68.63 -5.54
N TYR B 43 -2.80 68.60 -6.10
CA TYR B 43 -3.96 68.01 -5.42
C TYR B 43 -4.36 66.71 -6.12
N ALA B 44 -4.61 65.69 -5.32
CA ALA B 44 -5.17 64.43 -5.81
C ALA B 44 -6.66 64.56 -6.05
N GLU B 45 -7.13 64.06 -7.19
CA GLU B 45 -8.55 64.06 -7.50
C GLU B 45 -8.92 62.81 -8.29
N LEU B 46 -10.00 62.15 -7.88
CA LEU B 46 -10.43 60.93 -8.55
C LEU B 46 -11.64 61.16 -9.45
N LEU B 47 -11.50 60.74 -10.71
CA LEU B 47 -12.61 60.74 -11.65
C LEU B 47 -13.13 59.30 -11.78
N SER B 48 -14.31 59.06 -11.20
CA SER B 48 -14.92 57.74 -11.23
C SER B 48 -15.88 57.68 -12.40
N GLY B 49 -15.44 57.05 -13.49
CA GLY B 49 -16.28 56.92 -14.68
C GLY B 49 -17.42 55.95 -14.51
N THR B 50 -17.32 55.08 -13.51
CA THR B 50 -18.33 54.04 -13.29
C THR B 50 -18.54 53.86 -11.81
N ALA B 51 -19.56 53.08 -11.44
CA ALA B 51 -19.72 52.74 -10.02
C ALA B 51 -18.43 52.10 -9.51
N PHE B 52 -18.12 52.33 -8.24
CA PHE B 52 -16.90 51.78 -7.62
C PHE B 52 -16.84 50.27 -7.76
N THR B 53 -18.02 49.65 -7.76
CA THR B 53 -18.15 48.21 -7.59
C THR B 53 -18.28 47.40 -8.89
N MET B 54 -18.05 48.05 -10.03
CA MET B 54 -18.05 47.32 -11.30
C MET B 54 -17.00 46.23 -11.25
N ALA B 55 -17.20 45.17 -12.03
CA ALA B 55 -16.17 44.16 -12.18
C ALA B 55 -14.98 44.89 -12.78
N ARG B 56 -13.76 44.47 -12.46
CA ARG B 56 -12.56 45.17 -12.94
C ARG B 56 -12.51 45.40 -14.47
N SER B 57 -12.99 44.42 -15.23
CA SER B 57 -13.01 44.52 -16.69
C SER B 57 -13.92 45.67 -17.16
N GLU B 58 -14.87 46.07 -16.31
CA GLU B 58 -15.79 47.16 -16.62
C GLU B 58 -15.42 48.49 -15.93
N LEU B 59 -14.38 48.47 -15.11
CA LEU B 59 -13.99 49.63 -14.33
C LEU B 59 -13.36 50.72 -15.21
N ARG B 60 -13.83 51.96 -15.04
CA ARG B 60 -13.22 53.13 -15.66
C ARG B 60 -12.99 54.22 -14.59
N ARG B 61 -11.74 54.45 -14.22
CA ARG B 61 -11.42 55.50 -13.26
C ARG B 61 -10.01 56.01 -13.41
N THR B 62 -9.88 57.32 -13.28
CA THR B 62 -8.60 57.99 -13.47
C THR B 62 -8.27 58.89 -12.29
N TRP B 63 -7.04 58.75 -11.79
CA TRP B 63 -6.52 59.62 -10.74
C TRP B 63 -5.79 60.79 -11.41
N LEU B 64 -6.08 61.99 -10.92
CA LEU B 64 -5.55 63.23 -11.46
C LEU B 64 -4.73 63.99 -10.41
N TYR B 65 -3.61 64.58 -10.84
CA TYR B 65 -2.77 65.37 -9.95
C TYR B 65 -2.64 66.77 -10.54
N ARG B 66 -3.36 67.70 -9.92
CA ARG B 66 -3.66 68.98 -10.56
C ARG B 66 -3.39 70.20 -9.66
N ILE B 67 -3.29 71.36 -10.29
CA ILE B 67 -2.92 72.59 -9.61
C ILE B 67 -4.04 73.10 -8.68
N ARG B 68 -5.27 73.09 -9.18
CA ARG B 68 -6.44 73.37 -8.33
C ARG B 68 -7.51 72.29 -8.49
N PRO B 69 -8.15 71.87 -7.39
CA PRO B 69 -9.22 70.87 -7.46
C PRO B 69 -10.36 71.39 -8.33
N SER B 70 -11.09 70.48 -8.95
CA SER B 70 -12.22 70.86 -9.75
C SER B 70 -13.31 71.51 -8.88
N ALA B 71 -13.29 71.22 -7.57
CA ALA B 71 -14.34 71.68 -6.68
C ALA B 71 -14.28 73.21 -6.50
N LEU B 72 -13.14 73.79 -6.84
CA LEU B 72 -12.98 75.23 -6.75
C LEU B 72 -13.65 75.89 -7.93
N HIS B 73 -14.94 76.19 -7.76
CA HIS B 73 -15.71 76.92 -8.76
C HIS B 73 -16.95 77.54 -8.11
N PRO B 74 -17.41 78.67 -8.65
CA PRO B 74 -18.62 79.32 -8.15
C PRO B 74 -19.85 78.65 -8.73
N ARG B 75 -21.03 79.01 -8.23
CA ARG B 75 -22.28 78.44 -8.70
C ARG B 75 -22.39 78.47 -10.24
N PHE B 76 -22.94 77.40 -10.82
CA PHE B 76 -23.22 77.37 -12.27
C PHE B 76 -24.52 78.12 -12.55
N GLU B 77 -24.59 78.80 -13.69
CA GLU B 77 -25.81 79.49 -14.08
C GLU B 77 -26.22 79.10 -15.50
N ARG B 78 -27.53 79.02 -15.73
CA ARG B 78 -28.06 78.61 -17.03
C ARG B 78 -27.77 79.69 -18.08
N LEU B 79 -27.26 79.28 -19.24
CA LEU B 79 -27.03 80.23 -20.32
C LEU B 79 -28.32 80.52 -21.08
N ALA B 80 -28.37 81.68 -21.71
CA ALA B 80 -29.51 82.06 -22.53
C ALA B 80 -29.48 81.27 -23.84
N ARG B 81 -28.27 81.04 -24.35
CA ARG B 81 -28.08 80.30 -25.59
C ARG B 81 -28.20 78.80 -25.32
N GLN B 82 -29.15 78.14 -25.98
CA GLN B 82 -29.41 76.72 -25.74
C GLN B 82 -29.61 75.92 -27.04
N PRO B 83 -28.49 75.46 -27.63
CA PRO B 83 -28.49 74.76 -28.93
C PRO B 83 -29.36 73.49 -28.94
N LEU B 84 -29.61 72.93 -27.75
CA LEU B 84 -30.21 71.60 -27.65
C LEU B 84 -31.59 71.63 -27.03
N GLY B 85 -32.17 72.81 -26.92
CA GLY B 85 -33.48 72.97 -26.32
C GLY B 85 -34.68 72.55 -27.16
N GLY B 86 -34.50 72.44 -28.47
CA GLY B 86 -35.62 72.14 -29.37
C GLY B 86 -36.32 70.83 -29.04
N PRO B 87 -37.64 70.78 -29.23
CA PRO B 87 -38.43 69.59 -28.90
C PRO B 87 -38.20 68.40 -29.84
N LEU B 88 -38.57 67.22 -29.39
CA LEU B 88 -38.57 66.04 -30.25
C LEU B 88 -39.61 66.26 -31.34
N GLY B 89 -39.33 65.76 -32.54
CA GLY B 89 -40.26 65.90 -33.64
C GLY B 89 -41.50 65.04 -33.42
N GLY B 90 -42.46 65.16 -34.33
CA GLY B 90 -43.64 64.33 -34.27
C GLY B 90 -43.32 62.88 -34.61
N ILE B 91 -44.27 62.00 -34.33
CA ILE B 91 -44.12 60.60 -34.70
C ILE B 91 -44.13 60.47 -36.22
N ASN B 92 -43.15 59.72 -36.74
CA ASN B 92 -43.01 59.52 -38.18
C ASN B 92 -42.13 58.29 -38.43
N PRO B 93 -42.73 57.24 -39.01
CA PRO B 93 -42.09 55.95 -39.24
C PRO B 93 -41.35 55.85 -40.57
N ASN B 94 -41.35 56.95 -41.32
CA ASN B 94 -40.81 56.93 -42.68
C ASN B 94 -39.31 56.87 -42.74
N ARG B 95 -38.82 56.35 -43.87
CA ARG B 95 -37.39 56.30 -44.20
C ARG B 95 -36.95 57.72 -44.50
N LEU B 96 -35.88 58.19 -43.86
CA LEU B 96 -35.47 59.58 -43.96
C LEU B 96 -34.05 59.73 -44.50
N ARG B 97 -33.83 60.74 -45.33
CA ARG B 97 -32.48 61.03 -45.79
C ARG B 97 -32.27 62.52 -45.88
N TRP B 98 -31.12 62.97 -45.35
CA TRP B 98 -30.75 64.37 -45.32
C TRP B 98 -29.52 64.57 -46.19
N SER B 99 -29.45 65.72 -46.85
CA SER B 99 -28.25 66.13 -47.56
C SER B 99 -27.29 66.72 -46.53
N PRO B 100 -26.05 67.00 -46.93
CA PRO B 100 -25.07 67.54 -45.97
C PRO B 100 -25.54 68.87 -45.33
N GLN B 101 -25.14 69.09 -44.08
CA GLN B 101 -25.52 70.28 -43.34
C GLN B 101 -24.57 71.44 -43.62
N PRO B 102 -25.13 72.60 -43.97
CA PRO B 102 -24.31 73.81 -44.17
C PRO B 102 -23.81 74.37 -42.84
N ILE B 103 -22.60 74.92 -42.84
CA ILE B 103 -22.12 75.60 -41.66
C ILE B 103 -22.80 76.97 -41.53
N PRO B 104 -23.36 77.24 -40.34
CA PRO B 104 -24.11 78.49 -40.15
C PRO B 104 -23.18 79.69 -40.20
N ALA B 105 -23.75 80.87 -40.43
CA ALA B 105 -22.95 82.09 -40.58
C ALA B 105 -22.54 82.68 -39.23
N GLU B 106 -23.49 82.78 -38.29
CA GLU B 106 -23.19 83.40 -37.00
C GLU B 106 -22.12 82.60 -36.27
N PRO B 107 -21.36 83.28 -35.39
CA PRO B 107 -20.29 82.56 -34.67
C PRO B 107 -20.85 81.38 -33.91
N THR B 108 -20.24 80.23 -34.11
CA THR B 108 -20.69 78.97 -33.55
C THR B 108 -19.42 78.16 -33.25
N ASP B 109 -19.12 77.96 -31.97
CA ASP B 109 -18.01 77.10 -31.61
C ASP B 109 -18.48 75.64 -31.55
N PHE B 110 -17.63 74.73 -31.10
CA PHE B 110 -17.93 73.30 -31.18
C PHE B 110 -19.21 72.92 -30.43
N ILE B 111 -19.33 73.38 -29.19
CA ILE B 111 -20.51 73.01 -28.38
C ILE B 111 -21.77 73.76 -28.78
N GLU B 112 -21.60 74.88 -29.49
CA GLU B 112 -22.74 75.65 -29.94
C GLU B 112 -23.30 75.10 -31.25
N GLY B 113 -22.51 74.29 -31.93
CA GLY B 113 -22.91 73.82 -33.25
C GLY B 113 -23.57 72.45 -33.40
N TRP B 114 -23.89 71.78 -32.30
CA TRP B 114 -24.56 70.47 -32.42
C TRP B 114 -26.02 70.60 -32.88
N LEU B 115 -26.29 70.10 -34.08
CA LEU B 115 -27.66 70.01 -34.56
C LEU B 115 -28.25 68.67 -34.16
N PRO B 116 -29.21 68.67 -33.23
CA PRO B 116 -29.87 67.41 -32.86
C PRO B 116 -30.53 66.75 -34.08
N MET B 117 -30.11 65.54 -34.42
CA MET B 117 -30.70 64.82 -35.55
C MET B 117 -31.77 63.83 -35.08
N ALA B 118 -31.37 62.80 -34.34
CA ALA B 118 -32.33 61.88 -33.72
C ALA B 118 -31.81 61.35 -32.38
N ALA B 119 -32.74 60.98 -31.49
CA ALA B 119 -32.39 60.57 -30.12
C ALA B 119 -33.41 59.59 -29.51
N ASN B 120 -32.92 58.69 -28.66
CA ASN B 120 -33.78 57.72 -27.99
C ASN B 120 -34.79 58.36 -27.06
N ALA B 121 -34.45 59.55 -26.54
CA ALA B 121 -35.30 60.24 -25.59
C ALA B 121 -35.12 61.76 -25.66
N GLY B 122 -36.05 62.51 -25.05
CA GLY B 122 -35.93 63.95 -24.94
C GLY B 122 -34.64 64.33 -24.22
N ALA B 123 -34.07 65.47 -24.58
CA ALA B 123 -32.74 65.84 -24.06
C ALA B 123 -32.72 66.06 -22.54
N GLU B 124 -33.89 66.32 -21.95
CA GLU B 124 -33.96 66.58 -20.52
C GLU B 124 -34.02 65.29 -19.70
N LYS B 125 -34.19 64.16 -20.39
CA LYS B 125 -34.20 62.86 -19.73
C LYS B 125 -33.29 61.91 -20.47
N PRO B 126 -31.98 62.18 -20.46
CA PRO B 126 -31.10 61.38 -21.32
C PRO B 126 -31.17 59.88 -21.07
N ALA B 127 -31.26 59.13 -22.17
CA ALA B 127 -31.26 57.68 -22.14
C ALA B 127 -30.75 57.18 -23.48
N GLY B 128 -30.03 56.07 -23.45
CA GLY B 128 -29.66 55.38 -24.67
C GLY B 128 -28.62 56.19 -25.43
N VAL B 129 -28.99 56.64 -26.62
CA VAL B 129 -28.09 57.40 -27.48
C VAL B 129 -28.78 58.64 -28.04
N SER B 130 -28.06 59.75 -28.09
CA SER B 130 -28.54 60.95 -28.79
C SER B 130 -27.56 61.23 -29.96
N ILE B 131 -28.10 61.49 -31.15
CA ILE B 131 -27.25 61.70 -32.33
C ILE B 131 -27.31 63.14 -32.82
N TYR B 132 -26.14 63.70 -33.14
CA TYR B 132 -26.05 65.06 -33.62
C TYR B 132 -25.12 65.17 -34.82
N ILE B 133 -25.26 66.26 -35.56
CA ILE B 133 -24.24 66.66 -36.52
C ILE B 133 -23.67 68.00 -36.06
N TYR B 134 -22.35 68.09 -35.93
CA TYR B 134 -21.78 69.35 -35.48
C TYR B 134 -21.32 70.23 -36.64
N ARG B 135 -21.60 71.51 -36.52
CA ARG B 135 -21.13 72.54 -37.44
C ARG B 135 -20.52 73.69 -36.64
N ALA B 136 -19.28 74.06 -36.96
CA ALA B 136 -18.59 75.10 -36.20
C ALA B 136 -17.74 75.99 -37.10
N ASN B 137 -17.57 77.26 -36.69
CA ASN B 137 -16.74 78.21 -37.43
C ASN B 137 -15.83 79.03 -36.51
N ARG B 138 -15.77 78.62 -35.26
CA ARG B 138 -14.90 79.25 -34.28
C ARG B 138 -14.32 78.18 -33.38
N SER B 139 -13.06 78.37 -33.00
CA SER B 139 -12.46 77.58 -31.92
C SER B 139 -13.13 77.98 -30.61
N MET B 140 -13.13 77.06 -29.64
CA MET B 140 -13.68 77.36 -28.32
C MET B 140 -12.72 78.26 -27.52
N GLU B 141 -13.29 79.28 -26.88
CA GLU B 141 -12.55 80.17 -25.97
C GLU B 141 -13.09 79.91 -24.58
N ARG B 142 -13.32 78.64 -24.26
CA ARG B 142 -13.82 78.22 -22.97
C ARG B 142 -13.57 76.74 -22.83
N VAL B 143 -13.86 76.20 -21.66
CA VAL B 143 -13.68 74.77 -21.42
C VAL B 143 -15.04 74.13 -21.12
N PHE B 144 -15.22 72.88 -21.57
CA PHE B 144 -16.54 72.23 -21.55
C PHE B 144 -16.50 70.83 -20.95
N PHE B 145 -17.56 70.43 -20.25
CA PHE B 145 -17.77 69.00 -19.92
C PHE B 145 -19.22 68.55 -20.02
N ASN B 146 -19.39 67.29 -20.40
CA ASN B 146 -20.69 66.69 -20.66
C ASN B 146 -21.07 65.75 -19.53
N ALA B 147 -22.04 66.17 -18.72
CA ALA B 147 -22.43 65.36 -17.58
C ALA B 147 -23.44 64.29 -18.03
N ASP B 148 -23.95 64.43 -19.24
CA ASP B 148 -24.99 63.53 -19.73
C ASP B 148 -24.50 62.23 -20.40
N GLY B 149 -23.23 62.18 -20.81
CA GLY B 149 -22.71 60.97 -21.42
C GLY B 149 -21.33 61.05 -22.08
N GLU B 150 -20.90 59.90 -22.59
CA GLU B 150 -19.67 59.74 -23.33
C GLU B 150 -19.90 60.27 -24.74
N LEU B 151 -18.90 60.90 -25.34
CA LEU B 151 -19.04 61.46 -26.69
C LEU B 151 -18.16 60.75 -27.70
N LEU B 152 -18.79 60.20 -28.74
CA LEU B 152 -18.08 59.62 -29.87
C LEU B 152 -18.11 60.62 -31.03
N LEU B 153 -16.95 61.09 -31.43
CA LEU B 153 -16.84 62.10 -32.50
C LEU B 153 -16.35 61.47 -33.80
N VAL B 154 -17.04 61.78 -34.88
CA VAL B 154 -16.65 61.29 -36.20
C VAL B 154 -16.52 62.48 -37.16
N PRO B 155 -15.30 63.04 -37.25
CA PRO B 155 -15.05 64.19 -38.12
C PRO B 155 -15.34 63.84 -39.59
N GLU B 156 -15.92 64.79 -40.31
CA GLU B 156 -16.18 64.58 -41.73
C GLU B 156 -15.45 65.64 -42.58
N GLN B 157 -15.39 66.87 -42.08
CA GLN B 157 -14.63 67.96 -42.71
C GLN B 157 -13.91 68.74 -41.65
N GLY B 158 -12.60 68.86 -41.79
CA GLY B 158 -11.80 69.70 -40.91
C GLY B 158 -11.15 68.96 -39.76
N ARG B 159 -9.92 69.35 -39.45
CA ARG B 159 -9.16 68.72 -38.39
C ARG B 159 -9.54 69.37 -37.08
N LEU B 160 -9.56 68.59 -36.00
CA LEU B 160 -9.81 69.11 -34.67
C LEU B 160 -8.55 68.97 -33.83
N ARG B 161 -8.25 69.99 -33.05
CA ARG B 161 -7.25 69.85 -32.00
C ARG B 161 -8.00 69.96 -30.66
N ILE B 162 -7.98 68.87 -29.91
CA ILE B 162 -8.84 68.77 -28.73
C ILE B 162 -8.00 68.73 -27.47
N ALA B 163 -8.04 69.81 -26.71
CA ALA B 163 -7.28 69.90 -25.47
C ALA B 163 -8.12 69.33 -24.32
N THR B 164 -7.72 68.17 -23.80
CA THR B 164 -8.47 67.53 -22.71
C THR B 164 -7.71 67.63 -21.40
N GLU B 165 -8.37 67.27 -20.31
CA GLU B 165 -7.71 67.22 -19.00
C GLU B 165 -6.50 66.30 -19.03
N LEU B 166 -6.57 65.23 -19.82
CA LEU B 166 -5.48 64.25 -19.85
C LEU B 166 -4.39 64.57 -20.87
N GLY B 167 -4.61 65.59 -21.68
CA GLY B 167 -3.65 65.96 -22.71
C GLY B 167 -4.36 66.33 -24.00
N VAL B 168 -3.58 66.57 -25.04
CA VAL B 168 -4.09 67.09 -26.30
C VAL B 168 -4.04 66.02 -27.37
N MET B 169 -5.14 65.86 -28.12
CA MET B 169 -5.15 64.99 -29.29
C MET B 169 -5.68 65.73 -30.50
N GLU B 170 -5.20 65.36 -31.68
CA GLU B 170 -5.71 65.91 -32.93
C GLU B 170 -6.37 64.81 -33.72
N VAL B 171 -7.50 65.16 -34.32
CA VAL B 171 -8.33 64.19 -35.02
C VAL B 171 -8.74 64.75 -36.37
N GLU B 172 -8.66 63.92 -37.40
CA GLU B 172 -9.06 64.33 -38.74
C GLU B 172 -10.06 63.33 -39.32
N PRO B 173 -10.79 63.74 -40.37
CA PRO B 173 -11.68 62.78 -41.00
C PRO B 173 -10.96 61.46 -41.32
N LEU B 174 -11.63 60.35 -41.00
CA LEU B 174 -11.14 58.97 -41.10
C LEU B 174 -10.58 58.47 -39.75
N GLU B 175 -10.48 59.41 -38.82
CA GLU B 175 -10.21 59.07 -37.44
C GLU B 175 -11.49 59.34 -36.64
N ILE B 176 -11.58 58.72 -35.46
CA ILE B 176 -12.67 58.99 -34.53
C ILE B 176 -12.04 59.29 -33.19
N ALA B 177 -12.81 59.91 -32.30
CA ALA B 177 -12.33 60.19 -30.95
C ALA B 177 -13.45 60.04 -29.94
N VAL B 178 -13.08 59.65 -28.71
CA VAL B 178 -14.06 59.48 -27.65
C VAL B 178 -13.61 60.28 -26.41
N ILE B 179 -14.54 61.05 -25.86
CA ILE B 179 -14.27 61.78 -24.63
C ILE B 179 -15.19 61.23 -23.54
N PRO B 180 -14.62 60.75 -22.44
CA PRO B 180 -15.48 60.20 -21.37
C PRO B 180 -16.41 61.24 -20.75
N ARG B 181 -17.57 60.79 -20.28
CA ARG B 181 -18.50 61.62 -19.53
C ARG B 181 -17.76 62.43 -18.44
N GLY B 182 -18.10 63.70 -18.31
CA GLY B 182 -17.63 64.53 -17.21
C GLY B 182 -16.22 65.08 -17.38
N MET B 183 -15.52 64.62 -18.39
CA MET B 183 -14.14 65.07 -18.63
C MET B 183 -14.12 66.40 -19.38
N LYS B 184 -13.25 67.31 -18.91
CA LYS B 184 -13.20 68.66 -19.46
C LYS B 184 -12.31 68.75 -20.70
N PHE B 185 -12.75 69.50 -21.71
CA PHE B 185 -11.99 69.65 -22.94
C PHE B 185 -12.28 70.95 -23.68
N ARG B 186 -11.45 71.25 -24.67
CA ARG B 186 -11.63 72.46 -25.47
C ARG B 186 -11.31 72.13 -26.92
N VAL B 187 -12.15 72.58 -27.83
CA VAL B 187 -11.95 72.22 -29.21
C VAL B 187 -11.49 73.41 -30.05
N GLU B 188 -10.32 73.26 -30.65
CA GLU B 188 -9.76 74.23 -31.58
C GLU B 188 -9.93 73.72 -33.01
N LEU B 189 -10.43 74.59 -33.89
CA LEU B 189 -10.60 74.21 -35.29
C LEU B 189 -9.33 74.54 -36.07
N LEU B 190 -8.61 73.51 -36.50
CA LEU B 190 -7.36 73.71 -37.22
C LEU B 190 -7.60 74.28 -38.63
N ASP B 191 -8.77 74.03 -39.19
CA ASP B 191 -9.04 74.44 -40.56
C ASP B 191 -10.07 75.57 -40.66
N GLY B 192 -10.29 76.28 -39.55
CA GLY B 192 -11.21 77.40 -39.54
C GLY B 192 -12.65 77.02 -39.28
N GLN B 193 -13.11 75.97 -39.96
CA GLN B 193 -14.46 75.45 -39.78
C GLN B 193 -14.40 73.92 -39.68
N ALA B 194 -15.48 73.31 -39.22
CA ALA B 194 -15.49 71.87 -39.10
C ALA B 194 -16.91 71.35 -39.12
N ARG B 195 -17.05 70.12 -39.59
CA ARG B 195 -18.33 69.46 -39.65
C ARG B 195 -18.09 67.98 -39.38
N GLY B 196 -19.07 67.31 -38.77
CA GLY B 196 -18.91 65.92 -38.40
C GLY B 196 -20.15 65.34 -37.70
N TYR B 197 -20.05 64.09 -37.25
CA TYR B 197 -21.15 63.42 -36.57
C TYR B 197 -20.80 63.15 -35.11
N ILE B 198 -21.82 63.15 -34.24
CA ILE B 198 -21.63 62.83 -32.84
C ILE B 198 -22.61 61.73 -32.41
N ALA B 199 -22.08 60.68 -31.77
CA ALA B 199 -22.92 59.76 -31.00
C ALA B 199 -22.67 60.05 -29.52
N GLU B 200 -23.72 60.50 -28.84
CA GLU B 200 -23.65 60.78 -27.41
C GLU B 200 -24.22 59.57 -26.69
N ASN B 201 -23.37 58.89 -25.95
CA ASN B 201 -23.74 57.64 -25.31
C ASN B 201 -24.11 57.85 -23.85
N HIS B 202 -25.38 57.67 -23.53
CA HIS B 202 -25.86 57.90 -22.18
C HIS B 202 -25.77 56.63 -21.35
N GLY B 203 -25.41 55.52 -22.00
CA GLY B 203 -25.48 54.19 -21.40
C GLY B 203 -24.12 53.61 -21.03
N ALA B 204 -23.96 52.29 -21.14
CA ALA B 204 -22.68 51.67 -20.77
C ALA B 204 -21.56 52.13 -21.72
N PRO B 205 -20.37 52.43 -21.18
CA PRO B 205 -19.29 52.98 -22.01
C PRO B 205 -18.97 52.11 -23.23
N LEU B 206 -18.63 52.76 -24.35
CA LEU B 206 -18.19 52.08 -25.56
C LEU B 206 -16.97 51.21 -25.30
N ARG B 207 -16.92 50.05 -25.94
CA ARG B 207 -15.75 49.19 -25.81
C ARG B 207 -15.63 48.25 -27.01
N LEU B 208 -14.51 47.52 -27.10
CA LEU B 208 -14.31 46.57 -28.19
C LEU B 208 -15.31 45.40 -28.12
N PRO B 209 -15.84 44.97 -29.28
CA PRO B 209 -16.82 43.88 -29.26
C PRO B 209 -16.18 42.56 -28.91
N ASP B 210 -16.96 41.64 -28.33
CA ASP B 210 -16.51 40.26 -28.17
C ASP B 210 -16.31 39.75 -29.57
N LEU B 211 -15.18 39.10 -29.85
CA LEU B 211 -14.87 38.71 -31.23
C LEU B 211 -15.44 37.36 -31.66
N GLY B 212 -15.99 36.59 -30.72
CA GLY B 212 -16.51 35.27 -31.04
C GLY B 212 -15.46 34.45 -31.79
N PRO B 213 -15.86 33.80 -32.89
CA PRO B 213 -14.94 32.95 -33.67
C PRO B 213 -13.77 33.74 -34.26
N ILE B 214 -13.90 35.05 -34.38
CA ILE B 214 -12.80 35.83 -34.93
C ILE B 214 -11.60 35.72 -34.00
N GLY B 215 -11.86 35.44 -32.73
CA GLY B 215 -10.77 35.05 -31.84
C GLY B 215 -10.15 36.14 -30.99
N SER B 216 -8.86 36.34 -31.17
CA SER B 216 -8.08 37.20 -30.28
C SER B 216 -7.42 38.35 -31.04
N ASN B 217 -7.68 38.42 -32.35
CA ASN B 217 -7.10 39.46 -33.19
C ASN B 217 -8.13 39.85 -34.25
N GLY B 218 -8.03 41.06 -34.80
CA GLY B 218 -8.90 41.46 -35.90
C GLY B 218 -9.87 42.58 -35.58
N LEU B 219 -10.66 42.97 -36.57
CA LEU B 219 -11.48 44.18 -36.46
C LEU B 219 -10.61 45.31 -35.92
N ALA B 220 -11.09 46.04 -34.92
CA ALA B 220 -10.28 47.12 -34.35
C ALA B 220 -9.25 46.55 -33.37
N ASN B 221 -7.96 46.59 -33.76
CA ASN B 221 -6.91 46.06 -32.87
C ASN B 221 -6.61 47.06 -31.75
N PRO B 222 -6.59 46.59 -30.49
CA PRO B 222 -6.45 47.48 -29.32
C PRO B 222 -5.17 48.32 -29.32
N ARG B 223 -4.14 47.87 -30.01
CA ARG B 223 -2.87 48.59 -30.05
C ARG B 223 -3.01 49.93 -30.78
N ASP B 224 -4.09 50.05 -31.56
CA ASP B 224 -4.33 51.24 -32.38
C ASP B 224 -5.13 52.35 -31.70
N PHE B 225 -5.53 52.12 -30.46
CA PHE B 225 -6.24 53.16 -29.72
C PHE B 225 -5.24 54.00 -28.92
N LEU B 226 -5.20 55.29 -29.25
CA LEU B 226 -4.21 56.21 -28.74
C LEU B 226 -4.78 57.22 -27.74
N THR B 227 -4.05 57.41 -26.64
CA THR B 227 -4.44 58.33 -25.57
C THR B 227 -3.34 59.39 -25.37
N PRO B 228 -3.73 60.66 -25.29
CA PRO B 228 -2.73 61.74 -25.17
C PRO B 228 -1.88 61.66 -23.89
N VAL B 229 -0.67 62.23 -23.93
CA VAL B 229 0.18 62.29 -22.75
C VAL B 229 -0.14 63.54 -21.94
N ALA B 230 0.17 63.51 -20.65
CA ALA B 230 -0.17 64.61 -19.76
C ALA B 230 0.25 65.98 -20.31
N HIS B 231 -0.62 66.97 -20.15
CA HIS B 231 -0.33 68.35 -20.53
C HIS B 231 -1.17 69.36 -19.75
N TYR B 232 -0.52 70.32 -19.11
CA TYR B 232 -1.22 71.31 -18.28
C TYR B 232 -1.01 72.75 -18.74
N GLU B 233 -1.99 73.59 -18.44
CA GLU B 233 -1.92 75.01 -18.76
C GLU B 233 -1.76 75.84 -17.48
N GLU B 234 -1.13 77.00 -17.60
CA GLU B 234 -0.90 77.84 -16.42
C GLU B 234 -1.41 79.26 -16.61
N ALA B 235 -2.20 79.49 -17.66
CA ALA B 235 -2.74 80.82 -17.89
C ALA B 235 -3.75 81.21 -16.83
N GLU B 236 -3.38 82.19 -16.00
CA GLU B 236 -4.32 82.77 -15.06
C GLU B 236 -5.07 83.91 -15.74
N GLY B 237 -6.22 84.28 -15.17
CA GLY B 237 -7.15 85.17 -15.83
C GLY B 237 -8.48 84.46 -15.87
N PRO B 238 -9.53 85.13 -16.39
CA PRO B 238 -10.87 84.53 -16.37
C PRO B 238 -11.09 83.49 -17.48
N VAL B 239 -11.77 82.40 -17.14
CA VAL B 239 -12.04 81.30 -18.07
C VAL B 239 -13.46 80.80 -17.83
N GLN B 240 -14.26 80.73 -18.90
CA GLN B 240 -15.61 80.18 -18.79
C GLN B 240 -15.59 78.67 -18.84
N LEU B 241 -16.19 78.04 -17.83
CA LEU B 241 -16.38 76.60 -17.79
C LEU B 241 -17.86 76.27 -18.02
N VAL B 242 -18.17 75.54 -19.09
CA VAL B 242 -19.55 75.18 -19.42
C VAL B 242 -19.78 73.69 -19.22
N GLN B 243 -20.95 73.32 -18.70
CA GLN B 243 -21.31 71.92 -18.64
C GLN B 243 -22.68 71.67 -19.28
N LYS B 244 -22.84 70.50 -19.89
CA LYS B 244 -24.12 70.08 -20.43
C LYS B 244 -24.77 69.18 -19.38
N PHE B 245 -25.94 69.57 -18.91
CA PHE B 245 -26.61 68.78 -17.89
C PHE B 245 -28.08 68.71 -18.25
N LEU B 246 -28.58 67.49 -18.41
CA LEU B 246 -29.96 67.24 -18.79
C LEU B 246 -30.34 68.07 -20.00
N GLY B 247 -29.41 68.16 -20.95
CA GLY B 247 -29.67 68.85 -22.21
C GLY B 247 -29.34 70.34 -22.21
N GLU B 248 -29.08 70.91 -21.04
CA GLU B 248 -28.86 72.36 -20.98
C GLU B 248 -27.40 72.73 -20.75
N HIS B 249 -27.00 73.89 -21.29
CA HIS B 249 -25.69 74.47 -21.05
C HIS B 249 -25.72 75.37 -19.83
N TRP B 250 -24.92 75.02 -18.84
CA TRP B 250 -24.79 75.84 -17.64
C TRP B 250 -23.33 76.27 -17.55
N ALA B 251 -23.09 77.48 -17.02
CA ALA B 251 -21.71 77.95 -17.00
C ALA B 251 -21.34 78.67 -15.71
N CYS B 252 -20.05 78.61 -15.38
CA CYS B 252 -19.51 79.44 -14.31
C CYS B 252 -18.22 80.07 -14.80
N GLU B 253 -17.69 81.00 -14.02
CA GLU B 253 -16.44 81.63 -14.38
C GLU B 253 -15.34 81.27 -13.40
N LEU B 254 -14.24 80.76 -13.93
CA LEU B 254 -13.06 80.42 -13.13
C LEU B 254 -11.99 81.50 -13.30
N GLN B 255 -11.07 81.58 -12.35
CA GLN B 255 -9.95 82.51 -12.44
C GLN B 255 -8.66 81.76 -12.77
N HIS B 256 -8.82 80.52 -13.25
CA HIS B 256 -7.70 79.68 -13.63
C HIS B 256 -8.18 78.75 -14.73
N SER B 257 -7.25 78.12 -15.44
CA SER B 257 -7.63 77.13 -16.44
C SER B 257 -7.90 75.81 -15.75
N PRO B 258 -9.04 75.18 -16.08
CA PRO B 258 -9.33 73.87 -15.50
C PRO B 258 -8.54 72.72 -16.17
N LEU B 259 -7.67 73.04 -17.12
CA LEU B 259 -6.81 72.04 -17.73
C LEU B 259 -5.43 72.13 -17.09
N ASP B 260 -5.40 71.86 -15.80
CA ASP B 260 -4.21 72.07 -14.99
C ASP B 260 -3.77 70.77 -14.34
N VAL B 261 -3.91 69.67 -15.09
CA VAL B 261 -3.53 68.35 -14.60
C VAL B 261 -2.09 68.06 -15.01
N VAL B 262 -1.20 67.98 -14.02
CA VAL B 262 0.22 67.79 -14.30
C VAL B 262 0.60 66.32 -14.46
N ALA B 263 -0.17 65.44 -13.84
CA ALA B 263 0.10 64.01 -13.95
C ALA B 263 -1.20 63.26 -13.69
N TRP B 264 -1.33 62.07 -14.27
CA TRP B 264 -2.52 61.24 -14.06
C TRP B 264 -2.22 59.77 -14.29
N HIS B 265 -3.08 58.91 -13.77
CA HIS B 265 -3.00 57.48 -14.02
C HIS B 265 -4.39 56.83 -13.97
N GLY B 266 -4.60 55.79 -14.76
CA GLY B 266 -5.88 55.14 -14.76
C GLY B 266 -6.39 54.81 -16.13
N SER B 267 -7.67 54.52 -16.21
CA SER B 267 -8.28 53.90 -17.37
C SER B 267 -9.48 54.66 -17.91
N ASN B 268 -9.87 55.74 -17.24
CA ASN B 268 -10.94 56.59 -17.77
C ASN B 268 -10.33 57.71 -18.60
N VAL B 269 -10.21 57.47 -19.91
CA VAL B 269 -9.36 58.30 -20.77
C VAL B 269 -10.02 58.67 -22.09
N PRO B 270 -9.63 59.84 -22.64
CA PRO B 270 -10.02 60.11 -24.02
C PRO B 270 -9.09 59.29 -24.90
N TYR B 271 -9.51 58.99 -26.11
CA TYR B 271 -8.63 58.26 -27.02
C TYR B 271 -9.07 58.54 -28.44
N LYS B 272 -8.22 58.23 -29.40
CA LYS B 272 -8.60 58.32 -30.81
C LYS B 272 -8.22 57.05 -31.55
N TYR B 273 -8.78 56.86 -32.73
CA TYR B 273 -8.53 55.64 -33.50
C TYR B 273 -8.58 55.95 -34.98
N ASP B 274 -7.63 55.40 -35.74
CA ASP B 274 -7.61 55.62 -37.18
C ASP B 274 -8.36 54.50 -37.89
N LEU B 275 -9.50 54.83 -38.52
CA LEU B 275 -10.34 53.80 -39.13
C LEU B 275 -9.62 53.08 -40.28
N ARG B 276 -8.55 53.67 -40.79
CA ARG B 276 -7.83 52.99 -41.86
C ARG B 276 -7.14 51.76 -41.32
N ARG B 277 -6.92 51.70 -40.01
CA ARG B 277 -6.23 50.58 -39.39
C ARG B 277 -7.15 49.41 -39.07
N PHE B 278 -8.42 49.55 -39.40
CA PHE B 278 -9.41 48.50 -39.13
C PHE B 278 -9.09 47.21 -39.90
N ASN B 279 -8.95 46.10 -39.18
CA ASN B 279 -8.66 44.81 -39.79
C ASN B 279 -9.99 44.18 -40.25
N THR B 280 -10.43 44.60 -41.44
CA THR B 280 -11.73 44.22 -41.98
C THR B 280 -11.86 42.73 -42.29
N ILE B 281 -12.90 42.13 -41.73
CA ILE B 281 -13.21 40.71 -41.90
C ILE B 281 -14.49 40.63 -42.72
N GLY B 282 -14.58 39.64 -43.60
CA GLY B 282 -15.74 39.49 -44.47
C GLY B 282 -15.83 38.10 -45.07
N THR B 283 -16.63 37.96 -46.13
CA THR B 283 -16.78 36.64 -46.75
C THR B 283 -15.57 36.36 -47.65
N VAL B 284 -15.04 35.15 -47.58
CA VAL B 284 -14.03 34.72 -48.52
C VAL B 284 -14.56 33.56 -49.36
N SER B 285 -15.89 33.50 -49.47
CA SER B 285 -16.57 32.41 -50.14
C SER B 285 -17.76 32.90 -50.96
N PHE B 286 -18.90 33.08 -50.30
CA PHE B 286 -20.14 33.50 -50.94
C PHE B 286 -20.99 34.25 -49.92
N ASP B 287 -22.20 34.62 -50.32
CA ASP B 287 -23.12 35.41 -49.48
C ASP B 287 -22.60 36.80 -49.04
N HIS B 288 -23.38 37.48 -48.19
CA HIS B 288 -23.07 38.83 -47.70
C HIS B 288 -23.20 38.84 -46.17
N PRO B 289 -22.06 38.93 -45.45
CA PRO B 289 -22.11 38.86 -43.99
C PRO B 289 -22.90 39.97 -43.34
N ASP B 290 -23.48 39.66 -42.18
CA ASP B 290 -24.18 40.66 -41.35
C ASP B 290 -23.25 41.82 -41.03
N PRO B 291 -23.76 43.05 -41.14
CA PRO B 291 -22.91 44.23 -40.96
C PRO B 291 -22.41 44.42 -39.54
N SER B 292 -22.95 43.67 -38.59
CA SER B 292 -22.38 43.64 -37.25
C SER B 292 -20.90 43.24 -37.32
N ILE B 293 -20.54 42.56 -38.40
CA ILE B 293 -19.19 42.06 -38.56
C ILE B 293 -18.18 43.21 -38.70
N PHE B 294 -18.69 44.40 -39.05
CA PHE B 294 -17.87 45.61 -39.21
C PHE B 294 -17.81 46.44 -37.92
N THR B 295 -18.20 45.85 -36.79
CA THR B 295 -18.27 46.59 -35.54
C THR B 295 -16.90 47.08 -35.06
N VAL B 296 -16.83 48.39 -34.82
CA VAL B 296 -15.62 49.04 -34.29
C VAL B 296 -15.72 49.15 -32.75
N LEU B 297 -16.80 49.75 -32.28
CA LEU B 297 -17.04 49.93 -30.85
C LEU B 297 -18.49 49.61 -30.57
N THR B 298 -18.77 49.21 -29.35
CA THR B 298 -20.14 48.83 -28.99
C THR B 298 -20.44 49.23 -27.56
N SER B 299 -21.66 49.71 -27.35
CA SER B 299 -22.15 49.99 -25.99
C SER B 299 -23.27 48.99 -25.67
N PRO B 300 -23.06 48.16 -24.65
CA PRO B 300 -24.03 47.09 -24.37
C PRO B 300 -25.17 47.52 -23.47
N THR B 301 -26.18 46.65 -23.33
CA THR B 301 -27.17 46.81 -22.28
C THR B 301 -27.02 45.63 -21.32
N SER B 302 -27.89 45.55 -20.33
CA SER B 302 -27.93 44.38 -19.47
C SER B 302 -28.52 43.17 -20.20
N VAL B 303 -29.08 43.38 -21.39
CA VAL B 303 -29.54 42.26 -22.20
C VAL B 303 -28.40 41.78 -23.08
N HIS B 304 -27.87 40.60 -22.76
CA HIS B 304 -26.72 40.09 -23.49
C HIS B 304 -27.07 39.96 -24.96
N GLY B 305 -26.17 40.44 -25.82
CA GLY B 305 -26.38 40.38 -27.26
C GLY B 305 -27.08 41.57 -27.88
N MET B 306 -27.82 42.33 -27.08
CA MET B 306 -28.54 43.48 -27.61
C MET B 306 -27.91 44.77 -27.15
N ALA B 307 -27.14 45.38 -28.03
CA ALA B 307 -26.42 46.59 -27.66
C ALA B 307 -27.34 47.80 -27.50
N ASN B 308 -26.93 48.71 -26.63
CA ASN B 308 -27.49 50.06 -26.63
C ASN B 308 -27.19 50.72 -28.00
N MET B 309 -25.94 50.66 -28.44
CA MET B 309 -25.58 51.06 -29.80
C MET B 309 -24.37 50.26 -30.27
N ASP B 310 -24.31 49.97 -31.56
CA ASP B 310 -23.10 49.48 -32.22
C ASP B 310 -22.59 50.57 -33.14
N PHE B 311 -21.28 50.85 -33.11
CA PHE B 311 -20.68 51.73 -34.11
C PHE B 311 -19.98 50.87 -35.14
N VAL B 312 -20.54 50.87 -36.34
CA VAL B 312 -20.10 50.01 -37.45
C VAL B 312 -19.65 50.85 -38.66
N ILE B 313 -18.62 50.39 -39.35
CA ILE B 313 -18.09 51.14 -40.49
C ILE B 313 -18.14 50.30 -41.76
N PHE B 314 -18.08 50.97 -42.90
CA PHE B 314 -18.05 50.29 -44.18
C PHE B 314 -16.84 50.84 -44.95
N PRO B 315 -15.67 50.20 -44.76
CA PRO B 315 -14.39 50.70 -45.24
C PRO B 315 -14.01 50.06 -46.56
N PRO B 316 -12.90 50.50 -47.15
CA PRO B 316 -12.31 49.79 -48.29
C PRO B 316 -12.16 48.32 -47.96
N ARG B 317 -12.50 47.45 -48.91
CA ARG B 317 -12.58 46.01 -48.64
C ARG B 317 -12.71 45.19 -49.92
N TRP B 318 -12.10 44.01 -49.94
CA TRP B 318 -12.24 43.09 -51.05
C TRP B 318 -13.62 42.43 -51.06
N MET B 319 -14.26 42.47 -52.23
CA MET B 319 -15.50 41.74 -52.47
C MET B 319 -15.17 40.57 -53.39
N VAL B 320 -15.32 39.34 -52.90
CA VAL B 320 -15.01 38.18 -53.73
C VAL B 320 -16.11 37.12 -53.73
N ALA B 321 -17.25 37.41 -53.10
CA ALA B 321 -18.29 36.39 -52.96
C ALA B 321 -18.73 35.89 -54.33
N GLU B 322 -18.77 34.57 -54.46
CA GLU B 322 -19.08 33.92 -55.74
C GLU B 322 -20.57 33.61 -55.85
N ASN B 323 -21.10 33.76 -57.06
CA ASN B 323 -22.52 33.55 -57.32
C ASN B 323 -23.38 34.17 -56.22
N THR B 324 -23.14 35.45 -55.96
CA THR B 324 -23.76 36.11 -54.83
C THR B 324 -24.25 37.49 -55.21
N PHE B 325 -25.41 37.86 -54.69
CA PHE B 325 -25.83 39.25 -54.71
C PHE B 325 -24.99 39.98 -53.68
N ARG B 326 -24.05 40.81 -54.13
CA ARG B 326 -23.02 41.39 -53.25
C ARG B 326 -23.42 42.63 -52.44
N PRO B 327 -24.34 43.45 -52.97
CA PRO B 327 -24.79 44.58 -52.15
C PRO B 327 -25.58 44.04 -50.94
N PRO B 328 -25.81 44.89 -49.94
CA PRO B 328 -26.65 44.50 -48.79
C PRO B 328 -27.95 43.86 -49.27
N TRP B 329 -28.45 42.84 -48.56
CA TRP B 329 -29.73 42.25 -48.91
C TRP B 329 -30.84 43.19 -48.46
N PHE B 330 -32.02 43.01 -49.03
CA PHE B 330 -33.17 43.75 -48.53
C PHE B 330 -33.38 43.33 -47.06
N HIS B 331 -33.75 44.30 -46.23
CA HIS B 331 -33.68 44.14 -44.79
C HIS B 331 -34.85 44.85 -44.09
N ARG B 332 -35.36 44.19 -43.05
CA ARG B 332 -36.20 44.81 -42.02
C ARG B 332 -35.59 44.36 -40.70
N ASN B 333 -35.47 45.27 -39.74
CA ASN B 333 -34.62 45.05 -38.57
C ASN B 333 -35.31 45.53 -37.29
N LEU B 334 -35.17 44.78 -36.21
CA LEU B 334 -35.67 45.24 -34.91
C LEU B 334 -34.93 46.52 -34.55
N MET B 335 -33.63 46.52 -34.84
CA MET B 335 -32.77 47.63 -34.45
C MET B 335 -33.04 48.86 -35.35
N ASN B 336 -32.43 49.98 -34.98
CA ASN B 336 -32.60 51.25 -35.69
C ASN B 336 -31.28 51.73 -36.32
N GLU B 337 -31.30 51.95 -37.63
CA GLU B 337 -30.07 52.13 -38.40
C GLU B 337 -29.93 53.58 -38.87
N PHE B 338 -29.03 54.30 -38.23
CA PHE B 338 -28.66 55.66 -38.65
C PHE B 338 -27.31 55.62 -39.34
N MET B 339 -27.27 56.02 -40.61
CA MET B 339 -26.00 56.00 -41.35
C MET B 339 -25.46 57.38 -41.66
N GLY B 340 -24.13 57.48 -41.67
CA GLY B 340 -23.45 58.68 -42.11
C GLY B 340 -22.40 58.30 -43.15
N LEU B 341 -21.69 59.30 -43.66
CA LEU B 341 -20.71 59.08 -44.72
C LEU B 341 -19.59 60.10 -44.58
N ILE B 342 -18.38 59.60 -44.36
CA ILE B 342 -17.23 60.44 -44.10
C ILE B 342 -16.55 60.85 -45.41
N ASN B 343 -16.39 59.88 -46.33
CA ASN B 343 -15.97 60.22 -47.69
C ASN B 343 -16.33 59.12 -48.70
N GLY B 344 -16.34 59.49 -49.98
CA GLY B 344 -16.60 58.54 -51.04
C GLY B 344 -18.07 58.27 -51.23
N ALA B 345 -18.42 57.05 -51.64
CA ALA B 345 -19.82 56.67 -51.89
C ALA B 345 -20.16 55.32 -51.23
N TYR B 346 -21.40 55.15 -50.78
CA TYR B 346 -21.78 53.88 -50.14
C TYR B 346 -22.40 52.87 -51.14
N ASP B 347 -22.02 51.62 -50.96
CA ASP B 347 -22.31 50.52 -51.90
C ASP B 347 -23.80 50.23 -52.16
N ALA B 348 -24.67 50.62 -51.24
CA ALA B 348 -26.08 50.29 -51.37
C ALA B 348 -26.88 51.40 -52.05
N LYS B 349 -26.26 52.57 -52.22
CA LYS B 349 -27.00 53.68 -52.78
C LYS B 349 -26.21 54.36 -53.91
N ALA B 350 -26.89 54.64 -55.02
CA ALA B 350 -26.22 55.15 -56.22
C ALA B 350 -26.14 56.68 -56.26
N GLU B 351 -27.16 57.34 -55.72
CA GLU B 351 -27.19 58.80 -55.71
C GLU B 351 -27.96 59.29 -54.49
N GLY B 352 -27.67 60.51 -54.08
CA GLY B 352 -28.39 61.13 -52.97
C GLY B 352 -27.73 61.02 -51.61
N PHE B 353 -26.76 60.12 -51.47
CA PHE B 353 -26.10 59.91 -50.19
C PHE B 353 -24.66 60.40 -50.28
N LEU B 354 -24.41 61.58 -49.72
CA LEU B 354 -23.14 62.28 -49.89
C LEU B 354 -22.43 62.48 -48.55
N PRO B 355 -21.12 62.70 -48.59
CA PRO B 355 -20.42 62.92 -47.32
C PRO B 355 -21.11 64.01 -46.50
N GLY B 356 -21.42 63.69 -45.24
CA GLY B 356 -22.05 64.64 -44.35
C GLY B 356 -23.55 64.47 -44.33
N GLY B 357 -24.05 63.67 -45.26
CA GLY B 357 -25.46 63.31 -45.31
C GLY B 357 -25.80 62.26 -44.27
N ALA B 358 -27.08 61.95 -44.12
CA ALA B 358 -27.50 60.95 -43.15
C ALA B 358 -28.74 60.24 -43.64
N SER B 359 -28.88 58.96 -43.25
CA SER B 359 -30.13 58.23 -43.47
C SER B 359 -30.62 57.60 -42.18
N LEU B 360 -31.93 57.50 -42.05
CA LEU B 360 -32.51 56.80 -40.90
C LEU B 360 -33.53 55.80 -41.38
N HIS B 361 -33.25 54.54 -41.08
CA HIS B 361 -34.19 53.45 -41.28
C HIS B 361 -34.56 52.89 -39.89
N GLY B 362 -35.75 53.23 -39.39
CA GLY B 362 -36.15 52.85 -38.06
C GLY B 362 -36.70 51.43 -37.96
N VAL B 363 -36.97 50.99 -36.74
CA VAL B 363 -37.54 49.67 -36.45
C VAL B 363 -38.54 49.19 -37.52
N MET B 364 -38.23 48.03 -38.10
CA MET B 364 -39.09 47.35 -39.08
C MET B 364 -39.43 48.12 -40.36
N SER B 365 -38.77 49.24 -40.60
CA SER B 365 -38.89 49.91 -41.89
C SER B 365 -38.14 49.11 -42.98
N ALA B 366 -38.77 48.94 -44.13
CA ALA B 366 -38.22 48.14 -45.21
C ALA B 366 -37.15 48.90 -45.98
N HIS B 367 -35.90 48.46 -45.89
CA HIS B 367 -34.83 49.12 -46.61
C HIS B 367 -34.02 48.09 -47.39
N GLY B 368 -32.99 48.56 -48.07
CA GLY B 368 -32.27 47.70 -49.00
C GLY B 368 -31.63 48.53 -50.09
N PRO B 369 -31.00 47.86 -51.05
CA PRO B 369 -30.31 48.64 -52.10
C PRO B 369 -31.34 49.32 -52.98
N ASP B 370 -31.02 50.53 -53.44
CA ASP B 370 -31.93 51.24 -54.33
C ASP B 370 -32.06 50.46 -55.64
N ALA B 371 -33.03 50.82 -56.46
CA ALA B 371 -33.32 50.09 -57.69
C ALA B 371 -32.10 49.99 -58.59
N GLU B 372 -31.40 51.11 -58.76
CA GLU B 372 -30.21 51.14 -59.61
C GLU B 372 -29.13 50.15 -59.15
N THR B 373 -28.78 50.21 -57.88
CA THR B 373 -27.74 49.35 -57.35
C THR B 373 -28.16 47.88 -57.50
N CYS B 374 -29.43 47.61 -57.24
CA CYS B 374 -29.94 46.26 -57.30
C CYS B 374 -29.85 45.69 -58.72
N GLU B 375 -30.32 46.48 -59.69
CA GLU B 375 -30.29 46.07 -61.08
C GLU B 375 -28.89 45.66 -61.50
N LYS B 376 -27.91 46.54 -61.24
CA LYS B 376 -26.54 46.29 -61.64
C LYS B 376 -25.95 45.03 -61.03
N ALA B 377 -26.22 44.81 -59.74
CA ALA B 377 -25.57 43.71 -59.02
C ALA B 377 -26.05 42.35 -59.49
N ILE B 378 -27.29 42.28 -59.95
CA ILE B 378 -27.82 41.00 -60.42
C ILE B 378 -27.24 40.63 -61.78
N ALA B 379 -26.88 41.66 -62.56
CA ALA B 379 -26.40 41.51 -63.94
C ALA B 379 -24.88 41.36 -64.04
N ALA B 380 -24.18 41.78 -62.99
CA ALA B 380 -22.73 41.86 -63.03
C ALA B 380 -22.04 40.51 -63.28
N ASP B 381 -20.94 40.54 -64.02
CA ASP B 381 -20.01 39.43 -64.06
C ASP B 381 -19.20 39.53 -62.77
N LEU B 382 -19.07 38.43 -62.05
CA LEU B 382 -18.48 38.46 -60.72
C LEU B 382 -17.02 38.06 -60.71
N ALA B 383 -16.20 38.87 -60.06
CA ALA B 383 -14.78 38.62 -59.92
C ALA B 383 -14.27 39.48 -58.78
N PRO B 384 -13.07 39.18 -58.29
CA PRO B 384 -12.43 39.93 -57.19
C PRO B 384 -12.43 41.42 -57.45
N HIS B 385 -13.14 42.17 -56.61
CA HIS B 385 -13.25 43.62 -56.73
C HIS B 385 -12.93 44.32 -55.41
N LYS B 386 -12.00 45.28 -55.46
CA LYS B 386 -11.63 46.03 -54.27
C LYS B 386 -12.43 47.34 -54.14
N ILE B 387 -13.29 47.39 -53.14
CA ILE B 387 -13.95 48.64 -52.79
C ILE B 387 -12.91 49.55 -52.17
N ASP B 388 -12.83 50.77 -52.68
CA ASP B 388 -11.78 51.69 -52.25
C ASP B 388 -12.28 53.13 -52.15
N ASN B 389 -11.49 53.97 -51.50
CA ASN B 389 -11.75 55.41 -51.43
C ASN B 389 -13.15 55.73 -50.91
N THR B 390 -13.54 55.04 -49.84
CA THR B 390 -14.83 55.28 -49.22
C THR B 390 -14.80 54.91 -47.75
N MET B 391 -15.59 55.64 -46.96
CA MET B 391 -15.82 55.32 -45.57
C MET B 391 -17.22 55.77 -45.18
N ALA B 392 -18.14 54.81 -45.12
CA ALA B 392 -19.48 55.03 -44.56
C ALA B 392 -19.50 54.43 -43.14
N PHE B 393 -20.55 54.72 -42.37
CA PHE B 393 -20.67 54.10 -41.05
C PHE B 393 -22.12 54.07 -40.61
N MET B 394 -22.37 53.36 -39.52
CA MET B 394 -23.72 53.29 -38.94
C MET B 394 -23.67 53.39 -37.43
N PHE B 395 -24.58 54.18 -36.88
CA PHE B 395 -24.87 54.11 -35.46
C PHE B 395 -26.11 53.24 -35.37
N GLU B 396 -25.99 52.00 -34.90
CA GLU B 396 -27.17 51.15 -34.78
C GLU B 396 -27.68 51.05 -33.34
N THR B 397 -28.91 51.49 -33.10
CA THR B 397 -29.44 51.55 -31.73
C THR B 397 -30.61 50.60 -31.49
N SER B 398 -30.66 50.03 -30.28
CA SER B 398 -31.77 49.16 -29.91
C SER B 398 -33.08 49.94 -29.65
N GLN B 399 -33.00 51.06 -28.93
CA GLN B 399 -34.17 51.92 -28.74
C GLN B 399 -34.51 52.71 -30.01
N VAL B 400 -35.79 52.98 -30.28
CA VAL B 400 -36.07 53.76 -31.50
C VAL B 400 -35.49 55.18 -31.43
N LEU B 401 -35.08 55.67 -32.60
CA LEU B 401 -34.50 57.00 -32.73
C LEU B 401 -35.57 57.99 -33.18
N ARG B 402 -35.90 58.95 -32.32
CA ARG B 402 -36.87 59.98 -32.64
C ARG B 402 -36.18 61.19 -33.28
N PRO B 403 -36.51 61.47 -34.54
CA PRO B 403 -35.97 62.68 -35.18
C PRO B 403 -36.41 63.93 -34.44
N SER B 404 -35.52 64.91 -34.33
CA SER B 404 -35.87 66.18 -33.71
C SER B 404 -36.82 67.00 -34.59
N LEU B 405 -37.46 67.99 -33.99
CA LEU B 405 -38.29 68.89 -34.76
C LEU B 405 -37.42 69.64 -35.79
N GLN B 406 -36.22 70.03 -35.35
N GLN B 406 -36.22 70.06 -35.36
CA GLN B 406 -35.27 70.71 -36.22
CA GLN B 406 -35.28 70.72 -36.26
C GLN B 406 -34.88 69.84 -37.42
C GLN B 406 -34.96 69.82 -37.45
N ALA B 407 -34.67 68.55 -37.18
CA ALA B 407 -34.37 67.61 -38.26
C ALA B 407 -35.56 67.38 -39.20
N LEU B 408 -36.77 67.32 -38.64
CA LEU B 408 -37.93 67.10 -39.50
C LEU B 408 -38.27 68.34 -40.33
N GLU B 409 -37.89 69.51 -39.82
CA GLU B 409 -38.20 70.77 -40.48
C GLU B 409 -37.07 71.22 -41.39
N CYS B 410 -35.96 70.49 -41.31
CA CYS B 410 -34.74 70.79 -42.06
C CYS B 410 -34.97 70.97 -43.57
N PRO B 411 -34.34 72.01 -44.16
CA PRO B 411 -34.30 72.18 -45.62
C PRO B 411 -33.46 71.09 -46.27
N GLN B 412 -32.55 70.50 -45.49
CA GLN B 412 -31.68 69.45 -46.00
C GLN B 412 -32.39 68.09 -46.09
N LEU B 413 -33.55 67.96 -45.45
CA LEU B 413 -34.31 66.70 -45.50
C LEU B 413 -34.87 66.48 -46.88
N GLN B 414 -34.53 65.34 -47.50
CA GLN B 414 -34.98 65.07 -48.86
C GLN B 414 -36.46 64.71 -48.92
N ALA B 415 -37.15 65.20 -49.93
CA ALA B 415 -38.61 65.05 -50.02
C ALA B 415 -39.04 63.72 -50.60
N ASP B 416 -38.22 63.11 -51.45
CA ASP B 416 -38.67 61.88 -52.12
C ASP B 416 -37.69 60.71 -52.06
N TYR B 417 -37.16 60.46 -50.87
CA TYR B 417 -36.22 59.36 -50.65
C TYR B 417 -36.86 58.02 -51.03
N ASP B 418 -38.16 57.90 -50.80
CA ASP B 418 -38.88 56.67 -51.13
C ASP B 418 -38.75 56.33 -52.61
N SER B 419 -38.70 57.36 -53.45
CA SER B 419 -38.65 57.16 -54.89
C SER B 419 -37.47 56.31 -55.35
N CYS B 420 -36.40 56.23 -54.55
CA CYS B 420 -35.22 55.50 -55.00
C CYS B 420 -35.47 53.99 -55.11
N TRP B 421 -36.52 53.49 -54.45
CA TRP B 421 -36.93 52.09 -54.61
C TRP B 421 -38.09 51.95 -55.59
N ALA B 422 -38.65 53.09 -56.03
CA ALA B 422 -39.92 53.06 -56.77
C ALA B 422 -39.93 52.17 -58.01
N THR B 423 -38.77 52.00 -58.65
CA THR B 423 -38.71 51.26 -59.91
C THR B 423 -38.33 49.78 -59.81
N LEU B 424 -38.21 49.23 -58.60
CA LEU B 424 -37.92 47.80 -58.49
C LEU B 424 -38.93 46.98 -59.29
N PRO B 425 -38.45 46.19 -60.25
CA PRO B 425 -39.35 45.40 -61.09
C PRO B 425 -39.58 44.02 -60.50
N SER B 426 -40.73 43.42 -60.79
CA SER B 426 -40.87 42.00 -60.57
C SER B 426 -40.06 41.31 -61.67
N THR B 427 -39.44 40.19 -61.33
CA THR B 427 -38.75 39.37 -62.32
C THR B 427 -39.13 37.93 -62.10
N PHE B 428 -40.25 37.73 -61.41
CA PHE B 428 -40.72 36.41 -60.99
C PHE B 428 -41.32 35.64 -62.15
N ASN B 429 -40.90 34.40 -62.31
CA ASN B 429 -41.40 33.54 -63.36
C ASN B 429 -41.62 32.18 -62.72
N PRO B 430 -42.88 31.87 -62.40
CA PRO B 430 -43.15 30.62 -61.69
C PRO B 430 -42.85 29.38 -62.51
N ASN B 431 -42.52 29.53 -63.78
CA ASN B 431 -42.30 28.35 -64.64
C ASN B 431 -40.82 28.09 -64.85
N ARG B 432 -39.99 29.05 -64.44
CA ARG B 432 -38.56 28.91 -64.65
C ARG B 432 -37.79 29.05 -63.34
N ARG B 433 -37.39 27.92 -62.79
CA ARG B 433 -36.54 27.92 -61.61
C ARG B 433 -35.19 28.54 -61.98
N LEU C 9 -55.19 23.42 -44.45
CA LEU C 9 -53.92 24.08 -44.18
C LEU C 9 -52.92 23.10 -43.57
N HIS C 10 -51.69 23.11 -44.08
CA HIS C 10 -50.63 22.29 -43.53
C HIS C 10 -49.75 23.11 -42.60
N TYR C 11 -49.17 22.46 -41.60
CA TYR C 11 -48.33 23.16 -40.62
C TYR C 11 -47.02 22.44 -40.40
N LEU C 12 -46.02 23.20 -39.97
CA LEU C 12 -44.75 22.63 -39.52
C LEU C 12 -44.72 22.76 -37.99
N SER C 13 -44.16 21.77 -37.31
CA SER C 13 -44.23 21.76 -35.85
C SER C 13 -42.86 21.95 -35.18
N GLY C 14 -42.86 22.48 -33.97
CA GLY C 14 -41.64 22.57 -33.18
C GLY C 14 -41.20 23.98 -32.79
N PHE C 15 -41.65 24.42 -31.63
CA PHE C 15 -41.36 25.78 -31.18
C PHE C 15 -39.87 26.06 -31.25
N GLY C 16 -39.52 27.16 -31.92
CA GLY C 16 -38.14 27.61 -31.96
C GLY C 16 -37.30 27.03 -33.07
N ASN C 17 -37.92 26.18 -33.89
CA ASN C 17 -37.18 25.46 -34.93
C ASN C 17 -36.64 26.41 -36.01
N GLU C 18 -35.54 26.01 -36.63
CA GLU C 18 -35.14 26.59 -37.91
C GLU C 18 -35.95 25.86 -38.99
N PHE C 19 -37.03 26.48 -39.46
CA PHE C 19 -37.89 25.85 -40.46
C PHE C 19 -37.46 26.21 -41.87
N ALA C 20 -37.96 25.48 -42.85
CA ALA C 20 -37.82 25.82 -44.27
C ALA C 20 -39.07 25.42 -45.03
N SER C 21 -39.53 26.29 -45.92
CA SER C 21 -40.77 26.04 -46.64
C SER C 21 -40.75 26.73 -48.01
N GLU C 22 -41.07 26.00 -49.07
CA GLU C 22 -41.18 26.58 -50.40
C GLU C 22 -42.51 26.21 -51.03
N ALA C 23 -43.11 27.17 -51.74
CA ALA C 23 -44.38 26.90 -52.40
C ALA C 23 -44.14 26.44 -53.85
N LEU C 24 -42.97 26.73 -54.39
CA LEU C 24 -42.56 26.16 -55.67
C LEU C 24 -41.31 25.33 -55.46
N PRO C 25 -41.18 24.21 -56.19
CA PRO C 25 -40.03 23.32 -55.97
C PRO C 25 -38.71 24.02 -56.20
N GLY C 26 -37.81 23.96 -55.23
CA GLY C 26 -36.49 24.56 -55.37
C GLY C 26 -36.41 26.07 -55.28
N ALA C 27 -37.48 26.71 -54.84
CA ALA C 27 -37.47 28.16 -54.71
C ALA C 27 -36.48 28.63 -53.65
N LEU C 28 -36.29 27.83 -52.59
CA LEU C 28 -35.23 28.14 -51.63
C LEU C 28 -33.88 27.84 -52.26
N PRO C 29 -32.93 28.80 -52.20
CA PRO C 29 -31.58 28.57 -52.69
C PRO C 29 -30.88 27.51 -51.88
N VAL C 30 -30.13 26.64 -52.55
CA VAL C 30 -29.44 25.57 -51.83
C VAL C 30 -27.99 25.95 -51.57
N GLY C 31 -27.58 25.84 -50.30
CA GLY C 31 -26.19 26.06 -49.94
C GLY C 31 -25.82 27.50 -49.59
N GLN C 32 -26.79 28.41 -49.68
CA GLN C 32 -26.51 29.81 -49.37
C GLN C 32 -27.80 30.60 -49.22
N ASN C 33 -27.69 31.82 -48.73
CA ASN C 33 -28.87 32.65 -48.52
C ASN C 33 -29.12 33.66 -49.64
N SER C 34 -28.04 34.12 -50.28
CA SER C 34 -28.10 35.30 -51.15
C SER C 34 -27.44 35.09 -52.53
N PRO C 35 -28.01 34.18 -53.34
CA PRO C 35 -27.47 33.94 -54.70
C PRO C 35 -27.57 35.21 -55.54
N GLN C 36 -26.68 35.37 -56.52
CA GLN C 36 -26.78 36.52 -57.41
C GLN C 36 -28.10 36.48 -58.17
N LYS C 37 -28.42 35.31 -58.67
CA LYS C 37 -29.65 35.09 -59.41
C LYS C 37 -30.50 34.07 -58.67
N ALA C 38 -31.47 34.54 -57.90
CA ALA C 38 -32.32 33.68 -57.08
C ALA C 38 -33.30 32.90 -57.94
N PRO C 39 -33.60 31.65 -57.54
CA PRO C 39 -34.57 30.80 -58.23
C PRO C 39 -35.85 31.55 -58.56
N TYR C 40 -36.41 31.28 -59.72
CA TYR C 40 -37.67 31.89 -60.17
C TYR C 40 -37.60 33.40 -60.22
N GLY C 41 -36.39 33.95 -60.13
CA GLY C 41 -36.19 35.38 -60.20
C GLY C 41 -36.77 36.14 -59.02
N LEU C 42 -36.80 35.49 -57.85
CA LEU C 42 -37.25 36.11 -56.62
C LEU C 42 -36.19 37.02 -55.99
N TYR C 43 -36.60 37.83 -55.01
CA TYR C 43 -35.67 38.64 -54.24
C TYR C 43 -35.48 38.07 -52.84
N ALA C 44 -34.23 38.04 -52.40
CA ALA C 44 -33.91 37.68 -51.02
C ALA C 44 -34.19 38.88 -50.12
N GLU C 45 -34.81 38.64 -48.97
CA GLU C 45 -35.05 39.67 -47.97
C GLU C 45 -34.93 39.08 -46.57
N LEU C 46 -34.17 39.75 -45.70
CA LEU C 46 -33.96 39.26 -44.35
C LEU C 46 -34.78 40.03 -43.32
N LEU C 47 -35.54 39.29 -42.53
CA LEU C 47 -36.32 39.87 -41.43
C LEU C 47 -35.64 39.52 -40.12
N SER C 48 -34.88 40.48 -39.59
CA SER C 48 -34.18 40.32 -38.31
C SER C 48 -35.12 40.73 -37.17
N GLY C 49 -35.57 39.75 -36.40
CA GLY C 49 -36.49 39.99 -35.30
C GLY C 49 -35.78 40.32 -34.01
N THR C 50 -34.46 40.15 -34.01
CA THR C 50 -33.61 40.46 -32.86
C THR C 50 -32.30 41.06 -33.36
N ALA C 51 -31.50 41.64 -32.46
CA ALA C 51 -30.15 42.08 -32.83
C ALA C 51 -29.39 40.91 -33.47
N PHE C 52 -28.53 41.20 -34.44
CA PHE C 52 -27.72 40.16 -35.08
C PHE C 52 -26.96 39.33 -34.07
N THR C 53 -26.49 40.00 -33.01
CA THR C 53 -25.50 39.41 -32.10
C THR C 53 -26.08 38.70 -30.87
N MET C 54 -27.38 38.42 -30.86
CA MET C 54 -27.96 37.62 -29.77
C MET C 54 -27.32 36.23 -29.68
N ALA C 55 -27.28 35.65 -28.49
CA ALA C 55 -26.92 34.24 -28.36
C ALA C 55 -27.84 33.43 -29.28
N ARG C 56 -27.32 32.39 -29.91
CA ARG C 56 -28.13 31.62 -30.87
C ARG C 56 -29.50 31.16 -30.34
N SER C 57 -29.56 30.82 -29.05
CA SER C 57 -30.81 30.41 -28.42
C SER C 57 -31.82 31.54 -28.40
N GLU C 58 -31.34 32.79 -28.51
CA GLU C 58 -32.24 33.93 -28.41
C GLU C 58 -32.56 34.47 -29.78
N LEU C 59 -31.88 33.93 -30.78
CA LEU C 59 -31.94 34.46 -32.15
C LEU C 59 -33.30 34.26 -32.80
N ARG C 60 -33.82 35.30 -33.44
CA ARG C 60 -35.02 35.17 -34.25
C ARG C 60 -34.80 35.87 -35.59
N ARG C 61 -34.70 35.10 -36.67
CA ARG C 61 -34.55 35.70 -38.00
C ARG C 61 -35.01 34.78 -39.12
N THR C 62 -35.62 35.38 -40.14
CA THR C 62 -36.18 34.61 -41.22
C THR C 62 -35.79 35.18 -42.59
N TRP C 63 -35.31 34.29 -43.45
CA TRP C 63 -34.98 34.67 -44.82
C TRP C 63 -36.19 34.47 -45.72
N LEU C 64 -36.53 35.51 -46.48
CA LEU C 64 -37.70 35.53 -47.34
C LEU C 64 -37.29 35.58 -48.80
N TYR C 65 -37.95 34.78 -49.62
CA TYR C 65 -37.72 34.81 -51.06
C TYR C 65 -39.05 35.19 -51.71
N ARG C 66 -39.12 36.44 -52.18
CA ARG C 66 -40.38 37.13 -52.43
C ARG C 66 -40.44 37.83 -53.80
N ILE C 67 -41.65 38.06 -54.30
CA ILE C 67 -41.85 38.59 -55.64
C ILE C 67 -41.34 40.03 -55.80
N ARG C 68 -41.65 40.88 -54.83
CA ARG C 68 -41.06 42.22 -54.81
C ARG C 68 -40.58 42.53 -53.39
N PRO C 69 -39.44 43.25 -53.26
CA PRO C 69 -38.92 43.59 -51.94
C PRO C 69 -39.91 44.46 -51.17
N SER C 70 -39.95 44.33 -49.85
CA SER C 70 -40.79 45.19 -49.02
C SER C 70 -40.42 46.68 -49.17
N ALA C 71 -39.18 46.94 -49.56
CA ALA C 71 -38.73 48.31 -49.71
C ALA C 71 -39.57 49.05 -50.75
N LEU C 72 -40.22 48.33 -51.64
CA LEU C 72 -41.01 48.98 -52.68
C LEU C 72 -42.34 49.49 -52.14
N HIS C 73 -42.32 50.70 -51.60
CA HIS C 73 -43.55 51.32 -51.13
C HIS C 73 -43.41 52.83 -51.11
N PRO C 74 -44.52 53.55 -51.30
CA PRO C 74 -44.53 55.01 -51.23
C PRO C 74 -44.49 55.49 -49.78
N ARG C 75 -44.27 56.79 -49.59
CA ARG C 75 -44.31 57.39 -48.26
C ARG C 75 -45.55 56.97 -47.46
N PHE C 76 -45.36 56.63 -46.19
CA PHE C 76 -46.49 56.35 -45.29
C PHE C 76 -47.12 57.68 -44.86
N GLU C 77 -48.44 57.71 -44.77
CA GLU C 77 -49.15 58.89 -44.27
C GLU C 77 -50.05 58.50 -43.10
N ARG C 78 -50.18 59.39 -42.14
CA ARG C 78 -50.95 59.11 -40.93
C ARG C 78 -52.46 59.05 -41.20
N LEU C 79 -53.13 57.99 -40.74
CA LEU C 79 -54.56 57.85 -40.97
C LEU C 79 -55.37 58.74 -40.04
N ALA C 80 -56.51 59.18 -40.53
CA ALA C 80 -57.48 59.92 -39.71
C ALA C 80 -58.00 59.06 -38.56
N ARG C 81 -58.32 57.81 -38.88
CA ARG C 81 -58.91 56.91 -37.89
C ARG C 81 -57.81 56.33 -37.01
N GLN C 82 -57.84 56.64 -35.72
CA GLN C 82 -56.82 56.20 -34.77
C GLN C 82 -57.43 55.57 -33.52
N PRO C 83 -57.59 54.24 -33.52
CA PRO C 83 -58.26 53.54 -32.41
C PRO C 83 -57.46 53.59 -31.10
N LEU C 84 -56.16 53.79 -31.19
CA LEU C 84 -55.29 53.68 -30.03
C LEU C 84 -54.90 55.02 -29.42
N GLY C 85 -55.37 56.12 -30.01
CA GLY C 85 -54.95 57.45 -29.61
C GLY C 85 -55.54 58.02 -28.33
N GLY C 86 -56.38 57.25 -27.65
CA GLY C 86 -56.97 57.68 -26.40
C GLY C 86 -55.96 57.86 -25.28
N PRO C 87 -56.25 58.76 -24.32
CA PRO C 87 -55.33 59.01 -23.21
C PRO C 87 -55.33 57.90 -22.15
N LEU C 88 -54.23 57.83 -21.39
CA LEU C 88 -54.18 56.98 -20.21
C LEU C 88 -55.23 57.45 -19.22
N GLY C 89 -55.81 56.51 -18.48
CA GLY C 89 -56.71 56.88 -17.41
C GLY C 89 -55.97 57.53 -16.26
N GLY C 90 -56.72 58.10 -15.33
CA GLY C 90 -56.14 58.61 -14.11
C GLY C 90 -55.55 57.49 -13.28
N ILE C 91 -54.81 57.85 -12.25
CA ILE C 91 -54.27 56.89 -11.29
C ILE C 91 -55.40 56.25 -10.51
N ASN C 92 -55.36 54.93 -10.36
CA ASN C 92 -56.41 54.20 -9.67
C ASN C 92 -55.92 52.85 -9.21
N PRO C 93 -55.71 52.70 -7.89
CA PRO C 93 -55.18 51.46 -7.32
C PRO C 93 -56.23 50.37 -7.14
N ASN C 94 -57.49 50.67 -7.43
CA ASN C 94 -58.57 49.72 -7.14
C ASN C 94 -58.55 48.43 -7.95
N ARG C 95 -59.15 47.40 -7.35
CA ARG C 95 -59.45 46.15 -8.04
C ARG C 95 -60.58 46.41 -9.03
N LEU C 96 -60.37 46.00 -10.27
CA LEU C 96 -61.30 46.35 -11.34
C LEU C 96 -61.75 45.08 -12.03
N ARG C 97 -63.02 45.04 -12.38
CA ARG C 97 -63.59 43.97 -13.18
C ARG C 97 -64.54 44.55 -14.22
N TRP C 98 -64.39 44.07 -15.45
CA TRP C 98 -65.23 44.47 -16.57
C TRP C 98 -66.10 43.30 -17.03
N SER C 99 -67.34 43.62 -17.39
CA SER C 99 -68.23 42.68 -18.08
C SER C 99 -67.75 42.56 -19.53
N PRO C 100 -68.30 41.59 -20.28
CA PRO C 100 -67.79 41.40 -21.65
C PRO C 100 -68.00 42.65 -22.53
N GLN C 101 -67.15 42.84 -23.53
CA GLN C 101 -67.26 44.00 -24.41
C GLN C 101 -68.19 43.71 -25.60
N PRO C 102 -69.16 44.61 -25.84
CA PRO C 102 -70.02 44.41 -27.01
C PRO C 102 -69.29 44.76 -28.31
N ILE C 103 -69.65 44.07 -29.39
CA ILE C 103 -69.09 44.38 -30.68
C ILE C 103 -69.71 45.68 -31.19
N PRO C 104 -68.87 46.64 -31.59
CA PRO C 104 -69.41 47.95 -32.00
C PRO C 104 -70.20 47.84 -33.30
N ALA C 105 -71.12 48.76 -33.52
CA ALA C 105 -71.98 48.74 -34.71
C ALA C 105 -71.28 49.22 -35.97
N GLU C 106 -70.53 50.31 -35.87
CA GLU C 106 -69.81 50.83 -37.02
C GLU C 106 -68.87 49.78 -37.59
N PRO C 107 -68.65 49.81 -38.92
CA PRO C 107 -67.76 48.85 -39.57
C PRO C 107 -66.39 48.91 -38.92
N THR C 108 -65.90 47.76 -38.46
CA THR C 108 -64.69 47.72 -37.68
C THR C 108 -63.93 46.44 -38.03
N ASP C 109 -62.75 46.56 -38.63
CA ASP C 109 -61.94 45.37 -38.88
C ASP C 109 -61.02 45.06 -37.70
N PHE C 110 -60.14 44.08 -37.85
CA PHE C 110 -59.37 43.58 -36.73
C PHE C 110 -58.53 44.68 -36.07
N ILE C 111 -57.86 45.49 -36.89
CA ILE C 111 -56.95 46.50 -36.32
C ILE C 111 -57.65 47.77 -35.86
N GLU C 112 -58.87 48.00 -36.34
CA GLU C 112 -59.64 49.16 -35.91
C GLU C 112 -60.37 48.84 -34.61
N GLY C 113 -60.43 47.55 -34.28
CA GLY C 113 -61.27 47.08 -33.21
C GLY C 113 -60.59 46.88 -31.86
N TRP C 114 -59.33 47.26 -31.75
CA TRP C 114 -58.61 47.11 -30.48
C TRP C 114 -59.07 48.13 -29.45
N LEU C 115 -59.63 47.65 -28.36
CA LEU C 115 -59.92 48.52 -27.21
C LEU C 115 -58.81 48.40 -26.17
N PRO C 116 -58.06 49.49 -25.91
CA PRO C 116 -57.01 49.50 -24.89
C PRO C 116 -57.59 49.32 -23.50
N MET C 117 -57.20 48.25 -22.83
CA MET C 117 -57.70 47.98 -21.48
C MET C 117 -56.76 48.52 -20.41
N ALA C 118 -55.53 48.02 -20.40
CA ALA C 118 -54.49 48.59 -19.53
C ALA C 118 -53.14 48.38 -20.17
N ALA C 119 -52.15 49.22 -19.83
CA ALA C 119 -50.80 49.11 -20.42
C ALA C 119 -49.70 49.63 -19.51
N ASN C 120 -48.49 49.10 -19.67
CA ASN C 120 -47.35 49.55 -18.86
C ASN C 120 -46.97 51.02 -19.14
N ALA C 121 -47.15 51.45 -20.39
CA ALA C 121 -46.80 52.82 -20.76
C ALA C 121 -47.73 53.38 -21.84
N GLY C 122 -47.68 54.70 -21.98
CA GLY C 122 -48.39 55.38 -23.05
C GLY C 122 -48.12 54.77 -24.41
N ALA C 123 -49.16 54.79 -25.25
CA ALA C 123 -49.07 54.18 -26.57
C ALA C 123 -47.96 54.78 -27.42
N GLU C 124 -47.61 56.04 -27.14
CA GLU C 124 -46.56 56.72 -27.90
C GLU C 124 -45.14 56.35 -27.45
N LYS C 125 -45.00 55.75 -26.28
CA LYS C 125 -43.72 55.22 -25.84
C LYS C 125 -43.90 53.78 -25.39
N PRO C 126 -44.09 52.86 -26.36
CA PRO C 126 -44.35 51.48 -25.97
C PRO C 126 -43.22 50.86 -25.15
N ALA C 127 -43.58 50.13 -24.10
CA ALA C 127 -42.63 49.47 -23.22
C ALA C 127 -43.39 48.39 -22.45
N GLY C 128 -42.71 47.29 -22.15
CA GLY C 128 -43.33 46.20 -21.42
C GLY C 128 -44.44 45.56 -22.23
N VAL C 129 -45.67 45.74 -21.77
CA VAL C 129 -46.84 45.11 -22.39
C VAL C 129 -48.05 46.05 -22.43
N SER C 130 -48.81 45.98 -23.51
CA SER C 130 -50.08 46.69 -23.63
C SER C 130 -51.16 45.63 -23.89
N ILE C 131 -52.25 45.72 -23.15
CA ILE C 131 -53.34 44.74 -23.29
C ILE C 131 -54.56 45.37 -23.94
N TYR C 132 -55.20 44.61 -24.83
CA TYR C 132 -56.41 45.07 -25.49
C TYR C 132 -57.41 43.93 -25.54
N ILE C 133 -58.68 44.29 -25.66
CA ILE C 133 -59.71 43.35 -26.10
C ILE C 133 -60.12 43.75 -27.52
N TYR C 134 -59.99 42.84 -28.47
CA TYR C 134 -60.40 43.16 -29.84
C TYR C 134 -61.87 42.82 -30.13
N ARG C 135 -62.55 43.71 -30.88
CA ARG C 135 -63.92 43.50 -31.36
C ARG C 135 -64.00 43.90 -32.83
N ALA C 136 -64.46 42.98 -33.68
CA ALA C 136 -64.48 43.21 -35.11
C ALA C 136 -65.73 42.64 -35.77
N ASN C 137 -66.19 43.28 -36.83
CA ASN C 137 -67.32 42.80 -37.60
C ASN C 137 -67.06 42.82 -39.11
N ARG C 138 -65.79 42.97 -39.48
CA ARG C 138 -65.37 42.97 -40.88
C ARG C 138 -64.04 42.24 -41.01
N SER C 139 -63.87 41.47 -42.08
CA SER C 139 -62.56 40.94 -42.43
C SER C 139 -61.71 42.10 -42.94
N MET C 140 -60.39 41.97 -42.89
CA MET C 140 -59.52 43.03 -43.38
C MET C 140 -59.37 43.03 -44.90
N GLU C 141 -59.63 44.19 -45.51
CA GLU C 141 -59.34 44.44 -46.91
C GLU C 141 -58.09 45.31 -46.95
N ARG C 142 -56.96 44.71 -46.59
CA ARG C 142 -55.69 45.43 -46.50
C ARG C 142 -54.73 44.62 -45.67
N VAL C 143 -53.48 45.05 -45.63
CA VAL C 143 -52.46 44.32 -44.89
C VAL C 143 -51.83 45.19 -43.80
N PHE C 144 -51.42 44.54 -42.72
CA PHE C 144 -50.99 45.26 -41.52
C PHE C 144 -49.69 44.69 -40.96
N PHE C 145 -48.80 45.57 -40.47
CA PHE C 145 -47.76 45.12 -39.55
C PHE C 145 -47.62 46.04 -38.35
N ASN C 146 -47.13 45.47 -37.24
CA ASN C 146 -47.03 46.19 -36.00
C ASN C 146 -45.55 46.40 -35.69
N ALA C 147 -45.08 47.64 -35.82
CA ALA C 147 -43.67 47.93 -35.60
C ALA C 147 -43.35 47.99 -34.10
N ASP C 148 -44.39 47.98 -33.27
CA ASP C 148 -44.24 48.27 -31.84
C ASP C 148 -44.02 47.04 -30.98
N GLY C 149 -44.39 45.88 -31.49
CA GLY C 149 -44.28 44.67 -30.69
C GLY C 149 -44.78 43.40 -31.34
N GLU C 150 -44.55 42.30 -30.62
CA GLU C 150 -45.02 40.98 -30.94
C GLU C 150 -46.47 40.87 -30.46
N LEU C 151 -47.31 40.15 -31.20
CA LEU C 151 -48.71 40.04 -30.81
C LEU C 151 -49.10 38.65 -30.36
N LEU C 152 -49.59 38.54 -29.12
CA LEU C 152 -50.20 37.31 -28.64
C LEU C 152 -51.72 37.44 -28.67
N LEU C 153 -52.35 36.62 -29.52
CA LEU C 153 -53.80 36.68 -29.70
C LEU C 153 -54.48 35.53 -28.97
N VAL C 154 -55.53 35.85 -28.22
CA VAL C 154 -56.26 34.83 -27.46
C VAL C 154 -57.74 34.98 -27.82
N PRO C 155 -58.17 34.25 -28.86
CA PRO C 155 -59.57 34.30 -29.32
C PRO C 155 -60.54 33.88 -28.23
N GLU C 156 -61.66 34.59 -28.16
CA GLU C 156 -62.69 34.23 -27.20
C GLU C 156 -64.02 33.92 -27.90
N GLN C 157 -64.40 34.73 -28.89
CA GLN C 157 -65.54 34.40 -29.74
C GLN C 157 -65.21 34.59 -31.22
N GLY C 158 -65.52 33.59 -32.04
CA GLY C 158 -65.29 33.72 -33.48
C GLY C 158 -63.94 33.24 -33.94
N ARG C 159 -63.94 32.56 -35.08
CA ARG C 159 -62.72 31.99 -35.63
C ARG C 159 -62.02 32.98 -36.53
N LEU C 160 -60.69 32.96 -36.51
CA LEU C 160 -59.89 33.85 -37.37
C LEU C 160 -59.10 33.05 -38.40
N ARG C 161 -59.04 33.58 -39.62
CA ARG C 161 -58.11 33.04 -40.59
C ARG C 161 -57.10 34.13 -40.85
N ILE C 162 -55.86 33.86 -40.46
CA ILE C 162 -54.82 34.87 -40.49
C ILE C 162 -53.83 34.56 -41.61
N ALA C 163 -53.87 35.36 -42.67
CA ALA C 163 -52.91 35.25 -43.74
C ALA C 163 -51.67 36.07 -43.40
N THR C 164 -50.53 35.40 -43.24
CA THR C 164 -49.29 36.08 -42.90
C THR C 164 -48.31 35.93 -44.06
N GLU C 165 -47.21 36.68 -44.01
CA GLU C 165 -46.15 36.55 -45.01
C GLU C 165 -45.64 35.10 -45.14
N LEU C 166 -45.61 34.37 -44.02
CA LEU C 166 -45.04 33.03 -44.05
C LEU C 166 -46.10 31.96 -44.31
N GLY C 167 -47.36 32.37 -44.47
CA GLY C 167 -48.42 31.44 -44.75
C GLY C 167 -49.69 31.66 -43.95
N VAL C 168 -50.71 30.86 -44.23
CA VAL C 168 -52.02 31.00 -43.59
C VAL C 168 -52.20 30.07 -42.39
N MET C 169 -52.65 30.63 -41.27
CA MET C 169 -53.06 29.81 -40.14
C MET C 169 -54.47 30.18 -39.68
N GLU C 170 -55.20 29.19 -39.16
CA GLU C 170 -56.52 29.40 -38.60
C GLU C 170 -56.55 29.20 -37.09
N VAL C 171 -57.22 30.10 -36.39
CA VAL C 171 -57.23 30.07 -34.93
C VAL C 171 -58.66 30.20 -34.42
N GLU C 172 -59.00 29.40 -33.42
CA GLU C 172 -60.31 29.46 -32.78
C GLU C 172 -60.15 29.55 -31.26
N PRO C 173 -61.20 29.98 -30.57
CA PRO C 173 -61.16 29.99 -29.11
C PRO C 173 -60.63 28.67 -28.55
N LEU C 174 -59.74 28.77 -27.57
CA LEU C 174 -59.02 27.63 -26.97
C LEU C 174 -57.68 27.38 -27.67
N GLU C 175 -57.46 28.08 -28.77
CA GLU C 175 -56.12 28.19 -29.32
C GLU C 175 -55.59 29.61 -29.11
N ILE C 176 -54.27 29.76 -29.22
CA ILE C 176 -53.69 31.10 -29.27
C ILE C 176 -52.79 31.18 -30.50
N ALA C 177 -52.48 32.40 -30.91
CA ALA C 177 -51.55 32.63 -32.02
C ALA C 177 -50.63 33.79 -31.65
N VAL C 178 -49.41 33.73 -32.16
CA VAL C 178 -48.43 34.79 -31.99
C VAL C 178 -47.93 35.25 -33.35
N ILE C 179 -47.93 36.56 -33.56
CA ILE C 179 -47.38 37.18 -34.78
C ILE C 179 -46.13 38.01 -34.46
N PRO C 180 -44.96 37.67 -35.04
CA PRO C 180 -43.79 38.48 -34.73
C PRO C 180 -43.93 39.96 -35.15
N ARG C 181 -43.29 40.83 -34.38
CA ARG C 181 -43.13 42.24 -34.71
C ARG C 181 -42.67 42.46 -36.15
N GLY C 182 -43.28 43.43 -36.83
CA GLY C 182 -42.92 43.79 -38.18
C GLY C 182 -43.41 42.84 -39.27
N MET C 183 -43.96 41.69 -38.89
CA MET C 183 -44.41 40.72 -39.89
C MET C 183 -45.81 41.11 -40.39
N LYS C 184 -46.00 41.03 -41.70
CA LYS C 184 -47.25 41.46 -42.32
C LYS C 184 -48.35 40.40 -42.33
N PHE C 185 -49.57 40.84 -42.06
CA PHE C 185 -50.69 39.90 -42.02
C PHE C 185 -52.04 40.54 -42.28
N ARG C 186 -53.00 39.69 -42.57
CA ARG C 186 -54.37 40.10 -42.84
C ARG C 186 -55.30 39.12 -42.13
N VAL C 187 -56.28 39.64 -41.41
CA VAL C 187 -57.19 38.81 -40.61
C VAL C 187 -58.59 38.71 -41.24
N GLU C 188 -58.97 37.49 -41.62
CA GLU C 188 -60.32 37.21 -42.10
C GLU C 188 -61.16 36.64 -40.97
N LEU C 189 -62.38 37.16 -40.82
CA LEU C 189 -63.32 36.68 -39.82
C LEU C 189 -64.19 35.57 -40.41
N LEU C 190 -64.01 34.34 -39.93
CA LEU C 190 -64.72 33.18 -40.46
C LEU C 190 -66.18 33.08 -39.96
N ASP C 191 -66.48 33.79 -38.89
CA ASP C 191 -67.81 33.73 -38.30
C ASP C 191 -68.52 35.07 -38.39
N GLY C 192 -67.96 35.97 -39.21
CA GLY C 192 -68.58 37.26 -39.45
C GLY C 192 -68.20 38.31 -38.43
N GLN C 193 -68.11 37.89 -37.18
CA GLN C 193 -67.71 38.77 -36.10
C GLN C 193 -66.72 38.01 -35.23
N ALA C 194 -65.96 38.72 -34.42
CA ALA C 194 -64.95 38.10 -33.57
C ALA C 194 -64.68 39.00 -32.37
N ARG C 195 -64.27 38.36 -31.27
CA ARG C 195 -63.92 39.05 -30.05
C ARG C 195 -62.84 38.22 -29.36
N GLY C 196 -61.92 38.89 -28.68
CA GLY C 196 -60.79 38.20 -28.08
C GLY C 196 -59.84 39.14 -27.35
N TYR C 197 -58.80 38.57 -26.74
CA TYR C 197 -57.87 39.40 -25.98
C TYR C 197 -56.53 39.50 -26.73
N ILE C 198 -55.78 40.58 -26.48
CA ILE C 198 -54.45 40.73 -27.07
C ILE C 198 -53.44 41.15 -26.01
N ALA C 199 -52.33 40.43 -25.93
CA ALA C 199 -51.18 40.91 -25.18
C ALA C 199 -50.14 41.40 -26.19
N GLU C 200 -49.93 42.72 -26.24
CA GLU C 200 -48.89 43.27 -27.10
C GLU C 200 -47.59 43.34 -26.32
N ASN C 201 -46.64 42.48 -26.69
CA ASN C 201 -45.37 42.40 -26.01
C ASN C 201 -44.31 43.32 -26.65
N HIS C 202 -43.91 44.37 -25.92
CA HIS C 202 -42.89 45.30 -26.44
C HIS C 202 -41.47 44.89 -26.04
N GLY C 203 -41.35 43.88 -25.17
CA GLY C 203 -40.06 43.43 -24.66
C GLY C 203 -39.46 42.22 -25.37
N ALA C 204 -38.74 41.38 -24.62
CA ALA C 204 -38.14 40.19 -25.20
C ALA C 204 -39.25 39.23 -25.65
N PRO C 205 -39.06 38.60 -26.82
CA PRO C 205 -40.08 37.72 -27.43
C PRO C 205 -40.50 36.59 -26.50
N LEU C 206 -41.78 36.28 -26.54
CA LEU C 206 -42.32 35.16 -25.78
C LEU C 206 -41.62 33.84 -26.12
N ARG C 207 -41.38 33.03 -25.10
CA ARG C 207 -40.78 31.74 -25.33
C ARG C 207 -41.22 30.76 -24.25
N LEU C 208 -40.82 29.50 -24.39
CA LEU C 208 -41.17 28.48 -23.42
C LEU C 208 -40.45 28.73 -22.09
N PRO C 209 -41.16 28.55 -20.99
CA PRO C 209 -40.54 28.79 -19.69
C PRO C 209 -39.44 27.76 -19.40
N ASP C 210 -38.45 28.16 -18.61
CA ASP C 210 -37.50 27.21 -18.09
C ASP C 210 -38.27 26.29 -17.15
N LEU C 211 -38.07 24.99 -17.25
CA LEU C 211 -38.94 24.05 -16.52
C LEU C 211 -38.51 23.69 -15.10
N GLY C 212 -37.30 24.04 -14.70
CA GLY C 212 -36.81 23.62 -13.40
C GLY C 212 -36.95 22.11 -13.19
N PRO C 213 -37.43 21.71 -12.01
CA PRO C 213 -37.55 20.28 -11.70
C PRO C 213 -38.49 19.54 -12.64
N ILE C 214 -39.46 20.22 -13.23
CA ILE C 214 -40.33 19.58 -14.21
C ILE C 214 -39.50 18.96 -15.34
N GLY C 215 -38.28 19.46 -15.55
CA GLY C 215 -37.30 18.72 -16.36
C GLY C 215 -37.27 18.98 -17.85
N SER C 216 -37.58 17.95 -18.64
CA SER C 216 -37.38 18.03 -20.09
C SER C 216 -38.66 17.86 -20.91
N ASN C 217 -39.77 17.66 -20.22
CA ASN C 217 -41.09 17.53 -20.86
C ASN C 217 -42.14 18.17 -19.97
N GLY C 218 -43.30 18.48 -20.54
CA GLY C 218 -44.43 18.92 -19.75
C GLY C 218 -44.85 20.35 -20.03
N LEU C 219 -45.92 20.78 -19.37
CA LEU C 219 -46.52 22.10 -19.63
C LEU C 219 -46.79 22.17 -21.12
N ALA C 220 -46.36 23.23 -21.79
CA ALA C 220 -46.54 23.32 -23.24
C ALA C 220 -45.41 22.57 -23.93
N ASN C 221 -45.72 21.44 -24.55
CA ASN C 221 -44.70 20.67 -25.25
C ASN C 221 -44.42 21.32 -26.62
N PRO C 222 -43.12 21.50 -26.93
CA PRO C 222 -42.74 22.25 -28.14
C PRO C 222 -43.24 21.63 -29.46
N ARG C 223 -43.51 20.33 -29.47
CA ARG C 223 -44.05 19.65 -30.66
C ARG C 223 -45.43 20.17 -31.05
N ASP C 224 -46.11 20.84 -30.12
CA ASP C 224 -47.47 21.30 -30.34
C ASP C 224 -47.58 22.72 -30.88
N PHE C 225 -46.44 23.37 -31.11
CA PHE C 225 -46.44 24.72 -31.65
C PHE C 225 -46.32 24.68 -33.17
N LEU C 226 -47.34 25.19 -33.85
CA LEU C 226 -47.48 24.98 -35.29
C LEU C 226 -47.29 26.23 -36.13
N THR C 227 -46.52 26.11 -37.19
CA THR C 227 -46.23 27.24 -38.07
C THR C 227 -46.74 26.88 -39.48
N PRO C 228 -47.42 27.83 -40.16
CA PRO C 228 -48.01 27.61 -41.50
C PRO C 228 -46.97 27.42 -42.60
N VAL C 229 -47.35 26.74 -43.68
CA VAL C 229 -46.42 26.48 -44.78
C VAL C 229 -46.44 27.68 -45.73
N ALA C 230 -45.39 27.82 -46.52
CA ALA C 230 -45.30 28.92 -47.49
C ALA C 230 -46.57 29.06 -48.34
N HIS C 231 -47.03 30.30 -48.50
CA HIS C 231 -48.15 30.64 -49.38
C HIS C 231 -48.04 32.08 -49.90
N TYR C 232 -48.19 32.25 -51.20
CA TYR C 232 -48.05 33.58 -51.80
C TYR C 232 -49.27 33.99 -52.63
N GLU C 233 -49.41 35.30 -52.85
CA GLU C 233 -50.48 35.87 -53.67
C GLU C 233 -49.88 36.69 -54.81
N GLU C 234 -50.58 36.73 -55.94
CA GLU C 234 -50.02 37.39 -57.12
C GLU C 234 -50.82 38.59 -57.61
N ALA C 235 -51.99 38.80 -56.99
CA ALA C 235 -52.85 39.91 -57.40
C ALA C 235 -52.06 41.20 -57.60
N GLU C 236 -52.39 41.90 -58.69
CA GLU C 236 -51.97 43.28 -58.87
C GLU C 236 -53.22 44.17 -58.86
N GLY C 237 -53.06 45.39 -58.39
CA GLY C 237 -54.19 46.26 -58.11
C GLY C 237 -53.90 46.89 -56.78
N PRO C 238 -54.58 48.00 -56.45
CA PRO C 238 -54.22 48.71 -55.22
C PRO C 238 -54.48 47.89 -53.95
N VAL C 239 -53.55 47.99 -53.01
CA VAL C 239 -53.64 47.31 -51.73
C VAL C 239 -53.13 48.29 -50.67
N GLN C 240 -53.90 48.49 -49.60
CA GLN C 240 -53.43 49.37 -48.54
C GLN C 240 -52.57 48.61 -47.53
N LEU C 241 -51.38 49.13 -47.28
CA LEU C 241 -50.47 48.63 -46.26
C LEU C 241 -50.48 49.55 -45.04
N VAL C 242 -50.82 49.01 -43.88
CA VAL C 242 -50.90 49.79 -42.65
C VAL C 242 -49.87 49.31 -41.65
N GLN C 243 -49.29 50.23 -40.91
CA GLN C 243 -48.41 49.83 -39.83
C GLN C 243 -48.80 50.57 -38.56
N LYS C 244 -48.69 49.87 -37.44
CA LYS C 244 -48.80 50.54 -36.15
C LYS C 244 -47.41 51.01 -35.73
N PHE C 245 -47.25 52.29 -35.47
CA PHE C 245 -45.95 52.79 -35.06
C PHE C 245 -46.12 53.81 -33.96
N LEU C 246 -45.51 53.53 -32.82
CA LEU C 246 -45.63 54.38 -31.65
C LEU C 246 -47.12 54.66 -31.39
N GLY C 247 -47.93 53.63 -31.60
CA GLY C 247 -49.34 53.67 -31.27
C GLY C 247 -50.24 54.16 -32.39
N GLU C 248 -49.66 54.69 -33.44
CA GLU C 248 -50.44 55.30 -34.53
C GLU C 248 -50.54 54.38 -35.75
N HIS C 249 -51.67 54.47 -36.45
CA HIS C 249 -51.82 53.79 -37.72
C HIS C 249 -51.36 54.74 -38.83
N TRP C 250 -50.42 54.27 -39.63
CA TRP C 250 -49.92 54.99 -40.79
C TRP C 250 -50.08 54.05 -41.97
N ALA C 251 -50.28 54.60 -43.16
CA ALA C 251 -50.60 53.76 -44.31
C ALA C 251 -50.03 54.32 -45.60
N CYS C 252 -49.81 53.41 -46.55
CA CYS C 252 -49.47 53.76 -47.92
C CYS C 252 -50.24 52.82 -48.83
N GLU C 253 -50.24 53.10 -50.12
CA GLU C 253 -50.93 52.22 -51.06
C GLU C 253 -49.91 51.48 -51.92
N LEU C 254 -50.09 50.18 -52.05
CA LEU C 254 -49.24 49.39 -52.93
C LEU C 254 -50.04 48.96 -54.16
N GLN C 255 -49.35 48.65 -55.25
CA GLN C 255 -49.99 48.14 -56.46
C GLN C 255 -49.77 46.64 -56.58
N HIS C 256 -49.45 46.00 -55.47
CA HIS C 256 -49.24 44.58 -55.47
C HIS C 256 -49.51 44.06 -54.07
N SER C 257 -49.69 42.74 -53.95
CA SER C 257 -49.85 42.15 -52.63
C SER C 257 -48.51 41.96 -51.97
N PRO C 258 -48.41 42.41 -50.71
CA PRO C 258 -47.19 42.25 -49.91
C PRO C 258 -47.14 40.88 -49.27
N LEU C 259 -48.18 40.07 -49.48
CA LEU C 259 -48.14 38.66 -49.08
C LEU C 259 -47.59 37.82 -50.23
N ASP C 260 -46.43 38.20 -50.75
CA ASP C 260 -45.87 37.58 -51.95
C ASP C 260 -44.60 36.75 -51.70
N VAL C 261 -44.56 36.06 -50.55
CA VAL C 261 -43.41 35.22 -50.22
C VAL C 261 -43.60 33.79 -50.72
N VAL C 262 -42.76 33.41 -51.68
CA VAL C 262 -42.86 32.12 -52.33
C VAL C 262 -42.11 31.05 -51.54
N ALA C 263 -41.09 31.47 -50.81
CA ALA C 263 -40.34 30.53 -49.97
C ALA C 263 -39.61 31.29 -48.87
N TRP C 264 -39.40 30.62 -47.74
CA TRP C 264 -38.74 31.22 -46.58
C TRP C 264 -38.05 30.14 -45.75
N HIS C 265 -37.05 30.55 -44.98
CA HIS C 265 -36.43 29.67 -44.00
C HIS C 265 -36.00 30.48 -42.78
N GLY C 266 -36.15 29.92 -41.59
CA GLY C 266 -35.71 30.62 -40.39
C GLY C 266 -36.53 30.35 -39.16
N SER C 267 -36.35 31.21 -38.15
CA SER C 267 -36.90 30.98 -36.81
C SER C 267 -37.82 32.09 -36.35
N ASN C 268 -37.97 33.15 -37.14
CA ASN C 268 -38.84 34.25 -36.75
C ASN C 268 -40.17 34.05 -37.42
N VAL C 269 -41.07 33.30 -36.77
CA VAL C 269 -42.26 32.81 -37.46
C VAL C 269 -43.52 33.03 -36.67
N PRO C 270 -44.63 33.19 -37.39
CA PRO C 270 -45.92 33.16 -36.69
C PRO C 270 -46.24 31.71 -36.28
N TYR C 271 -47.00 31.53 -35.20
CA TYR C 271 -47.35 30.19 -34.78
C TYR C 271 -48.65 30.14 -34.02
N LYS C 272 -49.16 28.93 -33.81
CA LYS C 272 -50.39 28.76 -33.06
C LYS C 272 -50.22 27.57 -32.14
N TYR C 273 -51.03 27.51 -31.10
CA TYR C 273 -50.91 26.46 -30.10
C TYR C 273 -52.28 26.21 -29.51
N ASP C 274 -52.66 24.94 -29.41
CA ASP C 274 -53.95 24.53 -28.86
C ASP C 274 -53.84 24.30 -27.36
N LEU C 275 -54.48 25.15 -26.57
CA LEU C 275 -54.38 25.07 -25.12
C LEU C 275 -54.84 23.71 -24.54
N ARG C 276 -55.70 23.01 -25.28
CA ARG C 276 -56.20 21.71 -24.82
C ARG C 276 -55.08 20.69 -24.76
N ARG C 277 -53.95 21.03 -25.35
CA ARG C 277 -52.80 20.13 -25.37
C ARG C 277 -51.82 20.39 -24.24
N PHE C 278 -52.10 21.40 -23.44
CA PHE C 278 -51.25 21.73 -22.30
C PHE C 278 -51.14 20.55 -21.33
N ASN C 279 -49.93 20.10 -21.07
CA ASN C 279 -49.70 19.02 -20.11
C ASN C 279 -49.65 19.60 -18.70
N THR C 280 -50.84 19.80 -18.13
CA THR C 280 -51.00 20.48 -16.85
C THR C 280 -50.33 19.74 -15.70
N ILE C 281 -49.50 20.46 -14.96
CA ILE C 281 -48.80 19.96 -13.78
C ILE C 281 -49.42 20.61 -12.57
N GLY C 282 -49.61 19.85 -11.49
CA GLY C 282 -50.17 20.39 -10.28
C GLY C 282 -49.79 19.56 -9.06
N THR C 283 -50.45 19.82 -7.92
CA THR C 283 -50.21 19.03 -6.72
C THR C 283 -50.88 17.67 -6.80
N VAL C 284 -50.17 16.64 -6.36
CA VAL C 284 -50.74 15.30 -6.28
C VAL C 284 -50.70 14.86 -4.82
N SER C 285 -50.70 15.84 -3.93
CA SER C 285 -50.57 15.59 -2.49
C SER C 285 -51.50 16.53 -1.71
N PHE C 286 -51.06 17.77 -1.53
CA PHE C 286 -51.83 18.74 -0.76
C PHE C 286 -51.42 20.16 -1.16
N ASP C 287 -51.99 21.17 -0.48
CA ASP C 287 -51.76 22.58 -0.82
C ASP C 287 -52.18 23.00 -2.24
N HIS C 288 -51.92 24.26 -2.56
CA HIS C 288 -52.31 24.87 -3.84
C HIS C 288 -51.10 25.55 -4.52
N PRO C 289 -50.53 24.92 -5.55
CA PRO C 289 -49.29 25.45 -6.14
C PRO C 289 -49.36 26.92 -6.63
N ASP C 290 -48.22 27.62 -6.66
CA ASP C 290 -48.18 28.94 -7.25
C ASP C 290 -48.68 28.82 -8.72
N PRO C 291 -49.52 29.77 -9.16
CA PRO C 291 -50.08 29.71 -10.52
C PRO C 291 -49.03 29.89 -11.62
N SER C 292 -47.79 30.22 -11.26
CA SER C 292 -46.69 30.20 -12.21
C SER C 292 -46.57 28.80 -12.80
N ILE C 293 -47.03 27.80 -12.06
CA ILE C 293 -46.93 26.41 -12.55
C ILE C 293 -47.70 26.21 -13.86
N PHE C 294 -48.65 27.11 -14.14
CA PHE C 294 -49.48 27.01 -15.35
C PHE C 294 -48.95 27.88 -16.50
N THR C 295 -47.69 28.24 -16.48
CA THR C 295 -47.14 29.12 -17.51
C THR C 295 -47.13 28.43 -18.87
N VAL C 296 -47.66 29.10 -19.89
CA VAL C 296 -47.61 28.60 -21.26
C VAL C 296 -46.43 29.23 -21.97
N LEU C 297 -46.40 30.56 -21.97
CA LEU C 297 -45.30 31.32 -22.54
C LEU C 297 -44.88 32.44 -21.59
N THR C 298 -43.68 32.97 -21.81
CA THR C 298 -43.12 33.99 -20.92
C THR C 298 -42.17 34.91 -21.68
N SER C 299 -42.26 36.20 -21.38
CA SER C 299 -41.33 37.21 -21.87
C SER C 299 -40.42 37.67 -20.72
N PRO C 300 -39.12 37.35 -20.82
CA PRO C 300 -38.22 37.69 -19.72
C PRO C 300 -37.82 39.17 -19.70
N THR C 301 -37.21 39.63 -18.62
CA THR C 301 -36.43 40.86 -18.64
C THR C 301 -34.98 40.51 -18.38
N SER C 302 -34.11 41.52 -18.28
CA SER C 302 -32.71 41.28 -17.92
C SER C 302 -32.57 40.92 -16.43
N VAL C 303 -33.66 41.06 -15.68
CA VAL C 303 -33.70 40.62 -14.29
C VAL C 303 -34.08 39.14 -14.25
N HIS C 304 -33.13 38.29 -13.89
CA HIS C 304 -33.38 36.86 -13.89
C HIS C 304 -34.50 36.45 -12.93
N GLY C 305 -35.48 35.71 -13.43
CA GLY C 305 -36.61 35.28 -12.61
C GLY C 305 -37.79 36.24 -12.57
N MET C 306 -37.58 37.48 -13.02
CA MET C 306 -38.67 38.44 -13.09
C MET C 306 -39.08 38.71 -14.52
N ALA C 307 -40.23 38.15 -14.90
CA ALA C 307 -40.67 38.24 -16.28
C ALA C 307 -41.22 39.63 -16.58
N ASN C 308 -41.05 40.06 -17.82
CA ASN C 308 -41.82 41.15 -18.37
C ASN C 308 -43.31 40.81 -18.27
N MET C 309 -43.68 39.63 -18.78
CA MET C 309 -45.00 39.05 -18.56
C MET C 309 -44.94 37.52 -18.63
N ASP C 310 -45.82 36.87 -17.86
CA ASP C 310 -46.10 35.45 -18.02
C ASP C 310 -47.52 35.33 -18.56
N PHE C 311 -47.71 34.40 -19.50
CA PHE C 311 -49.03 34.01 -19.98
C PHE C 311 -49.33 32.66 -19.34
N VAL C 312 -50.32 32.66 -18.47
CA VAL C 312 -50.64 31.51 -17.63
C VAL C 312 -52.09 31.11 -17.87
N ILE C 313 -52.38 29.81 -17.86
CA ILE C 313 -53.77 29.38 -18.05
C ILE C 313 -54.34 28.56 -16.88
N PHE C 314 -55.66 28.57 -16.77
CA PHE C 314 -56.39 27.77 -15.78
C PHE C 314 -57.34 26.83 -16.49
N PRO C 315 -56.82 25.66 -16.90
CA PRO C 315 -57.47 24.70 -17.79
C PRO C 315 -58.18 23.62 -17.01
N PRO C 316 -58.93 22.74 -17.71
CA PRO C 316 -59.43 21.54 -17.02
C PRO C 316 -58.25 20.79 -16.38
N ARG C 317 -58.45 20.32 -15.16
CA ARG C 317 -57.37 19.72 -14.38
C ARG C 317 -57.98 18.96 -13.21
N TRP C 318 -57.31 17.90 -12.78
CA TRP C 318 -57.69 17.14 -11.58
C TRP C 318 -57.30 17.86 -10.29
N MET C 319 -58.24 17.92 -9.35
CA MET C 319 -57.98 18.46 -8.01
C MET C 319 -58.03 17.32 -7.01
N VAL C 320 -56.92 17.08 -6.30
CA VAL C 320 -56.84 15.95 -5.38
C VAL C 320 -56.23 16.31 -4.03
N ALA C 321 -55.83 17.57 -3.87
CA ALA C 321 -55.16 17.97 -2.64
C ALA C 321 -55.98 17.57 -1.41
N GLU C 322 -55.33 16.85 -0.48
CA GLU C 322 -55.97 16.42 0.78
C GLU C 322 -55.85 17.46 1.89
N ASN C 323 -56.87 17.54 2.73
CA ASN C 323 -56.84 18.44 3.89
C ASN C 323 -56.45 19.86 3.48
N THR C 324 -56.94 20.29 2.33
CA THR C 324 -56.47 21.51 1.69
C THR C 324 -57.60 22.43 1.27
N PHE C 325 -57.40 23.74 1.45
CA PHE C 325 -58.28 24.75 0.86
C PHE C 325 -57.89 24.88 -0.62
N ARG C 326 -58.77 24.42 -1.51
CA ARG C 326 -58.40 24.18 -2.90
C ARG C 326 -58.42 25.39 -3.87
N PRO C 327 -59.28 26.37 -3.61
CA PRO C 327 -59.26 27.57 -4.45
C PRO C 327 -57.95 28.36 -4.22
N PRO C 328 -57.64 29.34 -5.08
CA PRO C 328 -56.44 30.14 -4.78
C PRO C 328 -56.47 30.70 -3.36
N TRP C 329 -55.30 30.84 -2.76
CA TRP C 329 -55.21 31.48 -1.46
C TRP C 329 -55.48 32.97 -1.59
N PHE C 330 -55.78 33.64 -0.48
CA PHE C 330 -55.79 35.10 -0.47
C PHE C 330 -54.35 35.58 -0.75
N HIS C 331 -54.21 36.68 -1.48
CA HIS C 331 -52.94 36.99 -2.12
C HIS C 331 -52.73 38.49 -2.29
N ARG C 332 -51.49 38.93 -2.04
CA ARG C 332 -51.02 40.24 -2.44
C ARG C 332 -49.67 39.99 -3.09
N ASN C 333 -49.40 40.68 -4.20
CA ASN C 333 -48.37 40.31 -5.16
C ASN C 333 -47.63 41.55 -5.65
N LEU C 334 -46.31 41.47 -5.77
CA LEU C 334 -45.55 42.55 -6.41
C LEU C 334 -45.96 42.67 -7.87
N MET C 335 -46.25 41.53 -8.50
CA MET C 335 -46.63 41.54 -9.92
C MET C 335 -48.07 42.02 -10.10
N ASN C 336 -48.48 42.21 -11.35
CA ASN C 336 -49.79 42.77 -11.68
C ASN C 336 -50.63 41.77 -12.51
N GLU C 337 -51.81 41.43 -12.00
CA GLU C 337 -52.57 40.30 -12.53
C GLU C 337 -53.80 40.74 -13.33
N PHE C 338 -53.70 40.54 -14.64
CA PHE C 338 -54.82 40.75 -15.56
C PHE C 338 -55.37 39.41 -16.03
N MET C 339 -56.61 39.11 -15.66
CA MET C 339 -57.21 37.84 -16.03
C MET C 339 -58.34 38.00 -17.05
N GLY C 340 -58.48 36.98 -17.88
CA GLY C 340 -59.52 36.91 -18.89
C GLY C 340 -60.18 35.55 -18.78
N LEU C 341 -61.23 35.35 -19.58
CA LEU C 341 -61.98 34.11 -19.55
C LEU C 341 -62.47 33.76 -20.96
N ILE C 342 -62.12 32.57 -21.41
CA ILE C 342 -62.42 32.16 -22.78
C ILE C 342 -63.68 31.33 -22.81
N ASN C 343 -63.82 30.47 -21.80
CA ASN C 343 -64.91 29.54 -21.76
C ASN C 343 -65.22 29.12 -20.33
N GLY C 344 -66.50 29.02 -20.03
CA GLY C 344 -66.95 28.49 -18.76
C GLY C 344 -66.85 29.44 -17.58
N ALA C 345 -66.40 28.92 -16.45
CA ALA C 345 -66.39 29.68 -15.19
C ALA C 345 -65.06 29.47 -14.48
N TYR C 346 -64.55 30.53 -13.85
CA TYR C 346 -63.29 30.46 -13.12
C TYR C 346 -63.50 30.12 -11.65
N ASP C 347 -62.62 29.28 -11.12
CA ASP C 347 -62.78 28.66 -9.80
C ASP C 347 -62.80 29.61 -8.58
N ALA C 348 -62.23 30.79 -8.72
CA ALA C 348 -62.12 31.70 -7.58
C ALA C 348 -63.32 32.65 -7.48
N LYS C 349 -64.04 32.81 -8.59
CA LYS C 349 -65.12 33.80 -8.66
C LYS C 349 -66.45 33.18 -9.07
N ALA C 350 -67.40 33.18 -8.14
CA ALA C 350 -68.69 32.52 -8.34
C ALA C 350 -69.58 33.22 -9.37
N GLU C 351 -69.73 34.54 -9.24
CA GLU C 351 -70.54 35.35 -10.16
C GLU C 351 -69.77 36.57 -10.67
N GLY C 352 -70.19 37.09 -11.83
CA GLY C 352 -69.69 38.38 -12.32
C GLY C 352 -68.52 38.35 -13.28
N PHE C 353 -67.91 37.18 -13.45
CA PHE C 353 -66.76 37.04 -14.34
C PHE C 353 -67.17 36.11 -15.46
N LEU C 354 -67.53 36.67 -16.60
CA LEU C 354 -68.04 35.90 -17.72
C LEU C 354 -67.00 35.83 -18.84
N PRO C 355 -67.15 34.85 -19.76
CA PRO C 355 -66.25 34.80 -20.89
C PRO C 355 -66.27 36.15 -21.56
N GLY C 356 -65.09 36.70 -21.87
CA GLY C 356 -65.01 38.03 -22.44
C GLY C 356 -64.74 39.09 -21.38
N GLY C 357 -65.06 38.75 -20.13
CA GLY C 357 -64.81 39.66 -19.02
C GLY C 357 -63.32 39.82 -18.73
N ALA C 358 -63.00 40.72 -17.80
CA ALA C 358 -61.60 40.97 -17.41
C ALA C 358 -61.52 41.46 -15.98
N SER C 359 -60.43 41.12 -15.30
CA SER C 359 -60.14 41.70 -13.99
C SER C 359 -58.69 42.18 -13.92
N LEU C 360 -58.46 43.26 -13.17
CA LEU C 360 -57.12 43.74 -12.91
C LEU C 360 -56.91 43.85 -11.41
N HIS C 361 -55.96 43.08 -10.91
CA HIS C 361 -55.50 43.20 -9.52
C HIS C 361 -54.06 43.69 -9.55
N GLY C 362 -53.88 44.98 -9.33
CA GLY C 362 -52.57 45.61 -9.48
C GLY C 362 -51.66 45.37 -8.29
N VAL C 363 -50.43 45.85 -8.41
CA VAL C 363 -49.40 45.65 -7.39
C VAL C 363 -49.93 45.88 -5.98
N MET C 364 -49.86 44.83 -5.17
CA MET C 364 -50.19 44.83 -3.73
C MET C 364 -51.66 45.07 -3.38
N SER C 365 -52.52 45.03 -4.39
CA SER C 365 -53.95 44.99 -4.14
C SER C 365 -54.29 43.65 -3.49
N ALA C 366 -55.11 43.68 -2.47
CA ALA C 366 -55.48 42.46 -1.79
C ALA C 366 -56.55 41.73 -2.61
N HIS C 367 -56.25 40.51 -3.07
CA HIS C 367 -57.27 39.70 -3.72
C HIS C 367 -57.41 38.29 -3.14
N GLY C 368 -58.12 37.43 -3.84
CA GLY C 368 -58.45 36.11 -3.35
C GLY C 368 -59.87 35.70 -3.69
N PRO C 369 -60.26 34.48 -3.27
CA PRO C 369 -61.59 33.93 -3.56
C PRO C 369 -62.69 34.78 -2.93
N ASP C 370 -63.82 34.94 -3.62
CA ASP C 370 -64.92 35.68 -3.03
C ASP C 370 -65.55 34.86 -1.91
N ALA C 371 -66.52 35.44 -1.23
CA ALA C 371 -67.05 34.85 0.01
C ALA C 371 -67.79 33.53 -0.22
N GLU C 372 -68.48 33.44 -1.35
CA GLU C 372 -69.22 32.23 -1.68
C GLU C 372 -68.25 31.07 -1.92
N THR C 373 -67.26 31.31 -2.78
CA THR C 373 -66.23 30.31 -3.06
C THR C 373 -65.58 29.81 -1.79
N CYS C 374 -65.27 30.75 -0.90
CA CYS C 374 -64.59 30.49 0.36
C CYS C 374 -65.33 29.50 1.27
N GLU C 375 -66.57 29.80 1.62
CA GLU C 375 -67.33 28.96 2.54
C GLU C 375 -67.58 27.59 1.94
N LYS C 376 -67.76 27.54 0.63
CA LYS C 376 -67.96 26.29 -0.07
C LYS C 376 -66.72 25.39 0.07
N ALA C 377 -65.55 25.98 -0.13
CA ALA C 377 -64.31 25.21 -0.08
C ALA C 377 -63.94 24.75 1.33
N ILE C 378 -64.35 25.52 2.34
CA ILE C 378 -64.02 25.17 3.71
C ILE C 378 -64.92 24.06 4.24
N ALA C 379 -66.10 23.90 3.64
CA ALA C 379 -67.06 22.91 4.12
C ALA C 379 -67.06 21.65 3.27
N ALA C 380 -66.39 21.72 2.12
CA ALA C 380 -66.45 20.63 1.14
C ALA C 380 -65.86 19.34 1.64
N ASP C 381 -66.54 18.23 1.35
CA ASP C 381 -65.94 16.91 1.51
C ASP C 381 -64.95 16.70 0.38
N LEU C 382 -63.68 16.60 0.73
CA LEU C 382 -62.63 16.50 -0.27
C LEU C 382 -62.49 15.09 -0.84
N ALA C 383 -62.45 15.02 -2.16
CA ALA C 383 -62.21 13.77 -2.90
C ALA C 383 -61.72 14.18 -4.28
N PRO C 384 -61.13 13.24 -5.03
CA PRO C 384 -60.63 13.63 -6.35
C PRO C 384 -61.73 14.31 -7.16
N HIS C 385 -61.42 15.46 -7.76
CA HIS C 385 -62.42 16.22 -8.50
C HIS C 385 -61.82 16.84 -9.77
N LYS C 386 -62.39 16.49 -10.92
CA LYS C 386 -61.95 17.06 -12.18
C LYS C 386 -62.66 18.39 -12.45
N ILE C 387 -61.88 19.47 -12.49
CA ILE C 387 -62.40 20.74 -12.99
C ILE C 387 -62.46 20.59 -14.50
N ASP C 388 -63.59 20.95 -15.09
CA ASP C 388 -63.74 20.78 -16.54
C ASP C 388 -64.59 21.86 -17.18
N ASN C 389 -64.63 21.86 -18.51
CA ASN C 389 -65.49 22.78 -19.25
C ASN C 389 -65.22 24.24 -18.89
N THR C 390 -63.94 24.60 -18.83
CA THR C 390 -63.53 25.95 -18.45
C THR C 390 -62.15 26.24 -19.03
N MET C 391 -61.86 27.52 -19.24
CA MET C 391 -60.52 27.98 -19.59
C MET C 391 -60.40 29.48 -19.32
N ALA C 392 -59.68 29.80 -18.24
CA ALA C 392 -59.34 31.16 -17.90
C ALA C 392 -57.84 31.30 -18.11
N PHE C 393 -57.34 32.52 -18.02
CA PHE C 393 -55.92 32.76 -18.20
C PHE C 393 -55.53 34.08 -17.56
N MET C 394 -54.22 34.30 -17.46
CA MET C 394 -53.73 35.54 -16.89
C MET C 394 -52.55 36.06 -17.70
N PHE C 395 -52.57 37.37 -17.93
CA PHE C 395 -51.37 38.07 -18.35
C PHE C 395 -50.79 38.68 -17.05
N GLU C 396 -49.68 38.14 -16.54
CA GLU C 396 -49.09 38.71 -15.34
C GLU C 396 -47.88 39.54 -15.73
N THR C 397 -47.86 40.81 -15.34
CA THR C 397 -46.74 41.69 -15.70
C THR C 397 -46.02 42.26 -14.49
N SER C 398 -44.71 42.49 -14.63
CA SER C 398 -43.96 43.03 -13.53
C SER C 398 -44.17 44.53 -13.42
N GLN C 399 -44.31 45.22 -14.54
CA GLN C 399 -44.60 46.66 -14.48
C GLN C 399 -46.08 46.89 -14.18
N VAL C 400 -46.38 47.98 -13.49
CA VAL C 400 -47.79 48.22 -13.19
C VAL C 400 -48.62 48.47 -14.45
N LEU C 401 -49.84 47.93 -14.46
CA LEU C 401 -50.74 48.14 -15.56
C LEU C 401 -51.65 49.34 -15.28
N ARG C 402 -51.53 50.37 -16.13
CA ARG C 402 -52.37 51.58 -16.06
C ARG C 402 -53.60 51.40 -16.97
N PRO C 403 -54.79 51.34 -16.38
CA PRO C 403 -55.99 51.28 -17.22
C PRO C 403 -56.10 52.50 -18.12
N SER C 404 -56.60 52.32 -19.34
CA SER C 404 -56.89 53.44 -20.22
C SER C 404 -58.08 54.26 -19.72
N LEU C 405 -58.17 55.50 -20.18
CA LEU C 405 -59.32 56.34 -19.90
C LEU C 405 -60.58 55.65 -20.38
N GLN C 406 -60.53 55.11 -21.58
CA GLN C 406 -61.66 54.35 -22.12
C GLN C 406 -62.10 53.21 -21.18
N ALA C 407 -61.14 52.42 -20.69
CA ALA C 407 -61.47 51.33 -19.78
C ALA C 407 -62.08 51.80 -18.47
N LEU C 408 -61.64 52.96 -17.98
CA LEU C 408 -62.13 53.47 -16.70
C LEU C 408 -63.50 54.14 -16.84
N GLU C 409 -63.82 54.59 -18.05
CA GLU C 409 -65.11 55.22 -18.33
C GLU C 409 -66.10 54.27 -18.99
N CYS C 410 -65.61 53.06 -19.29
CA CYS C 410 -66.39 51.97 -19.87
C CYS C 410 -67.70 51.73 -19.10
N PRO C 411 -68.82 51.61 -19.84
CA PRO C 411 -70.08 51.19 -19.19
C PRO C 411 -69.94 49.76 -18.68
N GLN C 412 -69.04 49.00 -19.27
CA GLN C 412 -68.86 47.61 -18.87
C GLN C 412 -68.07 47.45 -17.57
N LEU C 413 -67.54 48.55 -17.03
CA LEU C 413 -66.80 48.48 -15.77
C LEU C 413 -67.77 48.36 -14.59
N GLN C 414 -67.65 47.29 -13.81
CA GLN C 414 -68.53 47.01 -12.67
C GLN C 414 -68.27 47.91 -11.47
N ALA C 415 -69.31 48.56 -10.97
CA ALA C 415 -69.14 49.52 -9.89
C ALA C 415 -69.13 48.91 -8.49
N ASP C 416 -69.46 47.63 -8.36
CA ASP C 416 -69.35 47.05 -7.03
C ASP C 416 -68.56 45.74 -6.95
N TYR C 417 -67.41 45.70 -7.62
CA TYR C 417 -66.53 44.55 -7.54
C TYR C 417 -66.11 44.33 -6.08
N ASP C 418 -65.87 45.42 -5.36
CA ASP C 418 -65.37 45.29 -3.99
C ASP C 418 -66.34 44.53 -3.08
N SER C 419 -67.62 44.52 -3.44
CA SER C 419 -68.65 43.84 -2.66
C SER C 419 -68.55 42.31 -2.75
N CYS C 420 -67.81 41.79 -3.73
CA CYS C 420 -67.71 40.35 -3.87
C CYS C 420 -67.01 39.77 -2.63
N TRP C 421 -66.22 40.60 -1.95
CA TRP C 421 -65.52 40.18 -0.73
C TRP C 421 -66.19 40.68 0.55
N ALA C 422 -67.19 41.55 0.39
CA ALA C 422 -67.68 42.32 1.53
C ALA C 422 -68.24 41.45 2.65
N THR C 423 -68.70 40.26 2.30
CA THR C 423 -69.38 39.39 3.27
C THR C 423 -68.50 38.35 3.98
N LEU C 424 -67.20 38.33 3.70
CA LEU C 424 -66.29 37.39 4.37
C LEU C 424 -66.42 37.50 5.89
N PRO C 425 -66.71 36.37 6.56
CA PRO C 425 -66.88 36.33 8.02
C PRO C 425 -65.59 36.15 8.79
N SER C 426 -65.54 36.71 9.99
CA SER C 426 -64.51 36.32 10.94
C SER C 426 -64.94 34.99 11.54
N THR C 427 -64.13 33.96 11.33
CA THR C 427 -64.37 32.66 11.95
C THR C 427 -63.34 32.38 13.05
N PHE C 428 -62.59 33.40 13.44
CA PHE C 428 -61.53 33.26 14.43
C PHE C 428 -62.11 32.91 15.79
N ASN C 429 -61.52 31.91 16.44
CA ASN C 429 -61.91 31.56 17.81
C ASN C 429 -60.66 31.29 18.62
N PRO C 430 -60.21 32.27 19.43
CA PRO C 430 -58.94 32.10 20.15
C PRO C 430 -59.03 30.96 21.15
N ASN C 431 -60.25 30.54 21.45
CA ASN C 431 -60.45 29.50 22.45
C ASN C 431 -60.43 28.09 21.90
N ARG C 432 -60.32 27.96 20.59
CA ARG C 432 -60.46 26.65 19.98
C ARG C 432 -59.60 26.48 18.72
N ARG C 433 -58.42 25.87 18.89
CA ARG C 433 -57.51 25.61 17.77
C ARG C 433 -58.17 24.73 16.70
N PRO D 7 -38.09 18.52 27.98
CA PRO D 7 -37.13 17.42 28.09
C PRO D 7 -36.91 16.72 26.75
N ASP D 8 -37.82 16.92 25.80
CA ASP D 8 -37.66 16.40 24.45
C ASP D 8 -36.65 17.25 23.71
N LEU D 9 -36.12 16.71 22.61
CA LEU D 9 -35.22 17.46 21.74
C LEU D 9 -35.93 18.62 21.04
N HIS D 10 -35.33 19.80 21.13
CA HIS D 10 -35.82 20.98 20.44
C HIS D 10 -35.01 21.18 19.19
N TYR D 11 -35.62 21.85 18.20
CA TYR D 11 -34.98 22.12 16.92
C TYR D 11 -35.28 23.55 16.49
N LEU D 12 -34.43 24.06 15.60
CA LEU D 12 -34.64 25.32 14.94
C LEU D 12 -34.99 25.02 13.50
N SER D 13 -35.88 25.79 12.89
CA SER D 13 -36.34 25.46 11.52
C SER D 13 -35.89 26.49 10.49
N GLY D 14 -35.72 26.03 9.25
CA GLY D 14 -35.52 26.92 8.11
C GLY D 14 -34.26 26.64 7.33
N PHE D 15 -34.36 25.89 6.23
CA PHE D 15 -33.18 25.53 5.45
C PHE D 15 -32.36 26.75 5.06
N GLY D 16 -31.07 26.72 5.41
CA GLY D 16 -30.15 27.76 4.98
C GLY D 16 -30.17 29.02 5.82
N ASN D 17 -30.85 28.98 6.96
CA ASN D 17 -30.91 30.13 7.86
C ASN D 17 -29.56 30.45 8.51
N GLU D 18 -29.39 31.71 8.90
CA GLU D 18 -28.39 32.05 9.90
C GLU D 18 -28.97 31.82 11.30
N PHE D 19 -28.65 30.69 11.91
CA PHE D 19 -29.19 30.32 13.22
C PHE D 19 -28.28 30.85 14.33
N ALA D 20 -28.80 30.87 15.56
CA ALA D 20 -28.01 31.23 16.73
C ALA D 20 -28.60 30.44 17.88
N SER D 21 -27.74 29.84 18.71
CA SER D 21 -28.18 28.95 19.77
C SER D 21 -27.15 28.98 20.88
N GLU D 22 -27.60 29.07 22.12
CA GLU D 22 -26.71 29.05 23.27
C GLU D 22 -27.28 28.16 24.37
N ALA D 23 -26.43 27.35 24.97
CA ALA D 23 -26.86 26.39 25.99
C ALA D 23 -26.79 27.04 27.37
N LEU D 24 -26.10 28.17 27.44
CA LEU D 24 -26.03 28.98 28.65
C LEU D 24 -26.39 30.43 28.29
N PRO D 25 -27.09 31.12 29.19
CA PRO D 25 -27.59 32.45 28.84
C PRO D 25 -26.46 33.41 28.51
N GLY D 26 -26.54 34.02 27.33
CA GLY D 26 -25.54 34.98 26.90
C GLY D 26 -24.18 34.41 26.52
N ALA D 27 -24.07 33.09 26.38
CA ALA D 27 -22.79 32.52 25.97
C ALA D 27 -22.33 33.02 24.59
N LEU D 28 -23.27 33.35 23.71
CA LEU D 28 -22.91 33.98 22.42
C LEU D 28 -22.45 35.41 22.63
N PRO D 29 -21.31 35.80 22.05
CA PRO D 29 -20.88 37.20 22.14
C PRO D 29 -21.87 38.10 21.41
N VAL D 30 -22.18 39.25 22.00
CA VAL D 30 -23.14 40.16 21.40
C VAL D 30 -22.47 41.21 20.52
N GLY D 31 -22.92 41.35 19.28
CA GLY D 31 -22.41 42.41 18.42
C GLY D 31 -21.05 42.18 17.78
N GLN D 32 -20.46 41.02 17.99
CA GLN D 32 -19.21 40.66 17.36
C GLN D 32 -18.99 39.15 17.41
N ASN D 33 -17.98 38.68 16.69
CA ASN D 33 -17.64 37.26 16.72
C ASN D 33 -16.45 36.88 17.60
N SER D 34 -15.49 37.79 17.75
CA SER D 34 -14.23 37.45 18.40
C SER D 34 -13.84 38.40 19.52
N PRO D 35 -14.58 38.37 20.64
CA PRO D 35 -14.21 39.17 21.82
C PRO D 35 -12.85 38.77 22.36
N GLN D 36 -12.17 39.70 23.04
CA GLN D 36 -10.87 39.35 23.59
C GLN D 36 -11.06 38.33 24.72
N LYS D 37 -12.05 38.57 25.55
CA LYS D 37 -12.43 37.59 26.58
C LYS D 37 -13.89 37.18 26.36
N ALA D 38 -14.09 35.97 25.87
CA ALA D 38 -15.42 35.53 25.50
C ALA D 38 -16.24 35.16 26.74
N PRO D 39 -17.58 35.26 26.64
CA PRO D 39 -18.47 34.86 27.73
C PRO D 39 -18.17 33.43 28.24
N TYR D 40 -18.05 33.29 29.56
CA TYR D 40 -17.83 31.99 30.22
C TYR D 40 -16.41 31.45 30.06
N GLY D 41 -15.53 32.25 29.48
CA GLY D 41 -14.16 31.82 29.23
C GLY D 41 -14.08 30.80 28.10
N LEU D 42 -15.00 30.89 27.16
CA LEU D 42 -15.00 29.98 26.01
C LEU D 42 -14.00 30.43 24.92
N TYR D 43 -13.71 29.53 23.99
CA TYR D 43 -12.90 29.83 22.81
C TYR D 43 -13.77 29.97 21.58
N ALA D 44 -13.57 31.04 20.81
CA ALA D 44 -14.22 31.16 19.53
C ALA D 44 -13.49 30.32 18.49
N GLU D 45 -14.26 29.59 17.69
CA GLU D 45 -13.66 28.85 16.59
C GLU D 45 -14.54 28.93 15.34
N LEU D 46 -13.92 29.17 14.20
CA LEU D 46 -14.65 29.27 12.94
C LEU D 46 -14.58 27.96 12.15
N LEU D 47 -15.74 27.48 11.74
CA LEU D 47 -15.83 26.32 10.86
C LEU D 47 -16.26 26.82 9.49
N SER D 48 -15.31 26.90 8.57
CA SER D 48 -15.62 27.41 7.22
C SER D 48 -15.98 26.25 6.28
N GLY D 49 -17.28 26.05 6.03
CA GLY D 49 -17.75 25.00 5.14
C GLY D 49 -17.53 25.22 3.65
N THR D 50 -17.33 26.47 3.25
CA THR D 50 -17.05 26.82 1.86
C THR D 50 -15.90 27.80 1.83
N ALA D 51 -15.39 28.09 0.64
CA ALA D 51 -14.43 29.17 0.49
C ALA D 51 -14.99 30.46 1.09
N PHE D 52 -14.11 31.30 1.61
CA PHE D 52 -14.50 32.59 2.18
C PHE D 52 -15.26 33.46 1.18
N THR D 53 -14.87 33.39 -0.10
CA THR D 53 -15.36 34.31 -1.14
C THR D 53 -16.55 33.81 -1.97
N MET D 54 -17.24 32.78 -1.47
CA MET D 54 -18.46 32.31 -2.12
C MET D 54 -19.50 33.43 -2.11
N ALA D 55 -20.39 33.45 -3.10
CA ALA D 55 -21.49 34.38 -3.04
C ALA D 55 -22.28 34.04 -1.76
N ARG D 56 -22.93 35.03 -1.17
CA ARG D 56 -23.55 34.84 0.13
C ARG D 56 -24.61 33.75 0.15
N SER D 57 -25.28 33.53 -0.99
CA SER D 57 -26.26 32.45 -1.11
C SER D 57 -25.61 31.07 -1.09
N GLU D 58 -24.31 31.01 -1.35
CA GLU D 58 -23.58 29.74 -1.38
C GLU D 58 -22.76 29.54 -0.11
N LEU D 59 -22.71 30.59 0.71
CA LEU D 59 -21.89 30.58 1.91
C LEU D 59 -22.39 29.62 2.98
N ARG D 60 -21.47 28.85 3.56
CA ARG D 60 -21.74 27.97 4.69
C ARG D 60 -20.64 28.13 5.72
N ARG D 61 -20.96 28.75 6.84
CA ARG D 61 -19.98 28.92 7.90
C ARG D 61 -20.65 29.08 9.25
N THR D 62 -20.03 28.48 10.27
CA THR D 62 -20.55 28.48 11.63
C THR D 62 -19.48 28.89 12.64
N TRP D 63 -19.86 29.80 13.52
CA TRP D 63 -19.02 30.23 14.63
C TRP D 63 -19.37 29.41 15.86
N LEU D 64 -18.33 28.91 16.52
CA LEU D 64 -18.45 28.00 17.65
C LEU D 64 -17.84 28.64 18.89
N TYR D 65 -18.51 28.48 20.02
CA TYR D 65 -17.97 28.95 21.30
C TYR D 65 -17.85 27.75 22.22
N ARG D 66 -16.61 27.28 22.39
CA ARG D 66 -16.37 25.94 22.92
C ARG D 66 -15.38 25.90 24.06
N ILE D 67 -15.41 24.79 24.81
CA ILE D 67 -14.60 24.68 26.01
C ILE D 67 -13.10 24.53 25.70
N ARG D 68 -12.78 23.72 24.70
CA ARG D 68 -11.40 23.62 24.22
C ARG D 68 -11.37 23.70 22.70
N PRO D 69 -10.39 24.44 22.15
CA PRO D 69 -10.32 24.53 20.68
C PRO D 69 -10.11 23.15 20.08
N SER D 70 -10.53 22.95 18.84
CA SER D 70 -10.31 21.69 18.13
C SER D 70 -8.84 21.39 17.88
N ALA D 71 -8.00 22.42 17.85
CA ALA D 71 -6.57 22.26 17.60
C ALA D 71 -5.85 21.48 18.70
N LEU D 72 -6.48 21.40 19.86
CA LEU D 72 -5.89 20.67 20.98
C LEU D 72 -6.10 19.18 20.78
N HIS D 73 -5.23 18.58 19.97
CA HIS D 73 -5.24 17.14 19.76
C HIS D 73 -3.85 16.66 19.38
N PRO D 74 -3.53 15.40 19.73
CA PRO D 74 -2.24 14.82 19.34
C PRO D 74 -2.27 14.40 17.89
N ARG D 75 -1.10 13.98 17.40
CA ARG D 75 -0.95 13.44 16.05
C ARG D 75 -1.99 12.36 15.78
N PHE D 76 -2.57 12.38 14.58
CA PHE D 76 -3.45 11.31 14.12
C PHE D 76 -2.59 10.14 13.63
N GLU D 77 -3.07 8.94 13.93
CA GLU D 77 -2.43 7.71 13.46
C GLU D 77 -3.44 6.84 12.71
N ARG D 78 -2.96 6.18 11.66
CA ARG D 78 -3.80 5.35 10.82
C ARG D 78 -4.30 4.09 11.54
N LEU D 79 -5.61 3.84 11.51
CA LEU D 79 -6.18 2.66 12.17
C LEU D 79 -5.89 1.38 11.38
N ALA D 80 -5.76 0.26 12.10
CA ALA D 80 -5.62 -1.07 11.49
C ALA D 80 -6.90 -1.49 10.75
N ARG D 81 -8.05 -1.17 11.35
CA ARG D 81 -9.36 -1.47 10.73
C ARG D 81 -9.77 -0.39 9.72
N GLN D 82 -9.92 -0.79 8.46
CA GLN D 82 -10.21 0.13 7.34
C GLN D 82 -11.35 -0.37 6.47
N PRO D 83 -12.59 -0.08 6.87
CA PRO D 83 -13.82 -0.61 6.24
C PRO D 83 -13.93 -0.28 4.74
N LEU D 84 -13.31 0.84 4.34
CA LEU D 84 -13.49 1.40 3.01
C LEU D 84 -12.28 1.14 2.12
N GLY D 85 -11.40 0.25 2.57
CA GLY D 85 -10.15 -0.03 1.88
C GLY D 85 -10.27 -0.88 0.62
N GLY D 86 -11.39 -1.59 0.47
CA GLY D 86 -11.58 -2.45 -0.70
C GLY D 86 -11.53 -1.70 -2.02
N PRO D 87 -11.08 -2.38 -3.09
CA PRO D 87 -10.97 -1.81 -4.44
C PRO D 87 -12.29 -1.70 -5.18
N LEU D 88 -12.32 -0.86 -6.21
CA LEU D 88 -13.45 -0.85 -7.14
C LEU D 88 -13.52 -2.20 -7.83
N GLY D 89 -14.73 -2.67 -8.12
CA GLY D 89 -14.88 -3.85 -8.93
C GLY D 89 -14.35 -3.59 -10.33
N GLY D 90 -14.40 -4.63 -11.16
CA GLY D 90 -14.03 -4.48 -12.56
C GLY D 90 -15.07 -3.67 -13.31
N ILE D 91 -14.67 -3.20 -14.49
CA ILE D 91 -15.59 -2.52 -15.38
C ILE D 91 -16.76 -3.46 -15.66
N ASN D 92 -17.99 -2.99 -15.41
CA ASN D 92 -19.20 -3.76 -15.69
C ASN D 92 -20.40 -2.85 -16.01
N PRO D 93 -20.89 -2.90 -17.26
CA PRO D 93 -21.97 -2.01 -17.70
C PRO D 93 -23.36 -2.56 -17.46
N ASN D 94 -23.46 -3.76 -16.89
CA ASN D 94 -24.78 -4.39 -16.76
C ASN D 94 -25.67 -3.73 -15.73
N ARG D 95 -26.98 -3.94 -15.91
CA ARG D 95 -27.95 -3.56 -14.89
C ARG D 95 -27.76 -4.48 -13.68
N LEU D 96 -27.71 -3.88 -12.49
CA LEU D 96 -27.46 -4.64 -11.27
C LEU D 96 -28.56 -4.42 -10.23
N ARG D 97 -28.84 -5.45 -9.45
CA ARG D 97 -29.80 -5.31 -8.36
C ARG D 97 -29.43 -6.17 -7.16
N TRP D 98 -29.54 -5.60 -5.98
CA TRP D 98 -29.14 -6.26 -4.75
C TRP D 98 -30.32 -6.44 -3.82
N SER D 99 -30.40 -7.60 -3.18
CA SER D 99 -31.35 -7.83 -2.10
C SER D 99 -30.84 -7.11 -0.84
N PRO D 100 -31.70 -6.96 0.20
CA PRO D 100 -31.27 -6.23 1.41
C PRO D 100 -30.00 -6.81 2.04
N GLN D 101 -29.20 -5.96 2.67
CA GLN D 101 -27.92 -6.41 3.24
C GLN D 101 -28.09 -6.86 4.67
N PRO D 102 -27.61 -8.08 5.00
CA PRO D 102 -27.69 -8.49 6.40
C PRO D 102 -26.74 -7.71 7.32
N ILE D 103 -27.12 -7.60 8.59
CA ILE D 103 -26.27 -6.99 9.60
C ILE D 103 -25.18 -7.97 10.01
N PRO D 104 -23.91 -7.56 9.96
CA PRO D 104 -22.82 -8.46 10.35
C PRO D 104 -22.92 -8.92 11.81
N ALA D 105 -22.22 -10.00 12.12
CA ALA D 105 -22.30 -10.60 13.45
C ALA D 105 -21.30 -9.94 14.40
N GLU D 106 -20.15 -9.54 13.87
CA GLU D 106 -19.12 -8.95 14.71
C GLU D 106 -19.51 -7.52 15.08
N PRO D 107 -19.03 -7.05 16.24
CA PRO D 107 -19.28 -5.67 16.67
C PRO D 107 -18.90 -4.68 15.58
N THR D 108 -19.84 -3.82 15.23
CA THR D 108 -19.68 -2.88 14.15
C THR D 108 -20.44 -1.60 14.49
N ASP D 109 -19.73 -0.51 14.81
CA ASP D 109 -20.40 0.77 15.05
C ASP D 109 -20.79 1.43 13.72
N PHE D 110 -21.31 2.65 13.79
CA PHE D 110 -21.82 3.30 12.57
C PHE D 110 -20.76 3.47 11.47
N ILE D 111 -19.57 3.93 11.85
CA ILE D 111 -18.55 4.24 10.87
C ILE D 111 -17.78 3.00 10.39
N GLU D 112 -17.92 1.91 11.14
CA GLU D 112 -17.28 0.65 10.77
C GLU D 112 -18.16 -0.13 9.81
N GLY D 113 -19.46 0.18 9.80
CA GLY D 113 -20.41 -0.60 9.04
C GLY D 113 -20.76 -0.13 7.64
N TRP D 114 -20.06 0.88 7.13
CA TRP D 114 -20.33 1.34 5.76
C TRP D 114 -19.88 0.32 4.73
N LEU D 115 -20.81 -0.18 3.94
CA LEU D 115 -20.46 -1.06 2.84
C LEU D 115 -20.45 -0.26 1.52
N PRO D 116 -19.27 -0.12 0.90
CA PRO D 116 -19.20 0.62 -0.37
C PRO D 116 -19.99 -0.09 -1.46
N MET D 117 -20.97 0.60 -2.03
CA MET D 117 -21.77 -0.02 -3.07
C MET D 117 -21.25 0.42 -4.44
N ALA D 118 -21.19 1.73 -4.65
CA ALA D 118 -20.72 2.25 -5.92
C ALA D 118 -20.30 3.68 -5.73
N ALA D 119 -19.26 4.10 -6.46
CA ALA D 119 -18.73 5.45 -6.32
C ALA D 119 -18.24 6.01 -7.66
N ASN D 120 -18.19 7.35 -7.75
CA ASN D 120 -17.66 8.01 -8.96
C ASN D 120 -16.17 7.80 -9.13
N ALA D 121 -15.47 7.56 -8.03
CA ALA D 121 -14.01 7.43 -8.03
C ALA D 121 -13.52 6.58 -6.87
N GLY D 122 -12.25 6.15 -6.96
CA GLY D 122 -11.62 5.41 -5.89
C GLY D 122 -11.64 6.20 -4.58
N ALA D 123 -11.71 5.48 -3.47
CA ALA D 123 -11.85 6.10 -2.15
C ALA D 123 -10.71 7.06 -1.81
N GLU D 124 -9.55 6.85 -2.44
CA GLU D 124 -8.36 7.64 -2.19
C GLU D 124 -8.31 8.95 -2.97
N LYS D 125 -9.19 9.08 -3.96
CA LYS D 125 -9.31 10.33 -4.72
C LYS D 125 -10.78 10.75 -4.75
N PRO D 126 -11.31 11.15 -3.58
CA PRO D 126 -12.74 11.44 -3.53
C PRO D 126 -13.13 12.50 -4.56
N ALA D 127 -14.16 12.17 -5.32
CA ALA D 127 -14.77 13.10 -6.26
C ALA D 127 -16.22 12.71 -6.45
N GLY D 128 -17.05 13.70 -6.79
CA GLY D 128 -18.44 13.47 -7.07
C GLY D 128 -19.20 12.93 -5.86
N VAL D 129 -19.63 11.69 -5.95
CA VAL D 129 -20.41 11.05 -4.90
C VAL D 129 -19.97 9.61 -4.67
N SER D 130 -20.03 9.16 -3.43
CA SER D 130 -19.77 7.76 -3.09
C SER D 130 -20.98 7.22 -2.33
N ILE D 131 -21.42 6.01 -2.70
CA ILE D 131 -22.67 5.45 -2.17
C ILE D 131 -22.41 4.21 -1.31
N TYR D 132 -22.99 4.19 -0.11
CA TYR D 132 -22.81 3.06 0.79
C TYR D 132 -24.14 2.59 1.35
N ILE D 133 -24.17 1.36 1.86
CA ILE D 133 -25.25 0.93 2.74
C ILE D 133 -24.63 0.66 4.09
N TYR D 134 -25.18 1.28 5.15
CA TYR D 134 -24.62 1.06 6.49
C TYR D 134 -25.41 0.02 7.27
N ARG D 135 -24.68 -0.87 7.94
CA ARG D 135 -25.24 -1.88 8.81
C ARG D 135 -24.41 -1.81 10.08
N ALA D 136 -25.06 -1.57 11.21
CA ALA D 136 -24.37 -1.41 12.49
C ALA D 136 -25.09 -2.15 13.63
N ASN D 137 -24.32 -2.63 14.60
CA ASN D 137 -24.91 -3.36 15.73
C ASN D 137 -24.41 -2.86 17.08
N ARG D 138 -23.62 -1.77 17.06
CA ARG D 138 -23.12 -1.13 18.27
C ARG D 138 -23.28 0.40 18.19
N SER D 139 -23.45 1.05 19.33
CA SER D 139 -23.47 2.50 19.38
C SER D 139 -22.02 2.95 19.40
N MET D 140 -21.76 4.16 18.91
CA MET D 140 -20.39 4.65 18.85
C MET D 140 -19.88 5.07 20.22
N GLU D 141 -18.65 4.65 20.53
CA GLU D 141 -18.01 5.04 21.78
C GLU D 141 -16.79 5.88 21.41
N ARG D 142 -17.01 6.79 20.47
CA ARG D 142 -15.99 7.71 20.02
C ARG D 142 -16.68 8.78 19.20
N VAL D 143 -15.91 9.77 18.78
CA VAL D 143 -16.42 10.84 17.95
C VAL D 143 -15.69 10.81 16.61
N PHE D 144 -16.37 11.28 15.57
CA PHE D 144 -15.93 11.11 14.18
C PHE D 144 -16.17 12.40 13.39
N PHE D 145 -15.27 12.70 12.45
CA PHE D 145 -15.61 13.64 11.38
C PHE D 145 -15.10 13.16 10.03
N ASN D 146 -15.80 13.55 8.97
CA ASN D 146 -15.44 13.14 7.62
C ASN D 146 -14.87 14.34 6.88
N ALA D 147 -13.59 14.27 6.52
CA ALA D 147 -12.91 15.38 5.86
C ALA D 147 -13.15 15.34 4.34
N ASP D 148 -13.71 14.23 3.88
CA ASP D 148 -13.88 13.95 2.46
C ASP D 148 -15.20 14.43 1.84
N GLY D 149 -16.16 14.83 2.66
CA GLY D 149 -17.44 15.28 2.13
C GLY D 149 -18.58 15.36 3.10
N GLU D 150 -19.71 15.81 2.60
CA GLU D 150 -20.92 15.92 3.37
C GLU D 150 -21.65 14.59 3.31
N LEU D 151 -22.38 14.27 4.36
CA LEU D 151 -23.04 12.97 4.44
C LEU D 151 -24.54 13.15 4.47
N LEU D 152 -25.20 12.56 3.48
CA LEU D 152 -26.66 12.46 3.45
C LEU D 152 -27.08 11.07 3.92
N LEU D 153 -27.78 11.02 5.06
CA LEU D 153 -28.15 9.75 5.67
C LEU D 153 -29.61 9.41 5.44
N VAL D 154 -29.86 8.18 4.96
CA VAL D 154 -31.20 7.70 4.65
C VAL D 154 -31.53 6.39 5.41
N PRO D 155 -31.96 6.48 6.67
CA PRO D 155 -32.27 5.31 7.51
C PRO D 155 -33.35 4.43 6.91
N GLU D 156 -33.17 3.12 7.00
CA GLU D 156 -34.17 2.21 6.48
C GLU D 156 -34.71 1.28 7.58
N GLN D 157 -33.85 0.86 8.50
CA GLN D 157 -34.27 0.13 9.69
C GLN D 157 -33.55 0.70 10.88
N GLY D 158 -34.29 1.04 11.94
CA GLY D 158 -33.69 1.49 13.18
C GLY D 158 -33.54 2.99 13.30
N ARG D 159 -33.80 3.50 14.51
CA ARG D 159 -33.66 4.92 14.77
C ARG D 159 -32.21 5.27 15.09
N LEU D 160 -31.80 6.48 14.73
CA LEU D 160 -30.47 6.98 15.10
C LEU D 160 -30.60 8.16 16.02
N ARG D 161 -29.74 8.19 17.02
CA ARG D 161 -29.58 9.40 17.82
C ARG D 161 -28.21 9.98 17.50
N ILE D 162 -28.20 11.10 16.80
CA ILE D 162 -26.96 11.69 16.31
C ILE D 162 -26.51 12.90 17.10
N ALA D 163 -25.47 12.70 17.90
CA ALA D 163 -24.91 13.81 18.66
C ALA D 163 -23.88 14.54 17.80
N THR D 164 -24.15 15.80 17.48
CA THR D 164 -23.21 16.59 16.70
C THR D 164 -22.64 17.69 17.55
N GLU D 165 -21.62 18.37 17.03
CA GLU D 165 -21.05 19.53 17.68
C GLU D 165 -22.10 20.59 17.95
N LEU D 166 -23.14 20.65 17.11
CA LEU D 166 -24.11 21.73 17.24
C LEU D 166 -25.37 21.32 18.01
N GLY D 167 -25.43 20.04 18.37
CA GLY D 167 -26.58 19.57 19.13
C GLY D 167 -26.96 18.16 18.74
N VAL D 168 -28.06 17.68 19.33
CA VAL D 168 -28.45 16.30 19.14
C VAL D 168 -29.70 16.22 18.29
N MET D 169 -29.67 15.36 17.29
CA MET D 169 -30.88 15.09 16.53
C MET D 169 -31.15 13.59 16.45
N GLU D 170 -32.43 13.23 16.46
CA GLU D 170 -32.84 11.86 16.26
C GLU D 170 -33.51 11.73 14.92
N VAL D 171 -33.27 10.60 14.24
CA VAL D 171 -33.82 10.37 12.92
C VAL D 171 -34.26 8.93 12.77
N GLU D 172 -35.42 8.73 12.18
CA GLU D 172 -36.00 7.40 11.98
C GLU D 172 -36.24 7.18 10.50
N PRO D 173 -36.48 5.92 10.10
CA PRO D 173 -36.79 5.69 8.69
C PRO D 173 -37.93 6.60 8.23
N LEU D 174 -37.77 7.19 7.04
CA LEU D 174 -38.70 8.14 6.43
C LEU D 174 -38.32 9.59 6.72
N GLU D 175 -37.29 9.76 7.53
CA GLU D 175 -36.59 11.02 7.67
C GLU D 175 -35.20 10.89 7.05
N ILE D 176 -34.62 12.02 6.63
CA ILE D 176 -33.24 12.01 6.18
C ILE D 176 -32.43 12.94 7.10
N ALA D 177 -31.11 12.84 7.05
CA ALA D 177 -30.27 13.71 7.84
C ALA D 177 -29.00 14.04 7.09
N VAL D 178 -28.50 15.27 7.26
CA VAL D 178 -27.29 15.71 6.59
C VAL D 178 -26.30 16.22 7.60
N ILE D 179 -25.05 15.76 7.51
CA ILE D 179 -23.96 16.25 8.35
C ILE D 179 -22.89 16.90 7.49
N PRO D 180 -22.63 18.22 7.67
CA PRO D 180 -21.58 18.91 6.92
C PRO D 180 -20.22 18.24 7.04
N ARG D 181 -19.46 18.32 5.96
CA ARG D 181 -18.07 17.89 5.96
C ARG D 181 -17.34 18.45 7.18
N GLY D 182 -16.51 17.64 7.82
CA GLY D 182 -15.65 18.15 8.89
C GLY D 182 -16.29 18.31 10.27
N MET D 183 -17.61 18.18 10.33
CA MET D 183 -18.29 18.35 11.62
C MET D 183 -18.25 17.05 12.40
N LYS D 184 -17.92 17.15 13.66
CA LYS D 184 -17.84 15.98 14.55
C LYS D 184 -19.19 15.52 15.08
N PHE D 185 -19.39 14.21 15.09
CA PHE D 185 -20.63 13.63 15.60
C PHE D 185 -20.42 12.21 16.12
N ARG D 186 -21.45 11.68 16.79
CA ARG D 186 -21.41 10.35 17.39
C ARG D 186 -22.78 9.73 17.21
N VAL D 187 -22.82 8.51 16.70
CA VAL D 187 -24.10 7.89 16.37
C VAL D 187 -24.48 6.80 17.39
N GLU D 188 -25.60 7.00 18.08
CA GLU D 188 -26.15 5.99 18.98
C GLU D 188 -27.33 5.27 18.33
N LEU D 189 -27.36 3.96 18.48
CA LEU D 189 -28.45 3.14 17.93
C LEU D 189 -29.55 2.88 18.96
N LEU D 190 -30.66 3.60 18.83
CA LEU D 190 -31.73 3.49 19.81
C LEU D 190 -32.36 2.11 19.82
N ASP D 191 -32.39 1.46 18.66
CA ASP D 191 -33.04 0.16 18.54
C ASP D 191 -32.01 -0.96 18.51
N GLY D 192 -30.80 -0.67 18.98
CA GLY D 192 -29.77 -1.68 19.12
C GLY D 192 -29.08 -2.07 17.83
N GLN D 193 -29.81 -2.04 16.72
CA GLN D 193 -29.22 -2.32 15.42
C GLN D 193 -29.68 -1.27 14.44
N ALA D 194 -28.94 -1.07 13.35
CA ALA D 194 -29.41 -0.15 12.31
C ALA D 194 -28.88 -0.46 10.90
N ARG D 195 -29.68 -0.10 9.91
CA ARG D 195 -29.32 -0.26 8.50
C ARG D 195 -29.93 0.92 7.73
N GLY D 196 -29.25 1.36 6.67
CA GLY D 196 -29.72 2.48 5.88
C GLY D 196 -28.75 2.81 4.74
N TYR D 197 -29.05 3.86 4.00
CA TYR D 197 -28.22 4.25 2.85
C TYR D 197 -27.44 5.53 3.12
N ILE D 198 -26.33 5.69 2.42
CA ILE D 198 -25.51 6.89 2.50
C ILE D 198 -25.14 7.39 1.11
N ALA D 199 -25.43 8.66 0.86
CA ALA D 199 -24.82 9.39 -0.26
C ALA D 199 -23.77 10.32 0.32
N GLU D 200 -22.49 9.99 0.14
CA GLU D 200 -21.38 10.86 0.57
C GLU D 200 -21.04 11.83 -0.56
N ASN D 201 -21.36 13.10 -0.34
CA ASN D 201 -21.21 14.13 -1.37
C ASN D 201 -19.84 14.80 -1.29
N HIS D 202 -19.02 14.57 -2.30
CA HIS D 202 -17.67 15.13 -2.27
C HIS D 202 -17.63 16.49 -2.93
N GLY D 203 -18.77 16.94 -3.45
CA GLY D 203 -18.84 18.17 -4.25
C GLY D 203 -19.57 19.33 -3.59
N ALA D 204 -20.24 20.15 -4.41
CA ALA D 204 -20.94 21.32 -3.91
C ALA D 204 -22.05 20.88 -2.95
N PRO D 205 -22.14 21.53 -1.78
CA PRO D 205 -23.11 21.05 -0.77
C PRO D 205 -24.54 20.94 -1.27
N LEU D 206 -25.28 19.99 -0.70
CA LEU D 206 -26.66 19.80 -1.09
C LEU D 206 -27.50 21.01 -0.75
N ARG D 207 -28.42 21.36 -1.64
CA ARG D 207 -29.40 22.38 -1.29
C ARG D 207 -30.70 22.17 -2.04
N LEU D 208 -31.65 23.05 -1.79
CA LEU D 208 -32.96 22.95 -2.40
C LEU D 208 -32.86 23.31 -3.88
N PRO D 209 -33.56 22.56 -4.74
CA PRO D 209 -33.52 22.82 -6.18
C PRO D 209 -34.19 24.14 -6.57
N ASP D 210 -33.76 24.70 -7.70
CA ASP D 210 -34.46 25.83 -8.31
C ASP D 210 -35.81 25.32 -8.71
N LEU D 211 -36.87 26.05 -8.38
CA LEU D 211 -38.21 25.50 -8.52
C LEU D 211 -38.81 25.73 -9.89
N GLY D 212 -38.18 26.59 -10.70
CA GLY D 212 -38.73 26.90 -12.02
C GLY D 212 -40.17 27.37 -11.93
N PRO D 213 -41.06 26.83 -12.77
CA PRO D 213 -42.45 27.28 -12.77
C PRO D 213 -43.20 26.91 -11.49
N ILE D 214 -42.67 25.97 -10.72
CA ILE D 214 -43.31 25.60 -9.47
C ILE D 214 -43.32 26.82 -8.54
N GLY D 215 -42.36 27.73 -8.75
CA GLY D 215 -42.42 29.04 -8.12
C GLY D 215 -41.75 29.19 -6.76
N SER D 216 -42.55 29.46 -5.74
CA SER D 216 -42.01 29.95 -4.47
C SER D 216 -42.36 29.06 -3.28
N ASN D 217 -43.10 28.00 -3.56
CA ASN D 217 -43.56 27.05 -2.55
C ASN D 217 -43.61 25.69 -3.21
N GLY D 218 -43.55 24.61 -2.43
CA GLY D 218 -43.73 23.29 -3.00
C GLY D 218 -42.51 22.40 -2.91
N LEU D 219 -42.68 21.13 -3.26
CA LEU D 219 -41.67 20.11 -3.02
C LEU D 219 -41.26 20.16 -1.56
N ALA D 220 -39.96 20.21 -1.28
CA ALA D 220 -39.54 20.24 0.12
C ALA D 220 -39.57 21.68 0.61
N ASN D 221 -40.53 22.00 1.48
CA ASN D 221 -40.66 23.37 2.00
C ASN D 221 -39.59 23.65 3.05
N PRO D 222 -38.93 24.80 2.95
CA PRO D 222 -37.76 25.06 3.80
C PRO D 222 -38.05 25.07 5.31
N ARG D 223 -39.27 25.43 5.68
CA ARG D 223 -39.64 25.48 7.08
C ARG D 223 -39.59 24.10 7.73
N ASP D 224 -39.49 23.04 6.92
CA ASP D 224 -39.50 21.67 7.42
C ASP D 224 -38.14 21.05 7.68
N PHE D 225 -37.07 21.80 7.37
CA PHE D 225 -35.71 21.34 7.65
C PHE D 225 -35.31 21.80 9.05
N LEU D 226 -34.96 20.84 9.90
CA LEU D 226 -34.77 21.12 11.32
C LEU D 226 -33.32 20.93 11.77
N THR D 227 -32.83 21.88 12.56
CA THR D 227 -31.48 21.84 13.11
C THR D 227 -31.54 21.82 14.63
N PRO D 228 -30.66 21.03 15.27
CA PRO D 228 -30.64 20.86 16.73
C PRO D 228 -30.13 22.09 17.47
N VAL D 229 -30.52 22.22 18.74
CA VAL D 229 -30.06 23.33 19.56
C VAL D 229 -28.76 22.96 20.24
N ALA D 230 -27.98 23.97 20.60
CA ALA D 230 -26.69 23.79 21.26
C ALA D 230 -26.75 22.84 22.44
N HIS D 231 -25.77 21.96 22.49
CA HIS D 231 -25.64 21.00 23.58
C HIS D 231 -24.19 20.57 23.70
N TYR D 232 -23.66 20.66 24.91
CA TYR D 232 -22.28 20.32 25.16
C TYR D 232 -22.12 19.27 26.26
N GLU D 233 -20.96 18.61 26.27
CA GLU D 233 -20.62 17.61 27.28
C GLU D 233 -19.29 17.96 27.91
N GLU D 234 -19.09 17.54 29.15
CA GLU D 234 -17.86 17.86 29.87
C GLU D 234 -17.14 16.63 30.38
N ALA D 235 -17.40 15.48 29.77
CA ALA D 235 -16.81 14.22 30.21
C ALA D 235 -15.29 14.22 30.08
N GLU D 236 -14.61 14.31 31.21
CA GLU D 236 -13.16 14.14 31.23
C GLU D 236 -12.87 12.65 31.27
N GLY D 237 -11.69 12.25 30.81
CA GLY D 237 -11.40 10.86 30.54
C GLY D 237 -11.25 10.71 29.04
N PRO D 238 -10.48 9.71 28.61
CA PRO D 238 -10.05 9.59 27.21
C PRO D 238 -11.18 9.29 26.21
N VAL D 239 -11.19 10.04 25.12
CA VAL D 239 -12.13 9.81 24.03
C VAL D 239 -11.34 9.65 22.74
N GLN D 240 -11.68 8.65 21.94
CA GLN D 240 -11.07 8.51 20.63
C GLN D 240 -11.75 9.39 19.59
N LEU D 241 -10.96 10.17 18.86
CA LEU D 241 -11.46 10.97 17.75
C LEU D 241 -10.95 10.38 16.43
N VAL D 242 -11.89 10.01 15.55
CA VAL D 242 -11.55 9.40 14.27
C VAL D 242 -11.90 10.38 13.16
N GLN D 243 -11.04 10.48 12.14
CA GLN D 243 -11.46 11.21 10.93
C GLN D 243 -11.32 10.32 9.70
N LYS D 244 -12.24 10.51 8.75
CA LYS D 244 -12.13 9.85 7.46
C LYS D 244 -11.39 10.81 6.54
N PHE D 245 -10.23 10.39 6.03
CA PHE D 245 -9.44 11.24 5.14
C PHE D 245 -8.89 10.43 3.97
N LEU D 246 -9.26 10.86 2.78
CA LEU D 246 -8.97 10.13 1.56
C LEU D 246 -9.27 8.65 1.70
N GLY D 247 -10.44 8.35 2.26
CA GLY D 247 -10.93 6.99 2.32
C GLY D 247 -10.47 6.25 3.55
N GLU D 248 -9.48 6.79 4.24
CA GLU D 248 -8.88 6.10 5.39
C GLU D 248 -9.38 6.64 6.71
N HIS D 249 -9.45 5.76 7.71
CA HIS D 249 -9.79 6.14 9.07
C HIS D 249 -8.51 6.38 9.82
N TRP D 250 -8.36 7.59 10.35
CA TRP D 250 -7.23 7.93 11.17
C TRP D 250 -7.75 8.34 12.51
N ALA D 251 -6.98 8.07 13.57
CA ALA D 251 -7.47 8.32 14.91
C ALA D 251 -6.45 8.94 15.85
N CYS D 252 -6.95 9.65 16.83
CA CYS D 252 -6.14 10.13 17.92
C CYS D 252 -6.98 10.10 19.18
N GLU D 253 -6.32 10.24 20.33
CA GLU D 253 -7.01 10.17 21.60
C GLU D 253 -6.97 11.52 22.30
N LEU D 254 -8.13 11.97 22.75
CA LEU D 254 -8.26 13.24 23.47
C LEU D 254 -8.51 12.94 24.92
N GLN D 255 -8.23 13.91 25.78
CA GLN D 255 -8.51 13.76 27.20
C GLN D 255 -9.80 14.49 27.58
N HIS D 256 -10.56 14.90 26.57
CA HIS D 256 -11.80 15.63 26.80
C HIS D 256 -12.81 15.27 25.70
N SER D 257 -14.06 15.65 25.88
CA SER D 257 -15.03 15.49 24.80
C SER D 257 -14.94 16.65 23.85
N PRO D 258 -14.90 16.35 22.56
CA PRO D 258 -14.89 17.34 21.47
C PRO D 258 -16.30 17.86 21.13
N LEU D 259 -17.32 17.27 21.74
CA LEU D 259 -18.67 17.81 21.64
C LEU D 259 -18.86 18.82 22.78
N ASP D 260 -18.02 19.85 22.78
CA ASP D 260 -17.93 20.78 23.91
C ASP D 260 -18.28 22.21 23.51
N VAL D 261 -19.15 22.36 22.52
CA VAL D 261 -19.56 23.67 22.02
C VAL D 261 -20.73 24.18 22.81
N VAL D 262 -20.51 25.26 23.54
CA VAL D 262 -21.53 25.76 24.42
C VAL D 262 -22.50 26.64 23.66
N ALA D 263 -22.01 27.29 22.61
CA ALA D 263 -22.88 28.16 21.81
C ALA D 263 -22.35 28.29 20.38
N TRP D 264 -23.22 28.61 19.44
CA TRP D 264 -22.78 28.82 18.05
C TRP D 264 -23.82 29.65 17.30
N HIS D 265 -23.40 30.19 16.17
CA HIS D 265 -24.33 30.80 15.23
C HIS D 265 -23.76 30.67 13.83
N GLY D 266 -24.65 30.54 12.86
CA GLY D 266 -24.24 30.51 11.47
C GLY D 266 -25.08 29.57 10.64
N SER D 267 -24.54 29.18 9.50
CA SER D 267 -25.32 28.49 8.48
C SER D 267 -24.76 27.12 8.05
N ASN D 268 -23.63 26.73 8.61
CA ASN D 268 -23.05 25.43 8.31
C ASN D 268 -23.50 24.45 9.37
N VAL D 269 -24.63 23.78 9.14
CA VAL D 269 -25.30 23.08 10.22
C VAL D 269 -25.80 21.69 9.84
N PRO D 270 -25.83 20.76 10.81
CA PRO D 270 -26.53 19.50 10.55
C PRO D 270 -28.03 19.77 10.53
N TYR D 271 -28.75 18.94 9.80
CA TYR D 271 -30.19 19.08 9.76
C TYR D 271 -30.86 17.76 9.42
N LYS D 272 -32.16 17.69 9.69
CA LYS D 272 -32.97 16.54 9.32
C LYS D 272 -34.23 17.04 8.64
N TYR D 273 -34.84 16.16 7.84
CA TYR D 273 -36.07 16.47 7.13
C TYR D 273 -36.98 15.23 7.07
N ASP D 274 -38.25 15.41 7.40
CA ASP D 274 -39.21 14.29 7.39
C ASP D 274 -39.80 14.17 5.99
N LEU D 275 -39.52 13.07 5.34
CA LEU D 275 -39.94 12.88 3.96
C LEU D 275 -41.46 12.86 3.79
N ARG D 276 -42.20 12.63 4.87
CA ARG D 276 -43.66 12.63 4.78
C ARG D 276 -44.25 14.03 4.56
N ARG D 277 -43.44 15.07 4.79
CA ARG D 277 -43.92 16.44 4.61
C ARG D 277 -43.73 16.96 3.18
N PHE D 278 -43.16 16.14 2.30
CA PHE D 278 -42.82 16.56 0.94
C PHE D 278 -44.08 16.97 0.18
N ASN D 279 -44.09 18.19 -0.34
CA ASN D 279 -45.26 18.68 -1.08
C ASN D 279 -45.21 18.20 -2.53
N THR D 280 -45.57 16.93 -2.73
CA THR D 280 -45.41 16.25 -4.01
C THR D 280 -46.22 16.90 -5.13
N ILE D 281 -45.51 17.22 -6.21
CA ILE D 281 -46.05 17.86 -7.41
C ILE D 281 -46.01 16.81 -8.52
N GLY D 282 -47.03 16.81 -9.39
CA GLY D 282 -47.09 15.85 -10.47
C GLY D 282 -48.05 16.22 -11.57
N THR D 283 -48.41 15.24 -12.40
CA THR D 283 -49.37 15.48 -13.46
C THR D 283 -50.80 15.53 -12.94
N VAL D 284 -51.55 16.55 -13.35
CA VAL D 284 -52.98 16.59 -13.07
C VAL D 284 -53.75 16.54 -14.38
N SER D 285 -53.16 15.91 -15.39
CA SER D 285 -53.78 15.82 -16.70
C SER D 285 -53.50 14.47 -17.35
N PHE D 286 -52.31 14.34 -17.93
CA PHE D 286 -51.93 13.14 -18.64
C PHE D 286 -50.40 12.99 -18.59
N ASP D 287 -49.90 11.90 -19.16
CA ASP D 287 -48.47 11.61 -19.23
C ASP D 287 -47.83 11.37 -17.86
N HIS D 288 -46.51 11.23 -17.88
CA HIS D 288 -45.74 10.85 -16.70
C HIS D 288 -44.51 11.75 -16.59
N PRO D 289 -44.52 12.69 -15.63
CA PRO D 289 -43.47 13.71 -15.54
C PRO D 289 -42.09 13.16 -15.24
N ASP D 290 -41.07 13.82 -15.75
CA ASP D 290 -39.67 13.48 -15.49
C ASP D 290 -39.46 13.41 -13.99
N PRO D 291 -38.70 12.41 -13.51
CA PRO D 291 -38.61 12.21 -12.07
C PRO D 291 -37.77 13.25 -11.33
N SER D 292 -37.14 14.20 -12.04
CA SER D 292 -36.52 15.33 -11.39
C SER D 292 -37.57 16.12 -10.62
N ILE D 293 -38.82 15.98 -11.03
CA ILE D 293 -39.94 16.69 -10.39
C ILE D 293 -40.06 16.30 -8.91
N PHE D 294 -39.47 15.17 -8.54
CA PHE D 294 -39.52 14.69 -7.16
C PHE D 294 -38.26 15.05 -6.38
N THR D 295 -37.51 16.04 -6.86
CA THR D 295 -36.23 16.36 -6.24
C THR D 295 -36.37 16.96 -4.84
N VAL D 296 -35.64 16.41 -3.88
CA VAL D 296 -35.69 16.91 -2.52
C VAL D 296 -34.50 17.80 -2.29
N LEU D 297 -33.32 17.25 -2.57
CA LEU D 297 -32.08 18.00 -2.43
C LEU D 297 -31.22 17.72 -3.66
N THR D 298 -30.41 18.73 -4.03
CA THR D 298 -29.50 18.58 -5.15
C THR D 298 -28.10 19.20 -4.91
N SER D 299 -27.09 18.56 -5.48
CA SER D 299 -25.72 19.08 -5.47
C SER D 299 -25.31 19.44 -6.91
N PRO D 300 -25.06 20.74 -7.16
CA PRO D 300 -24.77 21.19 -8.52
C PRO D 300 -23.32 20.99 -8.94
N THR D 301 -23.06 21.11 -10.25
CA THR D 301 -21.70 21.23 -10.74
C THR D 301 -21.58 22.63 -11.31
N SER D 302 -20.41 22.98 -11.84
CA SER D 302 -20.24 24.26 -12.50
C SER D 302 -20.97 24.25 -13.84
N VAL D 303 -21.41 23.08 -14.28
CA VAL D 303 -22.25 23.01 -15.47
C VAL D 303 -23.70 23.24 -15.10
N HIS D 304 -24.22 24.42 -15.45
CA HIS D 304 -25.58 24.73 -15.09
C HIS D 304 -26.56 23.67 -15.60
N GLY D 305 -27.44 23.22 -14.70
CA GLY D 305 -28.48 22.26 -15.07
C GLY D 305 -28.07 20.81 -14.92
N MET D 306 -26.76 20.57 -14.83
CA MET D 306 -26.28 19.20 -14.70
C MET D 306 -25.75 18.97 -13.30
N ALA D 307 -26.55 18.32 -12.46
CA ALA D 307 -26.17 18.09 -11.06
C ALA D 307 -25.00 17.10 -10.88
N ASN D 308 -24.23 17.31 -9.83
CA ASN D 308 -23.33 16.27 -9.33
C ASN D 308 -24.21 15.11 -8.89
N MET D 309 -25.16 15.38 -8.01
CA MET D 309 -26.21 14.42 -7.72
C MET D 309 -27.55 15.10 -7.44
N ASP D 310 -28.65 14.40 -7.75
CA ASP D 310 -29.99 14.77 -7.31
C ASP D 310 -30.51 13.67 -6.37
N PHE D 311 -31.04 14.05 -5.22
CA PHE D 311 -31.72 13.11 -4.33
C PHE D 311 -33.22 13.26 -4.57
N VAL D 312 -33.82 12.18 -5.07
CA VAL D 312 -35.18 12.18 -5.58
C VAL D 312 -35.99 11.11 -4.84
N ILE D 313 -37.26 11.39 -4.51
CA ILE D 313 -38.08 10.40 -3.81
C ILE D 313 -39.32 10.00 -4.60
N PHE D 314 -39.86 8.82 -4.26
CA PHE D 314 -41.07 8.31 -4.89
C PHE D 314 -42.08 8.01 -3.77
N PRO D 315 -42.88 9.03 -3.41
CA PRO D 315 -43.69 8.93 -2.19
C PRO D 315 -45.14 8.57 -2.48
N PRO D 316 -45.95 8.44 -1.42
CA PRO D 316 -47.39 8.31 -1.64
C PRO D 316 -47.82 9.51 -2.47
N ARG D 317 -48.66 9.25 -3.47
CA ARG D 317 -49.04 10.29 -4.42
C ARG D 317 -50.27 9.84 -5.16
N TRP D 318 -51.06 10.81 -5.60
CA TRP D 318 -52.21 10.56 -6.45
C TRP D 318 -51.77 10.40 -7.90
N MET D 319 -52.28 9.35 -8.54
CA MET D 319 -52.07 9.10 -9.96
C MET D 319 -53.39 9.35 -10.69
N VAL D 320 -53.46 10.41 -11.48
CA VAL D 320 -54.70 10.75 -12.16
C VAL D 320 -54.54 10.83 -13.69
N ALA D 321 -53.34 10.55 -14.19
CA ALA D 321 -53.09 10.71 -15.63
C ALA D 321 -54.09 9.93 -16.48
N GLU D 322 -54.75 10.64 -17.38
CA GLU D 322 -55.79 10.06 -18.23
C GLU D 322 -55.18 9.54 -19.52
N ASN D 323 -55.68 8.40 -19.97
CA ASN D 323 -55.21 7.79 -21.21
C ASN D 323 -53.69 7.73 -21.29
N THR D 324 -53.08 7.38 -20.17
CA THR D 324 -51.63 7.36 -20.02
C THR D 324 -51.08 6.03 -19.53
N PHE D 325 -49.92 5.66 -20.04
CA PHE D 325 -49.06 4.65 -19.40
C PHE D 325 -48.48 5.27 -18.13
N ARG D 326 -49.01 4.87 -16.98
CA ARG D 326 -48.71 5.56 -15.72
C ARG D 326 -47.38 5.20 -15.06
N PRO D 327 -46.89 3.98 -15.30
CA PRO D 327 -45.57 3.66 -14.75
C PRO D 327 -44.49 4.47 -15.46
N PRO D 328 -43.27 4.50 -14.91
CA PRO D 328 -42.17 5.16 -15.62
C PRO D 328 -42.02 4.62 -17.04
N TRP D 329 -41.71 5.50 -17.99
CA TRP D 329 -41.51 5.09 -19.38
C TRP D 329 -40.22 4.30 -19.51
N PHE D 330 -40.11 3.49 -20.55
CA PHE D 330 -38.80 2.90 -20.81
C PHE D 330 -37.83 4.05 -21.04
N HIS D 331 -36.58 3.84 -20.67
CA HIS D 331 -35.67 4.95 -20.46
C HIS D 331 -34.24 4.54 -20.69
N ARG D 332 -33.52 5.40 -21.41
CA ARG D 332 -32.07 5.42 -21.51
C ARG D 332 -31.59 6.84 -21.16
N ASN D 333 -30.58 6.95 -20.28
CA ASN D 333 -30.21 8.22 -19.62
C ASN D 333 -28.70 8.50 -19.59
N LEU D 334 -28.29 9.73 -19.90
CA LEU D 334 -26.89 10.13 -19.72
C LEU D 334 -26.45 9.92 -18.27
N MET D 335 -27.31 10.33 -17.34
CA MET D 335 -27.07 10.20 -15.91
C MET D 335 -27.11 8.74 -15.44
N ASN D 336 -26.68 8.53 -14.19
CA ASN D 336 -26.59 7.20 -13.58
C ASN D 336 -27.55 7.05 -12.39
N GLU D 337 -28.40 6.03 -12.46
CA GLU D 337 -29.53 5.89 -11.55
C GLU D 337 -29.36 4.80 -10.50
N PHE D 338 -29.16 5.22 -9.27
CA PHE D 338 -29.05 4.30 -8.14
C PHE D 338 -30.29 4.42 -7.25
N MET D 339 -31.09 3.36 -7.19
CA MET D 339 -32.32 3.39 -6.41
C MET D 339 -32.26 2.59 -5.12
N GLY D 340 -32.97 3.07 -4.11
CA GLY D 340 -33.11 2.35 -2.86
C GLY D 340 -34.58 2.32 -2.49
N LEU D 341 -34.90 1.66 -1.39
CA LEU D 341 -36.29 1.51 -0.96
C LEU D 341 -36.35 1.50 0.57
N ILE D 342 -37.20 2.35 1.14
CA ILE D 342 -37.22 2.52 2.60
C ILE D 342 -38.32 1.67 3.19
N ASN D 343 -39.49 1.68 2.55
CA ASN D 343 -40.56 0.75 2.91
C ASN D 343 -41.54 0.54 1.76
N GLY D 344 -42.28 -0.56 1.81
CA GLY D 344 -43.27 -0.87 0.79
C GLY D 344 -42.67 -1.36 -0.51
N ALA D 345 -43.38 -1.11 -1.60
CA ALA D 345 -42.97 -1.58 -2.92
C ALA D 345 -42.90 -0.42 -3.91
N TYR D 346 -42.06 -0.55 -4.92
CA TYR D 346 -41.90 0.50 -5.94
C TYR D 346 -42.65 0.18 -7.24
N ASP D 347 -43.36 1.19 -7.75
CA ASP D 347 -44.34 1.01 -8.82
C ASP D 347 -43.81 0.33 -10.08
N ALA D 348 -42.51 0.49 -10.33
CA ALA D 348 -41.92 0.03 -11.59
C ALA D 348 -41.44 -1.44 -11.58
N LYS D 349 -41.41 -2.07 -10.41
CA LYS D 349 -40.85 -3.41 -10.27
C LYS D 349 -41.73 -4.31 -9.40
N ALA D 350 -42.28 -5.35 -10.03
CA ALA D 350 -43.27 -6.23 -9.39
C ALA D 350 -42.72 -7.11 -8.24
N GLU D 351 -41.55 -7.72 -8.45
CA GLU D 351 -40.89 -8.44 -7.37
C GLU D 351 -39.36 -8.26 -7.42
N GLY D 352 -38.70 -8.53 -6.30
CA GLY D 352 -37.25 -8.53 -6.26
C GLY D 352 -36.61 -7.29 -5.67
N PHE D 353 -37.37 -6.18 -5.64
CA PHE D 353 -36.88 -4.92 -5.09
C PHE D 353 -37.54 -4.69 -3.73
N LEU D 354 -36.81 -5.01 -2.68
CA LEU D 354 -37.33 -5.00 -1.31
C LEU D 354 -36.70 -3.86 -0.52
N PRO D 355 -37.29 -3.51 0.64
CA PRO D 355 -36.70 -2.47 1.50
C PRO D 355 -35.28 -2.83 1.90
N GLY D 356 -34.34 -1.92 1.68
CA GLY D 356 -32.94 -2.17 1.94
C GLY D 356 -32.23 -2.62 0.67
N GLY D 357 -33.00 -2.96 -0.35
CA GLY D 357 -32.45 -3.38 -1.62
C GLY D 357 -31.87 -2.21 -2.41
N ALA D 358 -31.32 -2.49 -3.59
CA ALA D 358 -30.75 -1.43 -4.41
C ALA D 358 -30.70 -1.88 -5.85
N SER D 359 -30.75 -0.92 -6.76
CA SER D 359 -30.50 -1.18 -8.19
C SER D 359 -29.60 -0.09 -8.75
N LEU D 360 -28.86 -0.43 -9.80
CA LEU D 360 -28.00 0.51 -10.52
C LEU D 360 -28.24 0.41 -12.01
N HIS D 361 -28.68 1.51 -12.62
CA HIS D 361 -28.80 1.54 -14.08
C HIS D 361 -27.87 2.65 -14.53
N GLY D 362 -26.72 2.24 -15.05
CA GLY D 362 -25.67 3.17 -15.41
C GLY D 362 -25.91 3.84 -16.76
N VAL D 363 -25.06 4.81 -17.05
CA VAL D 363 -25.12 5.57 -18.31
C VAL D 363 -25.57 4.73 -19.54
N MET D 364 -26.69 5.15 -20.11
CA MET D 364 -27.23 4.56 -21.34
C MET D 364 -27.67 3.08 -21.27
N SER D 365 -27.69 2.52 -20.07
CA SER D 365 -28.23 1.18 -19.92
C SER D 365 -29.77 1.26 -20.09
N ALA D 366 -30.33 0.30 -20.81
CA ALA D 366 -31.77 0.36 -21.11
C ALA D 366 -32.61 -0.15 -19.94
N HIS D 367 -33.42 0.72 -19.36
CA HIS D 367 -34.28 0.29 -18.27
C HIS D 367 -35.74 0.64 -18.49
N GLY D 368 -36.56 0.48 -17.46
CA GLY D 368 -37.99 0.67 -17.60
C GLY D 368 -38.78 -0.32 -16.77
N PRO D 369 -40.13 -0.21 -16.80
CA PRO D 369 -40.96 -1.12 -16.00
C PRO D 369 -40.70 -2.56 -16.39
N ASP D 370 -40.71 -3.48 -15.44
CA ASP D 370 -40.50 -4.87 -15.78
C ASP D 370 -41.74 -5.40 -16.50
N ALA D 371 -41.63 -6.57 -17.09
CA ALA D 371 -42.67 -7.09 -18.00
C ALA D 371 -44.05 -7.14 -17.34
N GLU D 372 -44.10 -7.55 -16.08
CA GLU D 372 -45.37 -7.70 -15.37
C GLU D 372 -46.08 -6.35 -15.22
N THR D 373 -45.36 -5.38 -14.66
CA THR D 373 -45.90 -4.04 -14.47
C THR D 373 -46.38 -3.45 -15.78
N CYS D 374 -45.58 -3.65 -16.81
CA CYS D 374 -45.87 -3.09 -18.12
C CYS D 374 -47.20 -3.67 -18.60
N GLU D 375 -47.36 -4.97 -18.44
CA GLU D 375 -48.58 -5.66 -18.87
C GLU D 375 -49.81 -5.13 -18.15
N LYS D 376 -49.76 -5.09 -16.83
CA LYS D 376 -50.89 -4.60 -16.04
C LYS D 376 -51.23 -3.14 -16.36
N ALA D 377 -50.21 -2.32 -16.55
CA ALA D 377 -50.43 -0.89 -16.79
C ALA D 377 -51.18 -0.61 -18.10
N ILE D 378 -50.91 -1.42 -19.11
CA ILE D 378 -51.50 -1.21 -20.43
C ILE D 378 -52.95 -1.63 -20.45
N ALA D 379 -53.28 -2.61 -19.60
CA ALA D 379 -54.62 -3.15 -19.54
C ALA D 379 -55.48 -2.37 -18.54
N ALA D 380 -54.83 -1.84 -17.51
CA ALA D 380 -55.52 -1.17 -16.40
C ALA D 380 -56.69 -0.29 -16.84
N ASP D 381 -57.76 -0.31 -16.04
CA ASP D 381 -58.80 0.69 -16.20
C ASP D 381 -58.40 1.91 -15.40
N LEU D 382 -58.34 3.05 -16.06
CA LEU D 382 -57.75 4.23 -15.42
C LEU D 382 -58.79 5.03 -14.65
N ALA D 383 -58.46 5.31 -13.41
CA ALA D 383 -59.28 6.12 -12.54
C ALA D 383 -58.34 6.68 -11.50
N PRO D 384 -58.74 7.78 -10.86
CA PRO D 384 -57.90 8.33 -9.80
C PRO D 384 -57.46 7.23 -8.84
N HIS D 385 -56.15 7.13 -8.64
CA HIS D 385 -55.62 6.11 -7.74
C HIS D 385 -54.51 6.67 -6.84
N LYS D 386 -54.62 6.40 -5.55
CA LYS D 386 -53.63 6.85 -4.59
C LYS D 386 -52.59 5.75 -4.32
N ILE D 387 -51.38 5.94 -4.85
CA ILE D 387 -50.26 5.14 -4.42
C ILE D 387 -49.94 5.54 -2.98
N ASP D 388 -49.84 4.55 -2.09
CA ASP D 388 -49.66 4.84 -0.67
C ASP D 388 -48.79 3.78 -0.03
N ASN D 389 -48.43 4.01 1.22
CA ASN D 389 -47.66 3.05 1.99
C ASN D 389 -46.39 2.64 1.27
N THR D 390 -45.63 3.63 0.81
CA THR D 390 -44.38 3.35 0.09
C THR D 390 -43.44 4.54 0.13
N MET D 391 -42.15 4.26 0.06
CA MET D 391 -41.15 5.30 -0.10
C MET D 391 -39.91 4.68 -0.71
N ALA D 392 -39.68 5.00 -1.97
CA ALA D 392 -38.47 4.64 -2.67
C ALA D 392 -37.72 5.94 -2.95
N PHE D 393 -36.48 5.84 -3.40
CA PHE D 393 -35.71 7.04 -3.72
C PHE D 393 -34.62 6.74 -4.74
N MET D 394 -34.02 7.79 -5.24
CA MET D 394 -32.89 7.63 -6.15
C MET D 394 -31.80 8.63 -5.80
N PHE D 395 -30.56 8.17 -5.86
CA PHE D 395 -29.40 9.04 -5.94
C PHE D 395 -29.05 9.02 -7.42
N GLU D 396 -29.30 10.11 -8.14
CA GLU D 396 -28.93 10.17 -9.56
C GLU D 396 -27.66 11.01 -9.72
N THR D 397 -26.62 10.43 -10.32
CA THR D 397 -25.32 11.08 -10.43
C THR D 397 -24.88 11.27 -11.89
N SER D 398 -24.22 12.40 -12.18
CA SER D 398 -23.77 12.68 -13.55
C SER D 398 -22.55 11.87 -13.96
N GLN D 399 -21.62 11.67 -13.04
CA GLN D 399 -20.50 10.79 -13.28
C GLN D 399 -20.92 9.31 -13.11
N VAL D 400 -20.31 8.45 -13.91
CA VAL D 400 -20.49 7.01 -13.77
C VAL D 400 -20.25 6.50 -12.36
N LEU D 401 -21.18 5.69 -11.87
CA LEU D 401 -21.02 4.95 -10.63
C LEU D 401 -20.32 3.61 -10.90
N ARG D 402 -19.13 3.42 -10.31
CA ARG D 402 -18.41 2.16 -10.37
C ARG D 402 -18.66 1.27 -9.13
N PRO D 403 -19.35 0.13 -9.31
CA PRO D 403 -19.58 -0.76 -8.16
C PRO D 403 -18.24 -1.21 -7.58
N SER D 404 -18.21 -1.43 -6.27
CA SER D 404 -17.01 -1.95 -5.61
C SER D 404 -16.87 -3.46 -5.83
N LEU D 405 -15.68 -3.98 -5.60
CA LEU D 405 -15.45 -5.42 -5.70
C LEU D 405 -16.40 -6.15 -4.75
N GLN D 406 -16.53 -5.60 -3.55
N GLN D 406 -16.53 -5.62 -3.53
CA GLN D 406 -17.39 -6.19 -2.54
CA GLN D 406 -17.43 -6.20 -2.55
C GLN D 406 -18.86 -6.27 -3.02
C GLN D 406 -18.83 -6.32 -3.13
N ALA D 407 -19.33 -5.22 -3.68
CA ALA D 407 -20.70 -5.19 -4.21
C ALA D 407 -20.91 -6.19 -5.36
N LEU D 408 -19.90 -6.35 -6.21
CA LEU D 408 -19.99 -7.27 -7.34
C LEU D 408 -19.83 -8.75 -6.93
N GLU D 409 -19.28 -9.00 -5.75
CA GLU D 409 -19.14 -10.37 -5.24
C GLU D 409 -20.09 -10.63 -4.07
N CYS D 410 -20.88 -9.62 -3.75
CA CYS D 410 -21.88 -9.70 -2.70
C CYS D 410 -22.82 -10.88 -2.99
N PRO D 411 -23.08 -11.71 -1.98
CA PRO D 411 -24.07 -12.79 -2.18
C PRO D 411 -25.45 -12.20 -2.45
N GLN D 412 -25.67 -10.95 -2.03
CA GLN D 412 -26.97 -10.32 -2.21
C GLN D 412 -27.19 -9.82 -3.63
N LEU D 413 -26.14 -9.90 -4.46
CA LEU D 413 -26.25 -9.52 -5.87
C LEU D 413 -27.07 -10.56 -6.61
N GLN D 414 -28.20 -10.11 -7.17
CA GLN D 414 -29.10 -11.03 -7.86
C GLN D 414 -28.50 -11.43 -9.21
N ALA D 415 -28.53 -12.73 -9.50
CA ALA D 415 -27.75 -13.25 -10.62
C ALA D 415 -28.43 -13.08 -11.96
N ASP D 416 -29.76 -12.95 -11.96
CA ASP D 416 -30.51 -12.87 -13.21
C ASP D 416 -31.51 -11.71 -13.22
N TYR D 417 -31.04 -10.52 -12.89
CA TYR D 417 -31.89 -9.34 -12.88
C TYR D 417 -32.43 -9.06 -14.28
N ASP D 418 -31.65 -9.39 -15.32
CA ASP D 418 -32.08 -9.11 -16.68
C ASP D 418 -33.36 -9.83 -17.06
N SER D 419 -33.66 -10.91 -16.36
CA SER D 419 -34.81 -11.73 -16.73
C SER D 419 -36.14 -11.01 -16.50
N CYS D 420 -36.16 -10.05 -15.60
CA CYS D 420 -37.41 -9.33 -15.28
C CYS D 420 -38.01 -8.59 -16.47
N TRP D 421 -37.20 -8.33 -17.51
CA TRP D 421 -37.71 -7.77 -18.76
C TRP D 421 -37.84 -8.81 -19.89
N ALA D 422 -37.39 -10.04 -19.61
CA ALA D 422 -37.22 -11.05 -20.66
C ALA D 422 -38.50 -11.43 -21.41
N THR D 423 -39.64 -11.24 -20.76
CA THR D 423 -40.92 -11.65 -21.34
C THR D 423 -41.67 -10.53 -22.08
N LEU D 424 -41.08 -9.33 -22.16
CA LEU D 424 -41.69 -8.24 -22.93
C LEU D 424 -42.03 -8.69 -24.36
N PRO D 425 -43.32 -8.60 -24.72
CA PRO D 425 -43.77 -9.09 -26.03
C PRO D 425 -43.82 -7.97 -27.05
N SER D 426 -43.73 -8.34 -28.32
CA SER D 426 -44.04 -7.43 -29.40
C SER D 426 -45.54 -7.44 -29.57
N THR D 427 -46.14 -6.25 -29.55
CA THR D 427 -47.55 -6.12 -29.83
C THR D 427 -47.75 -5.29 -31.10
N PHE D 428 -46.68 -5.19 -31.90
CA PHE D 428 -46.70 -4.35 -33.09
C PHE D 428 -47.54 -4.91 -34.22
N ASN D 429 -48.45 -4.09 -34.74
CA ASN D 429 -49.26 -4.44 -35.90
C ASN D 429 -49.23 -3.31 -36.93
N PRO D 430 -48.45 -3.48 -38.00
CA PRO D 430 -48.29 -2.40 -38.96
C PRO D 430 -49.58 -2.07 -39.70
N ASN D 431 -50.57 -2.94 -39.59
CA ASN D 431 -51.80 -2.78 -40.36
C ASN D 431 -52.89 -2.10 -39.58
N ARG D 432 -52.67 -1.88 -38.29
CA ARG D 432 -53.67 -1.29 -37.41
C ARG D 432 -53.09 -0.19 -36.51
N ARG D 433 -53.39 1.07 -36.81
CA ARG D 433 -52.92 2.20 -36.01
C ARG D 433 -53.41 2.08 -34.58
N ASP E 8 19.70 50.62 -15.20
CA ASP E 8 19.67 50.05 -16.53
C ASP E 8 18.28 49.54 -16.95
N LEU E 9 17.65 48.77 -16.06
CA LEU E 9 16.39 48.10 -16.41
C LEU E 9 15.18 49.03 -16.32
N HIS E 10 14.50 49.21 -17.45
CA HIS E 10 13.23 49.94 -17.43
C HIS E 10 12.05 48.97 -17.47
N TYR E 11 10.91 49.41 -16.96
CA TYR E 11 9.72 48.56 -16.89
C TYR E 11 8.50 49.33 -17.38
N LEU E 12 7.51 48.57 -17.85
CA LEU E 12 6.20 49.10 -18.25
C LEU E 12 5.13 48.71 -17.21
N SER E 13 4.27 49.65 -16.83
CA SER E 13 3.38 49.38 -15.71
C SER E 13 1.93 49.16 -16.12
N GLY E 14 1.21 48.38 -15.33
CA GLY E 14 -0.24 48.26 -15.45
C GLY E 14 -0.73 46.86 -15.74
N PHE E 15 -1.10 46.13 -14.68
CA PHE E 15 -1.55 44.74 -14.78
C PHE E 15 -2.63 44.55 -15.84
N GLY E 16 -2.42 43.59 -16.73
CA GLY E 16 -3.40 43.29 -17.77
C GLY E 16 -3.31 44.14 -19.03
N ASN E 17 -2.34 45.05 -19.07
CA ASN E 17 -2.24 45.98 -20.19
C ASN E 17 -1.94 45.34 -21.54
N GLU E 18 -2.46 45.96 -22.60
CA GLU E 18 -1.94 45.70 -23.95
C GLU E 18 -0.68 46.55 -24.08
N PHE E 19 0.47 45.92 -23.86
CA PHE E 19 1.75 46.61 -23.90
C PHE E 19 2.34 46.58 -25.31
N ALA E 20 3.29 47.48 -25.57
CA ALA E 20 4.04 47.49 -26.81
C ALA E 20 5.46 47.94 -26.51
N SER E 21 6.45 47.16 -26.96
CA SER E 21 7.86 47.46 -26.70
C SER E 21 8.72 47.04 -27.88
N GLU E 22 9.68 47.89 -28.26
CA GLU E 22 10.60 47.57 -29.34
C GLU E 22 12.02 48.05 -29.00
N ALA E 23 13.01 47.19 -29.26
CA ALA E 23 14.40 47.49 -28.94
C ALA E 23 15.14 48.16 -30.10
N LEU E 24 14.50 48.17 -31.26
CA LEU E 24 14.95 48.94 -32.43
C LEU E 24 13.77 49.77 -32.88
N PRO E 25 14.01 51.03 -33.27
CA PRO E 25 12.88 51.92 -33.62
C PRO E 25 12.12 51.41 -34.84
N GLY E 26 10.81 51.32 -34.75
CA GLY E 26 10.01 50.81 -35.85
C GLY E 26 10.06 49.30 -36.06
N ALA E 27 10.69 48.58 -35.13
CA ALA E 27 10.72 47.12 -35.23
C ALA E 27 9.31 46.51 -35.17
N LEU E 28 8.40 47.18 -34.47
CA LEU E 28 7.01 46.72 -34.48
C LEU E 28 6.34 47.15 -35.77
N PRO E 29 5.69 46.20 -36.47
CA PRO E 29 4.92 46.58 -37.66
C PRO E 29 3.82 47.56 -37.27
N VAL E 30 3.58 48.53 -38.14
CA VAL E 30 2.59 49.55 -37.82
C VAL E 30 1.27 49.27 -38.56
N GLY E 31 0.19 49.18 -37.79
CA GLY E 31 -1.14 49.01 -38.35
C GLY E 31 -1.54 47.58 -38.69
N GLN E 32 -0.66 46.63 -38.43
CA GLN E 32 -0.98 45.22 -38.65
C GLN E 32 -0.05 44.32 -37.81
N ASN E 33 -0.35 43.03 -37.75
CA ASN E 33 0.52 42.11 -37.02
C ASN E 33 1.45 41.26 -37.92
N SER E 34 1.06 41.07 -39.17
CA SER E 34 1.75 40.12 -40.04
C SER E 34 2.06 40.68 -41.42
N PRO E 35 2.96 41.68 -41.48
CA PRO E 35 3.42 42.18 -42.78
C PRO E 35 4.06 41.07 -43.58
N GLN E 36 3.96 41.14 -44.91
CA GLN E 36 4.65 40.18 -45.76
C GLN E 36 6.15 40.30 -45.57
N LYS E 37 6.63 41.54 -45.52
CA LYS E 37 8.04 41.80 -45.22
C LYS E 37 8.17 42.57 -43.91
N ALA E 38 8.50 41.86 -42.84
CA ALA E 38 8.58 42.47 -41.52
C ALA E 38 9.77 43.40 -41.39
N PRO E 39 9.58 44.47 -40.60
CA PRO E 39 10.68 45.39 -40.29
C PRO E 39 11.92 44.63 -39.82
N TYR E 40 13.08 45.07 -40.31
CA TYR E 40 14.39 44.48 -39.97
C TYR E 40 14.55 43.02 -40.41
N GLY E 41 13.60 42.52 -41.19
CA GLY E 41 13.66 41.15 -41.66
C GLY E 41 13.44 40.16 -40.55
N LEU E 42 12.69 40.57 -39.52
CA LEU E 42 12.30 39.71 -38.40
C LEU E 42 11.12 38.78 -38.75
N TYR E 43 10.91 37.75 -37.91
CA TYR E 43 9.76 36.86 -38.05
C TYR E 43 8.67 37.15 -37.02
N ALA E 44 7.41 37.21 -37.45
CA ALA E 44 6.28 37.39 -36.56
C ALA E 44 5.93 36.03 -35.97
N GLU E 45 5.71 36.00 -34.66
CA GLU E 45 5.27 34.78 -33.99
C GLU E 45 4.22 35.09 -32.92
N LEU E 46 3.10 34.36 -32.93
CA LEU E 46 2.05 34.55 -31.91
C LEU E 46 2.14 33.55 -30.76
N LEU E 47 2.21 34.06 -29.54
CA LEU E 47 2.16 33.22 -28.34
C LEU E 47 0.78 33.34 -27.72
N SER E 48 -0.07 32.34 -27.95
CA SER E 48 -1.43 32.33 -27.44
C SER E 48 -1.51 31.72 -26.03
N GLY E 49 -1.58 32.53 -24.99
CA GLY E 49 -1.64 32.00 -23.64
C GLY E 49 -3.00 31.45 -23.23
N THR E 50 -4.02 31.76 -24.01
CA THR E 50 -5.37 31.29 -23.73
C THR E 50 -5.99 30.83 -25.04
N ALA E 51 -7.10 30.15 -24.94
CA ALA E 51 -7.89 29.83 -26.13
C ALA E 51 -8.17 31.15 -26.86
N PHE E 52 -8.33 31.09 -28.19
CA PHE E 52 -8.58 32.30 -29.00
C PHE E 52 -9.87 32.98 -28.63
N THR E 53 -10.81 32.17 -28.15
CA THR E 53 -12.20 32.62 -27.96
C THR E 53 -12.54 33.00 -26.53
N MET E 54 -11.53 33.29 -25.71
CA MET E 54 -11.81 33.84 -24.39
C MET E 54 -12.48 35.20 -24.53
N ALA E 55 -13.33 35.56 -23.56
CA ALA E 55 -13.81 36.92 -23.48
C ALA E 55 -12.58 37.83 -23.39
N ARG E 56 -12.64 39.02 -23.97
CA ARG E 56 -11.45 39.88 -24.01
C ARG E 56 -10.84 40.13 -22.64
N SER E 57 -11.67 40.21 -21.60
CA SER E 57 -11.13 40.42 -20.25
C SER E 57 -10.23 39.27 -19.80
N GLU E 58 -10.37 38.10 -20.44
CA GLU E 58 -9.59 36.92 -20.04
C GLU E 58 -8.52 36.53 -21.05
N LEU E 59 -8.44 37.27 -22.16
CA LEU E 59 -7.47 37.00 -23.21
C LEU E 59 -6.04 37.27 -22.73
N ARG E 60 -5.14 36.32 -22.99
CA ARG E 60 -3.70 36.58 -22.85
C ARG E 60 -2.97 36.16 -24.12
N ARG E 61 -2.35 37.11 -24.82
CA ARG E 61 -1.64 36.75 -26.05
C ARG E 61 -0.67 37.84 -26.47
N THR E 62 0.44 37.41 -27.02
CA THR E 62 1.53 38.34 -27.31
C THR E 62 2.15 38.06 -28.67
N TRP E 63 2.17 39.07 -29.53
CA TRP E 63 2.88 38.99 -30.78
C TRP E 63 4.36 39.28 -30.56
N LEU E 64 5.21 38.43 -31.15
CA LEU E 64 6.66 38.57 -31.02
C LEU E 64 7.30 38.81 -32.40
N TYR E 65 8.27 39.69 -32.46
CA TYR E 65 9.00 39.91 -33.72
C TYR E 65 10.44 39.55 -33.47
N ARG E 66 10.87 38.43 -34.05
CA ARG E 66 12.07 37.76 -33.56
C ARG E 66 13.01 37.33 -34.68
N ILE E 67 14.27 37.19 -34.32
CA ILE E 67 15.32 36.88 -35.28
C ILE E 67 15.16 35.50 -35.90
N ARG E 68 14.83 34.51 -35.05
CA ARG E 68 14.55 33.16 -35.54
C ARG E 68 13.28 32.61 -34.92
N PRO E 69 12.45 31.93 -35.74
CA PRO E 69 11.18 31.38 -35.26
C PRO E 69 11.45 30.31 -34.21
N SER E 70 10.54 30.16 -33.25
CA SER E 70 10.71 29.15 -32.21
C SER E 70 10.71 27.76 -32.80
N ALA E 71 10.07 27.59 -33.97
CA ALA E 71 9.93 26.29 -34.61
C ALA E 71 11.26 25.71 -35.08
N LEU E 72 12.27 26.57 -35.19
CA LEU E 72 13.62 26.14 -35.56
C LEU E 72 14.31 25.46 -34.37
N HIS E 73 14.03 24.17 -34.20
CA HIS E 73 14.70 23.41 -33.16
C HIS E 73 14.62 21.94 -33.51
N PRO E 74 15.64 21.18 -33.12
CA PRO E 74 15.65 19.73 -33.39
C PRO E 74 14.79 19.02 -32.36
N ARG E 75 14.69 17.71 -32.48
CA ARG E 75 13.92 16.89 -31.56
C ARG E 75 14.33 17.12 -30.11
N PHE E 76 13.34 17.23 -29.23
CA PHE E 76 13.61 17.28 -27.80
C PHE E 76 13.93 15.88 -27.30
N GLU E 77 14.85 15.79 -26.36
CA GLU E 77 15.14 14.51 -25.71
C GLU E 77 15.08 14.59 -24.19
N ARG E 78 14.76 13.46 -23.58
CA ARG E 78 14.53 13.40 -22.15
C ARG E 78 15.85 13.46 -21.39
N LEU E 79 16.01 14.43 -20.51
CA LEU E 79 17.26 14.54 -19.77
C LEU E 79 17.36 13.39 -18.76
N ALA E 80 18.60 13.07 -18.38
CA ALA E 80 18.84 12.01 -17.41
C ALA E 80 18.50 12.53 -16.02
N ARG E 81 18.90 13.77 -15.75
CA ARG E 81 18.62 14.41 -14.47
C ARG E 81 17.18 14.94 -14.40
N GLN E 82 16.43 14.43 -13.42
CA GLN E 82 15.01 14.76 -13.24
C GLN E 82 14.68 15.04 -11.78
N PRO E 83 14.49 16.31 -11.43
CA PRO E 83 14.25 16.68 -10.02
C PRO E 83 12.80 16.46 -9.57
N LEU E 84 11.87 16.28 -10.49
CA LEU E 84 10.45 16.22 -10.14
C LEU E 84 9.83 14.84 -10.25
N GLY E 85 10.67 13.82 -10.46
CA GLY E 85 10.19 12.48 -10.72
C GLY E 85 9.88 11.64 -9.49
N GLY E 86 9.96 12.24 -8.31
CA GLY E 86 9.68 11.53 -7.07
C GLY E 86 8.19 11.32 -6.87
N PRO E 87 7.82 10.18 -6.26
CA PRO E 87 6.39 9.85 -6.11
C PRO E 87 5.69 10.70 -5.04
N LEU E 88 4.37 10.76 -5.11
CA LEU E 88 3.60 11.40 -4.05
C LEU E 88 3.81 10.61 -2.77
N GLY E 89 3.78 11.31 -1.64
CA GLY E 89 3.86 10.64 -0.35
C GLY E 89 2.58 9.90 -0.07
N GLY E 90 2.59 9.13 1.01
CA GLY E 90 1.38 8.42 1.44
C GLY E 90 0.31 9.39 1.87
N ILE E 91 -0.91 8.87 2.02
CA ILE E 91 -2.00 9.65 2.58
C ILE E 91 -1.62 10.08 4.01
N ASN E 92 -1.86 11.34 4.34
CA ASN E 92 -1.55 11.83 5.68
C ASN E 92 -2.32 13.09 6.04
N PRO E 93 -3.23 12.99 7.02
CA PRO E 93 -4.13 14.11 7.35
C PRO E 93 -3.49 15.09 8.32
N ASN E 94 -2.30 14.76 8.83
CA ASN E 94 -1.70 15.58 9.87
C ASN E 94 -1.32 16.99 9.48
N ARG E 95 -1.26 17.84 10.51
CA ARG E 95 -0.79 19.21 10.38
C ARG E 95 0.73 19.14 10.31
N LEU E 96 1.33 19.74 9.29
CA LEU E 96 2.77 19.55 9.06
C LEU E 96 3.49 20.90 9.07
N ARG E 97 4.72 20.90 9.57
CA ARG E 97 5.57 22.09 9.50
C ARG E 97 7.02 21.69 9.22
N TRP E 98 7.63 22.40 8.28
CA TRP E 98 9.02 22.18 7.89
C TRP E 98 9.88 23.35 8.33
N SER E 99 11.10 23.06 8.77
CA SER E 99 12.13 24.07 8.96
C SER E 99 12.69 24.47 7.59
N PRO E 100 13.46 25.56 7.55
CA PRO E 100 13.99 26.02 6.26
C PRO E 100 14.79 24.95 5.53
N GLN E 101 14.80 25.00 4.20
CA GLN E 101 15.52 24.02 3.39
C GLN E 101 16.95 24.49 3.16
N PRO E 102 17.93 23.63 3.44
CA PRO E 102 19.31 24.01 3.14
C PRO E 102 19.59 24.00 1.64
N ILE E 103 20.58 24.77 1.19
CA ILE E 103 21.00 24.73 -0.19
C ILE E 103 21.99 23.60 -0.39
N PRO E 104 21.71 22.70 -1.34
CA PRO E 104 22.56 21.55 -1.64
C PRO E 104 23.99 21.94 -2.01
N ALA E 105 24.94 21.05 -1.75
CA ALA E 105 26.34 21.30 -2.05
C ALA E 105 26.61 21.16 -3.53
N GLU E 106 26.01 20.13 -4.14
CA GLU E 106 26.21 19.87 -5.56
C GLU E 106 25.57 20.94 -6.44
N PRO E 107 26.21 21.22 -7.59
CA PRO E 107 25.77 22.22 -8.57
C PRO E 107 24.31 22.00 -9.00
N THR E 108 23.53 23.06 -8.82
CA THR E 108 22.08 23.02 -8.98
C THR E 108 21.63 24.39 -9.42
N ASP E 109 21.11 24.50 -10.63
CA ASP E 109 20.61 25.79 -11.12
C ASP E 109 19.13 25.93 -10.78
N PHE E 110 18.51 27.02 -11.21
CA PHE E 110 17.12 27.30 -10.84
C PHE E 110 16.14 26.13 -11.09
N ILE E 111 16.17 25.57 -12.30
CA ILE E 111 15.20 24.52 -12.63
C ILE E 111 15.56 23.16 -12.04
N GLU E 112 16.83 22.95 -11.77
CA GLU E 112 17.29 21.70 -11.16
C GLU E 112 16.98 21.66 -9.67
N GLY E 113 16.70 22.83 -9.09
CA GLY E 113 16.63 22.98 -7.64
C GLY E 113 15.24 23.03 -7.00
N TRP E 114 14.19 22.73 -7.77
CA TRP E 114 12.83 22.71 -7.21
C TRP E 114 12.62 21.48 -6.34
N LEU E 115 12.26 21.69 -5.08
CA LEU E 115 11.95 20.61 -4.18
C LEU E 115 10.43 20.55 -4.05
N PRO E 116 9.79 19.50 -4.61
CA PRO E 116 8.34 19.40 -4.54
C PRO E 116 7.89 19.25 -3.09
N MET E 117 7.08 20.18 -2.61
CA MET E 117 6.57 20.12 -1.25
C MET E 117 5.20 19.42 -1.22
N ALA E 118 4.21 19.96 -1.92
CA ALA E 118 2.89 19.36 -2.00
C ALA E 118 2.17 19.82 -3.25
N ALA E 119 1.26 19.01 -3.77
CA ALA E 119 0.61 19.28 -5.04
C ALA E 119 -0.78 18.68 -5.10
N ASN E 120 -1.65 19.24 -5.95
CA ASN E 120 -3.01 18.73 -6.12
C ASN E 120 -3.05 17.41 -6.87
N ALA E 121 -2.03 17.15 -7.67
CA ALA E 121 -1.96 15.90 -8.43
C ALA E 121 -0.50 15.50 -8.68
N GLY E 122 -0.29 14.28 -9.19
CA GLY E 122 1.05 13.80 -9.50
C GLY E 122 1.65 14.60 -10.63
N ALA E 123 2.98 14.69 -10.67
CA ALA E 123 3.63 15.57 -11.65
C ALA E 123 3.27 15.23 -13.09
N GLU E 124 2.91 13.97 -13.33
CA GLU E 124 2.70 13.50 -14.69
C GLU E 124 1.30 13.80 -15.22
N LYS E 125 0.42 14.25 -14.33
CA LYS E 125 -0.91 14.71 -14.73
C LYS E 125 -1.23 16.00 -14.01
N PRO E 126 -0.54 17.08 -14.41
CA PRO E 126 -0.68 18.32 -13.65
C PRO E 126 -2.11 18.85 -13.68
N ALA E 127 -2.53 19.37 -12.53
CA ALA E 127 -3.86 19.95 -12.36
C ALA E 127 -3.84 20.82 -11.11
N GLY E 128 -4.58 21.91 -11.13
CA GLY E 128 -4.67 22.79 -9.99
C GLY E 128 -3.37 23.49 -9.70
N VAL E 129 -2.76 23.15 -8.57
CA VAL E 129 -1.53 23.80 -8.18
C VAL E 129 -0.47 22.78 -7.75
N SER E 130 0.79 23.09 -8.05
CA SER E 130 1.91 22.33 -7.51
C SER E 130 2.80 23.30 -6.75
N ILE E 131 3.22 22.90 -5.55
CA ILE E 131 4.05 23.77 -4.72
C ILE E 131 5.49 23.29 -4.52
N TYR E 132 6.44 24.17 -4.76
CA TYR E 132 7.85 23.81 -4.59
C TYR E 132 8.63 24.81 -3.74
N ILE E 133 9.74 24.36 -3.19
CA ILE E 133 10.74 25.29 -2.69
C ILE E 133 11.99 25.12 -3.54
N TYR E 134 12.47 26.22 -4.12
CA TYR E 134 13.68 26.17 -4.95
C TYR E 134 14.91 26.56 -4.15
N ARG E 135 16.00 25.81 -4.39
CA ARG E 135 17.31 26.09 -3.84
C ARG E 135 18.35 25.93 -4.95
N ALA E 136 19.11 27.00 -5.21
CA ALA E 136 20.03 27.00 -6.35
C ALA E 136 21.37 27.58 -5.95
N ASN E 137 22.44 27.10 -6.57
CA ASN E 137 23.76 27.65 -6.30
C ASN E 137 24.56 27.99 -7.56
N ARG E 138 23.88 27.94 -8.72
CA ARG E 138 24.46 28.29 -10.01
C ARG E 138 23.46 29.10 -10.86
N SER E 139 23.95 30.04 -11.65
CA SER E 139 23.10 30.67 -12.66
C SER E 139 22.84 29.65 -13.77
N MET E 140 21.67 29.75 -14.40
CA MET E 140 21.33 28.88 -15.51
C MET E 140 22.20 29.22 -16.74
N GLU E 141 22.79 28.19 -17.32
CA GLU E 141 23.52 28.32 -18.57
C GLU E 141 22.68 27.61 -19.63
N ARG E 142 21.42 28.01 -19.70
CA ARG E 142 20.51 27.54 -20.72
C ARG E 142 19.23 28.32 -20.59
N VAL E 143 18.29 28.03 -21.49
CA VAL E 143 17.01 28.69 -21.51
C VAL E 143 15.92 27.62 -21.27
N PHE E 144 14.82 28.02 -20.65
CA PHE E 144 13.82 27.07 -20.15
C PHE E 144 12.42 27.61 -20.36
N PHE E 145 11.49 26.73 -20.71
CA PHE E 145 10.06 27.05 -20.65
C PHE E 145 9.25 25.93 -19.98
N ASN E 146 8.16 26.32 -19.34
CA ASN E 146 7.36 25.36 -18.60
C ASN E 146 6.03 25.13 -19.33
N ALA E 147 5.85 23.95 -19.91
CA ALA E 147 4.62 23.71 -20.65
C ALA E 147 3.45 23.36 -19.74
N ASP E 148 3.74 23.09 -18.45
CA ASP E 148 2.71 22.57 -17.53
C ASP E 148 1.94 23.64 -16.76
N GLY E 149 2.45 24.87 -16.77
CA GLY E 149 1.72 25.93 -16.10
C GLY E 149 2.43 27.26 -15.99
N GLU E 150 1.71 28.23 -15.43
CA GLU E 150 2.19 29.55 -15.09
C GLU E 150 2.98 29.43 -13.78
N LEU E 151 4.05 30.23 -13.66
CA LEU E 151 4.88 30.18 -12.44
C LEU E 151 4.84 31.46 -11.61
N LEU E 152 4.52 31.32 -10.33
CA LEU E 152 4.62 32.43 -9.39
C LEU E 152 5.81 32.20 -8.48
N LEU E 153 6.74 33.15 -8.50
CA LEU E 153 7.98 33.04 -7.73
C LEU E 153 7.99 34.01 -6.56
N VAL E 154 8.34 33.51 -5.39
CA VAL E 154 8.35 34.29 -4.16
C VAL E 154 9.70 34.09 -3.52
N PRO E 155 10.67 34.93 -3.89
CA PRO E 155 12.04 34.84 -3.37
C PRO E 155 12.09 35.06 -1.86
N GLU E 156 12.97 34.31 -1.18
CA GLU E 156 13.12 34.46 0.26
C GLU E 156 14.56 34.83 0.62
N GLN E 157 15.53 34.12 0.04
CA GLN E 157 16.94 34.48 0.15
C GLN E 157 17.59 34.68 -1.23
N GLY E 158 18.17 35.84 -1.47
CA GLY E 158 18.93 36.08 -2.68
C GLY E 158 18.12 36.64 -3.85
N ARG E 159 18.73 37.56 -4.58
CA ARG E 159 18.09 38.21 -5.71
C ARG E 159 18.24 37.41 -7.01
N LEU E 160 17.24 37.52 -7.87
CA LEU E 160 17.25 36.85 -9.16
C LEU E 160 17.25 37.87 -10.28
N ARG E 161 17.96 37.57 -11.36
CA ARG E 161 17.81 38.30 -12.61
C ARG E 161 17.17 37.31 -13.56
N ILE E 162 15.97 37.62 -14.03
CA ILE E 162 15.24 36.73 -14.90
C ILE E 162 15.17 37.30 -16.32
N ALA E 163 15.95 36.70 -17.22
CA ALA E 163 15.94 37.10 -18.62
C ALA E 163 14.85 36.33 -19.32
N THR E 164 13.82 37.03 -19.77
CA THR E 164 12.74 36.39 -20.50
C THR E 164 12.74 36.87 -21.93
N GLU E 165 11.99 36.17 -22.76
CA GLU E 165 11.78 36.56 -24.14
C GLU E 165 11.34 38.01 -24.32
N LEU E 166 10.59 38.55 -23.36
CA LEU E 166 10.08 39.90 -23.50
C LEU E 166 10.97 40.93 -22.80
N GLY E 167 12.09 40.46 -22.23
CA GLY E 167 12.99 41.36 -21.54
C GLY E 167 13.43 40.85 -20.19
N VAL E 168 14.26 41.65 -19.52
CA VAL E 168 14.88 41.23 -18.28
C VAL E 168 14.23 41.89 -17.06
N MET E 169 13.99 41.10 -16.03
CA MET E 169 13.55 41.67 -14.76
C MET E 169 14.37 41.15 -13.58
N GLU E 170 14.53 42.01 -12.57
CA GLU E 170 15.24 41.63 -11.35
C GLU E 170 14.26 41.58 -10.19
N VAL E 171 14.40 40.57 -9.35
CA VAL E 171 13.46 40.37 -8.27
C VAL E 171 14.22 40.04 -7.00
N GLU E 172 13.87 40.74 -5.92
CA GLU E 172 14.43 40.43 -4.60
C GLU E 172 13.35 39.97 -3.64
N PRO E 173 13.76 39.38 -2.52
CA PRO E 173 12.74 39.01 -1.52
C PRO E 173 11.87 40.22 -1.13
N LEU E 174 10.58 39.96 -0.91
CA LEU E 174 9.55 40.98 -0.66
C LEU E 174 8.93 41.47 -1.98
N GLU E 175 9.49 41.02 -3.10
CA GLU E 175 8.89 41.16 -4.42
C GLU E 175 8.42 39.79 -4.89
N ILE E 176 7.53 39.75 -5.87
CA ILE E 176 7.13 38.47 -6.47
C ILE E 176 7.30 38.59 -7.98
N ALA E 177 7.36 37.44 -8.67
CA ALA E 177 7.43 37.46 -10.11
C ALA E 177 6.58 36.35 -10.69
N VAL E 178 5.98 36.60 -11.85
CA VAL E 178 5.14 35.61 -12.52
C VAL E 178 5.59 35.43 -13.96
N ILE E 179 5.77 34.17 -14.35
CA ILE E 179 6.13 33.81 -15.73
C ILE E 179 5.03 32.98 -16.41
N PRO E 180 4.47 33.50 -17.50
CA PRO E 180 3.45 32.78 -18.25
C PRO E 180 3.92 31.41 -18.72
N ARG E 181 2.98 30.47 -18.71
CA ARG E 181 3.21 29.17 -19.29
C ARG E 181 3.76 29.30 -20.72
N GLY E 182 4.75 28.48 -21.04
CA GLY E 182 5.28 28.46 -22.39
C GLY E 182 6.38 29.48 -22.67
N MET E 183 6.50 30.51 -21.83
CA MET E 183 7.47 31.57 -22.10
C MET E 183 8.86 31.12 -21.70
N LYS E 184 9.82 31.39 -22.57
CA LYS E 184 11.21 31.03 -22.34
C LYS E 184 11.88 32.04 -21.40
N PHE E 185 12.68 31.54 -20.47
CA PHE E 185 13.46 32.42 -19.60
C PHE E 185 14.73 31.75 -19.11
N ARG E 186 15.60 32.55 -18.52
CA ARG E 186 16.85 32.07 -17.93
C ARG E 186 17.02 32.79 -16.58
N VAL E 187 17.28 32.03 -15.53
CA VAL E 187 17.34 32.62 -14.19
C VAL E 187 18.80 32.72 -13.74
N GLU E 188 19.26 33.96 -13.58
CA GLU E 188 20.61 34.22 -13.12
C GLU E 188 20.60 34.64 -11.65
N LEU E 189 21.57 34.13 -10.88
CA LEU E 189 21.66 34.43 -9.45
C LEU E 189 22.58 35.63 -9.23
N LEU E 190 22.07 36.67 -8.59
CA LEU E 190 22.85 37.87 -8.36
C LEU E 190 23.70 37.77 -7.10
N ASP E 191 23.35 36.84 -6.22
CA ASP E 191 24.03 36.68 -4.94
C ASP E 191 24.64 35.29 -4.75
N GLY E 192 24.94 34.62 -5.85
CA GLY E 192 25.63 33.33 -5.77
C GLY E 192 24.74 32.14 -5.48
N GLN E 193 23.84 32.31 -4.52
CA GLN E 193 22.85 31.26 -4.25
C GLN E 193 21.49 31.88 -4.02
N ALA E 194 20.45 31.06 -4.04
CA ALA E 194 19.09 31.57 -3.92
C ALA E 194 18.13 30.51 -3.41
N ARG E 195 17.14 30.95 -2.64
CA ARG E 195 16.12 30.07 -2.07
C ARG E 195 14.80 30.85 -2.05
N GLY E 196 13.70 30.18 -2.32
CA GLY E 196 12.40 30.84 -2.40
C GLY E 196 11.29 29.85 -2.69
N TYR E 197 10.06 30.35 -2.76
CA TYR E 197 8.91 29.49 -2.93
C TYR E 197 8.34 29.61 -4.34
N ILE E 198 7.74 28.52 -4.83
CA ILE E 198 7.08 28.53 -6.13
C ILE E 198 5.67 27.96 -6.05
N ALA E 199 4.69 28.69 -6.59
CA ALA E 199 3.40 28.07 -6.85
C ALA E 199 3.26 27.93 -8.36
N GLU E 200 3.25 26.69 -8.84
CA GLU E 200 3.01 26.38 -10.24
C GLU E 200 1.51 26.21 -10.46
N ASN E 201 0.94 27.13 -11.23
CA ASN E 201 -0.49 27.18 -11.46
C ASN E 201 -0.84 26.56 -12.79
N HIS E 202 -1.54 25.42 -12.75
CA HIS E 202 -1.89 24.70 -13.95
C HIS E 202 -3.28 25.08 -14.46
N GLY E 203 -3.99 25.94 -13.72
CA GLY E 203 -5.33 26.33 -14.09
C GLY E 203 -5.42 27.72 -14.69
N ALA E 204 -6.53 28.41 -14.44
CA ALA E 204 -6.75 29.73 -15.01
C ALA E 204 -5.68 30.70 -14.49
N PRO E 205 -5.13 31.54 -15.37
CA PRO E 205 -4.03 32.44 -15.01
C PRO E 205 -4.34 33.33 -13.80
N LEU E 206 -3.34 33.56 -12.96
CA LEU E 206 -3.49 34.46 -11.83
C LEU E 206 -3.95 35.83 -12.31
N ARG E 207 -4.76 36.49 -11.50
CA ARG E 207 -5.15 37.86 -11.82
C ARG E 207 -5.59 38.56 -10.54
N LEU E 208 -5.93 39.84 -10.63
CA LEU E 208 -6.37 40.57 -9.44
C LEU E 208 -7.77 40.12 -8.98
N PRO E 209 -7.96 40.03 -7.64
CA PRO E 209 -9.26 39.56 -7.14
C PRO E 209 -10.34 40.58 -7.44
N ASP E 210 -11.59 40.13 -7.49
CA ASP E 210 -12.72 41.06 -7.52
C ASP E 210 -12.73 41.76 -6.17
N LEU E 211 -12.87 43.08 -6.18
CA LEU E 211 -12.66 43.84 -4.95
C LEU E 211 -13.90 43.97 -4.07
N GLY E 212 -15.07 43.70 -4.65
CA GLY E 212 -16.32 43.83 -3.92
C GLY E 212 -16.47 45.24 -3.40
N PRO E 213 -16.85 45.39 -2.11
CA PRO E 213 -17.10 46.70 -1.50
C PRO E 213 -15.86 47.57 -1.41
N ILE E 214 -14.69 46.94 -1.44
CA ILE E 214 -13.43 47.68 -1.47
C ILE E 214 -13.39 48.57 -2.72
N GLY E 215 -14.05 48.13 -3.79
CA GLY E 215 -14.36 49.02 -4.90
C GLY E 215 -13.41 49.01 -6.08
N SER E 216 -12.73 50.13 -6.29
CA SER E 216 -11.97 50.38 -7.52
C SER E 216 -10.52 50.72 -7.25
N ASN E 217 -10.11 50.70 -5.98
CA ASN E 217 -8.71 50.90 -5.59
C ASN E 217 -8.43 50.07 -4.34
N GLY E 218 -7.16 49.77 -4.09
CA GLY E 218 -6.77 49.09 -2.86
C GLY E 218 -6.20 47.70 -3.08
N LEU E 219 -5.77 47.07 -2.00
CA LEU E 219 -5.05 45.80 -2.06
C LEU E 219 -3.86 45.99 -2.99
N ALA E 220 -3.70 45.14 -4.00
CA ALA E 220 -2.62 45.35 -4.96
C ALA E 220 -3.14 46.21 -6.11
N ASN E 221 -2.60 47.43 -6.19
CA ASN E 221 -3.01 48.37 -7.23
C ASN E 221 -2.32 48.03 -8.55
N PRO E 222 -3.05 48.06 -9.66
CA PRO E 222 -2.51 47.51 -10.90
C PRO E 222 -1.36 48.33 -11.48
N ARG E 223 -1.26 49.60 -11.10
CA ARG E 223 -0.14 50.45 -11.53
C ARG E 223 1.21 49.91 -11.07
N ASP E 224 1.20 49.09 -10.01
CA ASP E 224 2.44 48.55 -9.43
C ASP E 224 2.93 47.23 -10.03
N PHE E 225 2.24 46.72 -11.04
CA PHE E 225 2.71 45.49 -11.67
C PHE E 225 3.53 45.85 -12.90
N LEU E 226 4.79 45.44 -12.88
CA LEU E 226 5.80 45.94 -13.83
C LEU E 226 6.24 44.83 -14.76
N THR E 227 6.36 45.18 -16.04
CA THR E 227 6.76 44.25 -17.08
C THR E 227 8.00 44.80 -17.77
N PRO E 228 8.98 43.94 -18.06
CA PRO E 228 10.24 44.46 -18.59
C PRO E 228 10.11 44.97 -20.02
N VAL E 229 11.08 45.77 -20.48
CA VAL E 229 11.07 46.21 -21.87
C VAL E 229 11.84 45.25 -22.75
N ALA E 230 11.61 45.33 -24.05
CA ALA E 230 12.22 44.40 -24.99
C ALA E 230 13.75 44.37 -24.93
N HIS E 231 14.30 43.19 -25.10
CA HIS E 231 15.75 42.99 -25.10
C HIS E 231 16.07 41.64 -25.75
N TYR E 232 16.99 41.66 -26.73
CA TYR E 232 17.35 40.45 -27.45
C TYR E 232 18.85 40.16 -27.39
N GLU E 233 19.20 38.89 -27.63
CA GLU E 233 20.59 38.43 -27.60
C GLU E 233 20.93 37.91 -28.99
N GLU E 234 22.20 38.00 -29.36
CA GLU E 234 22.65 37.55 -30.69
C GLU E 234 23.77 36.51 -30.60
N ALA E 235 24.04 36.04 -29.39
CA ALA E 235 25.07 35.03 -29.16
C ALA E 235 24.94 33.82 -30.09
N GLU E 236 25.91 33.65 -30.98
CA GLU E 236 25.96 32.44 -31.81
C GLU E 236 26.81 31.36 -31.12
N GLY E 237 26.36 30.13 -31.25
CA GLY E 237 26.98 29.01 -30.57
C GLY E 237 25.94 28.23 -29.80
N PRO E 238 26.25 26.96 -29.48
CA PRO E 238 25.30 26.04 -28.85
C PRO E 238 24.59 26.64 -27.63
N VAL E 239 23.27 26.53 -27.63
CA VAL E 239 22.48 26.90 -26.46
C VAL E 239 21.50 25.77 -26.16
N GLN E 240 21.40 25.37 -24.90
CA GLN E 240 20.43 24.33 -24.55
C GLN E 240 19.06 24.90 -24.18
N LEU E 241 18.02 24.37 -24.82
CA LEU E 241 16.64 24.72 -24.54
C LEU E 241 15.98 23.56 -23.80
N VAL E 242 15.61 23.79 -22.54
CA VAL E 242 14.91 22.78 -21.75
C VAL E 242 13.45 23.17 -21.59
N GLN E 243 12.55 22.20 -21.71
CA GLN E 243 11.14 22.42 -21.36
C GLN E 243 10.68 21.44 -20.29
N LYS E 244 9.84 21.90 -19.39
CA LYS E 244 9.18 20.99 -18.46
C LYS E 244 7.87 20.60 -19.08
N PHE E 245 7.70 19.29 -19.32
CA PHE E 245 6.46 18.74 -19.85
C PHE E 245 6.00 17.52 -19.04
N LEU E 246 4.75 17.56 -18.60
CA LEU E 246 4.20 16.52 -17.72
C LEU E 246 5.19 16.16 -16.62
N GLY E 247 5.78 17.18 -16.01
CA GLY E 247 6.67 16.98 -14.89
C GLY E 247 8.10 16.61 -15.28
N GLU E 248 8.33 16.37 -16.56
CA GLU E 248 9.63 15.89 -17.03
C GLU E 248 10.47 16.98 -17.70
N HIS E 249 11.78 16.99 -17.45
CA HIS E 249 12.68 17.87 -18.18
C HIS E 249 13.11 17.24 -19.51
N TRP E 250 12.77 17.89 -20.61
CA TRP E 250 13.22 17.49 -21.95
C TRP E 250 14.06 18.63 -22.53
N ALA E 251 14.98 18.30 -23.43
CA ALA E 251 15.88 19.31 -23.97
C ALA E 251 16.29 19.06 -25.41
N CYS E 252 16.60 20.15 -26.12
CA CYS E 252 17.25 20.07 -27.41
C CYS E 252 18.36 21.11 -27.43
N GLU E 253 19.23 21.04 -28.42
CA GLU E 253 20.30 22.03 -28.54
C GLU E 253 20.05 22.89 -29.77
N LEU E 254 20.06 24.20 -29.57
CA LEU E 254 19.99 25.17 -30.64
C LEU E 254 21.36 25.77 -30.92
N GLN E 255 21.50 26.38 -32.09
CA GLN E 255 22.74 27.05 -32.44
C GLN E 255 22.58 28.57 -32.37
N HIS E 256 21.55 29.02 -31.67
CA HIS E 256 21.31 30.45 -31.55
C HIS E 256 20.68 30.68 -30.18
N SER E 257 20.61 31.95 -29.75
CA SER E 257 19.90 32.22 -28.50
C SER E 257 18.41 32.38 -28.76
N PRO E 258 17.59 31.67 -27.98
CA PRO E 258 16.15 31.77 -28.17
C PRO E 258 15.56 33.03 -27.52
N LEU E 259 16.39 33.82 -26.83
CA LEU E 259 15.95 35.13 -26.37
C LEU E 259 16.30 36.18 -27.44
N ASP E 260 15.71 35.97 -28.62
CA ASP E 260 16.00 36.78 -29.81
C ASP E 260 14.82 37.64 -30.27
N VAL E 261 13.97 38.07 -29.34
CA VAL E 261 12.81 38.90 -29.66
C VAL E 261 13.18 40.39 -29.67
N VAL E 262 13.16 41.01 -30.84
CA VAL E 262 13.56 42.41 -30.95
C VAL E 262 12.40 43.34 -30.59
N ALA E 263 11.18 42.89 -30.83
CA ALA E 263 10.02 43.68 -30.44
C ALA E 263 8.80 42.79 -30.16
N TRP E 264 7.84 43.33 -29.43
CA TRP E 264 6.66 42.54 -29.04
C TRP E 264 5.53 43.45 -28.57
N HIS E 265 4.30 42.99 -28.71
CA HIS E 265 3.16 43.72 -28.19
C HIS E 265 2.07 42.72 -27.76
N GLY E 266 1.28 43.09 -26.75
CA GLY E 266 0.23 42.21 -26.27
C GLY E 266 0.15 42.12 -24.75
N SER E 267 -0.62 41.14 -24.27
CA SER E 267 -1.01 41.02 -22.86
C SER E 267 -0.46 39.79 -22.11
N ASN E 268 0.11 38.84 -22.83
CA ASN E 268 0.66 37.65 -22.17
C ASN E 268 2.12 37.90 -21.78
N VAL E 269 2.33 38.46 -20.59
CA VAL E 269 3.64 39.01 -20.26
C VAL E 269 4.17 38.56 -18.90
N PRO E 270 5.49 38.51 -18.77
CA PRO E 270 6.03 38.30 -17.43
C PRO E 270 5.89 39.61 -16.69
N TYR E 271 5.80 39.54 -15.37
CA TYR E 271 5.66 40.73 -14.56
C TYR E 271 6.18 40.54 -13.14
N LYS E 272 6.37 41.63 -12.43
CA LYS E 272 6.84 41.56 -11.06
C LYS E 272 6.06 42.54 -10.20
N TYR E 273 6.06 42.31 -8.90
CA TYR E 273 5.28 43.15 -8.03
C TYR E 273 5.98 43.26 -6.68
N ASP E 274 5.96 44.45 -6.08
CA ASP E 274 6.63 44.69 -4.80
C ASP E 274 5.59 44.67 -3.69
N LEU E 275 5.63 43.64 -2.87
CA LEU E 275 4.63 43.49 -1.81
C LEU E 275 4.66 44.63 -0.80
N ARG E 276 5.76 45.38 -0.75
CA ARG E 276 5.81 46.54 0.16
C ARG E 276 4.80 47.60 -0.27
N ARG E 277 4.30 47.48 -1.49
CA ARG E 277 3.35 48.45 -2.02
C ARG E 277 1.88 48.07 -1.79
N PHE E 278 1.63 46.92 -1.17
CA PHE E 278 0.26 46.42 -0.99
C PHE E 278 -0.54 47.39 -0.14
N ASN E 279 -1.71 47.79 -0.63
CA ASN E 279 -2.58 48.72 0.08
C ASN E 279 -3.44 47.95 1.04
N THR E 280 -2.84 47.51 2.15
CA THR E 280 -3.49 46.60 3.08
C THR E 280 -4.76 47.18 3.68
N ILE E 281 -5.86 46.42 3.56
CA ILE E 281 -7.16 46.75 4.15
C ILE E 281 -7.43 45.80 5.29
N GLY E 282 -7.96 46.31 6.40
CA GLY E 282 -8.32 45.45 7.52
C GLY E 282 -9.36 46.07 8.41
N THR E 283 -9.51 45.54 9.62
CA THR E 283 -10.48 46.13 10.53
C THR E 283 -10.00 47.45 11.13
N VAL E 284 -10.88 48.44 11.13
CA VAL E 284 -10.66 49.70 11.83
C VAL E 284 -11.64 49.85 12.99
N SER E 285 -12.08 48.72 13.54
CA SER E 285 -13.12 48.71 14.56
C SER E 285 -12.91 47.58 15.57
N PHE E 286 -13.38 46.38 15.21
CA PHE E 286 -13.25 45.21 16.07
C PHE E 286 -13.20 43.94 15.22
N ASP E 287 -13.12 42.80 15.88
CA ASP E 287 -12.99 41.49 15.24
C ASP E 287 -11.73 41.33 14.34
N HIS E 288 -11.61 40.18 13.69
CA HIS E 288 -10.42 39.82 12.91
C HIS E 288 -10.90 39.38 11.52
N PRO E 289 -10.68 40.22 10.50
CA PRO E 289 -11.19 39.89 9.16
C PRO E 289 -10.66 38.58 8.58
N ASP E 290 -11.49 37.92 7.77
CA ASP E 290 -11.08 36.73 7.02
C ASP E 290 -9.82 37.07 6.20
N PRO E 291 -8.83 36.18 6.21
CA PRO E 291 -7.57 36.47 5.51
C PRO E 291 -7.69 36.50 3.98
N SER E 292 -8.86 36.25 3.43
CA SER E 292 -9.06 36.52 2.00
C SER E 292 -8.88 38.00 1.75
N ILE E 293 -8.99 38.80 2.81
CA ILE E 293 -8.90 40.24 2.65
C ILE E 293 -7.47 40.66 2.27
N PHE E 294 -6.51 39.75 2.43
CA PHE E 294 -5.10 40.02 2.08
C PHE E 294 -4.71 39.48 0.69
N THR E 295 -5.70 39.23 -0.16
CA THR E 295 -5.43 38.57 -1.44
C THR E 295 -4.66 39.47 -2.38
N VAL E 296 -3.52 38.99 -2.86
CA VAL E 296 -2.71 39.73 -3.84
C VAL E 296 -3.13 39.31 -5.25
N LEU E 297 -3.02 38.01 -5.53
CA LEU E 297 -3.46 37.44 -6.81
C LEU E 297 -4.34 36.20 -6.58
N THR E 298 -5.21 35.90 -7.54
CA THR E 298 -6.05 34.70 -7.46
C THR E 298 -6.20 34.00 -8.82
N SER E 299 -6.32 32.68 -8.77
CA SER E 299 -6.61 31.86 -9.94
C SER E 299 -8.01 31.26 -9.77
N PRO E 300 -8.94 31.62 -10.64
CA PRO E 300 -10.30 31.12 -10.39
C PRO E 300 -10.50 29.70 -10.87
N THR E 301 -11.65 29.10 -10.49
CA THR E 301 -12.16 27.93 -11.18
C THR E 301 -13.46 28.32 -11.84
N SER E 302 -14.13 27.37 -12.50
CA SER E 302 -15.44 27.63 -13.09
C SER E 302 -16.50 27.69 -12.01
N VAL E 303 -16.15 27.32 -10.79
CA VAL E 303 -17.07 27.49 -9.67
C VAL E 303 -16.93 28.90 -9.12
N HIS E 304 -17.96 29.73 -9.32
CA HIS E 304 -17.86 31.11 -8.89
C HIS E 304 -17.54 31.24 -7.40
N GLY E 305 -16.48 31.98 -7.11
CA GLY E 305 -16.10 32.27 -5.73
C GLY E 305 -15.19 31.24 -5.09
N MET E 306 -15.05 30.06 -5.71
CA MET E 306 -14.09 29.08 -5.21
C MET E 306 -12.85 29.06 -6.08
N ALA E 307 -11.76 29.62 -5.57
CA ALA E 307 -10.55 29.76 -6.36
C ALA E 307 -9.83 28.43 -6.54
N ASN E 308 -9.13 28.30 -7.65
CA ASN E 308 -8.10 27.27 -7.76
C ASN E 308 -7.07 27.52 -6.66
N MET E 309 -6.59 28.75 -6.55
CA MET E 309 -5.71 29.14 -5.46
C MET E 309 -5.80 30.64 -5.25
N ASP E 310 -5.66 31.06 -3.99
CA ASP E 310 -5.47 32.47 -3.65
C ASP E 310 -4.06 32.67 -3.13
N PHE E 311 -3.36 33.67 -3.65
CA PHE E 311 -2.09 34.10 -3.08
C PHE E 311 -2.37 35.28 -2.15
N VAL E 312 -2.11 35.06 -0.86
CA VAL E 312 -2.52 35.98 0.19
C VAL E 312 -1.30 36.34 1.01
N ILE E 313 -1.19 37.58 1.47
CA ILE E 313 -0.03 37.96 2.29
C ILE E 313 -0.39 38.50 3.68
N PHE E 314 0.59 38.43 4.59
CA PHE E 314 0.45 38.96 5.94
C PHE E 314 1.62 39.93 6.17
N PRO E 315 1.39 41.22 5.85
CA PRO E 315 2.40 42.28 5.81
C PRO E 315 2.44 43.12 7.07
N PRO E 316 3.39 44.07 7.14
CA PRO E 316 3.31 45.09 8.19
C PRO E 316 1.96 45.77 8.12
N ARG E 317 1.30 45.96 9.27
CA ARG E 317 -0.09 46.44 9.26
C ARG E 317 -0.49 46.92 10.64
N TRP E 318 -1.38 47.89 10.71
CA TRP E 318 -1.91 48.37 11.98
C TRP E 318 -2.99 47.44 12.57
N MET E 319 -2.88 47.18 13.86
CA MET E 319 -3.85 46.37 14.59
C MET E 319 -4.56 47.28 15.59
N VAL E 320 -5.82 47.62 15.32
CA VAL E 320 -6.58 48.55 16.17
C VAL E 320 -7.83 47.95 16.79
N ALA E 321 -8.14 46.70 16.46
CA ALA E 321 -9.39 46.10 16.89
C ALA E 321 -9.56 46.22 18.40
N GLU E 322 -10.69 46.78 18.81
CA GLU E 322 -11.01 46.93 20.22
C GLU E 322 -11.75 45.74 20.81
N ASN E 323 -11.47 45.48 22.08
CA ASN E 323 -12.10 44.36 22.80
C ASN E 323 -12.16 43.12 21.93
N THR E 324 -11.04 42.79 21.32
CA THR E 324 -11.02 41.74 20.33
C THR E 324 -9.84 40.79 20.53
N PHE E 325 -10.05 39.51 20.21
CA PHE E 325 -8.95 38.56 20.18
C PHE E 325 -8.27 38.78 18.82
N ARG E 326 -7.09 39.38 18.85
CA ARG E 326 -6.50 39.93 17.62
C ARG E 326 -5.82 38.93 16.66
N PRO E 327 -5.20 37.88 17.19
CA PRO E 327 -4.62 36.86 16.32
C PRO E 327 -5.70 36.05 15.57
N PRO E 328 -5.32 35.33 14.50
CA PRO E 328 -6.27 34.47 13.78
C PRO E 328 -7.11 33.66 14.76
N TRP E 329 -8.40 33.56 14.51
CA TRP E 329 -9.24 32.66 15.29
C TRP E 329 -8.91 31.20 15.02
N PHE E 330 -9.15 30.34 16.00
CA PHE E 330 -9.09 28.90 15.74
C PHE E 330 -10.01 28.62 14.54
N HIS E 331 -9.57 27.70 13.67
CA HIS E 331 -10.12 27.58 12.32
C HIS E 331 -10.11 26.15 11.79
N ARG E 332 -11.20 25.76 11.15
CA ARG E 332 -11.26 24.55 10.32
C ARG E 332 -11.85 24.97 8.96
N ASN E 333 -11.15 24.62 7.87
CA ASN E 333 -11.43 25.18 6.54
C ASN E 333 -11.71 24.07 5.50
N LEU E 334 -12.65 24.27 4.59
CA LEU E 334 -12.75 23.40 3.42
C LEU E 334 -11.48 23.51 2.56
N MET E 335 -10.96 24.72 2.44
CA MET E 335 -9.76 24.96 1.63
C MET E 335 -8.51 24.39 2.30
N ASN E 336 -7.40 24.37 1.57
CA ASN E 336 -6.14 23.84 2.07
C ASN E 336 -5.08 24.93 2.20
N GLU E 337 -4.47 25.01 3.38
CA GLU E 337 -3.68 26.17 3.76
C GLU E 337 -2.17 25.91 3.83
N PHE E 338 -1.44 26.39 2.82
CA PHE E 338 0.02 26.28 2.78
C PHE E 338 0.64 27.64 3.02
N MET E 339 1.31 27.79 4.16
CA MET E 339 1.98 29.03 4.47
C MET E 339 3.49 28.94 4.42
N GLY E 340 4.10 30.06 4.04
CA GLY E 340 5.54 30.23 4.11
C GLY E 340 5.87 31.58 4.73
N LEU E 341 7.17 31.88 4.80
CA LEU E 341 7.61 33.10 5.48
C LEU E 341 8.85 33.68 4.80
N ILE E 342 8.75 34.95 4.42
CA ILE E 342 9.83 35.61 3.69
C ILE E 342 10.79 36.31 4.66
N ASN E 343 10.24 37.04 5.63
CA ASN E 343 11.06 37.49 6.76
C ASN E 343 10.31 37.80 8.05
N GLY E 344 11.07 37.89 9.13
CA GLY E 344 10.54 38.17 10.45
C GLY E 344 9.80 36.98 11.02
N ALA E 345 8.77 37.26 11.82
CA ALA E 345 7.97 36.21 12.45
C ALA E 345 6.51 36.43 12.15
N TYR E 346 5.77 35.33 12.03
CA TYR E 346 4.32 35.36 11.83
C TYR E 346 3.56 35.39 13.17
N ASP E 347 2.58 36.29 13.22
CA ASP E 347 1.81 36.63 14.43
C ASP E 347 1.19 35.43 15.15
N ALA E 348 0.89 34.36 14.42
CA ALA E 348 0.10 33.27 14.95
C ALA E 348 0.91 32.17 15.63
N LYS E 349 2.22 32.20 15.40
CA LYS E 349 3.09 31.11 15.84
C LYS E 349 4.33 31.66 16.54
N ALA E 350 4.49 31.29 17.82
CA ALA E 350 5.55 31.87 18.64
C ALA E 350 6.95 31.37 18.25
N GLU E 351 7.08 30.06 18.05
CA GLU E 351 8.35 29.45 17.76
C GLU E 351 8.20 28.40 16.67
N GLY E 352 9.26 28.18 15.91
CA GLY E 352 9.30 27.06 14.97
C GLY E 352 8.94 27.37 13.52
N PHE E 353 8.39 28.55 13.27
CA PHE E 353 8.04 28.95 11.91
C PHE E 353 9.02 30.05 11.49
N LEU E 354 10.01 29.66 10.69
CA LEU E 354 11.13 30.54 10.32
C LEU E 354 11.08 30.87 8.84
N PRO E 355 11.78 31.94 8.44
CA PRO E 355 11.82 32.27 7.02
C PRO E 355 12.40 31.11 6.22
N GLY E 356 11.73 30.74 5.14
CA GLY E 356 12.08 29.55 4.39
C GLY E 356 11.32 28.33 4.85
N GLY E 357 10.75 28.40 6.05
CA GLY E 357 9.94 27.30 6.56
C GLY E 357 8.58 27.19 5.88
N ALA E 358 7.78 26.20 6.29
CA ALA E 358 6.45 26.03 5.72
C ALA E 358 5.51 25.24 6.63
N SER E 359 4.21 25.47 6.49
CA SER E 359 3.22 24.69 7.20
C SER E 359 2.11 24.30 6.25
N LEU E 360 1.52 23.14 6.48
CA LEU E 360 0.36 22.70 5.73
C LEU E 360 -0.75 22.27 6.69
N HIS E 361 -1.90 22.93 6.62
CA HIS E 361 -3.10 22.53 7.35
C HIS E 361 -4.15 22.18 6.30
N GLY E 362 -4.28 20.89 6.00
CA GLY E 362 -5.19 20.44 4.98
C GLY E 362 -6.66 20.55 5.36
N VAL E 363 -7.52 20.20 4.42
CA VAL E 363 -8.98 20.26 4.56
C VAL E 363 -9.51 19.77 5.89
N MET E 364 -10.19 20.67 6.61
CA MET E 364 -10.86 20.37 7.89
C MET E 364 -9.92 19.99 9.05
N SER E 365 -8.61 20.19 8.87
CA SER E 365 -7.65 20.04 9.96
C SER E 365 -7.84 21.19 10.94
N ALA E 366 -7.84 20.89 12.23
CA ALA E 366 -8.05 21.94 13.23
C ALA E 366 -6.76 22.72 13.47
N HIS E 367 -6.76 24.01 13.12
CA HIS E 367 -5.60 24.87 13.39
C HIS E 367 -5.98 26.15 14.13
N GLY E 368 -5.02 27.07 14.26
CA GLY E 368 -5.23 28.26 15.08
C GLY E 368 -3.94 28.68 15.78
N PRO E 369 -3.98 29.80 16.51
CA PRO E 369 -2.78 30.33 17.18
C PRO E 369 -2.28 29.35 18.23
N ASP E 370 -0.97 29.25 18.41
CA ASP E 370 -0.49 28.27 19.38
C ASP E 370 -0.78 28.73 20.79
N ALA E 371 -0.42 27.90 21.76
CA ALA E 371 -0.75 28.16 23.16
C ALA E 371 -0.18 29.48 23.65
N GLU E 372 1.10 29.74 23.35
CA GLU E 372 1.74 30.96 23.83
C GLU E 372 1.08 32.21 23.25
N THR E 373 0.84 32.19 21.95
CA THR E 373 0.26 33.34 21.26
C THR E 373 -1.12 33.64 21.84
N CYS E 374 -1.91 32.58 21.96
CA CYS E 374 -3.23 32.67 22.56
C CYS E 374 -3.19 33.35 23.95
N GLU E 375 -2.21 32.96 24.76
CA GLU E 375 -2.15 33.43 26.15
C GLU E 375 -1.81 34.91 26.21
N LYS E 376 -0.85 35.33 25.40
CA LYS E 376 -0.47 36.72 25.30
C LYS E 376 -1.66 37.56 24.83
N ALA E 377 -2.36 37.06 23.81
CA ALA E 377 -3.44 37.81 23.17
C ALA E 377 -4.60 38.12 24.10
N ILE E 378 -4.98 37.15 24.94
CA ILE E 378 -6.09 37.38 25.84
C ILE E 378 -5.70 38.32 26.98
N ALA E 379 -4.43 38.31 27.35
CA ALA E 379 -3.96 39.10 28.48
C ALA E 379 -3.62 40.52 28.06
N ALA E 380 -3.37 40.70 26.77
CA ALA E 380 -2.88 41.97 26.27
C ALA E 380 -3.80 43.11 26.67
N ASP E 381 -3.21 44.26 26.89
CA ASP E 381 -3.96 45.49 27.10
C ASP E 381 -3.98 46.20 25.75
N LEU E 382 -5.16 46.30 25.16
CA LEU E 382 -5.28 46.63 23.74
C LEU E 382 -5.19 48.11 23.44
N ALA E 383 -4.26 48.45 22.57
CA ALA E 383 -4.11 49.80 22.03
C ALA E 383 -3.65 49.64 20.60
N PRO E 384 -3.78 50.69 19.80
CA PRO E 384 -3.29 50.61 18.42
C PRO E 384 -1.88 50.04 18.37
N HIS E 385 -1.69 49.00 17.55
CA HIS E 385 -0.39 48.35 17.46
C HIS E 385 -0.01 48.05 16.00
N LYS E 386 1.18 48.49 15.61
CA LYS E 386 1.65 48.23 14.26
C LYS E 386 2.54 46.98 14.19
N ILE E 387 2.05 45.94 13.53
CA ILE E 387 2.89 44.80 13.21
C ILE E 387 3.84 45.22 12.10
N ASP E 388 5.14 44.95 12.29
CA ASP E 388 6.14 45.46 11.35
C ASP E 388 7.25 44.43 11.16
N ASN E 389 8.14 44.69 10.20
CA ASN E 389 9.32 43.85 9.97
C ASN E 389 9.00 42.36 9.79
N THR E 390 7.98 42.09 9.00
CA THR E 390 7.54 40.73 8.75
C THR E 390 6.85 40.70 7.40
N MET E 391 6.91 39.54 6.77
CA MET E 391 6.11 39.25 5.60
C MET E 391 5.94 37.73 5.54
N ALA E 392 4.73 37.26 5.85
CA ALA E 392 4.36 35.87 5.64
C ALA E 392 3.40 35.82 4.46
N PHE E 393 3.08 34.62 4.00
CA PHE E 393 2.08 34.49 2.93
C PHE E 393 1.43 33.13 2.99
N MET E 394 0.37 32.96 2.21
CA MET E 394 -0.28 31.67 2.07
C MET E 394 -0.65 31.38 0.61
N PHE E 395 -0.39 30.14 0.18
CA PHE E 395 -1.06 29.62 -1.00
C PHE E 395 -2.27 28.81 -0.50
N GLU E 396 -3.49 29.30 -0.72
CA GLU E 396 -4.68 28.55 -0.29
C GLU E 396 -5.32 27.88 -1.51
N THR E 397 -5.45 26.57 -1.50
CA THR E 397 -5.98 25.86 -2.67
C THR E 397 -7.30 25.14 -2.38
N SER E 398 -8.19 25.10 -3.37
CA SER E 398 -9.45 24.37 -3.19
C SER E 398 -9.21 22.87 -3.13
N GLN E 399 -8.34 22.35 -3.98
CA GLN E 399 -8.04 20.91 -3.99
C GLN E 399 -7.07 20.55 -2.87
N VAL E 400 -7.18 19.35 -2.32
CA VAL E 400 -6.25 19.03 -1.24
C VAL E 400 -4.83 18.96 -1.80
N LEU E 401 -3.88 19.32 -0.94
CA LEU E 401 -2.47 19.28 -1.27
C LEU E 401 -1.91 17.99 -0.67
N ARG E 402 -1.44 17.10 -1.54
CA ARG E 402 -0.75 15.88 -1.13
C ARG E 402 0.74 16.17 -1.04
N PRO E 403 1.30 16.02 0.17
CA PRO E 403 2.76 16.12 0.33
C PRO E 403 3.51 15.07 -0.50
N SER E 404 4.62 15.47 -1.10
CA SER E 404 5.48 14.53 -1.83
C SER E 404 6.14 13.59 -0.84
N LEU E 405 6.64 12.45 -1.34
CA LEU E 405 7.38 11.54 -0.46
C LEU E 405 8.63 12.22 0.11
N GLN E 406 9.37 12.93 -0.75
N GLN E 406 9.37 12.93 -0.74
CA GLN E 406 10.56 13.67 -0.36
CA GLN E 406 10.57 13.64 -0.31
C GLN E 406 10.27 14.58 0.83
C GLN E 406 10.25 14.55 0.87
N ALA E 407 9.14 15.28 0.78
CA ALA E 407 8.75 16.20 1.83
C ALA E 407 8.44 15.45 3.12
N LEU E 408 7.70 14.35 3.00
CA LEU E 408 7.38 13.55 4.18
C LEU E 408 8.62 12.89 4.78
N GLU E 409 9.63 12.67 3.94
CA GLU E 409 10.89 12.06 4.39
C GLU E 409 11.93 13.13 4.69
N CYS E 410 11.57 14.38 4.44
CA CYS E 410 12.48 15.49 4.69
C CYS E 410 12.99 15.51 6.14
N PRO E 411 14.31 15.60 6.33
CA PRO E 411 14.83 15.77 7.69
C PRO E 411 14.30 17.06 8.31
N GLN E 412 13.94 18.02 7.45
CA GLN E 412 13.42 19.31 7.92
C GLN E 412 11.96 19.25 8.39
N LEU E 413 11.27 18.14 8.12
CA LEU E 413 9.94 17.94 8.65
C LEU E 413 9.98 17.82 10.17
N GLN E 414 9.40 18.80 10.85
CA GLN E 414 9.40 18.82 12.31
C GLN E 414 8.55 17.64 12.85
N ALA E 415 9.02 17.01 13.91
CA ALA E 415 8.42 15.77 14.41
C ALA E 415 7.23 15.93 15.35
N ASP E 416 7.12 17.05 16.06
CA ASP E 416 6.03 17.23 17.02
C ASP E 416 5.37 18.59 16.94
N TYR E 417 4.98 18.98 15.73
CA TYR E 417 4.29 20.25 15.50
C TYR E 417 3.04 20.34 16.36
N ASP E 418 2.40 19.20 16.59
CA ASP E 418 1.15 19.13 17.35
C ASP E 418 1.31 19.67 18.76
N SER E 419 2.52 19.58 19.29
CA SER E 419 2.77 20.01 20.66
C SER E 419 2.54 21.50 20.83
N CYS E 420 2.70 22.28 19.77
CA CYS E 420 2.52 23.73 19.88
C CYS E 420 1.11 24.14 20.37
N TRP E 421 0.17 23.21 20.31
CA TRP E 421 -1.19 23.45 20.81
C TRP E 421 -1.46 22.70 22.12
N ALA E 422 -0.50 21.89 22.54
CA ALA E 422 -0.77 20.89 23.56
C ALA E 422 -1.11 21.48 24.94
N THR E 423 -0.64 22.69 25.22
CA THR E 423 -0.83 23.25 26.55
C THR E 423 -2.02 24.21 26.67
N LEU E 424 -2.91 24.20 25.67
CA LEU E 424 -4.11 25.02 25.71
C LEU E 424 -4.99 24.65 26.91
N PRO E 425 -5.26 25.62 27.79
CA PRO E 425 -6.02 25.36 29.03
C PRO E 425 -7.53 25.55 28.83
N SER E 426 -8.32 24.84 29.62
CA SER E 426 -9.73 25.14 29.74
C SER E 426 -9.84 26.32 30.70
N THR E 427 -10.64 27.31 30.31
CA THR E 427 -10.85 28.49 31.15
C THR E 427 -12.35 28.69 31.35
N PHE E 428 -13.11 27.64 31.05
CA PHE E 428 -14.56 27.66 31.08
C PHE E 428 -15.15 27.61 32.49
N ASN E 429 -15.97 28.59 32.81
CA ASN E 429 -16.63 28.64 34.11
C ASN E 429 -18.10 28.96 33.91
N PRO E 430 -18.96 27.95 34.00
CA PRO E 430 -20.39 28.10 33.75
C PRO E 430 -21.05 29.00 34.79
N ASN E 431 -20.32 29.38 35.83
CA ASN E 431 -20.88 30.22 36.88
C ASN E 431 -20.64 31.71 36.69
N ARG E 432 -19.62 32.07 35.90
CA ARG E 432 -19.33 33.48 35.63
C ARG E 432 -19.30 33.81 34.14
N ARG E 433 -20.39 34.41 33.65
CA ARG E 433 -20.46 34.87 32.27
C ARG E 433 -19.30 35.82 32.00
N LEU F 9 -32.45 8.68 -50.13
CA LEU F 9 -32.70 8.93 -48.70
C LEU F 9 -33.26 10.33 -48.49
N HIS F 10 -34.27 10.43 -47.63
CA HIS F 10 -34.83 11.74 -47.28
C HIS F 10 -34.29 12.23 -45.93
N TYR F 11 -34.18 13.55 -45.79
CA TYR F 11 -33.63 14.16 -44.60
C TYR F 11 -34.47 15.32 -44.09
N LEU F 12 -34.37 15.57 -42.78
CA LEU F 12 -34.96 16.72 -42.13
C LEU F 12 -33.84 17.70 -41.79
N SER F 13 -34.07 18.99 -42.02
CA SER F 13 -33.00 19.97 -41.86
C SER F 13 -33.22 20.87 -40.65
N GLY F 14 -32.11 21.35 -40.09
CA GLY F 14 -32.15 22.39 -39.07
C GLY F 14 -31.46 22.00 -37.79
N PHE F 15 -30.21 22.43 -37.60
CA PHE F 15 -29.47 22.01 -36.42
C PHE F 15 -30.23 22.34 -35.14
N GLY F 16 -30.39 21.34 -34.28
CA GLY F 16 -30.99 21.55 -32.97
C GLY F 16 -32.52 21.60 -32.93
N ASN F 17 -33.17 21.32 -34.06
CA ASN F 17 -34.63 21.37 -34.12
C ASN F 17 -35.29 20.34 -33.21
N GLU F 18 -36.53 20.60 -32.83
CA GLU F 18 -37.39 19.55 -32.31
C GLU F 18 -38.02 18.90 -33.55
N PHE F 19 -37.45 17.76 -33.96
CA PHE F 19 -37.94 17.03 -35.12
C PHE F 19 -39.10 16.09 -34.77
N ALA F 20 -39.80 15.65 -35.79
CA ALA F 20 -40.80 14.61 -35.61
C ALA F 20 -40.88 13.81 -36.91
N SER F 21 -40.72 12.50 -36.81
CA SER F 21 -40.74 11.66 -37.99
C SER F 21 -41.49 10.36 -37.71
N GLU F 22 -42.34 9.94 -38.63
CA GLU F 22 -43.04 8.67 -38.46
C GLU F 22 -43.02 7.84 -39.76
N ALA F 23 -42.70 6.56 -39.62
CA ALA F 23 -42.60 5.66 -40.76
C ALA F 23 -43.96 5.11 -41.17
N LEU F 24 -44.92 5.18 -40.25
CA LEU F 24 -46.31 4.83 -40.54
C LEU F 24 -47.16 6.00 -40.14
N PRO F 25 -48.21 6.29 -40.92
CA PRO F 25 -49.00 7.48 -40.58
C PRO F 25 -49.64 7.34 -39.20
N GLY F 26 -49.60 8.42 -38.41
CA GLY F 26 -50.24 8.43 -37.11
C GLY F 26 -49.49 7.64 -36.06
N ALA F 27 -48.32 7.12 -36.41
CA ALA F 27 -47.51 6.35 -35.46
C ALA F 27 -47.04 7.17 -34.23
N LEU F 28 -46.83 8.48 -34.41
CA LEU F 28 -46.56 9.35 -33.28
C LEU F 28 -47.87 9.64 -32.54
N PRO F 29 -47.85 9.49 -31.21
CA PRO F 29 -49.07 9.86 -30.47
C PRO F 29 -49.28 11.37 -30.61
N VAL F 30 -50.53 11.78 -30.76
CA VAL F 30 -50.85 13.19 -30.90
C VAL F 30 -51.19 13.81 -29.53
N GLY F 31 -50.48 14.88 -29.18
CA GLY F 31 -50.85 15.64 -28.01
C GLY F 31 -50.34 15.10 -26.69
N GLN F 32 -49.54 14.04 -26.73
CA GLN F 32 -48.89 13.50 -25.53
C GLN F 32 -47.74 12.59 -25.96
N ASN F 33 -46.90 12.24 -24.98
CA ASN F 33 -45.77 11.36 -25.20
C ASN F 33 -46.05 9.90 -24.79
N SER F 34 -46.91 9.72 -23.79
CA SER F 34 -47.03 8.40 -23.16
C SER F 34 -48.47 7.91 -23.09
N PRO F 35 -49.06 7.63 -24.25
CA PRO F 35 -50.43 7.10 -24.25
C PRO F 35 -50.46 5.74 -23.58
N GLN F 36 -51.57 5.39 -22.96
CA GLN F 36 -51.67 4.07 -22.36
C GLN F 36 -51.57 2.99 -23.44
N LYS F 37 -52.31 3.14 -24.53
CA LYS F 37 -52.21 2.21 -25.64
C LYS F 37 -51.70 2.93 -26.90
N ALA F 38 -50.41 2.77 -27.18
CA ALA F 38 -49.78 3.56 -28.23
C ALA F 38 -50.11 3.05 -29.63
N PRO F 39 -50.18 3.97 -30.60
CA PRO F 39 -50.47 3.65 -32.00
C PRO F 39 -49.71 2.42 -32.46
N TYR F 40 -50.39 1.54 -33.17
CA TYR F 40 -49.75 0.35 -33.76
C TYR F 40 -49.20 -0.61 -32.70
N GLY F 41 -49.55 -0.39 -31.43
CA GLY F 41 -49.07 -1.23 -30.34
C GLY F 41 -47.58 -1.12 -30.07
N LEU F 42 -47.00 0.05 -30.36
CA LEU F 42 -45.58 0.35 -30.13
C LEU F 42 -45.29 0.68 -28.66
N TYR F 43 -44.02 0.65 -28.29
CA TYR F 43 -43.63 1.01 -26.92
C TYR F 43 -42.97 2.37 -26.91
N ALA F 44 -43.42 3.25 -26.01
CA ALA F 44 -42.75 4.54 -25.88
C ALA F 44 -41.45 4.40 -25.10
N GLU F 45 -40.38 5.01 -25.61
CA GLU F 45 -39.11 5.01 -24.88
C GLU F 45 -38.46 6.38 -24.93
N LEU F 46 -37.92 6.84 -23.80
CA LEU F 46 -37.23 8.13 -23.76
C LEU F 46 -35.72 7.99 -23.73
N LEU F 47 -35.06 8.62 -24.69
CA LEU F 47 -33.61 8.69 -24.74
C LEU F 47 -33.19 10.08 -24.27
N SER F 48 -32.70 10.14 -23.03
CA SER F 48 -32.26 11.39 -22.40
C SER F 48 -30.78 11.63 -22.65
N GLY F 49 -30.48 12.53 -23.58
CA GLY F 49 -29.11 12.80 -23.98
C GLY F 49 -28.40 13.73 -23.02
N THR F 50 -29.20 14.35 -22.15
CA THR F 50 -28.66 15.28 -21.16
C THR F 50 -29.42 15.12 -19.85
N ALA F 51 -28.94 15.75 -18.78
CA ALA F 51 -29.72 15.82 -17.55
C ALA F 51 -31.07 16.45 -17.86
N PHE F 52 -32.12 15.99 -17.19
CA PHE F 52 -33.48 16.53 -17.36
C PHE F 52 -33.55 18.05 -17.18
N THR F 53 -32.68 18.57 -16.33
CA THR F 53 -32.80 19.95 -15.85
C THR F 53 -31.92 20.96 -16.62
N MET F 54 -31.36 20.56 -17.76
CA MET F 54 -30.59 21.52 -18.56
C MET F 54 -31.53 22.66 -18.98
N ALA F 55 -30.99 23.86 -19.14
CA ALA F 55 -31.76 24.93 -19.77
C ALA F 55 -32.22 24.41 -21.13
N ARG F 56 -33.31 24.93 -21.66
CA ARG F 56 -33.88 24.36 -22.89
C ARG F 56 -32.94 24.39 -24.09
N SER F 57 -32.11 25.42 -24.17
CA SER F 57 -31.15 25.54 -25.27
C SER F 57 -30.10 24.42 -25.24
N GLU F 58 -29.90 23.81 -24.07
CA GLU F 58 -28.89 22.77 -23.91
C GLU F 58 -29.49 21.38 -23.95
N LEU F 59 -30.83 21.31 -23.93
CA LEU F 59 -31.51 20.03 -23.82
C LEU F 59 -31.40 19.17 -25.09
N ARG F 60 -31.06 17.90 -24.91
CA ARG F 60 -31.15 16.93 -25.99
C ARG F 60 -31.90 15.72 -25.47
N ARG F 61 -33.08 15.44 -26.04
CA ARG F 61 -33.85 14.24 -25.69
C ARG F 61 -34.76 13.83 -26.83
N THR F 62 -34.88 12.53 -27.04
CA THR F 62 -35.73 12.01 -28.11
C THR F 62 -36.68 10.95 -27.60
N TRP F 63 -37.95 11.08 -27.99
CA TRP F 63 -38.96 10.09 -27.71
C TRP F 63 -39.04 9.09 -28.86
N LEU F 64 -38.99 7.81 -28.52
CA LEU F 64 -38.97 6.72 -29.50
C LEU F 64 -40.22 5.87 -29.38
N TYR F 65 -40.81 5.52 -30.52
CA TYR F 65 -41.96 4.62 -30.55
C TYR F 65 -41.57 3.35 -31.34
N ARG F 66 -41.36 2.25 -30.60
CA ARG F 66 -40.60 1.11 -31.11
C ARG F 66 -41.24 -0.26 -30.84
N ILE F 67 -40.79 -1.25 -31.59
CA ILE F 67 -41.41 -2.58 -31.55
C ILE F 67 -41.11 -3.30 -30.24
N ARG F 68 -39.86 -3.31 -29.83
CA ARG F 68 -39.50 -3.84 -28.54
C ARG F 68 -38.69 -2.81 -27.77
N PRO F 69 -38.95 -2.69 -26.46
CA PRO F 69 -38.16 -1.82 -25.59
C PRO F 69 -36.69 -2.22 -25.64
N SER F 70 -35.79 -1.24 -25.59
CA SER F 70 -34.38 -1.54 -25.53
C SER F 70 -34.07 -2.36 -24.28
N ALA F 71 -34.93 -2.28 -23.27
CA ALA F 71 -34.68 -3.03 -22.04
C ALA F 71 -34.73 -4.55 -22.26
N LEU F 72 -35.29 -4.98 -23.39
CA LEU F 72 -35.37 -6.40 -23.70
C LEU F 72 -34.03 -6.91 -24.23
N HIS F 73 -33.15 -7.29 -23.31
CA HIS F 73 -31.85 -7.84 -23.67
C HIS F 73 -31.28 -8.69 -22.54
N PRO F 74 -30.51 -9.72 -22.90
CA PRO F 74 -29.83 -10.56 -21.91
C PRO F 74 -28.58 -9.85 -21.41
N ARG F 75 -27.94 -10.38 -20.38
CA ARG F 75 -26.73 -9.80 -19.80
C ARG F 75 -25.66 -9.54 -20.85
N PHE F 76 -25.02 -8.37 -20.80
CA PHE F 76 -23.86 -8.10 -21.66
C PHE F 76 -22.66 -8.89 -21.14
N GLU F 77 -21.77 -9.27 -22.06
CA GLU F 77 -20.54 -10.00 -21.73
C GLU F 77 -19.33 -9.41 -22.47
N ARG F 78 -18.19 -9.37 -21.79
CA ARG F 78 -16.99 -8.75 -22.36
C ARG F 78 -16.48 -9.55 -23.56
N LEU F 79 -16.24 -8.89 -24.70
CA LEU F 79 -15.68 -9.59 -25.86
C LEU F 79 -14.18 -9.81 -25.70
N ALA F 80 -13.66 -10.89 -26.28
CA ALA F 80 -12.21 -11.10 -26.21
C ALA F 80 -11.51 -10.05 -27.06
N ARG F 81 -12.06 -9.78 -28.23
CA ARG F 81 -11.48 -8.81 -29.15
C ARG F 81 -11.73 -7.38 -28.63
N GLN F 82 -10.63 -6.68 -28.30
CA GLN F 82 -10.69 -5.34 -27.71
C GLN F 82 -9.73 -4.38 -28.42
N PRO F 83 -10.24 -3.63 -29.41
CA PRO F 83 -9.40 -2.74 -30.24
C PRO F 83 -8.80 -1.57 -29.47
N LEU F 84 -9.35 -1.24 -28.31
CA LEU F 84 -9.02 0.02 -27.65
C LEU F 84 -8.39 -0.16 -26.28
N GLY F 85 -7.91 -1.37 -26.00
CA GLY F 85 -7.32 -1.66 -24.71
C GLY F 85 -5.82 -1.45 -24.58
N GLY F 86 -5.16 -1.05 -25.66
CA GLY F 86 -3.73 -0.79 -25.59
C GLY F 86 -3.36 0.34 -24.62
N PRO F 87 -2.12 0.32 -24.10
CA PRO F 87 -1.69 1.35 -23.14
C PRO F 87 -1.56 2.74 -23.77
N LEU F 88 -1.44 3.75 -22.91
CA LEU F 88 -1.09 5.09 -23.35
C LEU F 88 0.42 5.12 -23.59
N GLY F 89 0.85 5.84 -24.62
CA GLY F 89 2.26 5.97 -24.89
C GLY F 89 2.95 6.67 -23.73
N GLY F 90 4.28 6.68 -23.73
CA GLY F 90 5.02 7.40 -22.71
C GLY F 90 4.89 8.90 -22.93
N ILE F 91 5.29 9.67 -21.93
CA ILE F 91 5.42 11.11 -22.05
C ILE F 91 6.32 11.50 -23.22
N ASN F 92 5.81 12.38 -24.08
CA ASN F 92 6.56 12.85 -25.25
C ASN F 92 6.03 14.20 -25.73
N PRO F 93 6.82 15.28 -25.53
CA PRO F 93 6.39 16.64 -25.88
C PRO F 93 6.58 16.98 -27.36
N ASN F 94 7.22 16.09 -28.11
CA ASN F 94 7.61 16.42 -29.47
C ASN F 94 6.49 16.69 -30.46
N ARG F 95 6.83 17.47 -31.48
CA ARG F 95 5.94 17.63 -32.62
C ARG F 95 5.90 16.31 -33.39
N LEU F 96 4.70 15.85 -33.74
CA LEU F 96 4.55 14.52 -34.34
C LEU F 96 3.77 14.58 -35.64
N ARG F 97 4.19 13.76 -36.60
CA ARG F 97 3.49 13.64 -37.87
C ARG F 97 3.45 12.20 -38.31
N TRP F 98 2.26 11.75 -38.72
CA TRP F 98 2.02 10.39 -39.19
C TRP F 98 1.62 10.39 -40.66
N SER F 99 2.11 9.41 -41.38
CA SER F 99 1.69 9.19 -42.75
C SER F 99 0.37 8.45 -42.69
N PRO F 100 -0.32 8.37 -43.83
CA PRO F 100 -1.64 7.72 -43.86
C PRO F 100 -1.59 6.29 -43.27
N GLN F 101 -2.67 5.86 -42.63
CA GLN F 101 -2.73 4.53 -42.05
C GLN F 101 -3.18 3.54 -43.10
N PRO F 102 -2.42 2.46 -43.29
CA PRO F 102 -2.85 1.40 -44.22
C PRO F 102 -4.03 0.59 -43.64
N ILE F 103 -4.89 0.08 -44.52
CA ILE F 103 -6.03 -0.70 -44.06
C ILE F 103 -5.60 -2.14 -43.76
N PRO F 104 -5.94 -2.65 -42.56
CA PRO F 104 -5.52 -3.98 -42.11
C PRO F 104 -6.03 -5.09 -43.02
N ALA F 105 -5.28 -6.19 -43.10
CA ALA F 105 -5.69 -7.33 -43.90
C ALA F 105 -6.74 -8.17 -43.19
N GLU F 106 -6.57 -8.36 -41.88
CA GLU F 106 -7.54 -9.11 -41.08
C GLU F 106 -8.94 -8.49 -41.18
N PRO F 107 -9.97 -9.34 -41.16
CA PRO F 107 -11.35 -8.82 -41.26
C PRO F 107 -11.61 -7.82 -40.14
N THR F 108 -12.14 -6.65 -40.50
CA THR F 108 -12.19 -5.53 -39.59
C THR F 108 -13.36 -4.62 -39.93
N ASP F 109 -14.41 -4.63 -39.10
CA ASP F 109 -15.53 -3.72 -39.32
C ASP F 109 -15.25 -2.35 -38.69
N PHE F 110 -16.22 -1.44 -38.84
CA PHE F 110 -16.06 -0.07 -38.37
C PHE F 110 -15.62 0.05 -36.91
N ILE F 111 -16.30 -0.65 -36.00
CA ILE F 111 -15.95 -0.53 -34.59
C ILE F 111 -14.65 -1.25 -34.25
N GLU F 112 -14.30 -2.28 -35.04
CA GLU F 112 -13.09 -3.03 -34.77
C GLU F 112 -11.84 -2.29 -35.24
N GLY F 113 -12.01 -1.36 -36.17
CA GLY F 113 -10.87 -0.69 -36.78
C GLY F 113 -10.45 0.68 -36.28
N TRP F 114 -10.91 1.11 -35.10
CA TRP F 114 -10.47 2.41 -34.58
C TRP F 114 -9.05 2.30 -34.04
N LEU F 115 -8.13 3.00 -34.69
CA LEU F 115 -6.76 3.08 -34.19
C LEU F 115 -6.69 4.27 -33.26
N PRO F 116 -6.41 4.03 -31.96
CA PRO F 116 -6.28 5.17 -31.05
C PRO F 116 -5.03 5.99 -31.38
N MET F 117 -5.22 7.28 -31.68
CA MET F 117 -4.09 8.15 -31.98
C MET F 117 -3.64 8.96 -30.74
N ALA F 118 -4.55 9.75 -30.18
CA ALA F 118 -4.23 10.54 -29.00
C ALA F 118 -5.51 10.86 -28.23
N ALA F 119 -5.44 10.94 -26.90
CA ALA F 119 -6.61 11.15 -26.06
C ALA F 119 -6.26 11.97 -24.81
N ASN F 120 -7.24 12.67 -24.26
CA ASN F 120 -7.02 13.40 -23.01
C ASN F 120 -6.86 12.48 -21.80
N ALA F 121 -7.37 11.26 -21.92
CA ALA F 121 -7.34 10.30 -20.80
C ALA F 121 -7.27 8.86 -21.28
N GLY F 122 -7.00 7.94 -20.36
CA GLY F 122 -7.02 6.52 -20.67
C GLY F 122 -8.44 6.09 -21.00
N ALA F 123 -8.58 5.04 -21.80
CA ALA F 123 -9.90 4.63 -22.30
C ALA F 123 -10.86 4.20 -21.20
N GLU F 124 -10.30 3.71 -20.10
CA GLU F 124 -11.07 3.26 -18.94
C GLU F 124 -11.66 4.41 -18.11
N LYS F 125 -11.17 5.63 -18.33
CA LYS F 125 -11.71 6.80 -17.64
C LYS F 125 -11.92 7.94 -18.63
N PRO F 126 -12.87 7.77 -19.56
CA PRO F 126 -13.09 8.76 -20.61
C PRO F 126 -13.32 10.17 -20.05
N ALA F 127 -12.59 11.13 -20.61
CA ALA F 127 -12.72 12.52 -20.23
C ALA F 127 -12.30 13.37 -21.41
N GLY F 128 -12.97 14.50 -21.60
CA GLY F 128 -12.62 15.39 -22.70
C GLY F 128 -12.85 14.76 -24.07
N VAL F 129 -11.76 14.46 -24.78
CA VAL F 129 -11.83 13.97 -26.15
C VAL F 129 -10.85 12.84 -26.40
N SER F 130 -11.31 11.80 -27.10
CA SER F 130 -10.41 10.75 -27.61
C SER F 130 -10.41 10.77 -29.14
N ILE F 131 -9.21 10.77 -29.73
CA ILE F 131 -9.08 10.86 -31.19
C ILE F 131 -8.58 9.53 -31.81
N TYR F 132 -9.25 9.10 -32.88
CA TYR F 132 -8.91 7.85 -33.55
C TYR F 132 -8.85 8.05 -35.06
N ILE F 133 -8.17 7.13 -35.73
CA ILE F 133 -8.35 6.97 -37.17
C ILE F 133 -8.95 5.60 -37.39
N TYR F 134 -10.09 5.53 -38.07
CA TYR F 134 -10.70 4.24 -38.36
C TYR F 134 -10.24 3.66 -39.69
N ARG F 135 -10.04 2.35 -39.70
CA ARG F 135 -9.77 1.59 -40.91
C ARG F 135 -10.66 0.36 -40.93
N ALA F 136 -11.46 0.18 -41.98
CA ALA F 136 -12.37 -0.97 -42.03
C ALA F 136 -12.43 -1.58 -43.42
N ASN F 137 -12.60 -2.91 -43.47
CA ASN F 137 -12.74 -3.64 -44.73
C ASN F 137 -13.97 -4.56 -44.75
N ARG F 138 -14.80 -4.46 -43.71
CA ARG F 138 -16.07 -5.18 -43.62
C ARG F 138 -17.23 -4.27 -43.19
N SER F 139 -18.40 -4.46 -43.80
CA SER F 139 -19.61 -3.84 -43.29
C SER F 139 -19.94 -4.48 -41.95
N MET F 140 -20.64 -3.77 -41.08
CA MET F 140 -21.03 -4.34 -39.79
C MET F 140 -22.21 -5.31 -39.87
N GLU F 141 -22.02 -6.49 -39.30
CA GLU F 141 -23.07 -7.49 -39.21
C GLU F 141 -23.50 -7.54 -37.76
N ARG F 142 -23.89 -6.38 -37.24
CA ARG F 142 -24.30 -6.25 -35.86
C ARG F 142 -24.59 -4.80 -35.59
N VAL F 143 -25.07 -4.51 -34.39
CA VAL F 143 -25.41 -3.14 -34.04
C VAL F 143 -24.63 -2.70 -32.81
N PHE F 144 -24.37 -1.40 -32.73
CA PHE F 144 -23.42 -0.86 -31.77
C PHE F 144 -23.93 0.44 -31.15
N PHE F 145 -23.67 0.64 -29.86
CA PHE F 145 -23.77 1.98 -29.29
C PHE F 145 -22.61 2.32 -28.36
N ASN F 146 -22.29 3.61 -28.29
CA ASN F 146 -21.17 4.09 -27.50
C ASN F 146 -21.68 4.76 -26.23
N ALA F 147 -21.46 4.10 -25.10
CA ALA F 147 -21.90 4.64 -23.82
C ALA F 147 -20.96 5.74 -23.31
N ASP F 148 -19.80 5.88 -23.97
CA ASP F 148 -18.70 6.73 -23.50
C ASP F 148 -18.70 8.15 -24.05
N GLY F 149 -19.36 8.37 -25.17
CA GLY F 149 -19.47 9.71 -25.72
C GLY F 149 -20.20 9.81 -27.04
N GLU F 150 -20.29 11.05 -27.52
CA GLU F 150 -20.79 11.41 -28.82
C GLU F 150 -19.69 11.19 -29.87
N LEU F 151 -20.07 10.70 -31.05
CA LEU F 151 -19.10 10.42 -32.09
C LEU F 151 -19.16 11.43 -33.26
N LEU F 152 -18.03 12.08 -33.53
CA LEU F 152 -17.88 12.91 -34.75
C LEU F 152 -17.05 12.15 -35.77
N LEU F 153 -17.63 11.88 -36.94
CA LEU F 153 -16.99 11.07 -37.97
C LEU F 153 -16.61 11.93 -39.16
N VAL F 154 -15.37 11.78 -39.60
CA VAL F 154 -14.82 12.56 -40.70
C VAL F 154 -14.18 11.59 -41.71
N PRO F 155 -14.99 11.13 -42.69
CA PRO F 155 -14.55 10.21 -43.73
C PRO F 155 -13.48 10.83 -44.60
N GLU F 156 -12.52 10.01 -45.00
CA GLU F 156 -11.42 10.47 -45.82
C GLU F 156 -11.36 9.63 -47.11
N GLN F 157 -11.53 8.32 -46.96
CA GLN F 157 -11.71 7.41 -48.10
C GLN F 157 -12.90 6.51 -47.89
N GLY F 158 -13.78 6.44 -48.88
CA GLY F 158 -14.89 5.51 -48.85
C GLY F 158 -16.15 6.06 -48.21
N ARG F 159 -17.29 5.77 -48.84
CA ARG F 159 -18.58 6.22 -48.35
C ARG F 159 -19.12 5.30 -47.27
N LEU F 160 -19.91 5.88 -46.34
CA LEU F 160 -20.54 5.12 -45.27
C LEU F 160 -22.04 5.19 -45.41
N ARG F 161 -22.72 4.05 -45.22
CA ARG F 161 -24.17 4.06 -45.07
C ARG F 161 -24.45 3.67 -43.64
N ILE F 162 -25.00 4.63 -42.88
CA ILE F 162 -25.11 4.45 -41.45
C ILE F 162 -26.57 4.28 -41.03
N ALA F 163 -26.92 3.06 -40.64
CA ALA F 163 -28.25 2.79 -40.15
C ALA F 163 -28.32 3.11 -38.65
N THR F 164 -29.03 4.18 -38.28
CA THR F 164 -29.25 4.49 -36.86
C THR F 164 -30.69 4.20 -36.44
N GLU F 165 -30.95 4.26 -35.14
CA GLU F 165 -32.31 4.12 -34.61
C GLU F 165 -33.28 5.12 -35.21
N LEU F 166 -32.79 6.30 -35.59
CA LEU F 166 -33.70 7.32 -36.08
C LEU F 166 -33.81 7.31 -37.61
N GLY F 167 -33.08 6.40 -38.25
CA GLY F 167 -33.10 6.31 -39.70
C GLY F 167 -31.73 6.20 -40.34
N VAL F 168 -31.71 6.21 -41.66
CA VAL F 168 -30.48 5.95 -42.40
C VAL F 168 -29.90 7.23 -42.98
N MET F 169 -28.60 7.42 -42.81
CA MET F 169 -27.92 8.51 -43.52
C MET F 169 -26.65 8.01 -44.20
N GLU F 170 -26.32 8.63 -45.33
CA GLU F 170 -25.10 8.32 -46.06
C GLU F 170 -24.13 9.51 -46.01
N VAL F 171 -22.86 9.20 -45.80
CA VAL F 171 -21.79 10.19 -45.69
C VAL F 171 -20.63 9.81 -46.58
N GLU F 172 -20.07 10.78 -47.28
CA GLU F 172 -18.88 10.58 -48.11
C GLU F 172 -17.81 11.57 -47.69
N PRO F 173 -16.55 11.35 -48.12
CA PRO F 173 -15.50 12.35 -47.87
C PRO F 173 -15.95 13.77 -48.24
N LEU F 174 -15.65 14.72 -47.35
CA LEU F 174 -16.08 16.14 -47.46
C LEU F 174 -17.41 16.41 -46.74
N GLU F 175 -18.05 15.36 -46.25
CA GLU F 175 -19.13 15.49 -45.28
C GLU F 175 -18.66 15.00 -43.92
N ILE F 176 -19.42 15.35 -42.89
CA ILE F 176 -19.20 14.82 -41.56
C ILE F 176 -20.53 14.31 -41.03
N ALA F 177 -20.46 13.39 -40.07
CA ALA F 177 -21.66 12.96 -39.36
C ALA F 177 -21.39 12.84 -37.85
N VAL F 178 -22.46 12.97 -37.07
CA VAL F 178 -22.38 12.89 -35.62
C VAL F 178 -23.44 11.91 -35.10
N ILE F 179 -23.02 11.03 -34.20
CA ILE F 179 -23.94 10.08 -33.58
C ILE F 179 -23.98 10.30 -32.08
N PRO F 180 -25.15 10.66 -31.54
CA PRO F 180 -25.23 10.92 -30.09
C PRO F 180 -24.81 9.71 -29.26
N ARG F 181 -24.21 9.98 -28.11
CA ARG F 181 -23.90 8.96 -27.12
C ARG F 181 -25.12 8.06 -26.90
N GLY F 182 -24.88 6.75 -26.81
CA GLY F 182 -25.91 5.79 -26.44
C GLY F 182 -26.85 5.41 -27.59
N MET F 183 -26.74 6.12 -28.72
CA MET F 183 -27.58 5.81 -29.87
C MET F 183 -27.04 4.60 -30.65
N LYS F 184 -27.94 3.67 -30.97
CA LYS F 184 -27.55 2.45 -31.67
C LYS F 184 -27.47 2.69 -33.17
N PHE F 185 -26.45 2.10 -33.78
CA PHE F 185 -26.26 2.25 -35.23
C PHE F 185 -25.43 1.12 -35.83
N ARG F 186 -25.42 1.06 -37.15
CA ARG F 186 -24.73 -0.01 -37.87
C ARG F 186 -24.13 0.62 -39.13
N VAL F 187 -22.84 0.38 -39.37
CA VAL F 187 -22.15 1.01 -40.49
C VAL F 187 -21.90 0.06 -41.66
N GLU F 188 -22.42 0.42 -42.82
CA GLU F 188 -22.23 -0.31 -44.06
C GLU F 188 -21.15 0.39 -44.88
N LEU F 189 -20.26 -0.39 -45.50
CA LEU F 189 -19.17 0.17 -46.29
C LEU F 189 -19.54 0.09 -47.77
N LEU F 190 -19.97 1.20 -48.34
CA LEU F 190 -20.49 1.17 -49.70
C LEU F 190 -19.42 0.84 -50.73
N ASP F 191 -18.18 1.19 -50.40
CA ASP F 191 -17.10 1.03 -51.36
C ASP F 191 -16.19 -0.13 -50.98
N GLY F 192 -16.62 -0.93 -50.02
CA GLY F 192 -15.87 -2.12 -49.62
C GLY F 192 -14.90 -1.89 -48.48
N GLN F 193 -14.17 -0.78 -48.55
CA GLN F 193 -13.25 -0.37 -47.49
C GLN F 193 -13.51 1.09 -47.14
N ALA F 194 -13.04 1.50 -45.97
CA ALA F 194 -13.21 2.88 -45.55
C ALA F 194 -12.12 3.32 -44.58
N ARG F 195 -11.82 4.61 -44.61
CA ARG F 195 -10.80 5.17 -43.74
C ARG F 195 -11.24 6.59 -43.45
N GLY F 196 -10.99 7.07 -42.24
CA GLY F 196 -11.36 8.43 -41.88
C GLY F 196 -10.92 8.72 -40.47
N TYR F 197 -11.35 9.87 -39.95
CA TYR F 197 -10.99 10.28 -38.60
C TYR F 197 -12.21 10.29 -37.67
N ILE F 198 -11.95 10.21 -36.36
CA ILE F 198 -13.00 10.25 -35.34
C ILE F 198 -12.56 11.09 -34.13
N ALA F 199 -13.39 12.06 -33.76
CA ALA F 199 -13.31 12.71 -32.47
C ALA F 199 -14.43 12.14 -31.60
N GLU F 200 -14.06 11.45 -30.53
CA GLU F 200 -15.02 10.96 -29.55
C GLU F 200 -15.15 11.98 -28.44
N ASN F 201 -16.33 12.59 -28.34
CA ASN F 201 -16.56 13.68 -27.41
C ASN F 201 -17.21 13.16 -26.12
N HIS F 202 -16.42 13.12 -25.05
CA HIS F 202 -16.89 12.63 -23.77
C HIS F 202 -17.54 13.75 -22.95
N GLY F 203 -17.55 14.96 -23.48
CA GLY F 203 -18.02 16.12 -22.70
C GLY F 203 -19.32 16.67 -23.23
N ALA F 204 -19.50 17.98 -23.10
CA ALA F 204 -20.73 18.64 -23.55
C ALA F 204 -20.94 18.44 -25.06
N PRO F 205 -22.17 18.13 -25.47
CA PRO F 205 -22.37 17.82 -26.89
C PRO F 205 -21.89 18.94 -27.82
N LEU F 206 -21.40 18.53 -28.99
CA LEU F 206 -21.03 19.48 -30.03
C LEU F 206 -22.23 20.34 -30.42
N ARG F 207 -21.95 21.61 -30.70
CA ARG F 207 -22.98 22.52 -31.17
C ARG F 207 -22.36 23.64 -32.01
N LEU F 208 -23.20 24.48 -32.56
CA LEU F 208 -22.71 25.56 -33.39
C LEU F 208 -22.03 26.62 -32.51
N PRO F 209 -20.99 27.24 -33.04
CA PRO F 209 -20.25 28.24 -32.26
C PRO F 209 -21.07 29.53 -32.08
N ASP F 210 -20.78 30.26 -31.01
CA ASP F 210 -21.34 31.60 -30.84
C ASP F 210 -20.71 32.47 -31.89
N LEU F 211 -21.52 33.19 -32.67
CA LEU F 211 -20.98 33.85 -33.85
C LEU F 211 -20.35 35.22 -33.58
N GLY F 212 -20.54 35.75 -32.37
CA GLY F 212 -20.01 37.08 -32.06
C GLY F 212 -20.40 38.07 -33.13
N PRO F 213 -19.46 38.91 -33.60
CA PRO F 213 -19.76 39.95 -34.58
C PRO F 213 -20.22 39.40 -35.93
N ILE F 214 -19.92 38.14 -36.21
CA ILE F 214 -20.37 37.53 -37.45
C ILE F 214 -21.91 37.55 -37.47
N GLY F 215 -22.49 37.56 -36.28
CA GLY F 215 -23.92 37.84 -36.14
C GLY F 215 -24.85 36.64 -36.19
N SER F 216 -25.75 36.63 -37.16
CA SER F 216 -26.87 35.68 -37.17
C SER F 216 -26.87 34.75 -38.39
N ASN F 217 -25.85 34.90 -39.23
CA ASN F 217 -25.65 34.05 -40.39
C ASN F 217 -24.15 33.85 -40.61
N GLY F 218 -23.76 32.83 -41.38
CA GLY F 218 -22.36 32.58 -41.66
C GLY F 218 -21.76 31.29 -41.11
N LEU F 219 -20.51 31.00 -41.48
CA LEU F 219 -19.87 29.73 -41.12
C LEU F 219 -20.79 28.57 -41.48
N ALA F 220 -21.00 27.64 -40.55
CA ALA F 220 -21.97 26.56 -40.80
C ALA F 220 -23.41 27.03 -40.58
N ASN F 221 -24.18 27.16 -41.65
CA ASN F 221 -25.56 27.60 -41.51
C ASN F 221 -26.47 26.45 -41.03
N PRO F 222 -27.34 26.73 -40.07
CA PRO F 222 -28.04 25.60 -39.43
C PRO F 222 -28.96 24.84 -40.40
N ARG F 223 -29.40 25.51 -41.45
CA ARG F 223 -30.28 24.89 -42.44
C ARG F 223 -29.62 23.70 -43.15
N ASP F 224 -28.30 23.58 -43.02
CA ASP F 224 -27.56 22.56 -43.74
C ASP F 224 -27.29 21.27 -42.96
N PHE F 225 -27.68 21.26 -41.70
CA PHE F 225 -27.50 20.08 -40.88
C PHE F 225 -28.71 19.14 -41.02
N LEU F 226 -28.45 17.94 -41.53
CA LEU F 226 -29.49 17.03 -41.99
C LEU F 226 -29.63 15.78 -41.12
N THR F 227 -30.86 15.47 -40.75
CA THR F 227 -31.17 14.31 -39.93
C THR F 227 -32.05 13.35 -40.74
N PRO F 228 -31.79 12.03 -40.65
CA PRO F 228 -32.54 11.03 -41.44
C PRO F 228 -33.99 10.91 -40.99
N VAL F 229 -34.88 10.43 -41.87
CA VAL F 229 -36.26 10.15 -41.46
C VAL F 229 -36.39 8.74 -40.88
N ALA F 230 -37.44 8.52 -40.08
CA ALA F 230 -37.68 7.24 -39.44
C ALA F 230 -37.64 6.05 -40.42
N HIS F 231 -37.00 4.97 -39.97
CA HIS F 231 -36.93 3.71 -40.73
C HIS F 231 -36.71 2.60 -39.72
N TYR F 232 -37.57 1.58 -39.76
CA TYR F 232 -37.43 0.43 -38.88
C TYR F 232 -37.18 -0.85 -39.66
N GLU F 233 -36.63 -1.84 -38.97
CA GLU F 233 -36.37 -3.16 -39.53
C GLU F 233 -37.17 -4.21 -38.76
N GLU F 234 -37.55 -5.29 -39.44
CA GLU F 234 -38.33 -6.34 -38.79
C GLU F 234 -37.68 -7.70 -38.93
N ALA F 235 -36.36 -7.72 -39.02
CA ALA F 235 -35.65 -8.99 -39.05
C ALA F 235 -35.92 -9.74 -37.75
N GLU F 236 -36.37 -10.98 -37.86
CA GLU F 236 -36.35 -11.87 -36.71
C GLU F 236 -35.25 -12.90 -36.92
N GLY F 237 -34.36 -13.00 -35.95
CA GLY F 237 -33.15 -13.80 -36.08
C GLY F 237 -32.10 -13.19 -35.17
N PRO F 238 -31.04 -13.95 -34.88
CA PRO F 238 -30.07 -13.48 -33.87
C PRO F 238 -29.24 -12.30 -34.36
N VAL F 239 -29.22 -11.23 -33.56
CA VAL F 239 -28.44 -10.03 -33.84
C VAL F 239 -27.56 -9.73 -32.64
N GLN F 240 -26.27 -9.52 -32.88
CA GLN F 240 -25.38 -9.11 -31.81
C GLN F 240 -25.53 -7.61 -31.51
N LEU F 241 -25.60 -7.28 -30.23
CA LEU F 241 -25.62 -5.89 -29.79
C LEU F 241 -24.35 -5.60 -29.01
N VAL F 242 -23.53 -4.68 -29.51
CA VAL F 242 -22.25 -4.34 -28.86
C VAL F 242 -22.35 -2.93 -28.29
N GLN F 243 -21.76 -2.70 -27.12
CA GLN F 243 -21.63 -1.35 -26.60
C GLN F 243 -20.19 -1.09 -26.16
N LYS F 244 -19.73 0.14 -26.37
CA LYS F 244 -18.45 0.57 -25.83
C LYS F 244 -18.71 1.21 -24.48
N PHE F 245 -18.17 0.60 -23.43
CA PHE F 245 -18.32 1.14 -22.08
C PHE F 245 -16.97 1.21 -21.38
N LEU F 246 -16.60 2.39 -20.94
CA LEU F 246 -15.31 2.60 -20.32
C LEU F 246 -14.18 1.96 -21.14
N GLY F 247 -14.26 2.11 -22.46
CA GLY F 247 -13.20 1.68 -23.35
C GLY F 247 -13.33 0.27 -23.89
N GLU F 248 -14.12 -0.55 -23.23
CA GLU F 248 -14.25 -1.97 -23.61
C GLU F 248 -15.49 -2.28 -24.45
N HIS F 249 -15.37 -3.29 -25.31
CA HIS F 249 -16.54 -3.81 -26.02
C HIS F 249 -17.20 -4.92 -25.21
N TRP F 250 -18.48 -4.72 -24.92
CA TRP F 250 -19.31 -5.74 -24.27
C TRP F 250 -20.46 -6.05 -25.22
N ALA F 251 -20.93 -7.30 -25.23
CA ALA F 251 -21.97 -7.69 -26.17
C ALA F 251 -23.01 -8.63 -25.61
N CYS F 252 -24.19 -8.59 -26.21
CA CYS F 252 -25.22 -9.61 -25.97
C CYS F 252 -25.85 -9.95 -27.30
N GLU F 253 -26.65 -11.01 -27.31
CA GLU F 253 -27.35 -11.44 -28.51
C GLU F 253 -28.84 -11.16 -28.33
N LEU F 254 -29.45 -10.55 -29.35
CA LEU F 254 -30.89 -10.31 -29.33
C LEU F 254 -31.53 -11.21 -30.35
N GLN F 255 -32.84 -11.40 -30.24
CA GLN F 255 -33.54 -12.23 -31.21
C GLN F 255 -34.43 -11.36 -32.08
N HIS F 256 -34.08 -10.07 -32.14
CA HIS F 256 -34.78 -9.09 -32.97
C HIS F 256 -33.83 -7.97 -33.35
N SER F 257 -34.22 -7.18 -34.35
CA SER F 257 -33.41 -6.04 -34.72
C SER F 257 -33.71 -4.89 -33.77
N PRO F 258 -32.66 -4.32 -33.17
CA PRO F 258 -32.84 -3.18 -32.29
C PRO F 258 -33.04 -1.88 -33.06
N LEU F 259 -32.99 -1.93 -34.39
CA LEU F 259 -33.31 -0.75 -35.17
C LEU F 259 -34.77 -0.86 -35.58
N ASP F 260 -35.65 -0.83 -34.57
CA ASP F 260 -37.06 -1.09 -34.74
C ASP F 260 -37.90 0.10 -34.28
N VAL F 261 -37.39 1.32 -34.48
CA VAL F 261 -38.13 2.53 -34.14
C VAL F 261 -38.97 2.96 -35.33
N VAL F 262 -40.29 2.88 -35.16
CA VAL F 262 -41.23 3.18 -36.23
C VAL F 262 -41.49 4.69 -36.29
N ALA F 263 -41.38 5.36 -35.16
CA ALA F 263 -41.54 6.81 -35.14
C ALA F 263 -40.80 7.41 -33.96
N TRP F 264 -40.44 8.69 -34.08
CA TRP F 264 -39.73 9.39 -33.02
C TRP F 264 -39.92 10.91 -33.14
N HIS F 265 -39.77 11.60 -32.01
CA HIS F 265 -39.71 13.07 -32.04
C HIS F 265 -38.73 13.58 -30.99
N GLY F 266 -38.12 14.73 -31.26
CA GLY F 266 -37.24 15.32 -30.28
C GLY F 266 -35.98 15.89 -30.91
N SER F 267 -34.96 16.08 -30.08
CA SER F 267 -33.83 16.92 -30.44
C SER F 267 -32.49 16.18 -30.36
N ASN F 268 -32.51 14.95 -29.86
CA ASN F 268 -31.27 14.21 -29.69
C ASN F 268 -31.12 13.28 -30.88
N VAL F 269 -30.49 13.77 -31.94
CA VAL F 269 -30.53 13.12 -33.25
C VAL F 269 -29.13 12.92 -33.86
N PRO F 270 -28.99 11.89 -34.72
CA PRO F 270 -27.79 11.82 -35.55
C PRO F 270 -27.95 12.88 -36.65
N TYR F 271 -26.85 13.34 -37.23
CA TYR F 271 -26.97 14.29 -38.34
C TYR F 271 -25.73 14.27 -39.20
N LYS F 272 -25.84 14.85 -40.39
CA LYS F 272 -24.70 14.99 -41.30
C LYS F 272 -24.61 16.43 -41.84
N TYR F 273 -23.44 16.77 -42.35
CA TYR F 273 -23.21 18.11 -42.87
C TYR F 273 -22.14 18.07 -43.94
N ASP F 274 -22.42 18.79 -45.01
CA ASP F 274 -21.55 18.83 -46.17
C ASP F 274 -20.61 20.02 -46.00
N LEU F 275 -19.33 19.75 -45.76
CA LEU F 275 -18.34 20.81 -45.56
C LEU F 275 -18.26 21.76 -46.74
N ARG F 276 -18.71 21.32 -47.91
CA ARG F 276 -18.66 22.18 -49.09
C ARG F 276 -19.65 23.33 -49.03
N ARG F 277 -20.55 23.30 -48.04
CA ARG F 277 -21.51 24.38 -47.86
C ARG F 277 -21.12 25.43 -46.81
N PHE F 278 -19.95 25.25 -46.20
CA PHE F 278 -19.44 26.20 -45.22
C PHE F 278 -19.30 27.63 -45.77
N ASN F 279 -19.96 28.57 -45.12
CA ASN F 279 -19.86 29.98 -45.52
C ASN F 279 -18.62 30.59 -44.89
N THR F 280 -17.49 30.39 -45.55
CA THR F 280 -16.19 30.72 -45.00
C THR F 280 -15.97 32.22 -44.84
N ILE F 281 -15.66 32.64 -43.61
CA ILE F 281 -15.36 34.03 -43.28
C ILE F 281 -13.85 34.16 -43.16
N GLY F 282 -13.30 35.28 -43.63
CA GLY F 282 -11.88 35.49 -43.62
C GLY F 282 -11.53 36.96 -43.69
N THR F 283 -10.24 37.27 -43.83
CA THR F 283 -9.87 38.67 -43.96
C THR F 283 -10.24 39.17 -45.36
N VAL F 284 -10.69 40.41 -45.45
CA VAL F 284 -10.88 41.05 -46.74
C VAL F 284 -10.04 42.32 -46.81
N SER F 285 -9.00 42.36 -45.99
CA SER F 285 -8.12 43.51 -45.90
C SER F 285 -6.66 43.08 -45.85
N PHE F 286 -6.21 42.69 -44.66
CA PHE F 286 -4.83 42.29 -44.45
C PHE F 286 -4.73 41.31 -43.30
N ASP F 287 -3.51 40.87 -43.02
CA ASP F 287 -3.23 39.93 -41.93
C ASP F 287 -3.88 38.53 -42.10
N HIS F 288 -3.78 37.70 -41.07
CA HIS F 288 -4.19 36.30 -41.15
C HIS F 288 -5.01 35.92 -39.91
N PRO F 289 -6.34 35.84 -40.07
CA PRO F 289 -7.22 35.62 -38.91
C PRO F 289 -6.94 34.33 -38.14
N ASP F 290 -7.18 34.39 -36.83
CA ASP F 290 -7.09 33.21 -35.98
C ASP F 290 -7.93 32.10 -36.59
N PRO F 291 -7.44 30.85 -36.53
CA PRO F 291 -8.13 29.71 -37.14
C PRO F 291 -9.42 29.31 -36.44
N SER F 292 -9.75 29.93 -35.30
CA SER F 292 -11.04 29.73 -34.65
C SER F 292 -12.14 30.23 -35.57
N ILE F 293 -11.77 31.08 -36.52
CA ILE F 293 -12.74 31.68 -37.43
C ILE F 293 -13.33 30.62 -38.37
N PHE F 294 -12.63 29.52 -38.55
CA PHE F 294 -13.11 28.40 -39.36
C PHE F 294 -13.86 27.34 -38.56
N THR F 295 -14.32 27.68 -37.35
CA THR F 295 -15.02 26.71 -36.51
C THR F 295 -16.34 26.23 -37.12
N VAL F 296 -16.49 24.91 -37.20
CA VAL F 296 -17.69 24.27 -37.71
C VAL F 296 -18.60 23.87 -36.56
N LEU F 297 -18.04 23.13 -35.60
CA LEU F 297 -18.76 22.71 -34.40
C LEU F 297 -17.81 22.82 -33.21
N THR F 298 -18.37 22.96 -32.01
CA THR F 298 -17.57 23.14 -30.81
C THR F 298 -18.24 22.47 -29.60
N SER F 299 -17.42 21.94 -28.70
CA SER F 299 -17.87 21.36 -27.42
C SER F 299 -17.31 22.21 -26.28
N PRO F 300 -18.19 22.90 -25.55
CA PRO F 300 -17.77 23.85 -24.51
C PRO F 300 -17.39 23.15 -23.21
N THR F 301 -16.71 23.85 -22.30
CA THR F 301 -16.56 23.40 -20.92
C THR F 301 -17.29 24.40 -20.04
N SER F 302 -17.19 24.24 -18.71
CA SER F 302 -17.82 25.17 -17.78
C SER F 302 -17.06 26.50 -17.74
N VAL F 303 -15.90 26.52 -18.37
CA VAL F 303 -15.08 27.73 -18.47
C VAL F 303 -15.44 28.47 -19.75
N HIS F 304 -16.17 29.58 -19.61
CA HIS F 304 -16.63 30.31 -20.79
C HIS F 304 -15.46 30.65 -21.71
N GLY F 305 -15.62 30.39 -22.99
CA GLY F 305 -14.58 30.73 -23.93
C GLY F 305 -13.52 29.64 -24.15
N MET F 306 -13.39 28.70 -23.23
CA MET F 306 -12.38 27.63 -23.42
C MET F 306 -13.04 26.28 -23.71
N ALA F 307 -13.02 25.91 -24.98
CA ALA F 307 -13.69 24.69 -25.43
C ALA F 307 -13.05 23.40 -24.90
N ASN F 308 -13.88 22.39 -24.69
CA ASN F 308 -13.40 21.03 -24.65
C ASN F 308 -12.66 20.68 -25.96
N MET F 309 -13.29 20.99 -27.09
CA MET F 309 -12.66 20.87 -28.40
C MET F 309 -13.39 21.78 -29.38
N ASP F 310 -12.66 22.34 -30.34
CA ASP F 310 -13.23 22.98 -31.51
C ASP F 310 -12.97 22.10 -32.74
N PHE F 311 -13.97 21.88 -33.58
CA PHE F 311 -13.73 21.25 -34.88
C PHE F 311 -13.65 22.34 -35.94
N VAL F 312 -12.50 22.46 -36.57
CA VAL F 312 -12.19 23.60 -37.42
C VAL F 312 -11.76 23.10 -38.80
N ILE F 313 -12.20 23.77 -39.86
CA ILE F 313 -11.77 23.35 -41.21
C ILE F 313 -10.95 24.41 -41.98
N PHE F 314 -10.21 23.93 -42.97
CA PHE F 314 -9.42 24.77 -43.84
C PHE F 314 -9.86 24.43 -45.27
N PRO F 315 -10.90 25.12 -45.76
CA PRO F 315 -11.57 24.79 -47.01
C PRO F 315 -11.04 25.62 -48.17
N PRO F 316 -11.52 25.35 -49.38
CA PRO F 316 -11.25 26.26 -50.51
C PRO F 316 -11.69 27.66 -50.08
N ARG F 317 -10.85 28.66 -50.34
CA ARG F 317 -11.12 30.01 -49.85
C ARG F 317 -10.32 31.04 -50.63
N TRP F 318 -10.82 32.28 -50.67
CA TRP F 318 -10.09 33.40 -51.25
C TRP F 318 -9.07 33.99 -50.30
N MET F 319 -7.82 34.10 -50.78
CA MET F 319 -6.75 34.82 -50.09
C MET F 319 -6.53 36.18 -50.76
N VAL F 320 -6.79 37.27 -50.04
CA VAL F 320 -6.67 38.62 -50.61
C VAL F 320 -5.90 39.58 -49.72
N ALA F 321 -5.37 39.11 -48.60
CA ALA F 321 -4.67 39.99 -47.68
C ALA F 321 -3.54 40.71 -48.41
N GLU F 322 -3.50 42.03 -48.27
CA GLU F 322 -2.50 42.85 -48.89
C GLU F 322 -1.33 43.08 -47.94
N ASN F 323 -0.13 43.23 -48.51
CA ASN F 323 1.07 43.45 -47.72
C ASN F 323 1.07 42.52 -46.50
N THR F 324 0.78 41.25 -46.75
CA THR F 324 0.63 40.29 -45.65
C THR F 324 1.39 38.98 -45.87
N PHE F 325 1.92 38.41 -44.78
CA PHE F 325 2.36 37.01 -44.77
C PHE F 325 1.10 36.13 -44.70
N ARG F 326 0.74 35.51 -45.83
CA ARG F 326 -0.56 34.85 -45.94
C ARG F 326 -0.71 33.46 -45.28
N PRO F 327 0.37 32.66 -45.21
CA PRO F 327 0.28 31.39 -44.50
C PRO F 327 0.17 31.60 -42.99
N PRO F 328 -0.23 30.56 -42.24
CA PRO F 328 -0.35 30.71 -40.78
C PRO F 328 0.92 31.31 -40.20
N TRP F 329 0.80 32.11 -39.14
CA TRP F 329 1.96 32.67 -38.47
C TRP F 329 2.64 31.59 -37.65
N PHE F 330 3.91 31.80 -37.31
CA PHE F 330 4.54 30.93 -36.35
C PHE F 330 3.76 31.07 -35.06
N HIS F 331 3.60 29.95 -34.36
CA HIS F 331 2.61 29.87 -33.29
C HIS F 331 3.04 28.97 -32.17
N ARG F 332 2.72 29.38 -30.95
CA ARG F 332 2.77 28.53 -29.76
C ARG F 332 1.46 28.75 -28.99
N ASN F 333 0.88 27.67 -28.48
CA ASN F 333 -0.51 27.68 -28.07
C ASN F 333 -0.75 26.90 -26.79
N LEU F 334 -1.59 27.45 -25.91
CA LEU F 334 -2.07 26.72 -24.76
C LEU F 334 -2.83 25.44 -25.18
N MET F 335 -3.64 25.56 -26.22
CA MET F 335 -4.47 24.45 -26.67
C MET F 335 -3.63 23.45 -27.45
N ASN F 336 -4.21 22.30 -27.75
CA ASN F 336 -3.50 21.23 -28.43
C ASN F 336 -4.08 20.96 -29.80
N GLU F 337 -3.22 21.01 -30.82
CA GLU F 337 -3.69 21.02 -32.21
C GLU F 337 -3.41 19.71 -32.92
N PHE F 338 -4.49 18.98 -33.21
CA PHE F 338 -4.42 17.73 -33.98
C PHE F 338 -5.01 18.01 -35.35
N MET F 339 -4.20 17.88 -36.39
CA MET F 339 -4.65 18.17 -37.75
C MET F 339 -4.76 16.91 -38.59
N GLY F 340 -5.76 16.88 -39.47
CA GLY F 340 -5.89 15.83 -40.46
C GLY F 340 -6.10 16.44 -41.84
N LEU F 341 -6.23 15.60 -42.86
CA LEU F 341 -6.40 16.05 -44.24
C LEU F 341 -7.33 15.09 -44.99
N ILE F 342 -8.37 15.65 -45.62
CA ILE F 342 -9.36 14.84 -46.31
C ILE F 342 -9.03 14.69 -47.80
N ASN F 343 -8.62 15.78 -48.44
CA ASN F 343 -8.05 15.74 -49.80
C ASN F 343 -7.15 16.93 -50.09
N GLY F 344 -6.33 16.81 -51.12
CA GLY F 344 -5.46 17.90 -51.54
C GLY F 344 -4.26 18.12 -50.65
N ALA F 345 -3.82 19.37 -50.57
CA ALA F 345 -2.66 19.74 -49.76
C ALA F 345 -3.02 20.90 -48.83
N TYR F 346 -2.40 20.94 -47.66
CA TYR F 346 -2.59 22.03 -46.71
C TYR F 346 -1.52 23.14 -46.88
N ASP F 347 -1.94 24.40 -46.81
CA ASP F 347 -1.14 25.57 -47.20
C ASP F 347 0.12 25.82 -46.35
N ALA F 348 0.15 25.26 -45.14
CA ALA F 348 1.27 25.49 -44.22
C ALA F 348 2.42 24.48 -44.37
N LYS F 349 2.18 23.41 -45.12
CA LYS F 349 3.17 22.32 -45.19
C LYS F 349 3.41 21.81 -46.61
N ALA F 350 4.57 22.17 -47.16
CA ALA F 350 4.91 21.86 -48.55
C ALA F 350 4.80 20.37 -48.90
N GLU F 351 5.46 19.50 -48.13
CA GLU F 351 5.37 18.05 -48.36
C GLU F 351 5.37 17.23 -47.07
N GLY F 352 4.86 16.00 -47.16
CA GLY F 352 4.86 15.08 -46.03
C GLY F 352 3.53 14.96 -45.28
N PHE F 353 2.58 15.83 -45.63
CA PHE F 353 1.26 15.81 -45.02
C PHE F 353 0.24 15.41 -46.10
N LEU F 354 -0.16 14.14 -46.11
CA LEU F 354 -1.06 13.62 -47.14
C LEU F 354 -2.47 13.30 -46.62
N PRO F 355 -3.45 13.15 -47.53
CA PRO F 355 -4.78 12.69 -47.11
C PRO F 355 -4.69 11.41 -46.26
N GLY F 356 -5.31 11.44 -45.08
CA GLY F 356 -5.21 10.34 -44.13
C GLY F 356 -4.07 10.52 -43.14
N GLY F 357 -3.22 11.52 -43.38
CA GLY F 357 -2.14 11.86 -42.47
C GLY F 357 -2.60 12.60 -41.21
N ALA F 358 -1.72 12.73 -40.23
CA ALA F 358 -2.05 13.45 -39.01
C ALA F 358 -0.85 14.18 -38.47
N SER F 359 -1.08 15.34 -37.86
CA SER F 359 -0.01 15.97 -37.08
C SER F 359 -0.51 16.36 -35.69
N LEU F 360 0.39 16.26 -34.71
CA LEU F 360 0.08 16.69 -33.35
C LEU F 360 1.09 17.70 -32.85
N HIS F 361 0.61 18.91 -32.59
CA HIS F 361 1.41 19.94 -31.94
C HIS F 361 0.82 20.23 -30.55
N GLY F 362 1.46 19.68 -29.52
CA GLY F 362 1.01 19.83 -28.15
C GLY F 362 1.16 21.23 -27.56
N VAL F 363 0.48 21.44 -26.44
CA VAL F 363 0.55 22.68 -25.67
C VAL F 363 1.96 23.30 -25.71
N MET F 364 2.03 24.53 -26.22
CA MET F 364 3.26 25.34 -26.22
C MET F 364 4.42 24.82 -27.09
N SER F 365 4.17 23.77 -27.87
CA SER F 365 5.17 23.34 -28.83
C SER F 365 5.22 24.38 -29.95
N ALA F 366 6.42 24.68 -30.44
CA ALA F 366 6.58 25.73 -31.44
C ALA F 366 6.32 25.20 -32.85
N HIS F 367 5.28 25.73 -33.48
CA HIS F 367 4.92 25.31 -34.82
C HIS F 367 4.77 26.52 -35.77
N GLY F 368 4.43 26.24 -37.02
CA GLY F 368 4.30 27.29 -38.02
C GLY F 368 4.67 26.75 -39.40
N PRO F 369 4.66 27.63 -40.41
CA PRO F 369 4.94 27.13 -41.77
C PRO F 369 6.36 26.60 -41.89
N ASP F 370 6.56 25.55 -42.68
CA ASP F 370 7.91 25.05 -42.91
C ASP F 370 8.73 26.06 -43.72
N ALA F 371 10.04 25.81 -43.81
CA ALA F 371 10.97 26.74 -44.43
C ALA F 371 10.61 27.05 -45.88
N GLU F 372 10.10 26.05 -46.58
CA GLU F 372 9.75 26.21 -47.99
C GLU F 372 8.54 27.14 -48.17
N THR F 373 7.49 26.88 -47.39
CA THR F 373 6.28 27.70 -47.45
C THR F 373 6.62 29.15 -47.13
N CYS F 374 7.58 29.31 -46.23
CA CYS F 374 8.05 30.62 -45.78
C CYS F 374 8.72 31.45 -46.88
N GLU F 375 9.73 30.86 -47.52
CA GLU F 375 10.43 31.52 -48.60
C GLU F 375 9.44 31.98 -49.67
N LYS F 376 8.60 31.06 -50.13
CA LYS F 376 7.63 31.36 -51.18
C LYS F 376 6.68 32.51 -50.85
N ALA F 377 6.21 32.55 -49.61
CA ALA F 377 5.18 33.52 -49.24
C ALA F 377 5.73 34.94 -49.16
N ILE F 378 6.99 35.06 -48.77
CA ILE F 378 7.60 36.38 -48.63
C ILE F 378 7.91 36.96 -50.01
N ALA F 379 8.20 36.08 -50.96
CA ALA F 379 8.59 36.53 -52.29
C ALA F 379 7.38 36.60 -53.21
N ALA F 380 6.23 36.13 -52.73
CA ALA F 380 5.02 36.04 -53.55
C ALA F 380 4.48 37.40 -53.98
N ASP F 381 3.94 37.46 -55.20
CA ASP F 381 3.24 38.65 -55.64
C ASP F 381 1.80 38.60 -55.14
N LEU F 382 1.49 39.47 -54.19
CA LEU F 382 0.19 39.47 -53.54
C LEU F 382 -0.90 39.95 -54.48
N ALA F 383 -1.96 39.17 -54.55
CA ALA F 383 -3.05 39.40 -55.49
C ALA F 383 -4.10 38.37 -55.15
N PRO F 384 -5.36 38.64 -55.49
CA PRO F 384 -6.41 37.70 -55.09
C PRO F 384 -6.12 36.31 -55.64
N HIS F 385 -6.10 35.33 -54.73
CA HIS F 385 -5.75 33.96 -55.06
C HIS F 385 -6.73 32.99 -54.41
N LYS F 386 -7.40 32.20 -55.22
CA LYS F 386 -8.37 31.23 -54.75
C LYS F 386 -7.69 29.92 -54.40
N ILE F 387 -7.60 29.63 -53.10
CA ILE F 387 -7.14 28.32 -52.68
C ILE F 387 -8.25 27.33 -52.96
N ASP F 388 -7.93 26.25 -53.66
CA ASP F 388 -8.95 25.31 -54.07
C ASP F 388 -8.49 23.85 -54.01
N ASN F 389 -9.43 22.92 -54.13
CA ASN F 389 -9.09 21.50 -54.23
C ASN F 389 -8.38 20.97 -52.99
N THR F 390 -8.82 21.45 -51.84
CA THR F 390 -8.23 21.02 -50.58
C THR F 390 -9.30 21.00 -49.51
N MET F 391 -9.05 20.20 -48.48
CA MET F 391 -9.88 20.23 -47.27
C MET F 391 -9.07 19.60 -46.13
N ALA F 392 -8.52 20.46 -45.28
CA ALA F 392 -7.84 20.01 -44.07
C ALA F 392 -8.72 20.39 -42.90
N PHE F 393 -8.38 19.95 -41.71
CA PHE F 393 -9.20 20.26 -40.55
C PHE F 393 -8.37 20.06 -39.30
N MET F 394 -8.87 20.55 -38.16
CA MET F 394 -8.17 20.38 -36.91
C MET F 394 -9.16 20.00 -35.83
N PHE F 395 -8.77 19.06 -34.97
CA PHE F 395 -9.45 18.92 -33.68
C PHE F 395 -8.55 19.65 -32.67
N GLU F 396 -9.04 20.76 -32.12
CA GLU F 396 -8.27 21.50 -31.12
C GLU F 396 -8.86 21.23 -29.73
N THR F 397 -8.05 20.69 -28.83
CA THR F 397 -8.53 20.36 -27.47
C THR F 397 -7.81 21.20 -26.41
N SER F 398 -8.50 21.47 -25.31
CA SER F 398 -7.87 22.22 -24.23
C SER F 398 -6.98 21.35 -23.33
N GLN F 399 -7.36 20.10 -23.09
CA GLN F 399 -6.50 19.16 -22.35
C GLN F 399 -5.41 18.62 -23.26
N VAL F 400 -4.22 18.34 -22.73
CA VAL F 400 -3.19 17.77 -23.59
C VAL F 400 -3.62 16.41 -24.16
N LEU F 401 -3.25 16.17 -25.40
CA LEU F 401 -3.57 14.89 -26.03
C LEU F 401 -2.38 13.96 -25.86
N ARG F 402 -2.59 12.84 -25.17
CA ARG F 402 -1.55 11.84 -25.00
C ARG F 402 -1.61 10.82 -26.13
N PRO F 403 -0.59 10.80 -27.00
CA PRO F 403 -0.48 9.78 -28.04
C PRO F 403 -0.51 8.38 -27.44
N SER F 404 -1.24 7.45 -28.05
CA SER F 404 -1.30 6.08 -27.57
C SER F 404 0.02 5.36 -27.84
N LEU F 405 0.22 4.23 -27.18
CA LEU F 405 1.46 3.49 -27.38
C LEU F 405 1.54 3.10 -28.84
N GLN F 406 0.41 2.66 -29.38
N GLN F 406 0.42 2.64 -29.38
CA GLN F 406 0.33 2.22 -30.76
CA GLN F 406 0.34 2.23 -30.78
C GLN F 406 0.77 3.32 -31.74
C GLN F 406 0.81 3.34 -31.72
N ALA F 407 0.32 4.54 -31.50
CA ALA F 407 0.63 5.66 -32.37
C ALA F 407 2.13 6.01 -32.32
N LEU F 408 2.72 5.87 -31.14
CA LEU F 408 4.14 6.16 -30.97
C LEU F 408 5.07 5.08 -31.55
N GLU F 409 4.57 3.86 -31.68
CA GLU F 409 5.36 2.76 -32.26
C GLU F 409 5.00 2.53 -33.73
N CYS F 410 3.99 3.27 -34.17
CA CYS F 410 3.46 3.19 -35.53
C CYS F 410 4.55 3.33 -36.60
N PRO F 411 4.64 2.35 -37.52
CA PRO F 411 5.56 2.45 -38.66
C PRO F 411 5.31 3.73 -39.46
N GLN F 412 4.09 4.24 -39.38
CA GLN F 412 3.71 5.42 -40.15
C GLN F 412 4.12 6.73 -39.47
N LEU F 413 4.57 6.66 -38.23
CA LEU F 413 5.10 7.83 -37.54
C LEU F 413 6.39 8.28 -38.21
N GLN F 414 6.42 9.54 -38.67
CA GLN F 414 7.59 10.08 -39.34
C GLN F 414 8.75 10.37 -38.36
N ALA F 415 9.94 9.90 -38.74
CA ALA F 415 11.12 9.98 -37.87
C ALA F 415 11.75 11.37 -37.83
N ASP F 416 11.60 12.14 -38.89
CA ASP F 416 12.31 13.41 -39.00
C ASP F 416 11.38 14.60 -39.27
N TYR F 417 10.28 14.68 -38.53
CA TYR F 417 9.35 15.78 -38.69
C TYR F 417 10.04 17.14 -38.48
N ASP F 418 10.86 17.24 -37.45
CA ASP F 418 11.47 18.52 -37.07
C ASP F 418 12.36 19.11 -38.18
N SER F 419 12.73 18.28 -39.14
CA SER F 419 13.60 18.72 -40.20
C SER F 419 12.89 19.64 -41.21
N CYS F 420 11.56 19.66 -41.21
CA CYS F 420 10.85 20.54 -42.16
C CYS F 420 11.05 22.01 -41.81
N TRP F 421 11.52 22.27 -40.59
CA TRP F 421 11.76 23.64 -40.14
C TRP F 421 13.26 23.98 -40.12
N ALA F 422 14.09 22.95 -40.30
CA ALA F 422 15.53 23.05 -40.07
C ALA F 422 16.27 24.13 -40.88
N THR F 423 15.75 24.45 -42.06
CA THR F 423 16.45 25.35 -42.97
C THR F 423 15.98 26.81 -42.90
N LEU F 424 15.10 27.14 -41.95
CA LEU F 424 14.70 28.53 -41.73
C LEU F 424 15.93 29.41 -41.47
N PRO F 425 16.13 30.46 -42.29
CA PRO F 425 17.33 31.28 -42.13
C PRO F 425 17.06 32.52 -41.31
N SER F 426 18.11 33.07 -40.71
CA SER F 426 18.03 34.40 -40.16
C SER F 426 18.14 35.40 -41.31
N THR F 427 17.22 36.36 -41.35
CA THR F 427 17.26 37.41 -42.35
C THR F 427 17.37 38.78 -41.67
N PHE F 428 17.71 38.75 -40.39
CA PHE F 428 17.78 39.94 -39.55
C PHE F 428 18.89 40.90 -39.98
N ASN F 429 18.55 42.18 -40.11
CA ASN F 429 19.53 43.24 -40.34
C ASN F 429 19.29 44.44 -39.43
N PRO F 430 20.06 44.55 -38.34
CA PRO F 430 19.81 45.63 -37.40
C PRO F 430 19.93 47.02 -38.05
N ASN F 431 20.56 47.12 -39.21
CA ASN F 431 20.84 48.43 -39.79
C ASN F 431 19.86 48.87 -40.86
N ARG F 432 18.87 48.02 -41.15
CA ARG F 432 17.89 48.34 -42.18
C ARG F 432 16.47 47.96 -41.76
N ARG F 433 15.68 48.95 -41.33
CA ARG F 433 14.27 48.71 -41.01
C ARG F 433 13.55 48.19 -42.24
N LEU G 9 21.82 -16.77 55.90
CA LEU G 9 21.21 -17.52 54.81
C LEU G 9 22.05 -18.74 54.42
N HIS G 10 21.38 -19.87 54.17
CA HIS G 10 22.08 -21.05 53.73
C HIS G 10 21.86 -21.29 52.25
N TYR G 11 22.80 -21.97 51.59
CA TYR G 11 22.67 -22.22 50.16
C TYR G 11 22.99 -23.66 49.83
N LEU G 12 22.49 -24.10 48.69
CA LEU G 12 22.86 -25.38 48.11
C LEU G 12 23.76 -25.10 46.92
N SER G 13 24.72 -25.98 46.68
CA SER G 13 25.70 -25.77 45.63
C SER G 13 25.59 -26.81 44.50
N GLY G 14 25.97 -26.37 43.29
CA GLY G 14 26.10 -27.28 42.17
C GLY G 14 25.21 -26.90 41.00
N PHE G 15 25.75 -26.13 40.07
CA PHE G 15 24.98 -25.70 38.91
C PHE G 15 24.30 -26.88 38.23
N GLY G 16 23.00 -26.76 38.01
CA GLY G 16 22.26 -27.75 37.25
C GLY G 16 21.86 -28.97 38.06
N ASN G 17 22.14 -28.95 39.35
CA ASN G 17 21.80 -30.07 40.21
C ASN G 17 20.28 -30.33 40.30
N GLU G 18 19.92 -31.59 40.57
CA GLU G 18 18.58 -31.91 41.06
C GLU G 18 18.64 -31.68 42.56
N PHE G 19 18.15 -30.52 43.00
CA PHE G 19 18.17 -30.17 44.41
C PHE G 19 16.93 -30.66 45.15
N ALA G 20 17.05 -30.74 46.47
CA ALA G 20 15.90 -31.01 47.33
C ALA G 20 16.03 -30.16 48.60
N SER G 21 14.94 -29.53 49.01
CA SER G 21 14.95 -28.67 50.19
C SER G 21 13.58 -28.66 50.86
N GLU G 22 13.54 -28.83 52.17
CA GLU G 22 12.29 -28.74 52.93
C GLU G 22 12.43 -27.85 54.17
N ALA G 23 11.45 -26.96 54.39
CA ALA G 23 11.48 -26.06 55.55
C ALA G 23 10.91 -26.72 56.81
N LEU G 24 10.14 -27.79 56.61
CA LEU G 24 9.67 -28.62 57.72
C LEU G 24 10.06 -30.07 57.46
N PRO G 25 10.47 -30.78 58.50
CA PRO G 25 10.96 -32.16 58.36
C PRO G 25 9.97 -33.07 57.63
N GLY G 26 10.40 -33.61 56.50
CA GLY G 26 9.58 -34.56 55.76
C GLY G 26 8.45 -33.93 54.97
N ALA G 27 8.53 -32.62 54.73
CA ALA G 27 7.53 -31.93 53.92
C ALA G 27 7.59 -32.38 52.46
N LEU G 28 8.72 -32.95 52.07
CA LEU G 28 8.86 -33.59 50.75
C LEU G 28 8.28 -35.01 50.75
N PRO G 29 7.40 -35.31 49.78
CA PRO G 29 6.88 -36.68 49.69
C PRO G 29 8.04 -37.64 49.40
N VAL G 30 8.12 -38.73 50.16
CA VAL G 30 9.20 -39.69 50.00
C VAL G 30 8.84 -40.73 48.95
N GLY G 31 9.62 -40.78 47.88
CA GLY G 31 9.44 -41.84 46.90
C GLY G 31 8.50 -41.54 45.75
N GLN G 32 7.86 -40.37 45.78
CA GLN G 32 6.98 -40.00 44.68
C GLN G 32 6.81 -38.49 44.66
N ASN G 33 6.13 -37.99 43.63
CA ASN G 33 5.94 -36.56 43.50
C ASN G 33 4.50 -36.12 43.84
N SER G 34 3.55 -37.04 43.68
CA SER G 34 2.13 -36.66 43.79
C SER G 34 1.30 -37.58 44.69
N PRO G 35 1.58 -37.57 46.00
CA PRO G 35 0.78 -38.33 46.97
C PRO G 35 -0.67 -37.82 47.02
N GLN G 36 -1.60 -38.68 47.43
CA GLN G 36 -2.99 -38.24 47.53
C GLN G 36 -3.14 -37.15 48.58
N LYS G 37 -2.61 -37.41 49.77
CA LYS G 37 -2.57 -36.42 50.85
C LYS G 37 -1.11 -36.01 51.16
N ALA G 38 -0.62 -35.00 50.45
CA ALA G 38 0.72 -34.47 50.67
C ALA G 38 0.93 -34.18 52.14
N PRO G 39 2.19 -34.29 52.61
CA PRO G 39 2.56 -34.00 54.00
C PRO G 39 2.14 -32.59 54.44
N TYR G 40 1.67 -32.47 55.67
CA TYR G 40 1.28 -31.18 56.21
C TYR G 40 0.06 -30.58 55.49
N GLY G 41 -0.55 -31.37 54.63
CA GLY G 41 -1.70 -30.91 53.87
C GLY G 41 -1.35 -29.82 52.88
N LEU G 42 -0.24 -30.02 52.16
CA LEU G 42 0.22 -29.06 51.17
C LEU G 42 -0.31 -29.44 49.79
N TYR G 43 -0.06 -28.59 48.80
CA TYR G 43 -0.42 -28.89 47.42
C TYR G 43 0.82 -29.10 46.56
N ALA G 44 0.82 -30.15 45.75
CA ALA G 44 1.88 -30.38 44.77
C ALA G 44 1.70 -29.50 43.55
N GLU G 45 2.77 -28.85 43.10
CA GLU G 45 2.68 -28.01 41.91
C GLU G 45 3.95 -28.09 41.08
N LEU G 46 3.81 -28.42 39.81
CA LEU G 46 4.97 -28.57 38.94
C LEU G 46 5.22 -27.30 38.16
N LEU G 47 6.43 -26.79 38.27
CA LEU G 47 6.90 -25.71 37.40
C LEU G 47 7.81 -26.26 36.31
N SER G 48 7.30 -26.25 35.09
CA SER G 48 8.01 -26.75 33.92
C SER G 48 8.69 -25.60 33.20
N GLY G 49 10.01 -25.50 33.33
CA GLY G 49 10.74 -24.40 32.72
C GLY G 49 11.11 -24.67 31.27
N THR G 50 10.89 -25.92 30.85
CA THR G 50 11.20 -26.37 29.49
C THR G 50 10.12 -27.33 29.04
N ALA G 51 10.07 -27.60 27.74
CA ALA G 51 9.19 -28.64 27.22
C ALA G 51 9.46 -29.93 27.98
N PHE G 52 8.43 -30.78 28.10
CA PHE G 52 8.52 -32.02 28.85
C PHE G 52 9.58 -32.93 28.25
N THR G 53 9.77 -32.80 26.93
CA THR G 53 10.49 -33.80 26.17
C THR G 53 11.93 -33.41 25.82
N MET G 54 12.48 -32.42 26.55
CA MET G 54 13.88 -32.08 26.37
C MET G 54 14.75 -33.25 26.79
N ALA G 55 15.92 -33.39 26.18
CA ALA G 55 16.90 -34.33 26.70
C ALA G 55 17.12 -33.96 28.17
N ARG G 56 17.36 -34.95 29.01
CA ARG G 56 17.56 -34.70 30.44
C ARG G 56 18.58 -33.60 30.73
N SER G 57 19.65 -33.55 29.94
CA SER G 57 20.69 -32.55 30.16
C SER G 57 20.12 -31.12 30.09
N GLU G 58 19.09 -30.94 29.26
CA GLU G 58 18.50 -29.61 29.04
C GLU G 58 17.23 -29.38 29.86
N LEU G 59 16.80 -30.38 30.60
CA LEU G 59 15.56 -30.27 31.38
C LEU G 59 15.71 -29.34 32.58
N ARG G 60 14.75 -28.41 32.73
CA ARG G 60 14.58 -27.61 33.94
C ARG G 60 13.13 -27.73 34.45
N ARG G 61 12.96 -28.32 35.62
CA ARG G 61 11.62 -28.45 36.19
C ARG G 61 11.74 -28.66 37.68
N THR G 62 10.80 -28.07 38.41
CA THR G 62 10.84 -28.08 39.86
C THR G 62 9.47 -28.40 40.44
N TRP G 63 9.44 -29.32 41.39
CA TRP G 63 8.22 -29.69 42.09
C TRP G 63 8.07 -28.85 43.34
N LEU G 64 6.91 -28.25 43.51
CA LEU G 64 6.64 -27.39 44.65
C LEU G 64 5.59 -28.01 45.57
N TYR G 65 5.79 -27.89 46.88
CA TYR G 65 4.79 -28.28 47.86
C TYR G 65 4.44 -27.07 48.70
N ARG G 66 3.28 -26.50 48.38
CA ARG G 66 2.91 -25.17 48.84
C ARG G 66 1.54 -25.12 49.50
N ILE G 67 1.32 -24.05 50.27
CA ILE G 67 0.11 -23.89 51.06
C ILE G 67 -1.12 -23.65 50.17
N ARG G 68 -0.96 -22.80 49.17
CA ARG G 68 -2.04 -22.59 48.22
C ARG G 68 -1.54 -22.74 46.78
N PRO G 69 -2.34 -23.38 45.92
CA PRO G 69 -1.94 -23.48 44.50
C PRO G 69 -1.81 -22.10 43.88
N SER G 70 -0.90 -21.94 42.91
CA SER G 70 -0.80 -20.68 42.18
C SER G 70 -2.06 -20.38 41.37
N ALA G 71 -2.86 -21.40 41.08
CA ALA G 71 -4.07 -21.19 40.30
C ALA G 71 -5.11 -20.38 41.06
N LEU G 72 -4.94 -20.25 42.37
CA LEU G 72 -5.85 -19.45 43.19
C LEU G 72 -5.57 -17.96 43.05
N HIS G 73 -6.20 -17.34 42.05
CA HIS G 73 -6.00 -15.92 41.83
C HIS G 73 -7.08 -15.39 40.90
N PRO G 74 -7.42 -14.11 41.05
CA PRO G 74 -8.46 -13.48 40.22
C PRO G 74 -7.90 -13.02 38.89
N ARG G 75 -8.79 -12.56 38.03
CA ARG G 75 -8.39 -12.00 36.75
C ARG G 75 -7.23 -11.01 36.93
N PHE G 76 -6.22 -11.11 36.08
CA PHE G 76 -5.19 -10.07 36.00
C PHE G 76 -5.74 -8.89 35.23
N GLU G 77 -5.35 -7.69 35.62
CA GLU G 77 -5.73 -6.48 34.89
C GLU G 77 -4.51 -5.63 34.56
N ARG G 78 -4.58 -4.95 33.42
CA ARG G 78 -3.48 -4.15 32.91
C ARG G 78 -3.23 -2.91 33.79
N LEU G 79 -1.98 -2.72 34.23
CA LEU G 79 -1.65 -1.56 35.04
C LEU G 79 -1.62 -0.27 34.22
N ALA G 80 -1.87 0.84 34.88
CA ALA G 80 -1.75 2.14 34.24
C ALA G 80 -0.28 2.47 33.99
N ARG G 81 0.56 2.15 34.97
CA ARG G 81 2.01 2.39 34.89
C ARG G 81 2.72 1.33 34.04
N GLN G 82 3.25 1.72 32.88
CA GLN G 82 3.92 0.78 31.98
C GLN G 82 5.34 1.23 31.62
N PRO G 83 6.32 0.89 32.48
CA PRO G 83 7.69 1.39 32.27
C PRO G 83 8.39 0.82 31.03
N LEU G 84 7.82 -0.22 30.42
CA LEU G 84 8.46 -0.86 29.26
C LEU G 84 7.78 -0.59 27.93
N GLY G 85 6.82 0.34 27.93
CA GLY G 85 5.98 0.56 26.76
C GLY G 85 6.51 1.48 25.68
N GLY G 86 7.58 2.21 25.96
CA GLY G 86 8.17 3.10 24.98
C GLY G 86 8.63 2.40 23.69
N PRO G 87 8.56 3.12 22.56
CA PRO G 87 8.97 2.58 21.26
C PRO G 87 10.47 2.30 21.14
N LEU G 88 10.83 1.50 20.13
CA LEU G 88 12.22 1.38 19.73
C LEU G 88 12.61 2.69 19.07
N GLY G 89 13.86 3.10 19.26
CA GLY G 89 14.37 4.27 18.57
C GLY G 89 14.45 3.93 17.10
N GLY G 90 14.85 4.91 16.29
CA GLY G 90 14.98 4.68 14.87
C GLY G 90 16.21 3.85 14.56
N ILE G 91 16.41 3.58 13.27
CA ILE G 91 17.58 2.88 12.79
C ILE G 91 18.83 3.76 12.94
N ASN G 92 19.89 3.20 13.52
CA ASN G 92 21.13 3.94 13.81
C ASN G 92 22.30 2.98 13.99
N PRO G 93 23.17 2.91 12.98
CA PRO G 93 24.29 1.98 12.99
C PRO G 93 25.48 2.47 13.85
N ASN G 94 25.35 3.64 14.46
CA ASN G 94 26.49 4.26 15.14
C ASN G 94 26.98 3.55 16.41
N ARG G 95 28.27 3.76 16.73
CA ARG G 95 28.84 3.28 17.99
C ARG G 95 28.31 4.18 19.08
N LEU G 96 27.85 3.60 20.20
CA LEU G 96 27.16 4.38 21.21
C LEU G 96 27.73 4.13 22.60
N ARG G 97 27.81 5.19 23.40
CA ARG G 97 28.21 5.09 24.79
C ARG G 97 27.34 5.97 25.68
N TRP G 98 26.94 5.43 26.83
CA TRP G 98 26.16 6.17 27.83
C TRP G 98 26.97 6.32 29.11
N SER G 99 26.78 7.46 29.79
CA SER G 99 27.26 7.65 31.15
C SER G 99 26.34 6.93 32.11
N PRO G 100 26.77 6.78 33.37
CA PRO G 100 25.96 6.09 34.37
C PRO G 100 24.58 6.72 34.49
N GLN G 101 23.59 5.91 34.86
CA GLN G 101 22.21 6.38 34.97
C GLN G 101 21.91 6.81 36.41
N PRO G 102 21.27 7.96 36.56
CA PRO G 102 20.93 8.46 37.90
C PRO G 102 19.71 7.74 38.51
N ILE G 103 19.78 7.45 39.80
CA ILE G 103 18.66 6.86 40.52
C ILE G 103 17.53 7.89 40.48
N PRO G 104 16.44 7.55 39.77
CA PRO G 104 15.39 8.48 39.31
C PRO G 104 14.57 9.10 40.43
N ALA G 105 13.71 10.03 40.03
CA ALA G 105 12.85 10.76 40.96
C ALA G 105 11.43 10.85 40.42
N GLU G 106 10.50 10.20 41.11
CA GLU G 106 10.89 9.46 42.30
C GLU G 106 10.24 8.09 42.48
N PRO G 107 9.48 7.89 43.57
CA PRO G 107 9.16 6.56 44.12
C PRO G 107 9.18 5.44 43.08
N THR G 108 10.16 4.56 43.18
CA THR G 108 10.44 3.56 42.15
C THR G 108 10.97 2.25 42.75
N ASP G 109 10.28 1.14 42.53
CA ASP G 109 10.83 -0.14 42.97
C ASP G 109 11.52 -0.90 41.83
N PHE G 110 12.00 -2.10 42.14
CA PHE G 110 12.83 -2.85 41.20
C PHE G 110 12.22 -2.99 39.81
N ILE G 111 11.00 -3.49 39.73
CA ILE G 111 10.34 -3.71 38.44
C ILE G 111 9.86 -2.40 37.83
N GLU G 112 9.61 -1.42 38.70
CA GLU G 112 9.20 -0.10 38.25
C GLU G 112 10.36 0.63 37.57
N GLY G 113 11.58 0.29 37.95
CA GLY G 113 12.73 1.05 37.49
C GLY G 113 13.60 0.47 36.39
N TRP G 114 13.09 -0.43 35.56
CA TRP G 114 13.88 -0.92 34.43
C TRP G 114 13.94 0.11 33.32
N LEU G 115 15.14 0.54 32.96
CA LEU G 115 15.32 1.41 31.81
C LEU G 115 15.72 0.57 30.60
N PRO G 116 14.86 0.49 29.58
CA PRO G 116 15.14 -0.26 28.36
C PRO G 116 16.26 0.38 27.59
N MET G 117 17.34 -0.35 27.39
CA MET G 117 18.51 0.20 26.69
C MET G 117 18.54 -0.21 25.23
N ALA G 118 18.56 -1.53 25.01
CA ALA G 118 18.50 -2.08 23.66
C ALA G 118 17.97 -3.50 23.72
N ALA G 119 17.38 -3.95 22.62
CA ALA G 119 16.76 -5.28 22.59
C ALA G 119 16.77 -5.83 21.18
N ASN G 120 16.68 -7.15 21.06
CA ASN G 120 16.64 -7.79 19.75
C ASN G 120 15.31 -7.51 19.04
N ALA G 121 14.25 -7.39 19.81
CA ALA G 121 12.92 -7.12 19.25
C ALA G 121 12.07 -6.17 20.11
N GLY G 122 11.00 -5.65 19.53
CA GLY G 122 10.00 -4.88 20.27
C GLY G 122 9.49 -5.68 21.45
N ALA G 123 9.10 -4.98 22.52
CA ALA G 123 8.73 -5.63 23.78
C ALA G 123 7.50 -6.53 23.69
N GLU G 124 6.67 -6.29 22.69
CA GLU G 124 5.40 -7.00 22.56
C GLU G 124 5.59 -8.34 21.83
N LYS G 125 6.72 -8.48 21.14
CA LYS G 125 7.08 -9.74 20.48
C LYS G 125 8.45 -10.20 20.97
N PRO G 126 8.54 -10.63 22.23
CA PRO G 126 9.82 -10.92 22.87
C PRO G 126 10.59 -12.05 22.17
N ALA G 127 11.89 -11.83 21.98
CA ALA G 127 12.74 -12.78 21.26
C ALA G 127 14.20 -12.45 21.53
N GLY G 128 15.07 -13.46 21.48
CA GLY G 128 16.47 -13.25 21.76
C GLY G 128 16.70 -12.67 23.14
N VAL G 129 17.17 -11.43 23.17
CA VAL G 129 17.51 -10.81 24.45
C VAL G 129 17.06 -9.34 24.54
N SER G 130 16.67 -8.95 25.75
CA SER G 130 16.40 -7.54 26.02
C SER G 130 17.28 -7.05 27.17
N ILE G 131 17.88 -5.88 26.99
CA ILE G 131 18.87 -5.36 27.94
C ILE G 131 18.37 -4.09 28.61
N TYR G 132 18.36 -4.09 29.95
CA TYR G 132 17.92 -2.95 30.74
C TYR G 132 18.96 -2.51 31.77
N ILE G 133 18.83 -1.26 32.19
CA ILE G 133 19.52 -0.80 33.39
C ILE G 133 18.47 -0.49 34.44
N TYR G 134 18.57 -1.10 35.62
CA TYR G 134 17.59 -0.84 36.65
C TYR G 134 18.08 0.16 37.66
N ARG G 135 17.14 0.98 38.13
CA ARG G 135 17.36 1.97 39.17
C ARG G 135 16.16 1.89 40.11
N ALA G 136 16.41 1.80 41.41
CA ALA G 136 15.33 1.70 42.39
C ALA G 136 15.67 2.38 43.71
N ASN G 137 14.62 2.82 44.42
CA ASN G 137 14.78 3.57 45.66
C ASN G 137 13.78 3.05 46.70
N ARG G 138 13.12 1.96 46.36
CA ARG G 138 12.15 1.36 47.26
C ARG G 138 12.21 -0.16 47.19
N SER G 139 12.06 -0.82 48.33
CA SER G 139 11.84 -2.25 48.33
C SER G 139 10.47 -2.57 47.72
N MET G 140 10.32 -3.74 47.14
CA MET G 140 9.05 -4.13 46.55
C MET G 140 8.04 -4.47 47.65
N GLU G 141 6.84 -3.91 47.52
CA GLU G 141 5.73 -4.22 48.41
C GLU G 141 4.74 -5.07 47.62
N ARG G 142 5.26 -6.11 47.00
CA ARG G 142 4.48 -6.96 46.12
C ARG G 142 5.35 -8.09 45.57
N VAL G 143 4.72 -9.04 44.88
CA VAL G 143 5.40 -10.18 44.31
C VAL G 143 5.23 -10.17 42.79
N PHE G 144 6.28 -10.58 42.08
CA PHE G 144 6.36 -10.44 40.63
C PHE G 144 6.89 -11.72 39.95
N PHE G 145 6.38 -12.02 38.77
CA PHE G 145 7.05 -12.99 37.89
C PHE G 145 7.08 -12.50 36.45
N ASN G 146 8.10 -12.93 35.71
CA ASN G 146 8.31 -12.53 34.33
C ASN G 146 7.97 -13.69 33.42
N ALA G 147 6.88 -13.54 32.66
CA ALA G 147 6.47 -14.60 31.74
C ALA G 147 7.24 -14.56 30.43
N ASP G 148 8.01 -13.49 30.22
CA ASP G 148 8.67 -13.26 28.94
C ASP G 148 10.06 -13.88 28.87
N GLY G 149 10.61 -14.25 30.01
CA GLY G 149 11.93 -14.84 29.96
C GLY G 149 12.68 -14.93 31.26
N GLU G 150 13.89 -15.47 31.15
CA GLU G 150 14.82 -15.65 32.25
C GLU G 150 15.51 -14.31 32.50
N LEU G 151 15.75 -13.99 33.77
CA LEU G 151 16.38 -12.73 34.13
C LEU G 151 17.77 -12.93 34.71
N LEU G 152 18.78 -12.34 34.07
CA LEU G 152 20.15 -12.31 34.58
C LEU G 152 20.45 -10.93 35.19
N LEU G 153 20.70 -10.91 36.50
CA LEU G 153 20.89 -9.67 37.26
C LEU G 153 22.35 -9.41 37.58
N VAL G 154 22.82 -8.22 37.21
CA VAL G 154 24.22 -7.82 37.41
C VAL G 154 24.28 -6.52 38.22
N PRO G 155 24.27 -6.63 39.56
CA PRO G 155 24.36 -5.47 40.47
C PRO G 155 25.65 -4.67 40.30
N GLU G 156 25.50 -3.35 40.27
CA GLU G 156 26.64 -2.47 40.21
C GLU G 156 26.67 -1.56 41.44
N GLN G 157 25.50 -1.12 41.90
CA GLN G 157 25.40 -0.39 43.16
C GLN G 157 24.30 -0.91 44.07
N GLY G 158 24.68 -1.25 45.30
CA GLY G 158 23.73 -1.68 46.31
C GLY G 158 23.48 -3.17 46.32
N ARG G 159 23.36 -3.72 47.53
CA ARG G 159 23.02 -5.12 47.69
C ARG G 159 21.52 -5.36 47.51
N LEU G 160 21.16 -6.53 46.99
CA LEU G 160 19.76 -6.92 46.88
C LEU G 160 19.45 -8.09 47.78
N ARG G 161 18.27 -8.07 48.38
CA ARG G 161 17.77 -9.26 49.03
C ARG G 161 16.59 -9.73 48.21
N ILE G 162 16.71 -10.92 47.64
CA ILE G 162 15.71 -11.44 46.71
C ILE G 162 15.00 -12.65 47.30
N ALA G 163 13.74 -12.45 47.65
CA ALA G 163 12.92 -13.55 48.15
C ALA G 163 12.20 -14.16 46.96
N THR G 164 12.53 -15.42 46.67
CA THR G 164 11.86 -16.17 45.61
C THR G 164 10.98 -17.26 46.21
N GLU G 165 10.17 -17.89 45.36
CA GLU G 165 9.38 -19.06 45.76
C GLU G 165 10.23 -20.15 46.42
N LEU G 166 11.50 -20.28 46.02
CA LEU G 166 12.35 -21.37 46.52
C LEU G 166 13.23 -20.99 47.72
N GLY G 167 13.14 -19.74 48.15
CA GLY G 167 13.89 -19.27 49.29
C GLY G 167 14.54 -17.92 49.05
N VAL G 168 15.33 -17.46 50.01
CA VAL G 168 15.87 -16.10 49.93
C VAL G 168 17.35 -16.06 49.60
N MET G 169 17.70 -15.26 48.60
CA MET G 169 19.11 -15.07 48.26
C MET G 169 19.51 -13.60 48.26
N GLU G 170 20.72 -13.33 48.72
CA GLU G 170 21.22 -11.96 48.76
C GLU G 170 22.37 -11.77 47.79
N VAL G 171 22.33 -10.67 47.04
CA VAL G 171 23.31 -10.43 46.00
C VAL G 171 23.96 -9.05 46.14
N GLU G 172 25.26 -8.99 45.90
CA GLU G 172 25.99 -7.72 45.94
C GLU G 172 26.81 -7.53 44.66
N PRO G 173 27.15 -6.28 44.34
CA PRO G 173 27.93 -6.06 43.10
C PRO G 173 29.19 -6.96 43.07
N LEU G 174 29.56 -7.43 41.88
CA LEU G 174 30.61 -8.44 41.69
C LEU G 174 30.04 -9.86 41.80
N GLU G 175 28.79 -9.97 42.20
CA GLU G 175 28.02 -11.21 42.18
C GLU G 175 26.92 -11.10 41.11
N ILE G 176 26.48 -12.23 40.55
CA ILE G 176 25.28 -12.23 39.70
C ILE G 176 24.22 -13.15 40.25
N ALA G 177 22.98 -12.95 39.80
CA ALA G 177 21.86 -13.80 40.18
C ALA G 177 20.98 -14.09 38.97
N VAL G 178 20.48 -15.32 38.87
CA VAL G 178 19.56 -15.69 37.79
C VAL G 178 18.19 -16.10 38.35
N ILE G 179 17.13 -15.56 37.77
CA ILE G 179 15.76 -15.95 38.15
C ILE G 179 15.01 -16.55 36.95
N PRO G 180 14.65 -17.85 37.06
CA PRO G 180 13.98 -18.55 35.97
C PRO G 180 12.69 -17.87 35.56
N ARG G 181 12.37 -17.94 34.27
CA ARG G 181 11.09 -17.48 33.74
C ARG G 181 9.91 -18.01 34.58
N GLY G 182 9.00 -17.10 34.95
CA GLY G 182 7.75 -17.47 35.56
C GLY G 182 7.81 -17.67 37.05
N MET G 183 9.01 -17.68 37.61
CA MET G 183 9.18 -17.82 39.06
C MET G 183 8.88 -16.49 39.76
N LYS G 184 8.19 -16.59 40.90
CA LYS G 184 7.75 -15.40 41.65
C LYS G 184 8.81 -14.95 42.66
N PHE G 185 9.06 -13.65 42.72
CA PHE G 185 10.08 -13.13 43.63
C PHE G 185 9.79 -11.69 44.09
N ARG G 186 10.50 -11.26 45.13
CA ARG G 186 10.37 -9.91 45.68
C ARG G 186 11.76 -9.35 45.96
N VAL G 187 12.05 -8.16 45.46
CA VAL G 187 13.36 -7.56 45.65
C VAL G 187 13.38 -6.49 46.77
N GLU G 188 14.17 -6.76 47.80
CA GLU G 188 14.38 -5.83 48.91
C GLU G 188 15.75 -5.14 48.77
N LEU G 189 15.76 -3.83 48.91
CA LEU G 189 16.99 -3.04 48.79
C LEU G 189 17.69 -2.94 50.14
N LEU G 190 18.80 -3.64 50.30
CA LEU G 190 19.50 -3.65 51.58
C LEU G 190 20.26 -2.36 51.89
N ASP G 191 20.37 -1.45 50.91
CA ASP G 191 21.18 -0.25 51.09
C ASP G 191 20.46 1.03 50.64
N GLY G 192 19.13 1.03 50.72
CA GLY G 192 18.36 2.21 50.35
C GLY G 192 18.11 2.38 48.86
N GLN G 193 19.17 2.38 48.06
CA GLN G 193 19.05 2.46 46.62
C GLN G 193 19.78 1.27 45.98
N ALA G 194 19.51 1.04 44.70
CA ALA G 194 20.27 0.06 43.93
C ALA G 194 20.26 0.42 42.45
N ARG G 195 21.37 0.13 41.78
CA ARG G 195 21.47 0.34 40.35
C ARG G 195 22.23 -0.85 39.77
N GLY G 196 21.86 -1.26 38.56
CA GLY G 196 22.45 -2.44 37.98
C GLY G 196 22.04 -2.73 36.56
N TYR G 197 22.52 -3.86 36.05
CA TYR G 197 22.25 -4.22 34.67
C TYR G 197 21.35 -5.44 34.59
N ILE G 198 20.51 -5.49 33.56
CA ILE G 198 19.69 -6.67 33.30
C ILE G 198 19.86 -7.21 31.89
N ALA G 199 20.06 -8.52 31.80
CA ALA G 199 19.93 -9.22 30.53
C ALA G 199 18.68 -10.10 30.63
N GLU G 200 17.68 -9.78 29.83
CA GLU G 200 16.45 -10.57 29.80
C GLU G 200 16.53 -11.59 28.66
N ASN G 201 16.53 -12.86 29.01
CA ASN G 201 16.77 -13.91 28.03
C ASN G 201 15.48 -14.61 27.64
N HIS G 202 15.07 -14.37 26.40
CA HIS G 202 13.82 -14.92 25.90
C HIS G 202 14.04 -16.28 25.23
N GLY G 203 15.29 -16.72 25.18
CA GLY G 203 15.65 -17.96 24.51
C GLY G 203 16.03 -19.11 25.43
N ALA G 204 16.81 -20.05 24.89
CA ALA G 204 17.25 -21.19 25.68
C ALA G 204 17.97 -20.68 26.92
N PRO G 205 17.67 -21.28 28.08
CA PRO G 205 18.18 -20.85 29.40
C PRO G 205 19.70 -20.79 29.45
N LEU G 206 20.23 -19.86 30.23
CA LEU G 206 21.66 -19.76 30.43
C LEU G 206 22.21 -21.03 31.04
N ARG G 207 23.38 -21.45 30.57
CA ARG G 207 24.11 -22.52 31.22
C ARG G 207 25.63 -22.36 31.02
N LEU G 208 26.40 -23.21 31.67
CA LEU G 208 27.85 -23.17 31.57
C LEU G 208 28.25 -23.51 30.15
N PRO G 209 29.24 -22.79 29.60
CA PRO G 209 29.66 -23.04 28.22
C PRO G 209 30.33 -24.40 28.05
N ASP G 210 30.32 -24.94 26.83
CA ASP G 210 31.20 -26.05 26.49
C ASP G 210 32.65 -25.59 26.67
N LEU G 211 33.48 -26.40 27.34
CA LEU G 211 34.82 -25.96 27.69
C LEU G 211 35.87 -26.30 26.63
N GLY G 212 35.51 -27.12 25.66
CA GLY G 212 36.48 -27.56 24.66
C GLY G 212 37.77 -28.03 25.32
N PRO G 213 38.91 -27.54 24.83
CA PRO G 213 40.24 -27.95 25.31
C PRO G 213 40.48 -27.63 26.78
N ILE G 214 39.78 -26.64 27.33
CA ILE G 214 39.93 -26.29 28.74
C ILE G 214 39.52 -27.48 29.63
N GLY G 215 38.67 -28.36 29.10
CA GLY G 215 38.47 -29.66 29.73
C GLY G 215 37.31 -29.81 30.69
N SER G 216 37.61 -30.17 31.93
CA SER G 216 36.59 -30.57 32.89
C SER G 216 36.57 -29.67 34.13
N ASN G 217 37.39 -28.62 34.09
CA ASN G 217 37.50 -27.67 35.19
C ASN G 217 37.81 -26.31 34.59
N GLY G 218 37.52 -25.26 35.34
CA GLY G 218 37.96 -23.92 34.94
C GLY G 218 36.84 -22.96 34.58
N LEU G 219 37.24 -21.73 34.27
CA LEU G 219 36.29 -20.64 34.10
C LEU G 219 35.39 -20.64 35.34
N ALA G 220 34.08 -20.70 35.15
CA ALA G 220 33.18 -20.77 36.30
C ALA G 220 32.95 -22.21 36.71
N ASN G 221 33.52 -22.59 37.84
CA ASN G 221 33.30 -23.94 38.36
C ASN G 221 31.89 -24.08 38.88
N PRO G 222 31.25 -25.24 38.61
CA PRO G 222 29.84 -25.48 38.95
C PRO G 222 29.57 -25.44 40.45
N ARG G 223 30.59 -25.77 41.25
CA ARG G 223 30.46 -25.78 42.71
C ARG G 223 30.16 -24.38 43.29
N ASP G 224 30.44 -23.34 42.51
CA ASP G 224 30.26 -21.97 43.00
C ASP G 224 28.89 -21.35 42.74
N PHE G 225 27.98 -22.12 42.14
CA PHE G 225 26.63 -21.63 41.90
C PHE G 225 25.68 -22.05 43.00
N LEU G 226 25.11 -21.06 43.67
CA LEU G 226 24.41 -21.27 44.92
C LEU G 226 22.93 -20.99 44.81
N THR G 227 22.14 -21.91 45.35
CA THR G 227 20.69 -21.83 45.32
C THR G 227 20.16 -21.78 46.74
N PRO G 228 19.21 -20.87 47.02
CA PRO G 228 18.68 -20.74 48.38
C PRO G 228 17.96 -21.99 48.86
N VAL G 229 17.83 -22.15 50.16
CA VAL G 229 17.06 -23.26 50.72
C VAL G 229 15.60 -22.84 50.93
N ALA G 230 14.72 -23.82 51.16
CA ALA G 230 13.29 -23.53 51.25
C ALA G 230 12.95 -22.49 52.33
N HIS G 231 12.11 -21.53 51.97
CA HIS G 231 11.56 -20.60 52.95
C HIS G 231 10.16 -20.14 52.55
N TYR G 232 9.20 -20.28 53.46
CA TYR G 232 7.82 -19.88 53.16
C TYR G 232 7.31 -18.78 54.08
N GLU G 233 6.26 -18.08 53.62
CA GLU G 233 5.61 -17.04 54.41
C GLU G 233 4.14 -17.39 54.63
N GLU G 234 3.58 -16.95 55.76
CA GLU G 234 2.18 -17.20 56.05
C GLU G 234 1.42 -15.89 56.27
N ALA G 235 1.89 -14.83 55.63
CA ALA G 235 1.21 -13.55 55.67
C ALA G 235 -0.20 -13.67 55.09
N GLU G 236 -1.18 -13.08 55.76
CA GLU G 236 -2.54 -13.05 55.23
C GLU G 236 -3.08 -11.63 55.22
N GLY G 237 -3.60 -11.24 54.05
CA GLY G 237 -3.96 -9.86 53.78
C GLY G 237 -3.70 -9.62 52.31
N PRO G 238 -4.08 -8.44 51.82
CA PRO G 238 -3.93 -8.13 50.40
C PRO G 238 -2.46 -8.09 49.95
N VAL G 239 -2.11 -8.87 48.93
CA VAL G 239 -0.79 -8.83 48.32
C VAL G 239 -0.99 -8.65 46.83
N GLN G 240 -0.29 -7.69 46.23
CA GLN G 240 -0.40 -7.56 44.78
C GLN G 240 0.58 -8.50 44.09
N LEU G 241 0.08 -9.22 43.09
CA LEU G 241 0.89 -10.08 42.26
C LEU G 241 0.96 -9.48 40.87
N VAL G 242 2.17 -9.21 40.40
CA VAL G 242 2.35 -8.56 39.13
C VAL G 242 3.07 -9.53 38.20
N GLN G 243 2.68 -9.53 36.94
CA GLN G 243 3.40 -10.33 35.97
C GLN G 243 3.75 -9.48 34.76
N LYS G 244 4.95 -9.70 34.22
CA LYS G 244 5.31 -9.10 32.95
C LYS G 244 4.95 -10.07 31.84
N PHE G 245 4.11 -9.61 30.91
CA PHE G 245 3.70 -10.41 29.78
C PHE G 245 3.70 -9.58 28.52
N LEU G 246 4.40 -10.06 27.50
CA LEU G 246 4.57 -9.34 26.24
C LEU G 246 4.88 -7.85 26.45
N GLY G 247 5.69 -7.57 27.48
CA GLY G 247 6.16 -6.22 27.75
C GLY G 247 5.35 -5.52 28.83
N GLU G 248 4.08 -5.87 28.91
CA GLU G 248 3.11 -5.19 29.76
C GLU G 248 3.05 -5.72 31.19
N HIS G 249 2.86 -4.80 32.14
CA HIS G 249 2.69 -5.17 33.53
C HIS G 249 1.21 -5.40 33.82
N TRP G 250 0.89 -6.60 34.29
CA TRP G 250 -0.49 -6.98 34.63
C TRP G 250 -0.53 -7.43 36.08
N ALA G 251 -1.62 -7.15 36.79
CA ALA G 251 -1.67 -7.38 38.23
C ALA G 251 -3.03 -7.88 38.73
N CYS G 252 -3.00 -8.67 39.79
CA CYS G 252 -4.20 -9.08 40.49
C CYS G 252 -3.91 -9.07 41.98
N GLU G 253 -4.95 -9.17 42.79
CA GLU G 253 -4.76 -9.12 44.23
C GLU G 253 -5.06 -10.48 44.87
N LEU G 254 -4.16 -10.94 45.73
CA LEU G 254 -4.37 -12.16 46.47
C LEU G 254 -4.64 -11.83 47.94
N GLN G 255 -5.23 -12.75 48.67
CA GLN G 255 -5.42 -12.58 50.11
C GLN G 255 -4.40 -13.40 50.89
N HIS G 256 -3.31 -13.79 50.22
CA HIS G 256 -2.29 -14.62 50.84
C HIS G 256 -0.95 -14.36 50.15
N SER G 257 0.15 -14.69 50.82
CA SER G 257 1.46 -14.51 50.23
C SER G 257 1.74 -15.63 49.26
N PRO G 258 2.10 -15.26 48.03
CA PRO G 258 2.44 -16.25 46.99
C PRO G 258 3.77 -16.95 47.27
N LEU G 259 4.58 -16.42 48.19
CA LEU G 259 5.83 -17.10 48.54
C LEU G 259 5.57 -18.11 49.65
N ASP G 260 4.79 -19.15 49.33
CA ASP G 260 4.32 -20.06 50.36
C ASP G 260 4.71 -21.52 50.10
N VAL G 261 5.92 -21.71 49.57
CA VAL G 261 6.44 -23.04 49.26
C VAL G 261 7.24 -23.60 50.45
N VAL G 262 6.67 -24.62 51.10
CA VAL G 262 7.29 -25.21 52.29
C VAL G 262 8.44 -26.13 51.92
N ALA G 263 8.39 -26.70 50.72
CA ALA G 263 9.40 -27.63 50.27
C ALA G 263 9.38 -27.73 48.77
N TRP G 264 10.53 -28.05 48.19
CA TRP G 264 10.62 -28.23 46.75
C TRP G 264 11.75 -29.18 46.40
N HIS G 265 11.74 -29.66 45.17
CA HIS G 265 12.84 -30.43 44.65
C HIS G 265 12.87 -30.32 43.13
N GLY G 266 14.07 -30.24 42.58
CA GLY G 266 14.23 -30.24 41.15
C GLY G 266 15.36 -29.35 40.70
N SER G 267 15.27 -28.89 39.46
CA SER G 267 16.40 -28.28 38.79
C SER G 267 16.09 -26.90 38.21
N ASN G 268 14.83 -26.49 38.26
CA ASN G 268 14.50 -25.16 37.74
C ASN G 268 14.56 -24.11 38.85
N VAL G 269 15.75 -23.57 39.12
CA VAL G 269 15.97 -22.80 40.34
C VAL G 269 16.61 -21.43 40.14
N PRO G 270 16.39 -20.53 41.10
CA PRO G 270 17.16 -19.29 41.07
C PRO G 270 18.55 -19.61 41.59
N TYR G 271 19.56 -18.87 41.16
CA TYR G 271 20.91 -19.07 41.65
C TYR G 271 21.73 -17.79 41.63
N LYS G 272 22.82 -17.80 42.37
CA LYS G 272 23.75 -16.69 42.30
C LYS G 272 25.18 -17.21 42.18
N TYR G 273 26.07 -16.33 41.75
CA TYR G 273 27.46 -16.67 41.51
C TYR G 273 28.35 -15.46 41.81
N ASP G 274 29.49 -15.72 42.46
CA ASP G 274 30.43 -14.68 42.80
C ASP G 274 31.50 -14.63 41.74
N LEU G 275 31.53 -13.56 40.98
CA LEU G 275 32.48 -13.42 39.88
C LEU G 275 33.92 -13.44 40.37
N ARG G 276 34.12 -13.17 41.66
CA ARG G 276 35.46 -13.23 42.23
C ARG G 276 35.99 -14.64 42.16
N ARG G 277 35.10 -15.61 42.02
CA ARG G 277 35.53 -16.99 41.98
C ARG G 277 35.88 -17.50 40.58
N PHE G 278 35.73 -16.66 39.56
CA PHE G 278 36.00 -17.05 38.19
C PHE G 278 37.44 -17.54 38.02
N ASN G 279 37.59 -18.77 37.53
CA ASN G 279 38.91 -19.33 37.28
C ASN G 279 39.35 -18.89 35.89
N THR G 280 39.86 -17.67 35.82
CA THR G 280 40.18 -17.00 34.57
C THR G 280 41.29 -17.70 33.81
N ILE G 281 41.00 -18.01 32.55
CA ILE G 281 41.95 -18.64 31.63
C ILE G 281 42.38 -17.60 30.61
N GLY G 282 43.64 -17.67 30.17
CA GLY G 282 44.14 -16.69 29.23
C GLY G 282 45.47 -17.08 28.64
N THR G 283 46.13 -16.15 27.95
CA THR G 283 47.41 -16.46 27.31
C THR G 283 48.54 -16.55 28.35
N VAL G 284 49.39 -17.57 28.23
CA VAL G 284 50.57 -17.67 29.09
C VAL G 284 51.83 -17.61 28.21
N SER G 285 51.68 -17.01 27.03
CA SER G 285 52.73 -17.01 26.02
C SER G 285 52.75 -15.67 25.30
N PHE G 286 51.89 -15.51 24.31
CA PHE G 286 51.80 -14.26 23.55
C PHE G 286 50.38 -14.03 23.03
N ASP G 287 50.22 -12.98 22.22
CA ASP G 287 48.94 -12.61 21.62
C ASP G 287 47.82 -12.34 22.64
N HIS G 288 46.61 -12.14 22.12
CA HIS G 288 45.47 -11.71 22.92
C HIS G 288 44.27 -12.60 22.59
N PRO G 289 43.93 -13.54 23.49
CA PRO G 289 42.86 -14.53 23.27
C PRO G 289 41.48 -13.92 23.02
N ASP G 290 40.70 -14.58 22.16
CA ASP G 290 39.33 -14.18 21.89
C ASP G 290 38.56 -14.00 23.19
N PRO G 291 37.82 -12.90 23.32
CA PRO G 291 37.12 -12.65 24.58
C PRO G 291 36.05 -13.71 24.94
N SER G 292 35.71 -14.61 24.03
CA SER G 292 34.79 -15.72 24.37
C SER G 292 35.40 -16.58 25.47
N ILE G 293 36.71 -16.46 25.64
CA ILE G 293 37.42 -17.24 26.65
C ILE G 293 37.01 -16.85 28.07
N PHE G 294 36.42 -15.67 28.21
CA PHE G 294 35.93 -15.17 29.50
C PHE G 294 34.46 -15.51 29.76
N THR G 295 33.88 -16.40 28.93
CA THR G 295 32.47 -16.72 29.06
C THR G 295 32.08 -17.29 30.42
N VAL G 296 31.15 -16.63 31.09
CA VAL G 296 30.65 -17.10 32.39
C VAL G 296 29.43 -18.00 32.17
N LEU G 297 28.40 -17.43 31.55
CA LEU G 297 27.21 -18.19 31.15
C LEU G 297 26.89 -17.91 29.68
N THR G 298 26.15 -18.83 29.05
CA THR G 298 25.76 -18.67 27.65
C THR G 298 24.36 -19.21 27.35
N SER G 299 23.67 -18.56 26.42
CA SER G 299 22.37 -19.02 25.95
C SER G 299 22.44 -19.46 24.50
N PRO G 300 22.34 -20.77 24.26
CA PRO G 300 22.51 -21.31 22.90
C PRO G 300 21.34 -21.00 21.96
N THR G 301 21.59 -21.11 20.65
CA THR G 301 20.51 -21.22 19.67
C THR G 301 20.59 -22.62 19.03
N SER G 302 19.65 -22.91 18.12
CA SER G 302 19.66 -24.19 17.41
C SER G 302 20.84 -24.23 16.43
N VAL G 303 21.47 -23.09 16.19
CA VAL G 303 22.72 -23.06 15.44
C VAL G 303 23.90 -23.35 16.36
N HIS G 304 24.51 -24.52 16.20
CA HIS G 304 25.64 -24.88 17.05
C HIS G 304 26.77 -23.85 16.92
N GLY G 305 27.30 -23.40 18.05
CA GLY G 305 28.41 -22.46 18.03
C GLY G 305 28.03 -21.00 18.08
N MET G 306 26.80 -20.69 17.66
CA MET G 306 26.34 -19.30 17.65
C MET G 306 25.34 -19.06 18.76
N ALA G 307 25.78 -18.40 19.83
CA ALA G 307 24.92 -18.22 20.98
C ALA G 307 23.84 -17.17 20.72
N ASN G 308 22.70 -17.33 21.38
CA ASN G 308 21.71 -16.29 21.48
C ASN G 308 22.35 -15.13 22.25
N MET G 309 22.98 -15.45 23.38
CA MET G 309 23.90 -14.50 24.02
C MET G 309 24.97 -15.19 24.85
N ASP G 310 26.14 -14.59 24.86
CA ASP G 310 27.19 -14.97 25.79
C ASP G 310 27.33 -13.87 26.83
N PHE G 311 27.38 -14.25 28.11
CA PHE G 311 27.71 -13.31 29.16
C PHE G 311 29.16 -13.56 29.56
N VAL G 312 29.99 -12.55 29.31
CA VAL G 312 31.43 -12.62 29.49
C VAL G 312 31.91 -11.54 30.44
N ILE G 313 32.96 -11.81 31.20
CA ILE G 313 33.51 -10.76 32.08
C ILE G 313 34.97 -10.43 31.82
N PHE G 314 35.38 -9.25 32.25
CA PHE G 314 36.79 -8.84 32.17
C PHE G 314 37.25 -8.50 33.57
N PRO G 315 37.75 -9.50 34.30
CA PRO G 315 38.08 -9.45 35.72
C PRO G 315 39.56 -9.18 35.98
N PRO G 316 39.96 -9.11 37.26
CA PRO G 316 41.39 -9.07 37.59
C PRO G 316 42.08 -10.30 37.02
N ARG G 317 43.22 -10.11 36.37
CA ARG G 317 43.93 -11.20 35.67
C ARG G 317 45.38 -10.83 35.41
N TRP G 318 46.25 -11.83 35.26
CA TRP G 318 47.63 -11.58 34.84
C TRP G 318 47.75 -11.39 33.33
N MET G 319 48.49 -10.34 32.95
CA MET G 319 48.89 -10.10 31.56
C MET G 319 50.38 -10.43 31.41
N VAL G 320 50.68 -11.48 30.66
CA VAL G 320 52.06 -11.92 30.54
C VAL G 320 52.50 -12.01 29.09
N ALA G 321 51.62 -11.66 28.15
CA ALA G 321 51.89 -11.85 26.73
C ALA G 321 53.18 -11.15 26.29
N GLU G 322 54.14 -11.92 25.80
CA GLU G 322 55.41 -11.37 25.36
C GLU G 322 55.33 -10.86 23.93
N ASN G 323 56.06 -9.79 23.63
CA ASN G 323 56.14 -9.22 22.29
C ASN G 323 54.76 -9.08 21.66
N THR G 324 53.82 -8.65 22.48
CA THR G 324 52.42 -8.58 22.06
C THR G 324 51.78 -7.25 22.39
N PHE G 325 50.88 -6.83 21.50
CA PHE G 325 50.00 -5.70 21.75
C PHE G 325 48.92 -6.20 22.68
N ARG G 326 49.01 -5.86 23.97
CA ARG G 326 48.18 -6.51 24.98
C ARG G 326 46.71 -6.12 25.06
N PRO G 327 46.36 -4.87 24.69
CA PRO G 327 44.93 -4.52 24.71
C PRO G 327 44.13 -5.30 23.65
N PRO G 328 42.81 -5.25 23.73
CA PRO G 328 42.01 -5.84 22.65
C PRO G 328 42.50 -5.37 21.30
N TRP G 329 42.44 -6.23 20.29
CA TRP G 329 42.78 -5.82 18.93
C TRP G 329 41.62 -5.05 18.30
N PHE G 330 41.92 -4.29 17.25
CA PHE G 330 40.87 -3.63 16.51
C PHE G 330 39.97 -4.70 15.92
N HIS G 331 38.68 -4.43 15.85
CA HIS G 331 37.71 -5.50 15.67
C HIS G 331 36.49 -5.05 14.90
N ARG G 332 36.07 -5.90 13.97
CA ARG G 332 34.74 -5.85 13.38
C ARG G 332 34.09 -7.24 13.54
N ASN G 333 32.88 -7.29 14.09
CA ASN G 333 32.26 -8.54 14.56
C ASN G 333 30.87 -8.77 13.96
N LEU G 334 30.58 -9.99 13.50
CA LEU G 334 29.21 -10.33 13.14
C LEU G 334 28.30 -10.09 14.34
N MET G 335 28.80 -10.47 15.51
CA MET G 335 27.99 -10.42 16.71
C MET G 335 27.82 -8.97 17.19
N ASN G 336 27.00 -8.76 18.21
CA ASN G 336 26.69 -7.43 18.72
C ASN G 336 27.16 -7.31 20.16
N GLU G 337 27.95 -6.28 20.44
CA GLU G 337 28.65 -6.20 21.72
C GLU G 337 28.12 -5.07 22.60
N PHE G 338 27.51 -5.42 23.73
CA PHE G 338 27.05 -4.45 24.70
C PHE G 338 27.86 -4.63 25.97
N MET G 339 28.63 -3.61 26.35
CA MET G 339 29.46 -3.70 27.55
C MET G 339 28.97 -2.85 28.71
N GLY G 340 29.12 -3.38 29.92
CA GLY G 340 28.87 -2.64 31.13
C GLY G 340 30.11 -2.65 32.03
N LEU G 341 30.07 -1.87 33.10
CA LEU G 341 31.19 -1.80 34.03
C LEU G 341 30.66 -1.79 35.46
N ILE G 342 31.14 -2.73 36.28
CA ILE G 342 30.65 -2.88 37.65
C ILE G 342 31.51 -2.09 38.64
N ASN G 343 32.82 -2.09 38.41
CA ASN G 343 33.75 -1.29 39.22
C ASN G 343 35.12 -1.19 38.53
N GLY G 344 35.83 -0.09 38.80
CA GLY G 344 37.17 0.08 38.28
C GLY G 344 37.18 0.72 36.90
N ALA G 345 38.13 0.32 36.06
CA ALA G 345 38.21 0.83 34.69
C ALA G 345 38.50 -0.29 33.69
N TYR G 346 38.08 -0.11 32.44
CA TYR G 346 38.28 -1.12 31.40
C TYR G 346 39.51 -0.84 30.54
N ASP G 347 40.24 -1.91 30.20
CA ASP G 347 41.58 -1.82 29.63
C ASP G 347 41.64 -1.22 28.22
N ALA G 348 40.50 -1.12 27.56
CA ALA G 348 40.48 -0.62 26.17
C ALA G 348 40.10 0.85 26.09
N LYS G 349 39.53 1.37 27.18
CA LYS G 349 39.06 2.76 27.18
C LYS G 349 39.69 3.61 28.31
N ALA G 350 40.43 4.64 27.90
CA ALA G 350 41.14 5.51 28.85
C ALA G 350 40.20 6.35 29.71
N GLU G 351 39.24 7.02 29.08
CA GLU G 351 38.26 7.84 29.80
C GLU G 351 36.86 7.61 29.25
N GLY G 352 35.85 8.08 29.98
CA GLY G 352 34.49 8.12 29.47
C GLY G 352 33.63 6.91 29.76
N PHE G 353 34.27 5.81 30.14
CA PHE G 353 33.56 4.58 30.48
C PHE G 353 33.60 4.37 32.00
N LEU G 354 32.50 4.65 32.67
CA LEU G 354 32.42 4.55 34.13
C LEU G 354 31.47 3.43 34.55
N PRO G 355 31.60 2.96 35.80
CA PRO G 355 30.69 1.99 36.43
C PRO G 355 29.25 2.46 36.31
N GLY G 356 28.40 1.60 35.74
CA GLY G 356 27.02 1.99 35.45
C GLY G 356 26.90 2.52 34.04
N GLY G 357 28.04 2.78 33.40
CA GLY G 357 28.04 3.19 32.01
C GLY G 357 27.80 2.01 31.07
N ALA G 358 27.71 2.29 29.77
CA ALA G 358 27.45 1.26 28.77
C ALA G 358 27.92 1.67 27.39
N SER G 359 28.32 0.68 26.58
CA SER G 359 28.67 0.95 25.19
C SER G 359 28.04 -0.08 24.26
N LEU G 360 27.57 0.36 23.10
CA LEU G 360 27.04 -0.56 22.12
C LEU G 360 27.80 -0.46 20.80
N HIS G 361 28.43 -1.56 20.42
CA HIS G 361 29.07 -1.68 19.12
C HIS G 361 28.35 -2.75 18.33
N GLY G 362 27.49 -2.33 17.42
CA GLY G 362 26.65 -3.25 16.67
C GLY G 362 27.37 -3.99 15.56
N VAL G 363 26.62 -4.87 14.89
CA VAL G 363 27.17 -5.70 13.82
C VAL G 363 28.07 -4.94 12.84
N MET G 364 29.30 -5.42 12.69
CA MET G 364 30.24 -4.87 11.73
C MET G 364 30.64 -3.40 11.96
N SER G 365 30.34 -2.86 13.13
CA SER G 365 30.88 -1.57 13.52
C SER G 365 32.36 -1.72 13.90
N ALA G 366 33.20 -0.83 13.38
CA ALA G 366 34.64 -0.89 13.65
C ALA G 366 34.96 -0.35 15.04
N HIS G 367 35.32 -1.25 15.95
CA HIS G 367 35.73 -0.83 17.29
C HIS G 367 37.17 -1.23 17.59
N GLY G 368 37.56 -1.11 18.85
CA GLY G 368 38.94 -1.32 19.23
C GLY G 368 39.38 -0.31 20.28
N PRO G 369 40.64 -0.42 20.72
CA PRO G 369 41.21 0.46 21.76
C PRO G 369 41.26 1.91 21.31
N ASP G 370 41.01 2.85 22.21
CA ASP G 370 41.12 4.27 21.83
C ASP G 370 42.60 4.65 21.62
N ALA G 371 42.81 5.81 21.00
CA ALA G 371 44.14 6.26 20.60
C ALA G 371 45.14 6.32 21.75
N GLU G 372 44.67 6.68 22.94
CA GLU G 372 45.54 6.77 24.09
C GLU G 372 45.96 5.39 24.60
N THR G 373 45.01 4.45 24.65
CA THR G 373 45.32 3.09 25.06
C THR G 373 46.29 2.48 24.07
N CYS G 374 46.01 2.72 22.80
CA CYS G 374 46.83 2.25 21.70
C CYS G 374 48.30 2.66 21.83
N GLU G 375 48.58 3.96 21.81
CA GLU G 375 49.97 4.42 21.78
C GLU G 375 50.79 3.96 22.99
N LYS G 376 50.14 3.82 24.14
CA LYS G 376 50.81 3.39 25.36
C LYS G 376 51.23 1.92 25.26
N ALA G 377 50.32 1.11 24.75
CA ALA G 377 50.51 -0.34 24.64
C ALA G 377 51.67 -0.68 23.71
N ILE G 378 51.82 0.13 22.66
CA ILE G 378 52.90 -0.04 21.71
C ILE G 378 54.27 0.32 22.30
N ALA G 379 54.26 1.19 23.30
CA ALA G 379 55.51 1.67 23.88
C ALA G 379 55.77 1.02 25.23
N ALA G 380 54.86 0.16 25.66
CA ALA G 380 54.91 -0.46 26.99
C ALA G 380 56.07 -1.42 27.20
N ASP G 381 56.54 -1.49 28.44
CA ASP G 381 57.50 -2.52 28.84
C ASP G 381 56.68 -3.77 29.16
N LEU G 382 57.04 -4.90 28.57
CA LEU G 382 56.18 -6.08 28.69
C LEU G 382 56.62 -7.08 29.75
N ALA G 383 56.50 -6.68 31.02
CA ALA G 383 56.71 -7.59 32.11
C ALA G 383 55.37 -8.08 32.63
N PRO G 384 55.36 -9.18 33.39
CA PRO G 384 54.10 -9.65 33.96
C PRO G 384 53.39 -8.54 34.73
N HIS G 385 52.13 -8.30 34.42
CA HIS G 385 51.38 -7.23 35.03
C HIS G 385 49.99 -7.76 35.41
N LYS G 386 49.64 -7.68 36.68
CA LYS G 386 48.31 -8.09 37.09
C LYS G 386 47.28 -6.97 37.01
N ILE G 387 46.41 -7.02 36.00
CA ILE G 387 45.27 -6.12 35.96
C ILE G 387 44.40 -6.40 37.19
N ASP G 388 43.98 -5.33 37.87
CA ASP G 388 43.32 -5.50 39.15
C ASP G 388 42.31 -4.39 39.42
N ASN G 389 41.54 -4.54 40.49
CA ASN G 389 40.58 -3.52 40.89
C ASN G 389 39.66 -3.07 39.76
N THR G 390 39.12 -4.05 39.05
CA THR G 390 38.24 -3.77 37.92
C THR G 390 37.35 -4.98 37.72
N MET G 391 36.19 -4.74 37.10
CA MET G 391 35.32 -5.80 36.64
C MET G 391 34.37 -5.21 35.61
N ALA G 392 34.70 -5.42 34.34
CA ALA G 392 33.80 -5.07 33.25
C ALA G 392 33.09 -6.35 32.77
N PHE G 393 32.14 -6.20 31.86
CA PHE G 393 31.46 -7.37 31.32
C PHE G 393 30.83 -7.06 29.97
N MET G 394 30.37 -8.10 29.28
CA MET G 394 29.70 -7.93 28.00
C MET G 394 28.51 -8.88 27.89
N PHE G 395 27.45 -8.34 27.31
CA PHE G 395 26.33 -9.13 26.78
C PHE G 395 26.56 -9.13 25.28
N GLU G 396 27.01 -10.25 24.70
CA GLU G 396 27.19 -10.34 23.25
C GLU G 396 26.02 -11.13 22.68
N THR G 397 25.33 -10.56 21.69
CA THR G 397 24.15 -11.22 21.14
C THR G 397 24.31 -11.40 19.63
N SER G 398 23.70 -12.45 19.09
CA SER G 398 23.82 -12.73 17.67
C SER G 398 22.88 -11.83 16.88
N GLN G 399 21.72 -11.55 17.47
CA GLN G 399 20.75 -10.66 16.86
C GLN G 399 21.15 -9.22 17.13
N VAL G 400 20.99 -8.33 16.15
CA VAL G 400 21.34 -6.95 16.38
C VAL G 400 20.48 -6.41 17.52
N LEU G 401 21.07 -5.52 18.32
CA LEU G 401 20.40 -4.88 19.44
C LEU G 401 19.94 -3.51 18.98
N ARG G 402 18.63 -3.27 18.99
CA ARG G 402 18.07 -1.98 18.62
C ARG G 402 17.95 -1.09 19.85
N PRO G 403 18.68 0.04 19.87
CA PRO G 403 18.48 1.00 20.97
C PRO G 403 17.01 1.42 21.05
N SER G 404 16.48 1.55 22.27
CA SER G 404 15.14 2.10 22.44
C SER G 404 15.18 3.61 22.22
N LEU G 405 14.04 4.19 21.87
CA LEU G 405 13.95 5.63 21.71
C LEU G 405 14.40 6.34 22.98
N GLN G 406 14.01 5.81 24.14
CA GLN G 406 14.40 6.40 25.42
C GLN G 406 15.91 6.47 25.57
N ALA G 407 16.60 5.45 25.07
CA ALA G 407 18.06 5.41 25.21
C ALA G 407 18.73 6.35 24.23
N LEU G 408 18.13 6.49 23.05
CA LEU G 408 18.68 7.38 22.03
C LEU G 408 18.46 8.85 22.35
N GLU G 409 17.44 9.13 23.18
CA GLU G 409 17.15 10.49 23.60
C GLU G 409 17.74 10.79 24.96
N CYS G 410 18.18 9.73 25.66
CA CYS G 410 18.76 9.86 26.98
C CYS G 410 19.77 11.01 27.01
N PRO G 411 19.81 11.75 28.12
CA PRO G 411 20.81 12.78 28.36
C PRO G 411 22.19 12.16 28.59
N GLN G 412 22.22 11.01 29.23
CA GLN G 412 23.49 10.31 29.50
C GLN G 412 24.19 9.77 28.25
N LEU G 413 23.50 9.80 27.12
CA LEU G 413 24.13 9.38 25.87
C LEU G 413 25.18 10.40 25.48
N GLN G 414 26.42 9.95 25.34
CA GLN G 414 27.51 10.85 24.98
C GLN G 414 27.39 11.27 23.52
N ALA G 415 27.80 12.50 23.23
CA ALA G 415 27.50 13.13 21.95
C ALA G 415 28.62 12.98 20.93
N ASP G 416 29.83 12.69 21.40
CA ASP G 416 30.95 12.50 20.49
C ASP G 416 31.81 11.31 20.88
N TYR G 417 31.20 10.14 21.00
CA TYR G 417 31.92 8.91 21.33
C TYR G 417 33.00 8.65 20.28
N ASP G 418 32.66 8.97 19.02
CA ASP G 418 33.57 8.72 17.91
C ASP G 418 34.94 9.38 18.08
N SER G 419 34.95 10.55 18.71
CA SER G 419 36.18 11.30 18.84
C SER G 419 37.27 10.52 19.58
N CYS G 420 36.88 9.54 20.40
CA CYS G 420 37.88 8.77 21.15
C CYS G 420 38.89 8.00 20.25
N TRP G 421 38.60 7.91 18.95
CA TRP G 421 39.45 7.23 17.96
C TRP G 421 40.06 8.21 16.96
N ALA G 422 39.55 9.45 16.95
CA ALA G 422 39.85 10.39 15.88
C ALA G 422 41.32 10.76 15.73
N THR G 423 42.10 10.51 16.77
CA THR G 423 43.52 10.87 16.74
C THR G 423 44.47 9.70 16.40
N LEU G 424 43.93 8.60 15.91
CA LEU G 424 44.76 7.46 15.52
C LEU G 424 45.68 7.84 14.36
N PRO G 425 47.01 7.69 14.54
CA PRO G 425 47.95 8.13 13.51
C PRO G 425 48.38 7.00 12.58
N SER G 426 48.73 7.33 11.35
CA SER G 426 49.41 6.38 10.47
C SER G 426 50.88 6.29 10.90
N THR G 427 51.34 5.08 11.21
CA THR G 427 52.74 4.85 11.54
C THR G 427 53.39 4.03 10.43
N PHE G 428 52.72 4.02 9.28
CA PHE G 428 53.13 3.19 8.17
C PHE G 428 54.42 3.69 7.55
N ASN G 429 55.40 2.79 7.43
CA ASN G 429 56.59 3.11 6.68
C ASN G 429 56.97 1.96 5.78
N PRO G 430 56.66 2.10 4.49
CA PRO G 430 56.81 1.06 3.46
C PRO G 430 58.26 0.63 3.21
N ASN G 431 59.21 1.50 3.56
CA ASN G 431 60.63 1.18 3.33
C ASN G 431 61.34 0.61 4.56
N ARG G 432 60.57 0.27 5.59
CA ARG G 432 61.15 -0.35 6.79
C ARG G 432 60.19 -1.35 7.45
N ARG G 433 60.47 -2.64 7.25
CA ARG G 433 59.72 -3.72 7.89
C ARG G 433 59.85 -3.64 9.41
N LEU H 9 45.89 -9.34 -12.85
CA LEU H 9 45.52 -9.65 -11.48
C LEU H 9 45.83 -11.11 -11.12
N HIS H 10 46.25 -11.34 -9.88
CA HIS H 10 46.57 -12.68 -9.42
C HIS H 10 45.57 -13.17 -8.37
N TYR H 11 45.39 -14.48 -8.29
CA TYR H 11 44.42 -15.04 -7.35
C TYR H 11 44.99 -16.23 -6.58
N LEU H 12 44.42 -16.49 -5.41
CA LEU H 12 44.69 -17.71 -4.65
C LEU H 12 43.49 -18.65 -4.73
N SER H 13 43.75 -19.95 -4.86
CA SER H 13 42.68 -20.90 -5.11
C SER H 13 42.38 -21.80 -3.92
N GLY H 14 41.09 -22.19 -3.79
CA GLY H 14 40.69 -23.18 -2.81
C GLY H 14 39.60 -22.72 -1.86
N PHE H 15 38.35 -23.08 -2.16
CA PHE H 15 37.22 -22.63 -1.34
C PHE H 15 37.45 -23.00 0.12
N GLY H 16 37.31 -22.01 1.01
CA GLY H 16 37.37 -22.25 2.45
C GLY H 16 38.75 -22.25 3.07
N ASN H 17 39.78 -22.03 2.25
CA ASN H 17 41.15 -22.09 2.71
C ASN H 17 41.49 -21.04 3.75
N GLU H 18 42.52 -21.32 4.54
CA GLU H 18 43.20 -20.31 5.32
C GLU H 18 44.27 -19.73 4.42
N PHE H 19 43.94 -18.63 3.76
CA PHE H 19 44.88 -17.97 2.86
C PHE H 19 45.83 -17.06 3.64
N ALA H 20 46.92 -16.67 2.98
CA ALA H 20 47.81 -15.65 3.51
C ALA H 20 48.39 -14.87 2.35
N SER H 21 48.33 -13.55 2.44
CA SER H 21 48.78 -12.69 1.37
C SER H 21 49.41 -11.42 1.93
N GLU H 22 50.53 -11.00 1.36
CA GLU H 22 51.17 -9.74 1.78
C GLU H 22 51.65 -8.95 0.56
N ALA H 23 51.34 -7.67 0.52
CA ALA H 23 51.75 -6.81 -0.59
C ALA H 23 53.17 -6.27 -0.40
N LEU H 24 53.70 -6.42 0.81
CA LEU H 24 55.11 -6.13 1.09
C LEU H 24 55.76 -7.31 1.82
N PRO H 25 56.97 -7.68 1.41
CA PRO H 25 57.67 -8.84 1.97
C PRO H 25 57.75 -8.78 3.49
N GLY H 26 57.20 -9.80 4.15
CA GLY H 26 57.28 -9.90 5.59
C GLY H 26 56.30 -9.00 6.31
N ALA H 27 55.34 -8.44 5.57
CA ALA H 27 54.34 -7.59 6.22
C ALA H 27 53.51 -8.39 7.21
N LEU H 28 53.24 -9.66 6.92
CA LEU H 28 52.55 -10.53 7.87
C LEU H 28 53.45 -10.90 9.03
N PRO H 29 52.98 -10.70 10.27
CA PRO H 29 53.81 -11.12 11.40
C PRO H 29 53.97 -12.63 11.38
N VAL H 30 55.14 -13.11 11.79
CA VAL H 30 55.46 -14.53 11.73
C VAL H 30 55.29 -15.15 13.11
N GLY H 31 54.48 -16.20 13.19
CA GLY H 31 54.33 -16.95 14.42
C GLY H 31 53.33 -16.41 15.42
N GLN H 32 52.73 -15.26 15.11
CA GLN H 32 51.65 -14.72 15.93
C GLN H 32 50.75 -13.79 15.11
N ASN H 33 49.63 -13.37 15.68
CA ASN H 33 48.73 -12.41 15.03
C ASN H 33 48.87 -10.98 15.54
N SER H 34 49.36 -10.84 16.77
CA SER H 34 49.24 -9.57 17.47
C SER H 34 50.56 -9.07 18.08
N PRO H 35 51.55 -8.82 17.22
CA PRO H 35 52.83 -8.29 17.67
C PRO H 35 52.65 -6.94 18.37
N GLN H 36 53.50 -6.62 19.34
CA GLN H 36 53.44 -5.29 19.95
C GLN H 36 53.85 -4.24 18.92
N LYS H 37 54.89 -4.56 18.17
CA LYS H 37 55.35 -3.69 17.09
C LYS H 37 55.22 -4.42 15.74
N ALA H 38 54.12 -4.15 15.04
CA ALA H 38 53.79 -4.85 13.82
C ALA H 38 54.69 -4.40 12.67
N PRO H 39 55.06 -5.33 11.78
CA PRO H 39 55.92 -4.99 10.63
C PRO H 39 55.43 -3.76 9.89
N TYR H 40 56.37 -2.93 9.44
CA TYR H 40 56.09 -1.71 8.69
C TYR H 40 55.18 -0.76 9.46
N GLY H 41 55.01 -1.02 10.76
CA GLY H 41 54.19 -0.16 11.59
C GLY H 41 52.71 -0.16 11.24
N LEU H 42 52.23 -1.28 10.73
CA LEU H 42 50.80 -1.44 10.41
C LEU H 42 49.95 -1.72 11.64
N TYR H 43 48.63 -1.65 11.48
CA TYR H 43 47.71 -2.00 12.57
C TYR H 43 47.10 -3.39 12.36
N ALA H 44 47.04 -4.18 13.43
CA ALA H 44 46.33 -5.47 13.38
C ALA H 44 44.83 -5.29 13.63
N GLU H 45 44.01 -5.90 12.78
CA GLU H 45 42.56 -5.80 12.95
C GLU H 45 41.87 -7.11 12.57
N LEU H 46 41.02 -7.61 13.46
CA LEU H 46 40.30 -8.86 13.21
C LEU H 46 38.90 -8.63 12.65
N LEU H 47 38.63 -9.23 11.50
CA LEU H 47 37.27 -9.24 10.97
C LEU H 47 36.66 -10.60 11.28
N SER H 48 35.77 -10.64 12.26
CA SER H 48 35.10 -11.87 12.66
C SER H 48 33.79 -12.03 11.90
N GLY H 49 33.78 -12.95 10.93
CA GLY H 49 32.61 -13.14 10.09
C GLY H 49 31.53 -14.00 10.71
N THR H 50 31.89 -14.70 11.78
CA THR H 50 31.00 -15.63 12.45
C THR H 50 31.24 -15.51 13.93
N ALA H 51 30.37 -16.12 14.74
CA ALA H 51 30.63 -16.20 16.17
C ALA H 51 32.02 -16.81 16.41
N PHE H 52 32.66 -16.39 17.49
CA PHE H 52 33.98 -16.89 17.85
C PHE H 52 33.95 -18.41 17.99
N THR H 53 32.85 -18.94 18.50
CA THR H 53 32.80 -20.32 18.97
C THR H 53 32.13 -21.30 17.99
N MET H 54 32.05 -20.92 16.72
CA MET H 54 31.62 -21.83 15.68
C MET H 54 32.58 -23.00 15.60
N ALA H 55 32.12 -24.15 15.12
CA ALA H 55 33.02 -25.25 14.82
C ALA H 55 34.00 -24.74 13.78
N ARG H 56 35.21 -25.28 13.78
CA ARG H 56 36.22 -24.78 12.86
C ARG H 56 35.76 -24.83 11.41
N SER H 57 35.01 -25.87 11.06
CA SER H 57 34.52 -26.03 9.69
C SER H 57 33.57 -24.88 9.31
N GLU H 58 32.99 -24.25 10.31
CA GLU H 58 32.02 -23.18 10.09
C GLU H 58 32.65 -21.79 10.30
N LEU H 59 33.92 -21.75 10.69
CA LEU H 59 34.60 -20.50 11.06
C LEU H 59 35.03 -19.67 9.85
N ARG H 60 34.70 -18.38 9.90
CA ARG H 60 35.20 -17.41 8.93
C ARG H 60 35.78 -16.20 9.70
N ARG H 61 37.08 -15.98 9.55
CA ARG H 61 37.71 -14.82 10.21
C ARG H 61 38.99 -14.48 9.51
N THR H 62 39.27 -13.18 9.40
CA THR H 62 40.44 -12.73 8.67
C THR H 62 41.18 -11.66 9.45
N TRP H 63 42.49 -11.85 9.58
CA TRP H 63 43.36 -10.85 10.19
C TRP H 63 43.88 -9.91 9.13
N LEU H 64 43.79 -8.61 9.45
CA LEU H 64 44.13 -7.55 8.53
C LEU H 64 45.28 -6.73 9.12
N TYR H 65 46.29 -6.43 8.31
CA TYR H 65 47.40 -5.55 8.71
C TYR H 65 47.39 -4.30 7.83
N ARG H 66 46.93 -3.20 8.41
CA ARG H 66 46.51 -2.03 7.65
C ARG H 66 47.08 -0.73 8.18
N ILE H 67 47.10 0.28 7.32
CA ILE H 67 47.74 1.56 7.62
C ILE H 67 47.00 2.33 8.71
N ARG H 68 45.67 2.28 8.65
CA ARG H 68 44.84 2.93 9.65
C ARG H 68 43.69 1.99 10.06
N PRO H 69 43.44 1.89 11.37
CA PRO H 69 42.37 1.00 11.87
C PRO H 69 41.01 1.47 11.37
N SER H 70 40.07 0.54 11.17
CA SER H 70 38.73 0.89 10.68
C SER H 70 37.99 1.78 11.67
N ALA H 71 38.39 1.73 12.93
CA ALA H 71 37.71 2.50 13.97
C ALA H 71 37.92 4.01 13.80
N LEU H 72 38.95 4.38 13.05
CA LEU H 72 39.21 5.79 12.78
C LEU H 72 38.21 6.35 11.77
N HIS H 73 37.04 6.76 12.25
CA HIS H 73 36.04 7.40 11.39
C HIS H 73 35.07 8.23 12.22
N PRO H 74 34.49 9.27 11.63
CA PRO H 74 33.53 10.14 12.33
C PRO H 74 32.12 9.53 12.33
N ARG H 75 31.17 10.18 12.99
CA ARG H 75 29.80 9.68 13.07
C ARG H 75 29.22 9.38 11.69
N PHE H 76 28.48 8.26 11.59
CA PHE H 76 27.78 7.96 10.35
C PHE H 76 26.51 8.80 10.31
N GLU H 77 26.17 9.29 9.12
CA GLU H 77 24.96 10.07 8.95
C GLU H 77 24.06 9.53 7.83
N ARG H 78 22.76 9.52 8.08
CA ARG H 78 21.80 8.95 7.14
C ARG H 78 21.80 9.69 5.80
N LEU H 79 21.88 8.94 4.69
CA LEU H 79 21.85 9.56 3.38
C LEU H 79 20.41 9.92 2.98
N ALA H 80 20.27 10.83 2.02
CA ALA H 80 18.94 11.21 1.54
C ALA H 80 18.46 10.25 0.46
N ARG H 81 19.36 9.90 -0.46
CA ARG H 81 19.08 8.92 -1.52
C ARG H 81 19.02 7.50 -0.93
N GLN H 82 17.84 6.89 -0.95
CA GLN H 82 17.62 5.57 -0.36
C GLN H 82 16.90 4.65 -1.36
N PRO H 83 17.67 3.86 -2.12
CA PRO H 83 17.14 3.02 -3.19
C PRO H 83 16.38 1.79 -2.69
N LEU H 84 16.60 1.38 -1.44
CA LEU H 84 16.00 0.16 -0.89
C LEU H 84 14.86 0.49 0.06
N GLY H 85 14.48 1.77 0.10
CA GLY H 85 13.52 2.28 1.06
C GLY H 85 12.08 1.94 0.74
N GLY H 86 11.79 1.55 -0.49
CA GLY H 86 10.42 1.24 -0.89
C GLY H 86 9.78 0.12 -0.08
N PRO H 87 8.44 0.10 -0.03
CA PRO H 87 7.68 -0.90 0.72
C PRO H 87 7.63 -2.26 0.03
N LEU H 88 7.23 -3.29 0.77
CA LEU H 88 6.92 -4.58 0.16
C LEU H 88 5.64 -4.37 -0.64
N GLY H 89 5.45 -5.18 -1.67
CA GLY H 89 4.20 -5.14 -2.43
C GLY H 89 3.08 -5.75 -1.62
N GLY H 90 1.86 -5.64 -2.15
CA GLY H 90 0.73 -6.33 -1.55
C GLY H 90 0.95 -7.84 -1.64
N ILE H 91 0.22 -8.58 -0.82
CA ILE H 91 0.24 -10.03 -0.92
C ILE H 91 -0.15 -10.43 -2.34
N ASN H 92 0.53 -11.42 -2.89
CA ASN H 92 0.24 -11.92 -4.24
C ASN H 92 0.90 -13.27 -4.51
N PRO H 93 0.08 -14.32 -4.65
CA PRO H 93 0.54 -15.71 -4.85
C PRO H 93 0.82 -16.06 -6.31
N ASN H 94 0.56 -15.13 -7.22
CA ASN H 94 0.65 -15.45 -8.64
C ASN H 94 2.06 -15.75 -9.13
N ARG H 95 2.15 -16.56 -10.18
CA ARG H 95 3.40 -16.77 -10.87
C ARG H 95 3.70 -15.49 -11.63
N LEU H 96 4.94 -15.02 -11.54
CA LEU H 96 5.28 -13.70 -12.04
C LEU H 96 6.51 -13.76 -12.94
N ARG H 97 6.49 -13.02 -14.04
CA ARG H 97 7.67 -12.97 -14.90
C ARG H 97 7.97 -11.53 -15.36
N TRP H 98 9.21 -11.10 -15.14
CA TRP H 98 9.60 -9.77 -15.59
C TRP H 98 10.45 -9.84 -16.85
N SER H 99 10.28 -8.82 -17.70
CA SER H 99 11.20 -8.61 -18.80
C SER H 99 12.47 -8.00 -18.22
N PRO H 100 13.57 -8.01 -19.00
CA PRO H 100 14.84 -7.44 -18.56
C PRO H 100 14.72 -5.96 -18.18
N GLN H 101 15.48 -5.53 -17.18
CA GLN H 101 15.39 -4.15 -16.70
C GLN H 101 16.31 -3.23 -17.50
N PRO H 102 15.76 -2.11 -17.98
CA PRO H 102 16.59 -1.14 -18.69
C PRO H 102 17.49 -0.45 -17.68
N ILE H 103 18.65 -0.02 -18.13
CA ILE H 103 19.54 0.73 -17.25
C ILE H 103 19.05 2.18 -17.18
N PRO H 104 18.85 2.70 -15.96
CA PRO H 104 18.29 4.05 -15.82
C PRO H 104 19.23 5.10 -16.41
N ALA H 105 18.70 6.28 -16.72
CA ALA H 105 19.51 7.31 -17.36
C ALA H 105 20.26 8.16 -16.33
N GLU H 106 19.62 8.39 -15.18
CA GLU H 106 20.22 9.21 -14.14
C GLU H 106 21.47 8.55 -13.60
N PRO H 107 22.45 9.36 -13.18
CA PRO H 107 23.71 8.81 -12.65
C PRO H 107 23.43 7.85 -11.51
N THR H 108 24.10 6.70 -11.52
CA THR H 108 23.80 5.63 -10.60
C THR H 108 24.99 4.68 -10.50
N ASP H 109 25.64 4.65 -9.35
CA ASP H 109 26.70 3.68 -9.15
C ASP H 109 26.14 2.33 -8.71
N PHE H 110 27.02 1.36 -8.48
CA PHE H 110 26.60 -0.01 -8.13
C PHE H 110 25.59 -0.07 -6.98
N ILE H 111 25.88 0.59 -5.86
CA ILE H 111 25.00 0.48 -4.69
C ILE H 111 23.72 1.32 -4.80
N GLU H 112 23.69 2.24 -5.76
CA GLU H 112 22.52 3.09 -5.93
C GLU H 112 21.51 2.42 -6.84
N GLY H 113 21.98 1.46 -7.62
CA GLY H 113 21.16 0.86 -8.65
C GLY H 113 20.58 -0.51 -8.34
N TRP H 114 20.49 -0.88 -7.06
CA TRP H 114 19.80 -2.13 -6.69
C TRP H 114 18.29 -1.96 -6.78
N LEU H 115 17.67 -2.68 -7.70
CA LEU H 115 16.22 -2.77 -7.73
C LEU H 115 15.76 -4.01 -6.96
N PRO H 116 15.11 -3.79 -5.81
CA PRO H 116 14.60 -4.87 -4.96
C PRO H 116 13.53 -5.63 -5.71
N MET H 117 13.73 -6.93 -5.91
CA MET H 117 12.76 -7.73 -6.66
C MET H 117 11.81 -8.47 -5.71
N ALA H 118 12.36 -9.33 -4.87
CA ALA H 118 11.59 -9.98 -3.83
C ALA H 118 12.51 -10.29 -2.66
N ALA H 119 11.94 -10.45 -1.47
CA ALA H 119 12.74 -10.70 -0.27
C ALA H 119 11.93 -11.44 0.78
N ASN H 120 12.61 -12.13 1.71
CA ASN H 120 11.92 -12.87 2.77
C ASN H 120 11.36 -11.98 3.87
N ALA H 121 11.86 -10.76 3.94
CA ALA H 121 11.45 -9.83 4.99
C ALA H 121 11.66 -8.39 4.55
N GLY H 122 11.00 -7.47 5.26
CA GLY H 122 11.21 -6.05 5.05
C GLY H 122 12.67 -5.70 5.27
N ALA H 123 13.18 -4.78 4.45
CA ALA H 123 14.59 -4.40 4.51
C ALA H 123 15.03 -3.94 5.90
N GLU H 124 14.10 -3.41 6.67
CA GLU H 124 14.42 -2.89 8.01
C GLU H 124 14.50 -4.02 9.03
N LYS H 125 14.17 -5.23 8.58
CA LYS H 125 14.28 -6.41 9.45
C LYS H 125 14.83 -7.58 8.66
N PRO H 126 16.06 -7.45 8.14
CA PRO H 126 16.65 -8.47 7.27
C PRO H 126 16.67 -9.87 7.89
N ALA H 127 16.21 -10.84 7.10
CA ALA H 127 16.29 -12.24 7.48
C ALA H 127 16.20 -13.08 6.21
N GLY H 128 16.77 -14.29 6.25
CA GLY H 128 16.76 -15.16 5.10
C GLY H 128 17.56 -14.60 3.94
N VAL H 129 16.84 -14.21 2.88
CA VAL H 129 17.47 -13.73 1.66
C VAL H 129 16.69 -12.53 1.09
N SER H 130 17.41 -11.59 0.48
CA SER H 130 16.81 -10.52 -0.31
C SER H 130 17.41 -10.51 -1.72
N ILE H 131 16.54 -10.44 -2.73
CA ILE H 131 16.97 -10.52 -4.13
C ILE H 131 16.77 -9.20 -4.84
N TYR H 132 17.79 -8.78 -5.59
CA TYR H 132 17.77 -7.52 -6.34
C TYR H 132 18.22 -7.78 -7.77
N ILE H 133 17.89 -6.83 -8.65
CA ILE H 133 18.61 -6.71 -9.92
C ILE H 133 19.35 -5.36 -9.86
N TYR H 134 20.65 -5.38 -10.13
CA TYR H 134 21.42 -4.13 -10.14
C TYR H 134 21.53 -3.58 -11.55
N ARG H 135 21.40 -2.26 -11.66
CA ARG H 135 21.62 -1.54 -12.90
C ARG H 135 22.45 -0.31 -12.55
N ALA H 136 23.55 -0.09 -13.26
CA ALA H 136 24.42 1.05 -12.96
C ALA H 136 25.03 1.66 -14.22
N ASN H 137 25.35 2.95 -14.18
CA ASN H 137 25.97 3.62 -15.31
C ASN H 137 27.16 4.48 -14.87
N ARG H 138 27.62 4.29 -13.64
CA ARG H 138 28.74 5.05 -13.07
C ARG H 138 29.60 4.13 -12.21
N SER H 139 30.91 4.22 -12.35
CA SER H 139 31.78 3.55 -11.39
C SER H 139 31.59 4.21 -10.04
N MET H 140 31.87 3.48 -8.97
CA MET H 140 31.73 4.03 -7.63
C MET H 140 32.89 4.96 -7.28
N GLU H 141 32.56 6.13 -6.77
CA GLU H 141 33.56 7.07 -6.26
C GLU H 141 33.38 7.18 -4.76
N ARG H 142 33.53 6.03 -4.10
CA ARG H 142 33.34 5.89 -2.68
C ARG H 142 33.54 4.43 -2.32
N VAL H 143 33.44 4.13 -1.04
CA VAL H 143 33.66 2.79 -0.55
C VAL H 143 32.47 2.39 0.33
N PHE H 144 32.13 1.10 0.31
CA PHE H 144 30.85 0.62 0.84
C PHE H 144 31.06 -0.73 1.52
N PHE H 145 30.37 -0.93 2.64
CA PHE H 145 30.20 -2.27 3.17
C PHE H 145 28.74 -2.53 3.54
N ASN H 146 28.36 -3.80 3.48
CA ASN H 146 26.98 -4.19 3.81
C ASN H 146 26.94 -4.88 5.14
N ALA H 147 26.36 -4.20 6.13
CA ALA H 147 26.28 -4.77 7.46
C ALA H 147 25.19 -5.82 7.57
N ASP H 148 24.32 -5.88 6.57
CA ASP H 148 23.10 -6.72 6.66
C ASP H 148 23.26 -8.17 6.17
N GLY H 149 24.28 -8.43 5.38
CA GLY H 149 24.52 -9.79 4.91
C GLY H 149 25.62 -9.92 3.87
N GLU H 150 25.82 -11.16 3.45
CA GLU H 150 26.78 -11.53 2.42
C GLU H 150 26.15 -11.32 1.04
N LEU H 151 26.96 -10.91 0.08
CA LEU H 151 26.45 -10.59 -1.25
C LEU H 151 26.94 -11.57 -2.30
N LEU H 152 25.99 -12.15 -3.04
CA LEU H 152 26.32 -13.02 -4.15
C LEU H 152 25.92 -12.30 -5.42
N LEU H 153 26.89 -12.02 -6.29
CA LEU H 153 26.67 -11.23 -7.48
C LEU H 153 26.73 -12.10 -8.73
N VAL H 154 25.72 -11.95 -9.58
CA VAL H 154 25.62 -12.73 -10.78
C VAL H 154 25.49 -11.79 -11.98
N PRO H 155 26.63 -11.35 -12.52
CA PRO H 155 26.61 -10.40 -13.63
C PRO H 155 25.91 -10.96 -14.86
N GLU H 156 25.17 -10.10 -15.55
CA GLU H 156 24.50 -10.49 -16.79
C GLU H 156 24.99 -9.65 -17.99
N GLN H 157 25.10 -8.34 -17.80
CA GLN H 157 25.70 -7.46 -18.79
C GLN H 157 26.81 -6.59 -18.19
N GLY H 158 27.95 -6.52 -18.86
CA GLY H 158 29.04 -5.66 -18.44
C GLY H 158 29.95 -6.27 -17.39
N ARG H 159 31.24 -5.99 -17.49
CA ARG H 159 32.22 -6.54 -16.56
C ARG H 159 32.40 -5.64 -15.36
N LEU H 160 32.65 -6.25 -14.21
CA LEU H 160 32.88 -5.56 -12.95
C LEU H 160 34.31 -5.74 -12.47
N ARG H 161 34.94 -4.63 -12.07
CA ARG H 161 36.20 -4.67 -11.35
C ARG H 161 35.87 -4.25 -9.93
N ILE H 162 36.14 -5.15 -8.99
CA ILE H 162 35.71 -4.96 -7.61
C ILE H 162 36.92 -4.87 -6.70
N ALA H 163 37.13 -3.69 -6.13
CA ALA H 163 38.26 -3.48 -5.24
C ALA H 163 37.83 -3.74 -3.82
N THR H 164 38.42 -4.77 -3.19
CA THR H 164 38.04 -5.11 -1.82
C THR H 164 39.20 -4.87 -0.87
N GLU H 165 38.92 -4.89 0.43
CA GLU H 165 39.96 -4.75 1.43
C GLU H 165 41.06 -5.80 1.21
N LEU H 166 40.70 -6.98 0.69
CA LEU H 166 41.66 -8.06 0.56
C LEU H 166 42.30 -8.10 -0.82
N GLY H 167 41.80 -7.28 -1.75
CA GLY H 167 42.37 -7.27 -3.08
C GLY H 167 41.36 -7.02 -4.17
N VAL H 168 41.85 -6.97 -5.40
CA VAL H 168 41.04 -6.66 -6.54
C VAL H 168 40.73 -7.90 -7.35
N MET H 169 39.45 -8.08 -7.66
CA MET H 169 39.02 -9.14 -8.55
C MET H 169 38.09 -8.60 -9.64
N GLU H 170 38.10 -9.26 -10.79
CA GLU H 170 37.24 -8.88 -11.90
C GLU H 170 36.32 -10.02 -12.30
N VAL H 171 35.04 -9.73 -12.46
CA VAL H 171 34.04 -10.72 -12.87
C VAL H 171 33.35 -10.33 -14.16
N GLU H 172 33.13 -11.30 -15.03
CA GLU H 172 32.28 -11.09 -16.21
C GLU H 172 31.02 -11.96 -16.11
N PRO H 173 30.05 -11.72 -16.98
CA PRO H 173 28.90 -12.62 -17.02
C PRO H 173 29.36 -14.08 -17.21
N LEU H 174 28.73 -15.00 -16.48
CA LEU H 174 29.09 -16.42 -16.50
C LEU H 174 30.09 -16.72 -15.39
N GLU H 175 30.49 -15.67 -14.68
CA GLU H 175 31.18 -15.79 -13.40
C GLU H 175 30.26 -15.29 -12.28
N ILE H 176 30.51 -15.70 -11.03
CA ILE H 176 29.82 -15.13 -9.88
C ILE H 176 30.90 -14.62 -8.94
N ALA H 177 30.52 -13.70 -8.05
CA ALA H 177 31.42 -13.22 -7.00
C ALA H 177 30.69 -13.15 -5.67
N VAL H 178 31.43 -13.38 -4.59
CA VAL H 178 30.89 -13.25 -3.24
C VAL H 178 31.70 -12.30 -2.37
N ILE H 179 31.00 -11.40 -1.69
CA ILE H 179 31.63 -10.43 -0.81
C ILE H 179 31.10 -10.62 0.61
N PRO H 180 31.98 -10.98 1.56
CA PRO H 180 31.48 -11.20 2.91
C PRO H 180 30.79 -10.00 3.52
N ARG H 181 29.90 -10.28 4.47
CA ARG H 181 29.27 -9.24 5.26
C ARG H 181 30.35 -8.37 5.91
N GLY H 182 30.12 -7.05 5.92
CA GLY H 182 30.99 -6.14 6.65
C GLY H 182 32.27 -5.76 5.90
N MET H 183 32.58 -6.48 4.83
CA MET H 183 33.77 -6.19 4.03
C MET H 183 33.58 -5.01 3.10
N LYS H 184 34.53 -4.07 3.13
CA LYS H 184 34.46 -2.86 2.33
C LYS H 184 34.93 -3.08 0.90
N PHE H 185 34.22 -2.51 -0.06
CA PHE H 185 34.60 -2.65 -1.46
C PHE H 185 34.10 -1.49 -2.31
N ARG H 186 34.60 -1.43 -3.54
CA ARG H 186 34.27 -0.37 -4.46
C ARG H 186 34.16 -1.01 -5.84
N VAL H 187 33.04 -0.77 -6.51
CA VAL H 187 32.82 -1.42 -7.81
C VAL H 187 33.04 -0.44 -8.95
N GLU H 188 33.98 -0.79 -9.83
CA GLU H 188 34.19 -0.04 -11.07
C GLU H 188 33.57 -0.76 -12.26
N LEU H 189 32.90 0.01 -13.11
CA LEU H 189 32.24 -0.53 -14.30
C LEU H 189 33.18 -0.51 -15.50
N LEU H 190 33.69 -1.67 -15.89
CA LEU H 190 34.69 -1.73 -16.95
C LEU H 190 34.14 -1.39 -18.33
N ASP H 191 32.82 -1.52 -18.51
CA ASP H 191 32.22 -1.29 -19.82
C ASP H 191 31.20 -0.15 -19.82
N GLY H 192 31.41 0.82 -18.93
CA GLY H 192 30.54 1.97 -18.84
C GLY H 192 29.25 1.71 -18.08
N GLN H 193 28.58 0.60 -18.41
CA GLN H 193 27.36 0.23 -17.70
C GLN H 193 27.39 -1.23 -17.26
N ALA H 194 26.54 -1.58 -16.30
CA ALA H 194 26.50 -2.95 -15.81
C ALA H 194 25.11 -3.35 -15.31
N ARG H 195 24.74 -4.60 -15.58
CA ARG H 195 23.49 -5.17 -15.08
C ARG H 195 23.70 -6.63 -14.60
N GLY H 196 23.02 -6.99 -13.52
CA GLY H 196 23.12 -8.34 -13.01
C GLY H 196 22.19 -8.59 -11.84
N TYR H 197 22.27 -9.79 -11.28
CA TYR H 197 21.41 -10.18 -10.16
C TYR H 197 22.21 -10.25 -8.87
N ILE H 198 21.51 -10.08 -7.75
CA ILE H 198 22.11 -10.15 -6.43
C ILE H 198 21.24 -10.98 -5.51
N ALA H 199 21.84 -11.96 -4.85
CA ALA H 199 21.20 -12.58 -3.70
C ALA H 199 21.90 -12.10 -2.43
N GLU H 200 21.19 -11.35 -1.60
CA GLU H 200 21.77 -10.88 -0.36
C GLU H 200 21.42 -11.88 0.71
N ASN H 201 22.44 -12.49 1.31
CA ASN H 201 22.22 -13.59 2.23
C ASN H 201 22.41 -13.14 3.67
N HIS H 202 21.29 -13.07 4.40
CA HIS H 202 21.30 -12.60 5.77
C HIS H 202 21.52 -13.77 6.73
N GLY H 203 21.63 -14.98 6.17
CA GLY H 203 21.73 -16.17 6.99
C GLY H 203 23.12 -16.78 7.04
N ALA H 204 23.17 -18.09 7.26
CA ALA H 204 24.45 -18.83 7.28
C ALA H 204 25.21 -18.60 5.98
N PRO H 205 26.49 -18.26 6.08
CA PRO H 205 27.28 -17.96 4.87
C PRO H 205 27.18 -19.08 3.84
N LEU H 206 27.18 -18.72 2.56
CA LEU H 206 27.19 -19.69 1.48
C LEU H 206 28.41 -20.62 1.55
N ARG H 207 28.23 -21.86 1.14
CA ARG H 207 29.33 -22.81 1.09
C ARG H 207 29.01 -23.92 0.09
N LEU H 208 29.96 -24.82 -0.11
CA LEU H 208 29.77 -25.92 -1.06
C LEU H 208 28.81 -26.91 -0.42
N PRO H 209 27.93 -27.51 -1.24
CA PRO H 209 26.93 -28.42 -0.68
C PRO H 209 27.55 -29.75 -0.28
N ASP H 210 26.89 -30.48 0.61
CA ASP H 210 27.29 -31.86 0.88
C ASP H 210 27.02 -32.66 -0.38
N LEU H 211 27.99 -33.44 -0.86
CA LEU H 211 27.90 -34.12 -2.15
C LEU H 211 27.13 -35.44 -2.12
N GLY H 212 26.87 -35.96 -0.94
CA GLY H 212 26.19 -37.25 -0.81
C GLY H 212 26.92 -38.30 -1.64
N PRO H 213 26.15 -39.15 -2.34
CA PRO H 213 26.74 -40.23 -3.15
C PRO H 213 27.71 -39.70 -4.20
N ILE H 214 27.50 -38.47 -4.67
CA ILE H 214 28.42 -37.88 -5.65
C ILE H 214 29.88 -37.89 -5.14
N GLY H 215 30.07 -37.85 -3.83
CA GLY H 215 31.37 -38.19 -3.26
C GLY H 215 32.31 -37.06 -2.90
N SER H 216 33.50 -37.06 -3.51
CA SER H 216 34.58 -36.19 -3.06
C SER H 216 35.04 -35.20 -4.12
N ASN H 217 34.41 -35.29 -5.29
CA ASN H 217 34.68 -34.42 -6.44
C ASN H 217 33.36 -34.13 -7.14
N GLY H 218 33.36 -33.13 -8.02
CA GLY H 218 32.17 -32.86 -8.82
C GLY H 218 31.45 -31.57 -8.52
N LEU H 219 30.43 -31.29 -9.32
CA LEU H 219 29.74 -30.00 -9.27
C LEU H 219 30.76 -28.84 -9.24
N ALA H 220 30.67 -27.94 -8.28
CA ALA H 220 31.69 -26.92 -8.19
C ALA H 220 32.92 -27.45 -7.43
N ASN H 221 34.01 -27.68 -8.15
CA ASN H 221 35.27 -28.10 -7.53
C ASN H 221 35.93 -26.94 -6.76
N PRO H 222 36.36 -27.20 -5.52
CA PRO H 222 36.89 -26.11 -4.68
C PRO H 222 38.14 -25.41 -5.26
N ARG H 223 38.88 -26.13 -6.07
CA ARG H 223 40.08 -25.57 -6.69
C ARG H 223 39.72 -24.33 -7.53
N ASP H 224 38.46 -24.22 -7.91
CA ASP H 224 38.05 -23.22 -8.87
C ASP H 224 37.56 -21.91 -8.22
N PHE H 225 37.55 -21.86 -6.90
CA PHE H 225 37.17 -20.64 -6.18
C PHE H 225 38.40 -19.78 -5.87
N LEU H 226 38.40 -18.57 -6.40
CA LEU H 226 39.59 -17.72 -6.44
C LEU H 226 39.38 -16.48 -5.60
N THR H 227 40.43 -16.10 -4.89
CA THR H 227 40.42 -14.97 -4.00
C THR H 227 41.58 -14.06 -4.38
N PRO H 228 41.34 -12.74 -4.41
CA PRO H 228 42.41 -11.82 -4.82
C PRO H 228 43.57 -11.72 -3.83
N VAL H 229 44.74 -11.33 -4.32
CA VAL H 229 45.90 -11.09 -3.47
C VAL H 229 45.87 -9.67 -2.91
N ALA H 230 46.61 -9.46 -1.82
CA ALA H 230 46.60 -8.18 -1.12
C ALA H 230 46.93 -7.03 -2.05
N HIS H 231 46.12 -5.97 -1.95
CA HIS H 231 46.41 -4.73 -2.65
C HIS H 231 45.93 -3.58 -1.78
N TYR H 232 46.81 -2.59 -1.58
CA TYR H 232 46.44 -1.43 -0.77
C TYR H 232 46.55 -0.12 -1.54
N GLU H 233 45.87 0.91 -1.05
CA GLU H 233 45.93 2.25 -1.62
C GLU H 233 46.39 3.26 -0.58
N GLU H 234 47.15 4.24 -1.05
CA GLU H 234 47.74 5.25 -0.19
C GLU H 234 47.23 6.63 -0.56
N ALA H 235 46.04 6.68 -1.14
CA ALA H 235 45.47 7.92 -1.64
C ALA H 235 44.90 8.77 -0.52
N GLU H 236 45.43 9.98 -0.36
CA GLU H 236 44.91 10.91 0.63
C GLU H 236 44.05 12.00 0.00
N GLY H 237 43.14 12.54 0.80
CA GLY H 237 42.05 13.35 0.31
C GLY H 237 40.79 12.62 0.71
N PRO H 238 39.68 13.36 0.84
CA PRO H 238 38.40 12.84 1.33
C PRO H 238 37.86 11.63 0.55
N VAL H 239 37.33 10.66 1.27
CA VAL H 239 36.65 9.52 0.66
C VAL H 239 35.37 9.25 1.43
N GLN H 240 34.27 9.08 0.72
CA GLN H 240 33.02 8.72 1.39
C GLN H 240 32.97 7.21 1.63
N LEU H 241 32.69 6.85 2.88
CA LEU H 241 32.43 5.47 3.27
C LEU H 241 30.94 5.31 3.51
N VAL H 242 30.32 4.36 2.80
CA VAL H 242 28.89 4.11 2.96
C VAL H 242 28.65 2.71 3.53
N GLN H 243 27.69 2.59 4.44
CA GLN H 243 27.27 1.28 4.90
C GLN H 243 25.77 1.06 4.72
N LYS H 244 25.40 -0.16 4.32
CA LYS H 244 24.01 -0.59 4.38
C LYS H 244 23.74 -1.20 5.75
N PHE H 245 22.83 -0.60 6.49
CA PHE H 245 22.43 -1.08 7.81
C PHE H 245 20.90 -1.04 7.89
N LEU H 246 20.32 -2.18 8.21
CA LEU H 246 18.87 -2.36 8.27
C LEU H 246 18.16 -1.74 7.09
N GLY H 247 18.75 -1.89 5.92
CA GLY H 247 18.16 -1.44 4.68
C GLY H 247 18.54 -0.03 4.26
N GLU H 248 19.11 0.74 5.20
CA GLU H 248 19.40 2.15 4.92
C GLU H 248 20.86 2.42 4.61
N HIS H 249 21.11 3.41 3.74
CA HIS H 249 22.47 3.85 3.48
C HIS H 249 22.82 4.94 4.46
N TRP H 250 23.89 4.71 5.24
CA TRP H 250 24.47 5.76 6.06
C TRP H 250 25.90 6.01 5.59
N ALA H 251 26.44 7.18 5.89
CA ALA H 251 27.77 7.51 5.39
C ALA H 251 28.55 8.43 6.31
N CYS H 252 29.87 8.35 6.20
CA CYS H 252 30.75 9.30 6.85
C CYS H 252 31.88 9.63 5.89
N GLU H 253 32.63 10.69 6.19
CA GLU H 253 33.74 11.05 5.33
C GLU H 253 35.05 10.72 6.03
N LEU H 254 35.94 10.07 5.28
CA LEU H 254 37.29 9.79 5.77
C LEU H 254 38.29 10.63 4.98
N GLN H 255 39.46 10.87 5.59
CA GLN H 255 40.51 11.61 4.91
C GLN H 255 41.61 10.66 4.40
N HIS H 256 41.27 9.39 4.28
CA HIS H 256 42.19 8.36 3.78
C HIS H 256 41.40 7.27 3.07
N SER H 257 42.11 6.36 2.41
CA SER H 257 41.47 5.23 1.74
C SER H 257 41.28 4.08 2.70
N PRO H 258 40.03 3.61 2.85
CA PRO H 258 39.74 2.48 3.72
C PRO H 258 40.24 1.16 3.13
N LEU H 259 40.67 1.19 1.86
CA LEU H 259 41.27 0.01 1.26
C LEU H 259 42.79 0.08 1.44
N ASP H 260 43.22 0.10 2.69
CA ASP H 260 44.63 0.28 3.03
C ASP H 260 45.23 -0.95 3.74
N VAL H 261 44.82 -2.13 3.29
CA VAL H 261 45.28 -3.37 3.91
C VAL H 261 46.48 -3.90 3.16
N VAL H 262 47.64 -3.88 3.82
CA VAL H 262 48.88 -4.27 3.16
C VAL H 262 49.08 -5.78 3.19
N ALA H 263 48.58 -6.42 4.25
CA ALA H 263 48.65 -7.88 4.39
C ALA H 263 47.50 -8.43 5.22
N TRP H 264 47.15 -9.69 4.97
CA TRP H 264 46.07 -10.35 5.68
C TRP H 264 46.24 -11.87 5.64
N HIS H 265 45.56 -12.56 6.56
CA HIS H 265 45.52 -14.01 6.52
C HIS H 265 44.18 -14.47 7.11
N GLY H 266 43.62 -15.54 6.57
CA GLY H 266 42.36 -16.04 7.09
C GLY H 266 41.42 -16.68 6.08
N SER H 267 40.17 -16.87 6.51
CA SER H 267 39.18 -17.64 5.78
C SER H 267 37.95 -16.81 5.41
N ASN H 268 37.88 -15.59 5.90
CA ASN H 268 36.74 -14.72 5.60
C ASN H 268 37.09 -13.81 4.44
N VAL H 269 36.88 -14.29 3.22
CA VAL H 269 37.41 -13.63 2.04
C VAL H 269 36.38 -13.45 0.93
N PRO H 270 36.61 -12.46 0.06
CA PRO H 270 35.80 -12.36 -1.16
C PRO H 270 36.30 -13.41 -2.16
N TYR H 271 35.43 -13.93 -3.01
CA TYR H 271 35.90 -14.87 -4.02
C TYR H 271 35.12 -14.77 -5.33
N LYS H 272 35.69 -15.37 -6.36
CA LYS H 272 35.01 -15.50 -7.64
C LYS H 272 35.06 -16.95 -8.08
N TYR H 273 34.11 -17.31 -8.93
CA TYR H 273 33.98 -18.65 -9.46
C TYR H 273 33.42 -18.56 -10.86
N ASP H 274 34.00 -19.33 -11.77
CA ASP H 274 33.62 -19.29 -13.17
C ASP H 274 32.68 -20.45 -13.46
N LEU H 275 31.43 -20.14 -13.77
CA LEU H 275 30.39 -21.14 -13.95
C LEU H 275 30.69 -22.10 -15.09
N ARG H 276 31.57 -21.72 -16.00
CA ARG H 276 31.94 -22.63 -17.09
C ARG H 276 32.75 -23.85 -16.63
N ARG H 277 33.26 -23.81 -15.40
CA ARG H 277 34.04 -24.93 -14.88
C ARG H 277 33.23 -25.90 -14.03
N PHE H 278 31.93 -25.66 -13.93
CA PHE H 278 31.05 -26.52 -13.14
C PHE H 278 30.99 -27.94 -13.71
N ASN H 279 31.31 -28.94 -12.87
CA ASN H 279 31.25 -30.36 -13.24
C ASN H 279 29.82 -30.89 -13.16
N THR H 280 29.03 -30.58 -14.17
CA THR H 280 27.62 -30.95 -14.20
C THR H 280 27.40 -32.46 -14.12
N ILE H 281 26.59 -32.86 -13.13
CA ILE H 281 26.16 -34.23 -12.92
C ILE H 281 24.68 -34.33 -13.30
N GLY H 282 24.31 -35.45 -13.93
CA GLY H 282 22.96 -35.61 -14.44
C GLY H 282 22.66 -37.06 -14.71
N THR H 283 21.52 -37.31 -15.34
CA THR H 283 21.15 -38.69 -15.59
C THR H 283 21.96 -39.21 -16.77
N VAL H 284 22.39 -40.45 -16.68
CA VAL H 284 23.02 -41.09 -17.82
C VAL H 284 22.21 -42.32 -18.16
N SER H 285 20.92 -42.27 -17.83
CA SER H 285 20.02 -43.40 -18.03
C SER H 285 18.62 -42.97 -18.48
N PHE H 286 17.78 -42.57 -17.53
CA PHE H 286 16.43 -42.13 -17.84
C PHE H 286 15.94 -41.12 -16.80
N ASP H 287 14.74 -40.56 -17.00
CA ASP H 287 14.15 -39.59 -16.08
C ASP H 287 14.88 -38.25 -15.99
N HIS H 288 14.41 -37.37 -15.12
CA HIS H 288 14.91 -36.00 -15.03
C HIS H 288 15.23 -35.68 -13.58
N PRO H 289 16.53 -35.70 -13.22
CA PRO H 289 16.97 -35.49 -11.83
C PRO H 289 16.43 -34.20 -11.23
N ASP H 290 16.20 -34.22 -9.92
CA ASP H 290 15.85 -33.02 -9.15
C ASP H 290 16.89 -31.91 -9.39
N PRO H 291 16.42 -30.65 -9.54
CA PRO H 291 17.33 -29.53 -9.85
C PRO H 291 18.34 -29.20 -8.75
N SER H 292 18.11 -29.70 -7.54
CA SER H 292 19.10 -29.64 -6.49
C SER H 292 20.46 -30.20 -6.93
N ILE H 293 20.45 -31.04 -7.97
CA ILE H 293 21.69 -31.65 -8.47
C ILE H 293 22.62 -30.62 -9.16
N PHE H 294 22.05 -29.44 -9.43
CA PHE H 294 22.79 -28.38 -10.10
C PHE H 294 23.28 -27.34 -9.07
N THR H 295 23.27 -27.69 -7.80
CA THR H 295 23.65 -26.74 -6.77
C THR H 295 25.11 -26.31 -6.86
N VAL H 296 25.32 -25.00 -6.87
CA VAL H 296 26.65 -24.43 -6.87
C VAL H 296 27.05 -24.07 -5.44
N LEU H 297 26.27 -23.20 -4.82
CA LEU H 297 26.46 -22.80 -3.43
C LEU H 297 25.16 -22.94 -2.66
N THR H 298 25.28 -23.13 -1.35
CA THR H 298 24.10 -23.28 -0.49
C THR H 298 24.32 -22.60 0.87
N SER H 299 23.24 -22.00 1.37
CA SER H 299 23.17 -21.42 2.71
C SER H 299 22.22 -22.27 3.57
N PRO H 300 22.77 -23.00 4.56
CA PRO H 300 21.93 -23.89 5.38
C PRO H 300 21.13 -23.16 6.44
N THR H 301 20.16 -23.83 7.05
CA THR H 301 19.53 -23.35 8.27
C THR H 301 19.85 -24.32 9.37
N SER H 302 19.32 -24.11 10.57
CA SER H 302 19.46 -25.10 11.63
C SER H 302 18.69 -26.37 11.31
N VAL H 303 17.72 -26.29 10.40
CA VAL H 303 16.97 -27.48 9.99
C VAL H 303 17.73 -28.26 8.91
N HIS H 304 18.28 -29.41 9.29
CA HIS H 304 19.09 -30.17 8.33
C HIS H 304 18.32 -30.53 7.07
N GLY H 305 18.95 -30.33 5.93
CA GLY H 305 18.35 -30.66 4.65
C GLY H 305 17.49 -29.55 4.06
N MET H 306 17.20 -28.52 4.86
CA MET H 306 16.40 -27.38 4.36
C MET H 306 17.19 -26.09 4.33
N ALA H 307 17.66 -25.72 3.14
CA ALA H 307 18.51 -24.55 2.99
C ALA H 307 17.74 -23.26 3.24
N ASN H 308 18.45 -22.26 3.76
CA ASN H 308 18.02 -20.89 3.67
C ASN H 308 17.84 -20.56 2.19
N MET H 309 18.87 -20.85 1.41
CA MET H 309 18.82 -20.72 -0.04
C MET H 309 19.79 -21.66 -0.75
N ASP H 310 19.42 -22.13 -1.93
CA ASP H 310 20.34 -22.82 -2.84
C ASP H 310 20.56 -21.97 -4.09
N PHE H 311 21.83 -21.86 -4.49
CA PHE H 311 22.17 -21.23 -5.77
C PHE H 311 22.44 -22.36 -6.74
N VAL H 312 21.61 -22.41 -7.77
CA VAL H 312 21.55 -23.53 -8.68
C VAL H 312 21.69 -22.99 -10.10
N ILE H 313 22.37 -23.73 -10.98
CA ILE H 313 22.53 -23.28 -12.36
C ILE H 313 21.99 -24.29 -13.39
N PHE H 314 21.71 -23.80 -14.59
CA PHE H 314 21.30 -24.66 -15.68
C PHE H 314 22.23 -24.43 -16.85
N PRO H 315 23.34 -25.18 -16.87
CA PRO H 315 24.46 -24.94 -17.81
C PRO H 315 24.34 -25.77 -19.07
N PRO H 316 25.20 -25.49 -20.07
CA PRO H 316 25.31 -26.44 -21.17
C PRO H 316 25.49 -27.84 -20.58
N ARG H 317 24.81 -28.83 -21.15
CA ARG H 317 24.79 -30.17 -20.58
C ARG H 317 24.25 -31.16 -21.60
N TRP H 318 24.75 -32.40 -21.53
CA TRP H 318 24.27 -33.47 -22.37
C TRP H 318 22.94 -34.03 -21.87
N MET H 319 21.98 -34.18 -22.80
CA MET H 319 20.73 -34.86 -22.50
C MET H 319 20.72 -36.22 -23.20
N VAL H 320 20.66 -37.30 -22.42
CA VAL H 320 20.65 -38.64 -22.99
C VAL H 320 19.56 -39.54 -22.42
N ALA H 321 18.72 -38.99 -21.55
CA ALA H 321 17.66 -39.78 -20.93
C ALA H 321 16.82 -40.52 -21.98
N GLU H 322 16.77 -41.84 -21.84
CA GLU H 322 16.00 -42.68 -22.75
C GLU H 322 14.53 -42.78 -22.32
N ASN H 323 13.63 -42.85 -23.31
CA ASN H 323 12.20 -43.01 -23.04
C ASN H 323 11.70 -42.06 -21.97
N THR H 324 12.17 -40.82 -22.04
CA THR H 324 12.01 -39.86 -20.96
C THR H 324 11.43 -38.55 -21.48
N PHE H 325 10.61 -37.90 -20.65
CA PHE H 325 10.24 -36.52 -20.86
C PHE H 325 11.38 -35.66 -20.31
N ARG H 326 12.13 -35.00 -21.20
CA ARG H 326 13.41 -34.38 -20.83
C ARG H 326 13.36 -32.99 -20.18
N PRO H 327 12.38 -32.16 -20.57
CA PRO H 327 12.20 -30.89 -19.85
C PRO H 327 11.81 -31.17 -18.39
N PRO H 328 11.91 -30.16 -17.52
CA PRO H 328 11.46 -30.30 -16.13
C PRO H 328 10.02 -30.77 -16.07
N TRP H 329 9.70 -31.61 -15.08
CA TRP H 329 8.33 -32.07 -14.88
C TRP H 329 7.45 -30.97 -14.33
N PHE H 330 6.13 -31.08 -14.51
CA PHE H 330 5.25 -30.15 -13.85
C PHE H 330 5.51 -30.29 -12.35
N HIS H 331 5.40 -29.19 -11.61
CA HIS H 331 5.96 -29.13 -10.27
C HIS H 331 5.21 -28.20 -9.35
N ARG H 332 4.98 -28.66 -8.13
CA ARG H 332 4.53 -27.81 -7.04
C ARG H 332 5.47 -28.07 -5.88
N ASN H 333 5.95 -27.00 -5.24
CA ASN H 333 7.12 -27.07 -4.36
C ASN H 333 6.88 -26.25 -3.10
N LEU H 334 7.28 -26.81 -1.96
CA LEU H 334 7.32 -26.07 -0.70
C LEU H 334 8.22 -24.84 -0.80
N MET H 335 9.38 -25.04 -1.43
CA MET H 335 10.36 -23.96 -1.55
C MET H 335 9.89 -22.90 -2.55
N ASN H 336 10.65 -21.82 -2.66
CA ASN H 336 10.27 -20.71 -3.52
C ASN H 336 11.31 -20.48 -4.62
N GLU H 337 10.88 -20.52 -5.87
CA GLU H 337 11.82 -20.58 -7.00
C GLU H 337 11.93 -19.25 -7.74
N PHE H 338 13.08 -18.59 -7.60
CA PHE H 338 13.36 -17.36 -8.35
C PHE H 338 14.41 -17.65 -9.40
N MET H 339 14.04 -17.52 -10.66
CA MET H 339 14.96 -17.84 -11.74
C MET H 339 15.44 -16.58 -12.48
N GLY H 340 16.67 -16.65 -12.97
CA GLY H 340 17.20 -15.60 -13.81
C GLY H 340 17.90 -16.24 -14.98
N LEU H 341 18.34 -15.42 -15.93
CA LEU H 341 18.97 -15.94 -17.13
C LEU H 341 20.15 -15.06 -17.51
N ILE H 342 21.31 -15.68 -17.70
CA ILE H 342 22.53 -14.91 -18.00
C ILE H 342 22.72 -14.79 -19.51
N ASN H 343 22.60 -15.90 -20.22
CA ASN H 343 22.64 -15.86 -21.68
C ASN H 343 21.81 -16.97 -22.32
N GLY H 344 21.49 -16.79 -23.59
CA GLY H 344 20.75 -17.79 -24.33
C GLY H 344 19.32 -17.95 -23.83
N ALA H 345 18.77 -19.15 -24.01
CA ALA H 345 17.40 -19.45 -23.60
C ALA H 345 17.40 -20.63 -22.61
N TYR H 346 16.33 -20.71 -21.82
CA TYR H 346 16.17 -21.80 -20.87
C TYR H 346 15.17 -22.83 -21.42
N ASP H 347 15.46 -24.11 -21.16
CA ASP H 347 14.78 -25.24 -21.80
C ASP H 347 13.30 -25.44 -21.45
N ALA H 348 12.83 -24.82 -20.37
CA ALA H 348 11.44 -25.00 -19.93
C ALA H 348 10.50 -23.92 -20.49
N LYS H 349 11.07 -22.87 -21.08
CA LYS H 349 10.27 -21.75 -21.57
C LYS H 349 10.64 -21.35 -23.00
N ALA H 350 9.65 -21.39 -23.89
CA ALA H 350 9.90 -21.18 -25.32
C ALA H 350 10.06 -19.72 -25.70
N GLU H 351 9.24 -18.86 -25.12
CA GLU H 351 9.36 -17.42 -25.36
C GLU H 351 9.05 -16.59 -24.11
N GLY H 352 9.54 -15.35 -24.09
CA GLY H 352 9.26 -14.42 -23.01
C GLY H 352 10.21 -14.45 -21.83
N PHE H 353 11.18 -15.36 -21.83
CA PHE H 353 12.16 -15.44 -20.74
C PHE H 353 13.53 -15.10 -21.31
N LEU H 354 13.95 -13.86 -21.10
CA LEU H 354 15.14 -13.31 -21.76
C LEU H 354 16.25 -13.02 -20.78
N PRO H 355 17.48 -12.87 -21.28
CA PRO H 355 18.61 -12.56 -20.38
C PRO H 355 18.35 -11.28 -19.63
N GLY H 356 18.49 -11.32 -18.32
CA GLY H 356 18.14 -10.18 -17.48
C GLY H 356 16.73 -10.31 -16.93
N GLY H 357 15.93 -11.19 -17.54
CA GLY H 357 14.55 -11.42 -17.10
C GLY H 357 14.51 -12.13 -15.77
N ALA H 358 13.32 -12.39 -15.27
CA ALA H 358 13.19 -13.12 -14.00
C ALA H 358 11.80 -13.72 -13.84
N SER H 359 11.73 -14.86 -13.16
CA SER H 359 10.46 -15.48 -12.82
C SER H 359 10.40 -15.83 -11.34
N LEU H 360 9.20 -15.78 -10.78
CA LEU H 360 9.00 -16.22 -9.42
C LEU H 360 7.83 -17.19 -9.33
N HIS H 361 8.14 -18.42 -8.95
CA HIS H 361 7.14 -19.42 -8.66
C HIS H 361 7.20 -19.69 -7.17
N GLY H 362 6.28 -19.08 -6.43
CA GLY H 362 6.25 -19.17 -4.99
C GLY H 362 5.71 -20.50 -4.50
N VAL H 363 5.75 -20.66 -3.18
CA VAL H 363 5.35 -21.88 -2.49
C VAL H 363 4.01 -22.47 -2.98
N MET H 364 4.07 -23.70 -3.47
CA MET H 364 2.90 -24.45 -3.95
C MET H 364 2.25 -23.88 -5.21
N SER H 365 2.85 -22.85 -5.80
CA SER H 365 2.36 -22.37 -7.10
C SER H 365 2.64 -23.45 -8.13
N ALA H 366 1.70 -23.71 -9.03
CA ALA H 366 1.88 -24.75 -10.03
C ALA H 366 2.68 -24.26 -11.23
N HIS H 367 3.84 -24.86 -11.46
CA HIS H 367 4.63 -24.53 -12.63
C HIS H 367 5.00 -25.78 -13.43
N GLY H 368 5.92 -25.65 -14.37
CA GLY H 368 6.28 -26.74 -15.24
C GLY H 368 6.54 -26.17 -16.61
N PRO H 369 6.87 -27.04 -17.58
CA PRO H 369 7.18 -26.55 -18.92
C PRO H 369 5.94 -25.92 -19.56
N ASP H 370 6.15 -24.85 -20.33
CA ASP H 370 5.04 -24.23 -21.04
C ASP H 370 4.49 -25.15 -22.12
N ALA H 371 3.34 -24.75 -22.67
CA ALA H 371 2.61 -25.57 -23.64
C ALA H 371 3.50 -25.98 -24.81
N GLU H 372 4.26 -25.01 -25.32
CA GLU H 372 5.13 -25.23 -26.48
C GLU H 372 6.25 -26.23 -26.19
N THR H 373 6.99 -25.99 -25.12
CA THR H 373 8.07 -26.89 -24.71
C THR H 373 7.57 -28.30 -24.55
N CYS H 374 6.45 -28.41 -23.85
CA CYS H 374 5.85 -29.69 -23.51
C CYS H 374 5.51 -30.52 -24.75
N GLU H 375 4.82 -29.90 -25.71
CA GLU H 375 4.45 -30.54 -26.96
C GLU H 375 5.66 -31.05 -27.77
N LYS H 376 6.68 -30.20 -27.89
CA LYS H 376 7.90 -30.56 -28.61
C LYS H 376 8.56 -31.80 -28.02
N ALA H 377 8.48 -31.94 -26.69
CA ALA H 377 9.24 -32.97 -25.98
C ALA H 377 8.58 -34.34 -26.05
N ILE H 378 7.26 -34.37 -26.22
CA ILE H 378 6.57 -35.64 -26.31
C ILE H 378 6.74 -36.23 -27.71
N ALA H 379 6.94 -35.36 -28.69
CA ALA H 379 7.08 -35.81 -30.08
C ALA H 379 8.53 -36.09 -30.46
N ALA H 380 9.46 -35.52 -29.70
CA ALA H 380 10.87 -35.60 -30.06
C ALA H 380 11.41 -37.03 -30.13
N ASP H 381 12.10 -37.36 -31.21
CA ASP H 381 12.88 -38.58 -31.29
C ASP H 381 14.09 -38.40 -30.37
N LEU H 382 14.35 -39.40 -29.53
CA LEU H 382 15.32 -39.23 -28.44
C LEU H 382 16.70 -39.79 -28.73
N ALA H 383 17.66 -38.89 -28.95
CA ALA H 383 19.05 -39.27 -29.09
C ALA H 383 19.90 -38.28 -28.29
N PRO H 384 21.12 -38.69 -27.93
CA PRO H 384 22.04 -37.79 -27.22
C PRO H 384 21.99 -36.39 -27.82
N HIS H 385 21.69 -35.40 -26.98
CA HIS H 385 21.59 -34.03 -27.42
C HIS H 385 22.27 -33.09 -26.43
N LYS H 386 23.14 -32.22 -26.95
CA LYS H 386 23.88 -31.28 -26.14
C LYS H 386 23.16 -29.92 -26.02
N ILE H 387 22.64 -29.63 -24.83
CA ILE H 387 22.11 -28.31 -24.58
C ILE H 387 23.28 -27.35 -24.45
N ASP H 388 23.28 -26.29 -25.26
CA ASP H 388 24.45 -25.43 -25.35
C ASP H 388 24.12 -23.93 -25.47
N ASN H 389 25.16 -23.11 -25.33
CA ASN H 389 25.02 -21.65 -25.41
C ASN H 389 23.88 -21.08 -24.57
N THR H 390 23.84 -21.50 -23.31
CA THR H 390 22.87 -20.99 -22.36
C THR H 390 23.44 -21.03 -20.95
N MET H 391 22.84 -20.23 -20.07
CA MET H 391 23.10 -20.30 -18.64
C MET H 391 21.97 -19.62 -17.89
N ALA H 392 21.08 -20.42 -17.33
CA ALA H 392 20.01 -19.93 -16.47
C ALA H 392 20.40 -20.31 -15.04
N PHE H 393 19.64 -19.81 -14.07
CA PHE H 393 19.95 -20.14 -12.67
C PHE H 393 18.73 -19.90 -11.82
N MET H 394 18.77 -20.40 -10.60
CA MET H 394 17.70 -20.19 -9.65
C MET H 394 18.27 -19.79 -8.30
N PHE H 395 17.63 -18.84 -7.63
CA PHE H 395 17.79 -18.70 -6.19
C PHE H 395 16.56 -19.36 -5.57
N GLU H 396 16.72 -20.48 -4.89
CA GLU H 396 15.57 -21.15 -4.27
C GLU H 396 15.61 -20.99 -2.76
N THR H 397 14.57 -20.40 -2.19
CA THR H 397 14.59 -20.05 -0.78
C THR H 397 13.53 -20.81 -0.01
N SER H 398 13.80 -21.11 1.26
CA SER H 398 12.83 -21.81 2.08
C SER H 398 11.69 -20.89 2.57
N GLN H 399 12.01 -19.65 2.96
CA GLN H 399 10.96 -18.71 3.31
C GLN H 399 10.35 -18.14 2.05
N VAL H 400 9.06 -17.77 2.11
CA VAL H 400 8.40 -17.18 0.94
C VAL H 400 9.05 -15.85 0.52
N LEU H 401 9.13 -15.62 -0.78
CA LEU H 401 9.70 -14.40 -1.32
C LEU H 401 8.60 -13.40 -1.63
N ARG H 402 8.56 -12.31 -0.87
CA ARG H 402 7.59 -11.25 -1.08
C ARG H 402 8.10 -10.27 -2.12
N PRO H 403 7.43 -10.20 -3.30
CA PRO H 403 7.83 -9.13 -4.23
C PRO H 403 7.69 -7.75 -3.59
N SER H 404 8.56 -6.84 -4.00
CA SER H 404 8.50 -5.44 -3.57
C SER H 404 7.40 -4.71 -4.34
N LEU H 405 6.94 -3.58 -3.80
CA LEU H 405 5.95 -2.78 -4.48
C LEU H 405 6.50 -2.32 -5.83
N GLN H 406 7.76 -1.91 -5.85
CA GLN H 406 8.38 -1.47 -7.09
C GLN H 406 8.33 -2.57 -8.13
N ALA H 407 8.48 -3.80 -7.68
CA ALA H 407 8.55 -4.91 -8.61
C ALA H 407 7.16 -5.28 -9.13
N LEU H 408 6.14 -5.10 -8.29
CA LEU H 408 4.75 -5.37 -8.70
C LEU H 408 4.18 -4.28 -9.61
N GLU H 409 4.72 -3.08 -9.51
CA GLU H 409 4.27 -1.97 -10.34
C GLU H 409 5.23 -1.73 -11.50
N CYS H 410 6.23 -2.59 -11.60
CA CYS H 410 7.24 -2.48 -12.66
C CYS H 410 6.58 -2.56 -14.04
N PRO H 411 6.97 -1.67 -14.96
CA PRO H 411 6.45 -1.75 -16.33
C PRO H 411 6.91 -3.04 -16.99
N GLN H 412 8.03 -3.58 -16.51
CA GLN H 412 8.62 -4.79 -17.10
C GLN H 412 7.90 -6.06 -16.63
N LEU H 413 7.09 -5.95 -15.58
CA LEU H 413 6.30 -7.09 -15.15
C LEU H 413 5.34 -7.46 -16.28
N GLN H 414 5.40 -8.71 -16.73
CA GLN H 414 4.54 -9.16 -17.81
C GLN H 414 3.11 -9.40 -17.33
N ALA H 415 2.15 -8.95 -18.13
CA ALA H 415 0.74 -8.97 -17.72
C ALA H 415 0.02 -10.32 -17.86
N ASP H 416 0.40 -11.12 -18.84
CA ASP H 416 -0.30 -12.40 -19.07
C ASP H 416 0.64 -13.61 -19.09
N TYR H 417 1.40 -13.76 -18.02
CA TYR H 417 2.32 -14.88 -17.89
C TYR H 417 1.56 -16.21 -17.84
N ASP H 418 0.39 -16.20 -17.22
CA ASP H 418 -0.39 -17.44 -17.05
C ASP H 418 -0.81 -18.05 -18.39
N SER H 419 -0.91 -17.20 -19.42
CA SER H 419 -1.32 -17.68 -20.74
C SER H 419 -0.31 -18.66 -21.35
N CYS H 420 0.94 -18.60 -20.89
CA CYS H 420 1.97 -19.47 -21.45
C CYS H 420 1.61 -20.95 -21.25
N TRP H 421 0.78 -21.24 -20.25
CA TRP H 421 0.34 -22.61 -19.99
C TRP H 421 -1.09 -22.89 -20.51
N ALA H 422 -1.74 -21.86 -21.05
CA ALA H 422 -3.18 -21.93 -21.27
C ALA H 422 -3.64 -22.93 -22.35
N THR H 423 -2.76 -23.31 -23.27
CA THR H 423 -3.14 -24.21 -24.34
C THR H 423 -2.71 -25.66 -24.12
N LEU H 424 -2.37 -26.01 -22.89
CA LEU H 424 -2.06 -27.40 -22.56
C LEU H 424 -3.32 -28.26 -22.72
N PRO H 425 -3.28 -29.26 -23.60
CA PRO H 425 -4.50 -30.03 -23.86
C PRO H 425 -4.61 -31.27 -22.98
N SER H 426 -5.82 -31.81 -22.86
CA SER H 426 -6.00 -33.13 -22.26
C SER H 426 -5.77 -34.19 -23.33
N THR H 427 -4.89 -35.14 -23.04
CA THR H 427 -4.62 -36.22 -23.98
C THR H 427 -4.96 -37.56 -23.35
N PHE H 428 -5.77 -37.50 -22.29
CA PHE H 428 -6.14 -38.67 -21.54
C PHE H 428 -7.10 -39.55 -22.35
N ASN H 429 -6.74 -40.81 -22.50
CA ASN H 429 -7.63 -41.79 -23.12
C ASN H 429 -7.73 -43.04 -22.27
N PRO H 430 -8.82 -43.16 -21.51
CA PRO H 430 -9.03 -44.28 -20.58
C PRO H 430 -9.12 -45.63 -21.29
N ASN H 431 -9.18 -45.61 -22.62
CA ASN H 431 -9.31 -46.83 -23.40
C ASN H 431 -7.99 -47.36 -23.95
N ARG H 432 -7.04 -46.45 -24.18
CA ARG H 432 -5.72 -46.83 -24.71
C ARG H 432 -4.63 -46.50 -23.69
N ARG H 433 -4.04 -47.53 -23.09
CA ARG H 433 -2.97 -47.30 -22.12
C ARG H 433 -1.66 -46.89 -22.80
N ASP I 8 -17.90 -48.95 -1.06
CA ASP I 8 -17.30 -48.25 0.09
C ASP I 8 -15.82 -47.92 -0.10
N LEU I 9 -15.35 -46.91 0.62
CA LEU I 9 -14.01 -46.38 0.44
C LEU I 9 -12.89 -47.31 0.90
N HIS I 10 -11.88 -47.49 0.05
CA HIS I 10 -10.70 -48.25 0.44
C HIS I 10 -9.55 -47.34 0.83
N TYR I 11 -8.70 -47.85 1.73
CA TYR I 11 -7.54 -47.12 2.23
C TYR I 11 -6.29 -47.99 2.20
N LEU I 12 -5.13 -47.35 2.15
CA LEU I 12 -3.84 -48.01 2.33
C LEU I 12 -3.31 -47.64 3.72
N SER I 13 -2.57 -48.55 4.38
CA SER I 13 -2.15 -48.30 5.75
C SER I 13 -0.62 -48.24 5.93
N GLY I 14 -0.18 -47.51 6.94
CA GLY I 14 1.23 -47.44 7.28
C GLY I 14 1.77 -46.02 7.24
N PHE I 15 1.85 -45.37 8.40
CA PHE I 15 2.29 -43.99 8.44
C PHE I 15 3.67 -43.80 7.82
N GLY I 16 3.76 -42.90 6.84
CA GLY I 16 5.03 -42.55 6.24
C GLY I 16 5.48 -43.46 5.12
N ASN I 17 4.63 -44.41 4.71
CA ASN I 17 4.99 -45.34 3.64
C ASN I 17 5.16 -44.67 2.28
N GLU I 18 6.00 -45.25 1.44
CA GLU I 18 5.92 -44.97 0.01
C GLU I 18 4.74 -45.76 -0.54
N PHE I 19 3.62 -45.08 -0.76
CA PHE I 19 2.41 -45.73 -1.26
C PHE I 19 2.42 -45.69 -2.78
N ALA I 20 1.62 -46.56 -3.39
CA ALA I 20 1.41 -46.52 -4.83
C ALA I 20 -0.05 -46.88 -5.07
N SER I 21 -0.70 -46.19 -5.99
CA SER I 21 -2.12 -46.36 -6.22
C SER I 21 -2.53 -45.91 -7.62
N GLU I 22 -3.39 -46.69 -8.27
CA GLU I 22 -3.81 -46.40 -9.64
C GLU I 22 -5.29 -46.75 -9.87
N ALA I 23 -6.04 -45.79 -10.38
CA ALA I 23 -7.47 -45.96 -10.63
C ALA I 23 -7.75 -46.62 -11.99
N LEU I 24 -6.70 -46.86 -12.75
CA LEU I 24 -6.78 -47.67 -13.96
C LEU I 24 -5.56 -48.57 -14.01
N PRO I 25 -5.71 -49.78 -14.58
CA PRO I 25 -4.59 -50.73 -14.66
C PRO I 25 -3.40 -50.17 -15.42
N GLY I 26 -2.23 -50.13 -14.78
CA GLY I 26 -1.02 -49.67 -15.42
C GLY I 26 -0.94 -48.17 -15.67
N ALA I 27 -1.72 -47.38 -14.94
CA ALA I 27 -1.66 -45.93 -15.06
C ALA I 27 -0.33 -45.38 -14.54
N LEU I 28 0.23 -46.04 -13.52
CA LEU I 28 1.59 -45.73 -13.06
C LEU I 28 2.66 -46.19 -14.04
N PRO I 29 3.62 -45.31 -14.37
CA PRO I 29 4.73 -45.81 -15.18
C PRO I 29 5.55 -46.82 -14.37
N VAL I 30 5.88 -47.95 -14.98
CA VAL I 30 6.72 -48.93 -14.30
C VAL I 30 8.19 -48.63 -14.59
N GLY I 31 9.00 -48.58 -13.53
CA GLY I 31 10.45 -48.49 -13.67
C GLY I 31 11.05 -47.09 -13.75
N GLN I 32 10.19 -46.06 -13.72
CA GLN I 32 10.64 -44.67 -13.83
C GLN I 32 9.48 -43.78 -13.50
N ASN I 33 9.75 -42.49 -13.29
CA ASN I 33 8.72 -41.53 -12.91
C ASN I 33 8.22 -40.67 -14.07
N SER I 34 9.06 -40.54 -15.11
CA SER I 34 8.82 -39.54 -16.15
C SER I 34 8.95 -40.08 -17.58
N PRO I 35 8.04 -40.98 -17.98
CA PRO I 35 8.18 -41.51 -19.33
C PRO I 35 7.97 -40.41 -20.39
N GLN I 36 8.45 -40.58 -21.61
CA GLN I 36 8.19 -39.60 -22.66
C GLN I 36 6.71 -39.54 -23.01
N LYS I 37 6.11 -40.71 -23.15
CA LYS I 37 4.68 -40.82 -23.36
C LYS I 37 4.12 -41.70 -22.26
N ALA I 38 3.46 -41.07 -21.28
CA ALA I 38 3.00 -41.78 -20.09
C ALA I 38 1.71 -42.56 -20.38
N PRO I 39 1.43 -43.59 -19.58
CA PRO I 39 0.22 -44.41 -19.81
C PRO I 39 -1.04 -43.56 -19.91
N TYR I 40 -1.94 -43.94 -20.81
CA TYR I 40 -3.22 -43.27 -20.97
C TYR I 40 -3.08 -41.80 -21.32
N GLY I 41 -1.86 -41.36 -21.65
CA GLY I 41 -1.64 -40.00 -22.06
C GLY I 41 -1.77 -39.02 -20.91
N LEU I 42 -1.38 -39.49 -19.73
CA LEU I 42 -1.39 -38.65 -18.52
C LEU I 42 -0.16 -37.74 -18.44
N TYR I 43 -0.27 -36.68 -17.64
CA TYR I 43 0.85 -35.80 -17.34
C TYR I 43 1.49 -36.18 -16.01
N ALA I 44 2.81 -36.25 -15.98
CA ALA I 44 3.51 -36.47 -14.72
C ALA I 44 3.63 -35.12 -14.02
N GLU I 45 3.39 -35.12 -12.71
CA GLU I 45 3.55 -33.92 -11.89
C GLU I 45 4.11 -34.29 -10.51
N LEU I 46 5.12 -33.57 -10.05
CA LEU I 46 5.70 -33.84 -8.75
C LEU I 46 5.27 -32.82 -7.71
N LEU I 47 4.73 -33.30 -6.59
CA LEU I 47 4.40 -32.45 -5.47
C LEU I 47 5.47 -32.63 -4.39
N SER I 48 6.41 -31.69 -4.30
CA SER I 48 7.45 -31.74 -3.29
C SER I 48 6.95 -31.09 -2.00
N GLY I 49 6.66 -31.90 -0.99
CA GLY I 49 6.16 -31.41 0.27
C GLY I 49 7.28 -30.83 1.12
N THR I 50 8.51 -31.22 0.83
CA THR I 50 9.68 -30.78 1.59
C THR I 50 10.77 -30.34 0.64
N ALA I 51 11.86 -29.81 1.18
CA ALA I 51 13.04 -29.56 0.37
C ALA I 51 13.52 -30.87 -0.27
N PHE I 52 14.01 -30.79 -1.50
CA PHE I 52 14.62 -31.95 -2.18
C PHE I 52 15.63 -32.68 -1.29
N THR I 53 16.38 -31.94 -0.51
CA THR I 53 17.57 -32.48 0.17
C THR I 53 17.35 -32.89 1.62
N MET I 54 16.11 -32.98 2.07
CA MET I 54 15.84 -33.51 3.41
C MET I 54 16.44 -34.92 3.50
N ALA I 55 16.79 -35.33 4.72
CA ALA I 55 17.16 -36.73 4.95
C ALA I 55 15.96 -37.57 4.48
N ARG I 56 16.20 -38.79 4.01
CA ARG I 56 15.10 -39.62 3.49
C ARG I 56 13.97 -39.75 4.51
N SER I 57 14.33 -40.00 5.76
CA SER I 57 13.35 -40.09 6.85
C SER I 57 12.44 -38.87 6.97
N GLU I 58 12.90 -37.71 6.47
CA GLU I 58 12.13 -36.47 6.60
C GLU I 58 11.46 -36.05 5.30
N LEU I 59 11.72 -36.79 4.23
CA LEU I 59 11.20 -36.47 2.90
C LEU I 59 9.71 -36.78 2.75
N ARG I 60 9.00 -35.87 2.08
CA ARG I 60 7.60 -36.06 1.72
C ARG I 60 7.41 -35.54 0.29
N ARG I 61 7.23 -36.45 -0.66
CA ARG I 61 6.98 -36.05 -2.04
C ARG I 61 6.10 -37.10 -2.71
N THR I 62 5.25 -36.64 -3.63
CA THR I 62 4.33 -37.53 -4.32
C THR I 62 4.31 -37.25 -5.82
N TRP I 63 4.47 -38.31 -6.60
CA TRP I 63 4.30 -38.25 -8.04
C TRP I 63 2.83 -38.49 -8.42
N LEU I 64 2.33 -37.64 -9.31
CA LEU I 64 0.94 -37.65 -9.72
C LEU I 64 0.88 -37.85 -11.21
N TYR I 65 -0.07 -38.66 -11.67
CA TYR I 65 -0.29 -38.82 -13.09
C TYR I 65 -1.71 -38.39 -13.42
N ARG I 66 -1.84 -37.26 -14.10
CA ARG I 66 -3.09 -36.52 -14.13
C ARG I 66 -3.54 -36.10 -15.52
N ILE I 67 -4.83 -35.80 -15.64
CA ILE I 67 -5.41 -35.47 -16.93
C ILE I 67 -4.88 -34.13 -17.44
N ARG I 68 -4.89 -33.13 -16.57
CA ARG I 68 -4.34 -31.82 -16.89
C ARG I 68 -3.38 -31.35 -15.80
N PRO I 69 -2.25 -30.76 -16.18
CA PRO I 69 -1.28 -30.30 -15.18
C PRO I 69 -1.90 -29.20 -14.34
N SER I 70 -1.42 -29.02 -13.12
CA SER I 70 -1.96 -28.00 -12.24
C SER I 70 -1.69 -26.59 -12.76
N ALA I 71 -0.62 -26.47 -13.56
CA ALA I 71 -0.20 -25.19 -14.13
C ALA I 71 -1.21 -24.62 -15.12
N LEU I 72 -2.15 -25.45 -15.57
CA LEU I 72 -3.23 -25.00 -16.43
C LEU I 72 -4.29 -24.25 -15.61
N HIS I 73 -4.11 -22.95 -15.45
CA HIS I 73 -5.05 -22.14 -14.70
C HIS I 73 -4.74 -20.69 -14.96
N PRO I 74 -5.75 -19.82 -14.84
CA PRO I 74 -5.49 -18.41 -15.14
C PRO I 74 -5.10 -17.67 -13.86
N ARG I 75 -4.73 -16.41 -14.02
CA ARG I 75 -4.38 -15.56 -12.90
C ARG I 75 -5.33 -15.70 -11.72
N PHE I 76 -4.77 -15.85 -10.51
CA PHE I 76 -5.55 -15.82 -9.29
C PHE I 76 -5.90 -14.37 -8.92
N GLU I 77 -7.02 -14.20 -8.24
CA GLU I 77 -7.48 -12.87 -7.85
C GLU I 77 -8.05 -12.86 -6.43
N ARG I 78 -7.74 -11.80 -5.69
CA ARG I 78 -8.15 -11.71 -4.31
C ARG I 78 -9.67 -11.66 -4.18
N LEU I 79 -10.24 -12.56 -3.39
CA LEU I 79 -11.68 -12.55 -3.14
C LEU I 79 -12.04 -11.38 -2.24
N ALA I 80 -13.28 -10.93 -2.34
CA ALA I 80 -13.80 -9.91 -1.43
C ALA I 80 -14.03 -10.47 -0.03
N ARG I 81 -14.58 -11.68 0.04
CA ARG I 81 -14.84 -12.34 1.31
C ARG I 81 -13.52 -12.90 1.88
N GLN I 82 -13.17 -12.47 3.10
CA GLN I 82 -11.91 -12.87 3.74
C GLN I 82 -12.16 -13.24 5.20
N PRO I 83 -12.40 -14.53 5.47
CA PRO I 83 -12.78 -14.97 6.82
C PRO I 83 -11.65 -14.87 7.84
N LEU I 84 -10.41 -14.93 7.35
CA LEU I 84 -9.23 -14.96 8.22
C LEU I 84 -8.59 -13.60 8.34
N GLY I 85 -9.27 -12.59 7.80
CA GLY I 85 -8.71 -11.24 7.73
C GLY I 85 -8.67 -10.48 9.05
N GLY I 86 -9.47 -10.91 10.02
CA GLY I 86 -9.51 -10.24 11.32
C GLY I 86 -8.15 -10.05 11.95
N PRO I 87 -8.04 -9.10 12.89
CA PRO I 87 -6.78 -8.82 13.59
C PRO I 87 -6.58 -9.70 14.81
N LEU I 88 -5.34 -9.75 15.31
CA LEU I 88 -5.08 -10.35 16.60
C LEU I 88 -5.72 -9.50 17.67
N GLY I 89 -6.00 -10.10 18.82
CA GLY I 89 -6.57 -9.38 19.93
C GLY I 89 -5.47 -8.64 20.68
N GLY I 90 -5.87 -7.80 21.63
CA GLY I 90 -4.94 -7.08 22.46
C GLY I 90 -4.15 -8.10 23.27
N ILE I 91 -3.01 -7.66 23.79
CA ILE I 91 -2.21 -8.46 24.69
C ILE I 91 -3.07 -8.82 25.87
N ASN I 92 -3.03 -10.09 26.28
CA ASN I 92 -3.83 -10.53 27.42
C ASN I 92 -3.31 -11.82 28.02
N PRO I 93 -2.77 -11.77 29.25
CA PRO I 93 -2.14 -12.94 29.86
C PRO I 93 -3.13 -13.90 30.51
N ASN I 94 -4.40 -13.54 30.52
CA ASN I 94 -5.38 -14.32 31.29
C ASN I 94 -5.67 -15.73 30.79
N ARG I 95 -6.07 -16.59 31.73
CA ARG I 95 -6.60 -17.90 31.40
C ARG I 95 -7.96 -17.69 30.74
N LEU I 96 -8.23 -18.39 29.64
CA LEU I 96 -9.45 -18.15 28.89
C LEU I 96 -10.21 -19.45 28.61
N ARG I 97 -11.54 -19.38 28.67
CA ARG I 97 -12.37 -20.50 28.26
C ARG I 97 -13.59 -20.05 27.47
N TRP I 98 -13.87 -20.74 26.37
CA TRP I 98 -15.01 -20.45 25.51
C TRP I 98 -16.02 -21.59 25.57
N SER I 99 -17.30 -21.25 25.55
CA SER I 99 -18.35 -22.24 25.36
C SER I 99 -18.37 -22.66 23.89
N PRO I 100 -19.16 -23.69 23.54
CA PRO I 100 -19.15 -24.16 22.15
C PRO I 100 -19.59 -23.07 21.16
N GLN I 101 -19.02 -23.07 19.96
CA GLN I 101 -19.38 -22.08 18.95
C GLN I 101 -20.67 -22.46 18.26
N PRO I 102 -21.60 -21.50 18.14
CA PRO I 102 -22.79 -21.74 17.31
C PRO I 102 -22.45 -21.73 15.83
N ILE I 103 -23.21 -22.46 15.03
CA ILE I 103 -23.05 -22.43 13.58
C ILE I 103 -23.76 -21.19 13.00
N PRO I 104 -23.03 -20.41 12.20
CA PRO I 104 -23.65 -19.19 11.66
C PRO I 104 -24.82 -19.57 10.78
N ALA I 105 -25.70 -18.61 10.46
CA ALA I 105 -26.87 -18.90 9.64
C ALA I 105 -26.63 -18.64 8.17
N GLU I 106 -25.93 -17.55 7.87
CA GLU I 106 -25.54 -17.24 6.49
C GLU I 106 -24.80 -18.42 5.88
N PRO I 107 -25.04 -18.69 4.57
CA PRO I 107 -24.35 -19.79 3.89
C PRO I 107 -22.84 -19.77 4.13
N THR I 108 -22.31 -20.88 4.64
CA THR I 108 -20.92 -20.99 5.00
C THR I 108 -20.39 -22.38 4.69
N ASP I 109 -19.50 -22.51 3.71
CA ASP I 109 -18.85 -23.80 3.48
C ASP I 109 -17.61 -23.95 4.39
N PHE I 110 -16.95 -25.10 4.28
CA PHE I 110 -15.85 -25.46 5.18
C PHE I 110 -14.77 -24.39 5.31
N ILE I 111 -14.38 -23.79 4.18
CA ILE I 111 -13.29 -22.82 4.21
C ILE I 111 -13.74 -21.44 4.66
N GLU I 112 -15.00 -21.09 4.39
CA GLU I 112 -15.52 -19.80 4.82
C GLU I 112 -15.82 -19.80 6.32
N GLY I 113 -15.87 -21.00 6.91
CA GLY I 113 -16.29 -21.13 8.29
C GLY I 113 -15.24 -21.24 9.39
N TRP I 114 -13.97 -21.02 9.06
CA TRP I 114 -12.95 -21.07 10.11
C TRP I 114 -13.00 -19.82 11.00
N LEU I 115 -13.09 -20.05 12.31
CA LEU I 115 -13.01 -18.99 13.28
C LEU I 115 -11.63 -18.99 13.91
N PRO I 116 -10.80 -17.98 13.62
CA PRO I 116 -9.49 -17.94 14.27
C PRO I 116 -9.66 -17.82 15.77
N MET I 117 -9.09 -18.75 16.52
CA MET I 117 -9.16 -18.71 17.98
C MET I 117 -7.90 -18.08 18.57
N ALA I 118 -6.75 -18.68 18.27
CA ALA I 118 -5.45 -18.12 18.64
C ALA I 118 -4.36 -18.58 17.67
N ALA I 119 -3.28 -17.82 17.54
CA ALA I 119 -2.20 -18.19 16.62
C ALA I 119 -0.88 -17.62 17.12
N ASN I 120 0.23 -18.22 16.66
CA ASN I 120 1.55 -17.74 17.04
C ASN I 120 1.90 -16.42 16.35
N ALA I 121 1.27 -16.13 15.22
CA ALA I 121 1.54 -14.90 14.48
C ALA I 121 0.34 -14.40 13.68
N GLY I 122 0.41 -13.16 13.20
CA GLY I 122 -0.63 -12.64 12.33
C GLY I 122 -0.74 -13.53 11.09
N ALA I 123 -1.96 -13.69 10.58
CA ALA I 123 -2.22 -14.58 9.44
C ALA I 123 -1.39 -14.22 8.21
N GLU I 124 -0.99 -12.97 8.11
CA GLU I 124 -0.27 -12.48 6.95
C GLU I 124 1.19 -12.88 7.03
N LYS I 125 1.59 -13.41 8.18
CA LYS I 125 2.97 -13.83 8.36
C LYS I 125 3.00 -15.17 9.08
N PRO I 126 2.49 -16.22 8.41
CA PRO I 126 2.28 -17.47 9.14
C PRO I 126 3.58 -18.07 9.66
N ALA I 127 3.55 -18.49 10.92
CA ALA I 127 4.71 -19.10 11.55
C ALA I 127 4.21 -19.96 12.71
N GLY I 128 4.89 -21.06 12.96
CA GLY I 128 4.48 -21.95 14.04
C GLY I 128 3.13 -22.60 13.76
N VAL I 129 2.12 -22.21 14.54
CA VAL I 129 0.81 -22.85 14.48
C VAL I 129 -0.34 -21.81 14.58
N SER I 130 -1.38 -21.99 13.77
CA SER I 130 -2.61 -21.20 13.87
C SER I 130 -3.76 -22.16 14.16
N ILE I 131 -4.61 -21.80 15.14
CA ILE I 131 -5.68 -22.67 15.61
C ILE I 131 -7.05 -22.07 15.30
N TYR I 132 -7.96 -22.91 14.79
CA TYR I 132 -9.30 -22.46 14.48
C TYR I 132 -10.37 -23.43 14.96
N ILE I 133 -11.59 -22.93 15.03
CA ILE I 133 -12.78 -23.77 15.10
C ILE I 133 -13.57 -23.53 13.82
N TYR I 134 -13.89 -24.60 13.10
CA TYR I 134 -14.67 -24.45 11.89
C TYR I 134 -16.16 -24.66 12.15
N ARG I 135 -16.99 -23.93 11.41
CA ARG I 135 -18.44 -24.10 11.47
C ARG I 135 -18.97 -23.95 10.05
N ALA I 136 -19.53 -25.03 9.50
CA ALA I 136 -20.09 -24.93 8.15
C ALA I 136 -21.53 -25.45 8.06
N ASN I 137 -22.26 -24.94 7.07
CA ASN I 137 -23.62 -25.39 6.83
C ASN I 137 -23.87 -25.65 5.36
N ARG I 138 -22.78 -25.72 4.60
CA ARG I 138 -22.83 -26.01 3.16
C ARG I 138 -21.65 -26.88 2.74
N SER I 139 -21.91 -27.88 1.89
CA SER I 139 -20.82 -28.59 1.23
C SER I 139 -20.10 -27.66 0.24
N MET I 140 -18.80 -27.88 0.03
CA MET I 140 -18.05 -27.05 -0.90
C MET I 140 -18.38 -27.40 -2.35
N GLU I 141 -18.73 -26.37 -3.12
CA GLU I 141 -18.92 -26.49 -4.56
C GLU I 141 -17.76 -25.78 -5.24
N ARG I 142 -16.56 -26.06 -4.75
CA ARG I 142 -15.32 -25.51 -5.29
C ARG I 142 -14.18 -26.33 -4.70
N VAL I 143 -12.97 -26.11 -5.21
CA VAL I 143 -11.82 -26.84 -4.69
C VAL I 143 -10.81 -25.84 -4.08
N PHE I 144 -10.05 -26.31 -3.09
CA PHE I 144 -9.22 -25.44 -2.25
C PHE I 144 -7.87 -26.10 -1.94
N PHE I 145 -6.82 -25.28 -1.78
CA PHE I 145 -5.57 -25.74 -1.15
C PHE I 145 -4.97 -24.64 -0.29
N ASN I 146 -4.27 -25.06 0.75
CA ASN I 146 -3.65 -24.13 1.67
C ASN I 146 -2.15 -24.05 1.40
N ALA I 147 -1.72 -22.92 0.85
CA ALA I 147 -0.29 -22.70 0.62
C ALA I 147 0.48 -22.43 1.91
N ASP I 148 -0.24 -22.15 2.99
CA ASP I 148 0.39 -21.67 4.24
C ASP I 148 0.78 -22.77 5.21
N GLY I 149 0.21 -23.96 5.06
CA GLY I 149 0.53 -25.01 6.00
C GLY I 149 -0.23 -26.32 5.84
N GLU I 150 0.14 -27.27 6.68
CA GLU I 150 -0.50 -28.55 6.77
C GLU I 150 -1.69 -28.38 7.70
N LEU I 151 -2.76 -29.13 7.46
CA LEU I 151 -3.98 -28.96 8.23
C LEU I 151 -4.30 -30.22 9.01
N LEU I 152 -4.38 -30.09 10.33
CA LEU I 152 -4.88 -31.17 11.19
C LEU I 152 -6.35 -30.89 11.53
N LEU I 153 -7.24 -31.79 11.11
CA LEU I 153 -8.67 -31.63 11.34
C LEU I 153 -9.12 -32.57 12.47
N VAL I 154 -9.83 -32.01 13.43
CA VAL I 154 -10.36 -32.76 14.58
C VAL I 154 -11.86 -32.48 14.64
N PRO I 155 -12.65 -33.32 13.95
CA PRO I 155 -14.12 -33.19 13.94
C PRO I 155 -14.70 -33.33 15.34
N GLU I 156 -15.75 -32.58 15.62
CA GLU I 156 -16.43 -32.67 16.92
C GLU I 156 -17.93 -32.95 16.73
N GLN I 157 -18.54 -32.27 15.76
CA GLN I 157 -19.92 -32.53 15.39
C GLN I 157 -20.06 -32.69 13.88
N GLY I 158 -20.59 -33.82 13.44
CA GLY I 158 -20.87 -33.98 12.03
C GLY I 158 -19.73 -34.60 11.27
N ARG I 159 -20.06 -35.41 10.27
CA ARG I 159 -19.07 -36.16 9.51
C ARG I 159 -18.60 -35.42 8.27
N LEU I 160 -17.33 -35.59 7.91
CA LEU I 160 -16.78 -34.97 6.72
C LEU I 160 -16.50 -36.01 5.64
N ARG I 161 -16.90 -35.69 4.41
CA ARG I 161 -16.39 -36.41 3.24
C ARG I 161 -15.38 -35.51 2.53
N ILE I 162 -14.11 -35.89 2.60
CA ILE I 162 -13.04 -35.06 2.06
C ILE I 162 -12.47 -35.68 0.78
N ALA I 163 -12.73 -35.04 -0.35
CA ALA I 163 -12.20 -35.52 -1.63
C ALA I 163 -10.88 -34.78 -1.89
N THR I 164 -9.78 -35.52 -1.97
CA THR I 164 -8.48 -34.90 -2.17
C THR I 164 -7.92 -35.29 -3.51
N GLU I 165 -6.74 -34.78 -3.85
CA GLU I 165 -6.09 -35.16 -5.09
C GLU I 165 -5.75 -36.65 -5.11
N LEU I 166 -5.51 -37.23 -3.95
CA LEU I 166 -5.03 -38.60 -3.90
C LEU I 166 -6.17 -39.59 -3.69
N GLY I 167 -7.37 -39.07 -3.47
CA GLY I 167 -8.52 -39.92 -3.24
C GLY I 167 -9.45 -39.33 -2.20
N VAL I 168 -10.50 -40.08 -1.86
CA VAL I 168 -11.53 -39.60 -0.95
C VAL I 168 -11.39 -40.28 0.41
N MET I 169 -11.48 -39.50 1.48
CA MET I 169 -11.54 -40.08 2.82
C MET I 169 -12.72 -39.54 3.60
N GLU I 170 -13.26 -40.35 4.50
CA GLU I 170 -14.35 -39.88 5.38
C GLU I 170 -13.91 -39.87 6.83
N VAL I 171 -14.30 -38.82 7.53
CA VAL I 171 -13.87 -38.58 8.89
C VAL I 171 -15.04 -38.24 9.80
N GLU I 172 -15.15 -38.95 10.90
CA GLU I 172 -16.17 -38.67 11.91
C GLU I 172 -15.51 -38.25 13.21
N PRO I 173 -16.27 -37.60 14.11
CA PRO I 173 -15.71 -37.28 15.42
C PRO I 173 -15.11 -38.51 16.11
N LEU I 174 -13.98 -38.29 16.80
CA LEU I 174 -13.15 -39.35 17.38
C LEU I 174 -12.08 -39.81 16.39
N GLU I 175 -12.19 -39.33 15.15
CA GLU I 175 -11.15 -39.53 14.14
C GLU I 175 -10.45 -38.20 13.85
N ILE I 176 -9.20 -38.26 13.37
CA ILE I 176 -8.56 -37.04 12.91
C ILE I 176 -8.12 -37.21 11.45
N ALA I 177 -7.88 -36.09 10.76
CA ALA I 177 -7.39 -36.14 9.39
C ALA I 177 -6.36 -35.05 9.13
N VAL I 178 -5.36 -35.36 8.31
CA VAL I 178 -4.32 -34.40 7.95
C VAL I 178 -4.29 -34.24 6.44
N ILE I 179 -4.21 -32.98 6.00
CA ILE I 179 -4.07 -32.65 4.58
C ILE I 179 -2.76 -31.89 4.38
N PRO I 180 -1.85 -32.45 3.58
CA PRO I 180 -0.57 -31.76 3.33
C PRO I 180 -0.75 -30.37 2.72
N ARG I 181 0.12 -29.45 3.13
CA ARG I 181 0.23 -28.16 2.47
C ARG I 181 0.26 -28.31 0.95
N GLY I 182 -0.52 -27.48 0.28
CA GLY I 182 -0.50 -27.40 -1.18
C GLY I 182 -1.48 -28.33 -1.87
N MET I 183 -1.99 -29.31 -1.13
CA MET I 183 -2.81 -30.35 -1.74
C MET I 183 -4.26 -29.91 -1.91
N LYS I 184 -4.81 -30.14 -3.11
CA LYS I 184 -6.17 -29.72 -3.41
C LYS I 184 -7.23 -30.65 -2.81
N PHE I 185 -8.30 -30.06 -2.29
CA PHE I 185 -9.36 -30.85 -1.70
C PHE I 185 -10.68 -30.11 -1.68
N ARG I 186 -11.73 -30.86 -1.34
CA ARG I 186 -13.10 -30.38 -1.30
C ARG I 186 -13.82 -31.10 -0.16
N VAL I 187 -14.46 -30.34 0.73
CA VAL I 187 -15.15 -30.93 1.87
C VAL I 187 -16.67 -30.93 1.70
N GLU I 188 -17.26 -32.12 1.67
CA GLU I 188 -18.71 -32.27 1.64
C GLU I 188 -19.17 -32.59 3.05
N LEU I 189 -20.27 -31.99 3.47
CA LEU I 189 -20.80 -32.21 4.81
C LEU I 189 -21.89 -33.27 4.75
N LEU I 190 -21.60 -34.48 5.24
CA LEU I 190 -22.53 -35.59 5.14
C LEU I 190 -23.78 -35.40 6.00
N ASP I 191 -23.64 -34.68 7.10
CA ASP I 191 -24.76 -34.48 8.02
C ASP I 191 -25.37 -33.09 7.88
N GLY I 192 -25.06 -32.42 6.78
CA GLY I 192 -25.63 -31.11 6.49
C GLY I 192 -24.97 -29.97 7.24
N GLN I 193 -24.50 -30.23 8.44
CA GLN I 193 -23.77 -29.24 9.20
C GLN I 193 -22.54 -29.89 9.82
N ALA I 194 -21.57 -29.07 10.19
CA ALA I 194 -20.33 -29.57 10.75
C ALA I 194 -19.64 -28.52 11.62
N ARG I 195 -18.94 -29.02 12.63
CA ARG I 195 -18.19 -28.20 13.57
C ARG I 195 -17.00 -29.03 14.05
N GLY I 196 -15.89 -28.35 14.35
CA GLY I 196 -14.70 -29.05 14.81
C GLY I 196 -13.51 -28.12 14.95
N TYR I 197 -12.34 -28.67 15.26
CA TYR I 197 -11.14 -27.86 15.49
C TYR I 197 -10.09 -28.05 14.41
N ILE I 198 -9.33 -26.99 14.15
CA ILE I 198 -8.21 -27.08 13.22
C ILE I 198 -6.93 -26.57 13.87
N ALA I 199 -5.86 -27.37 13.78
CA ALA I 199 -4.51 -26.88 14.00
C ALA I 199 -3.84 -26.76 12.63
N GLU I 200 -3.56 -25.53 12.21
CA GLU I 200 -2.85 -25.30 10.97
C GLU I 200 -1.35 -25.21 11.26
N ASN I 201 -0.59 -26.17 10.73
CA ASN I 201 0.83 -26.29 11.05
C ASN I 201 1.74 -25.62 10.01
N HIS I 202 2.38 -24.53 10.40
CA HIS I 202 3.22 -23.80 9.46
C HIS I 202 4.67 -24.32 9.43
N GLY I 203 5.05 -25.14 10.41
CA GLY I 203 6.41 -25.61 10.52
C GLY I 203 6.64 -27.00 9.95
N ALA I 204 7.52 -27.75 10.60
CA ALA I 204 7.83 -29.10 10.15
C ALA I 204 6.59 -30.01 10.29
N PRO I 205 6.30 -30.80 9.25
CA PRO I 205 5.11 -31.66 9.17
C PRO I 205 4.96 -32.58 10.36
N LEU I 206 3.72 -32.85 10.75
CA LEU I 206 3.46 -33.73 11.87
C LEU I 206 3.96 -35.15 11.58
N ARG I 207 4.53 -35.77 12.59
CA ARG I 207 4.96 -37.15 12.49
C ARG I 207 4.81 -37.83 13.85
N LEU I 208 5.09 -39.12 13.90
CA LEU I 208 5.00 -39.86 15.14
C LEU I 208 6.15 -39.43 16.07
N PRO I 209 5.87 -39.35 17.38
CA PRO I 209 6.89 -38.97 18.35
C PRO I 209 7.93 -40.06 18.49
N ASP I 210 9.16 -39.66 18.80
CA ASP I 210 10.16 -40.61 19.28
C ASP I 210 9.57 -41.29 20.51
N LEU I 211 9.67 -42.61 20.59
CA LEU I 211 9.02 -43.37 21.67
C LEU I 211 9.89 -43.59 22.91
N GLY I 212 11.17 -43.25 22.82
CA GLY I 212 12.06 -43.41 23.97
C GLY I 212 12.03 -44.83 24.50
N PRO I 213 11.84 -44.98 25.82
CA PRO I 213 11.79 -46.27 26.53
C PRO I 213 10.56 -47.10 26.15
N ILE I 214 9.50 -46.45 25.68
CA ILE I 214 8.31 -47.16 25.23
C ILE I 214 8.72 -48.10 24.06
N GLY I 215 9.75 -47.71 23.31
CA GLY I 215 10.39 -48.63 22.39
C GLY I 215 9.89 -48.61 20.96
N SER I 216 9.33 -49.73 20.51
CA SER I 216 9.06 -49.96 19.09
C SER I 216 7.57 -50.14 18.77
N ASN I 217 6.73 -50.16 19.80
CA ASN I 217 5.28 -50.30 19.65
C ASN I 217 4.57 -49.40 20.66
N GLY I 218 3.30 -49.11 20.44
CA GLY I 218 2.53 -48.39 21.43
C GLY I 218 2.16 -46.97 21.01
N LEU I 219 1.42 -46.28 21.87
CA LEU I 219 0.85 -44.99 21.52
C LEU I 219 0.09 -45.14 20.21
N ALA I 220 0.40 -44.31 19.22
CA ALA I 220 -0.27 -44.46 17.92
C ALA I 220 0.53 -45.38 17.03
N ASN I 221 0.00 -46.58 16.82
CA ASN I 221 0.64 -47.56 15.96
C ASN I 221 0.53 -47.13 14.51
N PRO I 222 1.65 -47.21 13.78
CA PRO I 222 1.68 -46.66 12.41
C PRO I 222 0.71 -47.37 11.47
N ARG I 223 0.38 -48.63 11.77
CA ARG I 223 -0.54 -49.41 10.94
C ARG I 223 -1.99 -48.87 10.99
N ASP I 224 -2.27 -47.96 11.92
CA ASP I 224 -3.62 -47.38 12.02
C ASP I 224 -3.81 -46.06 11.28
N PHE I 225 -2.77 -45.62 10.57
CA PHE I 225 -2.86 -44.39 9.77
C PHE I 225 -3.22 -44.70 8.32
N LEU I 226 -4.40 -44.24 7.90
CA LEU I 226 -5.02 -44.68 6.65
C LEU I 226 -5.05 -43.60 5.56
N THR I 227 -4.61 -43.98 4.36
CA THR I 227 -4.57 -43.07 3.20
C THR I 227 -5.50 -43.57 2.07
N PRO I 228 -6.30 -42.66 1.49
CA PRO I 228 -7.29 -43.04 0.47
C PRO I 228 -6.63 -43.60 -0.77
N VAL I 229 -7.39 -44.28 -1.62
CA VAL I 229 -6.87 -44.81 -2.88
C VAL I 229 -7.19 -43.84 -4.00
N ALA I 230 -6.45 -43.94 -5.10
CA ALA I 230 -6.64 -43.06 -6.24
C ALA I 230 -8.10 -42.95 -6.69
N HIS I 231 -8.53 -41.72 -6.98
CA HIS I 231 -9.87 -41.45 -7.48
C HIS I 231 -9.85 -40.15 -8.26
N TYR I 232 -10.36 -40.18 -9.50
CA TYR I 232 -10.41 -38.98 -10.33
C TYR I 232 -11.82 -38.61 -10.79
N GLU I 233 -11.99 -37.32 -11.09
CA GLU I 233 -13.22 -36.76 -11.62
C GLU I 233 -12.97 -36.26 -13.03
N GLU I 234 -13.98 -36.36 -13.89
CA GLU I 234 -13.76 -36.05 -15.29
C GLU I 234 -14.81 -35.06 -15.76
N ALA I 235 -15.41 -34.34 -14.82
CA ALA I 235 -16.40 -33.34 -15.15
C ALA I 235 -15.76 -32.17 -15.87
N GLU I 236 -16.55 -31.50 -16.71
CA GLU I 236 -16.16 -30.23 -17.30
C GLU I 236 -17.29 -29.22 -17.14
N GLY I 237 -16.92 -27.94 -17.20
CA GLY I 237 -17.80 -26.87 -16.77
C GLY I 237 -17.03 -26.11 -15.71
N PRO I 238 -17.43 -24.87 -15.42
CA PRO I 238 -16.61 -24.03 -14.54
C PRO I 238 -16.47 -24.60 -13.13
N VAL I 239 -15.24 -24.64 -12.63
CA VAL I 239 -14.94 -24.98 -11.24
C VAL I 239 -14.10 -23.86 -10.64
N GLN I 240 -14.51 -23.34 -9.49
CA GLN I 240 -13.69 -22.37 -8.77
C GLN I 240 -12.57 -23.03 -7.92
N LEU I 241 -11.34 -22.58 -8.11
CA LEU I 241 -10.22 -23.03 -7.30
C LEU I 241 -9.73 -21.89 -6.43
N VAL I 242 -9.71 -22.10 -5.12
CA VAL I 242 -9.28 -21.10 -4.15
C VAL I 242 -8.03 -21.58 -3.39
N GLN I 243 -7.05 -20.71 -3.23
CA GLN I 243 -5.92 -21.02 -2.37
C GLN I 243 -5.87 -20.04 -1.21
N LYS I 244 -5.45 -20.52 -0.03
CA LYS I 244 -5.13 -19.64 1.08
C LYS I 244 -3.64 -19.31 1.01
N PHE I 245 -3.33 -18.02 0.93
CA PHE I 245 -1.94 -17.57 0.86
C PHE I 245 -1.70 -16.38 1.77
N LEU I 246 -0.83 -16.55 2.75
CA LEU I 246 -0.58 -15.50 3.72
C LEU I 246 -1.91 -15.03 4.32
N GLY I 247 -2.82 -15.98 4.55
CA GLY I 247 -4.05 -15.68 5.25
C GLY I 247 -5.20 -15.22 4.37
N GLU I 248 -4.91 -14.97 3.11
CA GLU I 248 -5.93 -14.47 2.19
C GLU I 248 -6.45 -15.57 1.28
N HIS I 249 -7.75 -15.51 0.98
CA HIS I 249 -8.33 -16.34 -0.05
C HIS I 249 -8.17 -15.68 -1.42
N TRP I 250 -7.58 -16.41 -2.36
CA TRP I 250 -7.48 -15.97 -3.75
C TRP I 250 -8.08 -17.04 -4.63
N ALA I 251 -8.70 -16.64 -5.74
CA ALA I 251 -9.40 -17.61 -6.57
C ALA I 251 -9.20 -17.41 -8.06
N CYS I 252 -9.25 -18.51 -8.79
CA CYS I 252 -9.36 -18.45 -10.23
C CYS I 252 -10.46 -19.42 -10.64
N GLU I 253 -10.79 -19.42 -11.93
CA GLU I 253 -11.77 -20.34 -12.44
C GLU I 253 -11.11 -21.29 -13.43
N LEU I 254 -11.39 -22.58 -13.27
CA LEU I 254 -10.94 -23.58 -14.21
C LEU I 254 -12.14 -24.08 -15.00
N GLN I 255 -11.86 -24.69 -16.16
CA GLN I 255 -12.89 -25.28 -17.00
C GLN I 255 -12.83 -26.79 -16.93
N HIS I 256 -12.14 -27.31 -15.91
CA HIS I 256 -12.06 -28.75 -15.70
C HIS I 256 -11.92 -28.99 -14.20
N SER I 257 -12.02 -30.23 -13.77
CA SER I 257 -11.86 -30.55 -12.35
C SER I 257 -10.38 -30.78 -12.00
N PRO I 258 -9.90 -30.10 -10.96
CA PRO I 258 -8.50 -30.29 -10.54
C PRO I 258 -8.31 -31.56 -9.70
N LEU I 259 -9.38 -32.28 -9.42
CA LEU I 259 -9.25 -33.58 -8.77
C LEU I 259 -9.18 -34.65 -9.86
N ASP I 260 -8.15 -34.54 -10.69
CA ASP I 260 -8.10 -35.30 -11.94
C ASP I 260 -6.87 -36.22 -11.98
N VAL I 261 -6.41 -36.66 -10.81
CA VAL I 261 -5.26 -37.56 -10.70
C VAL I 261 -5.66 -39.05 -10.78
N VAL I 262 -5.23 -39.71 -11.85
CA VAL I 262 -5.63 -41.08 -12.12
C VAL I 262 -4.76 -42.11 -11.39
N ALA I 263 -3.48 -41.78 -11.20
CA ALA I 263 -2.57 -42.61 -10.40
C ALA I 263 -1.55 -41.75 -9.68
N TRP I 264 -0.99 -42.29 -8.60
CA TRP I 264 0.04 -41.57 -7.86
C TRP I 264 0.88 -42.53 -7.04
N HIS I 265 2.07 -42.09 -6.67
CA HIS I 265 2.90 -42.83 -5.72
C HIS I 265 3.78 -41.87 -4.92
N GLY I 266 4.07 -42.23 -3.69
CA GLY I 266 4.93 -41.41 -2.85
C GLY I 266 4.47 -41.35 -1.41
N SER I 267 5.03 -40.41 -0.65
CA SER I 267 4.90 -40.36 0.79
C SER I 267 4.24 -39.06 1.32
N ASN I 268 3.88 -38.15 0.41
CA ASN I 268 3.24 -36.89 0.79
C ASN I 268 1.73 -37.02 0.57
N VAL I 269 1.03 -37.52 1.59
CA VAL I 269 -0.32 -38.01 1.42
C VAL I 269 -1.26 -37.48 2.50
N PRO I 270 -2.54 -37.38 2.15
CA PRO I 270 -3.56 -37.12 3.16
C PRO I 270 -3.76 -38.43 3.90
N TYR I 271 -4.08 -38.36 5.18
CA TYR I 271 -4.32 -39.59 5.93
C TYR I 271 -5.27 -39.29 7.05
N LYS I 272 -5.88 -40.33 7.61
CA LYS I 272 -6.73 -40.22 8.80
C LYS I 272 -6.35 -41.27 9.85
N TYR I 273 -6.80 -41.07 11.08
CA TYR I 273 -6.45 -41.97 12.19
C TYR I 273 -7.58 -41.99 13.22
N ASP I 274 -7.99 -43.18 13.64
CA ASP I 274 -9.04 -43.35 14.64
C ASP I 274 -8.46 -43.33 16.05
N LEU I 275 -8.77 -42.28 16.81
CA LEU I 275 -8.22 -42.08 18.15
C LEU I 275 -8.56 -43.22 19.11
N ARG I 276 -9.57 -44.01 18.73
CA ARG I 276 -9.96 -45.17 19.53
C ARG I 276 -8.98 -46.32 19.37
N ARG I 277 -8.06 -46.19 18.43
CA ARG I 277 -7.01 -47.20 18.25
C ARG I 277 -5.75 -46.90 19.07
N PHE I 278 -5.75 -45.78 19.79
CA PHE I 278 -4.54 -45.31 20.49
C PHE I 278 -4.13 -46.29 21.58
N ASN I 279 -2.89 -46.76 21.53
CA ASN I 279 -2.39 -47.69 22.55
C ASN I 279 -1.87 -46.92 23.77
N THR I 280 -2.80 -46.54 24.65
CA THR I 280 -2.55 -45.65 25.76
C THR I 280 -1.59 -46.20 26.82
N ILE I 281 -0.49 -45.48 27.06
CA ILE I 281 0.49 -45.83 28.08
C ILE I 281 0.33 -44.87 29.27
N GLY I 282 0.44 -45.40 30.49
CA GLY I 282 0.29 -44.58 31.67
C GLY I 282 0.99 -45.17 32.89
N THR I 283 0.63 -44.70 34.07
CA THR I 283 1.23 -45.29 35.26
C THR I 283 0.51 -46.57 35.65
N VAL I 284 1.28 -47.58 36.00
CA VAL I 284 0.73 -48.80 36.55
C VAL I 284 1.23 -48.98 37.99
N SER I 285 1.57 -47.87 38.63
CA SER I 285 2.12 -47.91 39.98
C SER I 285 1.57 -46.78 40.85
N PHE I 286 2.09 -45.57 40.61
CA PHE I 286 1.69 -44.38 41.35
C PHE I 286 2.00 -43.14 40.53
N ASP I 287 1.68 -41.98 41.09
CA ASP I 287 1.92 -40.68 40.45
C ASP I 287 1.09 -40.44 39.16
N HIS I 288 1.29 -39.27 38.56
CA HIS I 288 0.53 -38.81 37.39
C HIS I 288 1.46 -38.43 36.23
N PRO I 289 1.65 -39.33 35.27
CA PRO I 289 2.65 -39.07 34.21
C PRO I 289 2.43 -37.79 33.42
N ASP I 290 3.52 -37.19 32.94
CA ASP I 290 3.44 -35.98 32.13
C ASP I 290 2.55 -36.28 30.94
N PRO I 291 1.66 -35.34 30.59
CA PRO I 291 0.69 -35.55 29.49
C PRO I 291 1.33 -35.64 28.12
N SER I 292 2.63 -35.37 28.02
CA SER I 292 3.37 -35.66 26.80
C SER I 292 3.29 -37.17 26.49
N ILE I 293 3.06 -37.96 27.53
CA ILE I 293 2.93 -39.40 27.36
C ILE I 293 1.75 -39.78 26.47
N PHE I 294 0.80 -38.86 26.30
CA PHE I 294 -0.37 -39.08 25.43
C PHE I 294 -0.21 -38.47 24.04
N THR I 295 1.02 -38.30 23.57
CA THR I 295 1.20 -37.66 22.26
C THR I 295 0.77 -38.54 21.08
N VAL I 296 -0.09 -38.00 20.23
CA VAL I 296 -0.52 -38.70 19.03
C VAL I 296 0.38 -38.36 17.85
N LEU I 297 0.43 -37.08 17.49
CA LEU I 297 1.38 -36.58 16.49
C LEU I 297 2.16 -35.38 17.03
N THR I 298 3.32 -35.11 16.46
CA THR I 298 4.11 -33.97 16.91
C THR I 298 4.85 -33.28 15.76
N SER I 299 5.04 -31.98 15.90
CA SER I 299 5.76 -31.18 14.92
C SER I 299 7.00 -30.56 15.57
N PRO I 300 8.19 -31.03 15.16
CA PRO I 300 9.45 -30.59 15.77
C PRO I 300 9.87 -29.18 15.35
N THR I 301 10.81 -28.58 16.09
CA THR I 301 11.55 -27.43 15.60
C THR I 301 13.00 -27.86 15.47
N SER I 302 13.86 -26.93 15.06
CA SER I 302 15.30 -27.20 15.02
C SER I 302 15.89 -27.42 16.41
N VAL I 303 15.15 -27.02 17.45
CA VAL I 303 15.59 -27.25 18.84
C VAL I 303 15.14 -28.62 19.36
N HIS I 304 16.09 -29.51 19.55
CA HIS I 304 15.75 -30.88 19.90
C HIS I 304 14.97 -30.97 21.21
N GLY I 305 13.86 -31.71 21.19
CA GLY I 305 13.04 -31.86 22.38
C GLY I 305 12.00 -30.79 22.58
N MET I 306 12.09 -29.70 21.82
CA MET I 306 11.09 -28.64 21.89
C MET I 306 10.24 -28.60 20.64
N ALA I 307 9.02 -29.12 20.73
CA ALA I 307 8.15 -29.19 19.56
C ALA I 307 7.59 -27.82 19.17
N ASN I 308 7.34 -27.63 17.88
CA ASN I 308 6.49 -26.55 17.40
C ASN I 308 5.10 -26.73 18.01
N MET I 309 4.59 -27.95 17.93
CA MET I 309 3.37 -28.33 18.65
C MET I 309 3.32 -29.84 18.85
N ASP I 310 2.81 -30.26 20.01
CA ASP I 310 2.38 -31.63 20.22
C ASP I 310 0.84 -31.69 20.13
N PHE I 311 0.31 -32.72 19.48
CA PHE I 311 -1.11 -33.06 19.52
C PHE I 311 -1.31 -34.20 20.52
N VAL I 312 -1.98 -33.90 21.61
CA VAL I 312 -2.10 -34.86 22.71
C VAL I 312 -3.57 -35.13 23.00
N ILE I 313 -3.88 -36.37 23.39
CA ILE I 313 -5.28 -36.71 23.70
C ILE I 313 -5.42 -37.27 25.10
N PHE I 314 -6.63 -37.17 25.62
CA PHE I 314 -6.94 -37.70 26.94
C PHE I 314 -8.10 -38.67 26.75
N PRO I 315 -7.78 -39.96 26.47
CA PRO I 315 -8.79 -40.94 26.04
C PRO I 315 -9.28 -41.80 27.20
N PRO I 316 -10.24 -42.69 26.93
CA PRO I 316 -10.59 -43.64 27.98
C PRO I 316 -9.32 -44.36 28.42
N ARG I 317 -9.15 -44.54 29.72
CA ARG I 317 -7.91 -45.08 30.25
C ARG I 317 -8.10 -45.56 31.69
N TRP I 318 -7.39 -46.61 32.06
CA TRP I 318 -7.42 -47.15 33.41
C TRP I 318 -6.59 -46.28 34.36
N MET I 319 -7.16 -45.96 35.51
CA MET I 319 -6.44 -45.21 36.54
C MET I 319 -6.17 -46.14 37.72
N VAL I 320 -4.90 -46.49 37.93
CA VAL I 320 -4.56 -47.44 38.97
C VAL I 320 -3.63 -46.84 40.02
N ALA I 321 -3.18 -45.60 39.81
CA ALA I 321 -2.16 -45.01 40.69
C ALA I 321 -2.53 -45.05 42.17
N GLU I 322 -1.77 -45.84 42.94
CA GLU I 322 -1.99 -45.98 44.38
C GLU I 322 -1.39 -44.81 45.16
N ASN I 323 -2.11 -44.38 46.20
CA ASN I 323 -1.67 -43.26 47.06
C ASN I 323 -1.27 -42.03 46.25
N THR I 324 -2.13 -41.63 45.32
CA THR I 324 -1.80 -40.61 44.35
C THR I 324 -2.96 -39.64 44.15
N PHE I 325 -2.63 -38.35 44.03
CA PHE I 325 -3.58 -37.36 43.54
C PHE I 325 -3.69 -37.58 42.03
N ARG I 326 -4.81 -38.19 41.62
CA ARG I 326 -4.92 -38.76 40.28
C ARG I 326 -5.22 -37.74 39.17
N PRO I 327 -5.85 -36.61 39.51
CA PRO I 327 -6.05 -35.55 38.52
C PRO I 327 -4.74 -34.87 38.17
N PRO I 328 -4.69 -34.19 37.02
CA PRO I 328 -3.51 -33.42 36.60
C PRO I 328 -3.05 -32.55 37.75
N TRP I 329 -1.75 -32.56 38.03
CA TRP I 329 -1.23 -31.71 39.10
C TRP I 329 -1.41 -30.25 38.74
N PHE I 330 -1.40 -29.37 39.75
CA PHE I 330 -1.32 -27.94 39.50
C PHE I 330 -0.04 -27.67 38.74
N HIS I 331 -0.08 -26.75 37.80
CA HIS I 331 0.96 -26.71 36.78
C HIS I 331 1.14 -25.31 36.23
N ARG I 332 2.42 -24.95 36.04
CA ARG I 332 2.84 -23.75 35.31
C ARG I 332 3.88 -24.21 34.29
N ASN I 333 3.82 -23.69 33.08
CA ASN I 333 4.49 -24.32 31.94
C ASN I 333 5.08 -23.28 30.98
N LEU I 334 6.26 -23.56 30.44
CA LEU I 334 6.85 -22.71 29.41
C LEU I 334 5.97 -22.72 28.17
N MET I 335 5.44 -23.89 27.87
CA MET I 335 4.65 -24.12 26.65
C MET I 335 3.24 -23.56 26.79
N ASN I 336 2.50 -23.50 25.69
CA ASN I 336 1.15 -22.91 25.70
C ASN I 336 0.07 -23.95 25.43
N GLU I 337 -0.89 -24.07 26.35
CA GLU I 337 -1.84 -25.17 26.35
C GLU I 337 -3.25 -24.81 25.85
N PHE I 338 -3.59 -25.22 24.63
CA PHE I 338 -4.92 -25.05 24.08
C PHE I 338 -5.67 -26.37 24.11
N MET I 339 -6.73 -26.44 24.91
CA MET I 339 -7.54 -27.65 25.06
C MET I 339 -8.89 -27.56 24.39
N GLY I 340 -9.32 -28.70 23.85
CA GLY I 340 -10.64 -28.85 23.26
C GLY I 340 -11.28 -30.14 23.73
N LEU I 341 -12.54 -30.37 23.35
CA LEU I 341 -13.32 -31.50 23.84
C LEU I 341 -14.27 -32.06 22.76
N ILE I 342 -14.05 -33.31 22.39
CA ILE I 342 -14.78 -33.95 21.30
C ILE I 342 -16.04 -34.60 21.85
N ASN I 343 -15.94 -35.24 23.00
CA ASN I 343 -17.14 -35.77 23.66
C ASN I 343 -16.94 -36.05 25.14
N GLY I 344 -18.04 -36.06 25.88
CA GLY I 344 -17.99 -36.36 27.29
C GLY I 344 -17.45 -35.22 28.13
N ALA I 345 -16.73 -35.58 29.19
CA ALA I 345 -16.23 -34.61 30.15
C ALA I 345 -14.74 -34.84 30.40
N TYR I 346 -14.02 -33.75 30.68
CA TYR I 346 -12.60 -33.84 31.00
C TYR I 346 -12.36 -33.98 32.52
N ASP I 347 -11.46 -34.89 32.87
CA ASP I 347 -11.13 -35.19 34.27
C ASP I 347 -10.87 -33.96 35.16
N ALA I 348 -10.21 -32.94 34.60
CA ALA I 348 -9.71 -31.83 35.40
C ALA I 348 -10.67 -30.64 35.57
N LYS I 349 -11.83 -30.71 34.91
CA LYS I 349 -12.78 -29.59 34.93
C LYS I 349 -14.20 -30.08 35.20
N ALA I 350 -14.66 -29.90 36.43
CA ALA I 350 -15.97 -30.39 36.86
C ALA I 350 -17.14 -29.87 36.01
N GLU I 351 -17.05 -28.64 35.53
CA GLU I 351 -18.11 -28.08 34.68
C GLU I 351 -17.67 -26.79 33.96
N GLY I 352 -18.33 -26.50 32.84
CA GLY I 352 -18.01 -25.29 32.06
C GLY I 352 -17.20 -25.62 30.82
N PHE I 353 -16.72 -26.85 30.74
CA PHE I 353 -15.92 -27.30 29.61
C PHE I 353 -16.69 -28.37 28.85
N LEU I 354 -17.32 -27.96 27.74
CA LEU I 354 -18.20 -28.82 26.97
C LEU I 354 -17.65 -29.15 25.59
N PRO I 355 -18.15 -30.24 24.98
CA PRO I 355 -17.74 -30.57 23.62
C PRO I 355 -17.88 -29.34 22.71
N GLY I 356 -16.80 -28.95 22.04
CA GLY I 356 -16.82 -27.76 21.21
C GLY I 356 -16.26 -26.57 21.97
N GLY I 357 -16.13 -26.72 23.28
CA GLY I 357 -15.53 -25.69 24.10
C GLY I 357 -14.03 -25.62 23.88
N ALA I 358 -13.40 -24.62 24.48
CA ALA I 358 -11.95 -24.46 24.34
C ALA I 358 -11.39 -23.77 25.55
N SER I 359 -10.16 -24.12 25.93
CA SER I 359 -9.46 -23.38 26.98
C SER I 359 -8.04 -23.03 26.54
N LEU I 360 -7.58 -21.85 26.94
CA LEU I 360 -6.21 -21.44 26.64
C LEU I 360 -5.50 -21.06 27.92
N HIS I 361 -4.39 -21.76 28.19
CA HIS I 361 -3.55 -21.47 29.35
C HIS I 361 -2.15 -21.16 28.83
N GLY I 362 -1.83 -19.88 28.81
CA GLY I 362 -0.61 -19.39 28.22
C GLY I 362 0.63 -19.62 29.07
N VAL I 363 1.76 -19.36 28.44
CA VAL I 363 3.06 -19.52 29.06
C VAL I 363 3.07 -19.01 30.50
N MET I 364 3.37 -19.91 31.43
CA MET I 364 3.52 -19.56 32.84
C MET I 364 2.23 -19.07 33.50
N SER I 365 1.08 -19.33 32.88
CA SER I 365 -0.19 -19.10 33.54
C SER I 365 -0.41 -20.23 34.52
N ALA I 366 -0.90 -19.92 35.71
CA ALA I 366 -1.12 -20.93 36.74
C ALA I 366 -2.46 -21.66 36.57
N HIS I 367 -2.39 -22.95 36.24
CA HIS I 367 -3.60 -23.74 36.02
C HIS I 367 -3.56 -25.06 36.77
N GLY I 368 -4.51 -25.94 36.49
CA GLY I 368 -4.66 -27.19 37.23
C GLY I 368 -6.12 -27.47 37.53
N PRO I 369 -6.38 -28.53 38.30
CA PRO I 369 -7.75 -28.96 38.56
C PRO I 369 -8.54 -27.88 39.28
N ASP I 370 -9.83 -27.73 38.98
CA ASP I 370 -10.61 -26.72 39.66
C ASP I 370 -10.86 -27.16 41.10
N ALA I 371 -11.28 -26.22 41.93
CA ALA I 371 -11.44 -26.44 43.37
C ALA I 371 -12.22 -27.71 43.69
N GLU I 372 -13.30 -27.92 42.95
CA GLU I 372 -14.21 -29.03 43.16
C GLU I 372 -13.57 -30.39 42.81
N THR I 373 -13.14 -30.54 41.55
CA THR I 373 -12.33 -31.68 41.15
C THR I 373 -11.28 -32.04 42.20
N CYS I 374 -10.53 -31.01 42.60
CA CYS I 374 -9.41 -31.16 43.53
C CYS I 374 -9.86 -31.71 44.90
N GLU I 375 -10.94 -31.16 45.44
CA GLU I 375 -11.46 -31.60 46.73
C GLU I 375 -11.84 -33.08 46.70
N LYS I 376 -12.57 -33.46 45.66
CA LYS I 376 -13.06 -34.83 45.52
C LYS I 376 -11.91 -35.83 45.43
N ALA I 377 -10.85 -35.45 44.70
CA ALA I 377 -9.75 -36.38 44.45
C ALA I 377 -8.94 -36.65 45.71
N ILE I 378 -8.88 -35.66 46.59
CA ILE I 378 -8.12 -35.80 47.81
C ILE I 378 -8.79 -36.82 48.74
N ALA I 379 -10.11 -36.83 48.74
CA ALA I 379 -10.88 -37.65 49.67
C ALA I 379 -11.27 -39.02 49.12
N ALA I 380 -11.08 -39.22 47.82
CA ALA I 380 -11.52 -40.46 47.16
C ALA I 380 -10.88 -41.71 47.75
N ASP I 381 -11.62 -42.81 47.72
CA ASP I 381 -11.03 -44.10 48.03
C ASP I 381 -10.45 -44.67 46.72
N LEU I 382 -9.18 -45.00 46.73
CA LEU I 382 -8.48 -45.37 45.51
C LEU I 382 -8.57 -46.86 45.21
N ALA I 383 -9.23 -47.18 44.10
CA ALA I 383 -9.20 -48.52 43.54
C ALA I 383 -9.08 -48.39 42.03
N PRO I 384 -8.69 -49.46 41.34
CA PRO I 384 -8.68 -49.37 39.88
C PRO I 384 -9.96 -48.72 39.40
N HIS I 385 -9.85 -47.86 38.39
CA HIS I 385 -11.01 -47.15 37.84
C HIS I 385 -10.77 -46.75 36.40
N LYS I 386 -11.68 -47.16 35.53
CA LYS I 386 -11.55 -46.88 34.11
C LYS I 386 -12.34 -45.63 33.74
N ILE I 387 -11.62 -44.56 33.40
CA ILE I 387 -12.22 -43.36 32.82
C ILE I 387 -12.74 -43.77 31.46
N ASP I 388 -13.98 -43.42 31.16
CA ASP I 388 -14.60 -43.85 29.90
C ASP I 388 -15.54 -42.81 29.29
N ASN I 389 -15.95 -43.04 28.05
CA ASN I 389 -16.93 -42.17 27.37
C ASN I 389 -16.49 -40.71 27.37
N THR I 390 -15.32 -40.46 26.81
CA THR I 390 -14.70 -39.14 26.87
C THR I 390 -13.55 -39.08 25.88
N MET I 391 -13.33 -37.90 25.30
CA MET I 391 -12.17 -37.66 24.44
C MET I 391 -11.87 -36.16 24.41
N ALA I 392 -10.88 -35.76 25.19
CA ALA I 392 -10.43 -34.38 25.19
C ALA I 392 -9.06 -34.38 24.54
N PHE I 393 -8.55 -33.22 24.16
CA PHE I 393 -7.25 -33.15 23.49
C PHE I 393 -6.59 -31.80 23.73
N MET I 394 -5.29 -31.74 23.42
CA MET I 394 -4.57 -30.48 23.56
C MET I 394 -3.73 -30.25 22.31
N PHE I 395 -3.69 -29.00 21.88
CA PHE I 395 -2.63 -28.53 20.99
C PHE I 395 -1.65 -27.77 21.89
N GLU I 396 -0.45 -28.31 22.08
CA GLU I 396 0.53 -27.62 22.92
C GLU I 396 1.60 -27.02 22.06
N THR I 397 1.78 -25.71 22.13
CA THR I 397 2.72 -25.03 21.24
C THR I 397 3.84 -24.35 22.03
N SER I 398 5.02 -24.25 21.44
CA SER I 398 6.12 -23.60 22.13
C SER I 398 6.01 -22.07 22.05
N GLN I 399 5.72 -21.54 20.87
CA GLN I 399 5.44 -20.12 20.74
C GLN I 399 4.12 -19.76 21.44
N VAL I 400 4.04 -18.57 22.03
CA VAL I 400 2.79 -18.17 22.68
C VAL I 400 1.65 -18.02 21.67
N LEU I 401 0.44 -18.34 22.11
CA LEU I 401 -0.74 -18.27 21.25
C LEU I 401 -1.54 -17.00 21.52
N ARG I 402 -1.64 -16.14 20.51
CA ARG I 402 -2.36 -14.87 20.65
C ARG I 402 -3.82 -15.04 20.22
N PRO I 403 -4.75 -14.85 21.15
CA PRO I 403 -6.17 -14.87 20.77
C PRO I 403 -6.50 -13.82 19.69
N SER I 404 -7.37 -14.18 18.77
CA SER I 404 -7.86 -13.23 17.78
C SER I 404 -8.78 -12.22 18.45
N LEU I 405 -8.98 -11.07 17.81
CA LEU I 405 -9.93 -10.10 18.35
C LEU I 405 -11.29 -10.75 18.37
N GLN I 406 -11.60 -11.48 17.30
N GLN I 406 -11.63 -11.46 17.29
CA GLN I 406 -12.88 -12.16 17.18
CA GLN I 406 -12.89 -12.17 17.21
C GLN I 406 -13.10 -13.11 18.36
C GLN I 406 -13.09 -13.03 18.45
N ALA I 407 -12.03 -13.74 18.82
CA ALA I 407 -12.10 -14.69 19.92
C ALA I 407 -12.29 -14.00 21.27
N LEU I 408 -11.71 -12.81 21.42
CA LEU I 408 -11.86 -12.03 22.66
C LEU I 408 -13.20 -11.29 22.69
N GLU I 409 -13.77 -11.03 21.52
CA GLU I 409 -15.07 -10.34 21.41
C GLU I 409 -16.23 -11.33 21.35
N CYS I 410 -15.90 -12.61 21.18
CA CYS I 410 -16.87 -13.68 21.07
C CYS I 410 -17.81 -13.68 22.28
N PRO I 411 -19.13 -13.81 22.03
CA PRO I 411 -20.06 -13.95 23.16
C PRO I 411 -19.84 -15.26 23.92
N GLN I 412 -19.24 -16.25 23.28
CA GLN I 412 -18.98 -17.54 23.92
C GLN I 412 -17.77 -17.54 24.85
N LEU I 413 -17.00 -16.45 24.86
CA LEU I 413 -15.93 -16.29 25.86
C LEU I 413 -16.53 -16.17 27.25
N GLN I 414 -16.14 -17.05 28.15
CA GLN I 414 -16.71 -17.05 29.49
C GLN I 414 -16.15 -15.91 30.33
N ALA I 415 -17.03 -15.18 31.01
CA ALA I 415 -16.64 -13.97 31.71
C ALA I 415 -15.93 -14.23 33.04
N ASP I 416 -16.16 -15.39 33.67
CA ASP I 416 -15.52 -15.64 34.96
C ASP I 416 -14.89 -17.04 35.09
N TYR I 417 -14.00 -17.38 34.16
CA TYR I 417 -13.29 -18.64 34.23
C TYR I 417 -12.46 -18.70 35.53
N ASP I 418 -11.90 -17.56 35.95
CA ASP I 418 -11.01 -17.54 37.10
C ASP I 418 -11.68 -18.03 38.39
N SER I 419 -13.02 -18.01 38.38
CA SER I 419 -13.80 -18.38 39.56
C SER I 419 -13.81 -19.88 39.82
N CYS I 420 -13.48 -20.67 38.81
CA CYS I 420 -13.49 -22.13 38.96
C CYS I 420 -12.42 -22.55 39.96
N TRP I 421 -11.46 -21.66 40.24
CA TRP I 421 -10.38 -21.95 41.19
C TRP I 421 -10.52 -21.15 42.47
N ALA I 422 -11.48 -20.23 42.50
CA ALA I 422 -11.54 -19.22 43.56
C ALA I 422 -11.71 -19.81 44.97
N THR I 423 -12.34 -20.97 45.06
CA THR I 423 -12.67 -21.55 46.36
C THR I 423 -11.65 -22.55 46.88
N LEU I 424 -10.47 -22.61 46.26
CA LEU I 424 -9.41 -23.50 46.73
C LEU I 424 -8.99 -23.12 48.14
N PRO I 425 -9.07 -24.08 49.08
CA PRO I 425 -8.79 -23.77 50.48
C PRO I 425 -7.37 -24.10 50.90
N SER I 426 -6.97 -23.57 52.06
CA SER I 426 -5.71 -23.96 52.66
C SER I 426 -5.96 -25.10 53.62
N THR I 427 -5.17 -26.16 53.48
CA THR I 427 -5.27 -27.29 54.39
C THR I 427 -3.93 -27.49 55.11
N PHE I 428 -3.10 -26.45 55.09
CA PHE I 428 -1.78 -26.50 55.67
C PHE I 428 -1.82 -26.62 57.19
N ASN I 429 -1.24 -27.71 57.70
CA ASN I 429 -1.16 -27.91 59.14
C ASN I 429 0.27 -28.16 59.60
N PRO I 430 0.96 -27.08 60.01
CA PRO I 430 2.36 -27.07 60.40
C PRO I 430 2.67 -28.15 61.43
N ASN I 431 1.66 -28.56 62.18
CA ASN I 431 1.88 -29.44 63.31
C ASN I 431 1.64 -30.91 63.01
N ARG I 432 1.19 -31.21 61.79
CA ARG I 432 0.95 -32.58 61.40
C ARG I 432 1.49 -32.94 60.01
N ARG I 433 2.58 -33.69 59.99
CA ARG I 433 3.19 -34.17 58.75
C ARG I 433 2.20 -34.98 57.91
N LEU J 9 23.68 -44.02 58.67
CA LEU J 9 24.38 -43.49 57.49
C LEU J 9 23.57 -42.43 56.76
N HIS J 10 24.18 -41.30 56.47
CA HIS J 10 23.52 -40.23 55.75
C HIS J 10 23.89 -40.25 54.27
N TYR J 11 23.05 -39.64 53.45
CA TYR J 11 23.29 -39.64 52.01
C TYR J 11 22.97 -38.30 51.36
N LEU J 12 23.46 -38.13 50.14
CA LEU J 12 23.16 -36.97 49.31
C LEU J 12 22.36 -37.47 48.11
N SER J 13 21.35 -36.72 47.70
CA SER J 13 20.47 -37.20 46.65
C SER J 13 20.64 -36.48 45.32
N GLY J 14 20.34 -37.17 44.21
CA GLY J 14 20.28 -36.53 42.91
C GLY J 14 21.27 -37.06 41.89
N PHE J 15 20.82 -37.99 41.04
CA PHE J 15 21.71 -38.63 40.07
C PHE J 15 22.40 -37.60 39.18
N GLY J 16 23.73 -37.69 39.10
CA GLY J 16 24.50 -36.82 38.23
C GLY J 16 24.89 -35.48 38.83
N ASN J 17 24.52 -35.28 40.08
CA ASN J 17 24.81 -34.03 40.77
C ASN J 17 26.30 -33.77 40.98
N GLU J 18 26.65 -32.49 40.91
CA GLU J 18 27.91 -32.02 41.48
C GLU J 18 27.70 -31.93 42.99
N PHE J 19 28.14 -32.97 43.70
CA PHE J 19 28.05 -33.05 45.15
C PHE J 19 29.29 -32.41 45.80
N ALA J 20 29.15 -31.98 47.05
CA ALA J 20 30.29 -31.56 47.88
C ALA J 20 30.06 -32.10 49.29
N SER J 21 31.08 -32.73 49.86
CA SER J 21 30.94 -33.36 51.16
C SER J 21 32.28 -33.26 51.88
N GLU J 22 32.25 -32.88 53.15
CA GLU J 22 33.46 -32.74 53.94
C GLU J 22 33.27 -33.26 55.37
N ALA J 23 34.20 -34.07 55.84
CA ALA J 23 34.06 -34.71 57.13
C ALA J 23 34.58 -33.83 58.26
N LEU J 24 35.41 -32.86 57.90
CA LEU J 24 35.84 -31.83 58.85
C LEU J 24 35.46 -30.47 58.29
N PRO J 25 34.97 -29.55 59.15
CA PRO J 25 34.44 -28.31 58.63
C PRO J 25 35.51 -27.53 57.87
N GLY J 26 35.25 -27.19 56.62
CA GLY J 26 36.19 -26.40 55.84
C GLY J 26 37.32 -27.19 55.24
N ALA J 27 37.23 -28.52 55.25
CA ALA J 27 38.27 -29.34 54.62
C ALA J 27 38.27 -29.12 53.11
N LEU J 28 37.10 -28.72 52.59
CA LEU J 28 36.96 -28.36 51.18
C LEU J 28 37.50 -26.96 50.89
N PRO J 29 38.48 -26.86 49.97
CA PRO J 29 38.97 -25.55 49.56
C PRO J 29 37.82 -24.72 49.04
N VAL J 30 37.77 -23.46 49.49
CA VAL J 30 36.76 -22.53 49.02
C VAL J 30 37.28 -21.73 47.83
N GLY J 31 36.58 -21.82 46.70
CA GLY J 31 36.86 -20.96 45.55
C GLY J 31 37.88 -21.47 44.56
N GLN J 32 38.49 -22.63 44.83
CA GLN J 32 39.43 -23.21 43.88
C GLN J 32 39.57 -24.70 44.18
N ASN J 33 40.22 -25.46 43.30
CA ASN J 33 40.40 -26.88 43.55
C ASN J 33 41.78 -27.25 44.07
N SER J 34 42.77 -26.42 43.75
CA SER J 34 44.17 -26.75 44.03
C SER J 34 44.93 -25.63 44.76
N PRO J 35 44.63 -25.43 46.04
CA PRO J 35 45.40 -24.44 46.79
C PRO J 35 46.82 -24.95 47.02
N GLN J 36 47.77 -24.06 47.21
CA GLN J 36 49.15 -24.45 47.50
C GLN J 36 49.25 -25.17 48.85
N LYS J 37 48.43 -24.71 49.78
CA LYS J 37 48.38 -25.30 51.10
C LYS J 37 46.92 -25.67 51.43
N ALA J 38 46.56 -26.91 51.13
CA ALA J 38 45.21 -27.40 51.35
C ALA J 38 44.85 -27.38 52.83
N PRO J 39 43.57 -27.13 53.15
CA PRO J 39 43.08 -27.27 54.52
C PRO J 39 43.52 -28.57 55.20
N TYR J 40 43.91 -28.45 56.47
CA TYR J 40 44.28 -29.60 57.30
C TYR J 40 45.52 -30.31 56.80
N GLY J 41 46.25 -29.68 55.89
CA GLY J 41 47.40 -30.31 55.28
C GLY J 41 47.06 -31.54 54.46
N LEU J 42 45.89 -31.56 53.83
CA LEU J 42 45.54 -32.65 52.92
C LEU J 42 46.21 -32.50 51.54
N TYR J 43 46.07 -33.52 50.70
CA TYR J 43 46.49 -33.47 49.30
C TYR J 43 45.28 -33.44 48.36
N ALA J 44 45.28 -32.55 47.36
CA ALA J 44 44.25 -32.62 46.32
C ALA J 44 44.59 -33.74 45.34
N GLU J 45 43.57 -34.51 44.96
CA GLU J 45 43.72 -35.57 43.95
C GLU J 45 42.50 -35.64 43.06
N LEU J 46 42.71 -35.59 41.74
CA LEU J 46 41.60 -35.64 40.79
C LEU J 46 41.41 -37.04 40.22
N LEU J 47 40.18 -37.54 40.34
CA LEU J 47 39.81 -38.79 39.72
C LEU J 47 38.95 -38.47 38.51
N SER J 48 39.52 -38.64 37.32
CA SER J 48 38.83 -38.37 36.06
C SER J 48 38.19 -39.63 35.51
N GLY J 49 36.88 -39.76 35.69
CA GLY J 49 36.16 -40.94 35.25
C GLY J 49 35.91 -40.94 33.75
N THR J 50 36.16 -39.81 33.10
CA THR J 50 35.94 -39.68 31.67
C THR J 50 37.04 -38.79 31.05
N ALA J 51 37.14 -38.79 29.73
CA ALA J 51 38.03 -37.87 29.06
C ALA J 51 37.69 -36.45 29.53
N PHE J 52 38.72 -35.59 29.56
CA PHE J 52 38.57 -34.19 29.99
C PHE J 52 37.56 -33.46 29.11
N THR J 53 37.49 -33.87 27.84
CA THR J 53 36.74 -33.12 26.83
C THR J 53 35.32 -33.61 26.56
N MET J 54 34.78 -34.41 27.47
CA MET J 54 33.39 -34.86 27.30
C MET J 54 32.48 -33.64 27.42
N ALA J 55 31.36 -33.64 26.71
CA ALA J 55 30.34 -32.63 26.95
C ALA J 55 30.03 -32.71 28.44
N ARG J 56 29.72 -31.58 29.06
CA ARG J 56 29.48 -31.55 30.50
C ARG J 56 28.42 -32.57 30.98
N SER J 57 27.35 -32.75 30.22
CA SER J 57 26.33 -33.73 30.59
C SER J 57 26.92 -35.15 30.73
N GLU J 58 27.99 -35.44 29.98
CA GLU J 58 28.62 -36.76 30.04
C GLU J 58 29.80 -36.83 31.00
N LEU J 59 30.14 -35.69 31.60
CA LEU J 59 31.33 -35.56 32.43
C LEU J 59 31.22 -36.29 33.78
N ARG J 60 32.24 -37.08 34.12
CA ARG J 60 32.34 -37.65 35.46
C ARG J 60 33.75 -37.42 36.06
N ARG J 61 33.85 -36.55 37.06
CA ARG J 61 35.14 -36.31 37.71
C ARG J 61 34.96 -35.85 39.15
N THR J 62 35.82 -36.36 40.03
CA THR J 62 35.76 -36.00 41.45
C THR J 62 37.11 -35.57 42.01
N TRP J 63 37.09 -34.45 42.74
CA TRP J 63 38.25 -33.96 43.46
C TRP J 63 38.25 -34.53 44.86
N LEU J 64 39.43 -34.99 45.28
CA LEU J 64 39.59 -35.68 46.54
C LEU J 64 40.59 -34.93 47.39
N TYR J 65 40.28 -34.80 48.68
CA TYR J 65 41.20 -34.16 49.61
C TYR J 65 41.55 -35.14 50.71
N ARG J 66 42.73 -35.72 50.56
CA ARG J 66 43.08 -36.97 51.22
C ARG J 66 44.39 -36.88 51.99
N ILE J 67 44.56 -37.81 52.93
CA ILE J 67 45.71 -37.79 53.83
C ILE J 67 47.01 -38.17 53.12
N ARG J 68 46.96 -39.17 52.25
CA ARG J 68 48.10 -39.54 51.41
C ARG J 68 47.66 -39.76 49.97
N PRO J 69 48.41 -39.18 49.00
CA PRO J 69 48.07 -39.33 47.58
C PRO J 69 47.97 -40.80 47.22
N SER J 70 47.19 -41.13 46.20
CA SER J 70 47.07 -42.52 45.79
C SER J 70 48.40 -43.03 45.23
N ALA J 71 49.23 -42.11 44.72
CA ALA J 71 50.48 -42.48 44.07
C ALA J 71 51.48 -43.12 45.05
N LEU J 72 51.21 -42.98 46.34
CA LEU J 72 52.10 -43.55 47.34
C LEU J 72 51.84 -45.04 47.47
N HIS J 73 52.49 -45.82 46.63
CA HIS J 73 52.39 -47.26 46.72
C HIS J 73 53.55 -47.90 45.97
N PRO J 74 53.91 -49.12 46.36
CA PRO J 74 54.95 -49.92 45.73
C PRO J 74 54.43 -50.66 44.51
N ARG J 75 55.35 -51.27 43.77
CA ARG J 75 55.07 -52.13 42.63
C ARG J 75 53.90 -53.05 42.90
N PHE J 76 52.94 -53.12 41.97
CA PHE J 76 51.88 -54.11 42.04
C PHE J 76 52.45 -55.43 41.59
N GLU J 77 51.96 -56.52 42.19
CA GLU J 77 52.41 -57.86 41.85
C GLU J 77 51.22 -58.77 41.56
N ARG J 78 51.37 -59.62 40.55
CA ARG J 78 50.31 -60.54 40.17
C ARG J 78 50.07 -61.56 41.28
N LEU J 79 48.82 -61.71 41.69
CA LEU J 79 48.47 -62.69 42.71
C LEU J 79 48.40 -64.08 42.09
N ALA J 80 48.40 -65.10 42.93
CA ALA J 80 48.30 -66.49 42.47
C ALA J 80 46.85 -66.91 42.27
N ARG J 81 46.00 -66.51 43.21
CA ARG J 81 44.58 -66.78 43.13
C ARG J 81 43.94 -65.86 42.07
N GLN J 82 43.50 -66.43 40.96
CA GLN J 82 42.86 -65.68 39.88
C GLN J 82 41.47 -66.20 39.53
N PRO J 83 40.43 -65.65 40.19
CA PRO J 83 39.06 -66.15 40.04
C PRO J 83 38.50 -65.97 38.63
N LEU J 84 39.07 -65.02 37.89
CA LEU J 84 38.55 -64.65 36.59
C LEU J 84 39.41 -65.19 35.45
N GLY J 85 40.35 -66.07 35.78
CA GLY J 85 41.30 -66.58 34.81
C GLY J 85 40.78 -67.68 33.90
N GLY J 86 39.68 -68.31 34.28
CA GLY J 86 39.10 -69.36 33.47
C GLY J 86 38.83 -68.92 32.04
N PRO J 87 38.91 -69.87 31.10
CA PRO J 87 38.71 -69.56 29.68
C PRO J 87 37.23 -69.40 29.29
N LEU J 88 37.01 -68.82 28.12
CA LEU J 88 35.67 -68.73 27.57
C LEU J 88 35.15 -70.13 27.23
N GLY J 89 33.84 -70.32 27.40
CA GLY J 89 33.22 -71.57 26.99
C GLY J 89 33.30 -71.72 25.49
N GLY J 90 32.93 -72.89 24.98
CA GLY J 90 32.90 -73.11 23.55
C GLY J 90 31.67 -72.45 22.94
N ILE J 91 31.65 -72.31 21.61
CA ILE J 91 30.48 -71.79 20.92
C ILE J 91 29.25 -72.64 21.24
N ASN J 92 28.15 -71.98 21.56
CA ASN J 92 26.90 -72.66 21.87
C ASN J 92 25.74 -71.70 21.79
N PRO J 93 24.90 -71.88 20.76
CA PRO J 93 23.78 -70.95 20.51
C PRO J 93 22.54 -71.28 21.34
N ASN J 94 22.64 -72.25 22.24
CA ASN J 94 21.44 -72.71 22.93
C ASN J 94 20.90 -71.77 23.99
N ARG J 95 19.60 -71.89 24.24
CA ARG J 95 18.96 -71.19 25.34
C ARG J 95 19.39 -71.85 26.63
N LEU J 96 19.95 -71.08 27.55
CA LEU J 96 20.52 -71.66 28.77
C LEU J 96 19.82 -71.19 30.04
N ARG J 97 19.69 -72.08 31.02
CA ARG J 97 19.19 -71.69 32.35
C ARG J 97 19.97 -72.33 33.50
N TRP J 98 20.21 -71.54 34.55
CA TRP J 98 21.00 -71.99 35.69
C TRP J 98 20.18 -71.91 36.97
N SER J 99 20.29 -72.94 37.80
CA SER J 99 19.76 -72.89 39.15
C SER J 99 20.65 -71.98 40.00
N PRO J 100 20.17 -71.56 41.19
CA PRO J 100 20.96 -70.70 42.07
C PRO J 100 22.35 -71.28 42.40
N GLN J 101 23.32 -70.39 42.61
CA GLN J 101 24.70 -70.80 42.90
C GLN J 101 24.91 -70.94 44.39
N PRO J 102 25.40 -72.11 44.82
CA PRO J 102 25.72 -72.35 46.22
C PRO J 102 26.94 -71.54 46.61
N ILE J 103 26.96 -71.03 47.84
CA ILE J 103 28.17 -70.41 48.36
C ILE J 103 29.24 -71.46 48.62
N PRO J 104 30.47 -71.20 48.16
CA PRO J 104 31.53 -72.19 48.36
C PRO J 104 31.91 -72.30 49.83
N ALA J 105 32.55 -73.41 50.19
CA ALA J 105 32.99 -73.63 51.56
C ALA J 105 34.29 -72.88 51.83
N GLU J 106 35.21 -72.91 50.88
CA GLU J 106 36.50 -72.24 51.08
C GLU J 106 36.31 -70.76 51.38
N PRO J 107 37.24 -70.19 52.15
CA PRO J 107 37.24 -68.77 52.51
C PRO J 107 37.27 -67.90 51.25
N THR J 108 36.28 -67.01 51.15
CA THR J 108 36.05 -66.29 49.91
C THR J 108 35.43 -64.93 50.18
N ASP J 109 36.18 -63.85 49.94
CA ASP J 109 35.60 -62.53 50.08
C ASP J 109 34.92 -62.03 48.80
N PHE J 110 34.38 -60.82 48.83
CA PHE J 110 33.62 -60.30 47.69
C PHE J 110 34.34 -60.50 46.37
N ILE J 111 35.60 -60.09 46.32
CA ILE J 111 36.34 -60.08 45.05
C ILE J 111 36.80 -61.46 44.61
N GLU J 112 36.98 -62.37 45.57
CA GLU J 112 37.38 -63.74 45.28
C GLU J 112 36.18 -64.58 44.79
N GLY J 113 34.97 -64.09 45.04
CA GLY J 113 33.77 -64.86 44.82
C GLY J 113 32.98 -64.64 43.53
N TRP J 114 33.51 -63.82 42.61
CA TRP J 114 32.82 -63.61 41.34
C TRP J 114 32.90 -64.86 40.45
N LEU J 115 31.74 -65.40 40.09
CA LEU J 115 31.64 -66.50 39.14
C LEU J 115 31.31 -65.93 37.75
N PRO J 116 32.26 -65.99 36.81
CA PRO J 116 31.98 -65.47 35.46
C PRO J 116 30.87 -66.28 34.80
N MET J 117 29.73 -65.62 34.52
CA MET J 117 28.61 -66.30 33.88
C MET J 117 28.67 -66.20 32.36
N ALA J 118 28.64 -64.96 31.87
CA ALA J 118 28.79 -64.70 30.44
C ALA J 118 29.36 -63.30 30.24
N ALA J 119 30.01 -63.08 29.10
CA ALA J 119 30.63 -61.80 28.82
C ALA J 119 30.80 -61.52 27.34
N ASN J 120 30.90 -60.24 26.97
CA ASN J 120 31.05 -59.87 25.57
C ASN J 120 32.42 -60.22 25.03
N ALA J 121 33.41 -60.30 25.91
CA ALA J 121 34.77 -60.59 25.49
C ALA J 121 35.56 -61.36 26.54
N GLY J 122 36.70 -61.91 26.13
CA GLY J 122 37.63 -62.47 27.10
C GLY J 122 37.98 -61.46 28.19
N ALA J 123 38.24 -61.95 29.39
CA ALA J 123 38.64 -61.10 30.51
C ALA J 123 39.87 -60.25 30.19
N GLU J 124 40.75 -60.78 29.34
CA GLU J 124 42.02 -60.14 29.01
C GLU J 124 41.84 -58.96 28.07
N LYS J 125 40.71 -58.92 27.37
CA LYS J 125 40.37 -57.82 26.47
C LYS J 125 38.98 -57.27 26.83
N PRO J 126 38.86 -56.63 27.99
CA PRO J 126 37.53 -56.20 28.45
C PRO J 126 36.84 -55.28 27.44
N ALA J 127 35.59 -55.61 27.08
CA ALA J 127 34.80 -54.74 26.22
C ALA J 127 33.31 -55.01 26.45
N GLY J 128 32.50 -53.99 26.20
CA GLY J 128 31.06 -54.09 26.42
C GLY J 128 30.74 -54.36 27.88
N VAL J 129 30.29 -55.59 28.15
CA VAL J 129 29.83 -55.97 29.49
C VAL J 129 30.25 -57.38 29.89
N SER J 130 30.61 -57.56 31.15
CA SER J 130 30.91 -58.88 31.66
C SER J 130 30.02 -59.15 32.85
N ILE J 131 29.39 -60.32 32.85
CA ILE J 131 28.39 -60.65 33.85
C ILE J 131 28.85 -61.75 34.80
N TYR J 132 28.62 -61.52 36.09
CA TYR J 132 29.03 -62.45 37.15
C TYR J 132 27.93 -62.67 38.18
N ILE J 133 28.07 -63.76 38.92
CA ILE J 133 27.34 -63.96 40.15
C ILE J 133 28.36 -64.08 41.29
N TYR J 134 28.20 -63.27 42.32
CA TYR J 134 29.14 -63.31 43.44
C TYR J 134 28.56 -64.11 44.60
N ARG J 135 29.41 -64.96 45.15
CA ARG J 135 29.10 -65.74 46.33
C ARG J 135 30.26 -65.55 47.29
N ALA J 136 29.98 -65.00 48.47
CA ALA J 136 31.04 -64.71 49.42
C ALA J 136 30.66 -65.19 50.81
N ASN J 137 31.66 -65.51 51.62
CA ASN J 137 31.45 -65.98 52.98
C ASN J 137 32.43 -65.33 53.96
N ARG J 138 33.17 -64.33 53.48
CA ARG J 138 34.06 -63.53 54.32
C ARG J 138 33.92 -62.04 54.02
N SER J 139 34.06 -61.20 55.02
CA SER J 139 34.23 -59.78 54.78
C SER J 139 35.65 -59.52 54.25
N MET J 140 35.80 -58.47 53.44
CA MET J 140 37.09 -58.15 52.87
C MET J 140 38.01 -57.54 53.90
N GLU J 141 39.21 -58.12 54.03
CA GLU J 141 40.27 -57.56 54.86
C GLU J 141 41.32 -56.95 53.92
N ARG J 142 40.85 -56.11 53.02
CA ARG J 142 41.71 -55.42 52.09
C ARG J 142 40.90 -54.38 51.34
N VAL J 143 41.57 -53.62 50.48
CA VAL J 143 40.91 -52.63 49.65
C VAL J 143 41.13 -52.94 48.17
N PHE J 144 40.15 -52.60 47.36
CA PHE J 144 40.11 -53.06 45.97
C PHE J 144 39.66 -51.98 45.01
N PHE J 145 40.24 -51.96 43.81
CA PHE J 145 39.70 -51.14 42.74
C PHE J 145 39.69 -51.88 41.40
N ASN J 146 38.70 -51.54 40.58
CA ASN J 146 38.54 -52.20 39.29
C ASN J 146 38.96 -51.26 38.18
N ALA J 147 40.07 -51.59 37.52
CA ALA J 147 40.56 -50.73 36.46
C ALA J 147 39.81 -50.98 35.14
N ASP J 148 39.05 -52.07 35.10
CA ASP J 148 38.45 -52.57 33.85
C ASP J 148 37.07 -52.01 33.52
N GLY J 149 36.37 -51.51 34.53
CA GLY J 149 35.04 -50.97 34.32
C GLY J 149 34.29 -50.53 35.56
N GLU J 150 33.13 -49.94 35.32
CA GLU J 150 32.16 -49.57 36.34
C GLU J 150 31.44 -50.85 36.77
N LEU J 151 31.03 -50.92 38.04
CA LEU J 151 30.42 -52.15 38.56
C LEU J 151 28.99 -51.92 39.02
N LEU J 152 28.06 -52.72 38.49
CA LEU J 152 26.66 -52.67 38.92
C LEU J 152 26.37 -53.91 39.76
N LEU J 153 26.06 -53.66 41.03
CA LEU J 153 25.84 -54.73 41.99
C LEU J 153 24.34 -54.86 42.21
N VAL J 154 23.86 -56.11 42.18
CA VAL J 154 22.47 -56.42 42.40
C VAL J 154 22.35 -57.55 43.43
N PRO J 155 22.34 -57.20 44.72
CA PRO J 155 22.32 -58.19 45.81
C PRO J 155 21.06 -59.05 45.79
N GLU J 156 21.20 -60.34 46.08
CA GLU J 156 20.05 -61.25 46.09
C GLU J 156 19.84 -61.91 47.47
N GLN J 157 20.94 -62.32 48.09
CA GLN J 157 20.90 -62.74 49.49
C GLN J 157 21.98 -62.03 50.27
N GLY J 158 21.60 -61.35 51.35
CA GLY J 158 22.56 -60.79 52.27
C GLY J 158 22.88 -59.32 52.04
N ARG J 159 23.07 -58.60 53.13
CA ARG J 159 23.34 -57.18 53.05
C ARG J 159 24.82 -56.92 52.93
N LEU J 160 25.15 -55.85 52.21
CA LEU J 160 26.53 -55.43 52.04
C LEU J 160 26.73 -54.10 52.73
N ARG J 161 27.83 -53.98 53.49
CA ARG J 161 28.31 -52.68 53.91
C ARG J 161 29.53 -52.32 53.07
N ILE J 162 29.40 -51.28 52.27
CA ILE J 162 30.42 -50.97 51.29
C ILE J 162 31.11 -49.65 51.62
N ALA J 163 32.34 -49.75 52.09
CA ALA J 163 33.11 -48.54 52.38
C ALA J 163 33.91 -48.15 51.14
N THR J 164 33.60 -46.97 50.61
CA THR J 164 34.25 -46.45 49.42
C THR J 164 35.13 -45.28 49.81
N GLU J 165 35.95 -44.79 48.88
CA GLU J 165 36.69 -43.56 49.15
C GLU J 165 35.77 -42.38 49.48
N LEU J 166 34.54 -42.39 48.96
CA LEU J 166 33.66 -41.23 49.17
C LEU J 166 32.73 -41.37 50.39
N GLY J 167 32.86 -42.48 51.10
CA GLY J 167 31.99 -42.73 52.24
C GLY J 167 31.44 -44.14 52.23
N VAL J 168 30.65 -44.46 53.25
CA VAL J 168 30.09 -45.80 53.40
C VAL J 168 28.64 -45.87 52.93
N MET J 169 28.29 -46.94 52.23
CA MET J 169 26.89 -47.20 51.92
C MET J 169 26.50 -48.64 52.19
N GLU J 170 25.29 -48.82 52.72
CA GLU J 170 24.70 -50.13 52.91
C GLU J 170 23.66 -50.40 51.83
N VAL J 171 23.67 -51.62 51.31
CA VAL J 171 22.82 -52.02 50.22
C VAL J 171 22.24 -53.39 50.54
N GLU J 172 20.96 -53.59 50.26
CA GLU J 172 20.29 -54.86 50.53
C GLU J 172 19.48 -55.30 49.32
N PRO J 173 19.07 -56.57 49.28
CA PRO J 173 18.24 -57.04 48.16
C PRO J 173 17.06 -56.10 47.88
N LEU J 174 16.82 -55.82 46.60
CA LEU J 174 15.81 -54.86 46.14
C LEU J 174 16.40 -53.46 46.02
N GLU J 175 17.67 -53.34 46.39
CA GLU J 175 18.44 -52.14 46.11
C GLU J 175 19.53 -52.50 45.11
N ILE J 176 20.05 -51.50 44.41
CA ILE J 176 21.26 -51.70 43.62
C ILE J 176 22.32 -50.69 44.01
N ALA J 177 23.58 -50.98 43.64
CA ALA J 177 24.66 -50.05 43.89
C ALA J 177 25.58 -50.01 42.69
N VAL J 178 26.15 -48.84 42.42
CA VAL J 178 27.13 -48.71 41.36
C VAL J 178 28.43 -48.15 41.92
N ILE J 179 29.54 -48.79 41.58
CA ILE J 179 30.85 -48.29 41.97
C ILE J 179 31.61 -47.90 40.70
N PRO J 180 32.02 -46.61 40.60
CA PRO J 180 32.76 -46.13 39.42
C PRO J 180 34.06 -46.89 39.18
N ARG J 181 34.49 -46.94 37.93
CA ARG J 181 35.77 -47.56 37.56
C ARG J 181 36.90 -46.84 38.30
N GLY J 182 37.83 -47.61 38.87
CA GLY J 182 39.02 -47.04 39.47
C GLY J 182 38.88 -46.65 40.92
N MET J 183 37.65 -46.66 41.43
CA MET J 183 37.41 -46.19 42.80
C MET J 183 37.63 -47.31 43.79
N LYS J 184 38.33 -47.02 44.88
CA LYS J 184 38.67 -48.05 45.86
C LYS J 184 37.54 -48.31 46.85
N PHE J 185 37.36 -49.57 47.22
CA PHE J 185 36.33 -49.90 48.19
C PHE J 185 36.62 -51.25 48.84
N ARG J 186 35.91 -51.51 49.93
CA ARG J 186 36.10 -52.70 50.74
C ARG J 186 34.70 -53.12 51.13
N VAL J 187 34.36 -54.39 50.96
CA VAL J 187 33.02 -54.87 51.24
C VAL J 187 32.95 -55.73 52.51
N GLU J 188 32.06 -55.34 53.41
CA GLU J 188 31.82 -56.12 54.62
C GLU J 188 30.45 -56.81 54.51
N LEU J 189 30.37 -58.07 54.93
CA LEU J 189 29.13 -58.84 54.85
C LEU J 189 28.37 -58.85 56.18
N LEU J 190 27.37 -57.98 56.30
CA LEU J 190 26.60 -57.86 57.55
C LEU J 190 25.94 -59.15 58.02
N ASP J 191 25.62 -60.06 57.10
CA ASP J 191 24.92 -61.29 57.46
C ASP J 191 25.83 -62.51 57.38
N GLY J 192 27.13 -62.29 57.32
CA GLY J 192 28.10 -63.37 57.32
C GLY J 192 28.32 -64.01 55.97
N GLN J 193 27.30 -63.99 55.13
CA GLN J 193 27.42 -64.50 53.78
C GLN J 193 26.67 -63.57 52.84
N ALA J 194 26.94 -63.71 51.55
CA ALA J 194 26.27 -62.86 50.57
C ALA J 194 26.25 -63.50 49.18
N ARG J 195 25.17 -63.24 48.44
CA ARG J 195 25.05 -63.72 47.09
C ARG J 195 24.32 -62.66 46.26
N GLY J 196 24.71 -62.52 44.99
CA GLY J 196 24.14 -61.49 44.14
C GLY J 196 24.71 -61.49 42.72
N TYR J 197 24.22 -60.57 41.89
CA TYR J 197 24.66 -60.50 40.50
C TYR J 197 25.47 -59.24 40.28
N ILE J 198 26.31 -59.28 39.26
CA ILE J 198 27.14 -58.15 38.87
C ILE J 198 27.13 -57.97 37.37
N ALA J 199 26.76 -56.78 36.93
CA ALA J 199 27.06 -56.33 35.58
C ALA J 199 28.31 -55.45 35.68
N GLU J 200 29.40 -55.89 35.08
CA GLU J 200 30.61 -55.07 34.98
C GLU J 200 30.59 -54.34 33.63
N ASN J 201 30.50 -53.02 33.68
CA ASN J 201 30.33 -52.19 32.48
C ASN J 201 31.65 -51.62 32.00
N HIS J 202 32.10 -52.07 30.82
CA HIS J 202 33.37 -51.66 30.26
C HIS J 202 33.25 -50.42 29.37
N GLY J 203 32.01 -50.04 29.07
CA GLY J 203 31.74 -48.97 28.11
C GLY J 203 31.31 -47.68 28.78
N ALA J 204 30.50 -46.90 28.08
CA ALA J 204 30.06 -45.61 28.61
C ALA J 204 29.29 -45.85 29.90
N PRO J 205 29.58 -45.03 30.93
CA PRO J 205 28.97 -45.19 32.25
C PRO J 205 27.44 -45.28 32.21
N LEU J 206 26.87 -46.04 33.13
CA LEU J 206 25.42 -46.13 33.30
C LEU J 206 24.80 -44.75 33.61
N ARG J 207 23.66 -44.48 32.99
CA ARG J 207 22.90 -43.27 33.30
C ARG J 207 21.40 -43.48 33.05
N LEU J 208 20.60 -42.52 33.51
CA LEU J 208 19.16 -42.57 33.32
C LEU J 208 18.81 -42.50 31.82
N PRO J 209 17.82 -43.29 31.39
CA PRO J 209 17.46 -43.33 29.98
C PRO J 209 16.78 -42.03 29.53
N ASP J 210 16.93 -41.68 28.26
CA ASP J 210 16.11 -40.62 27.67
C ASP J 210 14.65 -41.05 27.74
N LEU J 211 13.80 -40.16 28.23
CA LEU J 211 12.43 -40.55 28.56
C LEU J 211 11.43 -40.55 27.40
N GLY J 212 11.77 -39.90 26.29
CA GLY J 212 10.83 -39.76 25.20
C GLY J 212 9.56 -39.07 25.66
N PRO J 213 8.40 -39.54 25.17
CA PRO J 213 7.09 -38.96 25.53
C PRO J 213 6.77 -39.04 27.03
N ILE J 214 7.46 -39.92 27.74
CA ILE J 214 7.27 -40.01 29.19
C ILE J 214 7.61 -38.68 29.85
N GLY J 215 8.46 -37.88 29.21
CA GLY J 215 8.63 -36.52 29.64
C GLY J 215 9.77 -36.26 30.60
N SER J 216 9.45 -35.65 31.73
CA SER J 216 10.44 -35.14 32.67
C SER J 216 10.34 -35.82 34.05
N ASN J 217 9.45 -36.79 34.17
CA ASN J 217 9.27 -37.54 35.40
C ASN J 217 8.90 -38.99 35.09
N GLY J 218 9.19 -39.89 36.02
CA GLY J 218 8.85 -41.29 35.82
C GLY J 218 10.04 -42.20 35.73
N LEU J 219 9.75 -43.50 35.67
CA LEU J 219 10.76 -44.54 35.80
C LEU J 219 11.54 -44.31 37.08
N ALA J 220 12.87 -44.29 36.99
CA ALA J 220 13.67 -44.02 38.17
C ALA J 220 13.84 -42.52 38.30
N ASN J 221 13.28 -41.95 39.35
CA ASN J 221 13.44 -40.51 39.57
C ASN J 221 14.79 -40.22 40.19
N PRO J 222 15.48 -39.19 39.67
CA PRO J 222 16.85 -38.88 40.10
C PRO J 222 16.98 -38.59 41.59
N ARG J 223 15.93 -38.06 42.18
CA ARG J 223 15.95 -37.77 43.62
C ARG J 223 16.22 -39.01 44.48
N ASP J 224 15.97 -40.19 43.92
CA ASP J 224 16.11 -41.44 44.67
C ASP J 224 17.49 -42.09 44.58
N PHE J 225 18.38 -41.52 43.78
CA PHE J 225 19.75 -42.01 43.72
C PHE J 225 20.61 -41.36 44.81
N LEU J 226 21.11 -42.19 45.72
CA LEU J 226 21.77 -41.75 46.94
C LEU J 226 23.27 -42.03 46.97
N THR J 227 24.02 -41.01 47.34
CA THR J 227 25.48 -41.10 47.43
C THR J 227 25.93 -40.81 48.87
N PRO J 228 26.94 -41.55 49.36
CA PRO J 228 27.37 -41.41 50.75
C PRO J 228 28.12 -40.13 51.06
N VAL J 229 28.12 -39.75 52.33
CA VAL J 229 28.89 -38.61 52.80
C VAL J 229 30.35 -38.98 53.11
N ALA J 230 31.22 -37.99 53.05
CA ALA J 230 32.66 -38.21 53.26
C ALA J 230 32.95 -38.99 54.54
N HIS J 231 33.90 -39.91 54.45
CA HIS J 231 34.35 -40.65 55.60
C HIS J 231 35.74 -41.23 55.40
N TYR J 232 36.64 -40.95 56.35
CA TYR J 232 38.02 -41.37 56.21
C TYR J 232 38.45 -42.28 57.34
N GLU J 233 39.53 -43.03 57.12
CA GLU J 233 40.08 -43.90 58.13
C GLU J 233 41.51 -43.50 58.38
N GLU J 234 41.95 -43.59 59.63
CA GLU J 234 43.31 -43.21 60.00
C GLU J 234 44.13 -44.41 60.46
N ALA J 235 43.49 -45.56 60.55
CA ALA J 235 44.17 -46.78 60.98
C ALA J 235 45.46 -47.02 60.22
N GLU J 236 46.59 -46.87 60.90
CA GLU J 236 47.87 -47.23 60.32
C GLU J 236 48.11 -48.72 60.51
N GLY J 237 49.03 -49.27 59.72
CA GLY J 237 49.25 -50.70 59.68
C GLY J 237 49.03 -51.19 58.26
N PRO J 238 49.68 -52.31 57.91
CA PRO J 238 49.68 -52.83 56.52
C PRO J 238 48.30 -53.22 55.99
N VAL J 239 47.92 -52.60 54.87
CA VAL J 239 46.70 -52.95 54.19
C VAL J 239 47.03 -53.41 52.79
N GLN J 240 46.43 -54.50 52.36
CA GLN J 240 46.61 -54.94 50.99
C GLN J 240 45.71 -54.15 50.04
N LEU J 241 46.33 -53.63 48.98
CA LEU J 241 45.61 -52.94 47.91
C LEU J 241 45.56 -53.82 46.66
N VAL J 242 44.36 -54.22 46.25
CA VAL J 242 44.20 -55.06 45.07
C VAL J 242 43.51 -54.29 43.94
N GLN J 243 44.06 -54.35 42.73
CA GLN J 243 43.28 -53.91 41.58
C GLN J 243 42.99 -55.05 40.59
N LYS J 244 41.87 -54.93 39.90
CA LYS J 244 41.57 -55.79 38.77
C LYS J 244 41.99 -55.06 37.49
N PHE J 245 42.85 -55.69 36.72
CA PHE J 245 43.34 -55.09 35.50
C PHE J 245 43.45 -56.14 34.41
N LEU J 246 42.74 -55.91 33.32
CA LEU J 246 42.71 -56.85 32.19
C LEU J 246 42.33 -58.25 32.64
N GLY J 247 41.47 -58.34 33.65
CA GLY J 247 40.91 -59.59 34.09
C GLY J 247 41.63 -60.16 35.30
N GLU J 248 42.86 -59.70 35.52
CA GLU J 248 43.74 -60.27 36.54
C GLU J 248 43.77 -59.45 37.83
N HIS J 249 43.89 -60.14 38.96
CA HIS J 249 44.07 -59.51 40.26
C HIS J 249 45.55 -59.22 40.58
N TRP J 250 45.88 -57.95 40.76
CA TRP J 250 47.25 -57.57 41.16
C TRP J 250 47.20 -56.85 42.50
N ALA J 251 48.25 -57.01 43.30
CA ALA J 251 48.28 -56.52 44.67
C ALA J 251 49.60 -55.84 45.05
N CYS J 252 49.51 -54.83 45.90
CA CYS J 252 50.68 -54.26 46.56
C CYS J 252 50.34 -54.07 48.03
N GLU J 253 51.34 -53.81 48.87
CA GLU J 253 51.07 -53.57 50.28
C GLU J 253 51.26 -52.11 50.64
N LEU J 254 50.28 -51.53 51.31
CA LEU J 254 50.37 -50.16 51.79
C LEU J 254 50.63 -50.18 53.29
N GLN J 255 51.19 -49.09 53.82
CA GLN J 255 51.35 -48.94 55.27
C GLN J 255 50.34 -47.94 55.81
N HIS J 256 49.24 -47.77 55.08
CA HIS J 256 48.16 -46.88 55.51
C HIS J 256 46.87 -47.29 54.82
N SER J 257 45.75 -46.82 55.35
CA SER J 257 44.47 -47.08 54.70
C SER J 257 44.27 -46.11 53.55
N PRO J 258 43.99 -46.66 52.36
CA PRO J 258 43.72 -45.85 51.16
C PRO J 258 42.32 -45.20 51.19
N LEU J 259 41.52 -45.53 52.20
CA LEU J 259 40.23 -44.85 52.35
C LEU J 259 40.41 -43.66 53.29
N ASP J 260 41.24 -42.72 52.87
CA ASP J 260 41.67 -41.62 53.71
C ASP J 260 41.27 -40.30 53.09
N VAL J 261 40.11 -40.28 52.45
CA VAL J 261 39.58 -39.07 51.82
C VAL J 261 38.77 -38.27 52.82
N VAL J 262 39.27 -37.09 53.19
CA VAL J 262 38.65 -36.28 54.23
C VAL J 262 37.48 -35.45 53.70
N ALA J 263 37.58 -35.07 52.42
CA ALA J 263 36.55 -34.27 51.79
C ALA J 263 36.64 -34.45 50.29
N TRP J 264 35.54 -34.23 49.59
CA TRP J 264 35.53 -34.36 48.13
C TRP J 264 34.43 -33.52 47.51
N HIS J 265 34.56 -33.27 46.21
CA HIS J 265 33.47 -32.68 45.45
C HIS J 265 33.50 -33.17 44.00
N GLY J 266 32.33 -33.39 43.42
CA GLY J 266 32.26 -33.79 42.04
C GLY J 266 31.12 -34.73 41.69
N SER J 267 31.23 -35.35 40.52
CA SER J 267 30.14 -36.12 39.94
C SER J 267 30.49 -37.59 39.73
N ASN J 268 31.76 -37.97 39.90
CA ASN J 268 32.16 -39.38 39.79
C ASN J 268 32.02 -40.03 41.16
N VAL J 269 30.86 -40.64 41.40
CA VAL J 269 30.47 -41.05 42.74
C VAL J 269 29.87 -42.44 42.78
N PRO J 270 30.06 -43.14 43.91
CA PRO J 270 29.29 -44.36 44.09
C PRO J 270 27.86 -43.97 44.43
N TYR J 271 26.91 -44.84 44.12
CA TYR J 271 25.53 -44.55 44.47
C TYR J 271 24.76 -45.82 44.64
N LYS J 272 23.53 -45.68 45.15
CA LYS J 272 22.66 -46.80 45.37
C LYS J 272 21.25 -46.32 45.06
N TYR J 273 20.37 -47.27 44.79
CA TYR J 273 19.01 -46.96 44.40
C TYR J 273 18.11 -48.09 44.89
N ASP J 274 16.93 -47.71 45.37
CA ASP J 274 16.00 -48.68 45.95
C ASP J 274 14.93 -48.98 44.91
N LEU J 275 14.98 -50.19 44.37
CA LEU J 275 14.08 -50.59 43.27
C LEU J 275 12.59 -50.42 43.63
N ARG J 276 12.30 -50.42 44.93
CA ARG J 276 10.92 -50.28 45.38
C ARG J 276 10.34 -48.92 45.04
N ARG J 277 11.20 -48.01 44.60
CA ARG J 277 10.78 -46.64 44.32
C ARG J 277 10.59 -46.39 42.83
N PHE J 278 10.83 -47.41 42.01
CA PHE J 278 10.67 -47.27 40.57
C PHE J 278 9.24 -46.83 40.26
N ASN J 279 9.10 -45.69 39.60
CA ASN J 279 7.79 -45.22 39.18
C ASN J 279 7.40 -45.89 37.86
N THR J 280 6.87 -47.11 37.98
CA THR J 280 6.57 -47.97 36.84
C THR J 280 5.50 -47.45 35.89
N ILE J 281 5.82 -47.44 34.60
CA ILE J 281 4.93 -47.02 33.53
C ILE J 281 4.58 -48.25 32.69
N GLY J 282 3.31 -48.38 32.31
CA GLY J 282 2.88 -49.53 31.52
C GLY J 282 1.61 -49.27 30.75
N THR J 283 0.99 -50.32 30.23
CA THR J 283 -0.22 -50.13 29.45
C THR J 283 -1.41 -49.81 30.35
N VAL J 284 -2.20 -48.80 29.98
CA VAL J 284 -3.47 -48.54 30.65
C VAL J 284 -4.63 -48.79 29.69
N SER J 285 -4.35 -49.56 28.64
CA SER J 285 -5.33 -49.80 27.58
C SER J 285 -5.37 -51.28 27.15
N PHE J 286 -4.41 -51.68 26.33
CA PHE J 286 -4.35 -53.05 25.84
C PHE J 286 -2.92 -53.36 25.41
N ASP J 287 -2.71 -54.57 24.91
CA ASP J 287 -1.39 -55.04 24.49
C ASP J 287 -0.38 -55.10 25.63
N HIS J 288 0.88 -55.38 25.27
CA HIS J 288 1.95 -55.64 26.21
C HIS J 288 3.19 -54.87 25.74
N PRO J 289 3.48 -53.73 26.39
CA PRO J 289 4.56 -52.81 26.02
C PRO J 289 5.93 -53.47 26.00
N ASP J 290 6.80 -52.97 25.12
CA ASP J 290 8.18 -53.44 25.06
C ASP J 290 8.85 -53.28 26.44
N PRO J 291 9.64 -54.27 26.84
CA PRO J 291 10.27 -54.24 28.16
C PRO J 291 11.36 -53.17 28.30
N SER J 292 11.69 -52.49 27.20
CA SER J 292 12.52 -51.30 27.31
C SER J 292 11.86 -50.25 28.22
N ILE J 293 10.54 -50.35 28.37
CA ILE J 293 9.80 -49.41 29.20
C ILE J 293 10.15 -49.53 30.69
N PHE J 294 10.76 -50.66 31.08
CA PHE J 294 11.15 -50.88 32.46
C PHE J 294 12.63 -50.53 32.71
N THR J 295 13.23 -49.73 31.83
CA THR J 295 14.63 -49.40 32.02
C THR J 295 14.91 -48.53 33.26
N VAL J 296 15.84 -49.01 34.09
CA VAL J 296 16.29 -48.27 35.27
C VAL J 296 17.56 -47.46 34.95
N LEU J 297 18.59 -48.15 34.46
CA LEU J 297 19.80 -47.50 33.93
C LEU J 297 20.18 -48.07 32.58
N THR J 298 20.91 -47.28 31.80
CA THR J 298 21.39 -47.71 30.48
C THR J 298 22.81 -47.20 30.19
N SER J 299 23.58 -48.02 29.47
CA SER J 299 24.90 -47.65 28.97
C SER J 299 24.84 -47.56 27.47
N PRO J 300 25.03 -46.36 26.91
CA PRO J 300 24.96 -46.15 25.47
C PRO J 300 26.20 -46.59 24.71
N THR J 301 26.06 -46.75 23.40
CA THR J 301 27.17 -46.83 22.46
C THR J 301 27.13 -45.57 21.62
N SER J 302 28.10 -45.40 20.72
CA SER J 302 28.09 -44.31 19.75
C SER J 302 27.00 -44.52 18.70
N VAL J 303 26.38 -45.69 18.69
CA VAL J 303 25.23 -45.91 17.82
C VAL J 303 23.99 -45.46 18.57
N HIS J 304 23.43 -44.33 18.16
CA HIS J 304 22.27 -43.78 18.85
C HIS J 304 21.11 -44.76 18.87
N GLY J 305 20.54 -44.98 20.05
CA GLY J 305 19.44 -45.92 20.19
C GLY J 305 19.79 -47.38 20.46
N MET J 306 21.03 -47.79 20.18
CA MET J 306 21.45 -49.15 20.50
C MET J 306 22.41 -49.16 21.70
N ALA J 307 21.87 -49.52 22.85
CA ALA J 307 22.66 -49.49 24.08
C ALA J 307 23.75 -50.54 24.08
N ASN J 308 24.85 -50.24 24.79
CA ASN J 308 25.78 -51.28 25.19
C ASN J 308 25.04 -52.28 26.08
N MET J 309 24.31 -51.75 27.07
CA MET J 309 23.43 -52.57 27.89
C MET J 309 22.35 -51.72 28.55
N ASP J 310 21.16 -52.31 28.66
CA ASP J 310 20.07 -51.72 29.42
C ASP J 310 19.92 -52.56 30.68
N PHE J 311 19.74 -51.93 31.82
CA PHE J 311 19.38 -52.65 33.04
C PHE J 311 17.88 -52.44 33.28
N VAL J 312 17.14 -53.53 33.18
CA VAL J 312 15.68 -53.46 33.15
C VAL J 312 15.11 -54.31 34.28
N ILE J 313 14.05 -53.83 34.93
CA ILE J 313 13.42 -54.60 36.00
C ILE J 313 11.96 -54.96 35.73
N PHE J 314 11.48 -56.03 36.36
CA PHE J 314 10.09 -56.43 36.27
C PHE J 314 9.48 -56.45 37.67
N PRO J 315 8.90 -55.32 38.08
CA PRO J 315 8.52 -55.06 39.47
C PRO J 315 7.07 -55.37 39.75
N PRO J 316 6.64 -55.22 41.01
CA PRO J 316 5.21 -55.20 41.30
C PRO J 316 4.58 -54.18 40.37
N ARG J 317 3.37 -54.44 39.87
CA ARG J 317 2.78 -53.54 38.89
C ARG J 317 1.36 -53.97 38.52
N TRP J 318 0.52 -52.97 38.20
CA TRP J 318 -0.84 -53.23 37.75
C TRP J 318 -0.93 -53.70 36.31
N MET J 319 -1.56 -54.86 36.11
CA MET J 319 -1.88 -55.36 34.79
C MET J 319 -3.37 -55.13 34.51
N VAL J 320 -3.67 -54.24 33.57
CA VAL J 320 -5.06 -53.90 33.25
C VAL J 320 -5.42 -54.12 31.78
N ALA J 321 -4.43 -54.40 30.94
CA ALA J 321 -4.68 -54.65 29.51
C ALA J 321 -5.95 -55.47 29.28
N GLU J 322 -6.89 -54.92 28.50
CA GLU J 322 -8.11 -55.62 28.13
C GLU J 322 -7.94 -56.39 26.82
N ASN J 323 -8.61 -57.54 26.73
CA ASN J 323 -8.57 -58.35 25.52
C ASN J 323 -7.13 -58.58 25.07
N THR J 324 -6.28 -58.91 26.02
CA THR J 324 -4.84 -58.94 25.76
C THR J 324 -4.14 -60.18 26.31
N PHE J 325 -3.21 -60.72 25.53
CA PHE J 325 -2.33 -61.77 26.02
C PHE J 325 -1.32 -61.11 26.95
N ARG J 326 -1.58 -61.16 28.24
CA ARG J 326 -0.86 -60.35 29.22
C ARG J 326 0.63 -60.66 29.47
N PRO J 327 1.02 -61.95 29.44
CA PRO J 327 2.44 -62.29 29.58
C PRO J 327 3.25 -61.80 28.38
N PRO J 328 4.59 -61.77 28.49
CA PRO J 328 5.40 -61.34 27.35
C PRO J 328 5.05 -62.14 26.10
N TRP J 329 5.15 -61.52 24.93
CA TRP J 329 4.92 -62.23 23.69
C TRP J 329 6.11 -63.12 23.35
N PHE J 330 5.88 -64.13 22.51
CA PHE J 330 7.00 -64.89 21.97
C PHE J 330 7.89 -63.90 21.21
N HIS J 331 9.20 -64.16 21.25
CA HIS J 331 10.20 -63.13 20.91
C HIS J 331 11.49 -63.70 20.35
N ARG J 332 12.02 -62.99 19.35
CA ARG J 332 13.34 -63.21 18.80
C ARG J 332 13.93 -61.81 18.65
N ASN J 333 15.17 -61.64 19.09
CA ASN J 333 15.72 -60.31 19.36
C ASN J 333 17.19 -60.22 18.92
N LEU J 334 17.51 -59.18 18.17
CA LEU J 334 18.89 -58.87 17.87
C LEU J 334 19.71 -58.86 19.17
N MET J 335 19.19 -58.21 20.21
CA MET J 335 19.92 -58.04 21.47
C MET J 335 20.05 -59.35 22.22
N ASN J 336 20.78 -59.32 23.33
CA ASN J 336 21.03 -60.51 24.12
C ASN J 336 20.44 -60.35 25.51
N GLU J 337 19.64 -61.35 25.93
CA GLU J 337 18.81 -61.20 27.11
C GLU J 337 19.26 -62.12 28.24
N PHE J 338 19.90 -61.53 29.24
CA PHE J 338 20.31 -62.23 30.46
C PHE J 338 19.41 -61.83 31.63
N MET J 339 18.65 -62.80 32.14
CA MET J 339 17.71 -62.56 33.24
C MET J 339 18.15 -63.13 34.59
N GLY J 340 17.86 -62.39 35.65
CA GLY J 340 18.08 -62.84 37.01
C GLY J 340 16.80 -62.63 37.81
N LEU J 341 16.78 -63.17 39.03
CA LEU J 341 15.63 -63.02 39.91
C LEU J 341 16.10 -62.67 41.32
N ILE J 342 15.51 -61.65 41.91
CA ILE J 342 15.89 -61.23 43.26
C ILE J 342 14.98 -61.86 44.30
N ASN J 343 13.68 -61.88 44.04
CA ASN J 343 12.75 -62.60 44.91
C ASN J 343 11.44 -62.91 44.21
N GLY J 344 10.69 -63.86 44.77
CA GLY J 344 9.41 -64.24 44.23
C GLY J 344 9.56 -64.99 42.91
N ALA J 345 8.53 -64.93 42.08
CA ALA J 345 8.53 -65.64 40.80
C ALA J 345 8.31 -64.69 39.63
N TYR J 346 8.83 -65.08 38.46
CA TYR J 346 8.70 -64.25 37.27
C TYR J 346 7.49 -64.63 36.41
N ASP J 347 6.85 -63.60 35.86
CA ASP J 347 5.62 -63.71 35.07
C ASP J 347 5.64 -64.77 33.96
N ALA J 348 6.73 -64.85 33.21
CA ALA J 348 6.78 -65.70 32.02
C ALA J 348 7.22 -67.15 32.29
N LYS J 349 7.70 -67.43 33.49
CA LYS J 349 8.29 -68.74 33.78
C LYS J 349 7.70 -69.42 35.02
N ALA J 350 7.01 -70.54 34.80
CA ALA J 350 6.23 -71.19 35.85
C ALA J 350 7.09 -71.88 36.94
N GLU J 351 8.12 -72.61 36.54
CA GLU J 351 9.07 -73.14 37.52
C GLU J 351 10.45 -73.41 36.93
N GLY J 352 11.44 -73.59 37.80
CA GLY J 352 12.82 -73.78 37.40
C GLY J 352 13.60 -72.48 37.41
N PHE J 353 12.88 -71.36 37.52
CA PHE J 353 13.51 -70.05 37.58
C PHE J 353 13.33 -69.48 38.97
N LEU J 354 14.32 -69.71 39.84
CA LEU J 354 14.27 -69.29 41.24
C LEU J 354 15.17 -68.07 41.49
N PRO J 355 14.99 -67.41 42.65
CA PRO J 355 15.89 -66.31 43.04
C PRO J 355 17.35 -66.77 43.07
N GLY J 356 18.23 -66.07 42.36
CA GLY J 356 19.63 -66.47 42.25
C GLY J 356 19.89 -67.16 40.92
N GLY J 357 18.82 -67.66 40.30
CA GLY J 357 18.92 -68.32 39.00
C GLY J 357 19.20 -67.34 37.87
N ALA J 358 19.39 -67.87 36.67
CA ALA J 358 19.72 -67.02 35.53
C ALA J 358 19.41 -67.72 34.23
N SER J 359 18.94 -66.97 33.24
CA SER J 359 18.73 -67.50 31.90
C SER J 359 19.43 -66.63 30.87
N LEU J 360 19.96 -67.25 29.82
CA LEU J 360 20.54 -66.53 28.70
C LEU J 360 19.78 -66.89 27.46
N HIS J 361 19.16 -65.89 26.83
CA HIS J 361 18.57 -66.06 25.51
C HIS J 361 19.32 -65.14 24.57
N GLY J 362 20.23 -65.71 23.79
CA GLY J 362 21.10 -64.93 22.93
C GLY J 362 20.48 -64.53 21.59
N VAL J 363 21.24 -63.74 20.85
CA VAL J 363 20.80 -63.17 19.59
C VAL J 363 19.96 -64.14 18.74
N MET J 364 18.73 -63.74 18.47
CA MET J 364 17.81 -64.47 17.60
C MET J 364 17.41 -65.87 18.09
N SER J 365 17.63 -66.17 19.36
CA SER J 365 17.13 -67.42 19.90
C SER J 365 15.65 -67.22 20.17
N ALA J 366 14.85 -68.25 19.91
CA ALA J 366 13.42 -68.14 20.09
C ALA J 366 13.07 -68.36 21.56
N HIS J 367 12.49 -67.34 22.18
CA HIS J 367 11.99 -67.47 23.54
C HIS J 367 10.57 -66.94 23.65
N GLY J 368 10.07 -66.89 24.89
CA GLY J 368 8.67 -66.59 25.14
C GLY J 368 8.15 -67.33 26.37
N PRO J 369 6.85 -67.17 26.68
CA PRO J 369 6.28 -67.85 27.85
C PRO J 369 6.29 -69.36 27.69
N ASP J 370 6.50 -70.09 28.78
CA ASP J 370 6.37 -71.54 28.72
C ASP J 370 4.90 -71.95 28.53
N ALA J 371 4.68 -73.22 28.21
CA ALA J 371 3.34 -73.71 27.86
C ALA J 371 2.30 -73.46 28.96
N GLU J 372 2.71 -73.69 30.20
CA GLU J 372 1.84 -73.50 31.36
C GLU J 372 1.35 -72.05 31.46
N THR J 373 2.28 -71.11 31.44
CA THR J 373 1.96 -69.68 31.53
C THR J 373 1.07 -69.26 30.36
N CYS J 374 1.36 -69.82 29.20
CA CYS J 374 0.61 -69.57 27.99
C CYS J 374 -0.87 -69.96 28.13
N GLU J 375 -1.13 -71.23 28.44
CA GLU J 375 -2.49 -71.76 28.47
C GLU J 375 -3.40 -71.05 29.47
N LYS J 376 -2.82 -70.61 30.57
CA LYS J 376 -3.57 -69.92 31.61
C LYS J 376 -3.87 -68.47 31.24
N ALA J 377 -2.97 -67.82 30.53
CA ALA J 377 -3.18 -66.43 30.12
C ALA J 377 -4.27 -66.34 29.06
N ILE J 378 -4.44 -67.41 28.30
CA ILE J 378 -5.43 -67.41 27.22
C ILE J 378 -6.82 -67.70 27.77
N ALA J 379 -6.88 -68.45 28.86
CA ALA J 379 -8.16 -68.79 29.48
C ALA J 379 -8.56 -67.80 30.57
N ALA J 380 -7.60 -67.02 31.04
CA ALA J 380 -7.83 -66.12 32.18
C ALA J 380 -8.92 -65.07 31.94
N ASP J 381 -9.91 -65.03 32.84
CA ASP J 381 -10.95 -64.01 32.76
C ASP J 381 -10.38 -62.66 33.16
N LEU J 382 -10.02 -61.87 32.15
CA LEU J 382 -9.28 -60.62 32.35
C LEU J 382 -9.99 -59.59 33.23
N ALA J 383 -9.23 -59.08 34.20
CA ALA J 383 -9.67 -57.97 35.04
C ALA J 383 -8.44 -57.38 35.71
N PRO J 384 -8.55 -56.14 36.21
CA PRO J 384 -7.39 -55.53 36.87
C PRO J 384 -6.74 -56.51 37.87
N HIS J 385 -5.44 -56.75 37.68
CA HIS J 385 -4.72 -57.70 38.50
C HIS J 385 -3.39 -57.11 38.94
N LYS J 386 -3.11 -57.23 40.23
CA LYS J 386 -1.93 -56.61 40.80
C LYS J 386 -0.81 -57.65 40.96
N ILE J 387 0.17 -57.58 40.08
CA ILE J 387 1.38 -58.38 40.22
C ILE J 387 2.21 -57.80 41.35
N ASP J 388 2.61 -58.64 42.30
CA ASP J 388 3.28 -58.15 43.51
C ASP J 388 4.22 -59.22 44.08
N ASN J 389 5.03 -58.82 45.06
CA ASN J 389 5.87 -59.77 45.78
C ASN J 389 6.86 -60.46 44.86
N THR J 390 7.40 -59.68 43.93
CA THR J 390 8.36 -60.21 42.97
C THR J 390 9.31 -59.10 42.53
N MET J 391 10.49 -59.50 42.09
CA MET J 391 11.40 -58.60 41.40
C MET J 391 12.37 -59.42 40.58
N ALA J 392 12.20 -59.37 39.27
CA ALA J 392 13.14 -59.99 38.34
C ALA J 392 13.83 -58.86 37.58
N PHE J 393 14.81 -59.20 36.76
CA PHE J 393 15.48 -58.16 36.00
C PHE J 393 16.23 -58.76 34.84
N MET J 394 16.64 -57.87 33.94
CA MET J 394 17.41 -58.28 32.78
C MET J 394 18.60 -57.37 32.55
N PHE J 395 19.73 -57.97 32.23
CA PHE J 395 20.87 -57.26 31.65
C PHE J 395 20.77 -57.54 30.14
N GLU J 396 20.30 -56.57 29.36
CA GLU J 396 20.19 -56.75 27.91
C GLU J 396 21.39 -56.08 27.21
N THR J 397 22.24 -56.88 26.57
CA THR J 397 23.44 -56.35 25.92
C THR J 397 23.32 -56.43 24.40
N SER J 398 23.93 -55.47 23.71
CA SER J 398 23.92 -55.46 22.26
C SER J 398 24.91 -56.46 21.67
N GLN J 399 26.04 -56.68 22.33
CA GLN J 399 27.00 -57.65 21.83
C GLN J 399 26.62 -59.02 22.38
N VAL J 400 26.94 -60.06 21.62
CA VAL J 400 26.69 -61.44 22.06
C VAL J 400 27.40 -61.76 23.37
N LEU J 401 26.70 -62.41 24.29
CA LEU J 401 27.30 -62.85 25.54
C LEU J 401 27.79 -64.29 25.43
N ARG J 402 29.08 -64.50 25.69
CA ARG J 402 29.69 -65.82 25.60
C ARG J 402 29.78 -66.42 26.99
N PRO J 403 29.06 -67.51 27.24
CA PRO J 403 29.18 -68.17 28.56
C PRO J 403 30.62 -68.62 28.82
N SER J 404 31.06 -68.50 30.08
CA SER J 404 32.36 -69.05 30.47
C SER J 404 32.36 -70.58 30.43
N LEU J 405 33.55 -71.17 30.36
CA LEU J 405 33.68 -72.61 30.47
C LEU J 405 33.14 -73.05 31.82
N GLN J 406 33.42 -72.27 32.86
N GLN J 406 33.46 -72.29 32.86
CA GLN J 406 32.97 -72.61 34.20
CA GLN J 406 32.97 -72.55 34.20
C GLN J 406 31.45 -72.60 34.31
C GLN J 406 31.46 -72.68 34.18
N ALA J 407 30.80 -71.73 33.54
CA ALA J 407 29.35 -71.68 33.49
C ALA J 407 28.76 -72.88 32.73
N LEU J 408 29.39 -73.21 31.61
CA LEU J 408 28.93 -74.33 30.79
C LEU J 408 29.13 -75.67 31.49
N GLU J 409 30.13 -75.75 32.35
CA GLU J 409 30.42 -76.98 33.07
C GLU J 409 29.81 -76.97 34.47
N CYS J 410 29.00 -75.94 34.74
CA CYS J 410 28.37 -75.73 36.04
C CYS J 410 27.35 -76.82 36.37
N PRO J 411 27.41 -77.37 37.60
CA PRO J 411 26.40 -78.34 38.04
C PRO J 411 25.00 -77.72 38.05
N GLN J 412 24.92 -76.41 38.27
CA GLN J 412 23.63 -75.73 38.32
C GLN J 412 23.04 -75.48 36.93
N LEU J 413 23.82 -75.72 35.89
CA LEU J 413 23.30 -75.61 34.54
C LEU J 413 22.21 -76.66 34.31
N GLN J 414 20.97 -76.22 34.17
CA GLN J 414 19.84 -77.12 33.95
C GLN J 414 19.96 -77.84 32.61
N ALA J 415 19.76 -79.15 32.61
CA ALA J 415 20.04 -79.99 31.44
C ALA J 415 18.98 -79.92 30.36
N ASP J 416 17.74 -79.65 30.72
CA ASP J 416 16.65 -79.72 29.74
C ASP J 416 15.74 -78.49 29.77
N TYR J 417 16.34 -77.31 29.66
CA TYR J 417 15.61 -76.06 29.61
C TYR J 417 14.62 -76.04 28.44
N ASP J 418 15.01 -76.60 27.30
CA ASP J 418 14.14 -76.56 26.11
C ASP J 418 12.78 -77.24 26.34
N SER J 419 12.71 -78.13 27.32
CA SER J 419 11.49 -78.88 27.57
C SER J 419 10.37 -77.98 28.08
N CYS J 420 10.73 -76.82 28.63
CA CYS J 420 9.71 -75.94 29.18
C CYS J 420 8.77 -75.36 28.10
N TRP J 421 9.20 -75.45 26.84
CA TRP J 421 8.35 -75.07 25.71
C TRP J 421 7.85 -76.29 24.95
N ALA J 422 8.33 -77.47 25.34
CA ALA J 422 8.13 -78.66 24.53
C ALA J 422 6.67 -79.03 24.30
N THR J 423 5.82 -78.72 25.26
CA THR J 423 4.43 -79.12 25.20
C THR J 423 3.51 -78.06 24.62
N LEU J 424 4.07 -77.04 23.96
CA LEU J 424 3.27 -76.00 23.32
C LEU J 424 2.37 -76.57 22.23
N PRO J 425 1.04 -76.38 22.35
CA PRO J 425 0.07 -76.98 21.44
C PRO J 425 -0.25 -76.12 20.22
N SER J 426 -0.53 -76.77 19.09
CA SER J 426 -1.14 -76.09 17.97
C SER J 426 -2.61 -75.90 18.29
N THR J 427 -3.05 -74.64 18.33
CA THR J 427 -4.47 -74.34 18.51
C THR J 427 -5.02 -73.74 17.23
N PHE J 428 -4.26 -73.85 16.16
CA PHE J 428 -4.65 -73.28 14.88
C PHE J 428 -5.94 -73.91 14.37
N ASN J 429 -6.88 -73.08 13.94
CA ASN J 429 -8.08 -73.58 13.28
C ASN J 429 -8.42 -72.72 12.07
N PRO J 430 -8.01 -73.16 10.88
CA PRO J 430 -8.21 -72.39 9.64
C PRO J 430 -9.68 -72.15 9.34
N ASN J 431 -10.57 -72.87 10.04
CA ASN J 431 -11.99 -72.82 9.78
C ASN J 431 -12.77 -71.90 10.71
N ARG J 432 -12.12 -71.43 11.75
CA ARG J 432 -12.79 -70.55 12.71
C ARG J 432 -11.88 -69.39 13.07
N ARG J 433 -12.13 -68.23 12.48
CA ARG J 433 -11.35 -67.06 12.84
C ARG J 433 -11.50 -66.75 14.32
N ASP K 8 67.10 -23.81 -0.25
CA ASP K 8 66.03 -23.79 0.75
C ASP K 8 64.70 -24.26 0.17
N LEU K 9 63.95 -25.00 0.97
CA LEU K 9 62.68 -25.56 0.53
C LEU K 9 61.52 -24.58 0.75
N HIS K 10 60.65 -24.43 -0.25
CA HIS K 10 59.45 -23.60 -0.09
C HIS K 10 58.30 -24.44 0.46
N TYR K 11 57.40 -23.78 1.19
CA TYR K 11 56.22 -24.46 1.72
C TYR K 11 54.93 -23.71 1.42
N LEU K 12 53.81 -24.43 1.42
CA LEU K 12 52.48 -23.83 1.37
C LEU K 12 51.87 -23.90 2.77
N SER K 13 51.21 -22.83 3.21
CA SER K 13 50.69 -22.81 4.58
C SER K 13 49.16 -22.95 4.69
N GLY K 14 48.71 -23.59 5.76
CA GLY K 14 47.31 -23.55 6.15
C GLY K 14 46.63 -24.89 6.36
N PHE K 15 46.52 -25.33 7.60
CA PHE K 15 46.01 -26.67 7.91
C PHE K 15 44.66 -26.90 7.27
N GLY K 16 44.50 -28.03 6.57
CA GLY K 16 43.20 -28.40 6.01
C GLY K 16 42.94 -27.85 4.62
N ASN K 17 43.87 -27.04 4.12
CA ASN K 17 43.68 -26.38 2.82
C ASN K 17 43.58 -27.29 1.61
N GLU K 18 42.79 -26.84 0.63
CA GLU K 18 42.89 -27.39 -0.72
C GLU K 18 44.09 -26.73 -1.37
N PHE K 19 45.20 -27.46 -1.44
CA PHE K 19 46.41 -26.92 -2.03
C PHE K 19 46.50 -27.24 -3.51
N ALA K 20 47.30 -26.47 -4.22
CA ALA K 20 47.62 -26.75 -5.60
C ALA K 20 49.10 -26.38 -5.80
N SER K 21 49.83 -27.26 -6.46
CA SER K 21 51.25 -27.09 -6.67
C SER K 21 51.67 -27.83 -7.94
N GLU K 22 52.43 -27.15 -8.79
CA GLU K 22 52.95 -27.77 -10.00
C GLU K 22 54.43 -27.43 -10.18
N ALA K 23 55.24 -28.45 -10.45
CA ALA K 23 56.67 -28.28 -10.68
C ALA K 23 57.01 -27.90 -12.13
N LEU K 24 56.07 -28.08 -13.05
CA LEU K 24 56.17 -27.50 -14.40
C LEU K 24 54.97 -26.57 -14.65
N PRO K 25 55.15 -25.51 -15.45
CA PRO K 25 54.03 -24.58 -15.69
C PRO K 25 52.90 -25.23 -16.48
N GLY K 26 51.68 -25.19 -15.96
CA GLY K 26 50.53 -25.76 -16.66
C GLY K 26 50.38 -27.26 -16.49
N ALA K 27 51.24 -27.86 -15.66
CA ALA K 27 51.18 -29.31 -15.44
C ALA K 27 49.87 -29.75 -14.77
N LEU K 28 49.25 -28.84 -14.04
CA LEU K 28 47.92 -29.10 -13.48
C LEU K 28 46.84 -28.85 -14.53
N PRO K 29 45.92 -29.81 -14.69
CA PRO K 29 44.82 -29.56 -15.61
C PRO K 29 43.98 -28.42 -15.08
N VAL K 30 43.54 -27.54 -15.96
CA VAL K 30 42.71 -26.42 -15.53
C VAL K 30 41.25 -26.69 -15.85
N GLY K 31 40.39 -26.52 -14.85
CA GLY K 31 38.96 -26.66 -15.05
C GLY K 31 38.40 -28.07 -14.90
N GLN K 32 39.28 -29.05 -14.68
CA GLN K 32 38.84 -30.44 -14.52
C GLN K 32 39.96 -31.26 -13.90
N ASN K 33 39.64 -32.51 -13.56
CA ASN K 33 40.61 -33.39 -12.91
C ASN K 33 41.21 -34.43 -13.84
N SER K 34 40.45 -34.82 -14.85
CA SER K 34 40.79 -36.00 -15.64
C SER K 34 40.69 -35.77 -17.13
N PRO K 35 41.60 -34.96 -17.68
CA PRO K 35 41.63 -34.73 -19.13
C PRO K 35 41.99 -36.01 -19.86
N GLN K 36 41.51 -36.18 -21.09
CA GLN K 36 41.89 -37.35 -21.86
C GLN K 36 43.40 -37.31 -22.15
N LYS K 37 43.90 -36.13 -22.51
CA LYS K 37 45.32 -35.94 -22.78
C LYS K 37 45.91 -34.99 -21.76
N ALA K 38 46.37 -35.54 -20.64
CA ALA K 38 46.91 -34.75 -19.54
C ALA K 38 48.16 -33.98 -19.97
N PRO K 39 48.29 -32.74 -19.49
CA PRO K 39 49.46 -31.92 -19.83
C PRO K 39 50.78 -32.67 -19.61
N TYR K 40 51.67 -32.60 -20.60
CA TYR K 40 52.98 -33.24 -20.50
C TYR K 40 52.93 -34.76 -20.59
N GLY K 41 51.78 -35.30 -20.98
CA GLY K 41 51.62 -36.74 -21.06
C GLY K 41 51.66 -37.43 -19.71
N LEU K 42 51.35 -36.70 -18.64
CA LEU K 42 51.32 -37.27 -17.29
C LEU K 42 50.07 -38.12 -17.08
N TYR K 43 50.07 -38.91 -16.00
CA TYR K 43 48.92 -39.71 -15.59
C TYR K 43 48.22 -39.09 -14.39
N ALA K 44 46.89 -39.04 -14.43
CA ALA K 44 46.14 -38.59 -13.27
C ALA K 44 45.94 -39.76 -12.31
N GLU K 45 46.07 -39.50 -11.01
CA GLU K 45 45.83 -40.53 -10.02
C GLU K 45 45.26 -39.95 -8.74
N LEU K 46 44.18 -40.56 -8.25
CA LEU K 46 43.51 -40.06 -7.06
C LEU K 46 43.92 -40.85 -5.82
N LEU K 47 44.41 -40.13 -4.82
CA LEU K 47 44.74 -40.74 -3.55
C LEU K 47 43.64 -40.34 -2.58
N SER K 48 42.76 -41.29 -2.25
CA SER K 48 41.61 -41.01 -1.40
C SER K 48 41.95 -41.39 0.02
N GLY K 49 42.18 -40.39 0.87
CA GLY K 49 42.58 -40.64 2.23
C GLY K 49 41.40 -41.02 3.12
N THR K 50 40.18 -40.79 2.63
CA THR K 50 38.98 -41.07 3.41
C THR K 50 37.91 -41.65 2.49
N ALA K 51 36.87 -42.21 3.08
CA ALA K 51 35.69 -42.61 2.30
C ALA K 51 35.24 -41.43 1.43
N PHE K 52 34.82 -41.71 0.20
CA PHE K 52 34.30 -40.69 -0.70
C PHE K 52 33.24 -39.80 -0.03
N THR K 53 32.38 -40.43 0.77
CA THR K 53 31.16 -39.77 1.26
C THR K 53 31.28 -39.08 2.61
N MET K 54 32.51 -38.84 3.07
CA MET K 54 32.71 -38.04 4.29
C MET K 54 32.12 -36.66 4.09
N ALA K 55 31.75 -36.01 5.18
CA ALA K 55 31.41 -34.60 5.13
C ALA K 55 32.66 -33.86 4.63
N ARG K 56 32.46 -32.78 3.90
CA ARG K 56 33.59 -32.06 3.30
C ARG K 56 34.63 -31.64 4.34
N SER K 57 34.17 -31.25 5.51
CA SER K 57 35.10 -30.88 6.59
C SER K 57 36.02 -32.04 6.96
N GLU K 58 35.54 -33.27 6.76
CA GLU K 58 36.32 -34.47 7.11
C GLU K 58 37.00 -35.12 5.92
N LEU K 59 36.91 -34.49 4.75
CA LEU K 59 37.43 -35.06 3.52
C LEU K 59 38.94 -34.83 3.36
N ARG K 60 39.66 -35.88 2.95
CA ARG K 60 41.07 -35.77 2.59
C ARG K 60 41.33 -36.57 1.31
N ARG K 61 41.60 -35.88 0.20
CA ARG K 61 41.93 -36.54 -1.07
C ARG K 61 42.81 -35.64 -1.91
N THR K 62 43.78 -36.24 -2.59
CA THR K 62 44.70 -35.46 -3.39
C THR K 62 44.83 -36.09 -4.76
N TRP K 63 44.70 -35.26 -5.78
CA TRP K 63 44.92 -35.70 -7.14
C TRP K 63 46.38 -35.54 -7.50
N LEU K 64 46.95 -36.57 -8.12
CA LEU K 64 48.35 -36.59 -8.49
C LEU K 64 48.50 -36.63 -10.00
N TYR K 65 49.42 -35.82 -10.51
CA TYR K 65 49.76 -35.89 -11.93
C TYR K 65 51.20 -36.38 -12.01
N ARG K 66 51.36 -37.62 -12.48
CA ARG K 66 52.64 -38.32 -12.31
C ARG K 66 53.14 -39.00 -13.58
N ILE K 67 54.45 -39.28 -13.61
CA ILE K 67 55.09 -39.85 -14.79
C ILE K 67 54.64 -41.30 -15.06
N ARG K 68 54.56 -42.10 -14.01
CA ARG K 68 54.06 -43.47 -14.11
C ARG K 68 53.02 -43.73 -13.02
N PRO K 69 51.94 -44.45 -13.35
CA PRO K 69 50.90 -44.72 -12.35
C PRO K 69 51.47 -45.56 -11.22
N SER K 70 51.03 -45.34 -9.99
CA SER K 70 51.45 -46.20 -8.87
C SER K 70 51.19 -47.69 -9.13
N ALA K 71 50.21 -47.98 -9.96
CA ALA K 71 49.81 -49.37 -10.25
C ALA K 71 50.90 -50.16 -11.01
N LEU K 72 51.82 -49.45 -11.65
CA LEU K 72 52.93 -50.10 -12.33
C LEU K 72 53.93 -50.62 -11.30
N HIS K 73 53.68 -51.82 -10.81
CA HIS K 73 54.61 -52.50 -9.91
C HIS K 73 54.34 -53.99 -9.97
N PRO K 74 55.37 -54.80 -9.72
CA PRO K 74 55.23 -56.25 -9.66
C PRO K 74 54.70 -56.65 -8.28
N ARG K 75 54.51 -57.96 -8.09
CA ARG K 75 53.99 -58.51 -6.86
C ARG K 75 54.83 -58.08 -5.68
N PHE K 76 54.17 -57.77 -4.57
CA PHE K 76 54.87 -57.53 -3.31
C PHE K 76 55.24 -58.87 -2.67
N GLU K 77 56.47 -58.95 -2.13
CA GLU K 77 56.91 -60.13 -1.39
C GLU K 77 57.28 -59.75 0.04
N ARG K 78 57.14 -60.69 0.96
CA ARG K 78 57.43 -60.41 2.37
C ARG K 78 58.93 -60.37 2.65
N LEU K 79 59.42 -59.30 3.27
CA LEU K 79 60.86 -59.24 3.56
C LEU K 79 61.24 -60.18 4.70
N ALA K 80 62.49 -60.64 4.67
CA ALA K 80 63.04 -61.46 5.75
C ALA K 80 63.25 -60.62 7.01
N ARG K 81 63.70 -59.39 6.84
CA ARG K 81 63.88 -58.50 7.98
C ARG K 81 62.53 -57.92 8.40
N GLN K 82 62.11 -58.23 9.63
CA GLN K 82 60.81 -57.79 10.13
C GLN K 82 60.94 -57.15 11.52
N PRO K 83 61.02 -55.80 11.56
CA PRO K 83 61.28 -55.03 12.77
C PRO K 83 60.14 -55.09 13.79
N LEU K 84 58.90 -55.23 13.32
CA LEU K 84 57.75 -55.02 14.20
C LEU K 84 57.08 -56.31 14.62
N GLY K 85 57.68 -57.45 14.26
CA GLY K 85 57.08 -58.75 14.47
C GLY K 85 57.11 -59.29 15.89
N GLY K 86 57.65 -58.50 16.82
CA GLY K 86 57.69 -58.91 18.21
C GLY K 86 56.29 -59.06 18.79
N PRO K 87 56.15 -59.91 19.83
CA PRO K 87 54.85 -60.11 20.47
C PRO K 87 54.49 -58.98 21.45
N LEU K 88 53.21 -58.87 21.76
CA LEU K 88 52.75 -57.98 22.81
C LEU K 88 53.29 -58.50 24.13
N GLY K 89 53.60 -57.59 25.04
CA GLY K 89 54.12 -57.97 26.34
C GLY K 89 53.01 -58.55 27.19
N GLY K 90 53.39 -59.10 28.34
CA GLY K 90 52.40 -59.63 29.27
C GLY K 90 51.56 -58.52 29.85
N ILE K 91 50.53 -58.90 30.59
CA ILE K 91 49.67 -57.94 31.25
C ILE K 91 50.44 -57.36 32.42
N ASN K 92 50.36 -56.04 32.56
CA ASN K 92 51.13 -55.30 33.56
C ASN K 92 50.53 -53.92 33.76
N PRO K 93 49.94 -53.68 34.94
CA PRO K 93 49.27 -52.40 35.21
C PRO K 93 50.19 -51.35 35.82
N ASN K 94 51.43 -51.73 36.12
CA ASN K 94 52.34 -50.81 36.78
C ASN K 94 52.65 -49.55 35.98
N ARG K 95 53.03 -48.50 36.70
CA ARG K 95 53.57 -47.29 36.11
C ARG K 95 54.96 -47.64 35.60
N LEU K 96 55.30 -47.22 34.39
CA LEU K 96 56.59 -47.59 33.81
C LEU K 96 57.36 -46.38 33.34
N ARG K 97 58.69 -46.46 33.40
CA ARG K 97 59.54 -45.39 32.89
C ARG K 97 60.79 -45.98 32.23
N TRP K 98 61.04 -45.55 31.01
CA TRP K 98 62.21 -45.98 30.26
C TRP K 98 63.24 -44.84 30.15
N SER K 99 64.52 -45.21 30.13
CA SER K 99 65.58 -44.27 29.84
C SER K 99 65.72 -44.10 28.33
N PRO K 100 66.52 -43.12 27.88
CA PRO K 100 66.66 -42.96 26.43
C PRO K 100 67.14 -44.23 25.73
N GLN K 101 66.72 -44.43 24.48
CA GLN K 101 67.07 -45.60 23.69
C GLN K 101 68.36 -45.36 22.92
N PRO K 102 69.32 -46.28 23.05
CA PRO K 102 70.58 -46.09 22.33
C PRO K 102 70.42 -46.42 20.85
N ILE K 103 71.21 -45.79 19.98
CA ILE K 103 71.21 -46.12 18.56
C ILE K 103 71.95 -47.43 18.33
N PRO K 104 71.32 -48.36 17.61
CA PRO K 104 71.94 -49.67 17.37
C PRO K 104 73.14 -49.56 16.42
N ALA K 105 74.08 -50.48 16.54
CA ALA K 105 75.26 -50.45 15.68
C ALA K 105 74.99 -51.04 14.27
N GLU K 106 74.19 -52.10 14.20
CA GLU K 106 73.87 -52.72 12.91
C GLU K 106 73.13 -51.75 11.98
N PRO K 107 73.31 -51.90 10.65
CA PRO K 107 72.73 -50.97 9.68
C PRO K 107 71.21 -50.89 9.85
N THR K 108 70.67 -49.67 9.93
CA THR K 108 69.27 -49.48 10.33
C THR K 108 68.77 -48.15 9.79
N ASP K 109 67.95 -48.18 8.76
CA ASP K 109 67.39 -46.93 8.25
C ASP K 109 66.12 -46.64 9.06
N PHE K 110 65.36 -45.63 8.63
CA PHE K 110 64.26 -45.10 9.42
C PHE K 110 63.15 -46.11 9.70
N ILE K 111 62.73 -46.86 8.68
CA ILE K 111 61.66 -47.83 8.90
C ILE K 111 62.16 -49.08 9.62
N GLU K 112 63.46 -49.36 9.51
CA GLU K 112 64.04 -50.53 10.15
C GLU K 112 64.24 -50.32 11.65
N GLY K 113 64.17 -49.08 12.09
CA GLY K 113 64.55 -48.72 13.45
C GLY K 113 63.43 -48.38 14.41
N TRP K 114 62.18 -48.72 14.05
CA TRP K 114 61.06 -48.50 14.96
C TRP K 114 61.07 -49.53 16.08
N LEU K 115 61.18 -49.07 17.31
CA LEU K 115 61.02 -49.94 18.46
C LEU K 115 59.60 -49.80 19.04
N PRO K 116 58.77 -50.85 18.90
CA PRO K 116 57.42 -50.72 19.46
C PRO K 116 57.52 -50.52 20.96
N MET K 117 56.87 -49.48 21.48
CA MET K 117 56.89 -49.24 22.92
C MET K 117 55.60 -49.77 23.53
N ALA K 118 54.47 -49.25 23.05
CA ALA K 118 53.17 -49.70 23.50
C ALA K 118 52.14 -49.45 22.42
N ALA K 119 51.06 -50.23 22.41
CA ALA K 119 50.05 -50.12 21.36
C ALA K 119 48.70 -50.56 21.88
N ASN K 120 47.63 -50.07 21.27
CA ASN K 120 46.28 -50.48 21.64
C ASN K 120 45.95 -51.92 21.20
N ALA K 121 46.60 -52.38 20.12
CA ALA K 121 46.37 -53.73 19.62
C ALA K 121 47.64 -54.38 19.06
N GLY K 122 47.59 -55.70 18.86
CA GLY K 122 48.66 -56.43 18.22
C GLY K 122 48.88 -55.89 16.82
N ALA K 123 50.14 -55.85 16.38
CA ALA K 123 50.50 -55.21 15.13
C ALA K 123 49.81 -55.79 13.90
N GLU K 124 49.32 -57.03 14.01
CA GLU K 124 48.65 -57.69 12.91
C GLU K 124 47.14 -57.35 12.83
N LYS K 125 46.65 -56.70 13.89
CA LYS K 125 45.27 -56.24 13.96
C LYS K 125 45.20 -54.76 14.34
N PRO K 126 45.84 -53.89 13.53
CA PRO K 126 45.98 -52.46 13.82
C PRO K 126 44.66 -51.78 14.19
N ALA K 127 44.66 -51.11 15.33
CA ALA K 127 43.51 -50.32 15.76
C ALA K 127 43.96 -49.25 16.77
N GLY K 128 43.24 -48.13 16.79
CA GLY K 128 43.53 -47.05 17.71
C GLY K 128 44.86 -46.39 17.39
N VAL K 129 45.84 -46.62 18.27
CA VAL K 129 47.18 -46.03 18.13
C VAL K 129 48.30 -47.00 18.50
N SER K 130 49.36 -47.00 17.70
CA SER K 130 50.58 -47.74 18.04
C SER K 130 51.73 -46.73 18.26
N ILE K 131 52.52 -46.94 19.31
CA ILE K 131 53.59 -46.01 19.65
C ILE K 131 54.99 -46.63 19.57
N TYR K 132 55.89 -45.91 18.93
CA TYR K 132 57.26 -46.38 18.74
C TYR K 132 58.27 -45.28 19.10
N ILE K 133 59.51 -45.71 19.33
CA ILE K 133 60.66 -44.81 19.30
C ILE K 133 61.54 -45.27 18.13
N TYR K 134 61.84 -44.38 17.18
CA TYR K 134 62.72 -44.73 16.08
C TYR K 134 64.19 -44.42 16.37
N ARG K 135 65.08 -45.30 15.92
CA ARG K 135 66.53 -45.13 16.01
C ARG K 135 67.13 -45.54 14.66
N ALA K 136 67.76 -44.60 13.98
CA ALA K 136 68.30 -44.86 12.63
C ALA K 136 69.75 -44.37 12.57
N ASN K 137 70.57 -45.06 11.76
CA ASN K 137 71.98 -44.71 11.62
C ASN K 137 72.38 -44.60 10.15
N ARG K 138 71.40 -44.66 9.26
CA ARG K 138 71.64 -44.45 7.85
C ARG K 138 70.38 -43.91 7.17
N SER K 139 70.56 -43.18 6.06
CA SER K 139 69.44 -42.71 5.25
C SER K 139 68.78 -43.88 4.52
N MET K 140 67.53 -43.69 4.14
CA MET K 140 66.80 -44.70 3.38
C MET K 140 67.23 -44.71 1.92
N GLU K 141 67.55 -45.90 1.41
CA GLU K 141 67.83 -46.10 -0.01
C GLU K 141 66.71 -46.95 -0.60
N ARG K 142 65.51 -46.42 -0.42
CA ARG K 142 64.28 -47.02 -0.88
C ARG K 142 63.15 -46.06 -0.57
N VAL K 143 61.95 -46.42 -1.01
CA VAL K 143 60.76 -45.61 -0.77
C VAL K 143 59.73 -46.48 -0.04
N PHE K 144 58.91 -45.85 0.81
CA PHE K 144 58.05 -46.58 1.73
C PHE K 144 56.67 -45.94 1.86
N PHE K 145 55.64 -46.78 1.98
CA PHE K 145 54.35 -46.30 2.47
C PHE K 145 53.77 -47.22 3.54
N ASN K 146 53.04 -46.61 4.46
CA ASN K 146 52.40 -47.34 5.55
C ASN K 146 50.92 -47.44 5.23
N ALA K 147 50.44 -48.67 5.08
CA ALA K 147 49.03 -48.92 4.75
C ALA K 147 48.19 -49.03 6.01
N ASP K 148 48.84 -49.14 7.16
CA ASP K 148 48.14 -49.36 8.44
C ASP K 148 47.68 -48.08 9.16
N GLY K 149 48.16 -46.93 8.73
CA GLY K 149 47.81 -45.69 9.42
C GLY K 149 48.58 -44.43 9.11
N GLU K 150 48.10 -43.35 9.68
CA GLU K 150 48.75 -42.04 9.66
C GLU K 150 50.02 -42.03 10.54
N LEU K 151 51.08 -41.36 10.08
CA LEU K 151 52.28 -41.26 10.93
C LEU K 151 52.49 -39.88 11.52
N LEU K 152 52.52 -39.79 12.84
CA LEU K 152 52.94 -38.56 13.52
C LEU K 152 54.39 -38.68 14.03
N LEU K 153 55.30 -37.88 13.47
CA LEU K 153 56.72 -37.96 13.81
C LEU K 153 57.17 -36.85 14.76
N VAL K 154 57.89 -37.24 15.81
CA VAL K 154 58.37 -36.28 16.79
C VAL K 154 59.88 -36.46 17.01
N PRO K 155 60.70 -35.77 16.20
CA PRO K 155 62.17 -35.87 16.27
C PRO K 155 62.69 -35.43 17.64
N GLU K 156 63.70 -36.14 18.15
CA GLU K 156 64.29 -35.80 19.44
C GLU K 156 65.79 -35.50 19.30
N GLN K 157 66.50 -36.30 18.51
CA GLN K 157 67.87 -35.97 18.10
C GLN K 157 68.02 -36.18 16.61
N GLY K 158 68.60 -35.20 15.92
CA GLY K 158 68.90 -35.37 14.52
C GLY K 158 67.82 -34.84 13.60
N ARG K 159 68.24 -34.15 12.55
CA ARG K 159 67.30 -33.61 11.59
C ARG K 159 66.98 -34.64 10.51
N LEU K 160 65.80 -34.52 9.93
CA LEU K 160 65.35 -35.42 8.87
C LEU K 160 65.01 -34.65 7.60
N ARG K 161 65.46 -35.15 6.47
CA ARG K 161 64.97 -34.62 5.20
C ARG K 161 64.00 -35.67 4.65
N ILE K 162 62.75 -35.29 4.49
CA ILE K 162 61.71 -36.25 4.09
C ILE K 162 61.16 -35.98 2.70
N ALA K 163 61.56 -36.81 1.74
CA ALA K 163 61.07 -36.66 0.38
C ALA K 163 59.75 -37.41 0.22
N THR K 164 58.64 -36.69 0.06
CA THR K 164 57.34 -37.34 -0.13
C THR K 164 56.90 -37.20 -1.57
N GLU K 165 55.83 -37.91 -1.92
CA GLU K 165 55.25 -37.77 -3.24
C GLU K 165 54.91 -36.33 -3.56
N LEU K 166 54.52 -35.57 -2.55
CA LEU K 166 54.06 -34.22 -2.79
C LEU K 166 55.19 -33.19 -2.65
N GLY K 167 56.38 -33.68 -2.33
CA GLY K 167 57.53 -32.81 -2.17
C GLY K 167 58.35 -33.05 -0.92
N VAL K 168 59.37 -32.21 -0.74
CA VAL K 168 60.36 -32.43 0.31
C VAL K 168 60.15 -31.51 1.50
N MET K 169 60.33 -32.06 2.70
CA MET K 169 60.33 -31.24 3.90
C MET K 169 61.43 -31.68 4.86
N GLU K 170 61.93 -30.71 5.63
CA GLU K 170 62.93 -30.98 6.64
C GLU K 170 62.33 -30.73 8.02
N VAL K 171 62.66 -31.62 8.95
CA VAL K 171 62.10 -31.59 10.29
C VAL K 171 63.19 -31.79 11.33
N GLU K 172 63.25 -30.86 12.28
CA GLU K 172 64.22 -30.95 13.37
C GLU K 172 63.50 -31.05 14.70
N PRO K 173 64.24 -31.46 15.75
CA PRO K 173 63.62 -31.47 17.08
C PRO K 173 62.94 -30.14 17.37
N LEU K 174 61.79 -30.21 18.03
CA LEU K 174 60.92 -29.06 18.32
C LEU K 174 59.92 -28.81 17.19
N GLU K 175 60.11 -29.51 16.08
CA GLU K 175 59.09 -29.61 15.03
C GLU K 175 58.44 -31.00 15.04
N ILE K 176 57.27 -31.11 14.42
CA ILE K 176 56.66 -32.41 14.18
C ILE K 176 56.30 -32.53 12.71
N ALA K 177 56.11 -33.75 12.24
CA ALA K 177 55.62 -33.99 10.88
C ALA K 177 54.59 -35.10 10.83
N VAL K 178 53.64 -34.95 9.90
CA VAL K 178 52.61 -35.96 9.68
C VAL K 178 52.63 -36.40 8.21
N ILE K 179 52.63 -37.73 8.02
CA ILE K 179 52.57 -38.34 6.71
C ILE K 179 51.25 -39.15 6.64
N PRO K 180 50.36 -38.80 5.70
CA PRO K 180 49.11 -39.55 5.55
C PRO K 180 49.34 -41.01 5.20
N ARG K 181 48.42 -41.85 5.67
CA ARG K 181 48.41 -43.25 5.34
C ARG K 181 48.53 -43.42 3.83
N GLY K 182 49.33 -44.39 3.40
CA GLY K 182 49.44 -44.76 2.00
C GLY K 182 50.35 -43.86 1.17
N MET K 183 50.79 -42.75 1.76
CA MET K 183 51.67 -41.83 1.05
C MET K 183 53.11 -42.33 1.09
N LYS K 184 53.76 -42.27 -0.06
CA LYS K 184 55.10 -42.82 -0.23
C LYS K 184 56.16 -41.79 0.08
N PHE K 185 57.17 -42.19 0.85
CA PHE K 185 58.19 -41.25 1.28
C PHE K 185 59.53 -41.95 1.55
N ARG K 186 60.57 -41.14 1.65
CA ARG K 186 61.93 -41.60 1.93
C ARG K 186 62.57 -40.68 2.95
N VAL K 187 63.10 -41.23 4.04
CA VAL K 187 63.71 -40.41 5.06
C VAL K 187 65.26 -40.39 4.95
N GLU K 188 65.80 -39.23 4.64
CA GLU K 188 67.24 -39.03 4.65
C GLU K 188 67.67 -38.39 5.97
N LEU K 189 68.78 -38.88 6.54
CA LEU K 189 69.29 -38.37 7.81
C LEU K 189 70.31 -37.26 7.59
N LEU K 190 69.98 -36.04 7.99
CA LEU K 190 70.87 -34.91 7.80
C LEU K 190 72.08 -34.91 8.75
N ASP K 191 71.97 -35.59 9.88
CA ASP K 191 73.04 -35.55 10.89
C ASP K 191 73.67 -36.90 11.19
N GLY K 192 73.54 -37.84 10.27
CA GLY K 192 74.19 -39.15 10.40
C GLY K 192 73.36 -40.18 11.14
N GLN K 193 72.73 -39.75 12.22
CA GLN K 193 71.90 -40.61 13.03
C GLN K 193 70.65 -39.83 13.38
N ALA K 194 69.64 -40.52 13.89
CA ALA K 194 68.44 -39.84 14.29
C ALA K 194 67.67 -40.71 15.28
N ARG K 195 67.01 -40.05 16.22
CA ARG K 195 66.18 -40.72 17.21
C ARG K 195 64.96 -39.83 17.43
N GLY K 196 63.83 -40.44 17.78
CA GLY K 196 62.60 -39.67 18.00
C GLY K 196 61.41 -40.56 18.28
N TYR K 197 60.22 -39.97 18.37
CA TYR K 197 59.03 -40.75 18.69
C TYR K 197 58.05 -40.75 17.52
N ILE K 198 57.21 -41.79 17.50
CA ILE K 198 56.17 -41.93 16.50
C ILE K 198 54.83 -42.34 17.15
N ALA K 199 53.76 -41.66 16.78
CA ALA K 199 52.40 -42.14 17.06
C ALA K 199 51.80 -42.57 15.73
N GLU K 200 51.60 -43.86 15.54
CA GLU K 200 50.96 -44.35 14.33
C GLU K 200 49.45 -44.32 14.56
N ASN K 201 48.76 -43.47 13.81
CA ASN K 201 47.32 -43.32 13.99
C ASN K 201 46.50 -44.26 13.10
N HIS K 202 45.79 -45.20 13.70
CA HIS K 202 45.04 -46.18 12.91
C HIS K 202 43.62 -45.73 12.70
N GLY K 203 43.23 -44.66 13.41
CA GLY K 203 41.87 -44.17 13.36
C GLY K 203 41.65 -42.93 12.52
N ALA K 204 40.62 -42.16 12.88
CA ALA K 204 40.34 -40.90 12.21
C ALA K 204 41.55 -39.97 12.21
N PRO K 205 41.86 -39.37 11.05
CA PRO K 205 43.04 -38.51 10.85
C PRO K 205 43.16 -37.38 11.88
N LEU K 206 44.38 -37.09 12.32
CA LEU K 206 44.59 -36.03 13.27
C LEU K 206 44.09 -34.72 12.68
N ARG K 207 43.58 -33.84 13.52
CA ARG K 207 43.25 -32.50 13.07
C ARG K 207 43.24 -31.56 14.27
N LEU K 208 42.96 -30.29 13.99
CA LEU K 208 42.93 -29.27 15.02
C LEU K 208 41.73 -29.52 15.93
N PRO K 209 41.92 -29.38 17.24
CA PRO K 209 40.80 -29.62 18.15
C PRO K 209 39.80 -28.48 18.08
N ASP K 210 38.55 -28.72 18.48
CA ASP K 210 37.56 -27.66 18.64
C ASP K 210 38.03 -26.81 19.80
N LEU K 211 38.01 -25.49 19.64
CA LEU K 211 38.65 -24.59 20.60
C LEU K 211 37.77 -24.18 21.76
N GLY K 212 36.49 -24.54 21.69
CA GLY K 212 35.55 -24.16 22.73
C GLY K 212 35.58 -22.66 22.98
N PRO K 213 35.63 -22.26 24.26
CA PRO K 213 35.68 -20.84 24.64
C PRO K 213 36.90 -20.12 24.09
N ILE K 214 37.97 -20.84 23.77
CA ILE K 214 39.18 -20.22 23.24
C ILE K 214 38.85 -19.50 21.93
N GLY K 215 37.80 -19.95 21.26
CA GLY K 215 37.24 -19.17 20.16
C GLY K 215 37.73 -19.54 18.79
N SER K 216 38.33 -18.57 18.10
CA SER K 216 38.68 -18.73 16.69
C SER K 216 40.18 -18.57 16.43
N ASN K 217 40.98 -18.48 17.50
CA ASN K 217 42.44 -18.32 17.40
C ASN K 217 43.08 -18.95 18.62
N GLY K 218 44.37 -19.27 18.56
CA GLY K 218 45.06 -19.81 19.72
C GLY K 218 45.43 -21.28 19.61
N LEU K 219 46.12 -21.79 20.62
CA LEU K 219 46.72 -23.13 20.56
C LEU K 219 47.57 -23.20 19.28
N ALA K 220 47.38 -24.21 18.45
CA ALA K 220 48.12 -24.22 17.19
C ALA K 220 47.32 -23.53 16.11
N ASN K 221 47.84 -22.39 15.64
CA ASN K 221 47.22 -21.63 14.57
C ASN K 221 47.44 -22.31 13.21
N PRO K 222 46.36 -22.45 12.43
CA PRO K 222 46.41 -23.20 11.17
C PRO K 222 47.47 -22.65 10.19
N ARG K 223 47.76 -21.37 10.28
CA ARG K 223 48.73 -20.73 9.39
C ARG K 223 50.14 -21.32 9.53
N ASP K 224 50.40 -21.96 10.65
CA ASP K 224 51.74 -22.49 10.94
C ASP K 224 51.98 -23.91 10.48
N PHE K 225 50.97 -24.53 9.87
CA PHE K 225 51.12 -25.88 9.34
C PHE K 225 51.53 -25.79 7.88
N LEU K 226 52.70 -26.32 7.57
CA LEU K 226 53.32 -26.12 6.27
C LEU K 226 53.39 -27.40 5.46
N THR K 227 53.13 -27.28 4.17
CA THR K 227 53.16 -28.42 3.27
C THR K 227 54.16 -28.15 2.14
N PRO K 228 54.99 -29.14 1.79
CA PRO K 228 56.03 -28.94 0.76
C PRO K 228 55.42 -28.69 -0.63
N VAL K 229 56.17 -28.04 -1.51
CA VAL K 229 55.73 -27.83 -2.89
C VAL K 229 56.10 -29.02 -3.75
N ALA K 230 55.46 -29.13 -4.92
CA ALA K 230 55.70 -30.28 -5.80
C ALA K 230 57.18 -30.47 -6.09
N HIS K 231 57.66 -31.71 -6.02
CA HIS K 231 59.01 -32.02 -6.48
C HIS K 231 59.11 -33.44 -7.00
N TYR K 232 59.66 -33.63 -8.20
CA TYR K 232 59.76 -34.96 -8.82
C TYR K 232 61.17 -35.44 -9.13
N GLU K 233 61.31 -36.77 -9.21
CA GLU K 233 62.59 -37.42 -9.47
C GLU K 233 62.47 -38.23 -10.74
N GLU K 234 63.57 -38.37 -11.48
CA GLU K 234 63.57 -39.16 -12.70
C GLU K 234 64.63 -40.23 -12.68
N ALA K 235 64.80 -40.88 -11.53
CA ALA K 235 65.77 -41.96 -11.40
C ALA K 235 65.30 -43.20 -12.16
N GLU K 236 65.91 -43.46 -13.32
CA GLU K 236 65.74 -44.75 -13.95
C GLU K 236 66.88 -45.65 -13.47
N GLY K 237 66.58 -46.91 -13.22
CA GLY K 237 67.45 -47.78 -12.44
C GLY K 237 66.67 -48.17 -11.20
N PRO K 238 66.79 -49.44 -10.78
CA PRO K 238 65.86 -50.09 -9.83
C PRO K 238 65.73 -49.43 -8.45
N VAL K 239 64.50 -49.21 -8.01
CA VAL K 239 64.21 -48.66 -6.68
C VAL K 239 63.33 -49.65 -5.91
N GLN K 240 63.66 -49.92 -4.65
CA GLN K 240 62.81 -50.78 -3.84
C GLN K 240 61.66 -50.01 -3.24
N LEU K 241 60.46 -50.52 -3.43
CA LEU K 241 59.26 -49.96 -2.82
C LEU K 241 58.78 -50.87 -1.71
N VAL K 242 58.69 -50.32 -0.49
CA VAL K 242 58.29 -51.10 0.66
C VAL K 242 56.97 -50.59 1.24
N GLN K 243 56.08 -51.50 1.65
CA GLN K 243 54.91 -51.09 2.42
C GLN K 243 54.82 -51.83 3.74
N LYS K 244 54.27 -51.17 4.75
CA LYS K 244 53.89 -51.82 5.97
C LYS K 244 52.41 -52.14 5.85
N PHE K 245 52.07 -53.41 6.00
CA PHE K 245 50.70 -53.86 5.95
C PHE K 245 50.50 -54.92 7.04
N LEU K 246 49.50 -54.67 7.89
CA LEU K 246 49.26 -55.43 9.10
C LEU K 246 50.54 -55.75 9.86
N GLY K 247 51.38 -54.75 10.04
CA GLY K 247 52.56 -54.89 10.86
C GLY K 247 53.78 -55.43 10.12
N GLU K 248 53.58 -55.96 8.90
CA GLU K 248 54.68 -56.57 8.15
C GLU K 248 55.25 -55.69 7.04
N HIS K 249 56.55 -55.84 6.80
CA HIS K 249 57.19 -55.17 5.65
C HIS K 249 57.13 -56.07 4.42
N TRP K 250 56.50 -55.56 3.37
CA TRP K 250 56.46 -56.26 2.09
C TRP K 250 57.10 -55.36 1.06
N ALA K 251 57.82 -55.94 0.09
CA ALA K 251 58.54 -55.12 -0.89
C ALA K 251 58.42 -55.57 -2.34
N CYS K 252 58.57 -54.62 -3.25
CA CYS K 252 58.75 -54.94 -4.66
C CYS K 252 59.82 -54.02 -5.27
N GLU K 253 60.24 -54.35 -6.48
CA GLU K 253 61.29 -53.58 -7.14
C GLU K 253 60.70 -52.86 -8.34
N LEU K 254 60.86 -51.54 -8.37
CA LEU K 254 60.44 -50.77 -9.54
C LEU K 254 61.64 -50.43 -10.41
N GLN K 255 61.39 -50.04 -11.64
CA GLN K 255 62.44 -49.60 -12.55
C GLN K 255 62.40 -48.09 -12.71
N HIS K 256 61.78 -47.42 -11.73
CA HIS K 256 61.61 -45.97 -11.80
C HIS K 256 61.39 -45.43 -10.38
N SER K 257 61.66 -44.15 -10.16
CA SER K 257 61.34 -43.55 -8.87
C SER K 257 59.84 -43.35 -8.76
N PRO K 258 59.24 -43.82 -7.65
CA PRO K 258 57.82 -43.59 -7.39
C PRO K 258 57.54 -42.19 -6.86
N LEU K 259 58.58 -41.38 -6.72
CA LEU K 259 58.38 -39.98 -6.35
C LEU K 259 58.47 -39.17 -7.63
N ASP K 260 57.56 -39.49 -8.54
CA ASP K 260 57.53 -38.91 -9.87
C ASP K 260 56.27 -38.07 -10.08
N VAL K 261 55.85 -37.35 -9.04
CA VAL K 261 54.68 -36.48 -9.15
C VAL K 261 55.09 -35.06 -9.53
N VAL K 262 54.70 -34.66 -10.73
CA VAL K 262 55.09 -33.37 -11.28
C VAL K 262 54.16 -32.27 -10.78
N ALA K 263 52.91 -32.65 -10.44
CA ALA K 263 51.92 -31.68 -10.01
C ALA K 263 50.82 -32.38 -9.23
N TRP K 264 50.22 -31.66 -8.29
CA TRP K 264 49.19 -32.25 -7.48
C TRP K 264 48.29 -31.17 -6.91
N HIS K 265 47.06 -31.56 -6.56
CA HIS K 265 46.18 -30.65 -5.84
C HIS K 265 45.28 -31.44 -4.91
N GLY K 266 44.92 -30.83 -3.78
CA GLY K 266 44.06 -31.50 -2.83
C GLY K 266 44.47 -31.25 -1.40
N SER K 267 43.92 -32.06 -0.51
CA SER K 267 44.01 -31.79 0.92
C SER K 267 44.55 -32.96 1.73
N ASN K 268 44.87 -34.07 1.06
CA ASN K 268 45.54 -35.20 1.69
C ASN K 268 47.04 -34.99 1.55
N VAL K 269 47.64 -34.30 2.51
CA VAL K 269 49.00 -33.78 2.36
C VAL K 269 49.88 -34.05 3.57
N PRO K 270 51.18 -34.22 3.35
CA PRO K 270 52.12 -34.27 4.47
C PRO K 270 52.31 -32.84 4.96
N TYR K 271 52.69 -32.68 6.22
CA TYR K 271 52.82 -31.34 6.78
C TYR K 271 53.74 -31.35 7.99
N LYS K 272 54.34 -30.21 8.28
CA LYS K 272 55.14 -30.08 9.49
C LYS K 272 54.64 -28.88 10.28
N TYR K 273 55.04 -28.81 11.54
CA TYR K 273 54.60 -27.75 12.42
C TYR K 273 55.66 -27.51 13.48
N ASP K 274 56.04 -26.25 13.64
CA ASP K 274 57.06 -25.88 14.63
C ASP K 274 56.40 -25.69 15.98
N LEU K 275 56.71 -26.55 16.94
CA LEU K 275 56.09 -26.45 18.26
C LEU K 275 56.37 -25.09 18.95
N ARG K 276 57.41 -24.39 18.54
CA ARG K 276 57.71 -23.11 19.17
C ARG K 276 56.65 -22.06 18.87
N ARG K 277 55.79 -22.32 17.89
CA ARG K 277 54.77 -21.32 17.55
C ARG K 277 53.47 -21.55 18.29
N PHE K 278 53.43 -22.56 19.16
CA PHE K 278 52.19 -22.85 19.87
C PHE K 278 51.69 -21.65 20.70
N ASN K 279 50.47 -21.21 20.44
CA ASN K 279 49.87 -20.13 21.23
C ASN K 279 49.32 -20.69 22.54
N THR K 280 50.20 -20.93 23.48
CA THR K 280 49.88 -21.61 24.72
C THR K 280 48.90 -20.81 25.60
N ILE K 281 47.82 -21.48 26.00
CA ILE K 281 46.77 -20.91 26.84
C ILE K 281 46.84 -21.60 28.20
N GLY K 282 46.56 -20.85 29.27
CA GLY K 282 46.66 -21.40 30.61
C GLY K 282 45.99 -20.53 31.65
N THR K 283 46.24 -20.80 32.92
CA THR K 283 45.62 -19.99 33.95
C THR K 283 46.27 -18.61 34.05
N VAL K 284 45.44 -17.58 34.19
CA VAL K 284 45.94 -16.25 34.50
C VAL K 284 45.36 -15.81 35.83
N SER K 285 45.08 -16.79 36.70
CA SER K 285 44.42 -16.55 37.97
C SER K 285 44.93 -17.49 39.06
N PHE K 286 44.39 -18.70 39.09
CA PHE K 286 44.79 -19.71 40.09
C PHE K 286 44.54 -21.11 39.53
N ASP K 287 44.80 -22.11 40.36
CA ASP K 287 44.63 -23.50 39.95
C ASP K 287 45.53 -23.94 38.78
N HIS K 288 45.29 -25.16 38.30
CA HIS K 288 46.14 -25.80 37.29
C HIS K 288 45.22 -26.44 36.24
N PRO K 289 45.05 -25.78 35.09
CA PRO K 289 44.15 -26.27 34.03
C PRO K 289 44.43 -27.72 33.57
N ASP K 290 43.38 -28.41 33.13
CA ASP K 290 43.50 -29.77 32.60
C ASP K 290 44.45 -29.72 31.40
N PRO K 291 45.36 -30.70 31.31
CA PRO K 291 46.39 -30.68 30.24
C PRO K 291 45.83 -30.83 28.82
N SER K 292 44.55 -31.16 28.70
CA SER K 292 43.89 -31.10 27.39
C SER K 292 44.04 -29.70 26.78
N ILE K 293 44.22 -28.71 27.65
CA ILE K 293 44.27 -27.33 27.17
C ILE K 293 45.53 -27.06 26.32
N PHE K 294 46.48 -28.00 26.37
CA PHE K 294 47.70 -27.93 25.58
C PHE K 294 47.60 -28.79 24.32
N THR K 295 46.38 -29.10 23.87
CA THR K 295 46.21 -29.98 22.71
C THR K 295 46.71 -29.35 21.41
N VAL K 296 47.61 -30.05 20.73
CA VAL K 296 48.12 -29.60 19.45
C VAL K 296 47.32 -30.19 18.29
N LEU K 297 47.14 -31.52 18.34
CA LEU K 297 46.38 -32.26 17.35
C LEU K 297 45.58 -33.35 18.07
N THR K 298 44.44 -33.73 17.47
CA THR K 298 43.58 -34.74 18.06
C THR K 298 43.00 -35.67 16.99
N SER K 299 42.89 -36.95 17.34
CA SER K 299 42.22 -37.94 16.51
C SER K 299 40.96 -38.36 17.26
N PRO K 300 39.78 -38.02 16.70
CA PRO K 300 38.52 -38.34 17.38
C PRO K 300 38.08 -39.78 17.18
N THR K 301 37.12 -40.23 18.00
CA THR K 301 36.37 -41.45 17.72
C THR K 301 34.93 -41.07 17.45
N SER K 302 34.09 -42.10 17.31
CA SER K 302 32.66 -41.88 17.06
C SER K 302 31.98 -41.38 18.33
N VAL K 303 32.62 -41.62 19.47
CA VAL K 303 32.15 -41.08 20.74
C VAL K 303 32.60 -39.63 20.91
N HIS K 304 31.63 -38.72 20.91
CA HIS K 304 31.94 -37.29 20.98
C HIS K 304 32.57 -36.94 22.30
N GLY K 305 33.71 -36.26 22.25
CA GLY K 305 34.41 -35.88 23.47
C GLY K 305 35.52 -36.82 23.88
N MET K 306 35.49 -38.06 23.37
CA MET K 306 36.50 -39.06 23.72
C MET K 306 37.40 -39.36 22.53
N ALA K 307 38.58 -38.78 22.54
CA ALA K 307 39.54 -38.93 21.46
C ALA K 307 40.06 -40.37 21.32
N ASN K 308 40.40 -40.76 20.10
CA ASN K 308 41.30 -41.90 19.88
C ASN K 308 42.66 -41.58 20.53
N MET K 309 43.24 -40.43 20.18
CA MET K 309 44.41 -39.89 20.89
C MET K 309 44.42 -38.37 20.84
N ASP K 310 44.93 -37.76 21.90
CA ASP K 310 45.26 -36.35 21.90
C ASP K 310 46.78 -36.26 21.91
N PHE K 311 47.33 -35.39 21.06
CA PHE K 311 48.76 -35.03 21.10
C PHE K 311 48.89 -33.71 21.85
N VAL K 312 49.41 -33.79 23.06
CA VAL K 312 49.48 -32.64 23.96
C VAL K 312 50.95 -32.27 24.21
N ILE K 313 51.25 -30.98 24.33
CA ILE K 313 52.64 -30.60 24.63
C ILE K 313 52.75 -29.81 25.91
N PHE K 314 53.93 -29.83 26.52
CA PHE K 314 54.19 -29.00 27.69
C PHE K 314 55.35 -28.04 27.39
N PRO K 315 55.01 -26.85 26.84
CA PRO K 315 56.00 -25.93 26.26
C PRO K 315 56.47 -24.87 27.25
N PRO K 316 57.45 -24.07 26.85
CA PRO K 316 57.78 -22.89 27.65
C PRO K 316 56.48 -22.11 27.89
N ARG K 317 56.27 -21.65 29.11
CA ARG K 317 55.00 -21.04 29.49
C ARG K 317 55.12 -20.27 30.82
N TRP K 318 54.34 -19.21 30.95
CA TRP K 318 54.30 -18.45 32.19
C TRP K 318 53.44 -19.15 33.25
N MET K 319 53.98 -19.24 34.46
CA MET K 319 53.25 -19.78 35.60
C MET K 319 52.94 -18.65 36.58
N VAL K 320 51.66 -18.29 36.68
CA VAL K 320 51.25 -17.18 37.55
C VAL K 320 50.20 -17.54 38.62
N ALA K 321 49.69 -18.77 38.60
CA ALA K 321 48.63 -19.15 39.53
C ALA K 321 48.94 -18.75 40.97
N GLU K 322 48.05 -17.97 41.55
CA GLU K 322 48.18 -17.48 42.91
C GLU K 322 47.61 -18.48 43.91
N ASN K 323 48.25 -18.56 45.08
CA ASN K 323 47.82 -19.44 46.15
C ASN K 323 47.47 -20.81 45.61
N THR K 324 48.40 -21.37 44.83
CA THR K 324 48.12 -22.56 44.05
C THR K 324 49.24 -23.59 44.07
N PHE K 325 48.86 -24.87 44.06
CA PHE K 325 49.81 -25.96 43.83
C PHE K 325 50.03 -26.03 42.32
N ARG K 326 51.20 -25.57 41.87
CA ARG K 326 51.43 -25.31 40.44
C ARG K 326 51.82 -26.52 39.59
N PRO K 327 52.42 -27.56 40.20
CA PRO K 327 52.68 -28.78 39.42
C PRO K 327 51.36 -29.55 39.21
N PRO K 328 51.30 -30.43 38.18
CA PRO K 328 50.11 -31.25 37.97
C PRO K 328 49.57 -31.77 39.30
N TRP K 329 48.26 -31.80 39.45
CA TRP K 329 47.67 -32.42 40.63
C TRP K 329 47.87 -33.93 40.60
N PHE K 330 47.85 -34.57 41.76
CA PHE K 330 47.82 -36.02 41.79
C PHE K 330 46.59 -36.49 41.00
N HIS K 331 46.70 -37.62 40.33
CA HIS K 331 45.78 -37.90 39.24
C HIS K 331 45.50 -39.38 38.97
N ARG K 332 44.23 -39.69 38.75
CA ARG K 332 43.82 -40.99 38.24
C ARG K 332 42.89 -40.73 37.06
N ASN K 333 43.06 -41.49 35.98
CA ASN K 333 42.51 -41.11 34.68
C ASN K 333 42.00 -42.33 33.90
N LEU K 334 40.78 -42.24 33.41
CA LEU K 334 40.25 -43.26 32.49
C LEU K 334 41.18 -43.46 31.31
N MET K 335 41.79 -42.37 30.86
CA MET K 335 42.58 -42.39 29.65
C MET K 335 43.96 -42.93 29.95
N ASN K 336 44.75 -43.15 28.91
CA ASN K 336 46.09 -43.72 29.07
C ASN K 336 47.18 -42.75 28.64
N GLU K 337 48.10 -42.47 29.57
CA GLU K 337 49.06 -41.37 29.39
C GLU K 337 50.47 -41.86 29.05
N PHE K 338 50.86 -41.71 27.79
CA PHE K 338 52.24 -41.97 27.40
C PHE K 338 52.97 -40.64 27.19
N MET K 339 54.05 -40.42 27.95
CA MET K 339 54.80 -39.15 27.87
C MET K 339 56.21 -39.29 27.30
N GLY K 340 56.61 -38.28 26.53
CA GLY K 340 57.96 -38.22 26.00
C GLY K 340 58.59 -36.87 26.28
N LEU K 341 59.86 -36.71 25.91
CA LEU K 341 60.57 -35.46 26.15
C LEU K 341 61.52 -35.19 24.99
N ILE K 342 61.38 -34.01 24.40
CA ILE K 342 62.19 -33.61 23.25
C ILE K 342 63.45 -32.92 23.77
N ASN K 343 63.29 -32.04 24.74
CA ASN K 343 64.45 -31.44 25.41
C ASN K 343 64.12 -30.85 26.77
N GLY K 344 65.18 -30.59 27.56
CA GLY K 344 65.02 -30.04 28.89
C GLY K 344 64.42 -31.03 29.88
N ALA K 345 63.64 -30.52 30.80
CA ALA K 345 63.11 -31.34 31.90
C ALA K 345 61.66 -30.99 32.12
N TYR K 346 60.91 -31.97 32.61
CA TYR K 346 59.48 -31.80 32.79
C TYR K 346 59.13 -31.48 34.25
N ASP K 347 58.09 -30.66 34.42
CA ASP K 347 57.85 -29.97 35.69
C ASP K 347 57.38 -30.84 36.85
N ALA K 348 56.90 -32.04 36.54
CA ALA K 348 56.34 -32.93 37.56
C ALA K 348 57.35 -33.95 38.08
N LYS K 349 58.48 -34.08 37.40
CA LYS K 349 59.45 -35.09 37.78
C LYS K 349 60.85 -34.51 37.97
N ALA K 350 61.38 -34.69 39.19
CA ALA K 350 62.68 -34.17 39.58
C ALA K 350 63.87 -34.81 38.84
N GLU K 351 63.88 -36.14 38.73
CA GLU K 351 64.96 -36.86 38.05
C GLU K 351 64.42 -38.11 37.35
N GLY K 352 65.26 -38.73 36.53
CA GLY K 352 64.91 -39.98 35.87
C GLY K 352 64.23 -39.85 34.50
N PHE K 353 63.67 -38.68 34.20
CA PHE K 353 62.93 -38.45 32.97
C PHE K 353 63.74 -37.55 32.03
N LEU K 354 64.36 -38.17 31.04
CA LEU K 354 65.34 -37.48 30.17
C LEU K 354 64.86 -37.40 28.73
N PRO K 355 65.46 -36.49 27.93
CA PRO K 355 65.14 -36.39 26.51
C PRO K 355 65.30 -37.75 25.81
N GLY K 356 64.24 -38.20 25.13
CA GLY K 356 64.23 -39.53 24.54
C GLY K 356 63.73 -40.59 25.51
N GLY K 357 63.51 -40.22 26.77
CA GLY K 357 62.90 -41.12 27.73
C GLY K 357 61.40 -41.23 27.53
N ALA K 358 60.74 -41.99 28.41
CA ALA K 358 59.31 -42.20 28.28
C ALA K 358 58.67 -42.74 29.55
N SER K 359 57.41 -42.35 29.77
CA SER K 359 56.62 -42.91 30.87
C SER K 359 55.25 -43.39 30.40
N LEU K 360 54.73 -44.41 31.08
CA LEU K 360 53.39 -44.89 30.81
C LEU K 360 52.59 -45.05 32.10
N HIS K 361 51.53 -44.25 32.20
CA HIS K 361 50.57 -44.32 33.29
C HIS K 361 49.21 -44.73 32.71
N GLY K 362 48.95 -46.03 32.69
CA GLY K 362 47.71 -46.55 32.12
C GLY K 362 46.47 -46.29 32.96
N VAL K 363 45.34 -46.73 32.43
CA VAL K 363 44.02 -46.45 32.99
C VAL K 363 43.97 -46.67 34.50
N MET K 364 43.54 -45.63 35.20
CA MET K 364 43.36 -45.66 36.66
C MET K 364 44.61 -45.95 37.51
N SER K 365 45.79 -45.91 36.89
CA SER K 365 47.02 -45.90 37.69
C SER K 365 47.17 -44.57 38.44
N ALA K 366 47.53 -44.64 39.72
CA ALA K 366 47.77 -43.44 40.51
C ALA K 366 49.10 -42.77 40.12
N HIS K 367 49.01 -41.59 39.53
CA HIS K 367 50.21 -40.82 39.26
C HIS K 367 50.11 -39.41 39.82
N GLY K 368 51.08 -38.57 39.49
CA GLY K 368 51.18 -37.25 40.08
C GLY K 368 52.63 -36.81 40.23
N PRO K 369 52.87 -35.63 40.80
CA PRO K 369 54.26 -35.19 40.92
C PRO K 369 55.02 -36.07 41.89
N ASP K 370 56.33 -36.26 41.66
CA ASP K 370 57.16 -37.02 42.59
C ASP K 370 57.29 -36.28 43.93
N ALA K 371 57.72 -37.01 44.96
CA ALA K 371 57.77 -36.46 46.32
C ALA K 371 58.58 -35.17 46.42
N GLU K 372 59.72 -35.12 45.73
CA GLU K 372 60.59 -33.94 45.75
C GLU K 372 59.94 -32.70 45.13
N THR K 373 59.38 -32.85 43.92
CA THR K 373 58.69 -31.76 43.26
C THR K 373 57.53 -31.28 44.13
N CYS K 374 56.81 -32.24 44.71
CA CYS K 374 55.65 -31.95 45.54
C CYS K 374 56.03 -31.06 46.75
N GLU K 375 57.03 -31.47 47.52
CA GLU K 375 57.39 -30.73 48.73
C GLU K 375 57.84 -29.29 48.43
N LYS K 376 58.62 -29.13 47.36
CA LYS K 376 59.07 -27.82 46.89
C LYS K 376 57.87 -26.93 46.53
N ALA K 377 56.95 -27.47 45.73
CA ALA K 377 55.78 -26.70 45.28
C ALA K 377 54.91 -26.20 46.44
N ILE K 378 54.78 -27.03 47.47
CA ILE K 378 53.99 -26.65 48.64
C ILE K 378 54.63 -25.49 49.41
N ALA K 379 55.96 -25.46 49.45
CA ALA K 379 56.69 -24.48 50.25
C ALA K 379 56.95 -23.18 49.52
N ALA K 380 57.08 -23.26 48.19
CA ALA K 380 57.52 -22.12 47.40
C ALA K 380 56.82 -20.80 47.70
N ASP K 381 57.56 -19.70 47.59
CA ASP K 381 56.96 -18.37 47.66
C ASP K 381 56.59 -17.98 46.24
N LEU K 382 55.29 -17.87 45.98
CA LEU K 382 54.78 -17.79 44.61
C LEU K 382 54.92 -16.42 43.98
N ALA K 383 55.44 -16.39 42.77
CA ALA K 383 55.49 -15.17 41.98
C ALA K 383 55.48 -15.61 40.53
N PRO K 384 55.17 -14.69 39.60
CA PRO K 384 55.28 -15.04 38.19
C PRO K 384 56.60 -15.76 37.89
N HIS K 385 56.50 -16.91 37.20
CA HIS K 385 57.66 -17.72 36.87
C HIS K 385 57.53 -18.27 35.45
N LYS K 386 58.51 -17.99 34.60
CA LYS K 386 58.50 -18.50 33.25
C LYS K 386 59.24 -19.84 33.20
N ILE K 387 58.50 -20.90 32.86
CA ILE K 387 59.12 -22.16 32.47
C ILE K 387 59.65 -21.99 31.06
N ASP K 388 60.87 -22.47 30.82
CA ASP K 388 61.54 -22.22 29.55
C ASP K 388 62.54 -23.35 29.24
N ASN K 389 63.00 -23.42 27.99
CA ASN K 389 64.03 -24.39 27.61
C ASN K 389 63.60 -25.83 27.88
N THR K 390 62.36 -26.13 27.57
CA THR K 390 61.82 -27.46 27.78
C THR K 390 60.74 -27.71 26.76
N MET K 391 60.60 -28.98 26.39
CA MET K 391 59.48 -29.40 25.57
C MET K 391 59.20 -30.88 25.83
N ALA K 392 58.18 -31.12 26.66
CA ALA K 392 57.68 -32.47 26.88
C ALA K 392 56.36 -32.59 26.13
N PHE K 393 55.80 -33.80 26.10
CA PHE K 393 54.55 -34.03 25.39
C PHE K 393 53.93 -35.32 25.86
N MET K 394 52.66 -35.51 25.51
CA MET K 394 51.94 -36.73 25.83
C MET K 394 51.18 -37.24 24.62
N PHE K 395 51.12 -38.55 24.48
CA PHE K 395 50.19 -39.20 23.58
C PHE K 395 49.16 -39.78 24.54
N GLU K 396 47.97 -39.17 24.64
CA GLU K 396 46.94 -39.71 25.51
C GLU K 396 45.92 -40.51 24.69
N THR K 397 45.70 -41.78 25.04
CA THR K 397 44.79 -42.62 24.25
C THR K 397 43.64 -43.16 25.10
N SER K 398 42.45 -43.29 24.49
CA SER K 398 41.29 -43.80 25.24
C SER K 398 41.42 -45.31 25.49
N GLN K 399 41.90 -46.06 24.50
CA GLN K 399 42.17 -47.49 24.66
C GLN K 399 43.47 -47.73 25.44
N VAL K 400 43.54 -48.79 26.24
CA VAL K 400 44.75 -48.98 27.01
C VAL K 400 45.93 -49.32 26.10
N LEU K 401 47.10 -48.86 26.53
CA LEU K 401 48.32 -49.11 25.80
C LEU K 401 49.00 -50.33 26.44
N ARG K 402 49.15 -51.39 25.65
CA ARG K 402 49.86 -52.60 26.07
C ARG K 402 51.33 -52.49 25.68
N PRO K 403 52.21 -52.40 26.68
CA PRO K 403 53.65 -52.40 26.38
C PRO K 403 54.07 -53.67 25.61
N SER K 404 54.92 -53.51 24.59
CA SER K 404 55.42 -54.66 23.85
C SER K 404 56.31 -55.52 24.73
N LEU K 405 56.52 -56.76 24.31
CA LEU K 405 57.48 -57.62 25.01
C LEU K 405 58.88 -57.00 24.98
N GLN K 406 59.27 -56.45 23.83
CA GLN K 406 60.55 -55.75 23.74
C GLN K 406 60.66 -54.65 24.79
N ALA K 407 59.57 -53.91 24.98
CA ALA K 407 59.61 -52.79 25.92
C ALA K 407 59.70 -53.25 27.37
N LEU K 408 59.02 -54.35 27.70
CA LEU K 408 59.05 -54.84 29.08
C LEU K 408 60.40 -55.48 29.40
N GLU K 409 61.10 -55.93 28.37
CA GLU K 409 62.40 -56.59 28.52
C GLU K 409 63.55 -55.65 28.16
N CYS K 410 63.25 -54.38 27.98
CA CYS K 410 64.23 -53.37 27.61
C CYS K 410 65.24 -53.19 28.75
N PRO K 411 66.54 -53.10 28.42
CA PRO K 411 67.53 -52.73 29.43
C PRO K 411 67.27 -51.31 29.93
N GLN K 412 66.63 -50.50 29.09
CA GLN K 412 66.35 -49.11 29.43
C GLN K 412 65.15 -48.91 30.37
N LEU K 413 64.38 -49.97 30.60
CA LEU K 413 63.23 -49.89 31.52
C LEU K 413 63.71 -49.70 32.94
N GLN K 414 63.19 -48.70 33.62
CA GLN K 414 63.67 -48.40 34.96
C GLN K 414 63.07 -49.34 35.97
N ALA K 415 63.92 -49.85 36.86
CA ALA K 415 63.57 -50.90 37.80
C ALA K 415 62.76 -50.42 39.01
N ASP K 416 62.97 -49.18 39.43
CA ASP K 416 62.28 -48.69 40.62
C ASP K 416 61.60 -47.33 40.45
N TYR K 417 60.81 -47.21 39.39
CA TYR K 417 60.07 -45.97 39.12
C TYR K 417 59.20 -45.59 40.31
N ASP K 418 58.56 -46.59 40.94
CA ASP K 418 57.63 -46.34 42.04
C ASP K 418 58.27 -45.62 43.23
N SER K 419 59.56 -45.86 43.45
CA SER K 419 60.24 -45.27 44.60
C SER K 419 60.21 -43.75 44.56
N CYS K 420 60.03 -43.19 43.37
CA CYS K 420 60.00 -41.74 43.23
C CYS K 420 58.87 -41.09 44.05
N TRP K 421 57.87 -41.89 44.43
CA TRP K 421 56.76 -41.41 45.27
C TRP K 421 56.88 -41.91 46.70
N ALA K 422 57.80 -42.84 46.93
CA ALA K 422 57.88 -43.56 48.20
C ALA K 422 58.02 -42.69 49.45
N THR K 423 58.54 -41.48 49.29
CA THR K 423 58.76 -40.61 50.44
C THR K 423 57.65 -39.58 50.71
N LEU K 424 56.59 -39.60 49.92
CA LEU K 424 55.43 -38.74 50.17
C LEU K 424 54.94 -38.82 51.62
N PRO K 425 54.98 -37.69 52.36
CA PRO K 425 54.62 -37.70 53.78
C PRO K 425 53.15 -37.37 54.02
N SER K 426 52.62 -37.82 55.15
CA SER K 426 51.34 -37.33 55.63
C SER K 426 51.56 -36.03 56.37
N THR K 427 50.80 -35.00 56.03
CA THR K 427 50.92 -33.72 56.72
C THR K 427 49.57 -33.34 57.31
N PHE K 428 48.75 -34.36 57.58
CA PHE K 428 47.39 -34.15 58.06
C PHE K 428 47.37 -33.75 59.53
N ASN K 429 46.63 -32.69 59.83
CA ASN K 429 46.40 -32.27 61.21
C ASN K 429 44.93 -31.95 61.39
N PRO K 430 44.17 -32.89 61.97
CA PRO K 430 42.72 -32.69 62.07
C PRO K 430 42.35 -31.53 62.99
N ASN K 431 43.31 -31.02 63.76
CA ASN K 431 43.03 -29.93 64.68
C ASN K 431 43.25 -28.54 64.10
N ARG K 432 43.94 -28.46 62.97
CA ARG K 432 44.28 -27.16 62.38
C ARG K 432 43.89 -27.09 60.91
N ARG K 433 42.86 -26.31 60.61
CA ARG K 433 42.38 -26.15 59.23
C ARG K 433 43.37 -25.33 58.40
N LEU L 9 3.78 -65.08 -8.45
CA LEU L 9 4.11 -64.52 -7.14
C LEU L 9 3.74 -63.04 -7.01
N HIS L 10 3.04 -62.70 -5.95
CA HIS L 10 2.68 -61.30 -5.70
C HIS L 10 3.64 -60.68 -4.70
N TYR L 11 3.71 -59.34 -4.71
CA TYR L 11 4.66 -58.62 -3.88
C TYR L 11 4.07 -57.31 -3.38
N LEU L 12 4.64 -56.80 -2.28
CA LEU L 12 4.33 -55.48 -1.75
C LEU L 12 5.53 -54.56 -2.02
N SER L 13 5.28 -53.33 -2.48
CA SER L 13 6.37 -52.43 -2.84
C SER L 13 6.62 -51.28 -1.84
N GLY L 14 7.86 -50.81 -1.80
CA GLY L 14 8.20 -49.61 -1.04
C GLY L 14 9.21 -49.83 0.07
N PHE L 15 10.49 -49.59 -0.22
CA PHE L 15 11.56 -49.81 0.75
C PHE L 15 11.27 -49.12 2.07
N GLY L 16 11.39 -49.86 3.16
CA GLY L 16 11.23 -49.30 4.49
C GLY L 16 9.79 -49.18 5.00
N ASN L 17 8.82 -49.61 4.20
CA ASN L 17 7.41 -49.46 4.59
C ASN L 17 7.04 -50.31 5.80
N GLU L 18 6.02 -49.87 6.53
CA GLU L 18 5.31 -50.75 7.44
C GLU L 18 4.30 -51.50 6.58
N PHE L 19 4.56 -52.79 6.32
CA PHE L 19 3.68 -53.58 5.47
C PHE L 19 2.70 -54.39 6.31
N ALA L 20 1.64 -54.88 5.67
CA ALA L 20 0.69 -55.78 6.35
C ALA L 20 0.17 -56.83 5.37
N SER L 21 0.24 -58.10 5.75
CA SER L 21 -0.18 -59.17 4.85
C SER L 21 -0.80 -60.34 5.60
N GLU L 22 -1.92 -60.87 5.10
CA GLU L 22 -2.58 -62.04 5.71
C GLU L 22 -2.98 -63.08 4.67
N ALA L 23 -2.76 -64.36 5.02
CA ALA L 23 -3.03 -65.45 4.10
C ALA L 23 -4.45 -65.96 4.33
N LEU L 24 -5.05 -65.58 5.45
CA LEU L 24 -6.46 -65.80 5.69
C LEU L 24 -7.09 -64.45 6.02
N PRO L 25 -8.36 -64.28 5.65
CA PRO L 25 -9.02 -63.00 5.94
C PRO L 25 -9.20 -62.83 7.44
N GLY L 26 -8.82 -61.67 7.96
CA GLY L 26 -8.97 -61.41 9.39
C GLY L 26 -7.88 -62.00 10.25
N ALA L 27 -6.91 -62.69 9.65
CA ALA L 27 -5.84 -63.31 10.44
C ALA L 27 -5.00 -62.28 11.22
N LEU L 28 -4.79 -61.10 10.63
CA LEU L 28 -4.14 -60.00 11.35
C LEU L 28 -5.12 -59.41 12.35
N PRO L 29 -4.69 -59.29 13.62
CA PRO L 29 -5.53 -58.65 14.64
C PRO L 29 -5.76 -57.18 14.29
N VAL L 30 -6.99 -56.71 14.47
CA VAL L 30 -7.33 -55.32 14.17
C VAL L 30 -7.26 -54.44 15.41
N GLY L 31 -6.43 -53.41 15.34
CA GLY L 31 -6.37 -52.41 16.40
C GLY L 31 -5.39 -52.68 17.51
N GLN L 32 -4.69 -53.81 17.46
CA GLN L 32 -3.73 -54.16 18.50
C GLN L 32 -2.83 -55.26 17.98
N ASN L 33 -1.76 -55.55 18.70
CA ASN L 33 -0.80 -56.58 18.28
C ASN L 33 -0.94 -57.90 19.04
N SER L 34 -1.48 -57.85 20.26
CA SER L 34 -1.43 -59.00 21.15
C SER L 34 -2.77 -59.35 21.79
N PRO L 35 -3.76 -59.69 20.96
CA PRO L 35 -5.07 -60.10 21.51
C PRO L 35 -4.96 -61.32 22.43
N GLN L 36 -5.85 -61.46 23.40
CA GLN L 36 -5.79 -62.63 24.29
C GLN L 36 -6.04 -63.90 23.48
N LYS L 37 -7.11 -63.87 22.70
CA LYS L 37 -7.42 -64.96 21.79
C LYS L 37 -7.24 -64.46 20.37
N ALA L 38 -6.15 -64.85 19.73
CA ALA L 38 -5.81 -64.36 18.40
C ALA L 38 -6.64 -65.05 17.34
N PRO L 39 -6.96 -64.32 16.27
CA PRO L 39 -7.67 -64.89 15.12
C PRO L 39 -7.12 -66.26 14.71
N TYR L 40 -8.03 -67.21 14.55
CA TYR L 40 -7.68 -68.55 14.09
C TYR L 40 -6.86 -69.34 15.11
N GLY L 41 -6.72 -68.79 16.32
CA GLY L 41 -5.97 -69.48 17.35
C GLY L 41 -4.47 -69.48 17.10
N LEU L 42 -3.99 -68.51 16.32
CA LEU L 42 -2.56 -68.35 16.03
C LEU L 42 -1.77 -67.80 17.23
N TYR L 43 -0.44 -67.90 17.16
CA TYR L 43 0.43 -67.33 18.18
C TYR L 43 1.07 -66.02 17.68
N ALA L 44 1.10 -65.00 18.52
CA ALA L 44 1.74 -63.75 18.16
C ALA L 44 3.24 -63.84 18.49
N GLU L 45 4.09 -63.43 17.56
CA GLU L 45 5.52 -63.48 17.80
C GLU L 45 6.17 -62.21 17.25
N LEU L 46 6.97 -61.56 18.06
CA LEU L 46 7.67 -60.36 17.63
C LEU L 46 9.13 -60.68 17.25
N LEU L 47 9.51 -60.30 16.04
CA LEU L 47 10.91 -60.40 15.62
C LEU L 47 11.51 -59.00 15.57
N SER L 48 12.37 -58.71 16.54
CA SER L 48 12.95 -57.38 16.68
C SER L 48 14.32 -57.38 16.02
N GLY L 49 14.40 -56.76 14.84
CA GLY L 49 15.64 -56.75 14.07
C GLY L 49 16.62 -55.69 14.55
N THR L 50 16.12 -54.75 15.36
CA THR L 50 16.96 -53.71 15.96
C THR L 50 16.58 -53.55 17.42
N ALA L 51 17.41 -52.86 18.19
CA ALA L 51 17.08 -52.57 19.58
C ALA L 51 15.74 -51.85 19.62
N PHE L 52 14.98 -52.03 20.70
CA PHE L 52 13.64 -51.46 20.84
C PHE L 52 13.67 -49.94 20.65
N THR L 53 14.78 -49.35 21.07
CA THR L 53 14.88 -47.91 21.26
C THR L 53 15.52 -47.14 20.10
N MET L 54 15.65 -47.78 18.94
CA MET L 54 16.20 -47.06 17.78
C MET L 54 15.26 -45.90 17.47
N ALA L 55 15.76 -44.90 16.78
CA ALA L 55 14.87 -43.87 16.28
C ALA L 55 14.00 -44.54 15.23
N ARG L 56 12.75 -44.10 15.12
CA ARG L 56 11.80 -44.75 14.23
C ARG L 56 12.32 -44.96 12.81
N SER L 57 13.11 -44.02 12.31
CA SER L 57 13.63 -44.15 10.96
C SER L 57 14.56 -45.37 10.86
N GLU L 58 15.08 -45.81 12.00
CA GLU L 58 16.07 -46.88 12.03
C GLU L 58 15.49 -48.19 12.56
N LEU L 59 14.20 -48.18 12.87
CA LEU L 59 13.53 -49.32 13.49
C LEU L 59 13.27 -50.43 12.48
N ARG L 60 13.51 -51.68 12.89
CA ARG L 60 13.10 -52.84 12.08
C ARG L 60 12.50 -53.93 12.97
N ARG L 61 11.18 -54.11 12.88
CA ARG L 61 10.51 -55.15 13.66
C ARG L 61 9.27 -55.67 12.94
N THR L 62 8.99 -56.95 13.09
CA THR L 62 7.85 -57.57 12.43
C THR L 62 7.06 -58.46 13.40
N TRP L 63 5.75 -58.29 13.41
CA TRP L 63 4.86 -59.12 14.22
C TRP L 63 4.39 -60.28 13.36
N LEU L 64 4.49 -61.49 13.90
CA LEU L 64 4.15 -62.70 13.17
C LEU L 64 2.97 -63.38 13.85
N TYR L 65 2.01 -63.84 13.08
CA TYR L 65 0.92 -64.64 13.63
C TYR L 65 0.99 -66.04 13.05
N ARG L 66 1.51 -66.96 13.86
CA ARG L 66 1.92 -68.28 13.38
C ARG L 66 1.27 -69.42 14.12
N ILE L 67 1.34 -70.62 13.52
CA ILE L 67 0.68 -71.81 14.02
C ILE L 67 1.40 -72.40 15.23
N ARG L 68 2.73 -72.33 15.23
CA ARG L 68 3.50 -72.70 16.40
C ARG L 68 4.62 -71.70 16.62
N PRO L 69 4.82 -71.27 17.89
CA PRO L 69 5.88 -70.32 18.26
C PRO L 69 7.24 -70.88 17.88
N SER L 70 8.18 -70.01 17.51
CA SER L 70 9.53 -70.44 17.19
C SER L 70 10.20 -71.12 18.38
N ALA L 71 9.76 -70.78 19.58
CA ALA L 71 10.32 -71.33 20.82
C ALA L 71 10.14 -72.84 20.95
N LEU L 72 9.20 -73.39 20.19
CA LEU L 72 8.94 -74.83 20.22
C LEU L 72 9.97 -75.57 19.39
N HIS L 73 11.08 -75.91 20.04
CA HIS L 73 12.17 -76.60 19.39
C HIS L 73 13.05 -77.24 20.44
N PRO L 74 13.68 -78.36 20.09
CA PRO L 74 14.60 -79.07 20.97
C PRO L 74 16.00 -78.49 20.86
N ARG L 75 16.93 -79.01 21.66
CA ARG L 75 18.28 -78.51 21.74
C ARG L 75 18.98 -78.49 20.38
N PHE L 76 19.63 -77.39 20.04
CA PHE L 76 20.43 -77.36 18.82
C PHE L 76 21.73 -78.15 19.05
N GLU L 77 22.13 -78.95 18.06
CA GLU L 77 23.39 -79.67 18.11
C GLU L 77 24.29 -79.21 16.96
N ARG L 78 25.59 -79.24 17.19
CA ARG L 78 26.58 -78.82 16.21
C ARG L 78 26.74 -79.84 15.08
N LEU L 79 26.55 -79.41 13.83
CA LEU L 79 26.77 -80.32 12.72
C LEU L 79 28.26 -80.63 12.57
N ALA L 80 28.56 -81.80 12.01
CA ALA L 80 29.94 -82.13 11.69
C ALA L 80 30.39 -81.42 10.40
N ARG L 81 29.47 -81.27 9.45
CA ARG L 81 29.78 -80.54 8.20
C ARG L 81 29.77 -79.03 8.45
N GLN L 82 30.94 -78.40 8.30
CA GLN L 82 31.11 -76.98 8.57
C GLN L 82 31.82 -76.24 7.44
N PRO L 83 31.05 -75.73 6.45
CA PRO L 83 31.69 -75.11 5.29
C PRO L 83 32.48 -73.83 5.60
N LEU L 84 32.20 -73.16 6.72
CA LEU L 84 32.89 -71.90 7.00
C LEU L 84 33.89 -72.05 8.15
N GLY L 85 34.25 -73.28 8.48
CA GLY L 85 35.18 -73.52 9.58
C GLY L 85 36.64 -73.27 9.25
N GLY L 86 36.95 -73.07 7.98
CA GLY L 86 38.34 -72.88 7.56
C GLY L 86 39.02 -71.65 8.13
N PRO L 87 40.36 -71.69 8.25
CA PRO L 87 41.12 -70.58 8.84
C PRO L 87 41.26 -69.35 7.94
N LEU L 88 41.51 -68.21 8.56
CA LEU L 88 41.90 -67.02 7.82
C LEU L 88 43.22 -67.31 7.12
N GLY L 89 43.40 -66.70 5.96
CA GLY L 89 44.68 -66.78 5.27
C GLY L 89 45.73 -65.97 6.01
N GLY L 90 46.98 -66.07 5.53
CA GLY L 90 48.05 -65.26 6.05
C GLY L 90 47.92 -63.83 5.58
N ILE L 91 48.69 -62.95 6.21
CA ILE L 91 48.78 -61.56 5.79
C ILE L 91 49.23 -61.51 4.34
N ASN L 92 48.52 -60.74 3.52
CA ASN L 92 48.89 -60.57 2.12
C ASN L 92 48.27 -59.30 1.53
N PRO L 93 49.13 -58.31 1.23
CA PRO L 93 48.67 -56.99 0.78
C PRO L 93 48.49 -56.91 -0.73
N ASN L 94 48.79 -58.00 -1.43
CA ASN L 94 48.75 -57.99 -2.89
C ASN L 94 47.38 -57.78 -3.54
N ARG L 95 47.38 -57.29 -4.77
CA ARG L 95 46.14 -57.16 -5.53
C ARG L 95 45.73 -58.55 -6.01
N LEU L 96 44.48 -58.95 -5.75
CA LEU L 96 44.07 -60.33 -6.03
C LEU L 96 42.93 -60.43 -7.04
N ARG L 97 43.03 -61.40 -7.94
CA ARG L 97 41.96 -61.69 -8.87
C ARG L 97 41.71 -63.18 -8.99
N TRP L 98 40.46 -63.57 -8.78
CA TRP L 98 40.07 -64.98 -8.91
C TRP L 98 39.23 -65.20 -10.15
N SER L 99 39.41 -66.37 -10.76
CA SER L 99 38.58 -66.79 -11.87
C SER L 99 37.27 -67.30 -11.26
N PRO L 100 36.29 -67.59 -12.10
CA PRO L 100 35.01 -68.06 -11.56
C PRO L 100 35.19 -69.36 -10.80
N GLN L 101 34.37 -69.55 -9.78
CA GLN L 101 34.43 -70.72 -8.94
C GLN L 101 33.59 -71.84 -9.54
N PRO L 102 34.19 -73.01 -9.75
CA PRO L 102 33.41 -74.16 -10.24
C PRO L 102 32.43 -74.67 -9.21
N ILE L 103 31.22 -74.97 -9.67
CA ILE L 103 30.25 -75.66 -8.85
C ILE L 103 30.85 -77.01 -8.44
N PRO L 104 30.76 -77.38 -7.15
CA PRO L 104 31.30 -78.67 -6.71
C PRO L 104 30.44 -79.83 -7.19
N ALA L 105 30.99 -81.04 -7.17
CA ALA L 105 30.27 -82.25 -7.59
C ALA L 105 29.54 -82.89 -6.42
N GLU L 106 30.15 -82.87 -5.24
CA GLU L 106 29.49 -83.39 -4.02
C GLU L 106 28.16 -82.72 -3.79
N PRO L 107 27.16 -83.47 -3.29
CA PRO L 107 25.84 -82.90 -3.00
C PRO L 107 25.96 -81.68 -2.09
N THR L 108 25.43 -80.55 -2.54
CA THR L 108 25.68 -79.28 -1.85
C THR L 108 24.53 -78.32 -2.05
N ASP L 109 23.79 -78.03 -1.00
CA ASP L 109 22.72 -77.03 -1.09
C ASP L 109 23.25 -75.60 -0.84
N PHE L 110 22.34 -74.65 -0.76
CA PHE L 110 22.69 -73.23 -0.68
C PHE L 110 23.58 -72.90 0.51
N ILE L 111 23.22 -73.37 1.70
CA ILE L 111 23.98 -73.02 2.87
C ILE L 111 25.27 -73.82 2.97
N GLU L 112 25.31 -74.98 2.31
CA GLU L 112 26.50 -75.81 2.34
C GLU L 112 27.58 -75.32 1.39
N GLY L 113 27.18 -74.53 0.41
CA GLY L 113 28.07 -74.14 -0.67
C GLY L 113 28.71 -72.77 -0.58
N TRP L 114 28.70 -72.18 0.63
CA TRP L 114 29.36 -70.89 0.80
C TRP L 114 30.89 -71.02 0.81
N LEU L 115 31.52 -70.43 -0.18
CA LEU L 115 32.98 -70.34 -0.20
C LEU L 115 33.41 -68.99 0.41
N PRO L 116 34.04 -69.02 1.59
CA PRO L 116 34.52 -67.78 2.20
C PRO L 116 35.60 -67.15 1.34
N MET L 117 35.37 -65.96 0.82
CA MET L 117 36.36 -65.28 -0.03
C MET L 117 37.26 -64.32 0.76
N ALA L 118 36.66 -63.37 1.47
CA ALA L 118 37.40 -62.47 2.34
C ALA L 118 36.44 -61.90 3.36
N ALA L 119 36.96 -61.55 4.54
CA ALA L 119 36.11 -61.07 5.62
C ALA L 119 36.89 -60.17 6.57
N ASN L 120 36.18 -59.20 7.13
CA ASN L 120 36.75 -58.28 8.09
C ASN L 120 37.23 -58.96 9.36
N ALA L 121 36.63 -60.10 9.71
CA ALA L 121 36.99 -60.78 10.95
C ALA L 121 36.85 -62.29 10.86
N GLY L 122 37.48 -63.00 11.80
CA GLY L 122 37.32 -64.44 11.87
C GLY L 122 35.84 -64.79 12.02
N ALA L 123 35.43 -65.87 11.38
CA ALA L 123 34.03 -66.28 11.39
C ALA L 123 33.46 -66.43 12.80
N GLU L 124 34.31 -66.76 13.77
CA GLU L 124 33.85 -67.01 15.14
C GLU L 124 33.65 -65.72 15.94
N LYS L 125 34.08 -64.59 15.36
CA LYS L 125 33.86 -63.29 15.98
C LYS L 125 33.38 -62.29 14.93
N PRO L 126 32.20 -62.54 14.38
CA PRO L 126 31.71 -61.76 13.23
C PRO L 126 31.61 -60.26 13.52
N ALA L 127 32.04 -59.47 12.55
CA ALA L 127 31.95 -58.02 12.64
C ALA L 127 32.15 -57.42 11.24
N GLY L 128 31.62 -56.22 11.03
CA GLY L 128 31.66 -55.61 9.72
C GLY L 128 30.99 -56.46 8.65
N VAL L 129 31.80 -56.93 7.71
CA VAL L 129 31.29 -57.69 6.55
C VAL L 129 32.10 -58.97 6.29
N SER L 130 31.39 -60.05 5.93
CA SER L 130 31.99 -61.30 5.46
C SER L 130 31.50 -61.57 4.04
N ILE L 131 32.42 -61.87 3.13
CA ILE L 131 32.07 -62.08 1.73
C ILE L 131 32.33 -63.52 1.31
N TYR L 132 31.31 -64.12 0.67
CA TYR L 132 31.38 -65.48 0.16
C TYR L 132 30.95 -65.52 -1.29
N ILE L 133 31.34 -66.59 -1.99
CA ILE L 133 30.73 -66.97 -3.26
C ILE L 133 29.97 -68.29 -3.05
N TYR L 134 28.69 -68.32 -3.41
CA TYR L 134 27.95 -69.56 -3.21
C TYR L 134 27.87 -70.39 -4.48
N ARG L 135 28.00 -71.71 -4.34
CA ARG L 135 27.74 -72.66 -5.41
C ARG L 135 26.90 -73.80 -4.84
N ALA L 136 25.86 -74.17 -5.56
CA ALA L 136 24.90 -75.14 -5.06
C ALA L 136 24.43 -76.03 -6.20
N ASN L 137 24.19 -77.30 -5.91
CA ASN L 137 23.69 -78.23 -6.91
C ASN L 137 22.45 -78.99 -6.43
N ARG L 138 21.93 -78.59 -5.27
CA ARG L 138 20.75 -79.22 -4.69
C ARG L 138 19.85 -78.15 -4.11
N SER L 139 18.54 -78.36 -4.17
CA SER L 139 17.62 -77.53 -3.41
C SER L 139 17.72 -77.88 -1.94
N MET L 140 17.46 -76.90 -1.08
CA MET L 140 17.50 -77.13 0.34
C MET L 140 16.33 -78.00 0.77
N GLU L 141 16.64 -79.03 1.55
CA GLU L 141 15.63 -79.89 2.15
C GLU L 141 15.69 -79.66 3.64
N ARG L 142 15.53 -78.40 4.04
CA ARG L 142 15.52 -78.00 5.43
C ARG L 142 15.34 -76.48 5.50
N VAL L 143 15.24 -75.96 6.72
CA VAL L 143 15.04 -74.53 6.91
C VAL L 143 16.22 -73.94 7.68
N PHE L 144 16.52 -72.66 7.43
CA PHE L 144 17.77 -72.06 7.91
C PHE L 144 17.59 -70.61 8.36
N PHE L 145 18.27 -70.23 9.44
CA PHE L 145 18.43 -68.82 9.73
C PHE L 145 19.85 -68.43 10.15
N ASN L 146 20.23 -67.20 9.84
CA ASN L 146 21.55 -66.69 10.15
C ASN L 146 21.46 -65.74 11.33
N ALA L 147 22.02 -66.19 12.46
CA ALA L 147 22.04 -65.36 13.66
C ALA L 147 23.16 -64.30 13.63
N ASP L 148 24.08 -64.40 12.67
CA ASP L 148 25.29 -63.54 12.65
C ASP L 148 25.12 -62.27 11.81
N GLY L 149 24.07 -62.20 11.01
CA GLY L 149 23.89 -61.02 10.19
C GLY L 149 22.85 -61.08 9.10
N GLU L 150 22.67 -59.94 8.44
CA GLU L 150 21.79 -59.76 7.30
C GLU L 150 22.48 -60.31 6.06
N LEU L 151 21.71 -60.89 5.15
CA LEU L 151 22.32 -61.45 3.94
C LEU L 151 21.91 -60.73 2.66
N LEU L 152 22.91 -60.28 1.89
CA LEU L 152 22.66 -59.68 0.59
C LEU L 152 23.07 -60.69 -0.47
N LEU L 153 22.11 -61.14 -1.27
CA LEU L 153 22.38 -62.17 -2.29
C LEU L 153 22.48 -61.57 -3.68
N VAL L 154 23.54 -61.91 -4.40
CA VAL L 154 23.74 -61.37 -5.74
C VAL L 154 23.96 -62.52 -6.72
N PRO L 155 22.87 -63.09 -7.25
CA PRO L 155 22.88 -64.23 -8.18
C PRO L 155 23.71 -63.93 -9.43
N GLU L 156 24.45 -64.92 -9.90
CA GLU L 156 25.20 -64.75 -11.14
C GLU L 156 24.83 -65.81 -12.19
N GLN L 157 24.57 -67.03 -11.73
CA GLN L 157 24.05 -68.09 -12.59
C GLN L 157 22.89 -68.80 -11.91
N GLY L 158 21.75 -68.87 -12.59
CA GLY L 158 20.66 -69.69 -12.06
C GLY L 158 19.69 -68.96 -11.14
N ARG L 159 18.43 -69.36 -11.20
CA ARG L 159 17.36 -68.70 -10.47
C ARG L 159 17.10 -69.35 -9.11
N LEU L 160 16.75 -68.50 -8.15
CA LEU L 160 16.46 -68.97 -6.80
C LEU L 160 14.98 -68.77 -6.48
N ARG L 161 14.37 -69.78 -5.89
CA ARG L 161 13.09 -69.61 -5.25
C ARG L 161 13.30 -69.64 -3.75
N ILE L 162 13.19 -68.49 -3.11
CA ILE L 162 13.47 -68.37 -1.68
C ILE L 162 12.18 -68.28 -0.86
N ALA L 163 11.90 -69.32 -0.09
CA ALA L 163 10.73 -69.32 0.74
C ALA L 163 11.12 -68.78 2.10
N THR L 164 10.51 -67.66 2.50
CA THR L 164 10.80 -67.09 3.81
C THR L 164 9.57 -67.14 4.71
N GLU L 165 9.76 -66.91 6.00
CA GLU L 165 8.64 -66.88 6.94
C GLU L 165 7.56 -65.91 6.50
N LEU L 166 7.93 -64.88 5.72
CA LEU L 166 7.00 -63.82 5.36
C LEU L 166 6.41 -64.03 3.97
N GLY L 167 6.82 -65.12 3.30
CA GLY L 167 6.39 -65.34 1.94
C GLY L 167 7.52 -65.76 1.01
N VAL L 168 7.16 -66.03 -0.23
CA VAL L 168 8.09 -66.60 -1.20
C VAL L 168 8.50 -65.57 -2.21
N MET L 169 9.79 -65.47 -2.47
CA MET L 169 10.30 -64.63 -3.54
C MET L 169 11.22 -65.40 -4.48
N GLU L 170 11.30 -64.95 -5.72
CA GLU L 170 12.15 -65.56 -6.73
C GLU L 170 13.11 -64.50 -7.25
N VAL L 171 14.37 -64.87 -7.38
CA VAL L 171 15.42 -63.95 -7.80
C VAL L 171 16.27 -64.56 -8.90
N GLU L 172 16.61 -63.75 -9.90
CA GLU L 172 17.49 -64.19 -10.97
C GLU L 172 18.69 -63.25 -11.10
N PRO L 173 19.72 -63.69 -11.83
CA PRO L 173 20.83 -62.78 -12.08
C PRO L 173 20.36 -61.43 -12.61
N LEU L 174 20.99 -60.36 -12.12
CA LEU L 174 20.62 -58.97 -12.39
C LEU L 174 19.58 -58.46 -11.41
N GLU L 175 19.11 -59.35 -10.52
CA GLU L 175 18.33 -58.92 -9.37
C GLU L 175 19.17 -59.20 -8.12
N ILE L 176 18.83 -58.54 -7.01
CA ILE L 176 19.43 -58.85 -5.72
C ILE L 176 18.33 -59.11 -4.71
N ALA L 177 18.66 -59.81 -3.63
CA ALA L 177 17.71 -60.04 -2.54
C ALA L 177 18.40 -59.91 -1.19
N VAL L 178 17.64 -59.48 -0.18
CA VAL L 178 18.17 -59.32 1.17
C VAL L 178 17.31 -60.12 2.15
N ILE L 179 17.95 -60.91 3.00
CA ILE L 179 17.24 -61.60 4.06
C ILE L 179 17.69 -61.08 5.42
N PRO L 180 16.76 -60.57 6.23
CA PRO L 180 17.12 -60.05 7.56
C PRO L 180 17.74 -61.10 8.47
N ARG L 181 18.60 -60.64 9.38
CA ARG L 181 19.19 -61.50 10.41
C ARG L 181 18.10 -62.27 11.15
N GLY L 182 18.31 -63.57 11.34
CA GLY L 182 17.46 -64.41 12.17
C GLY L 182 16.16 -64.92 11.56
N MET L 183 15.82 -64.40 10.38
CA MET L 183 14.63 -64.86 9.66
C MET L 183 14.88 -66.21 8.99
N LYS L 184 13.94 -67.14 9.13
CA LYS L 184 14.06 -68.48 8.53
C LYS L 184 13.71 -68.49 7.04
N PHE L 185 14.43 -69.30 6.28
CA PHE L 185 14.18 -69.40 4.85
C PHE L 185 14.70 -70.72 4.27
N ARG L 186 14.30 -70.99 3.04
CA ARG L 186 14.66 -72.21 2.35
C ARG L 186 14.91 -71.84 0.89
N VAL L 187 16.05 -72.24 0.35
CA VAL L 187 16.40 -71.89 -1.02
C VAL L 187 16.26 -73.09 -1.95
N GLU L 188 15.32 -72.96 -2.89
CA GLU L 188 15.14 -73.95 -3.94
C GLU L 188 15.79 -73.45 -5.23
N LEU L 189 16.53 -74.32 -5.90
CA LEU L 189 17.17 -74.00 -7.17
C LEU L 189 16.25 -74.37 -8.35
N LEU L 190 15.89 -73.38 -9.16
CA LEU L 190 14.95 -73.61 -10.26
C LEU L 190 15.63 -74.10 -11.54
N ASP L 191 16.94 -73.84 -11.67
CA ASP L 191 17.70 -74.30 -12.82
C ASP L 191 18.60 -75.48 -12.48
N GLY L 192 18.41 -76.06 -11.30
CA GLY L 192 19.15 -77.24 -10.93
C GLY L 192 20.44 -76.91 -10.21
N GLN L 193 21.16 -75.90 -10.71
CA GLN L 193 22.39 -75.46 -10.06
C GLN L 193 22.41 -73.93 -9.94
N ALA L 194 23.26 -73.40 -9.07
CA ALA L 194 23.31 -71.96 -8.84
C ALA L 194 24.66 -71.47 -8.31
N ARG L 195 25.04 -70.27 -8.75
CA ARG L 195 26.26 -69.62 -8.29
C ARG L 195 25.95 -68.13 -8.14
N GLY L 196 26.61 -67.47 -7.19
CA GLY L 196 26.35 -66.07 -6.91
C GLY L 196 27.28 -65.54 -5.84
N TYR L 197 27.11 -64.28 -5.46
CA TYR L 197 27.94 -63.70 -4.41
C TYR L 197 27.07 -63.35 -3.19
N ILE L 198 27.69 -63.37 -2.03
CA ILE L 198 27.03 -62.96 -0.79
C ILE L 198 27.88 -61.93 -0.04
N ALA L 199 27.23 -60.82 0.33
CA ALA L 199 27.74 -59.96 1.38
C ALA L 199 26.94 -60.20 2.63
N GLU L 200 27.56 -60.81 3.63
CA GLU L 200 26.96 -60.99 4.93
C GLU L 200 27.25 -59.78 5.82
N ASN L 201 26.20 -59.00 6.08
CA ASN L 201 26.29 -57.77 6.85
C ASN L 201 26.09 -58.00 8.35
N HIS L 202 27.18 -57.91 9.11
CA HIS L 202 27.13 -58.07 10.58
C HIS L 202 26.83 -56.76 11.30
N GLY L 203 26.71 -55.68 10.54
CA GLY L 203 26.59 -54.35 11.13
C GLY L 203 25.20 -53.74 10.99
N ALA L 204 25.13 -52.41 10.96
CA ALA L 204 23.87 -51.74 10.78
C ALA L 204 23.20 -52.19 9.48
N PRO L 205 21.90 -52.49 9.53
CA PRO L 205 21.15 -52.98 8.36
C PRO L 205 21.33 -52.12 7.10
N LEU L 206 21.43 -52.77 5.94
CA LEU L 206 21.52 -52.07 4.67
C LEU L 206 20.28 -51.18 4.45
N ARG L 207 20.51 -49.98 3.95
CA ARG L 207 19.41 -49.11 3.56
C ARG L 207 19.82 -48.20 2.42
N LEU L 208 18.88 -47.38 1.94
CA LEU L 208 19.16 -46.50 0.81
C LEU L 208 20.11 -45.36 1.22
N PRO L 209 21.01 -44.96 0.31
CA PRO L 209 21.98 -43.93 0.71
C PRO L 209 21.32 -42.55 0.80
N ASP L 210 21.91 -41.65 1.58
CA ASP L 210 21.48 -40.25 1.58
C ASP L 210 21.81 -39.70 0.20
N LEU L 211 20.86 -39.04 -0.44
CA LEU L 211 21.03 -38.62 -1.83
C LEU L 211 21.81 -37.31 -2.06
N GLY L 212 22.05 -36.53 -1.01
CA GLY L 212 22.75 -35.27 -1.19
C GLY L 212 22.05 -34.42 -2.23
N PRO L 213 22.82 -33.77 -3.12
CA PRO L 213 22.21 -32.88 -4.12
C PRO L 213 21.37 -33.64 -5.13
N ILE L 214 21.53 -34.95 -5.20
CA ILE L 214 20.67 -35.77 -6.05
C ILE L 214 19.21 -35.60 -5.64
N GLY L 215 18.99 -35.40 -4.35
CA GLY L 215 17.70 -34.90 -3.87
C GLY L 215 16.69 -35.91 -3.35
N SER L 216 15.58 -36.05 -4.06
CA SER L 216 14.47 -36.87 -3.57
C SER L 216 14.10 -38.04 -4.49
N ASN L 217 14.80 -38.14 -5.63
CA ASN L 217 14.53 -39.18 -6.61
C ASN L 217 15.86 -39.61 -7.23
N GLY L 218 15.95 -40.82 -7.76
CA GLY L 218 17.15 -41.26 -8.46
C GLY L 218 17.86 -42.44 -7.79
N LEU L 219 18.94 -42.90 -8.41
CA LEU L 219 19.61 -44.13 -7.96
C LEU L 219 18.56 -45.23 -7.79
N ALA L 220 18.57 -45.93 -6.67
CA ALA L 220 17.54 -46.95 -6.46
C ALA L 220 16.26 -46.33 -5.91
N ASN L 221 15.20 -46.34 -6.70
CA ASN L 221 13.96 -45.71 -6.25
C ASN L 221 13.20 -46.67 -5.35
N PRO L 222 12.75 -46.16 -4.18
CA PRO L 222 12.15 -47.00 -3.16
C PRO L 222 10.98 -47.87 -3.67
N ARG L 223 10.25 -47.39 -4.68
CA ARG L 223 9.09 -48.12 -5.22
C ARG L 223 9.46 -49.47 -5.85
N ASP L 224 10.75 -49.66 -6.12
CA ASP L 224 11.22 -50.87 -6.81
C ASP L 224 11.68 -52.01 -5.89
N PHE L 225 11.72 -51.77 -4.59
CA PHE L 225 12.01 -52.85 -3.64
C PHE L 225 10.73 -53.64 -3.28
N LEU L 226 10.74 -54.94 -3.59
CA LEU L 226 9.55 -55.77 -3.48
C LEU L 226 9.64 -56.80 -2.35
N THR L 227 8.55 -56.91 -1.59
CA THR L 227 8.47 -57.86 -0.48
C THR L 227 7.32 -58.86 -0.74
N PRO L 228 7.56 -60.16 -0.46
CA PRO L 228 6.54 -61.17 -0.73
C PRO L 228 5.33 -61.04 0.20
N VAL L 229 4.22 -61.66 -0.22
CA VAL L 229 2.99 -61.67 0.57
C VAL L 229 2.96 -62.93 1.45
N ALA L 230 2.19 -62.88 2.53
CA ALA L 230 2.14 -64.00 3.46
C ALA L 230 1.90 -65.34 2.76
N HIS L 231 2.56 -66.39 3.27
CA HIS L 231 2.38 -67.74 2.75
C HIS L 231 2.88 -68.73 3.79
N TYR L 232 2.04 -69.69 4.15
CA TYR L 232 2.38 -70.63 5.20
C TYR L 232 2.26 -72.08 4.76
N GLU L 233 2.91 -72.98 5.50
CA GLU L 233 2.93 -74.42 5.23
C GLU L 233 2.37 -75.20 6.42
N GLU L 234 1.62 -76.24 6.12
CA GLU L 234 1.03 -77.11 7.15
C GLU L 234 1.51 -78.56 7.01
N ALA L 235 2.69 -78.76 6.43
CA ALA L 235 3.21 -80.10 6.26
C ALA L 235 3.88 -80.57 7.54
N GLU L 236 3.31 -81.61 8.15
CA GLU L 236 3.86 -82.19 9.38
C GLU L 236 4.81 -83.33 9.04
N GLY L 237 5.63 -83.74 10.00
CA GLY L 237 6.72 -84.66 9.73
C GLY L 237 8.03 -83.93 9.89
N PRO L 238 9.14 -84.68 10.08
CA PRO L 238 10.40 -84.08 10.51
C PRO L 238 10.92 -83.00 9.57
N VAL L 239 11.39 -81.91 10.15
CA VAL L 239 12.05 -80.85 9.40
C VAL L 239 13.29 -80.43 10.16
N GLN L 240 14.41 -80.32 9.45
CA GLN L 240 15.64 -79.86 10.09
C GLN L 240 15.73 -78.34 10.04
N LEU L 241 15.91 -77.74 11.21
CA LEU L 241 16.16 -76.32 11.30
C LEU L 241 17.64 -76.13 11.57
N VAL L 242 18.29 -75.37 10.72
CA VAL L 242 19.70 -75.05 10.88
C VAL L 242 19.89 -73.56 11.17
N GLN L 243 20.80 -73.24 12.08
CA GLN L 243 21.20 -71.85 12.29
C GLN L 243 22.70 -71.67 12.20
N LYS L 244 23.11 -70.54 11.62
CA LYS L 244 24.51 -70.16 11.61
C LYS L 244 24.74 -69.24 12.80
N PHE L 245 25.59 -69.67 13.72
CA PHE L 245 25.90 -68.88 14.90
C PHE L 245 27.40 -68.93 15.16
N LEU L 246 28.02 -67.76 15.25
CA LEU L 246 29.47 -67.62 15.34
C LEU L 246 30.19 -68.46 14.29
N GLY L 247 29.65 -68.43 13.08
CA GLY L 247 30.27 -69.10 11.95
C GLY L 247 29.95 -70.58 11.83
N GLU L 248 29.37 -71.18 12.87
CA GLU L 248 29.12 -72.62 12.86
C GLU L 248 27.66 -72.97 12.52
N HIS L 249 27.47 -74.10 11.87
CA HIS L 249 26.12 -74.60 11.59
C HIS L 249 25.67 -75.49 12.73
N TRP L 250 24.55 -75.13 13.33
CA TRP L 250 23.97 -75.89 14.42
C TRP L 250 22.54 -76.22 14.03
N ALA L 251 22.07 -77.41 14.41
CA ALA L 251 20.80 -77.93 13.93
C ALA L 251 19.95 -78.64 14.99
N CYS L 252 18.64 -78.62 14.79
CA CYS L 252 17.69 -79.40 15.58
C CYS L 252 16.60 -79.91 14.66
N GLU L 253 15.86 -80.91 15.13
CA GLU L 253 14.78 -81.48 14.34
C GLU L 253 13.44 -80.99 14.86
N LEU L 254 12.64 -80.44 13.96
CA LEU L 254 11.26 -80.07 14.29
C LEU L 254 10.30 -81.11 13.72
N GLN L 255 9.12 -81.22 14.32
CA GLN L 255 8.09 -82.10 13.78
C GLN L 255 7.02 -81.31 13.04
N HIS L 256 7.41 -80.13 12.56
CA HIS L 256 6.49 -79.26 11.84
C HIS L 256 7.28 -78.28 10.97
N SER L 257 6.62 -77.63 10.02
CA SER L 257 7.30 -76.60 9.23
C SER L 257 7.36 -75.29 9.99
N PRO L 258 8.55 -74.69 10.04
CA PRO L 258 8.71 -73.41 10.71
C PRO L 258 8.29 -72.26 9.80
N LEU L 259 7.92 -72.57 8.56
CA LEU L 259 7.42 -71.52 7.66
C LEU L 259 5.90 -71.53 7.79
N ASP L 260 5.44 -71.20 9.00
CA ASP L 260 4.05 -71.38 9.38
C ASP L 260 3.41 -70.07 9.84
N VAL L 261 3.81 -68.99 9.19
CA VAL L 261 3.29 -67.67 9.52
C VAL L 261 2.11 -67.37 8.63
N VAL L 262 0.93 -67.26 9.22
CA VAL L 262 -0.29 -67.09 8.46
C VAL L 262 -0.54 -65.63 8.12
N ALA L 263 -0.06 -64.74 8.99
CA ALA L 263 -0.22 -63.30 8.80
C ALA L 263 0.92 -62.56 9.49
N TRP L 264 1.33 -61.43 8.91
CA TRP L 264 2.35 -60.59 9.54
C TRP L 264 2.20 -59.11 9.23
N HIS L 265 2.80 -58.27 10.05
CA HIS L 265 2.90 -56.85 9.76
C HIS L 265 4.17 -56.23 10.36
N GLY L 266 4.75 -55.28 9.63
CA GLY L 266 5.93 -54.58 10.13
C GLY L 266 6.97 -54.22 9.07
N SER L 267 8.19 -53.96 9.54
CA SER L 267 9.22 -53.36 8.71
C SER L 267 10.47 -54.22 8.52
N ASN L 268 10.61 -55.27 9.32
CA ASN L 268 11.75 -56.17 9.20
C ASN L 268 11.44 -57.28 8.18
N VAL L 269 11.77 -57.05 6.93
CA VAL L 269 11.24 -57.89 5.87
C VAL L 269 12.30 -58.31 4.85
N PRO L 270 12.07 -59.46 4.19
CA PRO L 270 12.95 -59.82 3.08
C PRO L 270 12.50 -58.99 1.91
N TYR L 271 13.38 -58.76 0.96
CA TYR L 271 13.01 -57.99 -0.21
C TYR L 271 13.93 -58.32 -1.37
N LYS L 272 13.50 -57.96 -2.57
CA LYS L 272 14.35 -58.05 -3.75
C LYS L 272 14.27 -56.75 -4.56
N TYR L 273 15.29 -56.53 -5.38
CA TYR L 273 15.38 -55.36 -6.25
C TYR L 273 16.00 -55.74 -7.60
N ASP L 274 15.41 -55.23 -8.69
CA ASP L 274 15.90 -55.46 -10.06
C ASP L 274 16.91 -54.39 -10.45
N LEU L 275 18.15 -54.78 -10.69
CA LEU L 275 19.21 -53.80 -10.93
C LEU L 275 19.00 -53.01 -12.23
N ARG L 276 18.16 -53.54 -13.12
CA ARG L 276 17.86 -52.83 -14.36
C ARG L 276 16.99 -51.59 -14.15
N ARG L 277 16.42 -51.43 -12.95
CA ARG L 277 15.60 -50.24 -12.67
C ARG L 277 16.40 -49.09 -12.06
N PHE L 278 17.67 -49.36 -11.76
CA PHE L 278 18.55 -48.33 -11.21
C PHE L 278 18.59 -47.06 -12.09
N ASN L 279 18.22 -45.93 -11.50
CA ASN L 279 18.22 -44.64 -12.20
C ASN L 279 19.64 -44.07 -12.12
N THR L 280 20.52 -44.56 -13.00
CA THR L 280 21.93 -44.26 -12.94
C THR L 280 22.20 -42.77 -13.17
N ILE L 281 22.91 -42.17 -12.22
CA ILE L 281 23.34 -40.79 -12.30
C ILE L 281 24.84 -40.75 -12.65
N GLY L 282 25.21 -39.79 -13.49
CA GLY L 282 26.59 -39.66 -13.93
C GLY L 282 26.90 -38.27 -14.43
N THR L 283 28.12 -38.08 -14.94
CA THR L 283 28.52 -36.81 -15.52
C THR L 283 27.81 -36.56 -16.84
N VAL L 284 27.38 -35.33 -17.05
CA VAL L 284 26.78 -34.93 -18.32
C VAL L 284 27.62 -33.81 -18.90
N SER L 285 28.90 -33.83 -18.57
CA SER L 285 29.83 -32.76 -18.90
C SER L 285 31.23 -33.28 -19.18
N PHE L 286 31.97 -33.55 -18.11
CA PHE L 286 33.34 -34.03 -18.23
C PHE L 286 33.77 -34.77 -16.98
N ASP L 287 34.99 -35.30 -17.02
CA ASP L 287 35.55 -36.09 -15.93
C ASP L 287 34.81 -37.40 -15.63
N HIS L 288 35.17 -38.03 -14.53
CA HIS L 288 34.71 -39.38 -14.20
C HIS L 288 34.33 -39.37 -12.74
N PRO L 289 33.02 -39.33 -12.44
CA PRO L 289 32.52 -39.22 -11.07
C PRO L 289 32.99 -40.38 -10.18
N ASP L 290 33.10 -40.10 -8.88
CA ASP L 290 33.42 -41.11 -7.87
C ASP L 290 32.37 -42.22 -7.89
N PRO L 291 32.80 -43.48 -7.78
CA PRO L 291 31.90 -44.63 -7.95
C PRO L 291 30.87 -44.77 -6.82
N SER L 292 31.02 -43.98 -5.76
CA SER L 292 29.97 -43.89 -4.76
C SER L 292 28.66 -43.42 -5.41
N ILE L 293 28.77 -42.78 -6.57
CA ILE L 293 27.59 -42.25 -7.24
C ILE L 293 26.67 -43.39 -7.68
N PHE L 294 27.24 -44.60 -7.69
CA PHE L 294 26.56 -45.81 -8.16
C PHE L 294 26.01 -46.64 -7.01
N THR L 295 25.98 -46.05 -5.81
CA THR L 295 25.52 -46.77 -4.62
C THR L 295 24.07 -47.25 -4.71
N VAL L 296 23.88 -48.55 -4.51
CA VAL L 296 22.53 -49.11 -4.49
C VAL L 296 22.05 -49.16 -3.04
N LEU L 297 22.83 -49.82 -2.19
CA LEU L 297 22.50 -49.91 -0.77
C LEU L 297 23.73 -49.64 0.07
N THR L 298 23.52 -49.25 1.32
CA THR L 298 24.65 -48.95 2.19
C THR L 298 24.40 -49.33 3.66
N SER L 299 25.45 -49.79 4.33
CA SER L 299 25.42 -50.09 5.75
C SER L 299 26.35 -49.11 6.42
N PRO L 300 25.80 -48.21 7.25
CA PRO L 300 26.57 -47.13 7.85
C PRO L 300 27.33 -47.63 9.07
N THR L 301 28.27 -46.83 9.57
CA THR L 301 28.80 -47.05 10.92
C THR L 301 28.42 -45.85 11.76
N SER L 302 28.87 -45.83 13.01
CA SER L 302 28.65 -44.70 13.91
C SER L 302 29.49 -43.51 13.47
N VAL L 303 30.41 -43.72 12.54
CA VAL L 303 31.17 -42.63 11.94
C VAL L 303 30.46 -42.11 10.69
N HIS L 304 29.79 -40.97 10.82
CA HIS L 304 29.04 -40.43 9.69
C HIS L 304 29.93 -40.30 8.46
N GLY L 305 29.41 -40.77 7.33
CA GLY L 305 30.14 -40.69 6.08
C GLY L 305 31.02 -41.90 5.80
N MET L 306 31.40 -42.64 6.84
CA MET L 306 32.22 -43.83 6.63
C MET L 306 31.42 -45.10 6.80
N ALA L 307 31.01 -45.69 5.68
CA ALA L 307 30.18 -46.87 5.72
C ALA L 307 30.94 -48.11 6.18
N ASN L 308 30.20 -49.00 6.84
CA ASN L 308 30.63 -50.37 7.06
C ASN L 308 30.87 -51.01 5.69
N MET L 309 29.88 -50.88 4.79
CA MET L 309 30.00 -51.29 3.39
C MET L 309 29.03 -50.52 2.51
N ASP L 310 29.46 -50.24 1.28
CA ASP L 310 28.58 -49.75 0.24
C ASP L 310 28.43 -50.86 -0.79
N PHE L 311 27.22 -51.03 -1.32
CA PHE L 311 27.01 -51.89 -2.49
C PHE L 311 26.76 -51.03 -3.71
N VAL L 312 27.69 -51.11 -4.66
CA VAL L 312 27.76 -50.23 -5.81
C VAL L 312 27.74 -51.05 -7.10
N ILE L 313 27.06 -50.56 -8.14
CA ILE L 313 27.00 -51.30 -9.40
C ILE L 313 27.54 -50.49 -10.55
N PHE L 314 28.02 -51.17 -11.58
CA PHE L 314 28.44 -50.52 -12.80
C PHE L 314 27.60 -51.07 -13.95
N PRO L 315 26.47 -50.40 -14.22
CA PRO L 315 25.39 -50.84 -15.09
C PRO L 315 25.51 -50.27 -16.49
N PRO L 316 24.63 -50.70 -17.40
CA PRO L 316 24.57 -50.03 -18.71
C PRO L 316 24.37 -48.53 -18.48
N ARG L 317 25.13 -47.70 -19.18
CA ARG L 317 25.11 -46.26 -18.93
C ARG L 317 25.70 -45.46 -20.11
N TRP L 318 25.26 -44.23 -20.24
CA TRP L 318 25.79 -43.32 -21.26
C TRP L 318 27.11 -42.64 -20.85
N MET L 319 28.12 -42.75 -21.71
CA MET L 319 29.39 -42.05 -21.53
C MET L 319 29.48 -40.85 -22.47
N VAL L 320 29.41 -39.64 -21.93
CA VAL L 320 29.46 -38.44 -22.76
C VAL L 320 30.58 -37.46 -22.39
N ALA L 321 31.28 -37.73 -21.29
CA ALA L 321 32.35 -36.84 -20.83
C ALA L 321 33.25 -36.36 -21.97
N GLU L 322 33.41 -35.04 -22.10
CA GLU L 322 34.22 -34.47 -23.18
C GLU L 322 35.66 -34.22 -22.73
N ASN L 323 36.61 -34.37 -23.65
CA ASN L 323 38.01 -34.08 -23.35
C ASN L 323 38.40 -34.78 -22.07
N THR L 324 37.97 -36.03 -21.94
CA THR L 324 38.08 -36.75 -20.69
C THR L 324 38.58 -38.18 -20.86
N PHE L 325 39.45 -38.61 -19.95
CA PHE L 325 39.82 -40.01 -19.83
C PHE L 325 38.64 -40.72 -19.16
N ARG L 326 37.90 -41.53 -19.93
CA ARG L 326 36.61 -42.07 -19.47
C ARG L 326 36.64 -43.28 -18.51
N PRO L 327 37.63 -44.17 -18.65
CA PRO L 327 37.73 -45.28 -17.70
C PRO L 327 38.04 -44.74 -16.31
N PRO L 328 37.87 -45.58 -15.26
CA PRO L 328 38.23 -45.15 -13.91
C PRO L 328 39.66 -44.61 -13.87
N TRP L 329 39.87 -43.54 -13.11
CA TRP L 329 41.21 -43.00 -12.93
C TRP L 329 42.04 -43.99 -12.12
N PHE L 330 43.36 -43.88 -12.21
CA PHE L 330 44.20 -44.64 -11.28
C PHE L 330 43.86 -44.24 -9.85
N HIS L 331 44.04 -45.15 -8.90
CA HIS L 331 43.41 -44.97 -7.60
C HIS L 331 44.13 -45.68 -6.45
N ARG L 332 44.18 -45.01 -5.32
CA ARG L 332 44.59 -45.64 -4.06
C ARG L 332 43.58 -45.16 -3.03
N ASN L 333 43.10 -46.08 -2.21
CA ASN L 333 41.90 -45.86 -1.40
C ASN L 333 42.07 -46.36 0.03
N LEU L 334 41.53 -45.61 0.97
CA LEU L 334 41.50 -46.07 2.37
C LEU L 334 40.60 -47.29 2.47
N MET L 335 39.51 -47.28 1.70
CA MET L 335 38.52 -48.34 1.78
C MET L 335 39.05 -49.55 1.05
N ASN L 336 38.34 -50.67 1.18
CA ASN L 336 38.73 -51.92 0.57
C ASN L 336 37.75 -52.35 -0.52
N GLU L 337 38.24 -52.49 -1.75
CA GLU L 337 37.39 -52.72 -2.90
C GLU L 337 37.31 -54.18 -3.37
N PHE L 338 36.15 -54.83 -3.15
CA PHE L 338 35.91 -56.18 -3.65
C PHE L 338 34.94 -56.14 -4.81
N MET L 339 35.42 -56.48 -5.99
CA MET L 339 34.59 -56.36 -7.19
C MET L 339 34.17 -57.73 -7.70
N GLY L 340 32.95 -57.80 -8.24
CA GLY L 340 32.42 -59.01 -8.81
C GLY L 340 31.79 -58.69 -10.17
N LEU L 341 31.35 -59.71 -10.89
CA LEU L 341 30.81 -59.52 -12.23
C LEU L 341 29.67 -60.50 -12.52
N ILE L 342 28.52 -59.97 -12.93
CA ILE L 342 27.32 -60.76 -13.13
C ILE L 342 27.17 -61.15 -14.60
N ASN L 343 27.47 -60.21 -15.50
CA ASN L 343 27.55 -60.56 -16.91
C ASN L 343 28.26 -59.50 -17.75
N GLY L 344 28.67 -59.90 -18.95
CA GLY L 344 29.42 -59.02 -19.83
C GLY L 344 30.84 -58.80 -19.35
N ALA L 345 31.43 -57.70 -19.75
CA ALA L 345 32.77 -57.31 -19.28
C ALA L 345 32.69 -55.98 -18.54
N TYR L 346 33.62 -55.76 -17.61
CA TYR L 346 33.72 -54.50 -16.87
C TYR L 346 34.71 -53.55 -17.54
N ASP L 347 34.36 -52.27 -17.53
CA ASP L 347 35.09 -51.21 -18.25
C ASP L 347 36.61 -51.16 -18.03
N ALA L 348 37.06 -51.27 -16.79
CA ALA L 348 38.46 -51.01 -16.44
C ALA L 348 39.43 -52.09 -16.89
N LYS L 349 38.90 -53.26 -17.21
CA LYS L 349 39.72 -54.44 -17.41
C LYS L 349 39.41 -55.15 -18.73
N ALA L 350 40.42 -55.25 -19.60
CA ALA L 350 40.24 -55.85 -20.92
C ALA L 350 40.14 -57.39 -20.91
N GLU L 351 40.91 -58.06 -20.06
CA GLU L 351 40.94 -59.52 -20.06
C GLU L 351 41.08 -60.11 -18.66
N GLY L 352 40.52 -61.30 -18.44
CA GLY L 352 40.73 -62.02 -17.20
C GLY L 352 39.70 -61.86 -16.10
N PHE L 353 38.77 -60.92 -16.26
CA PHE L 353 37.72 -60.66 -15.29
C PHE L 353 36.40 -61.14 -15.90
N LEU L 354 35.97 -62.33 -15.50
CA LEU L 354 34.79 -62.97 -16.09
C LEU L 354 33.62 -63.04 -15.10
N PRO L 355 32.40 -63.21 -15.62
CA PRO L 355 31.24 -63.37 -14.75
C PRO L 355 31.49 -64.44 -13.70
N GLY L 356 31.31 -64.10 -12.44
CA GLY L 356 31.64 -64.99 -11.35
C GLY L 356 33.06 -64.83 -10.85
N GLY L 357 33.89 -64.10 -11.59
CA GLY L 357 35.22 -63.76 -11.10
C GLY L 357 35.14 -62.73 -9.99
N ALA L 358 36.26 -62.45 -9.34
CA ALA L 358 36.30 -61.46 -8.27
C ALA L 358 37.67 -60.80 -8.19
N SER L 359 37.72 -59.55 -7.75
CA SER L 359 39.01 -58.91 -7.50
C SER L 359 39.05 -58.24 -6.13
N LEU L 360 40.23 -58.19 -5.51
CA LEU L 360 40.37 -57.49 -4.24
C LEU L 360 41.52 -56.51 -4.35
N HIS L 361 41.18 -55.23 -4.21
CA HIS L 361 42.18 -54.18 -4.09
C HIS L 361 42.02 -53.61 -2.69
N GLY L 362 42.85 -54.10 -1.77
CA GLY L 362 42.78 -53.69 -0.37
C GLY L 362 43.37 -52.31 -0.10
N VAL L 363 43.25 -51.88 1.15
CA VAL L 363 43.61 -50.53 1.57
C VAL L 363 44.94 -50.02 0.97
N MET L 364 44.86 -48.89 0.26
CA MET L 364 46.03 -48.21 -0.34
C MET L 364 46.80 -49.01 -1.39
N SER L 365 46.24 -50.14 -1.82
CA SER L 365 46.81 -50.85 -2.95
C SER L 365 46.55 -50.00 -4.18
N ALA L 366 47.49 -49.98 -5.10
CA ALA L 366 47.43 -49.10 -6.24
C ALA L 366 46.76 -49.81 -7.39
N HIS L 367 45.59 -49.31 -7.79
CA HIS L 367 44.88 -49.93 -8.89
C HIS L 367 44.53 -48.94 -9.97
N GLY L 368 43.65 -49.36 -10.87
CA GLY L 368 43.28 -48.52 -11.99
C GLY L 368 43.23 -49.33 -13.26
N PRO L 369 42.99 -48.66 -14.39
CA PRO L 369 42.78 -49.39 -15.64
C PRO L 369 44.05 -50.10 -16.06
N ASP L 370 43.92 -51.31 -16.61
CA ASP L 370 45.08 -52.01 -17.15
C ASP L 370 45.63 -51.28 -18.36
N ALA L 371 46.83 -51.66 -18.79
CA ALA L 371 47.54 -50.94 -19.85
C ALA L 371 46.75 -50.86 -21.16
N GLU L 372 46.06 -51.94 -21.50
CA GLU L 372 45.29 -52.00 -22.73
C GLU L 372 44.10 -51.03 -22.69
N THR L 373 43.30 -51.13 -21.63
CA THR L 373 42.17 -50.21 -21.44
C THR L 373 42.70 -48.78 -21.49
N CYS L 374 43.75 -48.56 -20.73
CA CYS L 374 44.39 -47.26 -20.65
C CYS L 374 44.74 -46.66 -22.01
N GLU L 375 45.52 -47.40 -22.80
CA GLU L 375 45.96 -46.92 -24.10
C GLU L 375 44.78 -46.60 -25.04
N LYS L 376 43.78 -47.46 -25.08
CA LYS L 376 42.62 -47.24 -25.94
C LYS L 376 41.86 -45.96 -25.58
N ALA L 377 41.76 -45.67 -24.28
CA ALA L 377 41.01 -44.49 -23.83
C ALA L 377 41.67 -43.17 -24.23
N ILE L 378 42.99 -43.08 -24.03
CA ILE L 378 43.73 -41.86 -24.34
C ILE L 378 43.69 -41.53 -25.83
N ALA L 379 43.54 -42.55 -26.66
CA ALA L 379 43.54 -42.38 -28.11
C ALA L 379 42.15 -42.16 -28.72
N ALA L 380 41.12 -42.58 -27.99
CA ALA L 380 39.76 -42.61 -28.57
C ALA L 380 39.29 -41.26 -29.10
N ASP L 381 38.52 -41.30 -30.20
CA ASP L 381 37.86 -40.10 -30.71
C ASP L 381 36.51 -40.00 -30.00
N LEU L 382 36.44 -39.10 -29.00
CA LEU L 382 35.36 -39.07 -28.03
C LEU L 382 33.99 -38.70 -28.58
N ALA L 383 32.99 -39.55 -28.31
CA ALA L 383 31.61 -39.27 -28.67
C ALA L 383 30.66 -39.98 -27.71
N PRO L 384 29.40 -39.51 -27.66
CA PRO L 384 28.43 -40.16 -26.78
C PRO L 384 28.36 -41.65 -27.06
N HIS L 385 28.55 -42.45 -26.00
CA HIS L 385 28.69 -43.88 -26.14
C HIS L 385 27.93 -44.58 -25.01
N LYS L 386 27.05 -45.48 -25.40
CA LYS L 386 26.30 -46.25 -24.42
C LYS L 386 27.07 -47.52 -24.07
N ILE L 387 27.42 -47.66 -22.79
CA ILE L 387 27.96 -48.93 -22.30
C ILE L 387 26.76 -49.82 -22.01
N ASP L 388 26.84 -51.07 -22.44
CA ASP L 388 25.66 -51.93 -22.41
C ASP L 388 26.00 -53.40 -22.28
N ASN L 389 24.98 -54.21 -22.03
CA ASN L 389 25.14 -55.66 -21.92
C ASN L 389 26.23 -56.01 -20.92
N THR L 390 26.15 -55.38 -19.76
CA THR L 390 27.15 -55.59 -18.72
C THR L 390 26.52 -55.29 -17.38
N MET L 391 27.12 -55.85 -16.34
CA MET L 391 26.74 -55.52 -14.99
C MET L 391 27.78 -56.03 -14.01
N ALA L 392 28.68 -55.15 -13.56
CA ALA L 392 29.61 -55.47 -12.49
C ALA L 392 29.13 -54.77 -11.22
N PHE L 393 29.77 -55.06 -10.09
CA PHE L 393 29.42 -54.43 -8.83
C PHE L 393 30.61 -54.47 -7.89
N MET L 394 30.52 -53.69 -6.81
CA MET L 394 31.54 -53.70 -5.77
C MET L 394 30.88 -53.76 -4.39
N PHE L 395 31.44 -54.60 -3.53
CA PHE L 395 31.23 -54.48 -2.10
C PHE L 395 32.44 -53.67 -1.60
N GLU L 396 32.21 -52.41 -1.22
CA GLU L 396 33.29 -51.58 -0.64
C GLU L 396 33.17 -51.50 0.88
N THR L 397 34.21 -51.95 1.57
CA THR L 397 34.19 -51.99 3.04
C THR L 397 35.28 -51.10 3.66
N SER L 398 34.94 -50.47 4.78
CA SER L 398 35.88 -49.64 5.51
C SER L 398 36.99 -50.47 6.18
N GLN L 399 36.63 -51.58 6.83
CA GLN L 399 37.64 -52.44 7.45
C GLN L 399 38.35 -53.30 6.39
N VAL L 400 39.60 -53.67 6.63
CA VAL L 400 40.28 -54.48 5.61
C VAL L 400 39.66 -55.88 5.49
N LEU L 401 39.62 -56.35 4.26
CA LEU L 401 39.14 -57.70 3.98
C LEU L 401 40.30 -58.68 4.02
N ARG L 402 40.26 -59.62 4.97
CA ARG L 402 41.27 -60.68 5.03
C ARG L 402 40.84 -61.88 4.20
N PRO L 403 41.56 -62.16 3.10
CA PRO L 403 41.20 -63.35 2.33
C PRO L 403 41.31 -64.63 3.18
N SER L 404 40.41 -65.58 2.94
CA SER L 404 40.45 -66.87 3.63
C SER L 404 41.64 -67.71 3.16
N LEU L 405 42.04 -68.68 3.97
CA LEU L 405 43.14 -69.54 3.57
C LEU L 405 42.72 -70.26 2.29
N GLN L 406 41.48 -70.73 2.30
CA GLN L 406 40.92 -71.40 1.14
C GLN L 406 41.06 -70.52 -0.11
N ALA L 407 40.73 -69.25 0.01
CA ALA L 407 40.76 -68.35 -1.13
C ALA L 407 42.18 -68.08 -1.63
N LEU L 408 43.16 -68.10 -0.72
CA LEU L 408 44.56 -67.86 -1.11
C LEU L 408 45.22 -69.11 -1.70
N GLU L 409 44.69 -70.28 -1.37
CA GLU L 409 45.23 -71.53 -1.89
C GLU L 409 44.39 -72.01 -3.05
N CYS L 410 43.37 -71.24 -3.37
CA CYS L 410 42.44 -71.54 -4.43
C CYS L 410 43.15 -71.67 -5.78
N PRO L 411 42.85 -72.75 -6.52
CA PRO L 411 43.36 -72.90 -7.89
C PRO L 411 42.88 -71.78 -8.81
N GLN L 412 41.73 -71.20 -8.50
CA GLN L 412 41.16 -70.11 -9.31
C GLN L 412 41.89 -68.79 -9.13
N LEU L 413 42.75 -68.71 -8.11
CA LEU L 413 43.51 -67.49 -7.87
C LEU L 413 44.51 -67.28 -9.00
N GLN L 414 44.39 -66.17 -9.71
CA GLN L 414 45.30 -65.88 -10.83
C GLN L 414 46.69 -65.54 -10.32
N ALA L 415 47.69 -66.19 -10.92
CA ALA L 415 49.06 -66.08 -10.42
C ALA L 415 49.80 -64.82 -10.86
N ASP L 416 49.41 -64.26 -12.01
CA ASP L 416 50.08 -63.04 -12.46
C ASP L 416 49.11 -61.88 -12.78
N TYR L 417 48.28 -61.55 -11.81
CA TYR L 417 47.35 -60.43 -11.93
C TYR L 417 48.10 -59.13 -12.20
N ASP L 418 49.28 -58.99 -11.62
CA ASP L 418 50.04 -57.74 -11.69
C ASP L 418 50.52 -57.42 -13.10
N SER L 419 50.81 -58.47 -13.86
CA SER L 419 51.24 -58.29 -15.24
C SER L 419 50.23 -57.47 -16.06
N CYS L 420 48.99 -57.37 -15.62
CA CYS L 420 48.01 -56.59 -16.37
C CYS L 420 48.35 -55.09 -16.45
N TRP L 421 49.14 -54.59 -15.51
CA TRP L 421 49.60 -53.20 -15.58
C TRP L 421 51.07 -53.09 -16.00
N ALA L 422 51.70 -54.25 -16.25
CA ALA L 422 53.14 -54.29 -16.45
C ALA L 422 53.67 -53.43 -17.61
N THR L 423 52.83 -53.15 -18.60
CA THR L 423 53.29 -52.48 -19.81
C THR L 423 52.92 -51.00 -19.91
N LEU L 424 52.43 -50.42 -18.83
CA LEU L 424 52.14 -48.99 -18.80
C LEU L 424 53.40 -48.17 -19.12
N PRO L 425 53.33 -47.33 -20.15
CA PRO L 425 54.53 -46.60 -20.61
C PRO L 425 54.66 -45.19 -20.00
N SER L 426 55.88 -44.69 -19.93
CA SER L 426 56.06 -43.27 -19.67
C SER L 426 55.76 -42.56 -20.98
N THR L 427 54.81 -41.63 -20.94
CA THR L 427 54.55 -40.77 -22.08
C THR L 427 54.96 -39.34 -21.75
N PHE L 428 55.75 -39.19 -20.69
CA PHE L 428 56.11 -37.87 -20.17
C PHE L 428 57.02 -37.12 -21.14
N ASN L 429 56.59 -35.93 -21.53
CA ASN L 429 57.44 -35.07 -22.35
C ASN L 429 57.55 -33.67 -21.74
N PRO L 430 58.64 -33.41 -21.02
CA PRO L 430 58.87 -32.09 -20.41
C PRO L 430 58.96 -30.97 -21.46
N ASN L 431 59.22 -31.33 -22.72
CA ASN L 431 59.32 -30.34 -23.80
C ASN L 431 57.98 -29.93 -24.41
N ARG L 432 56.89 -30.49 -23.92
CA ARG L 432 55.58 -30.15 -24.50
C ARG L 432 54.39 -30.34 -23.55
N ARG L 433 53.86 -29.22 -23.06
CA ARG L 433 52.67 -29.21 -22.21
C ARG L 433 51.42 -29.65 -22.96
FE FE M . -17.88 61.36 -3.88
C1 OMD N . -18.16 62.97 0.66
C2 OMD N . -18.38 61.56 0.25
C1' OMD N . -17.12 60.79 0.05
C2' OMD N . -16.64 59.95 1.03
C3' OMD N . -15.45 59.25 0.81
O3' OMD N . -14.91 58.40 1.75
C4' OMD N . -14.76 59.40 -0.38
C5' OMD N . -15.25 60.25 -1.36
C6' OMD N . -16.43 60.96 -1.15
O6' OMD N . -16.92 61.81 -2.13
O1 OMD N . -18.81 63.88 0.07
O2 OMD N . -17.36 63.27 1.59
FE FE O . -30.32 46.98 -42.39
C1 OMD P . -27.59 49.62 -45.43
C2 OMD P . -27.01 48.97 -44.22
C1' OMD P . -26.86 47.49 -44.39
C2' OMD P . -25.60 46.97 -44.63
C3' OMD P . -25.44 45.60 -44.79
O3' OMD P . -24.19 45.08 -45.04
C4' OMD P . -26.53 44.75 -44.71
C5' OMD P . -27.80 45.25 -44.46
C6' OMD P . -27.96 46.62 -44.30
O6' OMD P . -29.22 47.11 -44.06
O1 OMD P . -28.55 50.42 -45.29
O2 OMD P . -27.10 49.38 -46.58
FE FE Q . -52.70 36.57 -7.18
C1 OMD R . -56.73 34.73 -9.06
C2 OMD R . -55.31 34.53 -9.46
C1' OMD R . -54.67 33.44 -8.64
C2' OMD R . -54.63 32.12 -9.05
C3' OMD R . -54.03 31.14 -8.25
O3' OMD R . -54.00 29.83 -8.66
C4' OMD R . -53.45 31.51 -7.03
C5' OMD R . -53.47 32.84 -6.62
C6' OMD R . -54.09 33.80 -7.43
O6' OMD R . -54.14 35.12 -7.03
O1 OMD R . -57.25 35.88 -8.94
O2 OMD R . -57.44 33.73 -8.81
FE FE S . -34.42 6.34 -15.70
C1 OMD T . -36.90 3.89 -12.40
C2 OMD T . -36.65 5.37 -12.27
C1' OMD T . -37.56 6.16 -13.14
C2' OMD T . -38.63 6.86 -12.61
C3' OMD T . -39.46 7.60 -13.44
O3' OMD T . -40.53 8.27 -12.89
C4' OMD T . -39.22 7.64 -14.81
C5' OMD T . -38.14 6.95 -15.35
C6' OMD T . -37.31 6.21 -14.52
O6' OMD T . -36.24 5.50 -15.03
O1 OMD T . -35.95 3.10 -12.63
O2 OMD T . -38.08 3.45 -12.26
FE FE U . -7.19 28.91 8.43
C1 OMD V . -2.99 30.84 9.97
C2 OMD V . -3.88 31.21 8.84
C1' OMD V . -4.99 32.13 9.23
C2' OMD V . -4.87 33.52 9.16
C3' OMD V . -5.95 34.34 9.52
O3' OMD V . -5.85 35.71 9.46
C4' OMD V . -7.15 33.76 9.95
C5' OMD V . -7.26 32.38 10.01
C6' OMD V . -6.19 31.57 9.66
O6' OMD V . -6.29 30.19 9.72
O1 OMD V . -2.58 29.65 10.07
O2 OMD V . -2.62 31.72 10.81
FE FE W . -1.41 26.77 -34.12
C1 OMD X . -1.39 24.92 -38.69
C2 OMD X . -2.53 25.38 -37.85
C1' OMD X . -2.70 26.87 -37.84
C2' OMD X . -3.62 27.45 -38.70
C3' OMD X . -3.81 28.82 -38.70
O3' OMD X . -4.72 29.43 -39.55
C4' OMD X . -3.07 29.62 -37.83
C5' OMD X . -2.16 29.04 -36.96
C6' OMD X . -1.96 27.67 -36.95
O6' OMD X . -1.02 27.14 -36.09
O1 OMD X . -0.57 24.06 -38.23
O2 OMD X . -1.26 25.38 -39.86
FE FE Y . 34.83 -6.83 19.68
C1 OMD Z . 36.04 -4.33 23.86
C2 OMD Z . 35.62 -5.77 23.69
C1' OMD Z . 36.73 -6.65 23.21
C2' OMD Z . 37.47 -7.40 24.12
C3' OMD Z . 38.50 -8.22 23.70
O3' OMD Z . 39.23 -8.96 24.61
C4' OMD Z . 38.82 -8.29 22.36
C5' OMD Z . 38.08 -7.56 21.44
C6' OMD Z . 37.05 -6.73 21.87
O6' OMD Z . 36.35 -6.01 20.91
O1 OMD Z . 35.32 -3.41 23.39
O2 OMD Z . 37.11 -4.04 24.45
FE FE AA . 10.16 -26.26 -9.56
C1 OMD BA . 11.86 -24.45 -13.77
C2 OMD BA . 12.54 -24.94 -12.53
C1' OMD BA . 12.62 -26.44 -12.50
C2' OMD BA . 13.75 -27.07 -13.03
C3' OMD BA . 13.84 -28.46 -13.01
O3' OMD BA . 14.95 -29.08 -13.55
C4' OMD BA . 12.82 -29.22 -12.46
C5' OMD BA . 11.69 -28.58 -11.92
C6' OMD BA . 11.59 -27.19 -11.94
O6' OMD BA . 10.47 -26.59 -11.39
O1 OMD BA . 10.99 -23.54 -13.69
O2 OMD BA . 12.18 -24.90 -14.91
FE FE CA . -0.39 -27.96 31.94
C1 OMD DA . -4.99 -29.59 31.92
C2 OMD DA . -3.81 -30.08 31.14
C1' OMD DA . -2.88 -30.95 31.94
C2' OMD DA . -2.99 -32.34 31.87
C3' OMD DA . -2.13 -33.16 32.58
O3' OMD DA . -2.29 -34.53 32.49
C4' OMD DA . -1.14 -32.61 33.38
C5' OMD DA . -1.02 -31.22 33.44
C6' OMD DA . -1.88 -30.40 32.73
O6' OMD DA . -1.75 -29.03 32.81
O1 OMD DA . -5.38 -28.38 31.79
O2 OMD DA . -5.61 -30.35 32.72
FE FE EA . 12.88 -61.08 24.66
C1 OMD FA . 11.40 -62.68 29.02
C2 OMD FA . 11.82 -61.26 28.77
C1' OMD FA . 10.79 -60.51 27.99
C2' OMD FA . 9.98 -59.58 28.64
C3' OMD FA . 9.03 -58.85 27.94
O3' OMD FA . 8.22 -57.93 28.58
C4' OMD FA . 8.89 -59.05 26.57
C5' OMD FA . 9.71 -59.96 25.92
C6' OMD FA . 10.65 -60.70 26.62
O6' OMD FA . 11.45 -61.63 25.97
O1 OMD FA . 12.15 -63.63 28.66
O2 OMD FA . 10.32 -62.95 29.61
FE FE GA . 47.34 -37.53 34.41
C1 OMD HA . 51.90 -35.85 34.13
C2 OMD HA . 50.83 -35.49 33.14
C1' OMD HA . 49.85 -34.51 33.73
C2' OMD HA . 49.95 -33.17 33.38
C3' OMD HA . 49.05 -32.25 33.90
O3' OMD HA . 49.14 -30.94 33.56
C4' OMD HA . 48.04 -32.66 34.76
C5' OMD HA . 47.96 -34.00 35.12
C6' OMD HA . 48.85 -34.93 34.60
O6' OMD HA . 48.73 -36.24 34.96
O1 OMD HA . 52.20 -37.07 34.30
O2 OMD HA . 52.51 -34.97 34.79
C1 B3P IA . 70.37 -50.20 -2.11
C2 B3P IA . 70.19 -49.11 -3.15
C3 B3P IA . 69.04 -50.63 -1.49
N1 B3P IA . 69.30 -51.60 -0.42
C4 B3P IA . 68.08 -52.22 0.15
C5 B3P IA . 67.28 -51.24 1.00
C6 B3P IA . 67.14 -52.75 -0.92
C7 B3P IA . 68.56 -53.40 1.06
N2 B3P IA . 71.45 -48.29 -3.14
C8 B3P IA . 71.58 -47.34 -4.27
C9 B3P IA . 71.78 -48.12 -5.58
C10 B3P IA . 70.32 -46.48 -4.39
C11 B3P IA . 72.79 -46.48 -3.95
O1 B3P IA . 72.36 -49.33 -5.27
O2 B3P IA . 69.96 -45.97 -3.09
O3 B3P IA . 73.20 -45.78 -5.03
O4 B3P IA . 68.02 -50.75 2.06
O5 B3P IA . 67.78 -53.62 -1.79
O6 B3P IA . 67.50 -53.98 1.73
H11 B3P IA . 70.98 -49.88 -1.41
H12 B3P IA . 70.79 -50.96 -2.52
H21 B3P IA . 70.06 -49.51 -4.03
H22 B3P IA . 69.42 -48.55 -2.92
H31 B3P IA . 68.47 -51.06 -2.18
H32 B3P IA . 68.56 -49.85 -1.12
HN1 B3P IA . 69.81 -51.19 0.29
H51 B3P IA . 66.47 -51.71 1.36
H52 B3P IA . 66.99 -50.50 0.44
H61 B3P IA . 66.78 -52.00 -1.41
H62 B3P IA . 66.40 -53.23 -0.49
H71 B3P IA . 69.21 -53.06 1.72
H72 B3P IA . 68.99 -54.05 0.52
HN2 B3P IA . 72.19 -48.85 -3.12
H91 B3P IA . 70.93 -48.27 -5.99
H92 B3P IA . 72.37 -47.61 -6.19
HO1 B3P IA . 72.42 -49.83 -6.00
HO2 B3P IA . 70.36 -45.16 -2.97
HO3 B3P IA . 73.89 -45.30 -4.82
HO4 B3P IA . 68.76 -50.35 1.76
HO5 B3P IA . 67.96 -54.39 -1.36
HO6 B3P IA . 67.81 -54.61 2.30
FE FE JA . 39.25 -47.69 -6.55
C1 OMD KA . 37.80 -50.35 -10.27
C2 OMD KA . 37.10 -49.59 -9.19
C1' OMD KA . 37.02 -48.12 -9.45
C2' OMD KA . 35.90 -47.63 -10.13
C3' OMD KA . 35.76 -46.27 -10.40
O3' OMD KA . 34.64 -45.80 -11.08
C4' OMD KA . 36.75 -45.40 -9.96
C5' OMD KA . 37.87 -45.87 -9.27
C6' OMD KA . 38.01 -47.24 -9.01
O6' OMD KA . 39.13 -47.68 -8.34
O1 OMD KA . 38.66 -51.22 -9.95
O2 OMD KA . 37.55 -50.15 -11.49
#